data_6DLW
#
_entry.id   6DLW
#
_cell.length_a   1
_cell.length_b   1
_cell.length_c   1
_cell.angle_alpha   90
_cell.angle_beta   90
_cell.angle_gamma   90
#
_symmetry.space_group_name_H-M   'P 1'
#
loop_
_entity.id
_entity.type
_entity.pdbx_description
1 polymer 'Complement component C9'
2 non-polymer 2-acetamido-2-deoxy-beta-D-glucopyranose
3 non-polymer beta-D-mannopyranose
#
_entity_poly.entity_id   1
_entity_poly.type   'polypeptide(L)'
_entity_poly.pdbx_seq_one_letter_code
;QYTTSYDPELTESSGSASHIDCRMSPWSEWSQCDPCLRQMFRSRSIEVFGQFNGKRCTDAVGDRRQCVPTEPCEDAEDDC
GNDFQCSTGRCIKMRLRCNGDNDCGDFSDEDDCESEPRPPCRDRVVEESELARTAGYGINILGMDPLSTPFDNEFYNGLC
NRDRDGNTLTYYRRPWNVASLIYETKGEKNFRTEHYEEQIEAFKSIIQEKTSNFNAAISLKFTPTETNKAEQCCEETASS
ISLHGKGSFRFSYSKNETYQLFLSYSSKKEKMFLHVKGEIHLGRFVMRNRDVVLTTTFVDDIKALPTTYEKGEYFAFLET
YGTHYSSSGSLGGLYELIYVLDKASMKRKGVELKDIKRCLGYHLDVSLAFSEISVGAEFNKDDCVKRGEGRAVNITSENL
IDDVVSLIRGGTRKYAFELKEKLLRGTVIDVTDFVNWASSINDAPVLISQKLSPIYNLVPVKMKNAHLKKQNLERAIEDY
INEFSVRKCHTCQNGGTVILMDGKCLCACPFKFEGIACEISKQKISEGLPALEFPNEK
;
_entity_poly.pdbx_strand_id   A,B,C,D,E,F,G,H,I,J,K,L,M,N,O,P,Q,R,S,T,U,V
#
loop_
_chem_comp.id
_chem_comp.type
_chem_comp.name
_chem_comp.formula
BMA D-saccharide, beta linking beta-D-mannopyranose 'C6 H12 O6'
NAG D-saccharide, beta linking 2-acetamido-2-deoxy-beta-D-glucopyranose 'C8 H15 N O6'
#
# COMPACT_ATOMS: atom_id res chain seq x y z
N SER A 18 -100.25 -0.11 -6.83
CA SER A 18 -99.61 -1.25 -6.20
C SER A 18 -99.70 -1.15 -4.68
N HIS A 19 -100.69 -1.84 -4.10
CA HIS A 19 -100.92 -1.78 -2.67
C HIS A 19 -101.65 -3.05 -2.24
N ILE A 20 -100.92 -3.99 -1.66
CA ILE A 20 -101.49 -5.25 -1.18
C ILE A 20 -101.21 -5.34 0.32
N ASP A 21 -102.22 -5.75 1.09
CA ASP A 21 -102.08 -5.94 2.52
C ASP A 21 -102.34 -7.39 2.88
N CYS A 22 -101.99 -7.74 4.12
CA CYS A 22 -102.23 -9.09 4.62
C CYS A 22 -103.71 -9.31 4.88
N ARG A 23 -104.10 -10.58 4.90
CA ARG A 23 -105.48 -10.97 5.11
C ARG A 23 -105.51 -12.14 6.08
N MET A 24 -106.66 -12.33 6.72
CA MET A 24 -106.86 -13.46 7.61
C MET A 24 -108.25 -14.04 7.42
N SER A 25 -108.33 -15.37 7.44
CA SER A 25 -109.60 -16.05 7.53
C SER A 25 -110.17 -15.88 8.94
N PRO A 26 -111.48 -15.98 9.11
CA PRO A 26 -112.04 -15.95 10.47
C PRO A 26 -111.74 -17.23 11.22
N TRP A 27 -111.81 -17.13 12.55
CA TRP A 27 -111.49 -18.27 13.39
C TRP A 27 -112.56 -19.35 13.28
N SER A 28 -112.19 -20.57 13.64
CA SER A 28 -113.10 -21.70 13.57
C SER A 28 -113.93 -21.76 14.85
N GLU A 29 -114.61 -22.88 15.05
CA GLU A 29 -115.38 -23.09 16.27
C GLU A 29 -114.52 -23.78 17.32
N TRP A 30 -114.85 -23.53 18.58
CA TRP A 30 -114.16 -24.16 19.70
C TRP A 30 -114.51 -25.63 19.74
N SER A 31 -113.50 -26.50 19.63
CA SER A 31 -113.76 -27.90 19.34
C SER A 31 -114.24 -28.68 20.57
N GLN A 32 -113.38 -28.84 21.57
CA GLN A 32 -113.66 -29.69 22.73
C GLN A 32 -112.54 -29.49 23.73
N CYS A 33 -112.89 -29.51 25.02
CA CYS A 33 -111.89 -29.66 26.07
C CYS A 33 -111.20 -31.01 25.92
N ASP A 34 -109.94 -30.99 25.52
CA ASP A 34 -109.14 -32.19 25.50
C ASP A 34 -108.86 -32.59 26.94
N PRO A 35 -109.39 -33.72 27.42
CA PRO A 35 -109.41 -33.97 28.86
C PRO A 35 -108.06 -34.31 29.43
N CYS A 36 -107.13 -34.79 28.61
CA CYS A 36 -105.79 -35.11 29.07
C CYS A 36 -104.87 -33.90 29.07
N LEU A 37 -105.34 -32.74 28.60
CA LEU A 37 -104.57 -31.50 28.62
C LEU A 37 -105.34 -30.29 29.12
N ARG A 38 -106.66 -30.40 29.33
CA ARG A 38 -107.51 -29.36 29.91
C ARG A 38 -107.54 -28.07 29.09
N GLN A 39 -107.39 -28.17 27.77
CA GLN A 39 -107.36 -27.01 26.90
C GLN A 39 -108.14 -27.31 25.64
N MET A 40 -109.00 -26.39 25.22
CA MET A 40 -109.64 -26.47 23.92
C MET A 40 -108.89 -25.59 22.94
N PHE A 41 -108.75 -26.07 21.71
CA PHE A 41 -107.96 -25.38 20.69
C PHE A 41 -108.89 -24.95 19.57
N ARG A 42 -108.51 -23.86 18.89
CA ARG A 42 -109.21 -23.44 17.69
C ARG A 42 -108.20 -22.75 16.79
N SER A 43 -108.54 -22.61 15.52
CA SER A 43 -107.57 -22.17 14.55
C SER A 43 -108.25 -21.46 13.38
N ARG A 44 -107.43 -21.06 12.42
CA ARG A 44 -107.86 -20.40 11.20
C ARG A 44 -106.79 -20.63 10.16
N SER A 45 -106.90 -19.95 9.02
CA SER A 45 -105.88 -20.06 7.98
C SER A 45 -105.44 -18.67 7.50
N ILE A 46 -104.61 -18.65 6.47
CA ILE A 46 -104.09 -17.40 5.91
C ILE A 46 -104.49 -17.37 4.44
N GLU A 47 -105.21 -16.32 4.03
CA GLU A 47 -105.64 -16.24 2.64
C GLU A 47 -104.53 -15.70 1.74
N VAL A 48 -104.12 -14.44 1.96
CA VAL A 48 -103.18 -13.76 1.09
C VAL A 48 -102.14 -13.06 1.96
N PHE A 49 -100.86 -13.38 1.74
CA PHE A 49 -99.78 -12.71 2.44
C PHE A 49 -99.60 -11.29 1.93
N GLY A 50 -99.02 -10.44 2.77
CA GLY A 50 -98.75 -9.08 2.36
C GLY A 50 -97.65 -9.01 1.32
N GLN A 51 -97.77 -8.02 0.45
CA GLN A 51 -96.88 -7.92 -0.70
C GLN A 51 -96.85 -6.47 -1.15
N PHE A 52 -95.72 -6.06 -1.72
CA PHE A 52 -95.48 -4.71 -2.26
C PHE A 52 -95.66 -3.64 -1.19
N ASN A 53 -94.79 -3.71 -0.18
CA ASN A 53 -94.65 -2.70 0.88
C ASN A 53 -95.95 -2.54 1.66
N GLY A 54 -96.46 -3.67 2.16
CA GLY A 54 -97.71 -3.70 2.89
C GLY A 54 -97.58 -4.33 4.26
N LYS A 55 -98.71 -4.61 4.90
CA LYS A 55 -98.71 -5.11 6.25
C LYS A 55 -98.32 -6.58 6.29
N ARG A 56 -97.49 -6.95 7.26
CA ARG A 56 -97.03 -8.31 7.42
C ARG A 56 -98.05 -9.12 8.20
N CYS A 57 -98.16 -10.41 7.89
CA CYS A 57 -99.18 -11.25 8.50
C CYS A 57 -98.82 -11.64 9.93
N THR A 58 -97.55 -11.93 10.18
CA THR A 58 -96.98 -12.24 11.51
C THR A 58 -97.68 -13.44 12.18
N ASP A 59 -97.87 -14.51 11.40
CA ASP A 59 -97.96 -15.91 11.86
C ASP A 59 -98.97 -16.13 12.99
N ALA A 60 -100.17 -15.60 12.80
CA ALA A 60 -101.16 -15.56 13.87
C ALA A 60 -102.14 -16.73 13.82
N VAL A 61 -101.70 -17.91 13.39
CA VAL A 61 -102.55 -19.08 13.35
C VAL A 61 -102.45 -19.83 14.68
N GLY A 62 -103.49 -20.58 15.00
CA GLY A 62 -103.52 -21.35 16.23
C GLY A 62 -103.87 -20.54 17.46
N ASP A 63 -104.66 -21.12 18.36
CA ASP A 63 -105.09 -20.40 19.56
C ASP A 63 -105.39 -21.42 20.64
N ARG A 64 -105.17 -21.02 21.89
CA ARG A 64 -105.37 -21.88 23.04
C ARG A 64 -106.20 -21.15 24.09
N ARG A 65 -106.93 -21.92 24.89
CA ARG A 65 -107.76 -21.36 25.94
C ARG A 65 -107.99 -22.42 27.00
N GLN A 66 -107.84 -22.04 28.27
CA GLN A 66 -108.01 -22.99 29.35
C GLN A 66 -109.48 -23.31 29.57
N CYS A 67 -109.78 -24.56 29.88
CA CYS A 67 -111.14 -24.94 30.23
C CYS A 67 -111.09 -26.11 31.22
N VAL A 68 -112.10 -26.17 32.07
CA VAL A 68 -112.22 -27.27 33.03
C VAL A 68 -112.58 -28.55 32.29
N PRO A 69 -111.97 -29.70 32.63
CA PRO A 69 -112.37 -30.96 31.97
C PRO A 69 -113.74 -31.42 32.38
N THR A 70 -114.70 -31.33 31.45
CA THR A 70 -116.08 -31.69 31.75
C THR A 70 -116.28 -33.21 31.78
N GLU A 71 -115.45 -33.96 31.05
CA GLU A 71 -115.51 -35.41 31.04
C GLU A 71 -114.09 -35.94 30.98
N PRO A 72 -113.55 -36.43 32.11
CA PRO A 72 -112.12 -36.73 32.17
C PRO A 72 -111.73 -37.98 31.40
N CYS A 73 -110.53 -37.95 30.85
CA CYS A 73 -109.97 -39.06 30.10
C CYS A 73 -109.32 -40.07 31.04
N GLU A 74 -108.93 -41.22 30.49
CA GLU A 74 -108.16 -42.18 31.24
C GLU A 74 -106.74 -41.64 31.45
N ASP A 75 -106.07 -42.19 32.47
CA ASP A 75 -104.72 -41.77 32.81
C ASP A 75 -103.77 -42.26 31.73
N ALA A 76 -103.35 -41.35 30.86
CA ALA A 76 -102.53 -41.67 29.70
C ALA A 76 -101.09 -41.91 30.16
N GLU A 77 -100.80 -43.16 30.51
CA GLU A 77 -99.45 -43.58 30.84
C GLU A 77 -99.21 -44.97 30.27
N ASP A 78 -97.97 -45.22 29.88
CA ASP A 78 -97.63 -46.48 29.23
C ASP A 78 -97.47 -47.60 30.25
N ASP A 79 -97.61 -48.83 29.77
CA ASP A 79 -97.52 -49.99 30.65
C ASP A 79 -96.09 -50.23 31.08
N CYS A 80 -95.14 -50.14 30.13
CA CYS A 80 -93.72 -50.43 30.32
C CYS A 80 -93.54 -51.85 30.88
N GLY A 81 -93.92 -52.82 30.06
CA GLY A 81 -94.04 -54.19 30.52
C GLY A 81 -92.71 -54.88 30.67
N ASN A 82 -92.41 -55.36 31.90
CA ASN A 82 -91.23 -56.17 32.23
C ASN A 82 -89.92 -55.46 31.93
N ASP A 83 -89.93 -54.14 31.95
CA ASP A 83 -88.74 -53.34 31.73
C ASP A 83 -88.55 -52.41 32.91
N PHE A 84 -87.29 -52.12 33.21
CA PHE A 84 -86.99 -51.18 34.29
C PHE A 84 -87.31 -49.77 33.83
N GLN A 85 -88.40 -49.21 34.36
CA GLN A 85 -88.71 -47.82 34.13
C GLN A 85 -87.69 -46.94 34.84
N CYS A 86 -87.43 -45.78 34.27
CA CYS A 86 -86.42 -44.86 34.76
C CYS A 86 -87.09 -43.60 35.28
N SER A 87 -86.27 -42.63 35.68
CA SER A 87 -86.76 -41.35 36.16
C SER A 87 -86.90 -40.31 35.05
N THR A 88 -87.10 -40.76 33.82
CA THR A 88 -87.37 -39.90 32.67
C THR A 88 -88.63 -40.30 31.93
N GLY A 89 -88.92 -41.59 31.82
CA GLY A 89 -89.97 -42.09 30.96
C GLY A 89 -89.48 -43.08 29.92
N ARG A 90 -88.19 -43.32 29.83
CA ARG A 90 -87.62 -44.30 28.92
C ARG A 90 -87.52 -45.64 29.65
N CYS A 91 -87.86 -46.72 28.93
CA CYS A 91 -87.85 -48.06 29.50
C CYS A 91 -86.69 -48.84 28.90
N ILE A 92 -85.70 -49.14 29.72
CA ILE A 92 -84.53 -49.90 29.28
C ILE A 92 -84.63 -51.31 29.87
N LYS A 93 -83.73 -52.18 29.42
CA LYS A 93 -83.72 -53.57 29.82
C LYS A 93 -82.89 -53.77 31.09
N MET A 94 -82.83 -55.00 31.56
CA MET A 94 -82.05 -55.32 32.75
C MET A 94 -80.57 -55.48 32.44
N ARG A 95 -80.23 -55.80 31.19
CA ARG A 95 -78.84 -55.96 30.75
C ARG A 95 -78.05 -54.66 30.88
N LEU A 96 -78.73 -53.51 30.83
CA LEU A 96 -78.09 -52.21 30.90
C LEU A 96 -77.83 -51.75 32.33
N ARG A 97 -77.97 -52.63 33.33
CA ARG A 97 -77.77 -52.24 34.72
C ARG A 97 -76.29 -52.14 35.04
N CYS A 98 -75.90 -50.99 35.62
CA CYS A 98 -74.54 -50.71 36.11
C CYS A 98 -73.49 -50.86 35.02
N ASN A 99 -73.85 -50.55 33.79
CA ASN A 99 -72.95 -50.71 32.66
C ASN A 99 -71.98 -49.54 32.49
N GLY A 100 -72.08 -48.50 33.31
CA GLY A 100 -71.26 -47.34 33.14
C GLY A 100 -71.65 -46.45 31.98
N ASP A 101 -72.85 -46.61 31.44
CA ASP A 101 -73.35 -45.79 30.36
C ASP A 101 -74.67 -45.16 30.77
N ASN A 102 -74.80 -43.86 30.46
CA ASN A 102 -75.99 -43.11 30.83
C ASN A 102 -77.18 -43.47 29.94
N ASP A 103 -77.91 -44.51 30.35
CA ASP A 103 -78.93 -45.11 29.52
C ASP A 103 -80.32 -44.58 29.79
N CYS A 104 -80.68 -44.36 31.06
CA CYS A 104 -81.98 -43.78 31.37
C CYS A 104 -82.02 -42.29 31.08
N GLY A 105 -80.87 -41.63 31.02
CA GLY A 105 -80.83 -40.20 30.81
C GLY A 105 -80.49 -39.47 32.09
N ASP A 106 -81.07 -39.91 33.20
CA ASP A 106 -80.79 -39.36 34.53
C ASP A 106 -79.96 -40.32 35.36
N PHE A 107 -79.02 -41.01 34.70
CA PHE A 107 -77.85 -41.62 35.34
C PHE A 107 -78.24 -42.74 36.29
N SER A 108 -79.28 -43.50 35.92
CA SER A 108 -79.83 -44.53 36.79
C SER A 108 -79.10 -45.87 36.65
N ASP A 109 -77.85 -45.85 36.21
CA ASP A 109 -77.04 -47.06 36.14
C ASP A 109 -75.81 -46.98 37.04
N GLU A 110 -75.09 -45.86 37.02
CA GLU A 110 -73.80 -45.76 37.70
C GLU A 110 -73.92 -45.28 39.14
N ASP A 111 -75.04 -45.56 39.80
CA ASP A 111 -75.20 -45.13 41.18
C ASP A 111 -75.64 -46.26 42.12
N ASP A 112 -76.38 -47.23 41.59
CA ASP A 112 -77.13 -48.14 42.45
C ASP A 112 -76.24 -49.23 43.05
N CYS A 113 -75.67 -50.07 42.19
CA CYS A 113 -75.08 -51.31 42.69
C CYS A 113 -73.63 -51.09 43.09
N GLU A 114 -73.13 -52.02 43.92
CA GLU A 114 -71.72 -52.12 44.23
C GLU A 114 -71.02 -53.17 43.37
N SER A 115 -71.66 -53.60 42.28
CA SER A 115 -71.11 -54.62 41.39
C SER A 115 -70.08 -53.99 40.46
N GLU A 116 -69.60 -54.77 39.50
CA GLU A 116 -68.62 -54.28 38.55
C GLU A 116 -69.28 -53.34 37.55
N PRO A 117 -68.56 -52.31 37.09
CA PRO A 117 -69.11 -51.47 36.03
C PRO A 117 -69.18 -52.16 34.68
N ARG A 118 -68.44 -53.27 34.50
CA ARG A 118 -68.31 -54.16 33.33
C ARG A 118 -68.42 -53.46 31.98
N PRO A 119 -67.49 -52.57 31.63
CA PRO A 119 -67.64 -51.77 30.41
C PRO A 119 -67.48 -52.63 29.17
N PRO A 120 -68.46 -52.60 28.25
CA PRO A 120 -68.35 -53.41 27.04
C PRO A 120 -67.21 -52.96 26.14
N CYS A 121 -66.93 -51.67 26.09
CA CYS A 121 -65.65 -51.20 25.59
C CYS A 121 -64.62 -51.42 26.68
N ARG A 122 -63.76 -52.42 26.49
CA ARG A 122 -62.71 -52.76 27.45
C ARG A 122 -61.53 -51.81 27.33
N ASP A 123 -60.38 -52.23 27.85
CA ASP A 123 -59.16 -51.43 27.90
C ASP A 123 -58.57 -51.01 26.54
N ARG A 124 -59.22 -51.40 25.43
CA ARG A 124 -58.89 -50.85 24.13
C ARG A 124 -59.12 -49.35 24.12
N VAL A 125 -58.32 -48.65 23.31
CA VAL A 125 -58.39 -47.19 23.23
C VAL A 125 -59.68 -46.81 22.52
N VAL A 126 -60.65 -46.32 23.27
CA VAL A 126 -61.99 -46.05 22.77
C VAL A 126 -62.39 -44.66 23.27
N GLU A 127 -62.82 -43.80 22.37
CA GLU A 127 -63.14 -42.42 22.68
C GLU A 127 -64.63 -42.16 22.44
N GLU A 128 -65.02 -40.90 22.51
CA GLU A 128 -66.34 -40.47 22.11
C GLU A 128 -66.25 -39.72 20.78
N SER A 129 -67.31 -39.80 19.99
CA SER A 129 -67.25 -39.29 18.63
C SER A 129 -67.44 -37.78 18.60
N GLU A 130 -67.39 -37.23 17.39
CA GLU A 130 -67.66 -35.81 17.16
C GLU A 130 -68.69 -35.58 16.08
N LEU A 131 -68.97 -36.57 15.25
CA LEU A 131 -69.91 -36.46 14.15
C LEU A 131 -71.19 -37.23 14.42
N ALA A 132 -71.11 -38.30 15.17
CA ALA A 132 -72.27 -39.13 15.42
C ALA A 132 -73.17 -38.59 16.52
N ARG A 133 -72.65 -37.67 17.35
CA ARG A 133 -73.40 -37.26 18.53
C ARG A 133 -74.56 -36.33 18.15
N THR A 134 -74.49 -35.69 17.00
CA THR A 134 -75.55 -34.80 16.52
C THR A 134 -76.13 -35.33 15.22
N ALA A 135 -76.35 -36.63 15.12
CA ALA A 135 -76.63 -37.27 13.84
C ALA A 135 -78.12 -37.23 13.46
N GLY A 136 -78.92 -36.38 14.06
CA GLY A 136 -80.28 -36.24 13.59
C GLY A 136 -80.42 -35.20 12.51
N TYR A 137 -80.09 -33.95 12.86
CA TYR A 137 -80.33 -32.76 12.05
C TYR A 137 -81.77 -32.73 11.52
N GLY A 138 -82.73 -32.67 12.43
CA GLY A 138 -84.13 -32.62 12.08
C GLY A 138 -84.46 -31.38 11.30
N ILE A 139 -84.71 -31.54 10.01
CA ILE A 139 -84.59 -30.45 9.06
C ILE A 139 -85.98 -29.91 8.77
N ASN A 140 -86.02 -28.70 8.22
CA ASN A 140 -87.26 -28.06 7.83
C ASN A 140 -87.26 -27.86 6.32
N ILE A 141 -88.45 -27.70 5.76
CA ILE A 141 -88.61 -27.65 4.30
C ILE A 141 -88.07 -26.40 3.64
N LEU A 142 -87.72 -25.37 4.42
CA LEU A 142 -87.11 -24.18 3.84
C LEU A 142 -85.72 -24.48 3.31
N GLY A 143 -84.94 -25.27 4.05
CA GLY A 143 -83.60 -25.63 3.64
C GLY A 143 -82.61 -25.56 4.79
N MET A 144 -82.94 -24.81 5.82
CA MET A 144 -82.09 -24.68 6.99
C MET A 144 -82.42 -25.76 8.00
N ASP A 145 -81.43 -26.12 8.81
CA ASP A 145 -81.47 -27.34 9.62
C ASP A 145 -81.29 -27.09 11.11
N PRO A 146 -82.38 -27.07 11.89
CA PRO A 146 -82.21 -27.06 13.35
C PRO A 146 -81.71 -28.42 13.83
N LEU A 147 -80.72 -28.39 14.72
CA LEU A 147 -80.07 -29.57 15.25
C LEU A 147 -80.89 -30.24 16.35
N SER A 148 -82.17 -29.87 16.49
CA SER A 148 -83.04 -30.40 17.54
C SER A 148 -83.32 -31.86 17.20
N THR A 149 -82.36 -32.68 17.56
CA THR A 149 -82.30 -34.06 17.18
C THR A 149 -83.37 -34.85 17.93
N PRO A 150 -84.32 -35.48 17.23
CA PRO A 150 -85.25 -36.34 17.95
C PRO A 150 -84.58 -37.59 18.46
N PHE A 151 -83.50 -38.02 17.82
CA PHE A 151 -82.74 -39.16 18.26
C PHE A 151 -81.95 -38.82 19.53
N ASP A 152 -81.47 -39.86 20.19
CA ASP A 152 -80.61 -39.71 21.36
C ASP A 152 -79.32 -40.44 21.05
N ASN A 153 -78.24 -39.69 20.80
CA ASN A 153 -76.96 -40.25 20.42
C ASN A 153 -76.04 -40.42 21.61
N GLU A 154 -76.59 -40.73 22.77
CA GLU A 154 -75.80 -41.16 23.92
C GLU A 154 -76.14 -42.58 24.34
N PHE A 155 -77.19 -43.17 23.76
CA PHE A 155 -77.61 -44.52 24.11
C PHE A 155 -76.75 -45.50 23.33
N TYR A 156 -75.95 -46.28 24.03
CA TYR A 156 -75.07 -47.24 23.38
C TYR A 156 -75.57 -48.67 23.45
N ASN A 157 -76.48 -48.96 24.37
CA ASN A 157 -77.12 -50.27 24.55
C ASN A 157 -76.10 -51.37 24.82
N GLY A 158 -75.02 -51.03 25.53
CA GLY A 158 -74.04 -52.02 25.97
C GLY A 158 -73.25 -52.69 24.88
N LEU A 159 -73.01 -52.00 23.76
CA LEU A 159 -72.23 -52.55 22.67
C LEU A 159 -71.02 -51.67 22.42
N CYS A 160 -70.01 -52.25 21.77
CA CYS A 160 -68.76 -51.55 21.50
C CYS A 160 -68.38 -51.82 20.05
N ASN A 161 -68.85 -50.96 19.15
CA ASN A 161 -68.55 -51.05 17.72
C ASN A 161 -67.65 -49.88 17.35
N ARG A 162 -66.48 -50.18 16.83
CA ARG A 162 -65.50 -49.15 16.53
C ARG A 162 -65.57 -48.76 15.06
N ASP A 163 -65.34 -47.48 14.79
CA ASP A 163 -65.29 -46.94 13.43
C ASP A 163 -64.07 -46.04 13.33
N ARG A 164 -63.18 -46.36 12.39
CA ARG A 164 -61.87 -45.74 12.39
C ARG A 164 -61.92 -44.33 11.84
N ASP A 165 -60.84 -43.60 12.09
CA ASP A 165 -60.60 -42.28 11.53
C ASP A 165 -59.36 -42.33 10.66
N GLY A 166 -59.37 -41.55 9.59
CA GLY A 166 -58.24 -41.52 8.70
C GLY A 166 -57.07 -40.74 9.25
N ASN A 167 -57.29 -39.47 9.58
CA ASN A 167 -56.18 -38.58 9.91
C ASN A 167 -55.69 -38.81 11.32
N THR A 168 -56.59 -38.77 12.31
CA THR A 168 -56.15 -38.77 13.70
C THR A 168 -55.77 -40.17 14.22
N LEU A 169 -56.16 -41.23 13.50
CA LEU A 169 -55.90 -42.62 13.87
C LEU A 169 -56.44 -42.96 15.25
N THR A 170 -57.73 -42.77 15.42
CA THR A 170 -58.42 -43.05 16.67
C THR A 170 -59.46 -44.14 16.43
N TYR A 171 -60.29 -44.40 17.44
CA TYR A 171 -61.35 -45.40 17.33
C TYR A 171 -62.61 -44.82 17.99
N TYR A 172 -63.41 -44.12 17.19
CA TYR A 172 -64.64 -43.54 17.68
C TYR A 172 -65.69 -44.61 17.85
N ARG A 173 -66.78 -44.27 18.53
CA ARG A 173 -67.84 -45.23 18.77
C ARG A 173 -69.00 -45.03 17.81
N ARG A 174 -69.86 -46.02 17.77
CA ARG A 174 -71.07 -46.00 16.96
C ARG A 174 -72.25 -46.03 17.91
N PRO A 175 -72.98 -44.93 18.10
CA PRO A 175 -74.20 -44.96 18.91
C PRO A 175 -75.27 -45.83 18.27
N TRP A 176 -76.25 -46.21 19.09
CA TRP A 176 -77.25 -47.17 18.66
C TRP A 176 -78.17 -46.60 17.58
N ASN A 177 -78.35 -45.30 17.52
CA ASN A 177 -79.23 -44.75 16.50
C ASN A 177 -78.55 -44.62 15.15
N VAL A 178 -77.23 -44.67 15.08
CA VAL A 178 -76.51 -44.60 13.81
C VAL A 178 -76.22 -46.02 13.34
N ALA A 179 -76.72 -46.37 12.16
CA ALA A 179 -76.55 -47.72 11.62
C ALA A 179 -75.25 -47.89 10.85
N SER A 180 -74.73 -46.83 10.26
CA SER A 180 -73.47 -46.92 9.54
C SER A 180 -72.80 -45.55 9.52
N LEU A 181 -71.48 -45.57 9.54
CA LEU A 181 -70.72 -44.33 9.66
C LEU A 181 -69.33 -44.57 9.07
N ILE A 182 -69.12 -44.10 7.86
CA ILE A 182 -67.84 -44.21 7.21
C ILE A 182 -67.16 -42.86 7.29
N TYR A 183 -65.83 -42.86 7.20
CA TYR A 183 -65.04 -41.63 7.05
C TYR A 183 -64.23 -41.77 5.77
N GLU A 184 -64.79 -41.35 4.64
CA GLU A 184 -64.00 -41.28 3.42
C GLU A 184 -63.21 -39.98 3.40
N THR A 185 -62.64 -39.64 2.25
CA THR A 185 -62.11 -38.31 2.02
C THR A 185 -62.39 -38.02 0.56
N LYS A 186 -63.53 -37.43 0.27
CA LYS A 186 -63.98 -37.34 -1.11
C LYS A 186 -63.96 -35.88 -1.52
N GLY A 187 -62.90 -35.45 -2.18
CA GLY A 187 -62.80 -34.09 -2.64
C GLY A 187 -63.30 -34.01 -4.07
N GLU A 188 -63.96 -32.90 -4.42
CA GLU A 188 -64.62 -32.85 -5.71
C GLU A 188 -64.79 -31.41 -6.14
N LYS A 189 -64.03 -30.97 -7.13
CA LYS A 189 -64.13 -29.60 -7.62
C LYS A 189 -64.76 -29.57 -8.99
N ASN A 190 -65.89 -28.90 -9.12
CA ASN A 190 -66.38 -28.49 -10.42
C ASN A 190 -65.81 -27.11 -10.74
N PHE A 191 -65.67 -26.84 -12.03
CA PHE A 191 -65.22 -25.56 -12.50
C PHE A 191 -65.89 -25.35 -13.85
N ARG A 192 -66.43 -24.17 -14.09
CA ARG A 192 -66.93 -23.83 -15.41
C ARG A 192 -66.54 -22.42 -15.76
N THR A 193 -66.36 -22.16 -17.03
CA THR A 193 -66.34 -20.77 -17.52
C THR A 193 -66.93 -20.73 -18.92
N GLU A 194 -68.06 -20.04 -19.04
CA GLU A 194 -68.69 -19.85 -20.33
C GLU A 194 -68.40 -18.44 -20.82
N HIS A 195 -68.58 -18.25 -22.11
CA HIS A 195 -68.25 -16.97 -22.72
C HIS A 195 -69.05 -16.86 -23.99
N TYR A 196 -69.73 -15.73 -24.15
CA TYR A 196 -70.45 -15.45 -25.39
C TYR A 196 -70.07 -14.06 -25.85
N GLU A 197 -70.02 -13.88 -27.16
CA GLU A 197 -69.69 -12.57 -27.70
C GLU A 197 -70.36 -12.44 -29.04
N GLU A 198 -70.81 -11.23 -29.37
CA GLU A 198 -71.43 -10.99 -30.68
C GLU A 198 -71.17 -9.56 -31.09
N GLN A 199 -70.31 -9.34 -32.07
CA GLN A 199 -70.19 -8.03 -32.66
C GLN A 199 -71.07 -7.97 -33.90
N ILE A 200 -71.54 -6.77 -34.23
CA ILE A 200 -72.21 -6.53 -35.50
C ILE A 200 -71.93 -5.09 -35.91
N GLU A 201 -71.60 -4.91 -37.18
CA GLU A 201 -71.35 -3.58 -37.75
C GLU A 201 -72.16 -3.47 -39.03
N ALA A 202 -73.26 -2.74 -38.98
CA ALA A 202 -74.06 -2.45 -40.15
C ALA A 202 -73.68 -1.06 -40.68
N PHE A 203 -73.96 -0.84 -41.96
CA PHE A 203 -73.41 0.32 -42.66
C PHE A 203 -74.23 0.56 -43.91
N LYS A 204 -74.61 1.81 -44.18
CA LYS A 204 -75.41 2.13 -45.36
C LYS A 204 -75.12 3.56 -45.80
N SER A 205 -74.49 3.71 -46.97
CA SER A 205 -74.16 5.02 -47.51
C SER A 205 -74.90 5.25 -48.83
N ILE A 206 -75.29 6.50 -49.07
CA ILE A 206 -75.97 6.89 -50.31
C ILE A 206 -75.37 8.22 -50.77
N ILE A 207 -75.02 8.32 -52.04
CA ILE A 207 -74.62 9.58 -52.66
C ILE A 207 -75.51 9.80 -53.88
N GLN A 208 -76.12 10.97 -53.99
CA GLN A 208 -76.94 11.30 -55.15
C GLN A 208 -76.50 12.64 -55.70
N GLU A 209 -76.66 12.82 -57.00
CA GLU A 209 -76.25 14.05 -57.65
C GLU A 209 -77.03 14.23 -58.94
N LYS A 210 -77.56 15.42 -59.16
CA LYS A 210 -78.05 15.80 -60.48
C LYS A 210 -77.48 17.15 -60.84
N THR A 211 -76.99 17.28 -62.07
CA THR A 211 -76.42 18.54 -62.56
C THR A 211 -77.10 18.82 -63.89
N SER A 212 -78.05 19.75 -63.90
CA SER A 212 -78.79 20.11 -65.11
C SER A 212 -78.35 21.49 -65.58
N ASN A 213 -78.18 21.65 -66.90
CA ASN A 213 -77.69 22.90 -67.48
C ASN A 213 -78.42 23.14 -68.79
N PHE A 214 -79.19 24.23 -68.87
CA PHE A 214 -79.96 24.58 -70.06
C PHE A 214 -79.47 25.92 -70.57
N ASN A 215 -79.19 26.01 -71.87
CA ASN A 215 -78.61 27.22 -72.45
C ASN A 215 -79.36 27.55 -73.73
N ALA A 216 -79.93 28.75 -73.81
CA ALA A 216 -80.50 29.22 -75.06
C ALA A 216 -79.50 30.16 -75.74
N ALA A 217 -79.89 30.69 -76.88
CA ALA A 217 -79.08 31.66 -77.62
C ALA A 217 -79.94 32.53 -78.53
N PHE A 249 -78.72 38.25 -76.03
CA PHE A 249 -79.79 37.35 -76.43
C PHE A 249 -79.53 35.92 -75.99
N ARG A 250 -79.71 35.62 -74.70
CA ARG A 250 -79.65 34.24 -74.24
C ARG A 250 -80.47 34.10 -72.96
N PHE A 251 -80.43 32.91 -72.39
CA PHE A 251 -81.07 32.59 -71.11
C PHE A 251 -80.48 31.27 -70.63
N SER A 252 -79.93 31.26 -69.42
CA SER A 252 -79.38 30.04 -68.85
C SER A 252 -80.21 29.60 -67.66
N TYR A 253 -80.08 28.32 -67.32
CA TYR A 253 -80.74 27.78 -66.13
C TYR A 253 -79.94 26.56 -65.68
N SER A 254 -79.26 26.70 -64.56
CA SER A 254 -78.42 25.63 -64.03
C SER A 254 -78.96 25.16 -62.70
N LYS A 255 -78.56 23.95 -62.32
CA LYS A 255 -78.89 23.39 -61.01
C LYS A 255 -77.89 22.29 -60.72
N ASN A 256 -77.34 22.29 -59.51
CA ASN A 256 -76.38 21.27 -59.09
C ASN A 256 -76.81 20.78 -57.71
N GLU A 257 -77.73 19.81 -57.68
CA GLU A 257 -78.19 19.24 -56.43
C GLU A 257 -77.29 18.06 -56.05
N THR A 258 -76.83 18.04 -54.81
CA THR A 258 -75.89 17.04 -54.33
C THR A 258 -76.36 16.54 -52.98
N TYR A 259 -77.06 15.41 -52.96
CA TYR A 259 -77.55 14.82 -51.72
C TYR A 259 -76.56 13.77 -51.24
N GLN A 260 -76.50 13.60 -49.93
CA GLN A 260 -75.70 12.52 -49.38
C GLN A 260 -76.42 12.02 -48.13
N LEU A 261 -76.11 10.78 -47.76
CA LEU A 261 -76.71 10.15 -46.59
C LEU A 261 -75.74 9.08 -46.12
N PHE A 262 -75.71 8.84 -44.83
CA PHE A 262 -74.68 7.99 -44.25
C PHE A 262 -75.22 7.45 -42.94
N LEU A 263 -75.13 6.15 -42.73
CA LEU A 263 -75.58 5.57 -41.47
C LEU A 263 -74.65 4.44 -41.07
N SER A 264 -74.28 4.41 -39.80
CA SER A 264 -73.54 3.30 -39.23
C SER A 264 -74.34 2.69 -38.09
N TYR A 265 -73.93 1.49 -37.67
CA TYR A 265 -74.49 0.87 -36.46
C TYR A 265 -73.46 -0.15 -36.01
N SER A 266 -72.63 0.22 -35.03
CA SER A 266 -71.49 -0.62 -34.65
C SER A 266 -71.68 -1.07 -33.21
N SER A 267 -72.44 -2.15 -33.01
CA SER A 267 -72.81 -2.56 -31.66
C SER A 267 -72.20 -3.92 -31.36
N LYS A 268 -71.53 -4.04 -30.22
CA LYS A 268 -71.06 -5.33 -29.74
C LYS A 268 -71.80 -5.71 -28.47
N LYS A 269 -71.77 -6.99 -28.16
CA LYS A 269 -72.30 -7.51 -26.92
C LYS A 269 -71.37 -8.60 -26.42
N GLU A 270 -71.41 -8.82 -25.11
CA GLU A 270 -70.55 -9.81 -24.47
C GLU A 270 -71.27 -10.30 -23.24
N LYS A 271 -71.05 -11.56 -22.89
CA LYS A 271 -71.72 -12.11 -21.71
C LYS A 271 -70.86 -13.26 -21.19
N MET A 272 -70.16 -13.04 -20.11
CA MET A 272 -69.28 -14.06 -19.55
C MET A 272 -70.04 -14.82 -18.48
N PHE A 273 -69.43 -15.87 -17.95
CA PHE A 273 -69.94 -16.60 -16.80
C PHE A 273 -68.79 -17.42 -16.24
N LEU A 274 -68.75 -17.59 -14.93
CA LEU A 274 -67.75 -18.42 -14.30
C LEU A 274 -68.43 -19.09 -13.13
N HIS A 275 -67.93 -20.26 -12.72
CA HIS A 275 -68.57 -20.98 -11.61
C HIS A 275 -67.57 -21.98 -11.02
N VAL A 276 -66.98 -21.65 -9.93
CA VAL A 276 -66.18 -22.62 -9.20
C VAL A 276 -67.09 -23.27 -8.18
N LYS A 277 -66.91 -24.56 -7.86
CA LYS A 277 -67.66 -25.16 -6.77
C LYS A 277 -66.86 -26.33 -6.23
N GLY A 278 -66.16 -26.13 -5.13
CA GLY A 278 -65.37 -27.25 -4.62
C GLY A 278 -65.88 -27.89 -3.35
N GLU A 279 -66.57 -29.02 -3.46
CA GLU A 279 -67.04 -29.71 -2.28
C GLU A 279 -65.93 -30.54 -1.67
N ILE A 280 -66.01 -30.75 -0.37
CA ILE A 280 -65.11 -31.63 0.36
C ILE A 280 -65.96 -32.46 1.31
N HIS A 281 -66.02 -33.77 1.10
CA HIS A 281 -66.84 -34.62 1.95
C HIS A 281 -65.95 -35.38 2.91
N LEU A 282 -66.34 -35.41 4.18
CA LEU A 282 -65.73 -36.29 5.16
C LEU A 282 -66.84 -37.21 5.66
N GLY A 283 -67.04 -38.31 4.96
CA GLY A 283 -67.92 -39.33 5.46
C GLY A 283 -69.40 -39.01 5.36
N ARG A 284 -70.20 -39.82 6.03
CA ARG A 284 -71.65 -39.76 5.95
C ARG A 284 -72.21 -40.53 7.14
N PHE A 285 -73.53 -40.71 7.16
CA PHE A 285 -74.19 -41.50 8.20
C PHE A 285 -75.54 -41.93 7.69
N VAL A 286 -76.04 -43.04 8.25
CA VAL A 286 -77.38 -43.54 7.95
C VAL A 286 -78.05 -43.92 9.26
N MET A 287 -79.20 -43.31 9.56
CA MET A 287 -79.89 -43.57 10.79
C MET A 287 -80.72 -44.84 10.67
N ARG A 288 -81.35 -45.26 11.76
CA ARG A 288 -82.14 -46.48 11.77
C ARG A 288 -83.63 -46.16 11.65
N ASN A 289 -84.44 -47.21 11.66
CA ASN A 289 -85.88 -47.08 11.48
C ASN A 289 -86.72 -47.87 12.46
N ARG A 290 -86.19 -48.92 13.08
CA ARG A 290 -86.94 -49.70 14.07
C ARG A 290 -86.10 -49.85 15.32
N ASP A 291 -86.78 -49.97 16.46
CA ASP A 291 -86.19 -50.03 17.80
C ASP A 291 -85.28 -48.82 18.06
N VAL A 292 -85.80 -47.65 17.73
CA VAL A 292 -85.06 -46.40 17.81
C VAL A 292 -85.39 -45.74 19.13
N VAL A 293 -84.37 -45.27 19.85
CA VAL A 293 -84.60 -44.51 21.06
C VAL A 293 -84.67 -43.03 20.72
N LEU A 294 -85.55 -42.32 21.44
CA LEU A 294 -85.74 -40.90 21.24
C LEU A 294 -85.32 -40.17 22.51
N THR A 295 -85.03 -38.88 22.38
CA THR A 295 -84.57 -38.11 23.52
C THR A 295 -85.73 -37.82 24.48
N THR A 296 -85.38 -37.29 25.65
CA THR A 296 -86.37 -37.11 26.70
C THR A 296 -87.32 -35.97 26.38
N THR A 297 -86.82 -34.89 25.78
CA THR A 297 -87.62 -33.71 25.50
C THR A 297 -88.45 -33.83 24.22
N PHE A 298 -88.70 -35.03 23.73
CA PHE A 298 -89.43 -35.22 22.49
C PHE A 298 -90.60 -36.18 22.65
N VAL A 299 -90.43 -37.22 23.46
CA VAL A 299 -91.54 -38.12 23.75
C VAL A 299 -92.63 -37.39 24.54
N ASP A 300 -92.24 -36.45 25.40
CA ASP A 300 -93.21 -35.64 26.12
C ASP A 300 -93.98 -34.73 25.17
N ASP A 301 -93.30 -34.13 24.19
CA ASP A 301 -93.99 -33.24 23.26
C ASP A 301 -94.84 -34.00 22.26
N ILE A 302 -94.54 -35.28 22.00
CA ILE A 302 -95.52 -36.09 21.27
C ILE A 302 -96.69 -36.44 22.18
N LYS A 303 -96.42 -36.70 23.45
CA LYS A 303 -97.48 -37.04 24.40
C LYS A 303 -98.41 -35.87 24.70
N ALA A 304 -97.98 -34.63 24.43
CA ALA A 304 -98.79 -33.45 24.66
C ALA A 304 -99.51 -32.98 23.40
N LEU A 305 -99.75 -33.89 22.45
CA LEU A 305 -100.47 -33.51 21.24
C LEU A 305 -101.97 -33.72 21.43
N PRO A 306 -102.82 -32.87 20.84
CA PRO A 306 -104.23 -32.82 21.27
C PRO A 306 -105.09 -33.97 20.79
N THR A 307 -104.58 -34.87 19.94
CA THR A 307 -105.11 -36.20 19.61
C THR A 307 -106.39 -36.14 18.75
N THR A 308 -106.97 -34.95 18.56
CA THR A 308 -108.26 -34.83 17.86
C THR A 308 -108.14 -34.03 16.57
N TYR A 309 -106.93 -33.90 16.03
CA TYR A 309 -106.57 -32.94 14.99
C TYR A 309 -107.06 -31.53 15.35
N GLU A 310 -106.41 -30.99 16.38
CA GLU A 310 -106.57 -29.58 16.70
C GLU A 310 -105.38 -28.85 16.10
N LYS A 311 -105.69 -27.94 15.15
CA LYS A 311 -104.70 -27.41 14.23
C LYS A 311 -103.67 -26.50 14.91
N GLY A 312 -103.96 -26.00 16.11
CA GLY A 312 -103.09 -25.01 16.71
C GLY A 312 -101.79 -25.58 17.25
N GLU A 313 -101.80 -26.80 17.76
CA GLU A 313 -100.62 -27.36 18.41
C GLU A 313 -99.62 -27.94 17.40
N TYR A 314 -100.10 -28.46 16.27
CA TYR A 314 -99.20 -29.12 15.34
C TYR A 314 -98.34 -28.13 14.58
N PHE A 315 -98.83 -26.91 14.34
CA PHE A 315 -97.98 -25.89 13.73
C PHE A 315 -96.93 -25.35 14.68
N ALA A 316 -97.09 -25.56 15.99
CA ALA A 316 -96.02 -25.25 16.91
C ALA A 316 -95.04 -26.41 17.02
N PHE A 317 -95.55 -27.64 16.96
CA PHE A 317 -94.68 -28.81 17.04
C PHE A 317 -93.78 -28.92 15.81
N LEU A 318 -94.32 -28.67 14.63
CA LEU A 318 -93.54 -28.84 13.40
C LEU A 318 -92.50 -27.75 13.21
N GLU A 319 -92.61 -26.64 13.94
CA GLU A 319 -91.55 -25.64 13.92
C GLU A 319 -90.73 -25.64 15.19
N THR A 320 -91.09 -26.47 16.17
CA THR A 320 -90.16 -26.72 17.25
C THR A 320 -89.17 -27.81 16.87
N TYR A 321 -89.64 -28.90 16.26
CA TYR A 321 -88.78 -30.04 15.97
C TYR A 321 -88.62 -30.32 14.48
N GLY A 322 -88.91 -29.35 13.64
CA GLY A 322 -88.70 -29.54 12.21
C GLY A 322 -89.74 -30.41 11.54
N THR A 323 -89.72 -30.44 10.22
CA THR A 323 -90.70 -31.23 9.48
C THR A 323 -90.18 -32.63 9.17
N HIS A 324 -88.91 -32.75 8.78
CA HIS A 324 -88.32 -34.03 8.45
C HIS A 324 -87.04 -34.21 9.24
N TYR A 325 -86.57 -35.45 9.35
CA TYR A 325 -85.28 -35.72 9.94
C TYR A 325 -84.35 -36.29 8.88
N SER A 326 -83.09 -35.89 8.91
CA SER A 326 -82.13 -36.33 7.91
C SER A 326 -81.74 -37.78 8.15
N SER A 327 -82.43 -38.71 7.50
CA SER A 327 -82.16 -40.12 7.67
C SER A 327 -80.88 -40.57 7.00
N SER A 328 -80.29 -39.76 6.12
CA SER A 328 -79.01 -40.11 5.50
C SER A 328 -78.34 -38.83 5.04
N GLY A 329 -77.36 -38.36 5.82
CA GLY A 329 -76.66 -37.14 5.51
C GLY A 329 -75.29 -37.39 4.91
N SER A 330 -74.52 -36.30 4.81
CA SER A 330 -73.13 -36.34 4.36
C SER A 330 -72.49 -35.04 4.81
N LEU A 331 -71.56 -35.09 5.75
CA LEU A 331 -71.06 -33.86 6.33
C LEU A 331 -69.91 -33.32 5.49
N GLY A 332 -69.22 -32.29 5.99
CA GLY A 332 -68.22 -31.60 5.22
C GLY A 332 -68.81 -30.56 4.30
N GLY A 333 -68.20 -29.39 4.18
CA GLY A 333 -68.88 -28.29 3.52
C GLY A 333 -68.18 -27.65 2.33
N LEU A 334 -68.96 -26.98 1.50
CA LEU A 334 -68.53 -26.50 0.19
C LEU A 334 -68.05 -25.07 0.24
N TYR A 335 -67.66 -24.58 -0.92
CA TYR A 335 -67.54 -23.16 -1.20
C TYR A 335 -67.98 -22.95 -2.64
N GLU A 336 -68.09 -21.69 -3.05
CA GLU A 336 -68.67 -21.39 -4.35
C GLU A 336 -68.35 -19.96 -4.75
N LEU A 337 -67.93 -19.76 -5.98
CA LEU A 337 -67.84 -18.45 -6.60
C LEU A 337 -68.80 -18.42 -7.78
N ILE A 338 -69.33 -17.24 -8.09
CA ILE A 338 -70.09 -17.00 -9.31
C ILE A 338 -69.69 -15.62 -9.80
N TYR A 339 -69.38 -15.49 -11.09
CA TYR A 339 -68.89 -14.23 -11.65
C TYR A 339 -69.70 -13.96 -12.90
N VAL A 340 -70.78 -13.20 -12.80
CA VAL A 340 -71.65 -12.95 -13.93
C VAL A 340 -71.33 -11.57 -14.46
N LEU A 341 -70.57 -11.49 -15.54
CA LEU A 341 -70.39 -10.22 -16.20
C LEU A 341 -71.50 -10.06 -17.22
N ASP A 342 -71.66 -8.83 -17.70
CA ASP A 342 -72.57 -8.52 -18.80
C ASP A 342 -72.10 -7.20 -19.37
N LYS A 343 -72.16 -7.08 -20.69
CA LYS A 343 -71.76 -5.85 -21.34
C LYS A 343 -72.71 -5.63 -22.50
N ALA A 344 -72.99 -4.38 -22.81
CA ALA A 344 -73.75 -4.08 -24.02
C ALA A 344 -73.32 -2.68 -24.48
N SER A 345 -72.33 -2.64 -25.35
CA SER A 345 -72.08 -1.37 -26.02
C SER A 345 -73.12 -1.17 -27.12
N MET A 346 -73.19 0.05 -27.63
CA MET A 346 -73.97 0.34 -28.83
C MET A 346 -73.51 1.69 -29.36
N LYS A 347 -73.26 1.76 -30.65
CA LYS A 347 -73.14 3.04 -31.32
C LYS A 347 -74.24 3.14 -32.37
N ARG A 348 -74.55 4.37 -32.76
CA ARG A 348 -75.27 4.62 -33.99
C ARG A 348 -74.94 6.03 -34.43
N LYS A 349 -74.97 6.27 -35.72
CA LYS A 349 -74.56 7.55 -36.26
C LYS A 349 -75.58 8.01 -37.30
N GLY A 350 -75.32 9.19 -37.84
CA GLY A 350 -76.03 9.67 -39.02
C GLY A 350 -75.37 10.92 -39.52
N VAL A 351 -75.00 10.96 -40.79
CA VAL A 351 -74.30 12.09 -41.39
C VAL A 351 -75.06 12.46 -42.64
N GLU A 352 -75.72 13.61 -42.63
CA GLU A 352 -76.61 14.02 -43.70
C GLU A 352 -76.09 15.31 -44.30
N LEU A 353 -76.33 15.51 -45.59
CA LEU A 353 -75.71 16.62 -46.28
C LEU A 353 -76.55 16.98 -47.49
N LYS A 354 -76.72 18.28 -47.74
CA LYS A 354 -77.49 18.75 -48.88
C LYS A 354 -76.83 20.00 -49.46
N ASP A 355 -77.09 20.24 -50.74
CA ASP A 355 -76.45 21.33 -51.48
C ASP A 355 -77.29 21.64 -52.71
N ILE A 356 -77.49 22.92 -52.98
CA ILE A 356 -78.12 23.40 -54.20
C ILE A 356 -77.32 24.60 -54.67
N LYS A 357 -76.76 24.51 -55.87
CA LYS A 357 -75.90 25.58 -56.42
C LYS A 357 -76.54 26.06 -57.72
N ARG A 358 -77.48 26.99 -57.61
CA ARG A 358 -78.16 27.52 -58.77
C ARG A 358 -77.41 28.72 -59.34
N CYS A 359 -77.68 29.00 -60.60
CA CYS A 359 -77.09 30.14 -61.27
C CYS A 359 -78.01 30.59 -62.37
N LEU A 360 -77.81 31.82 -62.84
CA LEU A 360 -78.50 32.35 -64.02
C LEU A 360 -77.70 33.54 -64.51
N GLY A 361 -77.74 33.77 -65.82
CA GLY A 361 -77.09 34.94 -66.37
C GLY A 361 -77.28 35.10 -67.86
N TYR A 362 -77.56 36.31 -68.31
CA TYR A 362 -77.71 36.52 -69.74
C TYR A 362 -77.28 37.92 -70.16
N HIS A 363 -76.65 37.96 -71.34
CA HIS A 363 -76.33 39.18 -72.07
C HIS A 363 -77.47 39.47 -73.05
N LEU A 364 -77.96 40.69 -73.05
CA LEU A 364 -79.02 41.08 -73.98
C LEU A 364 -78.65 42.38 -74.69
N PHE A 379 -76.29 45.66 -71.99
CA PHE A 379 -77.14 45.08 -70.96
C PHE A 379 -76.49 43.80 -70.43
N ASN A 380 -76.73 43.48 -69.16
CA ASN A 380 -76.29 42.21 -68.58
C ASN A 380 -77.08 41.98 -67.29
N LYS A 381 -77.40 40.73 -67.01
CA LYS A 381 -77.93 40.40 -65.70
C LYS A 381 -77.42 39.03 -65.31
N ASP A 382 -77.10 38.84 -64.04
CA ASP A 382 -76.77 37.49 -63.56
C ASP A 382 -77.02 37.41 -62.06
N ASP A 383 -77.11 36.17 -61.58
CA ASP A 383 -77.07 35.88 -60.16
C ASP A 383 -76.53 34.48 -59.95
N CYS A 384 -76.00 34.26 -58.75
CA CYS A 384 -75.51 32.96 -58.33
C CYS A 384 -76.03 32.70 -56.92
N VAL A 385 -76.73 31.58 -56.74
CA VAL A 385 -77.34 31.25 -55.46
C VAL A 385 -76.71 29.95 -54.97
N LYS A 386 -76.29 29.93 -53.70
CA LYS A 386 -75.77 28.73 -53.10
C LYS A 386 -76.52 28.45 -51.81
N ARG A 387 -76.76 27.18 -51.53
CA ARG A 387 -77.37 26.76 -50.27
C ARG A 387 -76.75 25.43 -49.90
N GLY A 388 -76.39 25.27 -48.63
CA GLY A 388 -75.81 24.03 -48.20
C GLY A 388 -76.09 23.72 -46.75
N GLU A 389 -76.66 22.54 -46.49
CA GLU A 389 -77.01 22.16 -45.14
C GLU A 389 -76.22 20.91 -44.76
N GLY A 390 -75.89 20.81 -43.48
CA GLY A 390 -75.22 19.64 -42.97
C GLY A 390 -75.80 19.24 -41.64
N ARG A 391 -75.99 17.95 -41.39
CA ARG A 391 -76.50 17.47 -40.12
C ARG A 391 -75.67 16.29 -39.67
N ALA A 392 -75.53 16.14 -38.36
CA ALA A 392 -74.78 15.01 -37.83
C ALA A 392 -75.33 14.64 -36.47
N VAL A 393 -75.42 13.33 -36.23
CA VAL A 393 -75.84 12.78 -34.95
C VAL A 393 -74.92 11.62 -34.62
N ASN A 394 -74.32 11.64 -33.44
CA ASN A 394 -73.65 10.48 -32.88
C ASN A 394 -74.35 10.11 -31.58
N ILE A 395 -74.70 8.84 -31.40
CA ILE A 395 -75.30 8.38 -30.16
C ILE A 395 -74.54 7.15 -29.72
N THR A 396 -73.87 7.24 -28.57
CA THR A 396 -73.00 6.17 -28.10
C THR A 396 -73.48 5.74 -26.72
N SER A 397 -74.18 4.62 -26.65
CA SER A 397 -74.66 4.12 -25.38
C SER A 397 -73.80 2.96 -24.89
N GLU A 398 -73.82 2.74 -23.59
CA GLU A 398 -73.09 1.62 -23.01
C GLU A 398 -73.72 1.20 -21.71
N ASN A 399 -73.93 -0.09 -21.55
CA ASN A 399 -74.30 -0.70 -20.29
C ASN A 399 -73.21 -1.68 -19.89
N LEU A 400 -72.98 -1.79 -18.59
CA LEU A 400 -72.07 -2.80 -18.07
C LEU A 400 -72.61 -3.24 -16.72
N ILE A 401 -72.57 -4.53 -16.46
CA ILE A 401 -73.00 -5.10 -15.19
C ILE A 401 -71.95 -6.10 -14.77
N ASP A 402 -71.58 -6.08 -13.50
CA ASP A 402 -70.76 -7.14 -12.93
C ASP A 402 -71.42 -7.57 -11.63
N ASP A 403 -71.69 -8.87 -11.53
CA ASP A 403 -72.08 -9.51 -10.29
C ASP A 403 -70.96 -10.46 -9.89
N VAL A 404 -70.68 -10.50 -8.59
CA VAL A 404 -69.84 -11.53 -8.00
C VAL A 404 -70.59 -12.02 -6.78
N VAL A 405 -70.70 -13.33 -6.62
CA VAL A 405 -71.22 -13.94 -5.41
C VAL A 405 -70.15 -14.89 -4.91
N SER A 406 -69.88 -14.87 -3.62
CA SER A 406 -69.05 -15.91 -3.03
C SER A 406 -69.74 -16.43 -1.78
N LEU A 407 -69.59 -17.73 -1.55
CA LEU A 407 -70.20 -18.39 -0.41
C LEU A 407 -69.23 -19.43 0.08
N ILE A 408 -69.19 -19.63 1.39
CA ILE A 408 -68.27 -20.62 1.96
C ILE A 408 -68.84 -21.14 3.27
N ARG A 409 -68.88 -22.46 3.41
CA ARG A 409 -69.45 -23.09 4.59
C ARG A 409 -68.41 -23.99 5.22
N GLY A 410 -68.52 -24.23 6.51
CA GLY A 410 -67.62 -25.13 7.19
C GLY A 410 -66.23 -24.61 7.46
N GLY A 411 -65.62 -25.05 8.54
CA GLY A 411 -64.25 -24.73 8.85
C GLY A 411 -64.12 -23.78 10.02
N THR A 412 -62.88 -23.62 10.46
CA THR A 412 -62.60 -22.72 11.56
C THR A 412 -62.68 -21.28 11.05
N ARG A 413 -62.83 -20.35 11.98
CA ARG A 413 -63.05 -18.95 11.67
C ARG A 413 -61.83 -18.29 11.02
N LYS A 414 -60.64 -18.83 11.23
CA LYS A 414 -59.42 -18.13 10.86
C LYS A 414 -58.97 -18.41 9.43
N TYR A 415 -59.21 -19.62 8.92
CA TYR A 415 -58.70 -19.98 7.60
C TYR A 415 -59.71 -19.80 6.48
N ALA A 416 -60.99 -20.01 6.77
CA ALA A 416 -62.03 -19.93 5.75
C ALA A 416 -62.17 -18.51 5.20
N PHE A 417 -61.99 -17.51 6.05
CA PHE A 417 -62.15 -16.14 5.62
C PHE A 417 -60.85 -15.56 5.13
N GLU A 418 -59.76 -16.29 5.26
CA GLU A 418 -58.61 -16.07 4.39
C GLU A 418 -58.90 -16.58 3.00
N LEU A 419 -59.50 -17.78 2.91
CA LEU A 419 -59.75 -18.44 1.64
C LEU A 419 -60.73 -17.66 0.77
N LYS A 420 -61.78 -17.10 1.39
CA LYS A 420 -62.81 -16.39 0.63
C LYS A 420 -62.25 -15.15 -0.05
N GLU A 421 -61.45 -14.37 0.68
CA GLU A 421 -60.83 -13.21 0.07
C GLU A 421 -59.71 -13.57 -0.89
N LYS A 422 -59.04 -14.73 -0.70
CA LYS A 422 -58.09 -15.14 -1.73
C LYS A 422 -58.81 -15.60 -2.99
N LEU A 423 -60.05 -16.06 -2.88
CA LEU A 423 -60.86 -16.32 -4.08
C LEU A 423 -61.21 -15.02 -4.77
N LEU A 424 -61.77 -14.06 -4.04
CA LEU A 424 -62.36 -12.89 -4.67
C LEU A 424 -61.34 -11.86 -5.12
N ARG A 425 -60.07 -12.03 -4.76
CA ARG A 425 -59.04 -11.15 -5.28
C ARG A 425 -58.83 -11.36 -6.77
N GLY A 426 -59.08 -12.57 -7.26
CA GLY A 426 -58.86 -12.89 -8.64
C GLY A 426 -57.50 -13.43 -8.97
N THR A 427 -56.52 -13.21 -8.09
CA THR A 427 -55.20 -13.77 -8.28
C THR A 427 -55.21 -15.26 -7.99
N VAL A 428 -54.13 -15.94 -8.40
CA VAL A 428 -54.03 -17.38 -8.17
C VAL A 428 -53.75 -17.63 -6.69
N ILE A 429 -54.34 -18.68 -6.15
CA ILE A 429 -54.19 -19.07 -4.77
C ILE A 429 -53.13 -20.14 -4.70
N ASP A 430 -52.01 -19.85 -4.02
CA ASP A 430 -51.02 -20.87 -3.76
C ASP A 430 -51.61 -21.95 -2.87
N VAL A 431 -51.13 -23.18 -3.03
CA VAL A 431 -51.81 -24.33 -2.41
C VAL A 431 -51.24 -24.42 -1.00
N THR A 432 -51.72 -23.52 -0.15
CA THR A 432 -51.52 -23.58 1.29
C THR A 432 -52.75 -23.13 2.06
N ASP A 433 -53.71 -22.48 1.42
CA ASP A 433 -54.92 -22.02 2.06
C ASP A 433 -56.08 -22.98 1.88
N PHE A 434 -56.18 -23.61 0.71
CA PHE A 434 -57.17 -24.66 0.52
C PHE A 434 -56.82 -25.89 1.35
N VAL A 435 -55.53 -26.18 1.50
CA VAL A 435 -55.08 -27.27 2.35
C VAL A 435 -55.37 -26.97 3.81
N ASN A 436 -55.13 -25.73 4.25
CA ASN A 436 -55.38 -25.38 5.63
C ASN A 436 -56.87 -25.33 5.93
N TRP A 437 -57.69 -24.88 4.98
CA TRP A 437 -59.13 -24.94 5.20
C TRP A 437 -59.63 -26.39 5.21
N ALA A 438 -59.02 -27.25 4.40
CA ALA A 438 -59.43 -28.64 4.37
C ALA A 438 -58.96 -29.41 5.59
N SER A 439 -57.89 -28.96 6.22
CA SER A 439 -57.54 -29.51 7.53
C SER A 439 -58.41 -28.92 8.62
N SER A 440 -58.88 -27.69 8.42
CA SER A 440 -59.78 -27.06 9.35
C SER A 440 -61.16 -27.71 9.37
N ILE A 441 -61.59 -28.27 8.23
CA ILE A 441 -62.96 -28.77 8.10
C ILE A 441 -63.22 -30.00 8.96
N ASN A 442 -62.18 -30.63 9.52
CA ASN A 442 -62.39 -31.70 10.48
C ASN A 442 -62.98 -31.18 11.77
N ASP A 443 -62.69 -29.92 12.13
CA ASP A 443 -63.18 -29.37 13.38
C ASP A 443 -64.66 -28.99 13.29
N ALA A 444 -65.04 -28.25 12.25
CA ALA A 444 -66.38 -27.66 12.12
C ALA A 444 -67.04 -28.13 10.84
N PRO A 445 -67.67 -29.29 10.85
CA PRO A 445 -68.38 -29.76 9.66
C PRO A 445 -69.73 -29.10 9.50
N VAL A 446 -70.20 -29.07 8.26
CA VAL A 446 -71.48 -28.49 7.89
C VAL A 446 -72.18 -29.46 6.96
N LEU A 447 -73.43 -29.81 7.30
CA LEU A 447 -74.19 -30.77 6.53
C LEU A 447 -74.44 -30.25 5.12
N ILE A 448 -74.28 -31.12 4.12
CA ILE A 448 -74.23 -30.67 2.74
C ILE A 448 -75.19 -31.39 1.81
N SER A 449 -75.67 -32.59 2.14
CA SER A 449 -76.57 -33.32 1.26
C SER A 449 -77.28 -34.38 2.10
N GLN A 450 -78.60 -34.45 1.94
CA GLN A 450 -79.40 -35.26 2.83
C GLN A 450 -80.52 -35.91 2.06
N LYS A 451 -81.01 -37.03 2.58
CA LYS A 451 -82.14 -37.75 2.02
C LYS A 451 -83.21 -37.79 3.10
N LEU A 452 -84.26 -36.99 2.93
CA LEU A 452 -85.21 -36.71 3.98
C LEU A 452 -86.11 -37.92 4.25
N SER A 453 -86.93 -37.80 5.29
CA SER A 453 -87.88 -38.82 5.71
C SER A 453 -88.85 -38.14 6.67
N PRO A 454 -90.15 -38.40 6.56
CA PRO A 454 -91.11 -37.62 7.33
C PRO A 454 -91.12 -38.01 8.80
N ILE A 455 -91.46 -37.02 9.64
CA ILE A 455 -91.32 -37.19 11.08
C ILE A 455 -92.41 -38.08 11.67
N TYR A 456 -93.48 -38.35 10.93
CA TYR A 456 -94.44 -39.35 11.38
C TYR A 456 -94.04 -40.76 10.99
N ASN A 457 -92.80 -40.95 10.52
CA ASN A 457 -92.19 -42.26 10.43
C ASN A 457 -91.25 -42.49 11.62
N LEU A 458 -91.45 -41.73 12.69
CA LEU A 458 -90.58 -41.75 13.86
C LEU A 458 -91.32 -41.81 15.18
N VAL A 459 -92.59 -41.40 15.22
CA VAL A 459 -93.43 -41.48 16.41
C VAL A 459 -93.59 -42.93 16.82
N PRO A 460 -93.23 -43.30 18.06
CA PRO A 460 -93.29 -44.70 18.46
C PRO A 460 -94.72 -45.19 18.61
N VAL A 461 -94.87 -46.51 18.54
CA VAL A 461 -96.17 -47.15 18.52
C VAL A 461 -96.53 -47.72 19.90
N LYS A 462 -95.54 -47.84 20.80
CA LYS A 462 -95.79 -48.30 22.17
C LYS A 462 -96.69 -47.33 22.94
N MET A 463 -96.58 -46.03 22.66
CA MET A 463 -97.36 -45.05 23.39
C MET A 463 -98.81 -45.05 22.95
N LYS A 464 -99.66 -44.45 23.77
CA LYS A 464 -101.09 -44.48 23.56
C LYS A 464 -101.51 -43.48 22.49
N ASN A 465 -102.56 -43.86 21.73
CA ASN A 465 -103.10 -43.09 20.60
C ASN A 465 -102.02 -42.77 19.57
N ALA A 466 -101.17 -43.76 19.28
CA ALA A 466 -100.04 -43.53 18.39
C ALA A 466 -100.49 -43.36 16.94
N HIS A 467 -101.44 -44.20 16.49
CA HIS A 467 -101.89 -44.11 15.11
C HIS A 467 -102.70 -42.85 14.86
N LEU A 468 -103.44 -42.38 15.86
CA LEU A 468 -104.19 -41.14 15.69
C LEU A 468 -103.27 -39.94 15.58
N LYS A 469 -102.20 -39.92 16.37
CA LYS A 469 -101.23 -38.84 16.27
C LYS A 469 -100.44 -38.92 14.98
N LYS A 470 -100.19 -40.12 14.47
CA LYS A 470 -99.55 -40.24 13.17
C LYS A 470 -100.49 -39.81 12.05
N GLN A 471 -101.78 -40.09 12.20
CA GLN A 471 -102.78 -39.62 11.25
C GLN A 471 -102.92 -38.10 11.29
N ASN A 472 -102.68 -37.49 12.45
CA ASN A 472 -102.68 -36.03 12.52
C ASN A 472 -101.43 -35.45 11.85
N LEU A 473 -100.27 -36.03 12.15
CA LEU A 473 -99.03 -35.51 11.61
C LEU A 473 -98.83 -35.79 10.13
N GLU A 474 -99.55 -36.77 9.56
CA GLU A 474 -99.43 -36.98 8.13
C GLU A 474 -100.25 -35.97 7.33
N ARG A 475 -101.23 -35.33 7.95
CA ARG A 475 -101.97 -34.25 7.32
C ARG A 475 -101.46 -32.88 7.69
N ALA A 476 -100.81 -32.76 8.85
CA ALA A 476 -100.27 -31.48 9.27
C ALA A 476 -99.13 -31.03 8.37
N ILE A 477 -98.37 -31.98 7.81
CA ILE A 477 -97.29 -31.62 6.90
C ILE A 477 -97.86 -31.13 5.57
N GLU A 478 -98.95 -31.76 5.11
CA GLU A 478 -99.61 -31.27 3.90
C GLU A 478 -100.21 -29.88 4.11
N ASP A 479 -100.84 -29.65 5.26
CA ASP A 479 -101.38 -28.33 5.55
C ASP A 479 -100.28 -27.29 5.73
N TYR A 480 -99.13 -27.68 6.29
CA TYR A 480 -98.04 -26.74 6.47
C TYR A 480 -97.39 -26.39 5.15
N ILE A 481 -97.24 -27.38 4.25
CA ILE A 481 -96.62 -27.09 2.98
C ILE A 481 -97.61 -26.40 2.04
N ASN A 482 -98.91 -26.49 2.31
CA ASN A 482 -99.88 -25.80 1.47
C ASN A 482 -100.06 -24.35 1.93
N GLU A 483 -100.22 -24.13 3.23
CA GLU A 483 -100.64 -22.81 3.72
C GLU A 483 -99.50 -21.81 3.78
N PHE A 484 -98.26 -22.25 3.83
CA PHE A 484 -97.12 -21.36 3.70
C PHE A 484 -96.42 -21.50 2.35
N SER A 485 -97.13 -22.00 1.35
CA SER A 485 -96.55 -22.11 0.02
C SER A 485 -96.45 -20.73 -0.63
N VAL A 486 -95.59 -20.65 -1.66
CA VAL A 486 -95.41 -19.41 -2.38
C VAL A 486 -96.53 -19.17 -3.39
N ARG A 487 -97.37 -20.17 -3.63
CA ARG A 487 -98.40 -20.09 -4.66
C ARG A 487 -99.67 -19.41 -4.17
N LYS A 488 -99.62 -18.62 -3.11
CA LYS A 488 -100.73 -17.76 -2.74
C LYS A 488 -100.51 -16.30 -3.14
N CYS A 489 -99.27 -15.84 -3.11
CA CYS A 489 -98.96 -14.49 -3.56
C CYS A 489 -99.00 -14.42 -5.07
N HIS A 490 -99.63 -13.36 -5.59
CA HIS A 490 -99.71 -13.18 -7.03
C HIS A 490 -98.34 -12.80 -7.58
N THR A 491 -97.96 -13.44 -8.67
CA THR A 491 -96.58 -13.40 -9.15
C THR A 491 -96.22 -12.04 -9.72
N CYS A 492 -94.94 -11.69 -9.60
CA CYS A 492 -94.42 -10.45 -10.13
C CYS A 492 -94.12 -10.59 -11.62
N GLN A 493 -94.34 -9.50 -12.34
CA GLN A 493 -94.13 -9.49 -13.79
C GLN A 493 -92.65 -9.26 -14.10
N ASN A 494 -92.37 -9.15 -15.40
CA ASN A 494 -91.05 -8.85 -15.97
C ASN A 494 -89.99 -9.88 -15.60
N GLY A 495 -90.40 -11.11 -15.32
CA GLY A 495 -89.45 -12.14 -14.90
C GLY A 495 -89.06 -12.08 -13.45
N GLY A 496 -89.85 -11.39 -12.61
CA GLY A 496 -89.54 -11.32 -11.20
C GLY A 496 -89.93 -12.57 -10.45
N THR A 497 -88.96 -13.22 -9.83
CA THR A 497 -89.20 -14.45 -9.07
C THR A 497 -89.64 -14.09 -7.65
N VAL A 498 -90.83 -14.54 -7.28
CA VAL A 498 -91.39 -14.25 -5.97
C VAL A 498 -90.77 -15.17 -4.93
N ILE A 499 -90.46 -14.64 -3.76
CA ILE A 499 -89.86 -15.38 -2.67
C ILE A 499 -90.64 -15.11 -1.40
N LEU A 500 -91.25 -16.15 -0.84
CA LEU A 500 -91.91 -16.01 0.45
C LEU A 500 -90.85 -15.88 1.54
N MET A 501 -90.99 -14.84 2.36
CA MET A 501 -90.03 -14.57 3.43
C MET A 501 -90.72 -13.72 4.48
N ASP A 502 -90.79 -14.24 5.72
CA ASP A 502 -91.43 -13.59 6.87
C ASP A 502 -92.91 -13.34 6.62
N GLY A 503 -93.54 -14.17 5.79
CA GLY A 503 -94.90 -13.90 5.36
C GLY A 503 -95.05 -12.64 4.53
N LYS A 504 -94.01 -12.27 3.80
CA LYS A 504 -93.99 -11.04 3.02
C LYS A 504 -93.29 -11.34 1.70
N CYS A 505 -94.07 -11.57 0.65
CA CYS A 505 -93.57 -12.05 -0.62
C CYS A 505 -92.79 -10.95 -1.32
N LEU A 506 -91.46 -11.02 -1.22
CA LEU A 506 -90.57 -10.11 -1.91
C LEU A 506 -90.12 -10.73 -3.22
N CYS A 507 -90.03 -9.91 -4.27
CA CYS A 507 -89.64 -10.35 -5.60
C CYS A 507 -88.25 -9.85 -5.94
N ALA A 508 -87.48 -10.69 -6.64
CA ALA A 508 -86.15 -10.34 -7.12
C ALA A 508 -86.21 -10.11 -8.62
N CYS A 509 -85.71 -8.96 -9.06
CA CYS A 509 -85.78 -8.51 -10.44
C CYS A 509 -84.46 -8.78 -11.16
N PRO A 510 -84.49 -9.30 -12.38
CA PRO A 510 -83.23 -9.67 -13.06
C PRO A 510 -82.46 -8.52 -13.69
N PHE A 511 -81.40 -8.08 -13.01
CA PHE A 511 -80.24 -7.39 -13.56
C PHE A 511 -80.45 -5.97 -14.07
N LYS A 512 -81.69 -5.52 -14.22
CA LYS A 512 -81.92 -4.17 -14.74
C LYS A 512 -82.99 -3.39 -14.03
N PHE A 513 -83.82 -4.02 -13.21
CA PHE A 513 -85.08 -3.44 -12.77
C PHE A 513 -84.95 -3.13 -11.28
N GLU A 514 -84.96 -1.85 -10.94
CA GLU A 514 -84.82 -1.45 -9.54
C GLU A 514 -86.15 -1.39 -8.81
N GLY A 515 -87.27 -1.46 -9.51
CA GLY A 515 -88.56 -1.32 -8.88
C GLY A 515 -88.96 -2.57 -8.12
N ILE A 516 -89.94 -2.39 -7.23
CA ILE A 516 -90.43 -3.52 -6.44
C ILE A 516 -91.21 -4.48 -7.32
N ALA A 517 -91.94 -3.95 -8.30
CA ALA A 517 -92.70 -4.76 -9.24
C ALA A 517 -91.94 -4.97 -10.55
N CYS A 518 -90.62 -4.77 -10.54
CA CYS A 518 -89.71 -4.98 -11.67
C CYS A 518 -90.09 -4.13 -12.89
N GLU A 519 -90.62 -2.93 -12.66
CA GLU A 519 -91.19 -2.14 -13.74
C GLU A 519 -90.18 -1.18 -14.39
N ILE A 520 -89.49 -0.38 -13.58
CA ILE A 520 -88.59 0.61 -14.10
C ILE A 520 -87.35 -0.07 -14.69
N SER A 521 -86.96 0.35 -15.89
CA SER A 521 -85.83 -0.23 -16.60
C SER A 521 -84.73 0.81 -16.77
N LYS A 522 -83.61 0.36 -17.32
CA LYS A 522 -82.49 1.25 -17.60
C LYS A 522 -81.90 0.93 -18.97
N SER B 18 -96.98 26.13 3.15
CA SER B 18 -96.59 24.87 3.77
C SER B 18 -96.50 25.01 5.28
N HIS B 19 -97.56 24.61 5.98
CA HIS B 19 -97.62 24.75 7.43
C HIS B 19 -98.61 23.72 7.98
N ILE B 20 -98.08 22.63 8.52
CA ILE B 20 -98.91 21.56 9.11
C ILE B 20 -98.50 21.42 10.57
N ASP B 21 -99.49 21.30 11.45
CA ASP B 21 -99.25 21.10 12.87
C ASP B 21 -99.84 19.77 13.32
N CYS B 22 -99.47 19.35 14.52
CA CYS B 22 -100.00 18.13 15.10
C CYS B 22 -101.45 18.31 15.51
N ARG B 23 -102.15 17.18 15.61
CA ARG B 23 -103.55 17.16 15.99
C ARG B 23 -103.78 16.05 17.00
N MET B 24 -104.87 16.18 17.75
CA MET B 24 -105.26 15.16 18.70
C MET B 24 -106.77 14.96 18.68
N SER B 25 -107.19 13.70 18.75
CA SER B 25 -108.57 13.37 19.00
C SER B 25 -108.92 13.71 20.45
N PRO B 26 -110.19 13.96 20.75
CA PRO B 26 -110.57 14.16 22.15
C PRO B 26 -110.54 12.85 22.92
N TRP B 27 -110.44 12.97 24.24
CA TRP B 27 -110.33 11.80 25.11
C TRP B 27 -111.66 11.04 25.13
N SER B 28 -111.58 9.77 25.50
CA SER B 28 -112.76 8.91 25.57
C SER B 28 -113.43 9.08 26.93
N GLU B 29 -114.35 8.20 27.24
CA GLU B 29 -115.02 8.20 28.54
C GLU B 29 -114.26 7.33 29.53
N TRP B 30 -114.38 7.67 30.81
CA TRP B 30 -113.75 6.90 31.86
C TRP B 30 -114.47 5.57 32.00
N SER B 31 -113.73 4.47 31.83
CA SER B 31 -114.38 3.17 31.63
C SER B 31 -114.92 2.58 32.92
N GLN B 32 -114.02 2.19 33.83
CA GLN B 32 -114.39 1.46 35.04
C GLN B 32 -113.16 1.36 35.93
N CYS B 33 -113.36 1.46 37.25
CA CYS B 33 -112.33 1.07 38.19
C CYS B 33 -112.04 -0.41 38.02
N ASP B 34 -110.86 -0.73 37.50
CA ASP B 34 -110.41 -2.11 37.45
C ASP B 34 -110.09 -2.55 38.87
N PRO B 35 -110.84 -3.49 39.44
CA PRO B 35 -110.77 -3.71 40.90
C PRO B 35 -109.49 -4.38 41.35
N CYS B 36 -108.83 -5.10 40.46
CA CYS B 36 -107.57 -5.76 40.79
C CYS B 36 -106.37 -4.83 40.64
N LEU B 37 -106.58 -3.59 40.17
CA LEU B 37 -105.50 -2.60 40.08
C LEU B 37 -105.88 -1.22 40.60
N ARG B 38 -107.15 -0.99 40.94
CA ARG B 38 -107.64 0.26 41.57
C ARG B 38 -107.42 1.49 40.70
N GLN B 39 -107.45 1.33 39.38
CA GLN B 39 -107.20 2.44 38.47
C GLN B 39 -108.16 2.35 37.30
N MET B 40 -108.80 3.45 36.94
CA MET B 40 -109.57 3.53 35.71
C MET B 40 -108.72 4.17 34.62
N PHE B 41 -108.84 3.65 33.41
CA PHE B 41 -108.02 4.10 32.29
C PHE B 41 -108.91 4.75 31.25
N ARG B 42 -108.34 5.68 30.50
CA ARG B 42 -109.03 6.26 29.35
C ARG B 42 -107.98 6.66 28.33
N SER B 43 -108.41 6.87 27.10
CA SER B 43 -107.46 7.03 26.01
C SER B 43 -108.05 7.87 24.90
N ARG B 44 -107.26 8.03 23.84
CA ARG B 44 -107.64 8.77 22.65
C ARG B 44 -106.78 8.25 21.50
N SER B 45 -106.83 8.92 20.36
CA SER B 45 -105.99 8.55 19.23
C SER B 45 -105.26 9.75 18.66
N ILE B 46 -104.56 9.55 17.55
CA ILE B 46 -103.81 10.61 16.89
C ILE B 46 -104.33 10.72 15.46
N GLU B 47 -104.79 11.92 15.09
CA GLU B 47 -105.34 12.10 13.75
C GLU B 47 -104.23 12.32 12.72
N VAL B 48 -103.49 13.43 12.85
CA VAL B 48 -102.49 13.83 11.86
C VAL B 48 -101.23 14.23 12.60
N PHE B 49 -100.11 13.60 12.26
CA PHE B 49 -98.82 13.96 12.83
C PHE B 49 -98.34 15.28 12.24
N GLY B 50 -97.46 15.95 12.99
CA GLY B 50 -96.90 17.19 12.51
C GLY B 50 -95.93 16.96 11.35
N GLN B 51 -95.87 17.94 10.46
CA GLN B 51 -95.12 17.78 9.23
C GLN B 51 -94.76 19.17 8.72
N PHE B 52 -93.64 19.26 8.02
CA PHE B 52 -93.11 20.49 7.42
C PHE B 52 -92.90 21.58 8.45
N ASN B 53 -91.97 21.31 9.37
CA ASN B 53 -91.46 22.25 10.37
C ASN B 53 -92.59 22.76 11.28
N GLY B 54 -93.31 21.81 11.86
CA GLY B 54 -94.44 22.12 12.71
C GLY B 54 -94.34 21.49 14.08
N LYS B 55 -95.43 21.53 14.84
CA LYS B 55 -95.41 21.06 16.22
C LYS B 55 -95.42 19.54 16.27
N ARG B 56 -94.60 18.98 17.16
CA ARG B 56 -94.50 17.54 17.32
C ARG B 56 -95.62 17.05 18.25
N CYS B 57 -96.08 15.82 17.99
CA CYS B 57 -97.21 15.29 18.73
C CYS B 57 -96.83 14.83 20.13
N THR B 58 -95.65 14.21 20.27
CA THR B 58 -95.05 13.78 21.55
C THR B 58 -95.95 12.83 22.33
N ASP B 59 -96.49 11.83 21.62
CA ASP B 59 -96.90 10.51 22.15
C ASP B 59 -97.81 10.57 23.36
N ALA B 60 -98.84 11.40 23.28
CA ALA B 60 -99.67 11.71 24.44
C ALA B 60 -100.93 10.84 24.53
N VAL B 61 -100.84 9.59 24.11
CA VAL B 61 -101.98 8.67 24.20
C VAL B 61 -101.93 7.94 25.54
N GLY B 62 -103.09 7.49 25.99
CA GLY B 62 -103.18 6.77 27.25
C GLY B 62 -103.17 7.66 28.47
N ASP B 63 -103.98 7.32 29.48
CA ASP B 63 -104.10 8.14 30.67
C ASP B 63 -104.52 7.24 31.83
N ARG B 64 -104.08 7.60 33.03
CA ARG B 64 -104.37 6.82 34.23
C ARG B 64 -104.87 7.76 35.32
N ARG B 65 -105.68 7.21 36.23
CA ARG B 65 -106.22 7.99 37.33
C ARG B 65 -106.60 7.04 38.45
N GLN B 66 -106.22 7.38 39.68
CA GLN B 66 -106.51 6.51 40.81
C GLN B 66 -107.99 6.60 41.18
N CYS B 67 -108.58 5.47 41.57
CA CYS B 67 -109.94 5.46 42.08
C CYS B 67 -110.09 4.35 43.10
N VAL B 68 -110.98 4.56 44.03
CA VAL B 68 -111.29 3.54 45.06
C VAL B 68 -112.04 2.39 44.41
N PRO B 69 -111.72 1.12 44.73
CA PRO B 69 -112.50 0.01 44.15
C PRO B 69 -113.89 -0.07 44.73
N THR B 70 -114.88 0.26 43.89
CA THR B 70 -116.27 0.27 44.34
C THR B 70 -116.86 -1.13 44.44
N GLU B 71 -116.32 -2.08 43.67
CA GLU B 71 -116.77 -3.47 43.71
C GLU B 71 -115.54 -4.36 43.55
N PRO B 72 -115.03 -4.95 44.62
CA PRO B 72 -113.73 -5.62 44.56
C PRO B 72 -113.78 -6.94 43.80
N CYS B 73 -112.67 -7.24 43.13
CA CYS B 73 -112.50 -8.47 42.37
C CYS B 73 -112.04 -9.60 43.30
N GLU B 74 -112.02 -10.80 42.74
CA GLU B 74 -111.44 -11.93 43.46
C GLU B 74 -109.93 -11.79 43.51
N ASP B 75 -109.31 -12.48 44.47
CA ASP B 75 -107.88 -12.42 44.67
C ASP B 75 -107.20 -13.16 43.50
N ALA B 76 -106.65 -12.39 42.57
CA ALA B 76 -106.07 -12.94 41.34
C ALA B 76 -104.71 -13.54 41.66
N GLU B 77 -104.72 -14.82 42.03
CA GLU B 77 -103.49 -15.58 42.25
C GLU B 77 -103.68 -16.98 41.71
N ASP B 78 -102.60 -17.56 41.21
CA ASP B 78 -102.67 -18.86 40.57
C ASP B 78 -102.71 -19.97 41.62
N ASP B 79 -103.21 -21.14 41.20
CA ASP B 79 -103.33 -22.26 42.12
C ASP B 79 -101.98 -22.87 42.41
N CYS B 80 -101.14 -23.04 41.37
CA CYS B 80 -99.84 -23.69 41.43
C CYS B 80 -99.96 -25.11 42.01
N GLY B 81 -100.67 -25.95 41.28
CA GLY B 81 -101.11 -27.23 41.80
C GLY B 81 -99.98 -28.25 41.86
N ASN B 82 -99.69 -28.77 43.06
CA ASN B 82 -98.74 -29.87 43.30
C ASN B 82 -97.32 -29.53 42.84
N ASP B 83 -96.98 -28.25 42.83
CA ASP B 83 -95.66 -27.78 42.45
C ASP B 83 -95.10 -26.92 43.56
N PHE B 84 -93.78 -26.97 43.73
CA PHE B 84 -93.14 -26.14 44.73
C PHE B 84 -93.15 -24.69 44.25
N GLN B 85 -93.98 -23.87 44.86
CA GLN B 85 -93.94 -22.45 44.62
C GLN B 85 -92.66 -21.86 45.19
N CYS B 86 -92.17 -20.81 44.54
CA CYS B 86 -90.90 -20.19 44.90
C CYS B 86 -91.17 -18.79 45.43
N SER B 87 -90.08 -18.06 45.70
CA SER B 87 -90.17 -16.69 46.18
C SER B 87 -90.15 -15.67 45.05
N THR B 88 -90.59 -16.06 43.86
CA THR B 88 -90.76 -15.17 42.72
C THR B 88 -92.15 -15.23 42.12
N GLY B 89 -92.77 -16.40 42.09
CA GLY B 89 -94.01 -16.63 41.36
C GLY B 89 -93.90 -17.72 40.32
N ARG B 90 -92.72 -18.29 40.12
CA ARG B 90 -92.53 -19.39 39.19
C ARG B 90 -92.71 -20.71 39.95
N CYS B 91 -93.39 -21.66 39.31
CA CYS B 91 -93.67 -22.96 39.93
C CYS B 91 -92.83 -24.01 39.25
N ILE B 92 -91.85 -24.56 39.97
CA ILE B 92 -90.99 -25.61 39.46
C ILE B 92 -91.38 -26.93 40.11
N LYS B 93 -90.79 -28.01 39.60
CA LYS B 93 -91.11 -29.35 40.05
C LYS B 93 -90.23 -29.75 41.24
N MET B 94 -90.43 -30.95 41.75
CA MET B 94 -89.64 -31.45 42.87
C MET B 94 -88.29 -32.00 42.42
N ARG B 95 -88.18 -32.41 41.15
CA ARG B 95 -86.94 -32.92 40.59
C ARG B 95 -85.83 -31.87 40.58
N LEU B 96 -86.19 -30.60 40.56
CA LEU B 96 -85.23 -29.51 40.52
C LEU B 96 -84.71 -29.12 41.89
N ARG B 97 -84.96 -29.91 42.93
CA ARG B 97 -84.53 -29.58 44.27
C ARG B 97 -83.04 -29.86 44.45
N CYS B 98 -82.31 -28.85 44.94
CA CYS B 98 -80.88 -28.93 45.28
C CYS B 98 -80.02 -29.36 44.10
N ASN B 99 -80.42 -28.97 42.90
CA ASN B 99 -79.71 -29.39 41.70
C ASN B 99 -78.50 -28.52 41.38
N GLY B 100 -78.25 -27.48 42.17
CA GLY B 100 -77.17 -26.58 41.86
C GLY B 100 -77.44 -25.63 40.72
N ASP B 101 -78.70 -25.48 40.31
CA ASP B 101 -79.07 -24.56 39.25
C ASP B 101 -80.13 -23.60 39.76
N ASN B 102 -79.96 -22.33 39.42
CA ASN B 102 -80.86 -21.28 39.87
C ASN B 102 -82.20 -21.33 39.13
N ASP B 103 -83.12 -22.13 39.64
CA ASP B 103 -84.35 -22.45 38.95
C ASP B 103 -85.52 -21.56 39.34
N CYS B 104 -85.66 -21.25 40.62
CA CYS B 104 -86.73 -20.35 41.04
C CYS B 104 -86.41 -18.90 40.69
N GLY B 105 -85.13 -18.57 40.49
CA GLY B 105 -84.75 -17.21 40.22
C GLY B 105 -84.10 -16.57 41.44
N ASP B 106 -84.65 -16.83 42.62
CA ASP B 106 -84.10 -16.36 43.88
C ASP B 106 -83.46 -17.50 44.67
N PHE B 107 -82.80 -18.41 43.94
CA PHE B 107 -81.78 -19.30 44.49
C PHE B 107 -82.34 -20.27 45.52
N SER B 108 -83.57 -20.74 45.28
CA SER B 108 -84.28 -21.57 46.24
C SER B 108 -83.95 -23.05 46.09
N ASP B 109 -82.79 -23.38 45.52
CA ASP B 109 -82.31 -24.75 45.42
C ASP B 109 -81.03 -25.00 46.18
N GLU B 110 -80.04 -24.09 46.05
CA GLU B 110 -78.71 -24.33 46.58
C GLU B 110 -78.55 -23.82 48.02
N ASP B 111 -79.63 -23.79 48.79
CA ASP B 111 -79.53 -23.31 50.17
C ASP B 111 -80.13 -24.28 51.19
N ASP B 112 -81.16 -25.03 50.78
CA ASP B 112 -82.03 -25.69 51.75
C ASP B 112 -81.39 -26.97 52.28
N CYS B 113 -81.16 -27.94 51.42
CA CYS B 113 -80.85 -29.28 51.90
C CYS B 113 -79.36 -29.45 52.15
N GLU B 114 -79.05 -30.47 52.95
CA GLU B 114 -77.68 -30.94 53.12
C GLU B 114 -77.37 -32.15 52.24
N SER B 115 -78.21 -32.40 51.24
CA SER B 115 -78.03 -33.54 50.34
C SER B 115 -76.99 -33.21 49.29
N GLU B 116 -76.83 -34.11 48.32
CA GLU B 116 -75.87 -33.90 47.26
C GLU B 116 -76.37 -32.83 46.29
N PRO B 117 -75.45 -32.03 45.72
CA PRO B 117 -75.87 -31.08 44.69
C PRO B 117 -76.27 -31.76 43.38
N ARG B 118 -75.86 -33.02 43.17
CA ARG B 118 -76.08 -33.93 42.03
C ARG B 118 -76.15 -33.23 40.66
N PRO B 119 -75.07 -32.62 40.19
CA PRO B 119 -75.14 -31.84 38.97
C PRO B 119 -75.34 -32.72 37.75
N PRO B 120 -76.37 -32.44 36.94
CA PRO B 120 -76.60 -33.27 35.75
C PRO B 120 -75.49 -33.15 34.73
N CYS B 121 -74.90 -31.97 34.60
CA CYS B 121 -73.60 -31.86 33.95
C CYS B 121 -72.55 -32.33 34.95
N ARG B 122 -72.00 -33.52 34.71
CA ARG B 122 -70.98 -34.11 35.57
C ARG B 122 -69.62 -33.50 35.30
N ASP B 123 -68.56 -34.21 35.71
CA ASP B 123 -67.18 -33.75 35.61
C ASP B 123 -66.66 -33.53 34.19
N ARG B 124 -67.49 -33.75 33.17
CA ARG B 124 -67.18 -33.32 31.82
C ARG B 124 -67.01 -31.80 31.76
N VAL B 125 -66.14 -31.34 30.86
CA VAL B 125 -65.83 -29.93 30.72
C VAL B 125 -67.05 -29.23 30.12
N VAL B 126 -67.78 -28.50 30.96
CA VAL B 126 -69.05 -27.88 30.59
C VAL B 126 -69.02 -26.44 31.07
N GLU B 127 -69.31 -25.50 30.17
CA GLU B 127 -69.21 -24.08 30.46
C GLU B 127 -70.60 -23.45 30.37
N GLU B 128 -70.65 -22.12 30.43
CA GLU B 128 -71.85 -21.37 30.14
C GLU B 128 -71.70 -20.68 28.79
N SER B 129 -72.82 -20.48 28.10
CA SER B 129 -72.78 -20.03 26.72
C SER B 129 -72.57 -18.53 26.66
N GLU B 130 -72.50 -18.02 25.43
CA GLU B 130 -72.42 -16.59 25.17
C GLU B 130 -73.46 -16.10 24.20
N LEU B 131 -74.08 -16.99 23.42
CA LEU B 131 -75.08 -16.66 22.42
C LEU B 131 -76.47 -17.05 22.84
N ALA B 132 -76.60 -18.11 23.63
CA ALA B 132 -77.90 -18.60 24.03
C ALA B 132 -78.49 -17.82 25.20
N ARG B 133 -77.68 -17.07 25.93
CA ARG B 133 -78.17 -16.46 27.16
C ARG B 133 -79.07 -15.26 26.87
N THR B 134 -78.97 -14.67 25.69
CA THR B 134 -79.80 -13.55 25.27
C THR B 134 -80.63 -13.92 24.06
N ALA B 135 -81.19 -15.12 24.03
CA ALA B 135 -81.77 -15.68 22.82
C ALA B 135 -83.22 -15.26 22.58
N GLY B 136 -83.70 -14.21 23.23
CA GLY B 136 -85.02 -13.73 22.90
C GLY B 136 -85.01 -12.69 21.79
N TYR B 137 -84.33 -11.58 22.06
CA TYR B 137 -84.35 -10.38 21.24
C TYR B 137 -85.76 -9.98 20.84
N GLY B 138 -86.57 -9.65 21.85
CA GLY B 138 -87.94 -9.24 21.64
C GLY B 138 -88.03 -7.97 20.84
N ILE B 139 -88.44 -8.08 19.58
CA ILE B 139 -88.14 -7.07 18.59
C ILE B 139 -89.37 -6.17 18.42
N ASN B 140 -89.15 -5.01 17.83
CA ASN B 140 -90.23 -4.07 17.54
C ASN B 140 -90.32 -3.89 16.03
N ILE B 141 -91.49 -3.43 15.58
CA ILE B 141 -91.79 -3.37 14.15
C ILE B 141 -91.01 -2.30 13.39
N LEU B 142 -90.32 -1.40 14.09
CA LEU B 142 -89.49 -0.42 13.40
C LEU B 142 -88.29 -1.08 12.75
N GLY B 143 -87.67 -2.04 13.44
CA GLY B 143 -86.51 -2.73 12.91
C GLY B 143 -85.43 -2.91 13.95
N MET B 144 -85.44 -2.08 14.98
CA MET B 144 -84.47 -2.16 16.07
C MET B 144 -84.96 -3.11 17.14
N ASP B 145 -84.01 -3.72 17.86
CA ASP B 145 -84.29 -4.88 18.71
C ASP B 145 -83.89 -4.67 20.17
N PRO B 146 -84.84 -4.35 21.06
CA PRO B 146 -84.52 -4.37 22.49
C PRO B 146 -84.34 -5.80 22.97
N LEU B 147 -83.29 -6.02 23.76
CA LEU B 147 -82.92 -7.33 24.26
C LEU B 147 -83.76 -7.75 25.46
N SER B 148 -84.88 -7.06 25.72
CA SER B 148 -85.74 -7.32 26.86
C SER B 148 -86.42 -8.65 26.62
N THR B 149 -85.67 -9.70 26.91
CA THR B 149 -86.02 -11.06 26.58
C THR B 149 -87.17 -11.52 27.46
N PRO B 150 -88.32 -11.89 26.89
CA PRO B 150 -89.37 -12.47 27.72
C PRO B 150 -88.99 -13.84 28.22
N PHE B 151 -88.13 -14.55 27.49
CA PHE B 151 -87.65 -15.85 27.90
C PHE B 151 -86.67 -15.71 29.05
N ASP B 152 -86.41 -16.83 29.72
CA ASP B 152 -85.42 -16.90 30.78
C ASP B 152 -84.40 -17.94 30.37
N ASN B 153 -83.21 -17.50 30.00
CA ASN B 153 -82.16 -18.39 29.51
C ASN B 153 -81.19 -18.78 30.61
N GLU B 154 -81.67 -18.92 31.83
CA GLU B 154 -80.92 -19.53 32.91
C GLU B 154 -81.57 -20.81 33.41
N PHE B 155 -82.78 -21.11 32.97
CA PHE B 155 -83.50 -22.29 33.40
C PHE B 155 -83.02 -23.47 32.59
N TYR B 156 -82.37 -24.44 33.23
CA TYR B 156 -81.84 -25.59 32.53
C TYR B 156 -82.68 -26.84 32.72
N ASN B 157 -83.53 -26.87 33.74
CA ASN B 157 -84.47 -27.96 34.03
C ASN B 157 -83.74 -29.30 34.24
N GLY B 158 -82.55 -29.24 34.82
CA GLY B 158 -81.83 -30.43 35.20
C GLY B 158 -81.35 -31.30 34.07
N LEU B 159 -81.07 -30.72 32.91
CA LEU B 159 -80.57 -31.46 31.76
C LEU B 159 -79.21 -30.94 31.35
N CYS B 160 -78.47 -31.77 30.63
CA CYS B 160 -77.10 -31.44 30.21
C CYS B 160 -76.97 -31.81 28.74
N ASN B 161 -77.30 -30.87 27.86
CA ASN B 161 -77.18 -31.04 26.42
C ASN B 161 -76.06 -30.16 25.91
N ARG B 162 -75.06 -30.76 25.29
CA ARG B 162 -73.89 -30.03 24.86
C ARG B 162 -74.01 -29.66 23.39
N ASP B 163 -73.48 -28.48 23.04
CA ASP B 163 -73.44 -27.99 21.67
C ASP B 163 -72.04 -27.44 21.40
N ARG B 164 -71.37 -27.99 20.40
CA ARG B 164 -69.95 -27.74 20.25
C ARG B 164 -69.69 -26.37 19.65
N ASP B 165 -68.43 -25.96 19.75
CA ASP B 165 -67.93 -24.74 19.13
C ASP B 165 -66.83 -25.12 18.14
N GLY B 166 -66.77 -24.39 17.05
CA GLY B 166 -65.77 -24.67 16.04
C GLY B 166 -64.38 -24.21 16.44
N ASN B 167 -64.23 -22.91 16.74
CA ASN B 167 -62.90 -22.35 16.92
C ASN B 167 -62.33 -22.69 18.29
N THR B 168 -63.08 -22.40 19.36
CA THR B 168 -62.52 -22.51 20.70
C THR B 168 -62.46 -23.93 21.23
N LEU B 169 -63.19 -24.87 20.60
CA LEU B 169 -63.27 -26.28 20.98
C LEU B 169 -63.71 -26.46 22.44
N THR B 170 -64.89 -25.93 22.73
CA THR B 170 -65.49 -26.00 24.05
C THR B 170 -66.80 -26.78 23.95
N TYR B 171 -67.55 -26.80 25.05
CA TYR B 171 -68.84 -27.48 25.09
C TYR B 171 -69.83 -26.59 25.85
N TYR B 172 -70.50 -25.72 25.10
CA TYR B 172 -71.47 -24.82 25.68
C TYR B 172 -72.76 -25.59 26.01
N ARG B 173 -73.63 -24.96 26.77
CA ARG B 173 -74.87 -25.61 27.16
C ARG B 173 -76.03 -25.12 26.31
N ARG B 174 -77.12 -25.86 26.40
CA ARG B 174 -78.37 -25.52 25.71
C ARG B 174 -79.41 -25.23 26.77
N PRO B 175 -79.80 -23.98 26.99
CA PRO B 175 -80.89 -23.68 27.92
C PRO B 175 -82.21 -24.24 27.42
N TRP B 176 -83.16 -24.34 28.35
CA TRP B 176 -84.43 -25.00 28.06
C TRP B 176 -85.27 -24.24 27.06
N ASN B 177 -85.11 -22.92 26.97
CA ASN B 177 -85.92 -22.18 26.02
C ASN B 177 -85.39 -22.25 24.60
N VAL B 178 -84.14 -22.64 24.40
CA VAL B 178 -83.56 -22.78 23.07
C VAL B 178 -83.70 -24.24 22.63
N ALA B 179 -84.40 -24.45 21.51
CA ALA B 179 -84.64 -25.80 21.01
C ALA B 179 -83.52 -26.32 20.13
N SER B 180 -82.80 -25.44 19.45
CA SER B 180 -81.70 -25.86 18.61
C SER B 180 -80.71 -24.72 18.47
N LEU B 181 -79.43 -25.08 18.36
CA LEU B 181 -78.37 -24.09 18.36
C LEU B 181 -77.17 -24.69 17.64
N ILE B 182 -76.97 -24.31 16.39
CA ILE B 182 -75.84 -24.76 15.63
C ILE B 182 -74.82 -23.63 15.59
N TYR B 183 -73.56 -23.98 15.36
CA TYR B 183 -72.50 -23.01 15.09
C TYR B 183 -71.89 -23.37 13.73
N GLU B 184 -72.44 -22.82 12.65
CA GLU B 184 -71.80 -22.99 11.36
C GLU B 184 -70.71 -21.93 11.21
N THR B 185 -70.18 -21.77 10.00
CA THR B 185 -69.35 -20.63 9.66
C THR B 185 -69.71 -20.30 8.22
N LYS B 186 -70.68 -19.43 8.03
CA LYS B 186 -71.23 -19.23 6.70
C LYS B 186 -70.89 -17.84 6.23
N GLY B 187 -69.82 -17.72 5.46
CA GLY B 187 -69.42 -16.43 4.92
C GLY B 187 -70.03 -16.24 3.55
N GLU B 188 -70.42 -15.01 3.24
CA GLU B 188 -71.17 -14.80 2.00
C GLU B 188 -71.00 -13.36 1.54
N LYS B 189 -70.26 -13.16 0.46
CA LYS B 189 -70.06 -11.81 -0.06
C LYS B 189 -70.80 -11.63 -1.37
N ASN B 190 -71.73 -10.69 -1.41
CA ASN B 190 -72.23 -10.19 -2.66
C ASN B 190 -71.37 -9.01 -3.09
N PHE B 191 -71.30 -8.80 -4.40
CA PHE B 191 -70.58 -7.67 -4.97
C PHE B 191 -71.30 -7.32 -6.25
N ARG B 192 -71.54 -6.04 -6.48
CA ARG B 192 -72.08 -5.61 -7.76
C ARG B 192 -71.38 -4.34 -8.19
N THR B 193 -71.27 -4.15 -9.50
CA THR B 193 -70.95 -2.84 -10.04
C THR B 193 -71.65 -2.65 -11.36
N GLU B 194 -72.56 -1.70 -11.41
CA GLU B 194 -73.26 -1.35 -12.62
C GLU B 194 -72.67 -0.08 -13.20
N HIS B 195 -72.92 0.14 -14.48
CA HIS B 195 -72.33 1.27 -15.16
C HIS B 195 -73.21 1.59 -16.35
N TYR B 196 -73.60 2.84 -16.50
CA TYR B 196 -74.34 3.29 -17.65
C TYR B 196 -73.67 4.53 -18.21
N GLU B 197 -73.71 4.68 -19.52
CA GLU B 197 -73.10 5.84 -20.15
C GLU B 197 -73.87 6.14 -21.42
N GLU B 198 -74.02 7.41 -21.76
CA GLU B 198 -74.69 7.78 -22.99
C GLU B 198 -74.12 9.10 -23.49
N GLN B 199 -73.33 9.07 -24.55
CA GLN B 199 -72.94 10.30 -25.21
C GLN B 199 -73.90 10.57 -26.35
N ILE B 200 -74.07 11.85 -26.67
CA ILE B 200 -74.78 12.24 -27.89
C ILE B 200 -74.20 13.55 -28.38
N GLU B 201 -73.96 13.63 -29.68
CA GLU B 201 -73.43 14.83 -30.32
C GLU B 201 -74.32 15.14 -31.53
N ALA B 202 -75.19 16.13 -31.39
CA ALA B 202 -76.00 16.62 -32.50
C ALA B 202 -75.34 17.84 -33.10
N PHE B 203 -75.68 18.12 -34.35
CA PHE B 203 -74.93 19.07 -35.15
C PHE B 203 -75.79 19.51 -36.33
N LYS B 204 -75.86 20.82 -36.60
CA LYS B 204 -76.66 21.32 -37.71
C LYS B 204 -76.06 22.61 -38.23
N SER B 205 -75.55 22.59 -39.46
CA SER B 205 -74.94 23.75 -40.09
C SER B 205 -75.73 24.15 -41.33
N ILE B 206 -75.81 25.46 -41.59
CA ILE B 206 -76.50 26.00 -42.76
C ILE B 206 -75.62 27.12 -43.33
N ILE B 207 -75.40 27.11 -44.64
CA ILE B 207 -74.76 28.21 -45.35
C ILE B 207 -75.68 28.64 -46.47
N GLN B 208 -75.97 29.94 -46.57
CA GLN B 208 -76.79 30.45 -47.64
C GLN B 208 -76.08 31.63 -48.30
N GLU B 209 -76.32 31.82 -49.58
CA GLU B 209 -75.68 32.90 -50.31
C GLU B 209 -76.52 33.25 -51.52
N LYS B 210 -76.75 34.54 -51.75
CA LYS B 210 -77.26 35.02 -53.02
C LYS B 210 -76.39 36.16 -53.49
N THR B 211 -76.02 36.16 -54.77
CA THR B 211 -75.20 37.22 -55.36
C THR B 211 -75.93 37.65 -56.62
N SER B 212 -76.59 38.79 -56.57
CA SER B 212 -77.33 39.33 -57.72
C SER B 212 -76.62 40.53 -58.28
N ASN B 213 -76.54 40.62 -59.61
CA ASN B 213 -75.81 41.69 -60.30
C ASN B 213 -76.59 42.10 -61.53
N PHE B 214 -77.05 43.35 -61.58
CA PHE B 214 -77.82 43.88 -62.70
C PHE B 214 -77.06 45.04 -63.30
N ASN B 215 -76.92 45.04 -64.62
CA ASN B 215 -76.11 46.05 -65.31
C ASN B 215 -76.87 46.56 -66.52
N ALA B 216 -77.12 47.86 -66.59
CA ALA B 216 -77.67 48.44 -67.80
C ALA B 216 -76.54 49.08 -68.61
N ALA B 217 -76.90 49.68 -69.74
CA ALA B 217 -75.95 50.39 -70.58
C ALA B 217 -76.65 51.46 -71.43
N PHE B 249 -73.72 56.67 -69.29
CA PHE B 249 -75.02 56.08 -69.55
C PHE B 249 -75.10 54.63 -69.09
N ARG B 250 -75.22 54.41 -67.78
CA ARG B 250 -75.47 53.07 -67.26
C ARG B 250 -76.15 53.17 -65.90
N PHE B 251 -76.37 52.02 -65.29
CA PHE B 251 -76.93 51.89 -63.94
C PHE B 251 -76.65 50.47 -63.47
N SER B 252 -76.00 50.33 -62.33
CA SER B 252 -75.73 49.01 -61.76
C SER B 252 -76.51 48.83 -60.48
N TYR B 253 -76.67 47.56 -60.11
CA TYR B 253 -77.33 47.22 -58.85
C TYR B 253 -76.83 45.84 -58.43
N SER B 254 -76.02 45.80 -57.37
CA SER B 254 -75.44 44.57 -56.91
C SER B 254 -75.94 44.27 -55.50
N LYS B 255 -75.83 43.00 -55.11
CA LYS B 255 -76.16 42.56 -53.76
C LYS B 255 -75.44 41.24 -53.53
N ASN B 256 -74.79 41.11 -52.38
CA ASN B 256 -74.09 39.88 -52.01
C ASN B 256 -74.49 39.52 -50.58
N GLU B 257 -75.60 38.84 -50.42
CA GLU B 257 -76.07 38.43 -49.10
C GLU B 257 -75.47 37.07 -48.78
N THR B 258 -74.90 36.93 -47.59
CA THR B 258 -74.20 35.72 -47.17
C THR B 258 -74.64 35.38 -45.75
N TYR B 259 -75.61 34.48 -45.62
CA TYR B 259 -76.10 34.06 -44.33
C TYR B 259 -75.37 32.79 -43.91
N GLN B 260 -75.22 32.62 -42.60
CA GLN B 260 -74.66 31.38 -42.08
C GLN B 260 -75.35 31.10 -40.75
N LEU B 261 -75.35 29.83 -40.36
CA LEU B 261 -75.96 29.38 -39.11
C LEU B 261 -75.26 28.11 -38.72
N PHE B 262 -75.15 27.87 -37.41
CA PHE B 262 -74.32 26.79 -36.92
C PHE B 262 -74.83 26.43 -35.53
N LEU B 263 -75.07 25.15 -35.28
CA LEU B 263 -75.52 24.73 -33.96
C LEU B 263 -74.87 23.40 -33.61
N SER B 264 -74.39 23.28 -32.38
CA SER B 264 -73.91 22.03 -31.84
C SER B 264 -74.72 21.66 -30.61
N TYR B 265 -74.59 20.40 -30.18
CA TYR B 265 -75.16 19.96 -28.91
C TYR B 265 -74.38 18.71 -28.51
N SER B 266 -73.38 18.87 -27.66
CA SER B 266 -72.48 17.76 -27.35
C SER B 266 -72.62 17.40 -25.88
N SER B 267 -73.60 16.56 -25.55
CA SER B 267 -73.92 16.27 -24.16
C SER B 267 -73.66 14.80 -23.87
N LYS B 268 -72.93 14.53 -22.80
CA LYS B 268 -72.77 13.17 -22.33
C LYS B 268 -73.44 13.01 -20.98
N LYS B 269 -73.70 11.76 -20.61
CA LYS B 269 -74.22 11.42 -19.31
C LYS B 269 -73.55 10.13 -18.85
N GLU B 270 -73.51 9.95 -17.55
CA GLU B 270 -72.87 8.78 -16.96
C GLU B 270 -73.57 8.50 -15.64
N LYS B 271 -73.65 7.23 -15.26
CA LYS B 271 -74.29 6.89 -14.00
C LYS B 271 -73.73 5.56 -13.53
N MET B 272 -72.87 5.60 -12.52
CA MET B 272 -72.23 4.40 -12.02
C MET B 272 -73.05 3.87 -10.85
N PHE B 273 -72.68 2.70 -10.34
CA PHE B 273 -73.23 2.14 -9.12
C PHE B 273 -72.29 1.07 -8.66
N LEU B 274 -72.16 0.91 -7.35
CA LEU B 274 -71.35 -0.16 -6.79
C LEU B 274 -72.04 -0.61 -5.52
N HIS B 275 -71.82 -1.85 -5.12
CA HIS B 275 -72.51 -2.38 -3.94
C HIS B 275 -71.76 -3.60 -3.41
N VAL B 276 -70.98 -3.42 -2.40
CA VAL B 276 -70.38 -4.56 -1.70
C VAL B 276 -71.32 -4.94 -0.57
N LYS B 277 -71.44 -6.22 -0.24
CA LYS B 277 -72.21 -6.58 0.96
C LYS B 277 -71.68 -7.93 1.47
N GLY B 278 -70.84 -7.91 2.48
CA GLY B 278 -70.33 -9.18 2.95
C GLY B 278 -70.85 -9.65 4.29
N GLU B 279 -71.81 -10.56 4.29
CA GLU B 279 -72.32 -11.09 5.54
C GLU B 279 -71.40 -12.18 6.07
N ILE B 280 -71.39 -12.34 7.38
CA ILE B 280 -70.68 -13.43 8.04
C ILE B 280 -71.61 -13.99 9.11
N HIS B 281 -72.02 -15.23 8.96
CA HIS B 281 -72.95 -15.82 9.91
C HIS B 281 -72.18 -16.79 10.80
N LEU B 282 -72.44 -16.70 12.10
CA LEU B 282 -71.98 -17.70 13.07
C LEU B 282 -73.24 -18.29 13.72
N GLY B 283 -73.78 -19.31 13.08
CA GLY B 283 -74.84 -20.05 13.71
C GLY B 283 -76.18 -19.35 13.73
N ARG B 284 -77.08 -19.92 14.52
CA ARG B 284 -78.48 -19.48 14.58
C ARG B 284 -79.08 -20.06 15.85
N PHE B 285 -80.39 -19.89 16.01
CA PHE B 285 -81.11 -20.46 17.14
C PHE B 285 -82.59 -20.54 16.78
N VAL B 286 -83.30 -21.46 17.43
CA VAL B 286 -84.74 -21.59 17.28
C VAL B 286 -85.35 -21.77 18.67
N MET B 287 -86.26 -20.87 19.05
CA MET B 287 -86.86 -20.93 20.36
C MET B 287 -88.00 -21.94 20.37
N ARG B 288 -88.60 -22.17 21.54
CA ARG B 288 -89.66 -23.14 21.67
C ARG B 288 -91.02 -22.44 21.69
N ASN B 289 -92.07 -23.25 21.82
CA ASN B 289 -93.44 -22.74 21.78
C ASN B 289 -94.36 -23.27 22.87
N ARG B 290 -94.05 -24.42 23.48
CA ARG B 290 -94.86 -24.96 24.56
C ARG B 290 -93.96 -25.31 25.73
N ASP B 291 -94.53 -25.24 26.94
CA ASP B 291 -93.83 -25.43 28.21
C ASP B 291 -92.62 -24.50 28.33
N VAL B 292 -92.85 -23.24 28.01
CA VAL B 292 -91.81 -22.23 27.96
C VAL B 292 -91.81 -21.48 29.29
N VAL B 293 -90.63 -21.29 29.88
CA VAL B 293 -90.52 -20.48 31.08
C VAL B 293 -90.26 -19.04 30.69
N LEU B 294 -90.83 -18.12 31.46
CA LEU B 294 -90.67 -16.70 31.23
C LEU B 294 -89.94 -16.10 32.42
N THR B 295 -89.35 -14.92 32.21
CA THR B 295 -88.58 -14.29 33.27
C THR B 295 -89.51 -13.70 34.32
N THR B 296 -88.91 -13.26 35.43
CA THR B 296 -89.70 -12.82 36.57
C THR B 296 -90.36 -11.47 36.30
N THR B 297 -89.66 -10.57 35.61
CA THR B 297 -90.15 -9.22 35.36
C THR B 297 -91.12 -9.14 34.18
N PHE B 298 -91.71 -10.24 33.77
CA PHE B 298 -92.60 -10.23 32.61
C PHE B 298 -93.95 -10.85 32.92
N VAL B 299 -93.98 -11.89 33.77
CA VAL B 299 -95.25 -12.47 34.20
C VAL B 299 -96.01 -11.47 35.05
N ASP B 300 -95.30 -10.65 35.83
CA ASP B 300 -95.94 -9.60 36.61
C ASP B 300 -96.55 -8.54 35.71
N ASP B 301 -95.85 -8.15 34.65
CA ASP B 301 -96.37 -7.13 33.75
C ASP B 301 -97.50 -7.64 32.88
N ILE B 302 -97.57 -8.96 32.64
CA ILE B 302 -98.80 -9.50 32.04
C ILE B 302 -99.92 -9.51 33.08
N LYS B 303 -99.59 -9.82 34.34
CA LYS B 303 -100.59 -9.86 35.39
C LYS B 303 -101.15 -8.48 35.73
N ALA B 304 -100.44 -7.40 35.37
CA ALA B 304 -100.90 -6.05 35.64
C ALA B 304 -101.59 -5.42 34.43
N LEU B 305 -102.16 -6.24 33.55
CA LEU B 305 -102.88 -5.70 32.40
C LEU B 305 -104.35 -5.52 32.74
N PRO B 306 -105.01 -4.46 32.22
CA PRO B 306 -106.31 -4.05 32.78
C PRO B 306 -107.49 -4.95 32.43
N THR B 307 -107.32 -5.95 31.57
CA THR B 307 -108.22 -7.10 31.35
C THR B 307 -109.51 -6.72 30.61
N THR B 308 -109.79 -5.42 30.45
CA THR B 308 -111.05 -4.97 29.88
C THR B 308 -110.87 -4.25 28.55
N TYR B 309 -109.73 -4.44 27.89
CA TYR B 309 -109.25 -3.62 26.77
C TYR B 309 -109.32 -2.14 27.13
N GLU B 310 -108.45 -1.77 28.06
CA GLU B 310 -108.20 -0.38 28.35
C GLU B 310 -106.93 0.03 27.59
N LYS B 311 -107.09 0.96 26.66
CA LYS B 311 -106.10 1.22 25.62
C LYS B 311 -104.80 1.82 26.15
N GLY B 312 -104.82 2.40 27.35
CA GLY B 312 -103.66 3.13 27.84
C GLY B 312 -102.51 2.25 28.25
N GLU B 313 -102.79 1.08 28.82
CA GLU B 313 -101.73 0.24 29.36
C GLU B 313 -101.03 -0.59 28.28
N TYR B 314 -101.74 -0.98 27.23
CA TYR B 314 -101.16 -1.87 26.24
C TYR B 314 -100.14 -1.15 25.36
N PHE B 315 -100.32 0.14 25.11
CA PHE B 315 -99.31 0.90 24.38
C PHE B 315 -98.06 1.16 25.22
N ALA B 316 -98.14 1.02 26.53
CA ALA B 316 -96.92 1.04 27.33
C ALA B 316 -96.27 -0.32 27.39
N PHE B 317 -97.10 -1.38 27.42
CA PHE B 317 -96.55 -2.74 27.46
C PHE B 317 -95.84 -3.09 26.16
N LEU B 318 -96.43 -2.73 25.02
CA LEU B 318 -95.86 -3.11 23.74
C LEU B 318 -94.60 -2.33 23.41
N GLU B 319 -94.33 -1.23 24.09
CA GLU B 319 -93.06 -0.54 23.93
C GLU B 319 -92.13 -0.73 25.11
N THR B 320 -92.59 -1.43 26.15
CA THR B 320 -91.65 -1.91 27.15
C THR B 320 -91.02 -3.22 26.71
N TYR B 321 -91.82 -4.16 26.19
CA TYR B 321 -91.32 -5.49 25.86
C TYR B 321 -91.41 -5.81 24.38
N GLY B 322 -91.51 -4.81 23.53
CA GLY B 322 -91.52 -5.06 22.10
C GLY B 322 -92.82 -5.64 21.57
N THR B 323 -92.94 -5.70 20.25
CA THR B 323 -94.16 -6.20 19.64
C THR B 323 -94.06 -7.69 19.34
N HIS B 324 -92.92 -8.15 18.83
CA HIS B 324 -92.72 -9.55 18.50
C HIS B 324 -91.45 -10.04 19.16
N TYR B 325 -91.32 -11.36 19.28
CA TYR B 325 -90.08 -11.95 19.74
C TYR B 325 -89.45 -12.77 18.61
N SER B 326 -88.13 -12.70 18.51
CA SER B 326 -87.44 -13.40 17.43
C SER B 326 -87.41 -14.89 17.70
N SER B 327 -88.38 -15.61 17.15
CA SER B 327 -88.47 -17.05 17.35
C SER B 327 -87.42 -17.82 16.57
N SER B 328 -86.75 -17.21 15.60
CA SER B 328 -85.69 -17.89 14.88
C SER B 328 -84.75 -16.84 14.30
N GLY B 329 -83.60 -16.63 14.96
CA GLY B 329 -82.64 -15.64 14.54
C GLY B 329 -81.45 -16.25 13.81
N SER B 330 -80.45 -15.40 13.60
CA SER B 330 -79.18 -15.81 13.01
C SER B 330 -78.17 -14.72 13.34
N LEU B 331 -77.20 -15.00 14.18
CA LEU B 331 -76.33 -13.94 14.66
C LEU B 331 -75.18 -13.73 13.70
N GLY B 332 -74.20 -12.92 14.08
CA GLY B 332 -73.14 -12.52 13.18
C GLY B 332 -73.54 -11.36 12.29
N GLY B 333 -72.66 -10.40 12.06
CA GLY B 333 -73.09 -9.17 11.42
C GLY B 333 -72.39 -8.75 10.16
N LEU B 334 -73.04 -7.90 9.38
CA LEU B 334 -72.65 -7.58 8.02
C LEU B 334 -71.81 -6.32 7.96
N TYR B 335 -71.43 -5.96 6.74
CA TYR B 335 -70.98 -4.62 6.40
C TYR B 335 -71.49 -4.32 5.02
N GLU B 336 -71.32 -3.08 4.56
CA GLU B 336 -71.93 -2.66 3.31
C GLU B 336 -71.30 -1.36 2.84
N LEU B 337 -70.98 -1.30 1.56
CA LEU B 337 -70.62 -0.06 0.89
C LEU B 337 -71.65 0.20 -0.19
N ILE B 338 -71.89 1.47 -0.50
CA ILE B 338 -72.69 1.90 -1.64
C ILE B 338 -72.00 3.12 -2.22
N TYR B 339 -71.81 3.14 -3.54
CA TYR B 339 -71.07 4.22 -4.20
C TYR B 339 -71.91 4.69 -5.38
N VAL B 340 -72.74 5.71 -5.19
CA VAL B 340 -73.64 6.16 -6.25
C VAL B 340 -73.01 7.40 -6.86
N LEU B 341 -72.38 7.25 -8.00
CA LEU B 341 -71.95 8.43 -8.73
C LEU B 341 -73.08 8.87 -9.64
N ASP B 342 -72.96 10.09 -10.17
CA ASP B 342 -73.88 10.62 -11.16
C ASP B 342 -73.14 11.76 -11.84
N LYS B 343 -73.31 11.87 -13.14
CA LYS B 343 -72.68 12.94 -13.88
C LYS B 343 -73.66 13.39 -14.95
N ALA B 344 -73.63 14.67 -15.28
CA ALA B 344 -74.41 15.15 -16.41
C ALA B 344 -73.68 16.37 -16.96
N SER B 345 -72.82 16.15 -17.93
CA SER B 345 -72.32 17.29 -18.68
C SER B 345 -73.37 17.74 -19.67
N MET B 346 -73.19 18.93 -20.22
CA MET B 346 -73.98 19.41 -21.35
C MET B 346 -73.25 20.58 -21.98
N LYS B 347 -73.13 20.57 -23.30
CA LYS B 347 -72.75 21.77 -24.02
C LYS B 347 -73.89 22.14 -24.94
N ARG B 348 -73.91 23.40 -25.35
CA ARG B 348 -74.67 23.82 -26.52
C ARG B 348 -74.04 25.10 -27.04
N LYS B 349 -74.14 25.31 -28.34
CA LYS B 349 -73.47 26.43 -28.96
C LYS B 349 -74.44 27.13 -29.91
N GLY B 350 -73.94 28.19 -30.52
CA GLY B 350 -74.62 28.83 -31.64
C GLY B 350 -73.71 29.87 -32.25
N VAL B 351 -73.49 29.79 -33.56
CA VAL B 351 -72.59 30.68 -34.26
C VAL B 351 -73.35 31.23 -35.45
N GLU B 352 -73.69 32.50 -35.42
CA GLU B 352 -74.55 33.12 -36.41
C GLU B 352 -73.78 34.23 -37.10
N LEU B 353 -74.10 34.47 -38.37
CA LEU B 353 -73.28 35.37 -39.17
C LEU B 353 -74.12 35.92 -40.30
N LYS B 354 -73.98 37.21 -40.58
CA LYS B 354 -74.72 37.86 -41.67
C LYS B 354 -73.82 38.88 -42.35
N ASP B 355 -74.15 39.17 -43.61
CA ASP B 355 -73.32 40.04 -44.45
C ASP B 355 -74.19 40.54 -45.60
N ILE B 356 -74.06 41.83 -45.89
CA ILE B 356 -74.68 42.46 -47.06
C ILE B 356 -73.65 43.40 -47.67
N LYS B 357 -73.26 43.14 -48.90
CA LYS B 357 -72.23 43.94 -49.58
C LYS B 357 -72.84 44.56 -50.83
N ARG B 358 -73.49 45.70 -50.66
CA ARG B 358 -74.14 46.38 -51.76
C ARG B 358 -73.16 47.32 -52.46
N CYS B 359 -73.49 47.66 -53.70
CA CYS B 359 -72.69 48.61 -54.46
C CYS B 359 -73.58 49.27 -55.49
N LEU B 360 -73.12 50.40 -56.01
CA LEU B 360 -73.76 51.06 -57.14
C LEU B 360 -72.74 52.00 -57.76
N GLY B 361 -72.86 52.22 -59.07
CA GLY B 361 -71.99 53.17 -59.71
C GLY B 361 -72.29 53.35 -61.19
N TYR B 362 -72.30 54.59 -61.66
CA TYR B 362 -72.54 54.83 -63.08
C TYR B 362 -71.79 56.06 -63.58
N HIS B 363 -71.31 55.91 -64.82
CA HIS B 363 -70.77 56.99 -65.64
C HIS B 363 -71.89 57.55 -66.50
N LEU B 364 -72.04 58.87 -66.50
CA LEU B 364 -73.05 59.51 -67.33
C LEU B 364 -72.44 60.66 -68.13
N PHE B 379 -69.04 63.23 -65.81
CA PHE B 379 -69.90 62.91 -64.67
C PHE B 379 -69.54 61.52 -64.17
N ASN B 380 -69.73 61.28 -62.86
CA ASN B 380 -69.56 59.95 -62.28
C ASN B 380 -70.24 59.94 -60.92
N LYS B 381 -70.86 58.83 -60.55
CA LYS B 381 -71.30 58.66 -59.18
C LYS B 381 -71.13 57.21 -58.80
N ASP B 382 -70.74 56.96 -57.56
CA ASP B 382 -70.72 55.58 -57.06
C ASP B 382 -70.83 55.58 -55.54
N ASP B 383 -71.18 54.41 -55.01
CA ASP B 383 -71.06 54.16 -53.59
C ASP B 383 -70.89 52.65 -53.38
N CYS B 384 -70.31 52.32 -52.23
CA CYS B 384 -70.14 50.94 -51.81
C CYS B 384 -70.56 50.84 -50.35
N VAL B 385 -71.49 49.94 -50.05
CA VAL B 385 -72.03 49.80 -48.70
C VAL B 385 -71.70 48.39 -48.23
N LYS B 386 -71.17 48.28 -47.02
CA LYS B 386 -70.92 46.98 -46.41
C LYS B 386 -71.57 46.93 -45.04
N ARG B 387 -72.12 45.76 -44.69
CA ARG B 387 -72.68 45.55 -43.37
C ARG B 387 -72.38 44.10 -43.00
N GLY B 388 -71.94 43.87 -41.78
CA GLY B 388 -71.66 42.52 -41.35
C GLY B 388 -71.86 42.31 -39.87
N GLU B 389 -72.68 41.33 -39.51
CA GLU B 389 -72.98 41.07 -38.12
C GLU B 389 -72.51 39.67 -37.76
N GLY B 390 -72.08 39.49 -36.53
CA GLY B 390 -71.68 38.18 -36.05
C GLY B 390 -72.19 37.97 -34.65
N ARG B 391 -72.69 36.79 -34.34
CA ARG B 391 -73.16 36.47 -33.00
C ARG B 391 -72.63 35.11 -32.58
N ALA B 392 -72.40 34.95 -31.29
CA ALA B 392 -71.91 33.67 -30.79
C ALA B 392 -72.40 33.47 -29.37
N VAL B 393 -72.79 32.24 -29.07
CA VAL B 393 -73.21 31.83 -27.74
C VAL B 393 -72.59 30.48 -27.45
N ASN B 394 -71.88 30.35 -26.34
CA ASN B 394 -71.48 29.05 -25.80
C ASN B 394 -72.11 28.91 -24.43
N ILE B 395 -72.75 27.78 -24.17
CA ILE B 395 -73.32 27.50 -22.86
C ILE B 395 -72.85 26.12 -22.44
N THR B 396 -72.07 26.05 -21.38
CA THR B 396 -71.47 24.79 -20.95
C THR B 396 -71.89 24.51 -19.51
N SER B 397 -72.84 23.62 -19.33
CA SER B 397 -73.30 23.28 -17.99
C SER B 397 -72.73 21.94 -17.56
N GLU B 398 -72.67 21.74 -16.24
CA GLU B 398 -72.18 20.48 -15.71
C GLU B 398 -72.77 20.26 -14.32
N ASN B 399 -73.28 19.06 -14.10
CA ASN B 399 -73.67 18.59 -12.78
C ASN B 399 -72.83 17.37 -12.46
N LEU B 400 -72.50 17.21 -11.18
CA LEU B 400 -71.83 16.01 -10.71
C LEU B 400 -72.33 15.74 -9.30
N ILE B 401 -72.59 14.49 -9.00
CA ILE B 401 -73.02 14.06 -7.68
C ILE B 401 -72.21 12.83 -7.31
N ASP B 402 -71.72 12.77 -6.09
CA ASP B 402 -71.15 11.54 -5.56
C ASP B 402 -71.77 11.31 -4.20
N ASP B 403 -72.35 10.13 -4.01
CA ASP B 403 -72.75 9.63 -2.71
C ASP B 403 -71.88 8.43 -2.39
N VAL B 404 -71.49 8.33 -1.14
CA VAL B 404 -70.89 7.12 -0.58
C VAL B 404 -71.61 6.85 0.72
N VAL B 405 -72.04 5.63 0.94
CA VAL B 405 -72.56 5.19 2.23
C VAL B 405 -71.73 4.00 2.65
N SER B 406 -71.32 3.95 3.91
CA SER B 406 -70.74 2.74 4.46
C SER B 406 -71.41 2.43 5.78
N LEU B 407 -71.58 1.15 6.05
CA LEU B 407 -72.21 0.69 7.26
C LEU B 407 -71.50 -0.56 7.71
N ILE B 408 -71.37 -0.76 9.01
CA ILE B 408 -70.68 -1.94 9.51
C ILE B 408 -71.22 -2.28 10.89
N ARG B 409 -71.58 -3.54 11.10
CA ARG B 409 -72.17 -4.00 12.35
C ARG B 409 -71.33 -5.13 12.91
N GLY B 410 -71.38 -5.30 14.21
CA GLY B 410 -70.68 -6.41 14.83
C GLY B 410 -69.18 -6.27 14.94
N GLY B 411 -68.59 -6.84 15.98
CA GLY B 411 -67.16 -6.89 16.12
C GLY B 411 -66.66 -5.99 17.25
N THR B 412 -65.38 -6.15 17.55
CA THR B 412 -64.76 -5.34 18.58
C THR B 412 -64.52 -3.94 18.02
N ARG B 413 -64.33 -3.00 18.92
CA ARG B 413 -64.20 -1.59 18.59
C ARG B 413 -62.93 -1.29 17.79
N LYS B 414 -61.90 -2.12 17.91
CA LYS B 414 -60.60 -1.75 17.38
C LYS B 414 -60.39 -2.17 15.94
N TYR B 415 -60.98 -3.28 15.49
CA TYR B 415 -60.73 -3.78 14.15
C TYR B 415 -61.77 -3.35 13.13
N ALA B 416 -63.03 -3.22 13.56
CA ALA B 416 -64.11 -2.88 12.63
C ALA B 416 -63.93 -1.48 12.06
N PHE B 417 -63.42 -0.56 12.84
CA PHE B 417 -63.26 0.82 12.38
C PHE B 417 -61.91 1.04 11.73
N GLU B 418 -61.03 0.04 11.78
CA GLU B 418 -59.97 -0.06 10.80
C GLU B 418 -60.53 -0.50 9.45
N LEU B 419 -61.42 -1.49 9.48
CA LEU B 419 -61.97 -2.08 8.26
C LEU B 419 -62.81 -1.09 7.47
N LYS B 420 -63.60 -0.26 8.16
CA LYS B 420 -64.48 0.68 7.48
C LYS B 420 -63.69 1.73 6.71
N GLU B 421 -62.65 2.28 7.32
CA GLU B 421 -61.82 3.23 6.61
C GLU B 421 -60.93 2.57 5.56
N LYS B 422 -60.57 1.29 5.72
CA LYS B 422 -59.89 0.63 4.62
C LYS B 422 -60.82 0.35 3.45
N LEU B 423 -62.13 0.23 3.71
CA LEU B 423 -63.08 0.19 2.61
C LEU B 423 -63.17 1.53 1.90
N LEU B 424 -63.38 2.60 2.65
CA LEU B 424 -63.71 3.88 2.03
C LEU B 424 -62.51 4.61 1.45
N ARG B 425 -61.29 4.11 1.68
CA ARG B 425 -60.13 4.68 1.03
C ARG B 425 -60.14 4.40 -0.47
N GLY B 426 -60.75 3.30 -0.88
CA GLY B 426 -60.78 2.91 -2.27
C GLY B 426 -59.63 2.03 -2.70
N THR B 427 -58.54 2.00 -1.93
CA THR B 427 -57.44 1.11 -2.24
C THR B 427 -57.81 -0.33 -1.89
N VAL B 428 -56.99 -1.27 -2.37
CA VAL B 428 -57.25 -2.67 -2.10
C VAL B 428 -56.88 -2.98 -0.64
N ILE B 429 -57.68 -3.83 -0.02
CA ILE B 429 -57.47 -4.22 1.37
C ILE B 429 -56.73 -5.54 1.36
N ASP B 430 -55.52 -5.54 1.92
CA ASP B 430 -54.80 -6.79 2.13
C ASP B 430 -55.55 -7.67 3.12
N VAL B 431 -55.43 -8.97 2.95
CA VAL B 431 -56.31 -9.91 3.68
C VAL B 431 -55.64 -10.12 5.03
N THR B 432 -55.78 -9.11 5.88
CA THR B 432 -55.44 -9.21 7.29
C THR B 432 -56.42 -8.44 8.17
N ASP B 433 -57.25 -7.57 7.60
CA ASP B 433 -58.23 -6.80 8.34
C ASP B 433 -59.61 -7.42 8.32
N PHE B 434 -59.99 -8.02 7.19
CA PHE B 434 -61.23 -8.78 7.13
C PHE B 434 -61.13 -10.05 7.97
N VAL B 435 -59.94 -10.66 8.00
CA VAL B 435 -59.71 -11.83 8.86
C VAL B 435 -59.75 -11.43 10.32
N ASN B 436 -59.16 -10.30 10.68
CA ASN B 436 -59.17 -9.88 12.08
C ASN B 436 -60.54 -9.44 12.53
N TRP B 437 -61.31 -8.80 11.64
CA TRP B 437 -62.69 -8.48 11.99
C TRP B 437 -63.54 -9.74 12.12
N ALA B 438 -63.26 -10.74 11.29
CA ALA B 438 -64.03 -11.98 11.35
C ALA B 438 -63.64 -12.82 12.54
N SER B 439 -62.43 -12.67 13.06
CA SER B 439 -62.10 -13.28 14.34
C SER B 439 -62.67 -12.46 15.48
N SER B 440 -62.82 -11.16 15.27
CA SER B 440 -63.43 -10.29 16.27
C SER B 440 -64.91 -10.57 16.46
N ILE B 441 -65.59 -11.01 15.39
CA ILE B 441 -67.05 -11.13 15.42
C ILE B 441 -67.54 -12.24 16.35
N ASN B 442 -66.64 -13.11 16.81
CA ASN B 442 -67.01 -14.09 17.84
C ASN B 442 -67.30 -13.41 19.17
N ASP B 443 -66.66 -12.27 19.44
CA ASP B 443 -66.86 -11.59 20.71
C ASP B 443 -68.18 -10.84 20.75
N ALA B 444 -68.46 -10.03 19.73
CA ALA B 444 -69.60 -9.11 19.72
C ALA B 444 -70.50 -9.41 18.52
N PRO B 445 -71.41 -10.37 18.64
CA PRO B 445 -72.33 -10.64 17.55
C PRO B 445 -73.47 -9.64 17.49
N VAL B 446 -74.05 -9.52 16.30
CA VAL B 446 -75.18 -8.62 16.04
C VAL B 446 -76.20 -9.39 15.23
N LEU B 447 -77.45 -9.40 15.71
CA LEU B 447 -78.52 -10.14 15.04
C LEU B 447 -78.77 -9.58 13.65
N ILE B 448 -78.95 -10.47 12.68
CA ILE B 448 -78.92 -10.07 11.28
C ILE B 448 -80.14 -10.52 10.49
N SER B 449 -80.88 -11.55 10.91
CA SER B 449 -82.01 -12.04 10.15
C SER B 449 -82.89 -12.85 11.08
N GLN B 450 -84.18 -12.58 11.07
CA GLN B 450 -85.08 -13.14 12.07
C GLN B 450 -86.41 -13.48 11.44
N LYS B 451 -87.11 -14.42 12.05
CA LYS B 451 -88.44 -14.83 11.64
C LYS B 451 -89.36 -14.58 12.82
N LEU B 452 -90.17 -13.54 12.71
CA LEU B 452 -90.91 -13.01 13.85
C LEU B 452 -92.06 -13.93 14.25
N SER B 453 -92.70 -13.58 15.36
CA SER B 453 -93.83 -14.31 15.92
C SER B 453 -94.49 -13.39 16.94
N PRO B 454 -95.81 -13.31 16.97
CA PRO B 454 -96.45 -12.30 17.80
C PRO B 454 -96.40 -12.64 19.28
N ILE B 455 -96.39 -11.60 20.11
CA ILE B 455 -96.14 -11.77 21.54
C ILE B 455 -97.35 -12.33 22.27
N TYR B 456 -98.53 -12.33 21.64
CA TYR B 456 -99.66 -13.04 22.23
C TYR B 456 -99.67 -14.51 21.87
N ASN B 457 -98.60 -15.03 21.28
CA ASN B 457 -98.35 -16.45 21.18
C ASN B 457 -97.39 -16.91 22.27
N LEU B 458 -97.27 -16.10 23.33
CA LEU B 458 -96.30 -16.33 24.40
C LEU B 458 -96.90 -16.18 25.79
N VAL B 459 -98.00 -15.46 25.95
CA VAL B 459 -98.71 -15.30 27.22
C VAL B 459 -99.20 -16.65 27.70
N PRO B 460 -98.82 -17.09 28.90
CA PRO B 460 -99.19 -18.42 29.36
C PRO B 460 -100.69 -18.52 29.67
N VAL B 461 -101.16 -19.76 29.67
CA VAL B 461 -102.59 -20.03 29.82
C VAL B 461 -102.93 -20.46 31.24
N LYS B 462 -101.92 -20.83 32.04
CA LYS B 462 -102.14 -21.19 33.44
C LYS B 462 -102.66 -20.01 34.26
N MET B 463 -102.25 -18.79 33.92
CA MET B 463 -102.66 -17.62 34.68
C MET B 463 -104.11 -17.25 34.39
N LYS B 464 -104.67 -16.44 35.27
CA LYS B 464 -106.08 -16.10 35.21
C LYS B 464 -106.34 -15.03 34.14
N ASN B 465 -107.51 -15.13 33.52
CA ASN B 465 -107.96 -14.28 32.41
C ASN B 465 -106.95 -14.26 31.26
N ALA B 466 -106.43 -15.44 30.93
CA ALA B 466 -105.37 -15.52 29.91
C ALA B 466 -105.93 -15.26 28.52
N HIS B 467 -107.10 -15.81 28.21
CA HIS B 467 -107.65 -15.63 26.87
C HIS B 467 -108.13 -14.21 26.66
N LEU B 468 -108.61 -13.54 27.71
CA LEU B 468 -109.03 -12.15 27.55
C LEU B 468 -107.84 -11.23 27.31
N LYS B 469 -106.73 -11.49 28.00
CA LYS B 469 -105.53 -10.70 27.75
C LYS B 469 -104.92 -10.99 26.39
N LYS B 470 -105.05 -12.24 25.91
CA LYS B 470 -104.61 -12.54 24.55
C LYS B 470 -105.52 -11.89 23.51
N GLN B 471 -106.81 -11.81 23.81
CA GLN B 471 -107.75 -11.10 22.95
C GLN B 471 -107.48 -9.61 22.93
N ASN B 472 -106.97 -9.07 24.03
CA ASN B 472 -106.59 -7.66 24.06
C ASN B 472 -105.32 -7.44 23.25
N LEU B 473 -104.31 -8.30 23.44
CA LEU B 473 -103.04 -8.12 22.77
C LEU B 473 -103.09 -8.46 21.28
N GLU B 474 -104.08 -9.23 20.84
CA GLU B 474 -104.18 -9.47 19.40
C GLU B 474 -104.79 -8.31 18.65
N ARG B 475 -105.50 -7.42 19.34
CA ARG B 475 -106.00 -6.19 18.74
C ARG B 475 -105.11 -4.99 19.00
N ALA B 476 -104.34 -5.04 20.09
CA ALA B 476 -103.44 -3.94 20.40
C ALA B 476 -102.33 -3.82 19.38
N ILE B 477 -101.89 -4.94 18.80
CA ILE B 477 -100.87 -4.89 17.76
C ILE B 477 -101.43 -4.28 16.47
N GLU B 478 -102.68 -4.60 16.15
CA GLU B 478 -103.33 -3.97 14.99
C GLU B 478 -103.51 -2.48 15.20
N ASP B 479 -103.93 -2.07 16.40
CA ASP B 479 -104.07 -0.65 16.68
C ASP B 479 -102.73 0.06 16.72
N TYR B 480 -101.68 -0.61 17.19
CA TYR B 480 -100.37 0.02 17.21
C TYR B 480 -99.79 0.16 15.82
N ILE B 481 -99.99 -0.83 14.96
CA ILE B 481 -99.46 -0.73 13.61
C ILE B 481 -100.33 0.18 12.75
N ASN B 482 -101.58 0.43 13.15
CA ASN B 482 -102.41 1.35 12.39
C ASN B 482 -102.16 2.80 12.80
N GLU B 483 -102.13 3.08 14.11
CA GLU B 483 -102.13 4.45 14.58
C GLU B 483 -100.77 5.13 14.48
N PHE B 484 -99.68 4.37 14.43
CA PHE B 484 -98.37 4.94 14.16
C PHE B 484 -97.88 4.60 12.75
N SER B 485 -98.80 4.28 11.84
CA SER B 485 -98.42 4.02 10.47
C SER B 485 -98.02 5.31 9.75
N VAL B 486 -97.30 5.15 8.65
CA VAL B 486 -96.87 6.30 7.86
C VAL B 486 -97.99 6.81 6.96
N ARG B 487 -99.09 6.06 6.84
CA ARG B 487 -100.16 6.40 5.92
C ARG B 487 -101.16 7.39 6.51
N LYS B 488 -100.79 8.16 7.53
CA LYS B 488 -101.59 9.28 7.96
C LYS B 488 -101.04 10.61 7.50
N CYS B 489 -99.73 10.74 7.39
CA CYS B 489 -99.13 11.96 6.86
C CYS B 489 -99.31 12.02 5.35
N HIS B 490 -99.70 13.19 4.85
CA HIS B 490 -99.88 13.39 3.42
C HIS B 490 -98.53 13.38 2.73
N THR B 491 -98.44 12.65 1.62
CA THR B 491 -97.16 12.32 1.02
C THR B 491 -96.52 13.54 0.36
N CYS B 492 -95.19 13.53 0.33
CA CYS B 492 -94.42 14.59 -0.29
C CYS B 492 -94.33 14.36 -1.80
N GLN B 493 -94.34 15.46 -2.54
CA GLN B 493 -94.28 15.40 -4.00
C GLN B 493 -92.85 15.22 -4.46
N ASN B 494 -92.68 15.24 -5.79
CA ASN B 494 -91.40 15.18 -6.50
C ASN B 494 -90.60 13.91 -6.19
N GLY B 495 -91.29 12.82 -5.83
CA GLY B 495 -90.61 11.60 -5.46
C GLY B 495 -90.07 11.57 -4.06
N GLY B 496 -90.55 12.45 -3.18
CA GLY B 496 -90.08 12.45 -1.81
C GLY B 496 -90.70 11.36 -0.97
N THR B 497 -89.86 10.47 -0.43
CA THR B 497 -90.34 9.38 0.40
C THR B 497 -90.52 9.85 1.84
N VAL B 498 -91.74 9.73 2.34
CA VAL B 498 -92.06 10.18 3.69
C VAL B 498 -91.60 9.13 4.69
N ILE B 499 -91.04 9.59 5.81
CA ILE B 499 -90.53 8.72 6.86
C ILE B 499 -91.08 9.20 8.19
N LEU B 500 -91.88 8.37 8.85
CA LEU B 500 -92.33 8.70 10.19
C LEU B 500 -91.17 8.55 11.17
N MET B 501 -90.94 9.59 11.96
CA MET B 501 -89.83 9.62 12.91
C MET B 501 -90.17 10.63 13.99
N ASP B 502 -90.23 10.16 15.25
CA ASP B 502 -90.56 10.97 16.43
C ASP B 502 -91.94 11.60 16.32
N GLY B 503 -92.86 10.95 15.59
CA GLY B 503 -94.14 11.57 15.30
C GLY B 503 -94.04 12.81 14.44
N LYS B 504 -93.02 12.89 13.59
CA LYS B 504 -92.76 14.07 12.76
C LYS B 504 -92.31 13.57 11.40
N CYS B 505 -93.23 13.54 10.44
CA CYS B 505 -93.01 12.92 9.14
C CYS B 505 -92.04 13.78 8.32
N LEU B 506 -90.79 13.37 8.30
CA LEU B 506 -89.77 14.01 7.48
C LEU B 506 -89.64 13.27 6.15
N CYS B 507 -89.45 14.04 5.08
CA CYS B 507 -89.33 13.48 3.74
C CYS B 507 -87.90 13.60 3.23
N ALA B 508 -87.46 12.58 2.49
CA ALA B 508 -86.15 12.56 1.87
C ALA B 508 -86.30 12.78 0.38
N CYS B 509 -85.56 13.75 -0.16
CA CYS B 509 -85.66 14.18 -1.54
C CYS B 509 -84.53 13.58 -2.38
N PRO B 510 -84.83 13.06 -3.57
CA PRO B 510 -83.80 12.36 -4.35
C PRO B 510 -82.83 13.28 -5.10
N PHE B 511 -81.62 13.42 -4.55
CA PHE B 511 -80.38 13.78 -5.24
C PHE B 511 -80.27 15.20 -5.78
N LYS B 512 -81.36 15.96 -5.82
CA LYS B 512 -81.28 17.30 -6.38
C LYS B 512 -82.04 18.36 -5.58
N PHE B 513 -82.91 17.96 -4.67
CA PHE B 513 -83.91 18.87 -4.13
C PHE B 513 -83.56 19.15 -2.67
N GLU B 514 -83.20 20.40 -2.38
CA GLU B 514 -82.81 20.75 -1.02
C GLU B 514 -83.98 21.17 -0.16
N GLY B 515 -85.16 21.39 -0.75
CA GLY B 515 -86.29 21.87 0.01
C GLY B 515 -86.92 20.79 0.85
N ILE B 516 -87.73 21.23 1.82
CA ILE B 516 -88.40 20.27 2.70
C ILE B 516 -89.50 19.54 1.94
N ALA B 517 -90.16 20.24 1.03
CA ALA B 517 -91.20 19.64 0.19
C ALA B 517 -90.67 19.22 -1.18
N CYS B 518 -89.34 19.06 -1.30
CA CYS B 518 -88.65 18.61 -2.51
C CYS B 518 -88.92 19.51 -3.72
N GLU B 519 -89.09 20.82 -3.48
CA GLU B 519 -89.55 21.72 -4.54
C GLU B 519 -88.41 22.36 -5.31
N ILE B 520 -87.45 22.97 -4.60
CA ILE B 520 -86.37 23.69 -5.26
C ILE B 520 -85.43 22.70 -5.94
N SER B 521 -85.07 22.98 -7.19
CA SER B 521 -84.22 22.11 -7.98
C SER B 521 -82.92 22.82 -8.30
N LYS B 522 -82.01 22.10 -8.94
CA LYS B 522 -80.73 22.66 -9.37
C LYS B 522 -80.39 22.18 -10.78
N SER C 18 -85.97 50.68 11.76
CA SER C 18 -85.87 49.37 12.38
C SER C 18 -85.58 49.50 13.86
N HIS C 19 -86.63 49.40 14.68
CA HIS C 19 -86.49 49.56 16.12
C HIS C 19 -87.65 48.83 16.80
N ILE C 20 -87.37 47.65 17.33
CA ILE C 20 -88.37 46.84 18.04
C ILE C 20 -87.87 46.62 19.45
N ASP C 21 -88.76 46.77 20.43
CA ASP C 21 -88.43 46.53 21.83
C ASP C 21 -89.30 45.41 22.39
N CYS C 22 -88.91 44.93 23.57
CA CYS C 22 -89.68 43.89 24.23
C CYS C 22 -90.98 44.45 24.80
N ARG C 23 -91.93 43.54 25.00
CA ARG C 23 -93.25 43.89 25.51
C ARG C 23 -93.65 42.90 26.58
N MET C 24 -94.58 43.31 27.43
CA MET C 24 -95.12 42.44 28.47
C MET C 24 -96.62 42.65 28.59
N SER C 25 -97.34 41.54 28.75
CA SER C 25 -98.73 41.59 29.16
C SER C 25 -98.83 42.02 30.62
N PRO C 26 -99.94 42.60 31.03
CA PRO C 26 -100.11 42.91 32.46
C PRO C 26 -100.34 41.64 33.27
N TRP C 27 -100.07 41.76 34.57
CA TRP C 27 -100.19 40.61 35.47
C TRP C 27 -101.65 40.22 35.66
N SER C 28 -101.86 38.98 36.06
CA SER C 28 -103.20 38.47 36.28
C SER C 28 -103.66 38.82 37.69
N GLU C 29 -104.75 38.21 38.13
CA GLU C 29 -105.24 38.40 39.48
C GLU C 29 -104.64 37.37 40.42
N TRP C 30 -104.53 37.75 41.69
CA TRP C 30 -104.02 36.85 42.72
C TRP C 30 -105.04 35.75 42.97
N SER C 31 -104.64 34.50 42.78
CA SER C 31 -105.62 33.42 42.68
C SER C 31 -106.15 33.00 44.05
N GLN C 32 -105.29 32.41 44.89
CA GLN C 32 -105.70 31.81 46.15
C GLN C 32 -104.45 31.41 46.91
N CYS C 33 -104.48 31.57 48.24
CA CYS C 33 -103.50 30.93 49.10
C CYS C 33 -103.61 29.42 48.95
N ASP C 34 -102.62 28.81 48.33
CA ASP C 34 -102.55 27.36 48.29
C ASP C 34 -102.21 26.87 49.69
N PRO C 35 -103.12 26.16 50.37
CA PRO C 35 -102.94 25.95 51.81
C PRO C 35 -101.85 24.97 52.16
N CYS C 36 -101.49 24.09 51.24
CA CYS C 36 -100.42 23.12 51.47
C CYS C 36 -99.04 23.71 51.16
N LEU C 37 -98.96 24.95 50.68
CA LEU C 37 -97.70 25.62 50.44
C LEU C 37 -97.64 27.06 50.93
N ARG C 38 -98.76 27.62 51.39
CA ARG C 38 -98.85 28.95 52.01
C ARG C 38 -98.40 30.08 51.09
N GLN C 39 -98.62 29.92 49.78
CA GLN C 39 -98.19 30.93 48.81
C GLN C 39 -99.26 31.06 47.73
N MET C 40 -99.62 32.29 47.40
CA MET C 40 -100.47 32.55 46.25
C MET C 40 -99.60 32.94 45.06
N PHE C 41 -99.99 32.44 43.88
CA PHE C 41 -99.20 32.65 42.68
C PHE C 41 -99.99 33.50 41.70
N ARG C 42 -99.28 34.25 40.87
CA ARG C 42 -99.91 34.97 39.77
C ARG C 42 -98.91 35.06 38.64
N SER C 43 -99.41 35.36 37.45
CA SER C 43 -98.57 35.26 36.26
C SER C 43 -99.03 36.22 35.19
N ARG C 44 -98.34 36.16 34.05
CA ARG C 44 -98.65 36.95 32.87
C ARG C 44 -98.07 36.21 31.67
N SER C 45 -98.07 36.86 30.51
CA SER C 45 -97.47 36.25 29.33
C SER C 45 -96.53 37.22 28.63
N ILE C 46 -96.03 36.84 27.47
CA ILE C 46 -95.10 37.66 26.69
C ILE C 46 -95.72 37.88 25.32
N GLU C 47 -95.89 39.15 24.95
CA GLU C 47 -96.51 39.45 23.66
C GLU C 47 -95.50 39.36 22.52
N VAL C 48 -94.50 40.23 22.53
CA VAL C 48 -93.53 40.34 21.44
C VAL C 48 -92.14 40.42 22.03
N PHE C 49 -91.26 39.51 21.61
CA PHE C 49 -89.87 39.53 22.04
C PHE C 49 -89.13 40.66 21.34
N GLY C 50 -88.03 41.09 21.98
CA GLY C 50 -87.22 42.14 21.39
C GLY C 50 -86.48 41.65 20.17
N GLN C 51 -86.27 42.56 19.22
CA GLN C 51 -85.71 42.20 17.93
C GLN C 51 -85.06 43.44 17.34
N PHE C 52 -84.02 43.22 16.52
CA PHE C 52 -83.27 44.27 15.82
C PHE C 52 -82.68 45.29 16.79
N ASN C 53 -81.76 44.78 17.62
CA ASN C 53 -80.91 45.58 18.53
C ASN C 53 -81.77 46.36 19.52
N GLY C 54 -82.65 45.65 20.21
CA GLY C 54 -83.57 46.26 21.16
C GLY C 54 -83.48 45.64 22.53
N LYS C 55 -84.44 45.97 23.39
CA LYS C 55 -84.39 45.52 24.78
C LYS C 55 -84.80 44.07 24.89
N ARG C 56 -84.07 43.32 25.72
CA ARG C 56 -84.32 41.92 25.93
C ARG C 56 -85.42 41.72 26.98
N CYS C 57 -86.21 40.66 26.81
CA CYS C 57 -87.36 40.45 27.69
C CYS C 57 -86.96 39.93 29.06
N THR C 58 -85.97 39.04 29.10
CA THR C 58 -85.38 38.47 30.33
C THR C 58 -86.41 37.80 31.24
N ASP C 59 -87.26 36.97 30.63
CA ASP C 59 -87.93 35.81 31.24
C ASP C 59 -88.66 36.12 32.54
N ALA C 60 -89.46 37.18 32.52
CA ALA C 60 -90.04 37.72 33.74
C ALA C 60 -91.46 37.21 34.00
N VAL C 61 -91.75 35.97 33.62
CA VAL C 61 -93.07 35.39 33.86
C VAL C 61 -93.07 34.68 35.21
N GLY C 62 -94.25 34.56 35.79
CA GLY C 62 -94.39 33.91 37.08
C GLY C 62 -94.02 34.78 38.26
N ASP C 63 -94.78 34.67 39.35
CA ASP C 63 -94.56 35.50 40.52
C ASP C 63 -95.08 34.77 41.75
N ARG C 64 -94.43 35.00 42.88
CA ARG C 64 -94.78 34.35 44.13
C ARG C 64 -94.91 35.40 45.23
N ARG C 65 -95.72 35.10 46.24
CA ARG C 65 -95.92 36.00 47.36
C ARG C 65 -96.42 35.19 48.55
N GLN C 66 -95.84 35.44 49.72
CA GLN C 66 -96.22 34.69 50.91
C GLN C 66 -97.57 35.17 51.42
N CYS C 67 -98.39 34.24 51.91
CA CYS C 67 -99.65 34.60 52.55
C CYS C 67 -99.96 33.56 53.62
N VAL C 68 -100.68 34.02 54.63
CA VAL C 68 -101.12 33.12 55.71
C VAL C 68 -102.22 32.21 55.19
N PRO C 69 -102.20 30.90 55.53
CA PRO C 69 -103.29 30.03 55.08
C PRO C 69 -104.60 30.32 55.79
N THR C 70 -105.55 30.89 55.04
CA THR C 70 -106.83 31.27 55.63
C THR C 70 -107.75 30.07 55.84
N GLU C 71 -107.57 29.00 55.06
CA GLU C 71 -108.35 27.78 55.20
C GLU C 71 -107.42 26.60 54.95
N PRO C 72 -106.97 25.91 55.99
CA PRO C 72 -105.89 24.92 55.82
C PRO C 72 -106.36 23.65 55.13
N CYS C 73 -105.44 23.06 54.36
CA CYS C 73 -105.69 21.82 53.64
C CYS C 73 -105.43 20.63 54.56
N GLU C 74 -105.79 19.45 54.06
CA GLU C 74 -105.46 18.22 54.76
C GLU C 74 -103.95 17.95 54.64
N ASP C 75 -103.45 17.14 55.57
CA ASP C 75 -102.02 16.82 55.62
C ASP C 75 -101.70 15.93 54.42
N ALA C 76 -101.07 16.50 53.41
CA ALA C 76 -100.78 15.81 52.15
C ALA C 76 -99.60 14.88 52.36
N GLU C 77 -99.90 13.65 52.78
CA GLU C 77 -98.89 12.60 52.90
C GLU C 77 -99.50 11.29 52.44
N ASP C 78 -98.67 10.44 51.86
CA ASP C 78 -99.13 9.20 51.28
C ASP C 78 -99.35 8.15 52.37
N ASP C 79 -100.17 7.15 52.05
CA ASP C 79 -100.49 6.10 53.01
C ASP C 79 -99.31 5.17 53.20
N CYS C 80 -98.67 4.77 52.09
CA CYS C 80 -97.57 3.80 52.05
C CYS C 80 -98.00 2.48 52.69
N GLY C 81 -98.99 1.84 52.06
CA GLY C 81 -99.68 0.72 52.68
C GLY C 81 -98.84 -0.56 52.66
N ASN C 82 -98.58 -1.12 53.84
CA ASN C 82 -97.93 -2.42 54.04
C ASN C 82 -96.53 -2.47 53.42
N ASP C 83 -95.87 -1.33 53.33
CA ASP C 83 -94.53 -1.23 52.80
C ASP C 83 -93.65 -0.53 53.82
N PHE C 84 -92.38 -0.93 53.86
CA PHE C 84 -91.44 -0.27 54.75
C PHE C 84 -91.11 1.12 54.22
N GLN C 85 -91.64 2.14 54.88
CA GLN C 85 -91.25 3.50 54.58
C GLN C 85 -89.81 3.73 54.99
N CYS C 86 -89.14 4.62 54.26
CA CYS C 86 -87.73 4.89 54.47
C CYS C 86 -87.55 6.31 54.97
N SER C 87 -86.30 6.74 55.10
CA SER C 87 -85.97 8.09 55.53
C SER C 87 -85.82 9.06 54.37
N THR C 88 -86.46 8.78 53.24
CA THR C 88 -86.52 9.66 52.09
C THR C 88 -87.93 9.97 51.63
N GLY C 89 -88.83 8.99 51.71
CA GLY C 89 -90.16 9.09 51.13
C GLY C 89 -90.45 8.01 50.11
N ARG C 90 -89.49 7.13 49.81
CA ARG C 90 -89.69 6.00 48.93
C ARG C 90 -90.12 4.80 49.75
N CYS C 91 -91.08 4.05 49.22
CA CYS C 91 -91.63 2.89 49.92
C CYS C 91 -91.16 1.62 49.19
N ILE C 92 -90.30 0.86 49.84
CA ILE C 92 -89.79 -0.39 49.28
C ILE C 92 -90.45 -1.56 50.01
N LYS C 93 -90.21 -2.76 49.50
CA LYS C 93 -90.81 -3.97 50.04
C LYS C 93 -89.94 -4.56 51.13
N MET C 94 -90.40 -5.66 51.72
CA MET C 94 -89.66 -6.33 52.77
C MET C 94 -88.54 -7.22 52.20
N ARG C 95 -88.68 -7.67 50.95
CA ARG C 95 -87.68 -8.50 50.29
C ARG C 95 -86.35 -7.77 50.13
N LEU C 96 -86.36 -6.45 50.09
CA LEU C 96 -85.16 -5.65 49.91
C LEU C 96 -84.41 -5.39 51.22
N ARG C 97 -84.76 -6.08 52.31
CA ARG C 97 -84.11 -5.85 53.59
C ARG C 97 -82.73 -6.51 53.62
N CYS C 98 -81.72 -5.73 53.99
CA CYS C 98 -80.34 -6.18 54.20
C CYS C 98 -79.74 -6.83 52.95
N ASN C 99 -80.15 -6.37 51.78
CA ASN C 99 -79.71 -6.97 50.53
C ASN C 99 -78.36 -6.44 50.07
N GLY C 100 -77.76 -5.50 50.78
CA GLY C 100 -76.52 -4.92 50.34
C GLY C 100 -76.65 -3.94 49.19
N ASP C 101 -77.87 -3.47 48.90
CA ASP C 101 -78.11 -2.50 47.85
C ASP C 101 -78.81 -1.29 48.43
N ASN C 102 -78.35 -0.11 48.02
CA ASN C 102 -78.90 1.14 48.52
C ASN C 102 -80.27 1.44 47.91
N ASP C 103 -81.32 0.91 48.55
CA ASP C 103 -82.65 0.91 47.99
C ASP C 103 -83.50 2.08 48.45
N CYS C 104 -83.42 2.44 49.74
CA CYS C 104 -84.16 3.60 50.22
C CYS C 104 -83.52 4.90 49.79
N GLY C 105 -82.24 4.89 49.45
CA GLY C 105 -81.54 6.09 49.09
C GLY C 105 -80.62 6.56 50.21
N ASP C 106 -81.10 6.46 51.45
CA ASP C 106 -80.30 6.78 52.63
C ASP C 106 -79.91 5.53 53.39
N PHE C 107 -79.59 4.47 52.65
CA PHE C 107 -78.77 3.34 53.12
C PHE C 107 -79.47 2.57 54.24
N SER C 108 -80.79 2.44 54.14
CA SER C 108 -81.58 1.83 55.20
C SER C 108 -81.67 0.31 55.07
N ASP C 109 -80.70 -0.31 54.41
CA ASP C 109 -80.61 -1.76 54.32
C ASP C 109 -79.35 -2.33 54.95
N GLU C 110 -78.19 -1.72 54.68
CA GLU C 110 -76.91 -2.29 55.10
C GLU C 110 -76.48 -1.82 56.48
N ASP C 111 -77.42 -1.50 57.37
CA ASP C 111 -77.06 -1.04 58.70
C ASP C 111 -77.78 -1.81 59.81
N ASP C 112 -79.00 -2.27 59.54
CA ASP C 112 -79.91 -2.67 60.61
C ASP C 112 -79.57 -4.07 61.14
N CYS C 113 -79.69 -5.08 60.30
CA CYS C 113 -79.70 -6.45 60.78
C CYS C 113 -78.28 -7.00 60.90
N GLU C 114 -78.16 -8.06 61.69
CA GLU C 114 -76.94 -8.86 61.75
C GLU C 114 -77.05 -10.11 60.90
N SER C 115 -78.03 -10.15 59.99
CA SER C 115 -78.26 -11.31 59.13
C SER C 115 -77.27 -11.27 57.96
N GLU C 116 -77.47 -12.19 57.02
CA GLU C 116 -76.59 -12.26 55.86
C GLU C 116 -76.90 -11.10 54.91
N PRO C 117 -75.88 -10.58 54.21
CA PRO C 117 -76.15 -9.57 53.20
C PRO C 117 -76.83 -10.13 51.96
N ARG C 118 -76.80 -11.46 51.76
CA ARG C 118 -77.37 -12.29 50.69
C ARG C 118 -77.40 -11.62 49.32
N PRO C 119 -76.24 -11.32 48.71
CA PRO C 119 -76.25 -10.56 47.46
C PRO C 119 -76.80 -11.38 46.31
N PRO C 120 -77.79 -10.84 45.59
CA PRO C 120 -78.36 -11.59 44.47
C PRO C 120 -77.37 -11.78 43.33
N CYS C 121 -76.50 -10.80 43.10
CA CYS C 121 -75.30 -11.04 42.32
C CYS C 121 -74.31 -11.76 43.22
N ARG C 122 -74.12 -13.06 42.99
CA ARG C 122 -73.20 -13.88 43.77
C ARG C 122 -71.76 -13.66 43.34
N ASP C 123 -70.89 -14.61 43.68
CA ASP C 123 -69.45 -14.53 43.41
C ASP C 123 -69.05 -14.47 41.93
N ARG C 124 -70.01 -14.47 41.01
CA ARG C 124 -69.74 -14.15 39.62
C ARG C 124 -69.19 -12.74 39.50
N VAL C 125 -68.34 -12.54 38.49
CA VAL C 125 -67.69 -11.25 38.27
C VAL C 125 -68.74 -10.27 37.76
N VAL C 126 -69.16 -9.36 38.64
CA VAL C 126 -70.25 -8.44 38.37
C VAL C 126 -69.80 -7.05 38.79
N GLU C 127 -69.94 -6.08 37.89
CA GLU C 127 -69.45 -4.72 38.12
C GLU C 127 -70.62 -3.75 38.13
N GLU C 128 -70.31 -2.46 38.14
CA GLU C 128 -71.31 -1.42 37.95
C GLU C 128 -71.13 -0.82 36.56
N SER C 129 -72.22 -0.34 35.99
CA SER C 129 -72.21 0.07 34.60
C SER C 129 -71.63 1.47 34.45
N GLU C 130 -71.57 1.93 33.20
CA GLU C 130 -71.14 3.29 32.88
C GLU C 130 -72.13 4.02 31.99
N LEU C 131 -73.03 3.31 31.32
CA LEU C 131 -74.00 3.88 30.41
C LEU C 131 -75.40 3.87 30.99
N ALA C 132 -75.71 2.89 31.82
CA ALA C 132 -77.04 2.76 32.37
C ALA C 132 -77.29 3.68 33.55
N ARG C 133 -76.24 4.21 34.17
CA ARG C 133 -76.42 4.94 35.42
C ARG C 133 -77.01 6.33 35.17
N THR C 134 -76.87 6.85 33.96
CA THR C 134 -77.42 8.14 33.60
C THR C 134 -78.45 8.00 32.49
N ALA C 135 -79.30 6.98 32.57
CA ALA C 135 -80.13 6.59 31.44
C ALA C 135 -81.43 7.36 31.33
N GLY C 136 -81.56 8.51 31.98
CA GLY C 136 -82.74 9.31 31.75
C GLY C 136 -82.58 10.30 30.62
N TYR C 137 -81.61 11.20 30.77
CA TYR C 137 -81.39 12.36 29.90
C TYR C 137 -82.70 13.11 29.64
N GLY C 138 -83.28 13.65 30.71
CA GLY C 138 -84.52 14.39 30.61
C GLY C 138 -84.35 15.64 29.78
N ILE C 139 -84.90 15.62 28.58
CA ILE C 139 -84.47 16.51 27.52
C ILE C 139 -85.43 17.69 27.45
N ASN C 140 -84.98 18.76 26.79
CA ASN C 140 -85.79 19.94 26.58
C ASN C 140 -86.00 20.11 25.07
N ILE C 141 -87.05 20.86 24.72
CA ILE C 141 -87.47 20.98 23.32
C ILE C 141 -86.54 21.79 22.46
N LEU C 142 -85.57 22.50 23.04
CA LEU C 142 -84.58 23.22 22.25
C LEU C 142 -83.67 22.26 21.50
N GLY C 143 -83.25 21.18 22.16
CA GLY C 143 -82.37 20.20 21.54
C GLY C 143 -81.27 19.75 22.48
N MET C 144 -80.96 20.56 23.47
CA MET C 144 -79.93 20.25 24.45
C MET C 144 -80.53 19.47 25.62
N ASP C 145 -79.71 18.65 26.25
CA ASP C 145 -80.19 17.62 27.18
C ASP C 145 -79.59 17.73 28.58
N PRO C 146 -80.33 18.29 29.54
CA PRO C 146 -79.89 18.21 30.93
C PRO C 146 -80.03 16.79 31.45
N LEU C 147 -78.99 16.31 32.13
CA LEU C 147 -78.92 14.95 32.66
C LEU C 147 -79.70 14.78 33.94
N SER C 148 -80.57 15.75 34.28
CA SER C 148 -81.35 15.74 35.52
C SER C 148 -82.38 14.62 35.39
N THR C 149 -81.89 13.42 35.66
CA THR C 149 -82.61 12.20 35.41
C THR C 149 -83.74 12.06 36.42
N PRO C 150 -85.00 12.01 35.98
CA PRO C 150 -86.07 11.73 36.94
C PRO C 150 -86.02 10.30 37.45
N PHE C 151 -85.45 9.40 36.66
CA PHE C 151 -85.29 8.02 37.07
C PHE C 151 -84.18 7.91 38.13
N ASP C 152 -84.15 6.77 38.80
CA ASP C 152 -83.11 6.46 39.76
C ASP C 152 -82.44 5.17 39.30
N ASN C 153 -81.21 5.29 38.78
CA ASN C 153 -80.50 4.15 38.23
C ASN C 153 -79.54 3.53 39.24
N GLU C 154 -79.91 3.54 40.51
CA GLU C 154 -79.24 2.76 41.53
C GLU C 154 -80.14 1.70 42.15
N PHE C 155 -81.43 1.73 41.84
CA PHE C 155 -82.38 0.78 42.40
C PHE C 155 -82.31 -0.50 41.57
N TYR C 156 -81.87 -1.59 42.19
CA TYR C 156 -81.73 -2.85 41.49
C TYR C 156 -82.85 -3.84 41.80
N ASN C 157 -83.58 -3.62 42.90
CA ASN C 157 -84.73 -4.43 43.32
C ASN C 157 -84.35 -5.90 43.52
N GLY C 158 -83.12 -6.15 43.98
CA GLY C 158 -82.70 -7.50 44.33
C GLY C 158 -82.59 -8.47 43.18
N LEU C 159 -82.29 -8.00 41.98
CA LEU C 159 -82.13 -8.86 40.83
C LEU C 159 -80.72 -8.72 40.26
N CYS C 160 -80.30 -9.72 39.50
CA CYS C 160 -78.96 -9.76 38.93
C CYS C 160 -79.07 -10.17 37.48
N ASN C 161 -79.24 -9.19 36.59
CA ASN C 161 -79.33 -9.40 35.16
C ASN C 161 -78.07 -8.85 34.51
N ARG C 162 -77.34 -9.70 33.81
CA ARG C 162 -76.07 -9.30 33.24
C ARG C 162 -76.23 -8.93 31.77
N ASP C 163 -75.47 -7.94 31.33
CA ASP C 163 -75.44 -7.49 29.94
C ASP C 163 -73.99 -7.34 29.51
N ARG C 164 -73.59 -8.06 28.48
CA ARG C 164 -72.18 -8.18 28.17
C ARG C 164 -71.64 -6.94 27.50
N ASP C 165 -70.32 -6.86 27.46
CA ASP C 165 -69.59 -5.84 26.74
C ASP C 165 -68.74 -6.50 25.67
N GLY C 166 -68.60 -5.82 24.54
CA GLY C 166 -67.81 -6.36 23.45
C GLY C 166 -66.32 -6.28 23.70
N ASN C 167 -65.82 -5.07 23.93
CA ASN C 167 -64.38 -4.88 23.96
C ASN C 167 -63.77 -5.33 25.28
N THR C 168 -64.30 -4.85 26.40
CA THR C 168 -63.64 -5.08 27.68
C THR C 168 -63.90 -6.46 28.25
N LEU C 169 -64.91 -7.18 27.74
CA LEU C 169 -65.31 -8.53 28.19
C LEU C 169 -65.63 -8.55 29.68
N THR C 170 -66.59 -7.73 30.07
CA THR C 170 -67.05 -7.62 31.44
C THR C 170 -68.52 -8.04 31.51
N TYR C 171 -69.13 -7.85 32.68
CA TYR C 171 -70.54 -8.17 32.87
C TYR C 171 -71.17 -7.04 33.68
N TYR C 172 -71.68 -6.04 32.98
CA TYR C 172 -72.31 -4.91 33.62
C TYR C 172 -73.70 -5.30 34.10
N ARG C 173 -74.30 -4.46 34.92
CA ARG C 173 -75.62 -4.76 35.45
C ARG C 173 -76.70 -3.99 34.70
N ARG C 174 -77.93 -4.42 34.93
CA ARG C 174 -79.10 -3.77 34.36
C ARG C 174 -79.93 -3.21 35.51
N PRO C 175 -79.95 -1.90 35.70
CA PRO C 175 -80.82 -1.31 36.72
C PRO C 175 -82.29 -1.51 36.39
N TRP C 176 -83.13 -1.35 37.41
CA TRP C 176 -84.54 -1.66 37.28
C TRP C 176 -85.26 -0.72 36.32
N ASN C 177 -84.77 0.51 36.18
CA ASN C 177 -85.47 1.43 35.28
C ASN C 177 -85.11 1.21 33.82
N VAL C 178 -84.04 0.50 33.51
CA VAL C 178 -83.66 0.19 32.13
C VAL C 178 -84.23 -1.17 31.77
N ALA C 179 -85.07 -1.22 30.73
CA ALA C 179 -85.70 -2.45 30.32
C ALA C 179 -84.85 -3.26 29.35
N SER C 180 -84.01 -2.60 28.56
CA SER C 180 -83.15 -3.31 27.64
C SER C 180 -81.92 -2.48 27.36
N LEU C 181 -80.80 -3.16 27.13
CA LEU C 181 -79.52 -2.47 26.98
C LEU C 181 -78.60 -3.38 26.18
N ILE C 182 -78.44 -3.08 24.90
CA ILE C 182 -77.55 -3.82 24.05
C ILE C 182 -76.29 -3.00 23.86
N TYR C 183 -75.20 -3.67 23.53
CA TYR C 183 -73.96 -3.01 23.11
C TYR C 183 -73.61 -3.54 21.72
N GLU C 184 -74.11 -2.89 20.68
CA GLU C 184 -73.67 -3.22 19.33
C GLU C 184 -72.36 -2.49 19.03
N THR C 185 -71.95 -2.49 17.78
CA THR C 185 -70.90 -1.60 17.31
C THR C 185 -71.30 -1.21 15.89
N LYS C 186 -72.02 -0.12 15.77
CA LYS C 186 -72.65 0.19 14.50
C LYS C 186 -72.00 1.45 13.94
N GLY C 187 -71.03 1.28 13.06
CA GLY C 187 -70.38 2.41 12.44
C GLY C 187 -71.05 2.74 11.13
N GLU C 188 -71.13 4.03 10.81
CA GLU C 188 -71.93 4.40 9.65
C GLU C 188 -71.45 5.74 9.11
N LYS C 189 -70.81 5.74 7.96
CA LYS C 189 -70.31 6.97 7.37
C LYS C 189 -71.12 7.32 6.14
N ASN C 190 -71.77 8.47 6.16
CA ASN C 190 -72.26 9.08 4.93
C ASN C 190 -71.17 9.98 4.37
N PHE C 191 -71.18 10.16 3.06
CA PHE C 191 -70.25 11.04 2.38
C PHE C 191 -71.00 11.55 1.17
N ARG C 192 -70.92 12.86 0.91
CA ARG C 192 -71.46 13.40 -0.33
C ARG C 192 -70.50 14.43 -0.88
N THR C 193 -70.49 14.57 -2.19
CA THR C 193 -69.90 15.75 -2.82
C THR C 193 -70.66 16.10 -4.07
N GLU C 194 -71.29 17.26 -4.06
CA GLU C 194 -72.00 17.75 -5.22
C GLU C 194 -71.16 18.82 -5.90
N HIS C 195 -71.50 19.08 -7.15
CA HIS C 195 -70.71 20.01 -7.93
C HIS C 195 -71.59 20.54 -9.04
N TYR C 196 -71.65 21.84 -9.19
CA TYR C 196 -72.38 22.46 -10.29
C TYR C 196 -71.46 23.47 -10.95
N GLU C 197 -71.60 23.61 -12.27
CA GLU C 197 -70.79 24.57 -12.99
C GLU C 197 -71.58 25.03 -14.20
N GLU C 198 -71.42 26.30 -14.56
CA GLU C 198 -72.11 26.82 -15.74
C GLU C 198 -71.27 27.93 -16.34
N GLN C 199 -70.63 27.68 -17.48
CA GLN C 199 -70.01 28.76 -18.22
C GLN C 199 -70.99 29.27 -19.27
N ILE C 200 -70.86 30.53 -19.62
CA ILE C 200 -71.57 31.09 -20.77
C ILE C 200 -70.72 32.19 -21.37
N GLU C 201 -70.61 32.19 -22.69
CA GLU C 201 -69.86 33.20 -23.43
C GLU C 201 -70.76 33.72 -24.54
N ALA C 202 -71.31 34.91 -24.37
CA ALA C 202 -72.09 35.57 -25.40
C ALA C 202 -71.19 36.57 -26.13
N PHE C 203 -71.58 36.92 -27.35
CA PHE C 203 -70.70 37.64 -28.25
C PHE C 203 -71.54 38.26 -29.35
N LYS C 204 -71.29 39.54 -29.67
CA LYS C 204 -72.05 40.22 -30.71
C LYS C 204 -71.20 41.31 -31.34
N SER C 205 -70.84 41.14 -32.61
CA SER C 205 -70.02 42.10 -33.35
C SER C 205 -70.81 42.67 -34.51
N ILE C 206 -70.57 43.96 -34.81
CA ILE C 206 -71.21 44.64 -35.93
C ILE C 206 -70.15 45.49 -36.63
N ILE C 207 -70.07 45.39 -37.95
CA ILE C 207 -69.24 46.28 -38.76
C ILE C 207 -70.14 46.93 -39.81
N GLN C 208 -70.09 48.26 -39.93
CA GLN C 208 -70.87 48.96 -40.93
C GLN C 208 -69.94 49.89 -41.69
N GLU C 209 -70.27 50.12 -42.96
CA GLU C 209 -69.45 50.99 -43.79
C GLU C 209 -70.29 51.53 -44.93
N LYS C 210 -70.20 52.84 -45.17
CA LYS C 210 -70.70 53.42 -46.41
C LYS C 210 -69.61 54.30 -47.00
N THR C 211 -69.40 54.17 -48.31
CA THR C 211 -68.40 54.97 -49.03
C THR C 211 -69.12 55.56 -50.23
N SER C 212 -69.46 56.85 -50.16
CA SER C 212 -70.15 57.53 -51.24
C SER C 212 -69.20 58.51 -51.92
N ASN C 213 -69.25 58.57 -53.26
CA ASN C 213 -68.35 59.40 -54.04
C ASN C 213 -69.12 59.98 -55.22
N PHE C 214 -69.25 61.30 -55.27
CA PHE C 214 -69.97 62.00 -56.32
C PHE C 214 -69.00 62.92 -57.05
N ASN C 215 -69.00 62.86 -58.38
CA ASN C 215 -68.04 63.62 -59.18
C ASN C 215 -68.77 64.29 -60.32
N ALA C 216 -68.67 65.61 -60.43
CA ALA C 216 -69.18 66.30 -61.59
C ALA C 216 -68.02 66.61 -62.54
N ALA C 217 -68.33 67.27 -63.63
CA ALA C 217 -67.32 67.70 -64.60
C ALA C 217 -67.80 68.90 -65.42
N PHE C 249 -63.41 73.20 -63.79
CA PHE C 249 -64.85 72.96 -63.89
C PHE C 249 -65.25 71.59 -63.37
N ARG C 250 -65.28 71.42 -62.04
CA ARG C 250 -65.81 70.20 -61.45
C ARG C 250 -66.30 70.49 -60.04
N PHE C 251 -66.73 69.44 -59.37
CA PHE C 251 -67.17 69.48 -57.97
C PHE C 251 -67.22 68.04 -57.47
N SER C 252 -66.52 67.76 -56.39
CA SER C 252 -66.52 66.42 -55.81
C SER C 252 -67.19 66.46 -54.44
N TYR C 253 -67.64 65.28 -54.01
CA TYR C 253 -68.22 65.14 -52.67
C TYR C 253 -68.05 63.69 -52.25
N SER C 254 -67.18 63.45 -51.29
CA SER C 254 -66.89 62.11 -50.82
C SER C 254 -67.30 61.96 -49.37
N LYS C 255 -67.48 60.71 -48.95
CA LYS C 255 -67.76 60.39 -47.56
C LYS C 255 -67.40 58.93 -47.34
N ASN C 256 -66.69 58.65 -46.26
CA ASN C 256 -66.29 57.29 -45.91
C ASN C 256 -66.61 57.07 -44.44
N GLU C 257 -67.85 56.71 -44.15
CA GLU C 257 -68.25 56.45 -42.77
C GLU C 257 -68.01 54.98 -42.45
N THR C 258 -67.36 54.72 -41.32
CA THR C 258 -66.96 53.37 -40.93
C THR C 258 -67.33 53.17 -39.46
N TYR C 259 -68.47 52.56 -39.20
CA TYR C 259 -68.91 52.28 -37.84
C TYR C 259 -68.50 50.88 -37.44
N GLN C 260 -68.26 50.69 -36.16
CA GLN C 260 -67.99 49.35 -35.65
C GLN C 260 -68.59 49.28 -34.25
N LEU C 261 -68.87 48.06 -33.81
CA LEU C 261 -69.44 47.80 -32.49
C LEU C 261 -69.05 46.39 -32.11
N PHE C 262 -68.87 46.16 -30.82
CA PHE C 262 -68.30 44.90 -30.36
C PHE C 262 -68.74 44.71 -28.93
N LEU C 263 -69.28 43.53 -28.60
CA LEU C 263 -69.67 43.26 -27.23
C LEU C 263 -69.37 41.81 -26.90
N SER C 264 -68.81 41.59 -25.71
CA SER C 264 -68.60 40.26 -25.18
C SER C 264 -69.35 40.14 -23.86
N TYR C 265 -69.50 38.89 -23.39
CA TYR C 265 -70.02 38.63 -22.05
C TYR C 265 -69.57 37.22 -21.69
N SER C 266 -68.48 37.12 -20.93
CA SER C 266 -67.86 35.82 -20.67
C SER C 266 -67.93 35.52 -19.19
N SER C 267 -69.06 34.98 -18.74
CA SER C 267 -69.30 34.79 -17.31
C SER C 267 -69.39 33.31 -16.99
N LYS C 268 -68.65 32.87 -15.99
CA LYS C 268 -68.79 31.52 -15.48
C LYS C 268 -69.34 31.56 -14.06
N LYS C 269 -69.88 30.43 -13.63
CA LYS C 269 -70.32 30.26 -12.26
C LYS C 269 -69.97 28.85 -11.83
N GLU C 270 -69.85 28.66 -10.52
CA GLU C 270 -69.47 27.38 -9.96
C GLU C 270 -70.06 27.31 -8.57
N LYS C 271 -70.44 26.11 -8.13
CA LYS C 271 -71.01 25.96 -6.81
C LYS C 271 -70.76 24.54 -6.35
N MET C 272 -69.82 24.36 -5.43
CA MET C 272 -69.46 23.04 -4.95
C MET C 272 -70.26 22.76 -3.68
N PHE C 273 -70.15 21.54 -3.16
CA PHE C 273 -70.70 21.16 -1.88
C PHE C 273 -70.02 19.87 -1.46
N LEU C 274 -69.80 19.71 -0.17
CA LEU C 274 -69.23 18.48 0.35
C LEU C 274 -69.88 18.24 1.69
N HIS C 275 -69.96 16.98 2.12
CA HIS C 275 -70.63 16.67 3.39
C HIS C 275 -70.17 15.31 3.89
N VAL C 276 -69.27 15.29 4.82
CA VAL C 276 -68.91 14.04 5.48
C VAL C 276 -69.79 13.94 6.71
N LYS C 277 -70.20 12.73 7.12
CA LYS C 277 -70.91 12.59 8.39
C LYS C 277 -70.71 11.16 8.89
N GLY C 278 -69.79 10.97 9.82
CA GLY C 278 -69.57 9.63 10.28
C GLY C 278 -70.05 9.31 11.68
N GLU C 279 -71.21 8.68 11.82
CA GLU C 279 -71.70 8.33 13.13
C GLU C 279 -71.04 7.04 13.60
N ILE C 280 -70.94 6.90 14.92
CA ILE C 280 -70.47 5.67 15.56
C ILE C 280 -71.38 5.38 16.72
N HIS C 281 -72.13 4.30 16.67
CA HIS C 281 -73.07 3.97 17.73
C HIS C 281 -72.49 2.86 18.58
N LEU C 282 -72.57 3.03 19.90
CA LEU C 282 -72.28 1.95 20.84
C LEU C 282 -73.58 1.72 21.63
N GLY C 283 -74.44 0.87 21.09
CA GLY C 283 -75.58 0.44 21.85
C GLY C 283 -76.69 1.47 21.99
N ARG C 284 -77.62 1.16 22.88
CA ARG C 284 -78.82 1.94 23.06
C ARG C 284 -79.43 1.57 24.40
N PHE C 285 -80.62 2.08 24.69
CA PHE C 285 -81.35 1.73 25.91
C PHE C 285 -82.82 2.03 25.69
N VAL C 286 -83.67 1.34 26.45
CA VAL C 286 -85.11 1.59 26.46
C VAL C 286 -85.59 1.59 27.90
N MET C 287 -86.18 2.69 28.34
CA MET C 287 -86.64 2.81 29.70
C MET C 287 -88.00 2.13 29.86
N ARG C 288 -88.50 2.09 31.09
CA ARG C 288 -89.76 1.43 31.36
C ARG C 288 -90.88 2.46 31.49
N ASN C 289 -92.09 1.96 31.77
CA ASN C 289 -93.27 2.81 31.83
C ASN C 289 -94.17 2.55 33.02
N ARG C 290 -94.12 1.38 33.65
CA ARG C 290 -94.92 1.08 34.83
C ARG C 290 -94.03 0.51 35.91
N ASP C 291 -94.42 0.74 37.17
CA ASP C 291 -93.66 0.38 38.38
C ASP C 291 -92.25 0.97 38.34
N VAL C 292 -92.18 2.25 37.99
CA VAL C 292 -90.92 2.95 37.80
C VAL C 292 -90.59 3.68 39.09
N VAL C 293 -89.35 3.57 39.55
CA VAL C 293 -88.90 4.33 40.71
C VAL C 293 -88.31 5.65 40.23
N LEU C 294 -88.55 6.70 41.02
CA LEU C 294 -88.05 8.03 40.71
C LEU C 294 -87.06 8.44 41.80
N THR C 295 -86.21 9.41 41.49
CA THR C 295 -85.19 9.83 42.44
C THR C 295 -85.82 10.66 43.56
N THR C 296 -85.02 10.94 44.58
CA THR C 296 -85.54 11.59 45.78
C THR C 296 -85.86 13.05 45.52
N THR C 297 -85.03 13.73 44.75
CA THR C 297 -85.17 15.16 44.48
C THR C 297 -86.21 15.48 43.40
N PHE C 298 -87.10 14.57 43.09
CA PHE C 298 -88.07 14.79 42.03
C PHE C 298 -89.50 14.55 42.50
N VAL C 299 -89.71 13.57 43.38
CA VAL C 299 -91.03 13.34 43.96
C VAL C 299 -91.42 14.52 44.84
N ASP C 300 -90.43 15.13 45.52
CA ASP C 300 -90.70 16.32 46.31
C ASP C 300 -91.11 17.50 45.44
N ASP C 301 -90.44 17.67 44.30
CA ASP C 301 -90.77 18.79 43.42
C ASP C 301 -92.08 18.57 42.68
N ILE C 302 -92.51 17.32 42.50
CA ILE C 302 -93.89 17.12 42.05
C ILE C 302 -94.87 17.41 43.19
N LYS C 303 -94.49 17.04 44.42
CA LYS C 303 -95.36 17.28 45.57
C LYS C 303 -95.50 18.76 45.91
N ALA C 304 -94.58 19.60 45.44
CA ALA C 304 -94.64 21.04 45.70
C ALA C 304 -95.27 21.81 44.54
N LEU C 305 -96.12 21.16 43.75
CA LEU C 305 -96.79 21.86 42.66
C LEU C 305 -98.12 22.43 43.14
N PRO C 306 -98.54 23.60 42.65
CA PRO C 306 -99.62 24.35 43.31
C PRO C 306 -101.02 23.80 43.13
N THR C 307 -101.21 22.76 42.28
CA THR C 307 -102.39 21.89 42.21
C THR C 307 -103.61 22.59 41.59
N THR C 308 -103.56 23.91 41.40
CA THR C 308 -104.72 24.67 40.94
C THR C 308 -104.50 25.31 39.57
N TYR C 309 -103.52 24.80 38.80
CA TYR C 309 -102.97 25.46 37.62
C TYR C 309 -102.60 26.91 37.92
N GLU C 310 -101.58 27.06 38.74
CA GLU C 310 -100.95 28.34 38.95
C GLU C 310 -99.71 28.39 38.06
N LYS C 311 -99.72 29.32 37.11
CA LYS C 311 -98.81 29.29 35.97
C LYS C 311 -97.36 29.54 36.34
N GLY C 312 -97.09 30.13 37.52
CA GLY C 312 -95.74 30.53 37.86
C GLY C 312 -94.81 29.38 38.19
N GLU C 313 -95.33 28.33 38.83
CA GLU C 313 -94.47 27.25 39.29
C GLU C 313 -94.12 26.26 38.18
N TYR C 314 -95.02 26.05 37.23
CA TYR C 314 -94.80 25.03 36.21
C TYR C 314 -93.73 25.45 35.21
N PHE C 315 -93.60 26.75 34.94
CA PHE C 315 -92.51 27.19 34.08
C PHE C 315 -91.15 27.13 34.77
N ALA C 316 -91.12 27.03 36.09
CA ALA C 316 -89.86 26.75 36.76
C ALA C 316 -89.59 25.25 36.81
N PHE C 317 -90.65 24.45 36.97
CA PHE C 317 -90.47 23.00 37.01
C PHE C 317 -90.02 22.44 35.66
N LEU C 318 -90.61 22.94 34.57
CA LEU C 318 -90.30 22.41 33.25
C LEU C 318 -88.92 22.83 32.76
N GLU C 319 -88.30 23.83 33.38
CA GLU C 319 -86.93 24.16 33.06
C GLU C 319 -85.96 23.75 34.15
N THR C 320 -86.47 23.21 35.26
CA THR C 320 -85.58 22.51 36.18
C THR C 320 -85.37 21.07 35.73
N TYR C 321 -86.44 20.37 35.34
CA TYR C 321 -86.34 18.95 35.02
C TYR C 321 -86.66 18.64 33.55
N GLY C 322 -86.59 19.63 32.67
CA GLY C 322 -86.82 19.37 31.27
C GLY C 322 -88.26 19.14 30.90
N THR C 323 -88.54 19.11 29.59
CA THR C 323 -89.90 18.93 29.13
C THR C 323 -90.23 17.46 28.88
N HIS C 324 -89.31 16.72 28.28
CA HIS C 324 -89.51 15.32 27.98
C HIS C 324 -88.35 14.51 28.53
N TYR C 325 -88.55 13.20 28.69
CA TYR C 325 -87.46 12.31 29.05
C TYR C 325 -87.19 11.35 27.90
N SER C 326 -85.92 11.07 27.66
CA SER C 326 -85.55 10.20 26.55
C SER C 326 -85.88 8.76 26.87
N SER C 327 -87.06 8.31 26.45
CA SER C 327 -87.50 6.95 26.71
C SER C 327 -86.77 5.92 25.87
N SER C 328 -86.07 6.32 24.81
CA SER C 328 -85.31 5.38 24.01
C SER C 328 -84.19 6.14 23.31
N GLY C 329 -82.98 6.05 23.84
CA GLY C 329 -81.84 6.74 23.29
C GLY C 329 -80.93 5.84 22.47
N SER C 330 -79.77 6.39 22.12
CA SER C 330 -78.72 5.66 21.42
C SER C 330 -77.43 6.45 21.61
N LEU C 331 -76.49 5.94 22.37
CA LEU C 331 -75.32 6.74 22.72
C LEU C 331 -74.27 6.63 21.63
N GLY C 332 -73.08 7.16 21.88
CA GLY C 332 -72.04 7.25 20.87
C GLY C 332 -72.23 8.46 19.97
N GLY C 333 -71.16 9.16 19.63
CA GLY C 333 -71.32 10.45 18.99
C GLY C 333 -70.67 10.66 17.64
N LEU C 334 -71.17 11.64 16.90
CA LEU C 334 -70.85 11.84 15.50
C LEU C 334 -69.72 12.84 15.31
N TYR C 335 -69.39 13.05 14.04
CA TYR C 335 -68.65 14.22 13.61
C TYR C 335 -69.22 14.63 12.26
N GLU C 336 -68.76 15.78 11.75
CA GLU C 336 -69.39 16.33 10.55
C GLU C 336 -68.50 17.42 9.97
N LEU C 337 -68.30 17.38 8.66
CA LEU C 337 -67.70 18.46 7.90
C LEU C 337 -68.74 18.98 6.92
N ILE C 338 -68.67 20.27 6.59
CA ILE C 338 -69.45 20.87 5.52
C ILE C 338 -68.53 21.86 4.82
N TYR C 339 -68.48 21.82 3.50
CA TYR C 339 -67.56 22.66 2.72
C TYR C 339 -68.38 23.32 1.63
N VAL C 340 -68.88 24.52 1.85
CA VAL C 340 -69.74 25.17 0.87
C VAL C 340 -68.89 26.20 0.15
N LEU C 341 -68.44 25.89 -1.05
CA LEU C 341 -67.79 26.90 -1.86
C LEU C 341 -68.86 27.61 -2.67
N ASP C 342 -68.49 28.74 -3.24
CA ASP C 342 -69.34 29.48 -4.17
C ASP C 342 -68.41 30.39 -4.95
N LYS C 343 -68.68 30.52 -6.25
CA LYS C 343 -67.87 31.38 -7.08
C LYS C 343 -68.81 32.06 -8.07
N ALA C 344 -68.49 33.28 -8.45
CA ALA C 344 -69.23 33.94 -9.52
C ALA C 344 -68.28 34.92 -10.18
N SER C 345 -67.61 34.46 -11.23
CA SER C 345 -66.91 35.43 -12.06
C SER C 345 -67.91 36.12 -12.96
N MET C 346 -67.47 37.22 -13.58
CA MET C 346 -68.24 37.87 -14.64
C MET C 346 -67.31 38.80 -15.38
N LYS C 347 -67.33 38.75 -16.70
CA LYS C 347 -66.73 39.80 -17.50
C LYS C 347 -67.83 40.45 -18.32
N ARG C 348 -67.55 41.66 -18.78
CA ARG C 348 -68.30 42.25 -19.88
C ARG C 348 -67.43 43.31 -20.51
N LYS C 349 -67.60 43.52 -21.80
CA LYS C 349 -66.74 44.42 -22.53
C LYS C 349 -67.59 45.35 -23.40
N GLY C 350 -66.90 46.23 -24.10
CA GLY C 350 -67.51 47.01 -25.16
C GLY C 350 -66.44 47.76 -25.91
N VAL C 351 -66.38 47.61 -27.23
CA VAL C 351 -65.34 48.24 -28.05
C VAL C 351 -66.07 48.94 -29.18
N GLU C 352 -66.05 50.27 -29.17
CA GLU C 352 -66.83 51.07 -30.09
C GLU C 352 -65.88 51.94 -30.90
N LEU C 353 -66.25 52.24 -32.14
CA LEU C 353 -65.32 52.89 -33.04
C LEU C 353 -66.11 53.62 -34.11
N LYS C 354 -65.67 54.82 -34.46
CA LYS C 354 -66.32 55.63 -35.48
C LYS C 354 -65.27 56.37 -36.29
N ASP C 355 -65.63 56.73 -37.52
CA ASP C 355 -64.71 57.33 -38.48
C ASP C 355 -65.53 58.03 -39.55
N ILE C 356 -65.11 59.24 -39.91
CA ILE C 356 -65.66 59.99 -41.04
C ILE C 356 -64.49 60.62 -41.77
N LYS C 357 -64.31 60.26 -43.03
CA LYS C 357 -63.19 60.74 -43.84
C LYS C 357 -63.76 61.50 -45.04
N ARG C 358 -64.07 62.77 -44.86
CA ARG C 358 -64.62 63.58 -45.92
C ARG C 358 -63.52 64.24 -46.74
N CYS C 359 -63.87 64.63 -47.95
CA CYS C 359 -62.94 65.31 -48.83
C CYS C 359 -63.74 66.17 -49.79
N LEU C 360 -63.05 67.13 -50.40
CA LEU C 360 -63.63 67.93 -51.48
C LEU C 360 -62.46 68.57 -52.24
N GLY C 361 -62.66 68.79 -53.53
CA GLY C 361 -61.64 69.47 -54.31
C GLY C 361 -62.05 69.71 -55.74
N TYR C 362 -61.78 70.90 -56.27
CA TYR C 362 -62.09 71.17 -57.65
C TYR C 362 -61.12 72.15 -58.28
N HIS C 363 -60.82 71.89 -59.55
CA HIS C 363 -60.11 72.77 -60.46
C HIS C 363 -61.13 73.60 -61.23
N LEU C 364 -60.94 74.91 -61.26
CA LEU C 364 -61.82 75.78 -62.02
C LEU C 364 -61.02 76.72 -62.92
N PHE C 379 -56.85 78.34 -61.05
CA PHE C 379 -57.63 78.27 -59.82
C PHE C 379 -57.60 76.84 -59.30
N ASN C 380 -57.70 76.66 -57.98
CA ASN C 380 -57.83 75.35 -57.36
C ASN C 380 -58.34 75.54 -55.94
N LYS C 381 -59.18 74.63 -55.47
CA LYS C 381 -59.51 74.61 -54.05
C LYS C 381 -59.68 73.17 -53.63
N ASP C 382 -59.23 72.83 -52.43
CA ASP C 382 -59.52 71.50 -51.88
C ASP C 382 -59.46 71.55 -50.36
N ASP C 383 -60.05 70.52 -49.75
CA ASP C 383 -59.85 70.25 -48.33
C ASP C 383 -60.05 68.76 -48.09
N CYS C 384 -59.46 68.31 -46.99
CA CYS C 384 -59.60 66.92 -46.54
C CYS C 384 -59.87 66.96 -45.04
N VAL C 385 -60.98 66.34 -44.61
CA VAL C 385 -61.40 66.36 -43.22
C VAL C 385 -61.40 64.93 -42.72
N LYS C 386 -60.78 64.69 -41.56
CA LYS C 386 -60.82 63.38 -40.94
C LYS C 386 -61.31 63.52 -39.51
N ARG C 387 -62.09 62.54 -39.06
CA ARG C 387 -62.55 62.48 -37.68
C ARG C 387 -62.60 61.03 -37.29
N GLY C 388 -62.11 60.70 -36.11
CA GLY C 388 -62.14 59.32 -35.66
C GLY C 388 -62.22 59.19 -34.16
N GLU C 389 -63.23 58.47 -33.68
CA GLU C 389 -63.44 58.31 -32.26
C GLU C 389 -63.31 56.84 -31.90
N GLY C 390 -62.82 56.57 -30.70
CA GLY C 390 -62.72 55.22 -30.21
C GLY C 390 -63.12 55.16 -28.76
N ARG C 391 -63.88 54.14 -28.35
CA ARG C 391 -64.27 53.99 -26.96
C ARG C 391 -64.06 52.55 -26.55
N ALA C 392 -63.75 52.34 -25.28
CA ALA C 392 -63.55 50.98 -24.79
C ALA C 392 -63.92 50.92 -23.32
N VAL C 393 -64.59 49.84 -22.94
CA VAL C 393 -64.96 49.58 -21.55
C VAL C 393 -64.68 48.11 -21.28
N ASN C 394 -63.90 47.83 -20.24
CA ASN C 394 -63.81 46.48 -19.69
C ASN C 394 -64.30 46.51 -18.26
N ILE C 395 -65.19 45.59 -17.88
CA ILE C 395 -65.67 45.49 -16.52
C ILE C 395 -65.53 44.04 -16.10
N THR C 396 -64.68 43.77 -15.11
CA THR C 396 -64.38 42.41 -14.70
C THR C 396 -64.71 42.28 -13.22
N SER C 397 -65.84 41.67 -12.90
CA SER C 397 -66.22 41.47 -11.51
C SER C 397 -65.98 40.03 -11.08
N GLU C 398 -65.83 39.85 -9.78
CA GLU C 398 -65.64 38.51 -9.23
C GLU C 398 -66.11 38.47 -7.80
N ASN C 399 -66.90 37.45 -7.48
CA ASN C 399 -67.25 37.10 -6.11
C ASN C 399 -66.72 35.71 -5.83
N LEU C 400 -66.31 35.48 -4.59
CA LEU C 400 -65.93 34.15 -4.14
C LEU C 400 -66.32 34.05 -2.68
N ILE C 401 -66.87 32.90 -2.30
CA ILE C 401 -67.26 32.63 -0.92
C ILE C 401 -66.77 31.23 -0.60
N ASP C 402 -66.18 31.06 0.58
CA ASP C 402 -65.89 29.73 1.09
C ASP C 402 -66.40 29.68 2.52
N ASP C 403 -67.24 28.70 2.80
CA ASP C 403 -67.62 28.33 4.16
C ASP C 403 -67.07 26.96 4.44
N VAL C 404 -66.58 26.76 5.66
CA VAL C 404 -66.25 25.45 6.19
C VAL C 404 -66.88 25.40 7.57
N VAL C 405 -67.58 24.32 7.88
CA VAL C 405 -68.06 24.05 9.22
C VAL C 405 -67.52 22.70 9.61
N SER C 406 -67.01 22.56 10.82
CA SER C 406 -66.71 21.26 11.36
C SER C 406 -67.30 21.14 12.75
N LEU C 407 -67.76 19.95 13.08
CA LEU C 407 -68.36 19.68 14.37
C LEU C 407 -67.95 18.29 14.79
N ILE C 408 -67.75 18.09 16.08
CA ILE C 408 -67.34 16.77 16.57
C ILE C 408 -67.80 16.60 18.01
N ARG C 409 -68.45 15.48 18.29
CA ARG C 409 -69.01 15.22 19.61
C ARG C 409 -68.43 13.91 20.13
N GLY C 410 -68.38 13.77 21.44
CA GLY C 410 -67.92 12.52 22.02
C GLY C 410 -66.44 12.27 21.98
N GLY C 411 -65.91 11.57 22.97
CA GLY C 411 -64.53 11.15 22.98
C GLY C 411 -63.70 11.91 24.01
N THR C 412 -62.48 11.42 24.19
CA THR C 412 -61.58 12.05 25.12
C THR C 412 -61.04 13.32 24.49
N ARG C 413 -60.51 14.20 25.33
CA ARG C 413 -60.06 15.52 24.93
C ARG C 413 -58.85 15.48 24.00
N LYS C 414 -58.07 14.41 24.04
CA LYS C 414 -56.77 14.41 23.38
C LYS C 414 -56.83 13.93 21.93
N TYR C 415 -57.74 13.02 21.60
CA TYR C 415 -57.76 12.46 20.26
C TYR C 415 -58.77 13.13 19.33
N ALA C 416 -59.89 13.59 19.87
CA ALA C 416 -60.94 14.19 19.05
C ALA C 416 -60.47 15.48 18.40
N PHE C 417 -59.65 16.25 19.10
CA PHE C 417 -59.20 17.52 18.56
C PHE C 417 -57.91 17.38 17.78
N GLU C 418 -57.32 16.19 17.79
CA GLU C 418 -56.43 15.81 16.71
C GLU C 418 -57.22 15.50 15.44
N LEU C 419 -58.33 14.78 15.59
CA LEU C 419 -59.14 14.35 14.45
C LEU C 419 -59.77 15.51 13.71
N LYS C 420 -60.25 16.53 14.45
CA LYS C 420 -60.92 17.66 13.82
C LYS C 420 -59.97 18.46 12.94
N GLU C 421 -58.77 18.72 13.42
CA GLU C 421 -57.79 19.40 12.59
C GLU C 421 -57.23 18.52 11.49
N LYS C 422 -57.21 17.20 11.67
CA LYS C 422 -56.83 16.36 10.53
C LYS C 422 -57.92 16.33 9.47
N LEU C 423 -59.17 16.56 9.86
CA LEU C 423 -60.23 16.76 8.86
C LEU C 423 -60.03 18.06 8.11
N LEU C 424 -59.87 19.17 8.84
CA LEU C 424 -59.92 20.47 8.20
C LEU C 424 -58.65 20.85 7.47
N ARG C 425 -57.59 20.07 7.61
CA ARG C 425 -56.39 20.30 6.82
C ARG C 425 -56.63 20.02 5.35
N GLY C 426 -57.55 19.11 5.03
CA GLY C 426 -57.82 18.73 3.67
C GLY C 426 -56.99 17.57 3.17
N THR C 427 -55.88 17.26 3.82
CA THR C 427 -55.08 16.11 3.44
C THR C 427 -55.78 14.83 3.89
N VAL C 428 -55.28 13.70 3.36
CA VAL C 428 -55.86 12.41 3.71
C VAL C 428 -55.44 12.05 5.13
N ILE C 429 -56.35 11.43 5.88
CA ILE C 429 -56.12 11.02 7.25
C ILE C 429 -55.74 9.54 7.22
N ASP C 430 -54.52 9.24 7.65
CA ASP C 430 -54.13 7.85 7.83
C ASP C 430 -54.97 7.21 8.92
N VAL C 431 -55.21 5.91 8.80
CA VAL C 431 -56.22 5.25 9.65
C VAL C 431 -55.49 4.89 10.93
N THR C 432 -55.27 5.90 11.76
CA THR C 432 -54.83 5.75 13.13
C THR C 432 -55.47 6.75 14.07
N ASP C 433 -56.10 7.80 13.54
CA ASP C 433 -56.76 8.81 14.36
C ASP C 433 -58.25 8.56 14.49
N PHE C 434 -58.89 8.07 13.42
CA PHE C 434 -60.29 7.68 13.53
C PHE C 434 -60.43 6.44 14.40
N VAL C 435 -59.45 5.53 14.34
CA VAL C 435 -59.43 4.36 15.21
C VAL C 435 -59.22 4.76 16.66
N ASN C 436 -58.32 5.71 16.91
CA ASN C 436 -58.06 6.13 18.28
C ASN C 436 -59.23 6.92 18.84
N TRP C 437 -59.90 7.73 18.02
CA TRP C 437 -61.10 8.40 18.49
C TRP C 437 -62.22 7.40 18.74
N ALA C 438 -62.31 6.35 17.93
CA ALA C 438 -63.36 5.37 18.12
C ALA C 438 -63.07 4.46 19.31
N SER C 439 -61.81 4.31 19.69
CA SER C 439 -61.53 3.64 20.95
C SER C 439 -61.74 4.59 22.12
N SER C 440 -61.57 5.89 21.87
CA SER C 440 -61.82 6.89 22.89
C SER C 440 -63.30 7.02 23.23
N ILE C 441 -64.18 6.77 22.26
CA ILE C 441 -65.61 7.03 22.44
C ILE C 441 -66.26 6.10 23.45
N ASN C 442 -65.57 5.02 23.86
CA ASN C 442 -66.07 4.20 24.95
C ASN C 442 -66.04 4.94 26.27
N ASP C 443 -65.09 5.87 26.44
CA ASP C 443 -64.98 6.60 27.70
C ASP C 443 -66.05 7.67 27.84
N ALA C 444 -66.22 8.51 26.82
CA ALA C 444 -67.08 9.69 26.88
C ALA C 444 -68.15 9.64 25.80
N PRO C 445 -69.25 8.95 26.04
CA PRO C 445 -70.33 8.90 25.05
C PRO C 445 -71.17 10.16 25.08
N VAL C 446 -71.82 10.42 23.95
CA VAL C 446 -72.69 11.58 23.77
C VAL C 446 -73.96 11.10 23.09
N LEU C 447 -75.10 11.43 23.69
CA LEU C 447 -76.40 10.98 23.16
C LEU C 447 -76.63 11.57 21.78
N ILE C 448 -77.16 10.75 20.87
CA ILE C 448 -77.17 11.12 19.46
C ILE C 448 -78.53 10.98 18.81
N SER C 449 -79.47 10.19 19.34
CA SER C 449 -80.76 10.01 18.72
C SER C 449 -81.71 9.46 19.77
N GLN C 450 -82.89 10.06 19.88
CA GLN C 450 -83.78 9.78 20.97
C GLN C 450 -85.22 9.78 20.49
N LYS C 451 -86.06 9.06 21.21
CA LYS C 451 -87.50 9.02 20.94
C LYS C 451 -88.19 9.51 22.20
N LEU C 452 -88.71 10.73 22.14
CA LEU C 452 -89.16 11.45 23.31
C LEU C 452 -90.46 10.85 23.87
N SER C 453 -90.88 11.38 25.02
CA SER C 453 -92.09 10.98 25.72
C SER C 453 -92.37 12.05 26.76
N PRO C 454 -93.61 12.48 26.92
CA PRO C 454 -93.88 13.64 27.77
C PRO C 454 -93.76 13.30 29.25
N ILE C 455 -93.39 14.31 30.03
CA ILE C 455 -93.05 14.10 31.43
C ILE C 455 -94.28 13.88 32.30
N TYR C 456 -95.47 14.19 31.80
CA TYR C 456 -96.68 13.81 32.51
C TYR C 456 -97.12 12.38 32.21
N ASN C 457 -96.28 11.61 31.54
CA ASN C 457 -96.42 10.16 31.48
C ASN C 457 -95.51 9.48 32.49
N LEU C 458 -95.07 10.23 33.49
CA LEU C 458 -94.09 9.78 34.47
C LEU C 458 -94.47 10.09 35.91
N VAL C 459 -95.32 11.08 36.14
CA VAL C 459 -95.83 11.44 37.48
C VAL C 459 -96.60 10.26 38.06
N PRO C 460 -96.21 9.76 39.23
CA PRO C 460 -96.88 8.57 39.79
C PRO C 460 -98.29 8.88 40.23
N VAL C 461 -99.08 7.81 40.33
CA VAL C 461 -100.50 7.92 40.63
C VAL C 461 -100.78 7.61 42.09
N LYS C 462 -99.84 7.00 42.80
CA LYS C 462 -99.99 6.72 44.23
C LYS C 462 -100.09 8.01 45.05
N MET C 463 -99.42 9.07 44.62
CA MET C 463 -99.42 10.32 45.38
C MET C 463 -100.76 11.05 45.21
N LYS C 464 -100.99 12.00 46.12
CA LYS C 464 -102.27 12.70 46.18
C LYS C 464 -102.35 13.78 45.11
N ASN C 465 -103.57 13.98 44.60
CA ASN C 465 -103.88 14.92 43.51
C ASN C 465 -103.04 14.65 42.27
N ALA C 466 -102.87 13.37 41.93
CA ALA C 466 -102.00 13.01 40.83
C ALA C 466 -102.61 13.39 39.48
N HIS C 467 -103.91 13.15 39.31
CA HIS C 467 -104.53 13.45 38.03
C HIS C 467 -104.65 14.95 37.80
N LEU C 468 -104.82 15.74 38.88
CA LEU C 468 -104.89 17.19 38.71
C LEU C 468 -103.53 17.75 38.31
N LYS C 469 -102.45 17.22 38.89
CA LYS C 469 -101.12 17.67 38.50
C LYS C 469 -100.76 17.20 37.09
N LYS C 470 -101.26 16.04 36.68
CA LYS C 470 -101.05 15.62 35.30
C LYS C 470 -101.87 16.46 34.33
N GLN C 471 -103.07 16.88 34.75
CA GLN C 471 -103.88 17.80 33.96
C GLN C 471 -103.22 19.18 33.86
N ASN C 472 -102.48 19.58 34.88
CA ASN C 472 -101.74 20.83 34.81
C ASN C 472 -100.55 20.71 33.87
N LEU C 473 -99.80 19.62 34.00
CA LEU C 473 -98.59 19.44 33.20
C LEU C 473 -98.89 19.11 31.74
N GLU C 474 -100.09 18.63 31.42
CA GLU C 474 -100.40 18.40 30.01
C GLU C 474 -100.76 19.68 29.28
N ARG C 475 -101.14 20.73 30.00
CA ARG C 475 -101.36 22.04 29.41
C ARG C 475 -100.17 22.96 29.53
N ALA C 476 -99.33 22.73 30.55
CA ALA C 476 -98.14 23.56 30.72
C ALA C 476 -97.15 23.36 29.58
N ILE C 477 -97.10 22.16 29.01
CA ILE C 477 -96.19 21.94 27.87
C ILE C 477 -96.71 22.65 26.63
N GLU C 478 -98.05 22.67 26.44
CA GLU C 478 -98.61 23.44 25.33
C GLU C 478 -98.39 24.93 25.50
N ASP C 479 -98.56 25.44 26.72
CA ASP C 479 -98.29 26.86 26.96
C ASP C 479 -96.81 27.19 26.83
N TYR C 480 -95.93 26.27 27.22
CA TYR C 480 -94.50 26.53 27.10
C TYR C 480 -94.06 26.51 25.64
N ILE C 481 -94.62 25.59 24.84
CA ILE C 481 -94.22 25.53 23.45
C ILE C 481 -94.91 26.63 22.64
N ASN C 482 -95.99 27.21 23.16
CA ASN C 482 -96.63 28.29 22.45
C ASN C 482 -95.97 29.64 22.77
N GLU C 483 -95.74 29.91 24.06
CA GLU C 483 -95.34 31.25 24.47
C GLU C 483 -93.86 31.54 24.21
N PHE C 484 -93.02 30.52 24.08
CA PHE C 484 -91.64 30.72 23.66
C PHE C 484 -91.41 30.25 22.23
N SER C 485 -92.46 30.18 21.42
CA SER C 485 -92.32 29.80 20.03
C SER C 485 -91.68 30.93 19.24
N VAL C 486 -91.14 30.57 18.07
CA VAL C 486 -90.51 31.56 17.19
C VAL C 486 -91.56 32.35 16.40
N ARG C 487 -92.81 31.91 16.41
CA ARG C 487 -93.86 32.50 15.60
C ARG C 487 -94.50 33.73 16.23
N LYS C 488 -93.83 34.38 17.18
CA LYS C 488 -94.26 35.69 17.65
C LYS C 488 -93.44 36.82 17.08
N CYS C 489 -92.15 36.60 16.83
CA CYS C 489 -91.32 37.61 16.20
C CYS C 489 -91.65 37.70 14.71
N HIS C 490 -91.76 38.92 14.21
CA HIS C 490 -92.04 39.14 12.80
C HIS C 490 -90.81 38.77 11.98
N THR C 491 -91.03 38.03 10.90
CA THR C 491 -89.96 37.37 10.19
C THR C 491 -89.10 38.37 9.42
N CYS C 492 -87.82 38.02 9.26
CA CYS C 492 -86.88 38.83 8.52
C CYS C 492 -87.02 38.57 7.02
N GLN C 493 -86.81 39.62 6.24
CA GLN C 493 -86.93 39.52 4.79
C GLN C 493 -85.65 38.97 4.19
N ASN C 494 -85.62 38.94 2.85
CA ASN C 494 -84.48 38.53 2.02
C ASN C 494 -84.02 37.10 2.30
N GLY C 495 -84.91 36.24 2.77
CA GLY C 495 -84.55 34.89 3.12
C GLY C 495 -83.88 34.73 4.46
N GLY C 496 -84.02 35.71 5.35
CA GLY C 496 -83.42 35.62 6.66
C GLY C 496 -84.22 34.72 7.60
N THR C 497 -83.59 33.67 8.09
CA THR C 497 -84.24 32.74 9.01
C THR C 497 -84.14 33.25 10.43
N VAL C 498 -85.28 33.46 11.07
CA VAL C 498 -85.34 34.01 12.42
C VAL C 498 -85.06 32.88 13.41
N ILE C 499 -84.28 33.18 14.46
CA ILE C 499 -83.91 32.23 15.48
C ILE C 499 -84.17 32.86 16.84
N LEU C 500 -85.08 32.27 17.61
CA LEU C 500 -85.29 32.72 18.97
C LEU C 500 -84.10 32.29 19.83
N MET C 501 -83.53 33.24 20.56
CA MET C 501 -82.36 32.99 21.39
C MET C 501 -82.32 34.06 22.46
N ASP C 502 -82.36 33.64 23.73
CA ASP C 502 -82.34 34.52 24.90
C ASP C 502 -83.52 35.50 24.91
N GLY C 503 -84.63 35.10 24.30
CA GLY C 503 -85.74 36.03 24.12
C GLY C 503 -85.41 37.18 23.20
N LYS C 504 -84.51 36.98 22.25
CA LYS C 504 -84.04 38.04 21.35
C LYS C 504 -83.88 37.43 19.98
N CYS C 505 -84.88 37.64 19.12
CA CYS C 505 -84.95 36.97 17.83
C CYS C 505 -83.90 37.53 16.89
N LEU C 506 -82.79 36.80 16.75
CA LEU C 506 -81.74 37.13 15.81
C LEU C 506 -81.94 36.38 14.50
N CYS C 507 -81.68 37.06 13.38
CA CYS C 507 -81.85 36.47 12.07
C CYS C 507 -80.50 36.21 11.41
N ALA C 508 -80.42 35.09 10.69
CA ALA C 508 -79.24 34.72 9.93
C ALA C 508 -79.48 34.97 8.45
N CYS C 509 -78.58 35.70 7.81
CA CYS C 509 -78.71 36.12 6.42
C CYS C 509 -77.88 35.23 5.50
N PRO C 510 -78.42 34.80 4.37
CA PRO C 510 -77.68 33.85 3.52
C PRO C 510 -76.60 34.46 2.64
N PHE C 511 -75.34 34.30 3.06
CA PHE C 511 -74.13 34.31 2.24
C PHE C 511 -73.72 35.65 1.63
N LYS C 512 -74.57 36.66 1.67
CA LYS C 512 -74.21 37.93 1.06
C LYS C 512 -74.57 39.15 1.89
N PHE C 513 -75.42 39.02 2.89
CA PHE C 513 -76.09 40.16 3.49
C PHE C 513 -75.52 40.35 4.89
N GLU C 514 -74.82 41.47 5.10
CA GLU C 514 -74.22 41.73 6.40
C GLU C 514 -75.15 42.45 7.36
N GLY C 515 -76.27 42.96 6.88
CA GLY C 515 -77.15 43.73 7.72
C GLY C 515 -77.95 42.86 8.67
N ILE C 516 -78.51 43.50 9.70
CA ILE C 516 -79.31 42.78 10.68
C ILE C 516 -80.63 42.34 10.06
N ALA C 517 -81.19 43.17 9.18
CA ALA C 517 -82.43 42.86 8.48
C ALA C 517 -82.17 42.30 7.09
N CYS C 518 -80.95 41.80 6.84
CA CYS C 518 -80.53 41.17 5.58
C CYS C 518 -80.69 42.10 4.37
N GLU C 519 -80.48 43.40 4.57
CA GLU C 519 -80.81 44.38 3.55
C GLU C 519 -79.62 44.69 2.64
N ILE C 520 -78.47 45.03 3.22
CA ILE C 520 -77.33 45.44 2.42
C ILE C 520 -76.75 44.23 1.70
N SER C 521 -76.46 44.40 0.41
CA SER C 521 -75.95 43.32 -0.43
C SER C 521 -74.55 43.67 -0.90
N LYS C 522 -73.94 42.72 -1.60
CA LYS C 522 -72.60 42.92 -2.18
C LYS C 522 -72.56 42.35 -3.60
N SER D 18 -68.12 71.58 18.26
CA SER D 18 -68.28 70.30 18.91
C SER D 18 -67.82 70.38 20.36
N HIS D 19 -68.77 70.56 21.28
CA HIS D 19 -68.43 70.70 22.70
C HIS D 19 -69.67 70.31 23.52
N ILE D 20 -69.66 69.10 24.07
CA ILE D 20 -70.74 68.60 24.89
C ILE D 20 -70.17 68.25 26.27
N ASP D 21 -70.88 68.65 27.32
CA ASP D 21 -70.48 68.35 28.69
C ASP D 21 -71.54 67.51 29.37
N CYS D 22 -71.18 66.95 30.53
CA CYS D 22 -72.11 66.16 31.30
C CYS D 22 -73.15 67.05 31.96
N ARG D 23 -74.27 66.43 32.31
CA ARG D 23 -75.39 67.12 32.93
C ARG D 23 -75.92 66.27 34.07
N MET D 24 -76.62 66.92 35.00
CA MET D 24 -77.26 66.24 36.11
C MET D 24 -78.63 66.84 36.38
N SER D 25 -79.58 65.97 36.66
CA SER D 25 -80.86 66.37 37.19
C SER D 25 -80.68 66.83 38.63
N PRO D 26 -81.57 67.69 39.14
CA PRO D 26 -81.50 68.05 40.56
C PRO D 26 -81.96 66.90 41.44
N TRP D 27 -81.54 66.95 42.70
CA TRP D 27 -81.84 65.89 43.64
C TRP D 27 -83.33 65.91 44.00
N SER D 28 -83.82 64.76 44.47
CA SER D 28 -85.21 64.62 44.84
C SER D 28 -85.41 65.10 46.27
N GLU D 29 -86.57 64.79 46.84
CA GLU D 29 -86.85 65.13 48.22
C GLU D 29 -86.43 63.98 49.14
N TRP D 30 -86.10 64.35 50.38
CA TRP D 30 -85.72 63.36 51.39
C TRP D 30 -86.97 62.57 51.78
N SER D 31 -86.93 61.25 51.59
CA SER D 31 -88.16 60.46 51.64
C SER D 31 -88.63 60.21 53.08
N GLN D 32 -87.88 59.42 53.84
CA GLN D 32 -88.28 58.97 55.17
C GLN D 32 -87.11 58.26 55.82
N CYS D 33 -86.96 58.45 57.13
CA CYS D 33 -86.08 57.57 57.91
C CYS D 33 -86.60 56.15 57.84
N ASP D 34 -85.89 55.29 57.15
CA ASP D 34 -86.20 53.86 57.15
C ASP D 34 -85.85 53.32 58.53
N PRO D 35 -86.83 52.89 59.33
CA PRO D 35 -86.57 52.66 60.74
C PRO D 35 -85.74 51.43 61.02
N CYS D 36 -85.72 50.47 60.10
CA CYS D 36 -84.91 49.27 60.26
C CYS D 36 -83.46 49.46 59.81
N LEU D 37 -83.12 50.63 59.26
CA LEU D 37 -81.75 50.95 58.86
C LEU D 37 -81.27 52.32 59.30
N ARG D 38 -82.15 53.18 59.85
CA ARG D 38 -81.83 54.49 60.42
C ARG D 38 -81.21 55.45 59.41
N GLN D 39 -81.59 55.33 58.14
CA GLN D 39 -81.03 56.17 57.09
C GLN D 39 -82.13 56.58 56.12
N MET D 40 -82.19 57.86 55.78
CA MET D 40 -83.07 58.32 54.71
C MET D 40 -82.26 58.44 53.43
N PHE D 41 -82.87 58.05 52.32
CA PHE D 41 -82.19 58.04 51.03
C PHE D 41 -82.85 59.06 50.11
N ARG D 42 -82.05 59.58 49.17
CA ARG D 42 -82.59 60.43 48.12
C ARG D 42 -81.72 60.25 46.89
N SER D 43 -82.25 60.65 45.74
CA SER D 43 -81.59 60.30 44.49
C SER D 43 -81.91 61.35 43.42
N ARG D 44 -81.39 61.09 42.23
CA ARG D 44 -81.59 61.92 41.06
C ARG D 44 -81.36 61.04 39.83
N SER D 45 -81.31 61.65 38.65
CA SER D 45 -81.03 60.90 37.44
C SER D 45 -79.94 61.58 36.62
N ILE D 46 -79.69 61.06 35.43
CA ILE D 46 -78.67 61.59 34.52
C ILE D 46 -79.35 61.96 33.22
N GLU D 47 -79.23 63.23 32.81
CA GLU D 47 -79.87 63.66 31.59
C GLU D 47 -79.05 63.30 30.37
N VAL D 48 -77.86 63.88 30.24
CA VAL D 48 -77.02 63.72 29.05
C VAL D 48 -75.60 63.43 29.50
N PHE D 49 -75.04 62.32 29.03
CA PHE D 49 -73.66 61.98 29.31
C PHE D 49 -72.72 62.87 28.51
N GLY D 50 -71.50 63.01 29.00
CA GLY D 50 -70.50 63.79 28.30
C GLY D 50 -70.05 63.11 27.02
N GLN D 51 -69.71 63.93 26.04
CA GLN D 51 -69.40 63.41 24.70
C GLN D 51 -68.53 64.44 24.01
N PHE D 52 -67.67 63.95 23.09
CA PHE D 52 -66.75 64.75 22.28
C PHE D 52 -65.81 65.58 23.15
N ASN D 53 -64.97 64.86 23.91
CA ASN D 53 -63.86 65.42 24.68
C ASN D 53 -64.37 66.42 25.73
N GLY D 54 -65.33 65.96 26.53
CA GLY D 54 -65.95 66.81 27.54
C GLY D 54 -65.89 66.20 28.92
N LYS D 55 -66.62 66.78 29.86
CA LYS D 55 -66.55 66.36 31.25
C LYS D 55 -67.30 65.06 31.46
N ARG D 56 -66.70 64.15 32.23
CA ARG D 56 -67.30 62.86 32.54
C ARG D 56 -68.28 62.99 33.69
N CYS D 57 -69.34 62.17 33.65
CA CYS D 57 -70.41 62.28 34.64
C CYS D 57 -70.01 61.68 35.99
N THR D 58 -69.29 60.56 35.97
CA THR D 58 -68.73 59.88 37.15
C THR D 58 -69.80 59.51 38.19
N ASP D 59 -70.90 58.92 37.68
CA ASP D 59 -71.78 57.99 38.41
C ASP D 59 -72.25 58.49 39.76
N ALA D 60 -72.74 59.73 39.78
CA ALA D 60 -73.04 60.41 41.04
C ALA D 60 -74.51 60.30 41.44
N VAL D 61 -75.15 59.17 41.15
CA VAL D 61 -76.54 58.96 41.54
C VAL D 61 -76.59 58.30 42.91
N GLY D 62 -77.69 58.50 43.62
CA GLY D 62 -77.85 57.92 44.93
C GLY D 62 -77.15 58.68 46.04
N ASP D 63 -77.79 58.79 47.20
CA ASP D 63 -77.23 59.54 48.31
C ASP D 63 -77.79 58.98 49.61
N ARG D 64 -76.99 59.05 50.67
CA ARG D 64 -77.36 58.53 51.97
C ARG D 64 -77.09 59.59 53.04
N ARG D 65 -77.85 59.52 54.12
CA ARG D 65 -77.68 60.46 55.22
C ARG D 65 -78.24 59.83 56.48
N GLN D 66 -77.51 59.93 57.58
CA GLN D 66 -77.94 59.32 58.83
C GLN D 66 -79.05 60.15 59.46
N CYS D 67 -80.03 59.46 60.05
CA CYS D 67 -81.07 60.14 60.80
C CYS D 67 -81.53 59.25 61.94
N VAL D 68 -81.99 59.88 63.01
CA VAL D 68 -82.53 59.15 64.16
C VAL D 68 -83.88 58.55 63.78
N PRO D 69 -84.16 57.29 64.17
CA PRO D 69 -85.49 56.72 63.87
C PRO D 69 -86.59 57.36 64.69
N THR D 70 -87.43 58.14 64.03
CA THR D 70 -88.50 58.86 64.72
C THR D 70 -89.67 57.94 65.07
N GLU D 71 -89.86 56.86 64.32
CA GLU D 71 -90.91 55.88 64.59
C GLU D 71 -90.35 54.50 64.28
N PRO D 72 -89.99 53.72 65.31
CA PRO D 72 -89.23 52.49 65.07
C PRO D 72 -90.09 51.38 64.48
N CYS D 73 -89.44 50.55 63.65
CA CYS D 73 -90.07 49.42 63.01
C CYS D 73 -90.04 48.20 63.93
N GLU D 74 -90.75 47.16 63.52
CA GLU D 74 -90.67 45.90 64.22
C GLU D 74 -89.31 45.25 63.98
N ASP D 75 -88.93 44.34 64.88
CA ASP D 75 -87.65 43.65 64.79
C ASP D 75 -87.70 42.69 63.62
N ALA D 76 -87.04 43.08 62.52
CA ALA D 76 -87.08 42.31 61.27
C ALA D 76 -86.17 41.10 61.40
N GLU D 77 -86.74 40.00 61.89
CA GLU D 77 -86.02 38.74 61.95
C GLU D 77 -87.00 37.62 61.61
N ASP D 78 -86.48 36.57 60.97
CA ASP D 78 -87.31 35.49 60.51
C ASP D 78 -87.68 34.55 61.65
N ASP D 79 -88.76 33.80 61.45
CA ASP D 79 -89.23 32.88 62.48
C ASP D 79 -88.33 31.67 62.59
N CYS D 80 -87.93 31.11 61.43
CA CYS D 80 -87.13 29.88 61.31
C CYS D 80 -87.82 28.73 62.06
N GLY D 81 -89.00 28.36 61.55
CA GLY D 81 -89.89 27.47 62.27
C GLY D 81 -89.42 26.03 62.22
N ASN D 82 -89.19 25.42 63.39
CA ASN D 82 -88.87 24.00 63.58
C ASN D 82 -87.61 23.57 62.83
N ASP D 83 -86.70 24.51 62.62
CA ASP D 83 -85.44 24.24 61.95
C ASP D 83 -84.31 24.69 62.86
N PHE D 84 -83.18 23.98 62.79
CA PHE D 84 -82.01 24.37 63.56
C PHE D 84 -81.41 25.62 62.94
N GLN D 85 -81.58 26.75 63.61
CA GLN D 85 -80.88 27.96 63.21
C GLN D 85 -79.39 27.82 63.47
N CYS D 86 -78.60 28.48 62.64
CA CYS D 86 -77.15 28.37 62.69
C CYS D 86 -76.56 29.71 63.12
N SER D 87 -75.23 29.78 63.12
CA SER D 87 -74.52 31.01 63.46
C SER D 87 -74.25 31.89 62.24
N THR D 88 -75.05 31.78 61.21
CA THR D 88 -74.99 32.63 60.03
C THR D 88 -76.32 33.29 59.71
N GLY D 89 -77.44 32.59 59.92
CA GLY D 89 -78.73 33.03 59.45
C GLY D 89 -79.41 32.05 58.52
N ARG D 90 -78.74 30.95 58.16
CA ARG D 90 -79.33 29.91 57.34
C ARG D 90 -79.97 28.86 58.24
N CYS D 91 -81.14 28.38 57.86
CA CYS D 91 -81.90 27.41 58.64
C CYS D 91 -81.85 26.06 57.93
N ILE D 92 -81.15 25.10 58.52
CA ILE D 92 -81.05 23.76 57.96
C ILE D 92 -81.90 22.82 58.79
N LYS D 93 -82.05 21.58 58.30
CA LYS D 93 -82.88 20.59 58.95
C LYS D 93 -82.08 19.80 59.98
N MET D 94 -82.75 18.87 60.65
CA MET D 94 -82.09 18.03 61.64
C MET D 94 -81.32 16.87 61.01
N ARG D 95 -81.70 16.47 59.79
CA ARG D 95 -81.01 15.40 59.07
C ARG D 95 -79.57 15.74 58.75
N LEU D 96 -79.24 17.02 58.66
CA LEU D 96 -77.90 17.47 58.33
C LEU D 96 -76.97 17.55 59.55
N ARG D 97 -77.37 16.99 60.68
CA ARG D 97 -76.55 17.05 61.89
C ARG D 97 -75.40 16.05 61.82
N CYS D 98 -74.18 16.55 62.05
CA CYS D 98 -72.95 15.77 62.13
C CYS D 98 -72.69 14.96 60.86
N ASN D 99 -73.09 15.50 59.72
CA ASN D 99 -72.95 14.79 58.45
C ASN D 99 -71.57 14.93 57.84
N GLY D 100 -70.67 15.69 58.45
CA GLY D 100 -69.37 15.92 57.86
C GLY D 100 -69.38 16.89 56.69
N ASP D 101 -70.44 17.65 56.52
CA ASP D 101 -70.53 18.64 55.45
C ASP D 101 -70.84 20.00 56.05
N ASN D 102 -70.13 21.01 55.56
CA ASN D 102 -70.28 22.37 56.05
C ASN D 102 -71.58 23.01 55.58
N ASP D 103 -72.65 22.78 56.34
CA ASP D 103 -74.00 23.13 55.91
C ASP D 103 -74.46 24.48 56.41
N CYS D 104 -74.16 24.82 57.67
CA CYS D 104 -74.52 26.14 58.17
C CYS D 104 -73.61 27.23 57.62
N GLY D 105 -72.41 26.87 57.16
CA GLY D 105 -71.46 27.85 56.70
C GLY D 105 -70.34 28.07 57.69
N ASP D 106 -70.69 28.12 58.97
CA ASP D 106 -69.73 28.23 60.06
C ASP D 106 -69.59 26.92 60.82
N PHE D 107 -69.63 25.81 60.10
CA PHE D 107 -69.10 24.51 60.53
C PHE D 107 -69.85 23.97 61.74
N SER D 108 -71.16 24.19 61.78
CA SER D 108 -71.96 23.82 62.93
C SER D 108 -72.45 22.38 62.87
N ASP D 109 -71.75 21.51 62.15
CA ASP D 109 -72.06 20.09 62.11
C ASP D 109 -70.93 19.23 62.63
N GLU D 110 -69.69 19.49 62.23
CA GLU D 110 -68.57 18.62 62.53
C GLU D 110 -67.88 18.97 63.85
N ASP D 111 -68.61 19.54 64.81
CA ASP D 111 -68.00 19.90 66.08
C ASP D 111 -68.77 19.37 67.28
N ASP D 112 -70.10 19.25 67.15
CA ASP D 112 -70.95 19.10 68.32
C ASP D 112 -70.93 17.68 68.87
N CYS D 113 -71.41 16.72 68.09
CA CYS D 113 -71.70 15.41 68.63
C CYS D 113 -70.48 14.50 68.62
N GLU D 114 -70.55 13.46 69.45
CA GLU D 114 -69.59 12.36 69.42
C GLU D 114 -70.11 11.18 68.61
N SER D 115 -71.16 11.39 67.82
CA SER D 115 -71.77 10.32 67.03
C SER D 115 -70.95 10.08 65.77
N GLU D 116 -71.46 9.23 64.89
CA GLU D 116 -70.77 8.93 63.65
C GLU D 116 -70.86 10.10 62.68
N PRO D 117 -69.82 10.34 61.89
CA PRO D 117 -69.92 11.37 60.85
C PRO D 117 -70.85 11.00 59.71
N ARG D 118 -71.19 9.70 59.56
CA ARG D 118 -72.07 9.04 58.58
C ARG D 118 -72.07 9.68 57.19
N PRO D 119 -70.95 9.65 56.47
CA PRO D 119 -70.88 10.38 55.20
C PRO D 119 -71.75 9.72 54.14
N PRO D 120 -72.64 10.49 53.51
CA PRO D 120 -73.50 9.90 52.47
C PRO D 120 -72.72 9.44 51.26
N CYS D 121 -71.66 10.15 50.90
CA CYS D 121 -70.65 9.59 50.02
C CYS D 121 -69.79 8.66 50.84
N ARG D 122 -69.96 7.35 50.64
CA ARG D 122 -69.22 6.33 51.35
C ARG D 122 -67.83 6.15 50.77
N ASP D 123 -67.20 5.02 51.06
CA ASP D 123 -65.82 4.71 50.65
C ASP D 123 -65.57 4.65 49.13
N ARG D 124 -66.60 4.88 48.32
CA ARG D 124 -66.40 5.11 46.90
C ARG D 124 -65.52 6.32 46.66
N VAL D 125 -64.76 6.28 45.57
CA VAL D 125 -63.82 7.36 45.24
C VAL D 125 -64.63 8.57 44.79
N VAL D 126 -64.70 9.57 45.67
CA VAL D 126 -65.54 10.75 45.48
C VAL D 126 -64.71 11.96 45.80
N GLU D 127 -64.68 12.93 44.89
CA GLU D 127 -63.83 14.11 45.00
C GLU D 127 -64.71 15.36 45.09
N GLU D 128 -64.08 16.52 45.02
CA GLU D 128 -64.78 17.78 44.89
C GLU D 128 -64.60 18.30 43.46
N SER D 129 -65.59 19.05 42.99
CA SER D 129 -65.63 19.42 41.59
C SER D 129 -64.71 20.62 41.32
N GLU D 130 -64.66 21.03 40.06
CA GLU D 130 -63.94 22.22 39.66
C GLU D 130 -64.79 23.18 38.83
N LEU D 131 -65.91 22.71 38.29
CA LEU D 131 -66.79 23.51 37.46
C LEU D 131 -68.08 23.87 38.17
N ALA D 132 -68.54 23.03 39.07
CA ALA D 132 -69.80 23.26 39.76
C ALA D 132 -69.66 24.22 40.91
N ARG D 133 -68.45 24.45 41.41
CA ARG D 133 -68.31 25.23 42.63
C ARG D 133 -68.53 26.71 42.39
N THR D 134 -68.40 27.18 41.15
CA THR D 134 -68.63 28.57 40.79
C THR D 134 -69.77 28.68 39.80
N ALA D 135 -70.85 27.92 40.00
CA ALA D 135 -71.86 27.75 38.97
C ALA D 135 -72.93 28.84 38.97
N GLY D 136 -72.68 29.98 39.59
CA GLY D 136 -73.63 31.06 39.44
C GLY D 136 -73.33 31.96 38.26
N TYR D 137 -72.15 32.57 38.28
CA TYR D 137 -71.74 33.62 37.35
C TYR D 137 -72.82 34.69 37.19
N GLY D 138 -73.13 35.37 38.29
CA GLY D 138 -74.13 36.42 38.30
C GLY D 138 -73.74 37.56 37.39
N ILE D 139 -74.40 37.68 36.25
CA ILE D 139 -73.86 38.41 35.13
C ILE D 139 -74.48 39.80 35.10
N ASN D 140 -73.86 40.70 34.36
CA ASN D 140 -74.34 42.06 34.18
C ASN D 140 -74.66 42.27 32.71
N ILE D 141 -75.52 43.26 32.43
CA ILE D 141 -76.04 43.46 31.08
C ILE D 141 -75.01 43.99 30.09
N LEU D 142 -73.84 44.43 30.56
CA LEU D 142 -72.79 44.85 29.63
C LEU D 142 -72.25 43.67 28.83
N GLY D 143 -72.06 42.54 29.50
CA GLY D 143 -71.53 41.36 28.84
C GLY D 143 -70.49 40.64 29.66
N MET D 144 -69.87 41.36 30.60
CA MET D 144 -68.87 40.80 31.48
C MET D 144 -69.53 40.22 32.73
N ASP D 145 -68.87 39.22 33.30
CA ASP D 145 -69.50 38.35 34.31
C ASP D 145 -68.75 38.33 35.64
N PRO D 146 -69.21 39.08 36.65
CA PRO D 146 -68.66 38.89 37.99
C PRO D 146 -69.11 37.56 38.58
N LEU D 147 -68.16 36.84 39.17
CA LEU D 147 -68.40 35.51 39.74
C LEU D 147 -69.06 35.58 41.11
N SER D 148 -69.60 36.73 41.50
CA SER D 148 -70.22 36.94 42.79
C SER D 148 -71.51 36.14 42.83
N THR D 149 -71.33 34.86 43.08
CA THR D 149 -72.37 33.85 42.96
C THR D 149 -73.38 34.03 44.07
N PRO D 150 -74.64 34.30 43.77
CA PRO D 150 -75.64 34.33 44.84
C PRO D 150 -75.90 32.95 45.39
N PHE D 151 -75.68 31.92 44.59
CA PHE D 151 -75.84 30.55 45.04
C PHE D 151 -74.70 30.17 45.98
N ASP D 152 -74.89 29.07 46.69
CA ASP D 152 -73.87 28.50 47.55
C ASP D 152 -73.61 27.09 47.08
N ASN D 153 -72.46 26.87 46.44
CA ASN D 153 -72.13 25.58 45.86
C ASN D 153 -71.26 24.73 46.79
N GLU D 154 -71.48 24.86 48.10
CA GLU D 154 -70.93 23.94 49.07
C GLU D 154 -72.00 23.17 49.82
N PHE D 155 -73.27 23.53 49.64
CA PHE D 155 -74.37 22.87 50.33
C PHE D 155 -74.72 21.60 49.55
N TYR D 156 -74.51 20.44 50.17
CA TYR D 156 -74.78 19.17 49.50
C TYR D 156 -76.08 18.52 49.96
N ASN D 157 -76.59 18.93 51.12
CA ASN D 157 -77.87 18.46 51.69
C ASN D 157 -77.87 16.94 51.89
N GLY D 158 -76.72 16.38 52.24
CA GLY D 158 -76.62 14.98 52.61
C GLY D 158 -76.88 13.99 51.50
N LEU D 159 -76.60 14.36 50.25
CA LEU D 159 -76.79 13.48 49.12
C LEU D 159 -75.46 13.24 48.42
N CYS D 160 -75.40 12.15 47.65
CA CYS D 160 -74.18 11.76 46.95
C CYS D 160 -74.56 11.38 45.53
N ASN D 161 -74.56 12.36 44.64
CA ASN D 161 -74.85 12.15 43.23
C ASN D 161 -73.58 12.35 42.43
N ARG D 162 -73.16 11.32 41.70
CA ARG D 162 -71.90 11.36 40.98
C ARG D 162 -72.12 11.76 39.53
N ASP D 163 -71.17 12.51 38.98
CA ASP D 163 -71.18 12.92 37.58
C ASP D 163 -69.79 12.68 37.01
N ARG D 164 -69.71 11.87 35.96
CA ARG D 164 -68.42 11.37 35.52
C ARG D 164 -67.65 12.42 34.75
N ASP D 165 -66.37 12.15 34.58
CA ASP D 165 -65.48 12.94 33.74
C ASP D 165 -64.95 12.06 32.62
N GLY D 166 -64.75 12.66 31.46
CA GLY D 166 -64.25 11.93 30.33
C GLY D 166 -62.78 11.62 30.42
N ASN D 167 -61.95 12.65 30.55
CA ASN D 167 -60.51 12.47 30.43
C ASN D 167 -59.91 11.88 31.69
N THR D 168 -60.18 12.49 32.84
CA THR D 168 -59.47 12.12 34.06
C THR D 168 -60.02 10.85 34.72
N LEU D 169 -61.23 10.42 34.33
CA LEU D 169 -61.90 9.23 34.87
C LEU D 169 -62.07 9.31 36.38
N THR D 170 -62.74 10.37 36.83
CA THR D 170 -63.00 10.60 38.23
C THR D 170 -64.50 10.59 38.47
N TYR D 171 -64.92 10.94 39.68
CA TYR D 171 -66.34 11.01 40.03
C TYR D 171 -66.57 12.27 40.85
N TYR D 172 -66.86 13.36 40.16
CA TYR D 172 -67.11 14.63 40.82
C TYR D 172 -68.50 14.62 41.45
N ARG D 173 -68.77 15.60 42.29
CA ARG D 173 -70.06 15.66 42.96
C ARG D 173 -70.97 16.68 42.30
N ARG D 174 -72.23 16.60 42.66
CA ARG D 174 -73.26 17.52 42.19
C ARG D 174 -73.78 18.29 43.39
N PRO D 175 -73.44 19.56 43.53
CA PRO D 175 -74.01 20.36 44.62
C PRO D 175 -75.51 20.56 44.43
N TRP D 176 -76.16 20.95 45.52
CA TRP D 176 -77.62 21.02 45.54
C TRP D 176 -78.16 22.11 44.65
N ASN D 177 -77.39 23.16 44.39
CA ASN D 177 -77.91 24.22 43.53
C ASN D 177 -77.79 23.90 42.06
N VAL D 178 -76.97 22.92 41.68
CA VAL D 178 -76.83 22.51 40.28
C VAL D 178 -77.77 21.35 40.02
N ALA D 179 -78.70 21.51 39.09
CA ALA D 179 -79.68 20.47 38.78
C ALA D 179 -79.18 19.46 37.77
N SER D 180 -78.28 19.86 36.87
CA SER D 180 -77.73 18.94 35.90
C SER D 180 -76.37 19.42 35.46
N LEU D 181 -75.50 18.47 35.15
CA LEU D 181 -74.11 18.80 34.85
C LEU D 181 -73.54 17.66 33.99
N ILE D 182 -73.45 17.90 32.69
CA ILE D 182 -72.88 16.94 31.78
C ILE D 182 -71.47 17.40 31.44
N TYR D 183 -70.63 16.46 31.03
CA TYR D 183 -69.32 16.77 30.46
C TYR D 183 -69.26 16.16 29.07
N GLU D 184 -69.68 16.90 28.05
CA GLU D 184 -69.50 16.45 26.68
C GLU D 184 -68.09 16.80 26.23
N THR D 185 -67.83 16.68 24.94
CA THR D 185 -66.63 17.26 24.33
C THR D 185 -67.06 17.72 22.95
N LYS D 186 -67.49 18.97 22.86
CA LYS D 186 -68.15 19.42 21.64
C LYS D 186 -67.26 20.44 20.98
N GLY D 187 -66.46 20.01 20.01
CA GLY D 187 -65.60 20.93 19.29
C GLY D 187 -66.31 21.41 18.04
N GLU D 188 -66.09 22.66 17.67
CA GLU D 188 -66.88 23.23 16.59
C GLU D 188 -66.13 24.39 15.96
N LYS D 189 -65.64 24.20 14.74
CA LYS D 189 -64.91 25.26 14.05
C LYS D 189 -65.72 25.79 12.90
N ASN D 190 -66.04 27.08 12.94
CA ASN D 190 -66.48 27.77 11.74
C ASN D 190 -65.26 28.35 11.04
N PHE D 191 -65.37 28.51 9.73
CA PHE D 191 -64.32 29.11 8.93
C PHE D 191 -65.04 29.79 7.78
N ARG D 192 -64.65 31.01 7.46
CA ARG D 192 -65.16 31.67 6.27
C ARG D 192 -64.03 32.40 5.59
N THR D 193 -64.12 32.52 4.27
CA THR D 193 -63.30 33.49 3.55
C THR D 193 -64.08 34.01 2.36
N GLU D 194 -64.39 35.30 2.38
CA GLU D 194 -65.06 35.96 1.28
C GLU D 194 -64.06 36.75 0.49
N HIS D 195 -64.43 37.08 -0.73
CA HIS D 195 -63.52 37.76 -1.63
C HIS D 195 -64.36 38.49 -2.67
N TYR D 196 -64.09 39.76 -2.86
CA TYR D 196 -64.74 40.53 -3.91
C TYR D 196 -63.67 41.26 -4.70
N GLU D 197 -63.91 41.41 -5.99
CA GLU D 197 -62.96 42.12 -6.83
C GLU D 197 -63.73 42.76 -7.96
N GLU D 198 -63.29 43.94 -8.39
CA GLU D 198 -63.93 44.60 -9.53
C GLU D 198 -62.90 45.45 -10.24
N GLN D 199 -62.48 45.04 -11.43
CA GLN D 199 -61.67 45.90 -12.27
C GLN D 199 -62.59 46.63 -13.24
N ILE D 200 -62.17 47.82 -13.65
CA ILE D 200 -62.83 48.52 -14.75
C ILE D 200 -61.80 49.36 -15.47
N GLU D 201 -61.83 49.31 -16.79
CA GLU D 201 -60.92 50.08 -17.64
C GLU D 201 -61.78 50.79 -18.68
N ALA D 202 -61.99 52.09 -18.50
CA ALA D 202 -62.66 52.93 -19.47
C ALA D 202 -61.63 53.66 -20.32
N PHE D 203 -62.04 54.07 -21.51
CA PHE D 203 -61.09 54.53 -22.52
C PHE D 203 -61.86 55.34 -23.55
N LYS D 204 -61.32 56.50 -23.95
CA LYS D 204 -61.99 57.35 -24.94
C LYS D 204 -60.95 58.15 -25.70
N SER D 205 -60.78 57.89 -26.98
CA SER D 205 -59.84 58.59 -27.84
C SER D 205 -60.56 59.34 -28.94
N ILE D 206 -60.03 60.51 -29.31
CA ILE D 206 -60.59 61.32 -30.39
C ILE D 206 -59.43 61.85 -31.21
N ILE D 207 -59.51 61.72 -32.54
CA ILE D 207 -58.58 62.36 -33.46
C ILE D 207 -59.38 63.20 -34.44
N GLN D 208 -59.00 64.47 -34.61
CA GLN D 208 -59.66 65.33 -35.57
C GLN D 208 -58.62 65.98 -36.45
N GLU D 209 -59.00 66.28 -37.69
CA GLU D 209 -58.08 66.90 -38.62
C GLU D 209 -58.87 67.63 -39.70
N LYS D 210 -58.47 68.85 -40.00
CA LYS D 210 -58.94 69.53 -41.21
C LYS D 210 -57.73 70.09 -41.93
N THR D 211 -57.69 69.89 -43.25
CA THR D 211 -56.60 70.39 -44.08
C THR D 211 -57.26 71.14 -45.24
N SER D 212 -57.25 72.47 -45.19
CA SER D 212 -57.85 73.31 -46.22
C SER D 212 -56.76 73.99 -47.03
N ASN D 213 -56.94 74.04 -48.36
CA ASN D 213 -55.93 74.59 -49.26
C ASN D 213 -56.65 75.34 -50.37
N PHE D 214 -56.44 76.66 -50.46
CA PHE D 214 -57.06 77.50 -51.46
C PHE D 214 -55.97 78.13 -52.32
N ASN D 215 -56.12 78.07 -53.64
CA ASN D 215 -55.08 78.53 -54.56
C ASN D 215 -55.73 79.35 -55.65
N ALA D 216 -55.31 80.60 -55.82
CA ALA D 216 -55.73 81.39 -56.95
C ALA D 216 -54.65 81.37 -58.02
N ALA D 217 -54.89 82.08 -59.11
CA ALA D 217 -53.91 82.22 -60.19
C ALA D 217 -54.15 83.48 -61.00
N PHE D 249 -48.65 86.50 -59.99
CA PHE D 249 -50.09 86.64 -59.94
C PHE D 249 -50.78 85.44 -59.31
N ARG D 250 -50.72 85.30 -57.99
CA ARG D 250 -51.48 84.26 -57.31
C ARG D 250 -51.72 84.69 -55.86
N PHE D 251 -52.34 83.79 -55.10
CA PHE D 251 -52.60 83.96 -53.68
C PHE D 251 -52.97 82.60 -53.12
N SER D 252 -52.25 82.15 -52.11
CA SER D 252 -52.55 80.87 -51.47
C SER D 252 -53.04 81.09 -50.05
N TYR D 253 -53.72 80.09 -49.53
CA TYR D 253 -54.17 80.12 -48.13
C TYR D 253 -54.34 78.68 -47.68
N SER D 254 -53.46 78.23 -46.80
CA SER D 254 -53.48 76.86 -46.31
C SER D 254 -53.76 76.86 -44.82
N LYS D 255 -54.21 75.70 -44.33
CA LYS D 255 -54.42 75.48 -42.91
C LYS D 255 -54.42 73.99 -42.67
N ASN D 256 -53.69 73.54 -41.65
CA ASN D 256 -53.63 72.11 -41.30
C ASN D 256 -53.84 72.01 -39.79
N GLU D 257 -55.10 71.98 -39.37
CA GLU D 257 -55.41 71.85 -37.95
C GLU D 257 -55.51 70.37 -37.59
N THR D 258 -54.85 69.97 -36.52
CA THR D 258 -54.77 68.57 -36.11
C THR D 258 -55.02 68.49 -34.62
N TYR D 259 -56.24 68.21 -34.22
CA TYR D 259 -56.59 68.07 -32.82
C TYR D 259 -56.52 66.61 -32.41
N GLN D 260 -56.20 66.39 -31.14
CA GLN D 260 -56.24 65.03 -30.61
C GLN D 260 -56.68 65.13 -29.16
N LEU D 261 -57.23 64.03 -28.65
CA LEU D 261 -57.70 63.95 -27.27
C LEU D 261 -57.65 62.49 -26.87
N PHE D 262 -57.41 62.24 -25.60
CA PHE D 262 -57.14 60.88 -25.15
C PHE D 262 -57.46 60.82 -23.66
N LEU D 263 -58.24 59.83 -23.25
CA LEU D 263 -58.54 59.69 -21.83
C LEU D 263 -58.59 58.21 -21.47
N SER D 264 -57.98 57.87 -20.35
CA SER D 264 -58.08 56.53 -19.79
C SER D 264 -58.68 56.63 -18.39
N TYR D 265 -59.11 55.48 -17.87
CA TYR D 265 -59.53 55.38 -16.47
C TYR D 265 -59.42 53.91 -16.10
N SER D 266 -58.32 53.53 -15.45
CA SER D 266 -58.04 52.11 -15.21
C SER D 266 -58.03 51.86 -13.71
N SER D 267 -59.20 51.64 -13.13
CA SER D 267 -59.32 51.54 -11.68
C SER D 267 -59.77 50.14 -11.29
N LYS D 268 -59.06 49.53 -10.35
CA LYS D 268 -59.50 48.27 -9.78
C LYS D 268 -59.86 48.47 -8.31
N LYS D 269 -60.63 47.53 -7.79
CA LYS D 269 -60.96 47.49 -6.38
C LYS D 269 -60.94 46.04 -5.93
N GLU D 270 -60.72 45.85 -4.63
CA GLU D 270 -60.63 44.52 -4.06
C GLU D 270 -61.08 44.62 -2.62
N LYS D 271 -61.69 43.57 -2.10
CA LYS D 271 -62.14 43.59 -0.71
C LYS D 271 -62.22 42.16 -0.22
N MET D 272 -61.27 41.76 0.60
CA MET D 272 -61.22 40.39 1.09
C MET D 272 -61.94 40.34 2.45
N PHE D 273 -62.08 39.14 2.99
CA PHE D 273 -62.57 38.94 4.34
C PHE D 273 -62.21 37.53 4.74
N LEU D 274 -61.90 37.32 6.01
CA LEU D 274 -61.63 35.99 6.52
C LEU D 274 -62.17 35.95 7.93
N HIS D 275 -62.52 34.75 8.42
CA HIS D 275 -63.11 34.65 9.75
C HIS D 275 -62.97 33.21 10.25
N VAL D 276 -62.01 32.97 11.09
CA VAL D 276 -61.93 31.68 11.76
C VAL D 276 -62.67 31.83 13.08
N LYS D 277 -63.33 30.78 13.57
CA LYS D 277 -63.91 30.85 14.92
C LYS D 277 -64.03 29.42 15.45
N GLY D 278 -63.09 29.01 16.28
CA GLY D 278 -63.19 27.65 16.78
C GLY D 278 -63.58 27.49 18.22
N GLU D 279 -64.84 27.20 18.50
CA GLU D 279 -65.27 26.99 19.88
C GLU D 279 -64.93 25.59 20.32
N ILE D 280 -64.72 25.44 21.63
CA ILE D 280 -64.51 24.14 22.26
C ILE D 280 -65.35 24.13 23.52
N HIS D 281 -66.35 23.26 23.59
CA HIS D 281 -67.22 23.21 24.75
C HIS D 281 -66.87 21.99 25.59
N LEU D 282 -66.76 22.19 26.89
CA LEU D 282 -66.67 21.09 27.84
C LEU D 282 -67.88 21.21 28.77
N GLY D 283 -68.98 20.62 28.35
CA GLY D 283 -70.12 20.50 29.24
C GLY D 283 -70.89 21.79 29.44
N ARG D 284 -71.77 21.75 30.43
CA ARG D 284 -72.71 22.83 30.70
C ARG D 284 -73.25 22.64 32.11
N PHE D 285 -74.23 23.45 32.50
CA PHE D 285 -74.89 23.31 33.79
C PHE D 285 -76.24 23.99 33.72
N VAL D 286 -77.15 23.55 34.58
CA VAL D 286 -78.47 24.17 34.72
C VAL D 286 -78.78 24.32 36.20
N MET D 287 -79.01 25.54 36.65
CA MET D 287 -79.27 25.79 38.05
C MET D 287 -80.74 25.50 38.38
N ARG D 288 -81.10 25.60 39.65
CA ARG D 288 -82.46 25.31 40.07
C ARG D 288 -83.25 26.59 40.26
N ASN D 289 -84.51 26.43 40.68
CA ASN D 289 -85.42 27.56 40.82
C ASN D 289 -86.23 27.56 42.11
N ARG D 290 -86.41 26.42 42.77
CA ARG D 290 -87.13 26.36 44.04
C ARG D 290 -86.30 25.59 45.05
N ASP D 291 -86.49 25.93 46.33
CA ASP D 291 -85.72 25.40 47.47
C ASP D 291 -84.22 25.59 47.27
N VAL D 292 -83.85 26.80 46.87
CA VAL D 292 -82.48 27.15 46.52
C VAL D 292 -81.84 27.78 47.75
N VAL D 293 -80.63 27.36 48.08
CA VAL D 293 -79.88 27.99 49.16
C VAL D 293 -79.02 29.10 48.58
N LEU D 294 -78.89 30.18 49.33
CA LEU D 294 -78.10 31.32 48.94
C LEU D 294 -76.94 31.47 49.90
N THR D 295 -75.90 32.18 49.46
CA THR D 295 -74.72 32.34 50.30
C THR D 295 -74.98 33.31 51.43
N THR D 296 -74.03 33.39 52.36
CA THR D 296 -74.23 34.16 53.59
C THR D 296 -74.18 35.66 53.30
N THR D 297 -73.28 36.08 52.41
CA THR D 297 -73.09 37.49 52.12
C THR D 297 -74.11 38.06 51.14
N PHE D 298 -75.23 37.42 50.94
CA PHE D 298 -76.23 37.87 49.99
C PHE D 298 -77.62 38.02 50.59
N VAL D 299 -77.97 37.14 51.53
CA VAL D 299 -79.23 37.27 52.25
C VAL D 299 -79.20 38.52 53.12
N ASP D 300 -78.03 38.86 53.67
CA ASP D 300 -77.89 40.09 54.44
C ASP D 300 -78.07 41.33 53.56
N ASP D 301 -77.51 41.30 52.35
CA ASP D 301 -77.63 42.46 51.47
C ASP D 301 -79.02 42.58 50.87
N ILE D 302 -79.78 41.49 50.79
CA ILE D 302 -81.20 41.64 50.49
C ILE D 302 -81.94 42.19 51.71
N LYS D 303 -81.55 41.76 52.90
CA LYS D 303 -82.20 42.23 54.12
C LYS D 303 -81.91 43.70 54.43
N ALA D 304 -80.86 44.26 53.83
CA ALA D 304 -80.51 45.67 54.03
C ALA D 304 -81.04 46.56 52.91
N LEU D 305 -82.11 46.15 52.25
CA LEU D 305 -82.69 46.99 51.20
C LEU D 305 -83.78 47.89 51.79
N PRO D 306 -83.92 49.12 51.29
CA PRO D 306 -84.69 50.14 52.03
C PRO D 306 -86.19 49.97 52.01
N THR D 307 -86.73 49.02 51.23
CA THR D 307 -88.11 48.48 51.30
C THR D 307 -89.16 49.47 50.78
N THR D 308 -88.78 50.73 50.53
CA THR D 308 -89.75 51.77 50.16
C THR D 308 -89.52 52.30 48.75
N TYR D 309 -88.80 51.56 47.92
CA TYR D 309 -88.23 52.03 46.66
C TYR D 309 -87.46 53.34 46.87
N GLU D 310 -86.36 53.21 47.58
CA GLU D 310 -85.39 54.29 47.66
C GLU D 310 -84.28 54.00 46.66
N LYS D 311 -84.15 54.89 45.67
CA LYS D 311 -83.41 54.61 44.45
C LYS D 311 -81.91 54.48 44.68
N GLY D 312 -81.39 54.98 45.78
CA GLY D 312 -79.94 55.02 45.97
C GLY D 312 -79.31 53.67 46.26
N GLU D 313 -80.02 52.80 46.98
CA GLU D 313 -79.42 51.54 47.41
C GLU D 313 -79.47 50.48 46.31
N TYR D 314 -80.49 50.50 45.45
CA TYR D 314 -80.64 49.45 44.47
C TYR D 314 -79.61 49.56 43.34
N PHE D 315 -79.18 50.77 43.01
CA PHE D 315 -78.11 50.91 42.03
C PHE D 315 -76.75 50.50 42.58
N ALA D 316 -76.61 50.41 43.90
CA ALA D 316 -75.40 49.81 44.44
C ALA D 316 -75.52 48.31 44.53
N PHE D 317 -76.72 47.80 44.83
CA PHE D 317 -76.93 46.36 44.91
C PHE D 317 -76.79 45.70 43.54
N LEU D 318 -77.34 46.31 42.50
CA LEU D 318 -77.31 45.70 41.18
C LEU D 318 -75.94 45.74 40.53
N GLU D 319 -75.02 46.55 41.04
CA GLU D 319 -73.65 46.50 40.58
C GLU D 319 -72.71 45.87 41.59
N THR D 320 -73.22 45.49 42.76
CA THR D 320 -72.46 44.60 43.61
C THR D 320 -72.67 43.14 43.20
N TYR D 321 -73.92 42.75 42.94
CA TYR D 321 -74.23 41.35 42.67
C TYR D 321 -74.77 41.11 41.27
N GLY D 322 -74.54 42.04 40.35
CA GLY D 322 -74.97 41.83 38.98
C GLY D 322 -76.47 41.99 38.76
N THR D 323 -76.88 42.01 37.49
CA THR D 323 -78.28 42.19 37.18
C THR D 323 -79.00 40.86 37.02
N HIS D 324 -78.37 39.89 36.36
CA HIS D 324 -78.97 38.59 36.13
C HIS D 324 -78.00 37.51 36.60
N TYR D 325 -78.52 36.32 36.83
CA TYR D 325 -77.67 35.17 37.11
C TYR D 325 -77.78 34.16 35.98
N SER D 326 -76.66 33.54 35.63
CA SER D 326 -76.65 32.60 34.52
C SER D 326 -77.31 31.29 34.92
N SER D 327 -78.60 31.17 34.64
CA SER D 327 -79.34 29.98 35.01
C SER D 327 -79.00 28.78 34.13
N SER D 328 -78.34 28.97 32.99
CA SER D 328 -77.94 27.85 32.15
C SER D 328 -76.75 28.29 31.31
N GLY D 329 -75.54 27.88 31.73
CA GLY D 329 -74.33 28.25 31.04
C GLY D 329 -73.78 27.13 30.17
N SER D 330 -72.56 27.36 29.68
CA SER D 330 -71.81 26.36 28.91
C SER D 330 -70.35 26.79 28.94
N LEU D 331 -69.50 26.06 29.63
CA LEU D 331 -68.15 26.53 29.83
C LEU D 331 -67.27 26.13 28.64
N GLY D 332 -65.96 26.33 28.76
CA GLY D 332 -65.05 26.15 27.64
C GLY D 332 -65.01 27.34 26.72
N GLY D 333 -63.84 27.74 26.25
CA GLY D 333 -63.73 29.01 25.57
C GLY D 333 -63.19 29.03 24.15
N LEU D 334 -63.50 30.10 23.43
CA LEU D 334 -63.29 30.18 22.00
C LEU D 334 -61.97 30.85 21.65
N TYR D 335 -61.72 30.96 20.36
CA TYR D 335 -60.75 31.88 19.81
C TYR D 335 -61.34 32.42 18.51
N GLU D 336 -60.66 33.39 17.91
CA GLU D 336 -61.24 34.09 16.76
C GLU D 336 -60.17 34.89 16.04
N LEU D 337 -60.14 34.78 14.72
CA LEU D 337 -59.36 35.66 13.87
C LEU D 337 -60.33 36.43 12.99
N ILE D 338 -59.96 37.64 12.60
CA ILE D 338 -60.67 38.42 11.58
C ILE D 338 -59.60 39.13 10.76
N TYR D 339 -59.70 39.06 9.44
CA TYR D 339 -58.68 39.61 8.54
C TYR D 339 -59.41 40.45 7.51
N VAL D 340 -59.57 41.74 7.73
CA VAL D 340 -60.32 42.58 6.82
C VAL D 340 -59.30 43.36 5.98
N LEU D 341 -59.08 42.91 4.76
CA LEU D 341 -58.29 43.71 3.85
C LEU D 341 -59.22 44.67 3.12
N ASP D 342 -58.63 45.66 2.47
CA ASP D 342 -59.35 46.59 1.60
C ASP D 342 -58.30 47.20 0.69
N LYS D 343 -58.66 47.39 -0.56
CA LYS D 343 -57.76 47.99 -1.52
C LYS D 343 -58.58 48.88 -2.43
N ALA D 344 -58.00 49.97 -2.89
CA ALA D 344 -58.66 50.79 -3.90
C ALA D 344 -57.55 51.48 -4.70
N SER D 345 -57.14 50.85 -5.79
CA SER D 345 -56.32 51.58 -6.72
C SER D 345 -57.19 52.52 -7.54
N MET D 346 -56.54 53.45 -8.24
CA MET D 346 -57.23 54.27 -9.25
C MET D 346 -56.16 54.90 -10.11
N LYS D 347 -56.34 54.85 -11.41
CA LYS D 347 -55.59 55.70 -12.32
C LYS D 347 -56.55 56.60 -13.05
N ARG D 348 -56.03 57.69 -13.58
CA ARG D 348 -56.71 58.44 -14.62
C ARG D 348 -55.66 59.22 -15.38
N LYS D 349 -55.91 59.46 -16.65
CA LYS D 349 -54.93 60.10 -17.50
C LYS D 349 -55.59 61.19 -18.32
N GLY D 350 -54.77 61.87 -19.12
CA GLY D 350 -55.27 62.76 -20.14
C GLY D 350 -54.12 63.20 -21.02
N VAL D 351 -54.24 63.02 -22.33
CA VAL D 351 -53.18 63.34 -23.28
C VAL D 351 -53.81 64.21 -24.36
N GLU D 352 -53.45 65.49 -24.40
CA GLU D 352 -54.09 66.45 -25.27
C GLU D 352 -53.03 67.02 -26.21
N LEU D 353 -53.45 67.40 -27.41
CA LEU D 353 -52.48 67.76 -28.43
C LEU D 353 -53.16 68.67 -29.44
N LYS D 354 -52.46 69.71 -29.88
CA LYS D 354 -52.99 70.65 -30.86
C LYS D 354 -51.87 71.08 -31.80
N ASP D 355 -52.26 71.49 -33.00
CA ASP D 355 -51.32 71.84 -34.06
C ASP D 355 -52.04 72.71 -35.08
N ILE D 356 -51.37 73.77 -35.52
CA ILE D 356 -51.82 74.62 -36.62
C ILE D 356 -50.61 74.90 -37.49
N LYS D 357 -50.67 74.50 -38.75
CA LYS D 357 -49.55 74.67 -39.68
C LYS D 357 -50.02 75.52 -40.85
N ARG D 358 -49.97 76.83 -40.67
CA ARG D 358 -50.41 77.75 -41.72
C ARG D 358 -49.27 78.08 -42.67
N CYS D 359 -49.63 78.54 -43.86
CA CYS D 359 -48.65 78.95 -44.85
C CYS D 359 -49.29 79.98 -45.75
N LEU D 360 -48.45 80.71 -46.47
CA LEU D 360 -48.90 81.63 -47.53
C LEU D 360 -47.72 81.92 -48.41
N GLY D 361 -47.98 82.17 -49.69
CA GLY D 361 -46.91 82.55 -50.58
C GLY D 361 -47.38 82.87 -51.98
N TYR D 362 -46.87 83.94 -52.58
CA TYR D 362 -47.25 84.28 -53.93
C TYR D 362 -46.13 84.96 -54.70
N HIS D 363 -46.05 84.60 -55.98
CA HIS D 363 -45.23 85.26 -56.99
C HIS D 363 -46.09 86.32 -57.68
N LEU D 364 -45.56 87.53 -57.79
CA LEU D 364 -46.26 88.60 -58.48
C LEU D 364 -45.35 89.28 -59.49
N PHE D 379 -40.72 89.77 -58.11
CA PHE D 379 -41.36 89.92 -56.82
C PHE D 379 -41.64 88.54 -56.24
N ASN D 380 -41.65 88.41 -54.91
CA ASN D 380 -42.04 87.19 -54.23
C ASN D 380 -42.33 87.53 -52.77
N LYS D 381 -43.33 86.86 -52.19
CA LYS D 381 -43.50 86.95 -50.75
C LYS D 381 -43.99 85.60 -50.26
N ASP D 382 -43.53 85.17 -49.09
CA ASP D 382 -44.08 83.98 -48.46
C ASP D 382 -43.85 84.03 -46.97
N ASP D 383 -44.61 83.21 -46.26
CA ASP D 383 -44.35 82.90 -44.86
C ASP D 383 -44.90 81.53 -44.54
N CYS D 384 -44.34 80.94 -43.48
CA CYS D 384 -44.79 79.66 -42.96
C CYS D 384 -44.88 79.78 -41.45
N VAL D 385 -46.04 79.48 -40.89
CA VAL D 385 -46.29 79.62 -39.46
C VAL D 385 -46.61 78.24 -38.91
N LYS D 386 -45.97 77.87 -37.81
CA LYS D 386 -46.28 76.62 -37.14
C LYS D 386 -46.56 76.90 -35.67
N ARG D 387 -47.52 76.16 -35.11
CA ARG D 387 -47.82 76.25 -33.69
C ARG D 387 -48.21 74.86 -33.24
N GLY D 388 -47.69 74.43 -32.10
CA GLY D 388 -48.04 73.11 -31.60
C GLY D 388 -48.00 73.03 -30.09
N GLU D 389 -49.09 72.61 -29.49
CA GLU D 389 -49.18 72.51 -28.05
C GLU D 389 -49.41 71.07 -27.64
N GLY D 390 -48.87 70.70 -26.49
CA GLY D 390 -49.09 69.37 -25.96
C GLY D 390 -49.33 69.43 -24.47
N ARG D 391 -50.27 68.66 -23.96
CA ARG D 391 -50.54 68.62 -22.53
C ARG D 391 -50.68 67.19 -22.09
N ALA D 392 -50.29 66.92 -20.85
CA ALA D 392 -50.40 65.57 -20.32
C ALA D 392 -50.61 65.62 -18.82
N VAL D 393 -51.50 64.77 -18.33
CA VAL D 393 -51.77 64.61 -16.91
C VAL D 393 -51.86 63.13 -16.61
N ASN D 394 -51.08 62.67 -15.63
CA ASN D 394 -51.28 61.34 -15.05
C ASN D 394 -51.59 61.53 -13.57
N ILE D 395 -52.63 60.88 -13.08
CA ILE D 395 -52.97 60.92 -11.67
C ILE D 395 -53.18 59.49 -11.21
N THR D 396 -52.33 59.02 -10.30
CA THR D 396 -52.36 57.63 -9.87
C THR D 396 -52.55 57.61 -8.36
N SER D 397 -53.76 57.32 -7.91
CA SER D 397 -54.03 57.25 -6.47
C SER D 397 -54.12 55.79 -6.02
N GLU D 398 -53.89 55.59 -4.73
CA GLU D 398 -54.00 54.26 -4.16
C GLU D 398 -54.31 54.35 -2.69
N ASN D 399 -55.28 53.58 -2.25
CA ASN D 399 -55.56 53.36 -0.84
C ASN D 399 -55.40 51.88 -0.55
N LEU D 400 -54.92 51.57 0.65
CA LEU D 400 -54.85 50.20 1.11
C LEU D 400 -55.11 50.21 2.60
N ILE D 401 -55.89 49.26 3.08
CA ILE D 401 -56.18 49.11 4.50
C ILE D 401 -56.04 47.63 4.83
N ASP D 402 -55.40 47.32 5.94
CA ASP D 402 -55.41 45.98 6.48
C ASP D 402 -55.77 46.08 7.95
N ASP D 403 -56.79 45.36 8.37
CA ASP D 403 -57.11 45.13 9.75
C ASP D 403 -56.90 43.65 10.04
N VAL D 404 -56.35 43.35 11.20
CA VAL D 404 -56.34 42.01 11.75
C VAL D 404 -56.80 42.14 13.19
N VAL D 405 -57.71 41.28 13.61
CA VAL D 405 -58.10 41.17 15.00
C VAL D 405 -57.91 39.72 15.40
N SER D 406 -57.32 39.48 16.55
CA SER D 406 -57.31 38.14 17.11
C SER D 406 -57.76 38.20 18.55
N LEU D 407 -58.48 37.18 18.97
CA LEU D 407 -58.98 37.10 20.33
C LEU D 407 -58.90 35.65 20.75
N ILE D 408 -58.62 35.41 22.02
CA ILE D 408 -58.51 34.04 22.52
C ILE D 408 -58.85 34.02 24.00
N ARG D 409 -59.75 33.11 24.39
CA ARG D 409 -60.20 33.02 25.77
C ARG D 409 -59.93 31.61 26.28
N GLY D 410 -59.78 31.48 27.58
CA GLY D 410 -59.61 30.16 28.17
C GLY D 410 -58.25 29.52 27.99
N GLY D 411 -57.82 28.73 28.95
CA GLY D 411 -56.61 27.96 28.84
C GLY D 411 -55.51 28.49 29.75
N THR D 412 -54.45 27.69 29.83
CA THR D 412 -53.30 28.07 30.63
C THR D 412 -52.53 29.16 29.91
N ARG D 413 -51.70 29.88 30.66
CA ARG D 413 -50.97 31.03 30.16
C ARG D 413 -49.92 30.65 29.12
N LYS D 414 -49.44 29.42 29.12
CA LYS D 414 -48.27 29.07 28.33
C LYS D 414 -48.61 28.61 26.92
N TYR D 415 -49.74 27.96 26.71
CA TYR D 415 -50.06 27.40 25.40
C TYR D 415 -50.95 28.30 24.56
N ALA D 416 -51.85 29.05 25.19
CA ALA D 416 -52.78 29.90 24.45
C ALA D 416 -52.07 31.02 23.71
N PHE D 417 -51.01 31.55 24.29
CA PHE D 417 -50.30 32.65 23.66
C PHE D 417 -49.18 32.16 22.76
N GLU D 418 -48.93 30.86 22.75
CA GLU D 418 -48.28 30.24 21.61
C GLU D 418 -49.26 30.15 20.45
N LEU D 419 -50.51 29.75 20.73
CA LEU D 419 -51.52 29.52 19.70
C LEU D 419 -51.89 30.80 18.98
N LYS D 420 -52.00 31.91 19.73
CA LYS D 420 -52.42 33.18 19.12
C LYS D 420 -51.40 33.68 18.11
N GLU D 421 -50.12 33.63 18.46
CA GLU D 421 -49.10 34.03 17.51
C GLU D 421 -48.90 33.02 16.39
N LYS D 422 -49.20 31.73 16.62
CA LYS D 422 -49.18 30.81 15.49
C LYS D 422 -50.36 31.05 14.54
N LEU D 423 -51.45 31.61 15.04
CA LEU D 423 -52.52 32.06 14.15
C LEU D 423 -52.07 33.27 13.34
N LEU D 424 -51.56 34.30 14.00
CA LEU D 424 -51.34 35.57 13.32
C LEU D 424 -50.09 35.59 12.45
N ARG D 425 -49.26 34.55 12.51
CA ARG D 425 -48.13 34.46 11.60
C ARG D 425 -48.60 34.23 10.16
N GLY D 426 -49.74 33.59 9.99
CA GLY D 426 -50.26 33.28 8.68
C GLY D 426 -49.82 31.94 8.14
N THR D 427 -48.75 31.35 8.69
CA THR D 427 -48.32 30.03 8.27
C THR D 427 -49.28 28.98 8.84
N VAL D 428 -49.16 27.76 8.31
CA VAL D 428 -50.01 26.67 8.77
C VAL D 428 -49.55 26.22 10.15
N ILE D 429 -50.50 25.88 11.00
CA ILE D 429 -50.23 25.43 12.36
C ILE D 429 -50.26 23.91 12.36
N ASP D 430 -49.13 23.31 12.68
CA ASP D 430 -49.09 21.86 12.87
C ASP D 430 -49.95 21.48 14.06
N VAL D 431 -50.54 20.28 14.02
CA VAL D 431 -51.58 19.93 14.98
C VAL D 431 -50.83 19.40 16.20
N THR D 432 -50.28 20.33 16.97
CA THR D 432 -49.74 20.08 18.29
C THR D 432 -50.01 21.22 19.24
N ASP D 433 -50.40 22.40 18.74
CA ASP D 433 -50.68 23.56 19.59
C ASP D 433 -52.16 23.71 19.88
N PHE D 434 -53.01 23.40 18.90
CA PHE D 434 -54.44 23.37 19.15
C PHE D 434 -54.80 22.23 20.08
N VAL D 435 -54.11 21.09 19.96
CA VAL D 435 -54.30 19.97 20.87
C VAL D 435 -53.84 20.32 22.28
N ASN D 436 -52.70 20.99 22.39
CA ASN D 436 -52.20 21.36 23.72
C ASN D 436 -53.05 22.44 24.36
N TRP D 437 -53.58 23.37 23.57
CA TRP D 437 -54.51 24.34 24.14
C TRP D 437 -55.82 23.69 24.54
N ALA D 438 -56.25 22.68 23.78
CA ALA D 438 -57.50 22.01 24.11
C ALA D 438 -57.34 21.08 25.31
N SER D 439 -56.13 20.59 25.56
CA SER D 439 -55.88 19.90 26.81
C SER D 439 -55.72 20.88 27.96
N SER D 440 -55.25 22.08 27.65
CA SER D 440 -55.12 23.13 28.65
C SER D 440 -56.46 23.65 29.12
N ILE D 441 -57.49 23.62 28.26
CA ILE D 441 -58.76 24.25 28.56
C ILE D 441 -59.53 23.54 29.67
N ASN D 442 -59.10 22.32 30.06
CA ASN D 442 -59.68 21.67 31.22
C ASN D 442 -59.32 22.41 32.51
N ASP D 443 -58.15 23.05 32.54
CA ASP D 443 -57.72 23.73 33.76
C ASP D 443 -58.45 25.06 33.96
N ALA D 444 -58.50 25.89 32.92
CA ALA D 444 -59.02 27.26 33.02
C ALA D 444 -60.17 27.47 32.05
N PRO D 445 -61.38 27.10 32.44
CA PRO D 445 -62.54 27.33 31.56
C PRO D 445 -63.01 28.77 31.62
N VAL D 446 -63.69 29.18 30.56
CA VAL D 446 -64.24 30.51 30.41
C VAL D 446 -65.65 30.39 29.89
N LEU D 447 -66.61 31.00 30.58
CA LEU D 447 -68.02 30.91 30.21
C LEU D 447 -68.25 31.53 28.83
N ILE D 448 -69.05 30.85 28.01
CA ILE D 448 -69.12 31.19 26.59
C ILE D 448 -70.54 31.42 26.09
N SER D 449 -71.58 30.91 26.74
CA SER D 449 -72.94 31.07 26.26
C SER D 449 -73.88 30.80 27.42
N GLN D 450 -74.84 31.69 27.62
CA GLN D 450 -75.65 31.66 28.82
C GLN D 450 -77.09 32.04 28.47
N LYS D 451 -78.01 31.57 29.30
CA LYS D 451 -79.43 31.90 29.19
C LYS D 451 -79.83 32.58 30.48
N LEU D 452 -80.01 33.88 30.43
CA LEU D 452 -80.13 34.71 31.62
C LEU D 452 -81.47 34.49 32.31
N SER D 453 -81.61 35.11 33.47
CA SER D 453 -82.80 35.05 34.31
C SER D 453 -82.70 36.17 35.33
N PRO D 454 -83.76 36.92 35.60
CA PRO D 454 -83.62 38.11 36.43
C PRO D 454 -83.44 37.77 37.90
N ILE D 455 -82.73 38.66 38.60
CA ILE D 455 -82.31 38.38 39.97
C ILE D 455 -83.46 38.50 40.96
N TYR D 456 -84.57 39.11 40.56
CA TYR D 456 -85.76 39.07 41.41
C TYR D 456 -86.58 37.81 41.21
N ASN D 457 -86.05 36.82 40.49
CA ASN D 457 -86.57 35.47 40.50
C ASN D 457 -85.76 34.59 41.45
N LEU D 458 -85.03 35.21 42.38
CA LEU D 458 -84.11 34.52 43.26
C LEU D 458 -84.24 34.94 44.72
N VAL D 459 -84.78 36.13 45.00
CA VAL D 459 -85.02 36.61 46.35
C VAL D 459 -86.01 35.70 47.06
N PRO D 460 -85.64 35.12 48.19
CA PRO D 460 -86.52 34.17 48.87
C PRO D 460 -87.77 34.84 49.44
N VAL D 461 -88.79 34.01 49.66
CA VAL D 461 -90.09 34.49 50.09
C VAL D 461 -90.29 34.28 51.59
N LYS D 462 -89.46 33.45 52.22
CA LYS D 462 -89.52 33.25 53.67
C LYS D 462 -89.20 34.52 54.45
N MET D 463 -88.33 35.37 53.92
CA MET D 463 -87.93 36.58 54.62
C MET D 463 -89.04 37.63 54.56
N LYS D 464 -88.92 38.61 55.44
CA LYS D 464 -89.96 39.63 55.60
C LYS D 464 -89.87 40.68 54.50
N ASN D 465 -91.04 41.19 54.11
CA ASN D 465 -91.22 42.17 53.02
C ASN D 465 -90.61 41.67 51.72
N ALA D 466 -90.82 40.39 51.42
CA ALA D 466 -90.19 39.79 50.24
C ALA D 466 -90.81 40.30 48.95
N HIS D 467 -92.14 40.41 48.91
CA HIS D 467 -92.79 40.85 47.69
C HIS D 467 -92.55 42.33 47.42
N LEU D 468 -92.40 43.14 48.47
CA LEU D 468 -92.10 44.55 48.26
C LEU D 468 -90.69 44.74 47.71
N LYS D 469 -89.73 43.95 48.19
CA LYS D 469 -88.38 44.03 47.66
C LYS D 469 -88.31 43.48 46.24
N LYS D 470 -89.13 42.47 45.92
CA LYS D 470 -89.18 42.00 44.55
C LYS D 470 -89.85 43.02 43.64
N GLN D 471 -90.85 43.75 44.15
CA GLN D 471 -91.47 44.84 43.41
C GLN D 471 -90.49 45.98 43.18
N ASN D 472 -89.58 46.19 44.13
CA ASN D 472 -88.54 47.21 43.93
C ASN D 472 -87.53 46.76 42.88
N LEU D 473 -87.08 45.51 42.97
CA LEU D 473 -86.05 45.02 42.06
C LEU D 473 -86.58 44.76 40.66
N GLU D 474 -87.89 44.61 40.48
CA GLU D 474 -88.40 44.44 39.12
C GLU D 474 -88.49 45.76 38.38
N ARG D 475 -88.51 46.89 39.09
CA ARG D 475 -88.45 48.20 38.47
C ARG D 475 -87.04 48.78 38.44
N ALA D 476 -86.19 48.35 39.37
CA ALA D 476 -84.81 48.84 39.38
C ALA D 476 -84.04 48.38 38.18
N ILE D 477 -84.36 47.20 37.63
CA ILE D 477 -83.67 46.73 36.43
C ILE D 477 -84.12 47.55 35.22
N GLU D 478 -85.40 47.91 35.16
CA GLU D 478 -85.88 48.78 34.09
C GLU D 478 -85.26 50.16 34.17
N ASP D 479 -85.15 50.72 35.37
CA ASP D 479 -84.51 52.01 35.54
C ASP D 479 -83.01 51.94 35.25
N TYR D 480 -82.36 50.84 35.58
CA TYR D 480 -80.94 50.72 35.31
C TYR D 480 -80.68 50.56 33.81
N ILE D 481 -81.53 49.80 33.11
CA ILE D 481 -81.31 49.63 31.69
C ILE D 481 -81.78 50.86 30.92
N ASN D 482 -82.62 51.70 31.52
CA ASN D 482 -83.03 52.92 30.83
C ASN D 482 -82.01 54.04 31.03
N GLU D 483 -81.57 54.25 32.28
CA GLU D 483 -80.79 55.45 32.59
C GLU D 483 -79.33 55.34 32.18
N PHE D 484 -78.79 54.13 32.01
CA PHE D 484 -77.47 53.97 31.44
C PHE D 484 -77.52 53.43 30.02
N SER D 485 -78.65 53.63 29.32
CA SER D 485 -78.74 53.21 27.94
C SER D 485 -77.93 54.13 27.04
N VAL D 486 -77.61 53.63 25.84
CA VAL D 486 -76.86 54.41 24.87
C VAL D 486 -77.73 55.42 24.15
N ARG D 487 -79.05 55.32 24.31
CA ARG D 487 -79.99 56.17 23.58
C ARG D 487 -80.22 57.53 24.23
N LYS D 488 -79.31 57.99 25.07
CA LYS D 488 -79.34 59.36 25.54
C LYS D 488 -78.32 60.24 24.84
N CYS D 489 -77.16 59.69 24.47
CA CYS D 489 -76.17 60.44 23.72
C CYS D 489 -76.61 60.58 22.28
N HIS D 490 -76.45 61.80 21.75
CA HIS D 490 -76.81 62.06 20.36
C HIS D 490 -75.83 61.37 19.43
N THR D 491 -76.36 60.71 18.41
CA THR D 491 -75.55 59.78 17.62
C THR D 491 -74.55 60.50 16.72
N CYS D 492 -73.44 59.82 16.46
CA CYS D 492 -72.41 60.36 15.59
C CYS D 492 -72.77 60.11 14.14
N GLN D 493 -72.38 61.07 13.29
CA GLN D 493 -72.67 61.00 11.88
C GLN D 493 -71.64 60.12 11.16
N ASN D 494 -71.77 60.06 9.83
CA ASN D 494 -70.87 59.36 8.92
C ASN D 494 -70.77 57.86 9.19
N GLY D 495 -71.81 57.28 9.79
CA GLY D 495 -71.76 55.87 10.15
C GLY D 495 -71.02 55.56 11.43
N GLY D 496 -70.81 56.56 12.29
CA GLY D 496 -70.12 56.32 13.53
C GLY D 496 -71.02 55.69 14.58
N THR D 497 -70.64 54.51 15.06
CA THR D 497 -71.40 53.79 16.07
C THR D 497 -71.01 54.29 17.45
N VAL D 498 -72.00 54.79 18.18
CA VAL D 498 -71.75 55.34 19.51
C VAL D 498 -71.68 54.20 20.52
N ILE D 499 -70.75 54.30 21.46
CA ILE D 499 -70.53 53.29 22.49
C ILE D 499 -70.47 53.98 23.83
N LEU D 500 -71.41 53.66 24.72
CA LEU D 500 -71.35 54.16 26.07
C LEU D 500 -70.24 53.45 26.83
N MET D 501 -69.36 54.23 27.45
CA MET D 501 -68.21 53.69 28.17
C MET D 501 -67.77 54.72 29.18
N ASP D 502 -67.79 54.34 30.47
CA ASP D 502 -67.41 55.19 31.61
C ASP D 502 -68.29 56.45 31.69
N GLY D 503 -69.54 56.36 31.21
CA GLY D 503 -70.38 57.54 31.10
C GLY D 503 -69.85 58.56 30.11
N LYS D 504 -69.14 58.12 29.08
CA LYS D 504 -68.51 59.00 28.11
C LYS D 504 -68.67 58.35 26.74
N CYS D 505 -69.66 58.80 25.98
CA CYS D 505 -70.04 58.16 24.73
C CYS D 505 -68.99 58.42 23.67
N LEU D 506 -68.14 57.42 23.45
CA LEU D 506 -67.13 57.46 22.40
C LEU D 506 -67.66 56.77 21.15
N CYS D 507 -67.36 57.33 19.99
CA CYS D 507 -67.81 56.80 18.72
C CYS D 507 -66.66 56.19 17.94
N ALA D 508 -66.95 55.08 17.25
CA ALA D 508 -65.98 54.40 16.39
C ALA D 508 -66.32 54.69 14.94
N CYS D 509 -65.32 55.15 14.18
CA CYS D 509 -65.49 55.58 12.80
C CYS D 509 -65.02 54.49 11.84
N PRO D 510 -65.77 54.20 10.79
CA PRO D 510 -65.40 53.08 9.91
C PRO D 510 -64.29 53.38 8.89
N PHE D 511 -63.09 52.89 9.20
CA PHE D 511 -62.02 52.57 8.26
C PHE D 511 -61.33 53.75 7.57
N LYS D 512 -61.88 54.95 7.65
CA LYS D 512 -61.27 56.08 6.96
C LYS D 512 -61.22 57.36 7.77
N PHE D 513 -61.95 57.47 8.85
CA PHE D 513 -62.24 58.75 9.48
C PHE D 513 -61.48 58.80 10.80
N GLU D 514 -60.51 59.70 10.90
CA GLU D 514 -59.72 59.80 12.11
C GLU D 514 -60.31 60.75 13.14
N GLY D 515 -61.33 61.54 12.75
CA GLY D 515 -61.88 62.52 13.65
C GLY D 515 -62.77 61.90 14.70
N ILE D 516 -63.03 62.68 15.75
CA ILE D 516 -63.89 62.20 16.83
C ILE D 516 -65.33 62.12 16.37
N ALA D 517 -65.75 63.06 15.52
CA ALA D 517 -67.09 63.08 14.95
C ALA D 517 -67.14 62.45 13.57
N CYS D 518 -66.11 61.65 13.22
CA CYS D 518 -66.02 60.91 11.96
C CYS D 518 -66.04 61.83 10.74
N GLU D 519 -65.50 63.04 10.86
CA GLU D 519 -65.66 64.05 9.82
C GLU D 519 -64.54 64.03 8.79
N ILE D 520 -63.29 64.08 9.24
CA ILE D 520 -62.16 64.15 8.32
C ILE D 520 -62.00 62.83 7.59
N SER D 521 -61.82 62.90 6.28
CA SER D 521 -61.69 61.72 5.44
C SER D 521 -60.31 61.67 4.81
N LYS D 522 -60.04 60.59 4.09
CA LYS D 522 -58.79 60.43 3.37
C LYS D 522 -59.03 59.84 1.98
N SER E 18 -44.84 87.15 22.11
CA SER E 18 -45.28 85.95 22.82
C SER E 18 -44.65 85.92 24.21
N HIS E 19 -45.42 86.36 25.21
CA HIS E 19 -44.91 86.42 26.59
C HIS E 19 -46.11 86.39 27.53
N ILE E 20 -46.35 85.22 28.13
CA ILE E 20 -47.45 85.03 29.09
C ILE E 20 -46.84 84.57 30.40
N ASP E 21 -47.30 85.15 31.50
CA ASP E 21 -46.85 84.77 32.83
C ASP E 21 -48.02 84.24 33.65
N CYS E 22 -47.69 83.62 34.78
CA CYS E 22 -48.70 83.11 35.68
C CYS E 22 -49.41 84.25 36.42
N ARG E 23 -50.61 83.95 36.88
CA ARG E 23 -51.43 84.92 37.59
C ARG E 23 -52.04 84.25 38.81
N MET E 24 -52.44 85.08 39.77
CA MET E 24 -53.12 84.59 40.97
C MET E 24 -54.25 85.54 41.35
N SER E 25 -55.37 84.95 41.76
CA SER E 25 -56.43 85.69 42.40
C SER E 25 -55.99 86.10 43.80
N PRO E 26 -56.55 87.17 44.36
CA PRO E 26 -56.25 87.51 45.74
C PRO E 26 -56.90 86.53 46.70
N TRP E 27 -56.34 86.49 47.92
CA TRP E 27 -56.81 85.55 48.93
C TRP E 27 -58.20 85.96 49.43
N SER E 28 -58.91 84.99 49.99
CA SER E 28 -60.25 85.22 50.50
C SER E 28 -60.16 85.76 51.93
N GLU E 29 -61.29 85.77 52.62
CA GLU E 29 -61.33 86.19 54.01
C GLU E 29 -61.13 84.98 54.93
N TRP E 30 -60.58 85.26 56.11
CA TRP E 30 -60.38 84.22 57.11
C TRP E 30 -61.73 83.78 57.67
N SER E 31 -62.05 82.50 57.53
CA SER E 31 -63.43 82.07 57.73
C SER E 31 -63.81 81.97 59.21
N GLN E 32 -63.20 81.02 59.92
CA GLN E 32 -63.57 80.70 61.30
C GLN E 32 -62.56 79.72 61.86
N CYS E 33 -62.23 79.87 63.14
CA CYS E 33 -61.53 78.81 63.86
C CYS E 33 -62.40 77.58 63.90
N ASP E 34 -62.01 76.54 63.17
CA ASP E 34 -62.68 75.26 63.27
C ASP E 34 -62.34 74.66 64.62
N PRO E 35 -63.31 74.50 65.53
CA PRO E 35 -62.97 74.23 66.93
C PRO E 35 -62.46 72.83 67.17
N CYS E 36 -62.78 71.88 66.29
CA CYS E 36 -62.31 70.52 66.42
C CYS E 36 -60.93 70.32 65.81
N LEU E 37 -60.34 71.36 65.19
CA LEU E 37 -59.00 71.29 64.64
C LEU E 37 -58.13 72.51 64.98
N ARG E 38 -58.70 73.56 65.57
CA ARG E 38 -57.98 74.75 66.07
C ARG E 38 -57.25 75.49 64.96
N GLN E 39 -57.77 75.47 63.74
CA GLN E 39 -57.13 76.12 62.60
C GLN E 39 -58.18 76.79 61.74
N MET E 40 -57.95 78.03 61.36
CA MET E 40 -58.78 78.70 60.36
C MET E 40 -58.11 78.60 58.99
N PHE E 41 -58.91 78.37 57.97
CA PHE E 41 -58.41 78.16 56.62
C PHE E 41 -58.87 79.30 55.73
N ARG E 42 -58.07 79.58 54.70
CA ARG E 42 -58.47 80.53 53.67
C ARG E 42 -57.82 80.11 52.37
N SER E 43 -58.35 80.63 51.27
CA SER E 43 -57.93 80.11 49.96
C SER E 43 -58.08 81.18 48.90
N ARG E 44 -57.78 80.79 47.67
CA ARG E 44 -57.88 81.63 46.49
C ARG E 44 -58.02 80.70 45.29
N SER E 45 -57.94 81.27 44.09
CA SER E 45 -57.99 80.45 42.88
C SER E 45 -56.85 80.80 41.93
N ILE E 46 -56.86 80.23 40.73
CA ILE E 46 -55.85 80.47 39.72
C ILE E 46 -56.55 80.99 38.48
N GLU E 47 -56.15 82.17 38.02
CA GLU E 47 -56.78 82.74 36.84
C GLU E 47 -56.21 82.17 35.55
N VAL E 48 -54.93 82.41 35.28
CA VAL E 48 -54.29 82.02 34.03
C VAL E 48 -52.96 81.37 34.33
N PHE E 49 -52.76 80.15 33.85
CA PHE E 49 -51.50 79.46 34.01
C PHE E 49 -50.44 80.07 33.09
N GLY E 50 -49.18 79.89 33.47
CA GLY E 50 -48.10 80.37 32.63
C GLY E 50 -47.97 79.58 31.35
N GLN E 51 -47.54 80.27 30.29
CA GLN E 51 -47.52 79.67 28.97
C GLN E 51 -46.49 80.42 28.14
N PHE E 52 -45.90 79.72 27.17
CA PHE E 52 -44.89 80.24 26.24
C PHE E 52 -43.67 80.80 26.98
N ASN E 53 -42.98 79.90 27.67
CA ASN E 53 -41.69 80.15 28.31
C ASN E 53 -41.80 81.27 29.37
N GLY E 54 -42.76 81.08 30.27
CA GLY E 54 -43.02 82.07 31.30
C GLY E 54 -42.97 81.49 32.70
N LYS E 55 -43.43 82.25 33.68
CA LYS E 55 -43.32 81.84 35.08
C LYS E 55 -44.36 80.78 35.41
N ARG E 56 -43.94 79.77 36.16
CA ARG E 56 -44.81 78.68 36.57
C ARG E 56 -45.61 79.08 37.80
N CYS E 57 -46.84 78.57 37.90
CA CYS E 57 -47.73 78.96 38.99
C CYS E 57 -47.36 78.30 40.30
N THR E 58 -46.97 77.02 40.26
CA THR E 58 -46.48 76.24 41.41
C THR E 58 -47.48 76.17 42.55
N ASP E 59 -48.75 75.89 42.20
CA ASP E 59 -49.77 75.22 43.04
C ASP E 59 -49.95 75.86 44.41
N ALA E 60 -50.09 77.18 44.44
CA ALA E 60 -50.07 77.93 45.68
C ALA E 60 -51.45 78.21 46.24
N VAL E 61 -52.40 77.29 46.06
CA VAL E 61 -53.75 77.45 46.59
C VAL E 61 -53.81 76.84 47.98
N GLY E 62 -54.75 77.33 48.78
CA GLY E 62 -54.92 76.83 50.14
C GLY E 62 -53.92 77.39 51.13
N ASP E 63 -54.39 77.67 52.35
CA ASP E 63 -53.54 78.27 53.37
C ASP E 63 -54.08 77.90 54.73
N ARG E 64 -53.18 77.77 55.70
CA ARG E 64 -53.54 77.38 57.06
C ARG E 64 -52.90 78.34 58.04
N ARG E 65 -53.52 78.48 59.21
CA ARG E 65 -53.00 79.36 60.25
C ARG E 65 -53.58 78.92 61.59
N GLN E 66 -52.71 78.83 62.60
CA GLN E 66 -53.16 78.37 63.91
C GLN E 66 -53.95 79.47 64.61
N CYS E 67 -55.00 79.07 65.33
CA CYS E 67 -55.75 80.01 66.14
C CYS E 67 -56.31 79.28 67.35
N VAL E 68 -56.46 80.03 68.44
CA VAL E 68 -57.04 79.48 69.67
C VAL E 68 -58.54 79.24 69.45
N PRO E 69 -59.10 78.11 69.91
CA PRO E 69 -60.55 77.91 69.76
C PRO E 69 -61.36 78.82 70.67
N THR E 70 -62.03 79.80 70.06
CA THR E 70 -62.80 80.77 70.83
C THR E 70 -64.12 80.19 71.33
N GLU E 71 -64.66 79.19 70.64
CA GLU E 71 -65.89 78.53 71.05
C GLU E 71 -65.75 77.04 70.74
N PRO E 72 -65.50 76.21 71.76
CA PRO E 72 -65.11 74.82 71.50
C PRO E 72 -66.29 73.96 71.04
N CYS E 73 -65.97 72.99 70.18
CA CYS E 73 -66.93 72.05 69.65
C CYS E 73 -67.12 70.89 70.61
N GLU E 74 -68.11 70.05 70.31
CA GLU E 74 -68.29 68.82 71.05
C GLU E 74 -67.18 67.83 70.70
N ASP E 75 -66.97 66.88 71.59
CA ASP E 75 -65.92 65.87 71.42
C ASP E 75 -66.34 64.94 70.28
N ALA E 76 -65.73 65.13 69.11
CA ALA E 76 -66.09 64.39 67.90
C ALA E 76 -65.52 62.99 67.99
N GLU E 77 -66.30 62.08 68.58
CA GLU E 77 -65.94 60.67 68.62
C GLU E 77 -67.20 59.84 68.42
N ASP E 78 -67.04 58.69 67.77
CA ASP E 78 -68.18 57.86 67.43
C ASP E 78 -68.64 57.06 68.64
N ASP E 79 -69.90 56.61 68.58
CA ASP E 79 -70.49 55.87 69.70
C ASP E 79 -69.92 54.46 69.75
N CYS E 80 -69.80 53.81 68.59
CA CYS E 80 -69.38 52.41 68.44
C CYS E 80 -70.25 51.49 69.29
N GLY E 81 -71.53 51.44 68.92
CA GLY E 81 -72.54 50.81 69.76
C GLY E 81 -72.47 49.30 69.72
N ASN E 82 -72.29 48.67 70.89
CA ASN E 82 -72.33 47.21 71.09
C ASN E 82 -71.31 46.46 70.24
N ASP E 83 -70.21 47.13 69.90
CA ASP E 83 -69.14 46.52 69.13
C ASP E 83 -67.83 46.67 69.90
N PHE E 84 -66.96 45.70 69.74
CA PHE E 84 -65.65 45.77 70.38
C PHE E 84 -64.80 46.82 69.66
N GLN E 85 -64.60 47.96 70.30
CA GLN E 85 -63.67 48.94 69.78
C GLN E 85 -62.24 48.41 69.91
N CYS E 86 -61.39 48.83 68.98
CA CYS E 86 -60.03 48.35 68.89
C CYS E 86 -59.07 49.49 69.20
N SER E 87 -57.78 49.21 69.05
CA SER E 87 -56.74 50.22 69.28
C SER E 87 -56.38 50.97 68.01
N THR E 88 -57.29 51.08 67.06
CA THR E 88 -57.14 51.87 65.85
C THR E 88 -58.28 52.85 65.63
N GLY E 89 -59.51 52.46 65.98
CA GLY E 89 -60.70 53.22 65.63
C GLY E 89 -61.70 52.44 64.80
N ARG E 90 -61.38 51.20 64.44
CA ARG E 90 -62.30 50.33 63.71
C ARG E 90 -63.09 49.50 64.71
N CYS E 91 -64.38 49.35 64.46
CA CYS E 91 -65.26 48.61 65.36
C CYS E 91 -65.65 47.30 64.70
N ILE E 92 -65.16 46.20 65.25
CA ILE E 92 -65.48 44.87 64.74
C ILE E 92 -66.45 44.19 65.70
N LYS E 93 -66.96 43.03 65.27
CA LYS E 93 -67.96 42.30 66.03
C LYS E 93 -67.27 41.34 67.01
N MET E 94 -68.09 40.62 67.78
CA MET E 94 -67.57 39.65 68.74
C MET E 94 -67.20 38.33 68.07
N ARG E 95 -67.79 38.03 66.91
CA ARG E 95 -67.51 36.80 66.17
C ARG E 95 -66.05 36.75 65.70
N LEU E 96 -65.42 37.90 65.53
CA LEU E 96 -64.05 37.98 65.05
C LEU E 96 -63.01 37.83 66.16
N ARG E 97 -63.42 37.40 67.36
CA ARG E 97 -62.49 37.26 68.46
C ARG E 97 -61.65 36.00 68.32
N CYS E 98 -60.33 36.16 68.41
CA CYS E 98 -59.33 35.07 68.40
C CYS E 98 -59.43 34.22 67.15
N ASN E 99 -59.79 34.82 66.03
CA ASN E 99 -59.98 34.09 64.79
C ASN E 99 -58.68 33.85 64.03
N GLY E 100 -57.56 34.36 64.52
CA GLY E 100 -56.31 34.24 63.80
C GLY E 100 -56.19 35.15 62.60
N ASP E 101 -57.03 36.17 62.49
CA ASP E 101 -56.98 37.13 61.41
C ASP E 101 -56.85 38.53 61.98
N ASN E 102 -55.97 39.33 61.37
CA ASN E 102 -55.71 40.68 61.83
C ASN E 102 -56.83 41.63 61.46
N ASP E 103 -57.85 41.70 62.33
CA ASP E 103 -59.09 42.37 62.03
C ASP E 103 -59.12 43.81 62.52
N CYS E 104 -58.61 44.08 63.72
CA CYS E 104 -58.57 45.45 64.21
C CYS E 104 -57.46 46.26 63.54
N GLY E 105 -56.46 45.59 62.97
CA GLY E 105 -55.35 46.28 62.37
C GLY E 105 -54.11 46.21 63.24
N ASP E 106 -54.30 46.37 64.56
CA ASP E 106 -53.23 46.24 65.53
C ASP E 106 -53.35 44.94 66.33
N PHE E 107 -53.76 43.87 65.66
CA PHE E 107 -53.54 42.49 66.08
C PHE E 107 -54.27 42.17 67.38
N SER E 108 -55.47 42.72 67.54
CA SER E 108 -56.22 42.60 68.79
C SER E 108 -57.07 41.33 68.83
N ASP E 109 -56.70 40.31 68.07
CA ASP E 109 -57.36 39.02 68.11
C ASP E 109 -56.45 37.89 68.56
N GLU E 110 -55.23 37.83 68.03
CA GLU E 110 -54.34 36.69 68.25
C GLU E 110 -53.45 36.86 69.48
N ASP E 111 -53.90 37.61 70.48
CA ASP E 111 -53.09 37.81 71.68
C ASP E 111 -53.84 37.51 72.97
N ASP E 112 -55.16 37.74 72.98
CA ASP E 112 -55.89 37.84 74.23
C ASP E 112 -56.19 36.47 74.82
N CYS E 113 -56.97 35.66 74.12
CA CYS E 113 -57.55 34.49 74.75
C CYS E 113 -56.61 33.29 74.66
N GLU E 114 -56.85 32.31 75.52
CA GLU E 114 -56.22 31.00 75.44
C GLU E 114 -57.11 29.98 74.75
N SER E 115 -58.15 30.45 74.05
CA SER E 115 -59.09 29.58 73.37
C SER E 115 -58.50 29.10 72.04
N GLU E 116 -59.32 28.42 71.25
CA GLU E 116 -58.85 27.92 69.96
C GLU E 116 -58.74 29.07 68.97
N PRO E 117 -57.77 29.01 68.05
CA PRO E 117 -57.71 30.03 66.99
C PRO E 117 -58.82 29.91 65.98
N ARG E 118 -59.50 28.74 65.91
CA ARG E 118 -60.61 28.31 65.05
C ARG E 118 -60.59 28.92 63.64
N PRO E 119 -59.60 28.58 62.81
CA PRO E 119 -59.49 29.26 61.51
C PRO E 119 -60.60 28.83 60.57
N PRO E 120 -61.32 29.80 60.00
CA PRO E 120 -62.42 29.44 59.08
C PRO E 120 -61.90 28.79 57.81
N CYS E 121 -60.75 29.19 57.32
CA CYS E 121 -60.02 28.38 56.37
C CYS E 121 -59.35 27.26 57.14
N ARG E 122 -59.87 26.04 57.01
CA ARG E 122 -59.35 24.86 57.68
C ARG E 122 -58.12 24.33 56.97
N ASP E 123 -57.78 23.06 57.24
CA ASP E 123 -56.59 22.41 56.71
C ASP E 123 -56.53 22.26 55.19
N ARG E 124 -57.53 22.74 54.46
CA ARG E 124 -57.44 22.89 53.02
C ARG E 124 -56.30 23.84 52.65
N VAL E 125 -55.69 23.58 51.49
CA VAL E 125 -54.56 24.36 51.02
C VAL E 125 -55.07 25.75 50.62
N VAL E 126 -54.78 26.74 51.46
CA VAL E 126 -55.30 28.09 51.31
C VAL E 126 -54.14 29.06 51.49
N GLU E 127 -53.97 29.96 50.54
CA GLU E 127 -52.84 30.87 50.53
C GLU E 127 -53.34 32.32 50.66
N GLU E 128 -52.44 33.27 50.48
CA GLU E 128 -52.80 34.67 50.37
C GLU E 128 -52.64 35.10 48.91
N SER E 129 -53.46 36.08 48.50
CA SER E 129 -53.54 36.44 47.10
C SER E 129 -52.38 37.34 46.71
N GLU E 130 -52.36 37.71 45.42
CA GLU E 130 -51.40 38.67 44.90
C GLU E 130 -52.05 39.80 44.13
N LEU E 131 -53.30 39.65 43.72
CA LEU E 131 -54.03 40.64 42.95
C LEU E 131 -55.10 41.34 43.77
N ALA E 132 -55.67 40.65 44.75
CA ALA E 132 -56.73 41.21 45.54
C ALA E 132 -56.24 42.12 46.65
N ARG E 133 -54.96 42.04 47.01
CA ARG E 133 -54.48 42.76 48.18
C ARG E 133 -54.35 44.25 47.90
N THR E 134 -54.23 44.64 46.65
CA THR E 134 -54.12 46.04 46.26
C THR E 134 -55.30 46.44 45.38
N ALA E 135 -56.51 45.99 45.71
CA ALA E 135 -57.64 46.08 44.80
C ALA E 135 -58.38 47.41 44.85
N GLY E 136 -57.77 48.45 45.40
CA GLY E 136 -58.41 49.74 45.31
C GLY E 136 -58.03 50.52 44.08
N TYR E 137 -56.73 50.81 43.94
CA TYR E 137 -56.16 51.70 42.94
C TYR E 137 -56.94 53.00 42.84
N GLY E 138 -56.95 53.75 43.94
CA GLY E 138 -57.64 55.03 44.00
C GLY E 138 -57.06 56.03 43.03
N ILE E 139 -57.77 56.29 41.96
CA ILE E 139 -57.19 56.84 40.75
C ILE E 139 -57.43 58.35 40.74
N ASN E 140 -56.68 59.04 39.90
CA ASN E 140 -56.81 60.47 39.72
C ASN E 140 -57.22 60.74 38.27
N ILE E 141 -57.80 61.91 38.04
CA ILE E 141 -58.40 62.24 36.74
C ILE E 141 -57.39 62.48 35.63
N LEU E 142 -56.10 62.59 35.96
CA LEU E 142 -55.08 62.72 34.92
C LEU E 142 -54.95 61.42 34.13
N GLY E 143 -54.98 60.28 34.80
CA GLY E 143 -54.86 59.00 34.14
C GLY E 143 -53.96 58.05 34.90
N MET E 144 -53.08 58.59 35.73
CA MET E 144 -52.17 57.79 36.53
C MET E 144 -52.82 57.42 37.86
N ASP E 145 -52.39 56.29 38.42
CA ASP E 145 -53.10 55.64 39.51
C ASP E 145 -52.26 55.43 40.76
N PRO E 146 -52.40 56.28 41.78
CA PRO E 146 -51.77 55.98 43.07
C PRO E 146 -52.48 54.82 43.75
N LEU E 147 -51.70 53.88 44.28
CA LEU E 147 -52.21 52.67 44.90
C LEU E 147 -52.68 52.92 46.34
N SER E 148 -52.86 54.18 46.72
CA SER E 148 -53.26 54.56 48.07
C SER E 148 -54.71 54.12 48.26
N THR E 149 -54.85 52.84 48.54
CA THR E 149 -56.11 52.15 48.57
C THR E 149 -56.92 52.59 49.77
N PRO E 150 -58.10 53.18 49.58
CA PRO E 150 -58.93 53.49 50.74
C PRO E 150 -59.48 52.24 51.37
N PHE E 151 -59.62 51.16 50.60
CA PHE E 151 -60.08 49.90 51.12
C PHE E 151 -58.99 49.24 51.95
N ASP E 152 -59.38 48.23 52.72
CA ASP E 152 -58.46 47.44 53.50
C ASP E 152 -58.63 45.99 53.05
N ASN E 153 -57.65 45.47 52.32
CA ASN E 153 -57.73 44.13 51.76
C ASN E 153 -57.02 43.11 52.64
N GLU E 154 -57.06 43.30 53.95
CA GLU E 154 -56.66 42.27 54.90
C GLU E 154 -57.81 41.83 55.77
N PHE E 155 -58.94 42.49 55.70
CA PHE E 155 -60.10 42.16 56.52
C PHE E 155 -60.85 41.03 55.84
N TYR E 156 -60.89 39.86 56.48
CA TYR E 156 -61.55 38.70 55.89
C TYR E 156 -62.92 38.42 56.50
N ASN E 157 -63.18 38.96 57.69
CA ASN E 157 -64.46 38.84 58.40
C ASN E 157 -64.83 37.38 58.67
N GLY E 158 -63.84 36.55 58.91
CA GLY E 158 -64.07 35.17 59.32
C GLY E 158 -64.70 34.27 58.28
N LEU E 159 -64.46 34.53 57.00
CA LEU E 159 -65.00 33.73 55.93
C LEU E 159 -63.86 33.13 55.11
N CYS E 160 -64.16 32.06 54.39
CA CYS E 160 -63.17 31.36 53.60
C CYS E 160 -63.78 31.07 52.23
N ASN E 161 -63.62 32.00 51.30
CA ASN E 161 -64.11 31.86 49.94
C ASN E 161 -62.91 31.71 49.02
N ARG E 162 -62.86 30.61 48.28
CA ARG E 162 -61.72 30.31 47.44
C ARG E 162 -61.98 30.72 46.01
N ASP E 163 -60.93 31.19 45.34
CA ASP E 163 -60.98 31.57 43.93
C ASP E 163 -59.77 30.97 43.22
N ARG E 164 -60.02 30.15 42.21
CA ARG E 164 -58.95 29.33 41.67
C ARG E 164 -58.02 30.14 40.77
N ASP E 165 -56.87 29.53 40.48
CA ASP E 165 -55.91 30.05 39.55
C ASP E 165 -55.74 29.05 38.42
N GLY E 166 -55.53 29.56 37.21
CA GLY E 166 -55.36 28.71 36.06
C GLY E 166 -54.01 28.03 36.02
N ASN E 167 -52.94 28.81 36.03
CA ASN E 167 -51.62 28.25 35.76
C ASN E 167 -51.06 27.55 37.00
N THR E 168 -51.03 28.22 38.14
CA THR E 168 -50.32 27.69 39.30
C THR E 168 -51.11 26.62 40.05
N LEU E 169 -52.42 26.51 39.81
CA LEU E 169 -53.33 25.56 40.46
C LEU E 169 -53.30 25.69 41.98
N THR E 170 -53.62 26.88 42.44
CA THR E 170 -53.66 27.20 43.86
C THR E 170 -55.08 27.59 44.24
N TYR E 171 -55.27 28.04 45.47
CA TYR E 171 -56.57 28.49 45.95
C TYR E 171 -56.37 29.77 46.75
N TYR E 172 -56.45 30.90 46.05
CA TYR E 172 -56.29 32.20 46.67
C TYR E 172 -57.56 32.55 47.44
N ARG E 173 -57.47 33.58 48.27
CA ARG E 173 -58.62 33.99 49.06
C ARG E 173 -59.30 35.21 48.45
N ARG E 174 -60.50 35.46 48.94
CA ARG E 174 -61.30 36.61 48.53
C ARG E 174 -61.46 37.51 49.74
N PRO E 175 -60.79 38.64 49.81
CA PRO E 175 -61.02 39.59 50.91
C PRO E 175 -62.43 40.16 50.87
N TRP E 176 -62.84 40.72 52.01
CA TRP E 176 -64.21 41.18 52.17
C TRP E 176 -64.55 42.36 51.28
N ASN E 177 -63.56 43.16 50.91
CA ASN E 177 -63.88 44.31 50.07
C ASN E 177 -64.00 43.96 48.60
N VAL E 178 -63.51 42.79 48.18
CA VAL E 178 -63.63 42.34 46.79
C VAL E 178 -64.86 41.46 46.68
N ALA E 179 -65.81 41.85 45.83
CA ALA E 179 -67.04 41.10 45.66
C ALA E 179 -66.95 39.99 44.64
N SER E 180 -66.07 40.13 43.65
CA SER E 180 -65.88 39.09 42.66
C SER E 180 -64.50 39.19 42.07
N LEU E 181 -63.94 38.03 41.71
CA LEU E 181 -62.56 37.97 41.27
C LEU E 181 -62.39 36.73 40.41
N ILE E 182 -62.39 36.91 39.10
CA ILE E 182 -62.18 35.83 38.17
C ILE E 182 -60.75 35.90 37.67
N TYR E 183 -60.23 34.77 37.21
CA TYR E 183 -58.95 34.71 36.51
C TYR E 183 -59.21 34.09 35.14
N GLU E 184 -59.52 34.91 34.14
CA GLU E 184 -59.60 34.40 32.78
C GLU E 184 -58.20 34.37 32.18
N THR E 185 -58.12 34.17 30.88
CA THR E 185 -56.89 34.40 30.14
C THR E 185 -57.33 34.96 28.79
N LYS E 186 -57.43 36.26 28.69
CA LYS E 186 -58.07 36.85 27.53
C LYS E 186 -57.02 37.61 26.73
N GLY E 187 -56.47 36.97 25.71
CA GLY E 187 -55.49 37.62 24.86
C GLY E 187 -56.17 38.25 23.68
N GLU E 188 -55.67 39.40 23.24
CA GLU E 188 -56.40 40.14 22.22
C GLU E 188 -55.46 41.06 21.47
N LYS E 189 -55.15 40.73 20.23
CA LYS E 189 -54.25 41.55 19.43
C LYS E 189 -55.00 42.27 18.34
N ASN E 190 -54.98 43.59 18.36
CA ASN E 190 -55.35 44.37 17.19
C ASN E 190 -54.10 44.59 16.35
N PHE E 191 -54.30 44.75 15.05
CA PHE E 191 -53.24 45.05 14.11
C PHE E 191 -53.86 45.88 13.01
N ARG E 192 -53.21 46.96 12.62
CA ARG E 192 -53.65 47.70 11.45
C ARG E 192 -52.44 48.11 10.63
N THR E 193 -52.64 48.24 9.33
CA THR E 193 -51.69 48.95 8.49
C THR E 193 -52.42 49.64 7.37
N GLU E 194 -52.38 50.96 7.38
CA GLU E 194 -52.97 51.76 6.33
C GLU E 194 -51.89 52.26 5.40
N HIS E 195 -52.30 52.66 4.21
CA HIS E 195 -51.33 53.07 3.21
C HIS E 195 -52.06 53.97 2.23
N TYR E 196 -51.49 55.13 1.95
CA TYR E 196 -52.02 56.03 0.95
C TYR E 196 -50.89 56.44 0.03
N GLU E 197 -51.23 56.64 -1.24
CA GLU E 197 -50.22 57.06 -2.19
C GLU E 197 -50.91 57.86 -3.27
N GLU E 198 -50.22 58.88 -3.79
CA GLU E 198 -50.78 59.68 -4.87
C GLU E 198 -49.65 60.22 -5.73
N GLN E 199 -49.49 59.69 -6.93
CA GLN E 199 -48.58 60.30 -7.88
C GLN E 199 -49.36 61.24 -8.78
N ILE E 200 -48.71 62.27 -9.28
CA ILE E 200 -49.27 63.12 -10.33
C ILE E 200 -48.13 63.63 -11.19
N GLU E 201 -48.32 63.58 -12.49
CA GLU E 201 -47.33 64.08 -13.46
C GLU E 201 -48.08 64.98 -14.44
N ALA E 202 -47.93 66.29 -14.28
CA ALA E 202 -48.46 67.26 -15.22
C ALA E 202 -47.36 67.68 -16.20
N PHE E 203 -47.79 68.17 -17.35
CA PHE E 203 -46.87 68.35 -18.47
C PHE E 203 -47.49 69.32 -19.45
N LYS E 204 -46.72 70.30 -19.94
CA LYS E 204 -47.25 71.28 -20.90
C LYS E 204 -46.12 71.78 -21.78
N SER E 205 -46.17 71.46 -23.07
CA SER E 205 -45.16 71.87 -24.04
C SER E 205 -45.79 72.78 -25.09
N ILE E 206 -45.02 73.76 -25.55
CA ILE E 206 -45.44 74.69 -26.61
C ILE E 206 -44.28 74.88 -27.56
N ILE E 207 -44.54 74.76 -28.87
CA ILE E 207 -43.57 75.12 -29.90
C ILE E 207 -44.23 76.13 -30.83
N GLN E 208 -43.56 77.25 -31.09
CA GLN E 208 -44.07 78.26 -32.00
C GLN E 208 -42.99 78.59 -33.01
N GLU E 209 -43.42 78.97 -34.22
CA GLU E 209 -42.47 79.31 -35.27
C GLU E 209 -43.14 80.21 -36.28
N LYS E 210 -42.48 81.29 -36.66
CA LYS E 210 -42.88 82.04 -37.84
C LYS E 210 -41.64 82.26 -38.72
N THR E 211 -41.81 82.04 -40.02
CA THR E 211 -40.72 82.23 -40.98
C THR E 211 -41.28 83.11 -42.09
N SER E 212 -40.92 84.39 -42.09
CA SER E 212 -41.38 85.34 -43.09
C SER E 212 -40.24 85.71 -44.03
N ASN E 213 -40.54 85.79 -45.33
CA ASN E 213 -39.54 86.04 -46.36
C ASN E 213 -40.15 86.95 -47.42
N PHE E 214 -39.60 88.15 -47.57
CA PHE E 214 -40.09 89.12 -48.54
C PHE E 214 -38.97 89.43 -49.54
N ASN E 215 -39.28 89.39 -50.83
CA ASN E 215 -38.26 89.55 -51.87
C ASN E 215 -38.79 90.50 -52.92
N ALA E 216 -38.07 91.60 -53.16
CA ALA E 216 -38.39 92.46 -54.29
C ALA E 216 -37.46 92.13 -55.45
N ALA E 217 -37.63 92.87 -56.55
CA ALA E 217 -36.77 92.74 -57.72
C ALA E 217 -36.75 94.01 -58.55
N PHE E 249 -30.59 95.49 -58.21
CA PHE E 249 -31.94 96.02 -58.02
C PHE E 249 -32.84 95.03 -57.29
N ARG E 250 -32.68 94.90 -55.98
CA ARG E 250 -33.60 94.11 -55.17
C ARG E 250 -33.57 94.60 -53.74
N PHE E 251 -34.32 93.90 -52.88
CA PHE E 251 -34.37 94.16 -51.45
C PHE E 251 -35.02 92.95 -50.81
N SER E 252 -34.34 92.33 -49.84
CA SER E 252 -34.89 91.19 -49.14
C SER E 252 -35.15 91.55 -47.68
N TYR E 253 -36.01 90.76 -47.05
CA TYR E 253 -36.29 90.92 -45.63
C TYR E 253 -36.78 89.59 -45.10
N SER E 254 -35.96 88.93 -44.30
CA SER E 254 -36.28 87.62 -43.76
C SER E 254 -36.39 87.70 -42.25
N LYS E 255 -37.07 86.72 -41.67
CA LYS E 255 -37.18 86.58 -40.21
C LYS E 255 -37.55 85.14 -39.93
N ASN E 256 -36.86 84.53 -38.97
CA ASN E 256 -37.12 83.14 -38.57
C ASN E 256 -37.20 83.11 -37.05
N GLU E 257 -38.36 83.42 -36.49
CA GLU E 257 -38.54 83.39 -35.04
C GLU E 257 -39.00 82.01 -34.63
N THR E 258 -38.34 81.45 -33.62
CA THR E 258 -38.60 80.09 -33.16
C THR E 258 -38.69 80.09 -31.65
N TYR E 259 -39.90 80.14 -31.12
CA TYR E 259 -40.12 80.12 -29.68
C TYR E 259 -40.39 78.70 -29.22
N GLN E 260 -40.00 78.41 -27.99
CA GLN E 260 -40.33 77.12 -27.41
C GLN E 260 -40.59 77.35 -25.93
N LEU E 261 -41.34 76.44 -25.32
CA LEU E 261 -41.66 76.50 -23.90
C LEU E 261 -41.95 75.08 -23.45
N PHE E 262 -41.64 74.79 -22.19
CA PHE E 262 -41.70 73.41 -21.72
C PHE E 262 -41.86 73.46 -20.21
N LEU E 263 -42.82 72.72 -19.68
CA LEU E 263 -43.00 72.67 -18.24
C LEU E 263 -43.39 71.27 -17.82
N SER E 264 -42.78 70.79 -16.75
CA SER E 264 -43.16 69.54 -16.12
C SER E 264 -43.57 69.80 -14.68
N TYR E 265 -44.22 68.81 -14.07
CA TYR E 265 -44.51 68.84 -12.64
C TYR E 265 -44.74 67.39 -12.23
N SER E 266 -43.72 66.75 -11.67
CA SER E 266 -43.78 65.31 -11.40
C SER E 266 -43.68 65.08 -9.91
N SER E 267 -44.80 65.18 -9.21
CA SER E 267 -44.79 65.13 -7.75
C SER E 267 -45.54 63.91 -7.26
N LYS E 268 -44.93 63.15 -6.37
CA LYS E 268 -45.61 62.05 -5.71
C LYS E 268 -45.74 62.35 -4.23
N LYS E 269 -46.68 61.65 -3.59
CA LYS E 269 -46.85 61.72 -2.16
C LYS E 269 -47.16 60.33 -1.65
N GLU E 270 -46.86 60.09 -0.38
CA GLU E 270 -47.06 58.79 0.23
C GLU E 270 -47.31 59.04 1.71
N LYS E 271 -48.12 58.19 2.33
CA LYS E 271 -48.40 58.34 3.75
C LYS E 271 -48.80 56.99 4.31
N MET E 272 -47.90 56.35 5.04
CA MET E 272 -48.16 55.03 5.58
C MET E 272 -48.71 55.19 7.00
N PHE E 273 -49.11 54.07 7.60
CA PHE E 273 -49.49 54.03 9.01
C PHE E 273 -49.46 52.57 9.42
N LEU E 274 -49.08 52.32 10.65
CA LEU E 274 -49.12 50.96 11.18
C LEU E 274 -49.49 51.07 12.64
N HIS E 275 -50.09 50.02 13.20
CA HIS E 275 -50.54 50.09 14.61
C HIS E 275 -50.72 48.68 15.14
N VAL E 276 -49.78 48.19 15.89
CA VAL E 276 -49.96 46.94 16.60
C VAL E 276 -50.49 47.29 17.98
N LYS E 277 -51.36 46.46 18.57
CA LYS E 277 -51.75 46.70 19.96
C LYS E 277 -52.18 45.35 20.56
N GLY E 278 -51.30 44.72 21.31
CA GLY E 278 -51.69 43.44 21.87
C GLY E 278 -51.95 43.42 23.36
N GLU E 279 -53.21 43.46 23.77
CA GLU E 279 -53.53 43.39 25.18
C GLU E 279 -53.51 41.95 25.65
N ILE E 280 -53.22 41.77 26.94
CA ILE E 280 -53.29 40.47 27.59
C ILE E 280 -53.96 40.68 28.93
N HIS E 281 -55.14 40.11 29.13
CA HIS E 281 -55.87 40.31 30.37
C HIS E 281 -55.76 39.06 31.21
N LEU E 282 -55.46 39.23 32.50
CA LEU E 282 -55.56 38.16 33.48
C LEU E 282 -56.59 38.61 34.51
N GLY E 283 -57.85 38.31 34.23
CA GLY E 283 -58.87 38.52 35.23
C GLY E 283 -59.26 39.96 35.45
N ARG E 284 -60.01 40.16 36.53
CA ARG E 284 -60.60 41.45 36.85
C ARG E 284 -61.01 41.42 38.31
N PHE E 285 -61.71 42.47 38.76
CA PHE E 285 -62.24 42.53 40.12
C PHE E 285 -63.37 43.54 40.15
N VAL E 286 -64.27 43.36 41.12
CA VAL E 286 -65.36 44.30 41.35
C VAL E 286 -65.45 44.54 42.86
N MET E 287 -65.32 45.80 43.28
CA MET E 287 -65.36 46.12 44.69
C MET E 287 -66.80 46.22 45.17
N ARG E 288 -66.99 46.43 46.46
CA ARG E 288 -68.33 46.51 47.04
C ARG E 288 -68.73 47.96 47.26
N ASN E 289 -69.94 48.15 47.80
CA ASN E 289 -70.50 49.47 47.98
C ASN E 289 -71.14 49.70 49.35
N ARG E 290 -71.54 48.65 50.07
CA ARG E 290 -72.12 48.80 51.40
C ARG E 290 -71.41 47.86 52.36
N ASP E 291 -71.37 48.25 53.63
CA ASP E 291 -70.65 47.55 54.71
C ASP E 291 -69.18 47.34 54.35
N VAL E 292 -68.56 48.40 53.87
CA VAL E 292 -67.18 48.37 53.38
C VAL E 292 -66.28 48.83 54.51
N VAL E 293 -65.19 48.10 54.74
CA VAL E 293 -64.20 48.53 55.70
C VAL E 293 -63.14 49.37 55.00
N LEU E 294 -62.66 50.39 55.69
CA LEU E 294 -61.64 51.28 55.18
C LEU E 294 -60.38 51.13 56.02
N THR E 295 -59.25 51.53 55.45
CA THR E 295 -57.98 51.39 56.16
C THR E 295 -57.86 52.41 57.28
N THR E 296 -56.82 52.24 58.11
CA THR E 296 -56.69 53.06 59.30
C THR E 296 -56.29 54.49 58.96
N THR E 297 -55.41 54.66 57.97
CA THR E 297 -54.89 55.96 57.60
C THR E 297 -55.82 56.76 56.70
N PHE E 298 -57.10 56.43 56.65
CA PHE E 298 -58.03 57.12 55.78
C PHE E 298 -59.25 57.63 56.52
N VAL E 299 -59.73 56.89 57.52
CA VAL E 299 -60.83 57.36 58.36
C VAL E 299 -60.39 58.57 59.17
N ASP E 300 -59.11 58.60 59.58
CA ASP E 300 -58.58 59.75 60.29
C ASP E 300 -58.52 60.98 59.39
N ASP E 301 -58.12 60.80 58.13
CA ASP E 301 -58.03 61.93 57.22
C ASP E 301 -59.39 62.41 56.77
N ILE E 302 -60.41 61.56 56.79
CA ILE E 302 -61.77 62.07 56.63
C ILE E 302 -62.21 62.81 57.89
N LYS E 303 -61.82 62.31 59.05
CA LYS E 303 -62.19 62.95 60.32
C LYS E 303 -61.50 64.29 60.53
N ALA E 304 -60.40 64.55 59.81
CA ALA E 304 -59.69 65.82 59.92
C ALA E 304 -60.08 66.81 58.84
N LEU E 305 -61.29 66.68 58.29
CA LEU E 305 -61.73 67.63 57.27
C LEU E 305 -62.48 68.79 57.93
N PRO E 306 -62.36 70.02 57.40
CA PRO E 306 -62.75 71.21 58.17
C PRO E 306 -64.24 71.44 58.31
N THR E 307 -65.09 70.65 57.62
CA THR E 307 -66.53 70.49 57.85
C THR E 307 -67.35 71.71 57.40
N THR E 308 -66.69 72.83 57.06
CA THR E 308 -67.38 74.08 56.76
C THR E 308 -67.17 74.52 55.32
N TYR E 309 -66.76 73.60 54.44
CA TYR E 309 -66.22 73.89 53.11
C TYR E 309 -65.12 74.95 53.19
N GLU E 310 -64.03 74.56 53.79
CA GLU E 310 -62.80 75.34 53.74
C GLU E 310 -61.92 74.76 52.64
N LYS E 311 -61.67 75.57 51.62
CA LYS E 311 -61.16 75.09 50.33
C LYS E 311 -59.73 74.58 50.41
N GLY E 312 -58.98 74.93 51.45
CA GLY E 312 -57.57 74.59 51.49
C GLY E 312 -57.28 73.13 51.76
N GLU E 313 -58.10 72.49 52.58
CA GLU E 313 -57.82 71.12 52.99
C GLU E 313 -58.25 70.09 51.95
N TYR E 314 -59.32 70.37 51.19
CA TYR E 314 -59.84 69.38 50.27
C TYR E 314 -58.95 69.20 49.06
N PHE E 315 -58.25 70.26 48.63
CA PHE E 315 -57.29 70.10 47.54
C PHE E 315 -56.03 69.35 47.98
N ALA E 316 -55.78 69.25 49.27
CA ALA E 316 -54.72 68.36 49.73
C ALA E 316 -55.22 66.94 49.88
N PHE E 317 -56.47 66.78 50.31
CA PHE E 317 -57.04 65.44 50.46
C PHE E 317 -57.21 64.74 49.12
N LEU E 318 -57.70 65.47 48.11
CA LEU E 318 -57.97 64.86 46.82
C LEU E 318 -56.70 64.53 46.05
N GLU E 319 -55.57 65.07 46.43
CA GLU E 319 -54.31 64.66 45.83
C GLU E 319 -53.47 63.81 46.76
N THR E 320 -53.93 63.60 48.00
CA THR E 320 -53.34 62.55 48.80
C THR E 320 -53.97 61.20 48.47
N TYR E 321 -55.29 61.14 48.35
CA TYR E 321 -55.98 59.86 48.16
C TYR E 321 -56.71 59.76 46.84
N GLY E 322 -56.35 60.59 45.86
CA GLY E 322 -56.96 60.48 44.55
C GLY E 322 -58.37 61.03 44.47
N THR E 323 -58.90 61.13 43.26
CA THR E 323 -60.23 61.68 43.08
C THR E 323 -61.29 60.59 43.04
N HIS E 324 -61.01 59.48 42.36
CA HIS E 324 -61.94 58.37 42.25
C HIS E 324 -61.25 57.09 42.66
N TYR E 325 -62.03 56.07 42.99
CA TYR E 325 -61.48 54.74 43.23
C TYR E 325 -61.97 53.78 42.15
N SER E 326 -61.09 52.89 41.72
CA SER E 326 -61.44 51.96 40.65
C SER E 326 -62.37 50.88 41.17
N SER E 327 -63.67 51.09 41.02
CA SER E 327 -64.66 50.15 41.50
C SER E 327 -64.74 48.89 40.65
N SER E 328 -64.17 48.89 39.45
CA SER E 328 -64.16 47.69 38.61
C SER E 328 -62.99 47.78 37.65
N GLY E 329 -61.91 47.09 37.95
CA GLY E 329 -60.72 47.11 37.13
C GLY E 329 -60.58 45.88 36.26
N SER E 330 -59.40 45.77 35.65
CA SER E 330 -59.01 44.61 34.85
C SER E 330 -57.50 44.65 34.71
N LEU E 331 -56.80 43.71 35.34
CA LEU E 331 -55.36 43.82 35.38
C LEU E 331 -54.74 43.18 34.13
N GLY E 332 -53.43 43.04 34.11
CA GLY E 332 -52.72 42.61 32.92
C GLY E 332 -52.47 43.75 31.95
N GLY E 333 -51.29 43.81 31.34
CA GLY E 333 -50.92 45.00 30.62
C GLY E 333 -50.55 44.86 29.15
N LEU E 334 -50.64 45.97 28.42
CA LEU E 334 -50.57 45.97 26.97
C LEU E 334 -49.16 46.27 26.48
N TYR E 335 -49.05 46.30 25.15
CA TYR E 335 -47.93 46.92 24.48
C TYR E 335 -48.49 47.58 23.22
N GLU E 336 -47.65 48.33 22.52
CA GLU E 336 -48.15 49.14 21.41
C GLU E 336 -46.99 49.62 20.56
N LEU E 337 -47.12 49.49 19.25
CA LEU E 337 -46.24 50.13 18.29
C LEU E 337 -47.07 51.11 17.47
N ILE E 338 -46.44 52.19 17.00
CA ILE E 338 -47.02 53.12 16.03
C ILE E 338 -45.91 53.50 15.08
N TYR E 339 -46.15 53.45 13.78
CA TYR E 339 -45.13 53.71 12.77
C TYR E 339 -45.72 54.69 11.78
N VAL E 340 -45.51 55.98 11.97
CA VAL E 340 -46.11 56.98 11.10
C VAL E 340 -45.03 57.44 10.13
N LEU E 341 -45.07 56.95 8.91
CA LEU E 341 -44.18 57.50 7.90
C LEU E 341 -44.91 58.66 7.23
N ASP E 342 -44.15 59.45 6.47
CA ASP E 342 -44.69 60.52 5.65
C ASP E 342 -43.63 60.83 4.62
N LYS E 343 -44.06 61.09 3.40
CA LYS E 343 -43.13 61.43 2.34
C LYS E 343 -43.80 62.49 1.48
N ALA E 344 -42.99 63.39 0.93
CA ALA E 344 -43.52 64.33 -0.05
C ALA E 344 -42.37 64.70 -0.98
N SER E 345 -42.26 63.97 -2.08
CA SER E 345 -41.36 64.45 -3.12
C SER E 345 -42.05 65.57 -3.88
N MET E 346 -41.27 66.29 -4.68
CA MET E 346 -41.81 67.25 -5.64
C MET E 346 -40.72 67.58 -6.63
N LYS E 347 -41.05 67.54 -7.91
CA LYS E 347 -40.19 68.16 -8.91
C LYS E 347 -40.97 69.28 -9.58
N ARG E 348 -40.24 70.19 -10.20
CA ARG E 348 -40.81 71.08 -11.20
C ARG E 348 -39.66 71.55 -12.08
N LYS E 349 -39.98 71.83 -13.34
CA LYS E 349 -38.97 72.18 -14.31
C LYS E 349 -39.40 73.40 -15.10
N GLY E 350 -38.54 73.82 -16.00
CA GLY E 350 -38.89 74.80 -17.01
C GLY E 350 -37.76 74.91 -18.01
N VAL E 351 -38.07 74.77 -19.29
CA VAL E 351 -37.06 74.78 -20.35
C VAL E 351 -37.56 75.77 -21.39
N GLU E 352 -36.89 76.89 -21.51
CA GLU E 352 -37.34 77.99 -22.37
C GLU E 352 -36.27 78.25 -23.42
N LEU E 353 -36.70 78.71 -24.58
CA LEU E 353 -35.79 78.80 -25.72
C LEU E 353 -36.31 79.84 -26.69
N LYS E 354 -35.41 80.66 -27.23
CA LYS E 354 -35.78 81.69 -28.19
C LYS E 354 -34.70 81.79 -29.25
N ASP E 355 -35.10 82.29 -30.43
CA ASP E 355 -34.22 82.35 -31.59
C ASP E 355 -34.78 83.37 -32.57
N ILE E 356 -33.90 84.21 -33.12
CA ILE E 356 -34.24 85.14 -34.19
C ILE E 356 -33.09 85.09 -35.19
N LYS E 357 -33.39 84.70 -36.43
CA LYS E 357 -32.37 84.55 -37.46
C LYS E 357 -32.73 85.49 -38.61
N ARG E 358 -32.32 86.74 -38.50
CA ARG E 358 -32.61 87.73 -39.53
C ARG E 358 -31.53 87.74 -40.59
N CYS E 359 -31.89 88.26 -41.77
CA CYS E 359 -30.94 88.38 -42.86
C CYS E 359 -31.40 89.54 -43.74
N LEU E 360 -30.47 90.02 -44.57
CA LEU E 360 -30.78 91.00 -45.60
C LEU E 360 -29.65 90.96 -46.61
N GLY E 361 -29.97 91.25 -47.86
CA GLY E 361 -28.95 91.34 -48.88
C GLY E 361 -29.46 91.75 -50.23
N TYR E 362 -28.76 92.65 -50.92
CA TYR E 362 -29.18 93.05 -52.24
C TYR E 362 -28.01 93.41 -53.14
N HIS E 363 -28.16 93.03 -54.40
CA HIS E 363 -27.32 93.44 -55.51
C HIS E 363 -27.93 94.67 -56.16
N LEU E 364 -27.13 95.70 -56.37
CA LEU E 364 -27.60 96.91 -57.03
C LEU E 364 -26.64 97.32 -58.16
N PHE E 379 -21.93 96.59 -57.26
CA PHE E 379 -22.37 96.92 -55.91
C PHE E 379 -22.94 95.66 -55.26
N ASN E 380 -22.83 95.56 -53.94
CA ASN E 380 -23.46 94.50 -53.17
C ASN E 380 -23.49 94.91 -51.71
N LYS E 381 -24.56 94.54 -51.01
CA LYS E 381 -24.55 94.69 -49.56
C LYS E 381 -25.32 93.52 -48.96
N ASP E 382 -24.86 93.00 -47.83
CA ASP E 382 -25.64 92.00 -47.11
C ASP E 382 -25.25 92.01 -45.65
N ASP E 383 -26.12 91.41 -44.82
CA ASP E 383 -25.79 91.08 -43.46
C ASP E 383 -26.64 89.90 -43.02
N CYS E 384 -26.15 89.19 -42.00
CA CYS E 384 -26.86 88.08 -41.39
C CYS E 384 -26.75 88.23 -39.88
N VAL E 385 -27.89 88.26 -39.20
CA VAL E 385 -27.94 88.49 -37.77
C VAL E 385 -28.54 87.24 -37.13
N LYS E 386 -27.90 86.73 -36.09
CA LYS E 386 -28.45 85.60 -35.34
C LYS E 386 -28.49 85.98 -33.87
N ARG E 387 -29.54 85.52 -33.19
CA ARG E 387 -29.66 85.69 -31.75
C ARG E 387 -30.35 84.46 -31.21
N GLY E 388 -29.85 83.93 -30.10
CA GLY E 388 -30.47 82.76 -29.52
C GLY E 388 -30.29 82.68 -28.03
N GLU E 389 -31.39 82.56 -27.30
CA GLU E 389 -31.35 82.52 -25.84
C GLU E 389 -31.90 81.18 -25.37
N GLY E 390 -31.35 80.71 -24.27
CA GLY E 390 -31.85 79.48 -23.66
C GLY E 390 -31.90 79.63 -22.16
N ARG E 391 -32.96 79.13 -21.52
CA ARG E 391 -33.07 79.19 -20.08
C ARG E 391 -33.53 77.84 -19.57
N ALA E 392 -33.10 77.50 -18.36
CA ALA E 392 -33.51 76.23 -17.78
C ALA E 392 -33.53 76.36 -16.27
N VAL E 393 -34.55 75.76 -15.66
CA VAL E 393 -34.70 75.72 -14.21
C VAL E 393 -35.14 74.30 -13.84
N ASN E 394 -34.41 73.66 -12.93
CA ASN E 394 -34.88 72.45 -12.28
C ASN E 394 -34.97 72.73 -10.79
N ILE E 395 -36.10 72.38 -10.17
CA ILE E 395 -36.26 72.52 -8.74
C ILE E 395 -36.78 71.21 -8.19
N THR E 396 -35.99 70.54 -7.37
CA THR E 396 -36.33 69.21 -6.87
C THR E 396 -36.36 69.26 -5.35
N SER E 397 -37.55 69.30 -4.77
CA SER E 397 -37.67 69.31 -3.32
C SER E 397 -38.09 67.95 -2.80
N GLU E 398 -37.78 67.71 -1.54
CA GLU E 398 -38.17 66.45 -0.90
C GLU E 398 -38.29 66.65 0.60
N ASN E 399 -39.38 66.16 1.15
CA ASN E 399 -39.56 66.04 2.59
C ASN E 399 -39.75 64.57 2.92
N LEU E 400 -39.25 64.16 4.07
CA LEU E 400 -39.50 62.82 4.58
C LEU E 400 -39.58 62.92 6.09
N ILE E 401 -40.53 62.21 6.68
CA ILE E 401 -40.69 62.16 8.12
C ILE E 401 -40.90 60.71 8.50
N ASP E 402 -40.25 60.25 9.55
CA ASP E 402 -40.56 58.96 10.14
C ASP E 402 -40.71 59.17 11.64
N ASP E 403 -41.84 58.75 12.18
CA ASP E 403 -42.06 58.63 13.60
C ASP E 403 -42.22 57.15 13.92
N VAL E 404 -41.65 56.74 15.03
CA VAL E 404 -41.91 55.44 15.63
C VAL E 404 -42.18 55.70 17.10
N VAL E 405 -43.23 55.12 17.64
CA VAL E 405 -43.48 55.14 19.07
C VAL E 405 -43.63 53.68 19.50
N SER E 406 -43.01 53.31 20.60
CA SER E 406 -43.29 52.03 21.20
C SER E 406 -43.54 52.22 22.68
N LEU E 407 -44.46 51.42 23.21
CA LEU E 407 -44.83 51.49 24.61
C LEU E 407 -45.08 50.08 25.08
N ILE E 408 -44.74 49.79 26.33
CA ILE E 408 -44.94 48.45 26.87
C ILE E 408 -45.11 48.53 28.37
N ARG E 409 -46.16 47.89 28.88
CA ARG E 409 -46.47 47.94 30.30
C ARG E 409 -46.53 46.52 30.84
N GLY E 410 -46.28 46.37 32.13
CA GLY E 410 -46.39 45.06 32.74
C GLY E 410 -45.27 44.08 32.45
N GLY E 411 -44.97 43.22 33.40
CA GLY E 411 -44.01 42.15 33.20
C GLY E 411 -42.72 42.38 33.97
N THR E 412 -41.90 41.34 33.98
CA THR E 412 -40.63 41.42 34.65
C THR E 412 -39.68 42.26 33.81
N ARG E 413 -38.61 42.74 34.44
CA ARG E 413 -37.67 43.64 33.82
C ARG E 413 -36.87 43.00 32.70
N LYS E 414 -36.72 41.69 32.71
CA LYS E 414 -35.77 41.03 31.83
C LYS E 414 -36.37 40.66 30.47
N TYR E 415 -37.66 40.33 30.41
CA TYR E 415 -38.24 39.86 29.15
C TYR E 415 -38.94 40.96 28.37
N ALA E 416 -39.55 41.92 29.06
CA ALA E 416 -40.31 42.98 28.38
C ALA E 416 -39.40 43.85 27.52
N PHE E 417 -38.19 44.10 27.98
CA PHE E 417 -37.29 44.96 27.25
C PHE E 417 -36.44 44.19 26.25
N GLU E 418 -36.54 42.87 26.27
CA GLU E 418 -36.20 42.09 25.09
C GLU E 418 -37.28 42.24 24.04
N LEU E 419 -38.55 42.19 24.46
CA LEU E 419 -39.68 42.22 23.55
C LEU E 419 -39.79 43.55 22.81
N LYS E 420 -39.54 44.65 23.53
CA LYS E 420 -39.67 45.98 22.92
C LYS E 420 -38.67 46.19 21.79
N GLU E 421 -37.42 45.80 22.01
CA GLU E 421 -36.43 45.91 20.95
C GLU E 421 -36.62 44.87 19.86
N LYS E 422 -37.22 43.71 20.17
CA LYS E 422 -37.57 42.81 19.08
C LYS E 422 -38.72 43.34 18.24
N LEU E 423 -39.58 44.17 18.83
CA LEU E 423 -40.58 44.88 18.03
C LEU E 423 -39.92 45.90 17.13
N LEU E 424 -39.10 46.77 17.69
CA LEU E 424 -38.62 47.93 16.95
C LEU E 424 -37.51 47.61 15.95
N ARG E 425 -36.99 46.39 15.97
CA ARG E 425 -36.02 45.99 14.95
C ARG E 425 -36.68 45.88 13.59
N GLY E 426 -37.96 45.56 13.55
CA GLY E 426 -38.67 45.37 12.30
C GLY E 426 -38.66 43.96 11.78
N THR E 427 -37.72 43.13 12.25
CA THR E 427 -37.71 41.73 11.85
C THR E 427 -38.83 40.98 12.54
N VAL E 428 -39.09 39.76 12.06
CA VAL E 428 -40.14 38.94 12.63
C VAL E 428 -39.67 38.41 13.98
N ILE E 429 -40.59 38.34 14.94
CA ILE E 429 -40.30 37.85 16.28
C ILE E 429 -40.72 36.39 16.34
N ASP E 430 -39.76 35.51 16.56
CA ASP E 430 -40.07 34.11 16.81
C ASP E 430 -40.88 33.98 18.10
N VAL E 431 -41.75 32.98 18.16
CA VAL E 431 -42.74 32.92 19.24
C VAL E 431 -42.04 32.23 20.40
N THR E 432 -41.18 32.99 21.06
CA THR E 432 -40.59 32.63 22.33
C THR E 432 -40.44 33.82 23.26
N ASP E 433 -40.56 35.04 22.76
CA ASP E 433 -40.45 36.24 23.58
C ASP E 433 -41.79 36.78 24.01
N PHE E 434 -42.80 36.69 23.14
CA PHE E 434 -44.16 37.05 23.53
C PHE E 434 -44.71 36.05 24.54
N VAL E 435 -44.34 34.78 24.39
CA VAL E 435 -44.73 33.75 25.36
C VAL E 435 -44.04 33.98 26.70
N ASN E 436 -42.75 34.34 26.67
CA ASN E 436 -42.04 34.57 27.92
C ASN E 436 -42.52 35.84 28.61
N TRP E 437 -42.85 36.88 27.85
CA TRP E 437 -43.43 38.06 28.47
C TRP E 437 -44.82 37.77 29.02
N ALA E 438 -45.58 36.92 28.34
CA ALA E 438 -46.91 36.60 28.82
C ALA E 438 -46.88 35.67 30.02
N SER E 439 -45.81 34.89 30.18
CA SER E 439 -45.62 34.17 31.43
C SER E 439 -45.09 35.09 32.52
N SER E 440 -44.36 36.12 32.11
CA SER E 440 -43.86 37.11 33.05
C SER E 440 -44.96 37.96 33.64
N ILE E 441 -46.04 38.19 32.87
CA ILE E 441 -47.08 39.14 33.28
C ILE E 441 -47.88 38.66 34.49
N ASN E 442 -47.75 37.40 34.88
CA ASN E 442 -48.34 36.93 36.12
C ASN E 442 -47.66 37.55 37.33
N ASP E 443 -46.37 37.87 37.23
CA ASP E 443 -45.66 38.43 38.36
C ASP E 443 -45.99 39.89 38.58
N ALA E 444 -45.94 40.71 37.53
CA ALA E 444 -46.06 42.17 37.63
C ALA E 444 -47.22 42.66 36.77
N PRO E 445 -48.45 42.63 37.29
CA PRO E 445 -49.58 43.14 36.52
C PRO E 445 -49.65 44.65 36.57
N VAL E 446 -50.30 45.21 35.56
CA VAL E 446 -50.51 46.65 35.42
C VAL E 446 -51.96 46.88 35.04
N LEU E 447 -52.64 47.74 35.80
CA LEU E 447 -54.05 48.01 35.56
C LEU E 447 -54.26 48.64 34.20
N ILE E 448 -55.30 48.20 33.49
CA ILE E 448 -55.42 48.53 32.08
C ILE E 448 -56.77 49.12 31.71
N SER E 449 -57.84 48.90 32.49
CA SER E 449 -59.15 49.41 32.14
C SER E 449 -60.00 49.41 33.39
N GLN E 450 -60.68 50.53 33.64
CA GLN E 450 -61.33 50.72 34.92
C GLN E 450 -62.65 51.46 34.71
N LYS E 451 -63.57 51.26 35.64
CA LYS E 451 -64.85 51.95 35.65
C LYS E 451 -64.93 52.72 36.95
N LEU E 452 -64.77 54.03 36.86
CA LEU E 452 -64.54 54.88 38.03
C LEU E 452 -65.82 55.02 38.85
N SER E 453 -65.66 55.68 40.02
CA SER E 453 -66.73 55.94 40.96
C SER E 453 -66.23 57.00 41.92
N PRO E 454 -67.03 58.00 42.26
CA PRO E 454 -66.50 59.13 43.02
C PRO E 454 -66.25 58.78 44.48
N ILE E 455 -65.27 59.46 45.07
CA ILE E 455 -64.79 59.09 46.40
C ILE E 455 -65.76 59.53 47.50
N TYR E 456 -66.71 60.39 47.19
CA TYR E 456 -67.77 60.68 48.16
C TYR E 456 -68.91 59.68 48.09
N ASN E 457 -68.74 58.58 47.36
CA ASN E 457 -69.59 57.41 47.47
C ASN E 457 -68.93 56.35 48.36
N LEU E 458 -67.97 56.78 49.19
CA LEU E 458 -67.18 55.87 50.01
C LEU E 458 -67.03 56.33 51.45
N VAL E 459 -67.22 57.62 51.74
CA VAL E 459 -67.18 58.18 53.09
C VAL E 459 -68.30 57.55 53.92
N PRO E 460 -67.97 56.92 55.04
CA PRO E 460 -69.00 56.23 55.83
C PRO E 460 -69.95 57.21 56.51
N VAL E 461 -71.12 56.68 56.85
CA VAL E 461 -72.20 57.50 57.39
C VAL E 461 -72.29 57.36 58.91
N LYS E 462 -71.64 56.35 59.50
CA LYS E 462 -71.60 56.18 60.94
C LYS E 462 -70.88 57.34 61.64
N MET E 463 -69.88 57.92 60.99
CA MET E 463 -69.11 59.00 61.60
C MET E 463 -69.90 60.31 61.61
N LYS E 464 -69.44 61.23 62.43
CA LYS E 464 -70.15 62.49 62.65
C LYS E 464 -69.91 63.46 61.51
N ASN E 465 -70.95 64.26 61.22
CA ASN E 465 -70.98 65.23 60.12
C ASN E 465 -70.66 64.58 58.78
N ALA E 466 -71.23 63.40 58.55
CA ALA E 466 -70.90 62.64 57.35
C ALA E 466 -71.51 63.28 56.10
N HIS E 467 -72.75 63.74 56.20
CA HIS E 467 -73.40 64.32 55.03
C HIS E 467 -72.81 65.67 54.67
N LEU E 468 -72.34 66.43 55.67
CA LEU E 468 -71.71 67.71 55.38
C LEU E 468 -70.36 67.52 54.68
N LYS E 469 -69.60 66.51 55.10
CA LYS E 469 -68.34 66.22 54.43
C LYS E 469 -68.57 65.65 53.04
N LYS E 470 -69.65 64.90 52.85
CA LYS E 470 -69.97 64.43 51.50
C LYS E 470 -70.44 65.59 50.62
N GLN E 471 -71.16 66.56 51.20
CA GLN E 471 -71.54 67.76 50.48
C GLN E 471 -70.34 68.62 50.13
N ASN E 472 -69.30 68.58 50.95
CA ASN E 472 -68.07 69.29 50.61
C ASN E 472 -67.32 68.58 49.48
N LEU E 473 -67.20 67.26 49.59
CA LEU E 473 -66.45 66.50 48.59
C LEU E 473 -67.17 66.37 47.26
N GLU E 474 -68.49 66.56 47.22
CA GLU E 474 -69.16 66.52 45.93
C GLU E 474 -68.98 67.81 45.14
N ARG E 475 -68.62 68.92 45.81
CA ARG E 475 -68.29 70.15 45.14
C ARG E 475 -66.80 70.35 44.95
N ALA E 476 -65.99 69.72 45.80
CA ALA E 476 -64.55 69.84 45.67
C ALA E 476 -64.05 69.17 44.40
N ILE E 477 -64.71 68.11 43.95
CA ILE E 477 -64.32 67.47 42.70
C ILE E 477 -64.66 68.35 41.50
N GLU E 478 -65.80 69.04 41.56
CA GLU E 478 -66.15 69.99 40.50
C GLU E 478 -65.17 71.16 40.47
N ASP E 479 -64.81 71.69 41.64
CA ASP E 479 -63.83 72.77 41.68
C ASP E 479 -62.45 72.31 41.25
N TYR E 480 -62.08 71.07 41.56
CA TYR E 480 -60.77 70.57 41.14
C TYR E 480 -60.73 70.34 39.65
N ILE E 481 -61.80 69.82 39.07
CA ILE E 481 -61.80 69.58 37.64
C ILE E 481 -62.00 70.88 36.86
N ASN E 482 -62.52 71.93 37.51
CA ASN E 482 -62.67 73.20 36.81
C ASN E 482 -61.39 74.01 36.88
N GLU E 483 -60.78 74.12 38.06
CA GLU E 483 -59.69 75.07 38.25
C GLU E 483 -58.36 74.58 37.70
N PHE E 484 -58.18 73.28 37.53
CA PHE E 484 -57.01 72.76 36.83
C PHE E 484 -57.35 72.24 35.44
N SER E 485 -58.44 72.72 34.86
CA SER E 485 -58.80 72.32 33.51
C SER E 485 -57.87 72.98 32.49
N VAL E 486 -57.83 72.40 31.30
CA VAL E 486 -57.00 72.94 30.22
C VAL E 486 -57.65 74.15 29.55
N ARG E 487 -58.93 74.41 29.84
CA ARG E 487 -59.69 75.45 29.18
C ARG E 487 -59.49 76.83 29.80
N LYS E 488 -58.39 77.04 30.53
CA LYS E 488 -58.02 78.39 30.94
C LYS E 488 -56.89 78.96 30.11
N CYS E 489 -55.96 78.11 29.65
CA CYS E 489 -54.90 78.56 28.78
C CYS E 489 -55.43 78.81 27.37
N HIS E 490 -55.03 79.94 26.78
CA HIS E 490 -55.45 80.26 25.43
C HIS E 490 -54.78 79.33 24.44
N THR E 491 -55.56 78.81 23.50
CA THR E 491 -55.13 77.70 22.67
C THR E 491 -54.07 78.12 21.66
N CYS E 492 -53.20 77.17 21.31
CA CYS E 492 -52.17 77.40 20.32
C CYS E 492 -52.72 77.25 18.91
N GLN E 493 -52.20 78.06 18.01
CA GLN E 493 -52.64 78.05 16.62
C GLN E 493 -51.96 76.92 15.85
N ASN E 494 -52.24 76.87 14.54
CA ASN E 494 -51.65 75.96 13.56
C ASN E 494 -51.92 74.49 13.90
N GLY E 495 -53.01 74.21 14.61
CA GLY E 495 -53.29 72.85 15.02
C GLY E 495 -52.53 72.37 16.23
N GLY E 496 -51.97 73.28 17.02
CA GLY E 496 -51.24 72.88 18.20
C GLY E 496 -52.15 72.52 19.36
N THR E 497 -52.05 71.29 19.84
CA THR E 497 -52.86 70.81 20.94
C THR E 497 -52.21 71.20 22.27
N VAL E 498 -52.94 71.95 23.08
CA VAL E 498 -52.43 72.44 24.35
C VAL E 498 -52.55 71.33 25.38
N ILE E 499 -51.53 71.20 26.22
CA ILE E 499 -51.47 70.17 27.27
C ILE E 499 -51.09 70.84 28.58
N LEU E 500 -51.99 70.78 29.55
CA LEU E 500 -51.65 71.28 30.88
C LEU E 500 -50.68 70.31 31.54
N MET E 501 -49.57 70.83 32.05
CA MET E 501 -48.54 70.01 32.67
C MET E 501 -47.74 70.92 33.60
N ASP E 502 -47.72 70.57 34.90
CA ASP E 502 -47.02 71.31 35.95
C ASP E 502 -47.53 72.74 36.07
N GLY E 503 -48.80 72.98 35.72
CA GLY E 503 -49.30 74.34 35.65
C GLY E 503 -48.65 75.17 34.58
N LYS E 504 -48.19 74.54 33.50
CA LYS E 504 -47.45 75.22 32.44
C LYS E 504 -47.91 74.62 31.11
N CYS E 505 -48.83 75.31 30.44
CA CYS E 505 -49.50 74.79 29.26
C CYS E 505 -48.53 74.73 28.09
N LEU E 506 -48.00 73.54 27.83
CA LEU E 506 -47.13 73.30 26.69
C LEU E 506 -47.96 72.76 25.52
N CYS E 507 -47.64 73.22 24.31
CA CYS E 507 -48.35 72.81 23.12
C CYS E 507 -47.48 71.90 22.25
N ALA E 508 -48.12 70.90 21.64
CA ALA E 508 -47.46 69.99 20.72
C ALA E 508 -47.86 70.33 19.29
N CYS E 509 -46.87 70.50 18.42
CA CYS E 509 -47.06 70.94 17.05
C CYS E 509 -46.99 69.75 16.09
N PRO E 510 -47.90 69.67 15.13
CA PRO E 510 -47.94 68.47 14.25
C PRO E 510 -46.91 68.46 13.13
N PHE E 511 -45.84 67.69 13.34
CA PHE E 511 -44.99 67.08 12.30
C PHE E 511 -44.10 68.02 11.50
N LYS E 512 -44.31 69.34 11.59
CA LYS E 512 -43.49 70.25 10.80
C LYS E 512 -43.03 71.48 11.55
N PHE E 513 -43.60 71.79 12.70
CA PHE E 513 -43.47 73.11 13.30
C PHE E 513 -42.59 72.99 14.54
N GLU E 514 -41.42 73.59 14.50
CA GLU E 514 -40.50 73.50 15.62
C GLU E 514 -40.72 74.59 16.66
N GLY E 515 -41.52 75.60 16.35
CA GLY E 515 -41.71 76.71 17.27
C GLY E 515 -42.61 76.35 18.42
N ILE E 516 -42.55 77.19 19.46
CA ILE E 516 -43.37 76.96 20.64
C ILE E 516 -44.83 77.26 20.32
N ALA E 517 -45.07 78.27 19.48
CA ALA E 517 -46.43 78.62 19.06
C ALA E 517 -46.78 78.02 17.71
N CYS E 518 -46.05 76.97 17.29
CA CYS E 518 -46.28 76.22 16.04
C CYS E 518 -46.19 77.10 14.81
N GLU E 519 -45.34 78.13 14.83
CA GLU E 519 -45.34 79.13 13.77
C GLU E 519 -44.38 78.81 12.64
N ILE E 520 -43.12 78.52 12.96
CA ILE E 520 -42.12 78.29 11.93
C ILE E 520 -42.39 76.96 11.24
N SER E 521 -42.34 76.97 9.92
CA SER E 521 -42.61 75.79 9.11
C SER E 521 -41.36 75.37 8.35
N LYS E 522 -41.47 74.25 7.65
CA LYS E 522 -40.37 73.75 6.82
C LYS E 522 -40.91 73.24 5.48
N SER F 18 -18.06 96.11 22.99
CA SER F 18 -18.71 95.08 23.81
C SER F 18 -17.97 94.90 25.12
N HIS F 19 -18.49 95.53 26.17
CA HIS F 19 -17.84 95.48 27.48
C HIS F 19 -18.89 95.76 28.55
N ILE F 20 -19.37 94.71 29.21
CA ILE F 20 -20.37 94.83 30.27
C ILE F 20 -19.76 94.24 31.54
N ASP F 21 -19.95 94.94 32.67
CA ASP F 21 -19.46 94.47 33.95
C ASP F 21 -20.63 94.28 34.90
N CYS F 22 -20.36 93.60 36.02
CA CYS F 22 -21.37 93.39 37.04
C CYS F 22 -21.67 94.68 37.79
N ARG F 23 -22.86 94.72 38.39
CA ARG F 23 -23.33 95.88 39.13
C ARG F 23 -23.95 95.41 40.43
N MET F 24 -24.01 96.32 41.40
CA MET F 24 -24.65 96.05 42.68
C MET F 24 -25.46 97.25 43.13
N SER F 25 -26.64 96.98 43.67
CA SER F 25 -27.41 97.99 44.38
C SER F 25 -26.72 98.29 45.71
N PRO F 26 -26.93 99.47 46.28
CA PRO F 26 -26.40 99.74 47.63
C PRO F 26 -27.17 98.97 48.68
N TRP F 27 -26.53 98.80 49.83
CA TRP F 27 -27.11 98.03 50.92
C TRP F 27 -28.28 98.80 51.54
N SER F 28 -29.15 98.06 52.21
CA SER F 28 -30.33 98.63 52.84
C SER F 28 -29.96 99.15 54.23
N GLU F 29 -30.96 99.47 55.03
CA GLU F 29 -30.74 99.89 56.40
C GLU F 29 -30.75 98.69 57.33
N TRP F 30 -30.04 98.82 58.45
CA TRP F 30 -30.01 97.79 59.46
C TRP F 30 -31.36 97.73 60.16
N SER F 31 -32.02 96.57 60.10
CA SER F 31 -33.43 96.51 60.46
C SER F 31 -33.66 96.53 61.97
N GLN F 32 -33.25 95.47 62.66
CA GLN F 32 -33.54 95.28 64.07
C GLN F 32 -32.76 94.08 64.57
N CYS F 33 -32.27 94.15 65.81
CA CYS F 33 -31.80 92.95 66.49
C CYS F 33 -32.96 91.99 66.68
N ASP F 34 -32.93 90.88 65.96
CA ASP F 34 -33.89 89.82 66.16
C ASP F 34 -33.57 89.16 67.50
N PRO F 35 -34.45 89.28 68.50
CA PRO F 35 -34.05 88.94 69.87
C PRO F 35 -33.89 87.46 70.11
N CYS F 36 -34.55 86.63 69.31
CA CYS F 36 -34.43 85.19 69.45
C CYS F 36 -33.22 84.62 68.71
N LEU F 37 -32.46 85.46 68.00
CA LEU F 37 -31.23 85.04 67.32
C LEU F 37 -30.05 85.98 67.53
N ARG F 38 -30.26 87.15 68.13
CA ARG F 38 -29.22 88.12 68.49
C ARG F 38 -28.43 88.64 67.29
N GLN F 39 -29.07 88.74 66.13
CA GLN F 39 -28.40 89.19 64.91
C GLN F 39 -29.34 90.10 64.13
N MET F 40 -28.83 91.23 63.68
CA MET F 40 -29.56 92.07 62.74
C MET F 40 -29.09 91.79 61.33
N PHE F 41 -30.04 91.76 60.39
CA PHE F 41 -29.75 91.42 59.02
C PHE F 41 -29.98 92.62 58.12
N ARG F 42 -29.25 92.67 57.01
CA ARG F 42 -29.50 93.68 56.00
C ARG F 42 -29.13 93.09 54.65
N SER F 43 -29.61 93.71 53.58
CA SER F 43 -29.49 93.09 52.28
C SER F 43 -29.46 94.15 51.18
N ARG F 44 -29.41 93.66 49.95
CA ARG F 44 -29.42 94.49 48.76
C ARG F 44 -29.92 93.63 47.61
N SER F 45 -29.82 94.14 46.39
CA SER F 45 -30.21 93.35 45.22
C SER F 45 -29.12 93.39 44.15
N ILE F 46 -29.41 92.81 42.99
CA ILE F 46 -28.48 92.76 41.87
C ILE F 46 -29.15 93.43 40.68
N GLU F 47 -28.51 94.46 40.13
CA GLU F 47 -29.10 95.17 39.01
C GLU F 47 -28.84 94.44 37.69
N VAL F 48 -27.57 94.34 37.29
CA VAL F 48 -27.19 93.78 35.99
C VAL F 48 -26.05 92.81 36.19
N PHE F 49 -26.23 91.57 35.74
CA PHE F 49 -25.17 90.59 35.80
C PHE F 49 -24.10 90.88 34.76
N GLY F 50 -22.90 90.37 35.00
CA GLY F 50 -21.83 90.55 34.06
C GLY F 50 -22.05 89.74 32.79
N GLN F 51 -21.56 90.27 31.68
CA GLN F 51 -21.84 89.68 30.38
C GLN F 51 -20.74 90.12 29.42
N PHE F 52 -20.46 89.28 28.44
CA PHE F 52 -19.46 89.51 27.38
C PHE F 52 -18.08 89.74 27.98
N ASN F 53 -17.57 88.70 28.64
CA ASN F 53 -16.18 88.61 29.14
C ASN F 53 -15.90 89.72 30.15
N GLY F 54 -16.76 89.81 31.15
CA GLY F 54 -16.66 90.84 32.17
C GLY F 54 -16.61 90.28 33.57
N LYS F 55 -16.75 91.15 34.56
CA LYS F 55 -16.60 90.75 35.95
C LYS F 55 -17.84 90.01 36.43
N ARG F 56 -17.62 88.92 37.17
CA ARG F 56 -18.69 88.12 37.70
C ARG F 56 -19.22 88.72 38.99
N CYS F 57 -20.52 88.54 39.24
CA CYS F 57 -21.15 89.17 40.39
C CYS F 57 -20.83 88.45 41.69
N THR F 58 -20.79 87.11 41.66
CA THR F 58 -20.41 86.24 42.79
C THR F 58 -21.28 86.46 44.03
N ASP F 59 -22.60 86.51 43.80
CA ASP F 59 -23.66 86.15 44.76
C ASP F 59 -23.52 86.82 46.13
N ALA F 60 -23.31 88.13 46.12
CA ALA F 60 -22.95 88.87 47.32
C ALA F 60 -24.16 89.51 48.00
N VAL F 61 -25.32 88.87 47.95
CA VAL F 61 -26.51 89.38 48.61
C VAL F 61 -26.59 88.83 50.02
N GLY F 62 -27.28 89.56 50.90
CA GLY F 62 -27.43 89.13 52.28
C GLY F 62 -26.22 89.43 53.15
N ASP F 63 -26.47 89.84 54.38
CA ASP F 63 -25.39 90.20 55.29
C ASP F 63 -25.87 90.00 56.72
N ARG F 64 -24.92 89.65 57.60
CA ARG F 64 -25.23 89.38 58.99
C ARG F 64 -24.25 90.15 59.88
N ARG F 65 -24.70 90.48 61.09
CA ARG F 65 -23.85 91.20 62.03
C ARG F 65 -24.38 90.94 63.44
N GLN F 66 -23.47 90.64 64.36
CA GLN F 66 -23.88 90.33 65.73
C GLN F 66 -24.28 91.60 66.46
N CYS F 67 -25.31 91.50 67.29
CA CYS F 67 -25.69 92.61 68.15
C CYS F 67 -26.28 92.07 69.44
N VAL F 68 -26.13 92.85 70.50
CA VAL F 68 -26.70 92.48 71.80
C VAL F 68 -28.22 92.65 71.74
N PRO F 69 -29.01 91.70 72.30
CA PRO F 69 -30.46 91.89 72.31
C PRO F 69 -30.90 93.00 73.26
N THR F 70 -31.37 94.10 72.68
CA THR F 70 -31.76 95.25 73.47
C THR F 70 -33.14 95.05 74.12
N GLU F 71 -33.99 94.22 73.54
CA GLU F 71 -35.30 93.90 74.10
C GLU F 71 -35.58 92.43 73.83
N PRO F 72 -35.44 91.58 74.85
CA PRO F 72 -35.47 90.13 74.61
C PRO F 72 -36.86 89.60 74.30
N CYS F 73 -36.90 88.57 73.46
CA CYS F 73 -38.12 87.91 73.06
C CYS F 73 -38.51 86.85 74.08
N GLU F 74 -39.71 86.31 73.91
CA GLU F 74 -40.12 85.17 74.73
C GLU F 74 -39.35 83.92 74.30
N ASP F 75 -39.29 82.95 75.20
CA ASP F 75 -38.57 81.71 74.96
C ASP F 75 -39.33 80.90 73.91
N ALA F 76 -38.83 80.91 72.68
CA ALA F 76 -39.50 80.28 71.55
C ALA F 76 -39.30 78.77 71.62
N GLU F 77 -40.21 78.11 72.33
CA GLU F 77 -40.24 76.65 72.39
C GLU F 77 -41.68 76.18 72.35
N ASP F 78 -41.89 75.02 71.73
CA ASP F 78 -43.24 74.52 71.54
C ASP F 78 -43.77 73.88 72.82
N ASP F 79 -45.09 73.79 72.90
CA ASP F 79 -45.73 73.23 74.10
C ASP F 79 -45.54 71.72 74.15
N CYS F 80 -45.74 71.05 73.01
CA CYS F 80 -45.70 69.59 72.87
C CYS F 80 -46.69 68.93 73.85
N GLY F 81 -47.96 69.22 73.61
CA GLY F 81 -49.01 68.89 74.58
C GLY F 81 -49.35 67.41 74.58
N ASN F 82 -49.20 66.77 75.76
CA ASN F 82 -49.60 65.38 76.01
C ASN F 82 -48.90 64.38 75.10
N ASP F 83 -47.71 64.73 74.63
CA ASP F 83 -46.93 63.85 73.78
C ASP F 83 -45.55 63.67 74.40
N PHE F 84 -44.98 62.49 74.21
CA PHE F 84 -43.63 62.24 74.70
C PHE F 84 -42.64 63.00 73.86
N GLN F 85 -42.07 64.06 74.42
CA GLN F 85 -40.97 64.76 73.79
C GLN F 85 -39.73 63.88 73.78
N CYS F 86 -38.91 64.04 72.76
CA CYS F 86 -37.73 63.22 72.55
C CYS F 86 -36.48 64.08 72.73
N SER F 87 -35.33 63.48 72.46
CA SER F 87 -34.05 64.17 72.54
C SER F 87 -33.64 64.79 71.22
N THR F 88 -34.60 65.11 70.36
CA THR F 88 -34.37 65.82 69.10
C THR F 88 -35.24 67.06 68.96
N GLY F 89 -36.47 67.02 69.45
CA GLY F 89 -37.46 68.06 69.19
C GLY F 89 -38.70 67.55 68.51
N ARG F 90 -38.76 66.28 68.15
CA ARG F 90 -39.94 65.67 67.56
C ARG F 90 -40.81 65.09 68.67
N CYS F 91 -42.11 65.27 68.55
CA CYS F 91 -43.07 64.81 69.56
C CYS F 91 -43.85 63.64 68.99
N ILE F 92 -43.61 62.45 69.53
CA ILE F 92 -44.31 61.25 69.11
C ILE F 92 -45.32 60.85 70.18
N LYS F 93 -46.15 59.87 69.86
CA LYS F 93 -47.21 59.42 70.74
C LYS F 93 -46.71 58.34 71.68
N MET F 94 -47.60 57.87 72.56
CA MET F 94 -47.25 56.80 73.49
C MET F 94 -47.31 55.42 72.86
N ARG F 95 -48.08 55.28 71.78
CA ARG F 95 -48.19 54.01 71.05
C ARG F 95 -46.87 53.57 70.43
N LEU F 96 -45.97 54.52 70.16
CA LEU F 96 -44.69 54.23 69.55
C LEU F 96 -43.62 53.82 70.55
N ARG F 97 -43.99 53.53 71.80
CA ARG F 97 -43.02 53.15 72.82
C ARG F 97 -42.55 51.72 72.64
N CYS F 98 -41.24 51.53 72.59
CA CYS F 98 -40.57 50.22 72.52
C CYS F 98 -41.01 49.41 71.32
N ASN F 99 -41.32 50.08 70.22
CA ASN F 99 -41.82 49.40 69.03
C ASN F 99 -40.72 48.82 68.15
N GLY F 100 -39.46 49.02 68.52
CA GLY F 100 -38.37 48.58 67.68
C GLY F 100 -38.14 49.40 66.45
N ASP F 101 -38.70 50.61 66.38
CA ASP F 101 -38.51 51.52 65.25
C ASP F 101 -37.97 52.84 65.76
N ASN F 102 -36.98 53.36 65.04
CA ASN F 102 -36.32 54.60 65.41
C ASN F 102 -37.20 55.81 65.12
N ASP F 103 -38.06 56.15 66.07
CA ASP F 103 -39.11 57.13 65.87
C ASP F 103 -38.72 58.53 66.31
N CYS F 104 -38.03 58.67 67.45
CA CYS F 104 -37.58 59.98 67.87
C CYS F 104 -36.38 60.46 67.06
N GLY F 105 -35.66 59.55 66.43
CA GLY F 105 -34.47 59.92 65.69
C GLY F 105 -33.21 59.53 66.44
N ASP F 106 -33.21 59.76 67.75
CA ASP F 106 -32.11 59.36 68.62
C ASP F 106 -32.48 58.16 69.48
N PHE F 107 -33.23 57.22 68.89
CA PHE F 107 -33.32 55.83 69.35
C PHE F 107 -33.96 55.73 70.73
N SER F 108 -34.96 56.59 70.98
CA SER F 108 -35.57 56.67 72.30
C SER F 108 -36.71 55.67 72.48
N ASP F 109 -36.70 54.58 71.73
CA ASP F 109 -37.68 53.50 71.89
C ASP F 109 -37.05 52.19 72.28
N GLU F 110 -35.94 51.79 71.64
CA GLU F 110 -35.37 50.47 71.82
C GLU F 110 -34.34 50.42 72.94
N ASP F 111 -34.47 51.27 73.96
CA ASP F 111 -33.51 51.27 75.05
C ASP F 111 -34.17 51.20 76.42
N ASP F 112 -35.37 51.76 76.55
CA ASP F 112 -35.92 52.06 77.87
C ASP F 112 -36.49 50.83 78.54
N CYS F 113 -37.54 50.24 77.96
CA CYS F 113 -38.33 49.26 78.69
C CYS F 113 -37.74 47.87 78.55
N GLU F 114 -38.15 47.00 79.48
CA GLU F 114 -37.89 45.57 79.38
C GLU F 114 -39.08 44.81 78.81
N SER F 115 -40.02 45.52 78.20
CA SER F 115 -41.23 44.91 77.66
C SER F 115 -40.93 44.29 76.30
N GLU F 116 -41.97 43.82 75.62
CA GLU F 116 -41.79 43.22 74.31
C GLU F 116 -41.49 44.29 73.26
N PRO F 117 -40.67 43.96 72.27
CA PRO F 117 -40.47 44.91 71.16
C PRO F 117 -41.68 45.07 70.27
N ARG F 118 -42.64 44.12 70.31
CA ARG F 118 -43.90 44.00 69.59
C ARG F 118 -43.88 44.55 68.16
N PRO F 119 -43.11 43.97 67.25
CA PRO F 119 -42.95 44.57 65.92
C PRO F 119 -44.23 44.44 65.11
N PRO F 120 -44.74 45.55 64.58
CA PRO F 120 -45.97 45.49 63.78
C PRO F 120 -45.80 44.70 62.51
N CYS F 121 -44.62 44.78 61.88
CA CYS F 121 -44.23 43.79 60.89
C CYS F 121 -43.80 42.55 61.64
N ARG F 122 -44.64 41.51 61.61
CA ARG F 122 -44.37 40.24 62.27
C ARG F 122 -43.41 39.39 61.46
N ASP F 123 -43.38 38.10 61.75
CA ASP F 123 -42.46 37.14 61.13
C ASP F 123 -42.60 36.97 59.62
N ARG F 124 -43.51 37.69 58.98
CA ARG F 124 -43.55 37.79 57.52
C ARG F 124 -42.25 38.39 57.00
N VAL F 125 -41.85 37.98 55.81
CA VAL F 125 -40.61 38.42 55.20
C VAL F 125 -40.78 39.88 54.79
N VAL F 126 -40.16 40.78 55.56
CA VAL F 126 -40.33 42.22 55.41
C VAL F 126 -38.94 42.85 55.44
N GLU F 127 -38.64 43.67 54.43
CA GLU F 127 -37.32 44.26 54.27
C GLU F 127 -37.41 45.78 54.40
N GLU F 128 -36.32 46.46 54.09
CA GLU F 128 -36.32 47.90 53.95
C GLU F 128 -36.21 48.26 52.49
N SER F 129 -36.77 49.42 52.13
CA SER F 129 -36.91 49.76 50.72
C SER F 129 -35.61 50.33 50.17
N GLU F 130 -35.63 50.66 48.89
CA GLU F 130 -34.52 51.33 48.23
C GLU F 130 -34.93 52.58 47.48
N LEU F 131 -36.21 52.75 47.20
CA LEU F 131 -36.73 53.90 46.47
C LEU F 131 -37.49 54.86 47.37
N ALA F 132 -38.11 54.35 48.43
CA ALA F 132 -38.91 55.18 49.30
C ALA F 132 -38.08 55.95 50.31
N ARG F 133 -36.83 55.53 50.55
CA ARG F 133 -36.06 56.12 51.63
C ARG F 133 -35.58 57.52 51.28
N THR F 134 -35.50 57.86 50.00
CA THR F 134 -35.07 59.17 49.55
C THR F 134 -36.19 59.86 48.78
N ALA F 135 -37.43 59.74 49.25
CA ALA F 135 -38.59 60.11 48.45
C ALA F 135 -38.95 61.59 48.53
N GLY F 136 -38.04 62.45 48.98
CA GLY F 136 -38.34 63.86 48.89
C GLY F 136 -37.89 64.49 47.60
N TYR F 137 -36.59 64.43 47.34
CA TYR F 137 -35.91 65.12 46.24
C TYR F 137 -36.33 66.59 46.17
N GLY F 138 -36.02 67.32 47.24
CA GLY F 138 -36.35 68.73 47.32
C GLY F 138 -35.64 69.53 46.24
N ILE F 139 -36.38 69.98 45.24
CA ILE F 139 -35.80 70.33 43.96
C ILE F 139 -35.64 71.84 43.91
N ASN F 140 -34.82 72.31 42.97
CA ASN F 140 -34.60 73.72 42.75
C ASN F 140 -35.07 74.08 41.34
N ILE F 141 -35.36 75.35 41.13
CA ILE F 141 -35.97 75.81 39.88
C ILE F 141 -35.06 75.75 38.67
N LEU F 142 -33.76 75.53 38.86
CA LEU F 142 -32.86 75.37 37.73
C LEU F 142 -33.15 74.09 36.97
N GLY F 143 -33.42 72.99 37.70
CA GLY F 143 -33.71 71.72 37.07
C GLY F 143 -33.01 70.57 37.77
N MET F 144 -31.93 70.87 38.50
CA MET F 144 -31.18 69.88 39.23
C MET F 144 -31.76 69.71 40.63
N ASP F 145 -31.58 68.52 41.18
CA ASP F 145 -32.32 68.08 42.37
C ASP F 145 -31.43 67.67 43.53
N PRO F 146 -31.23 68.54 44.52
CA PRO F 146 -30.57 68.11 45.76
C PRO F 146 -31.49 67.19 46.55
N LEU F 147 -30.92 66.07 47.03
CA LEU F 147 -31.65 65.05 47.77
C LEU F 147 -31.90 65.43 49.22
N SER F 148 -31.70 66.71 49.57
CA SER F 148 -31.85 67.19 50.94
C SER F 148 -33.33 67.14 51.28
N THR F 149 -33.75 65.95 51.64
CA THR F 149 -35.14 65.62 51.82
C THR F 149 -35.68 66.28 53.07
N PRO F 150 -36.68 67.16 52.98
CA PRO F 150 -37.27 67.67 54.20
C PRO F 150 -38.07 66.61 54.94
N PHE F 151 -38.56 65.61 54.21
CA PHE F 151 -39.27 64.51 54.83
C PHE F 151 -38.30 63.60 55.57
N ASP F 152 -38.87 62.74 56.42
CA ASP F 152 -38.10 61.74 57.13
C ASP F 152 -38.68 60.39 56.76
N ASN F 153 -37.96 59.62 55.95
CA ASN F 153 -38.44 58.34 55.46
C ASN F 153 -37.93 57.18 56.30
N GLU F 154 -37.78 57.39 57.60
CA GLU F 154 -37.56 56.31 58.55
C GLU F 154 -38.69 56.19 59.56
N PHE F 155 -39.62 57.13 59.58
CA PHE F 155 -40.73 57.12 60.51
C PHE F 155 -41.81 56.22 59.95
N TYR F 156 -42.08 55.10 60.64
CA TYR F 156 -43.08 54.15 60.17
C TYR F 156 -44.39 54.24 60.92
N ASN F 157 -44.39 54.85 62.10
CA ASN F 157 -45.57 55.08 62.95
C ASN F 157 -46.29 53.78 63.30
N GLY F 158 -45.51 52.71 63.48
CA GLY F 158 -46.05 51.45 63.97
C GLY F 158 -47.00 50.74 63.03
N LEU F 159 -46.84 50.91 61.73
CA LEU F 159 -47.68 50.25 60.74
C LEU F 159 -46.82 49.38 59.84
N CYS F 160 -47.48 48.42 59.19
CA CYS F 160 -46.79 47.46 58.34
C CYS F 160 -47.59 47.33 57.05
N ASN F 161 -47.29 48.18 56.07
CA ASN F 161 -47.95 48.16 54.77
C ASN F 161 -46.93 47.68 53.74
N ARG F 162 -47.25 46.60 53.06
CA ARG F 162 -46.32 45.99 52.11
C ARG F 162 -46.62 46.45 50.69
N ASP F 163 -45.56 46.62 49.90
CA ASP F 163 -45.66 46.98 48.50
C ASP F 163 -44.73 46.08 47.70
N ARG F 164 -45.28 45.33 46.75
CA ARG F 164 -44.53 44.26 46.12
C ARG F 164 -43.52 44.78 45.12
N ASP F 165 -42.61 43.90 44.75
CA ASP F 165 -41.65 44.12 43.70
C ASP F 165 -41.88 43.11 42.59
N GLY F 166 -41.65 43.54 41.36
CA GLY F 166 -41.85 42.65 40.23
C GLY F 166 -40.73 41.63 40.08
N ASN F 167 -39.50 42.12 39.95
CA ASN F 167 -38.40 41.22 39.58
C ASN F 167 -37.91 40.41 40.78
N THR F 168 -37.59 41.07 41.88
CA THR F 168 -36.93 40.38 42.99
C THR F 168 -37.88 39.57 43.85
N LEU F 169 -39.20 39.81 43.75
CA LEU F 169 -40.24 39.12 44.52
C LEU F 169 -40.02 39.26 46.02
N THR F 170 -39.97 40.51 46.47
CA THR F 170 -39.78 40.84 47.88
C THR F 170 -41.00 41.59 48.38
N TYR F 171 -40.92 42.09 49.60
CA TYR F 171 -42.02 42.87 50.19
C TYR F 171 -41.40 44.07 50.91
N TYR F 172 -41.25 45.17 50.18
CA TYR F 172 -40.70 46.39 50.73
C TYR F 172 -41.75 47.08 51.60
N ARG F 173 -41.30 48.05 52.39
CA ARG F 173 -42.21 48.76 53.26
C ARG F 173 -42.62 50.10 52.68
N ARG F 174 -43.65 50.67 53.28
CA ARG F 174 -44.16 51.98 52.91
C ARG F 174 -43.96 52.90 54.09
N PRO F 175 -43.01 53.84 54.05
CA PRO F 175 -42.87 54.81 55.12
C PRO F 175 -44.08 55.73 55.20
N TRP F 176 -44.21 56.40 56.35
CA TRP F 176 -45.39 57.19 56.63
C TRP F 176 -45.50 58.41 55.74
N ASN F 177 -44.39 58.93 55.24
CA ASN F 177 -44.48 60.11 54.38
C ASN F 177 -44.85 59.78 52.95
N VAL F 178 -44.72 58.53 52.52
CA VAL F 178 -45.10 58.11 51.18
C VAL F 178 -46.52 57.57 51.22
N ALA F 179 -47.42 58.19 50.46
CA ALA F 179 -48.82 57.78 50.45
C ALA F 179 -49.12 56.67 49.47
N SER F 180 -48.35 56.57 48.39
CA SER F 180 -48.55 55.51 47.42
C SER F 180 -47.25 55.23 46.70
N LEU F 181 -47.06 53.96 46.33
CA LEU F 181 -45.79 53.55 45.75
C LEU F 181 -46.06 52.28 44.92
N ILE F 182 -46.13 52.45 43.62
CA ILE F 182 -46.32 51.33 42.72
C ILE F 182 -44.97 51.01 42.09
N TYR F 183 -44.81 49.79 41.62
CA TYR F 183 -43.68 49.39 40.79
C TYR F 183 -44.23 48.84 39.48
N GLU F 184 -44.43 49.70 38.49
CA GLU F 184 -44.79 49.21 37.17
C GLU F 184 -43.51 48.81 36.42
N THR F 185 -43.63 48.58 35.13
CA THR F 185 -42.46 48.46 34.26
C THR F 185 -42.89 49.10 32.95
N LYS F 186 -42.66 50.39 32.80
CA LYS F 186 -43.24 51.12 31.68
C LYS F 186 -42.12 51.57 30.77
N GLY F 187 -41.86 50.78 29.72
CA GLY F 187 -40.85 51.14 28.76
C GLY F 187 -41.47 51.92 27.61
N GLU F 188 -40.73 52.89 27.09
CA GLU F 188 -41.34 53.80 26.12
C GLU F 188 -40.28 54.42 25.24
N LYS F 189 -40.21 54.00 23.98
CA LYS F 189 -39.21 54.55 23.07
C LYS F 189 -39.87 55.43 22.03
N ASN F 190 -39.50 56.69 22.00
CA ASN F 190 -39.78 57.52 20.84
C ASN F 190 -38.61 57.40 19.88
N PHE F 191 -38.90 57.60 18.60
CA PHE F 191 -37.89 57.60 17.55
C PHE F 191 -38.39 58.55 16.49
N ARG F 192 -37.53 59.40 15.98
CA ARG F 192 -37.89 60.24 14.84
C ARG F 192 -36.71 60.29 13.89
N THR F 193 -37.01 60.45 12.61
CA THR F 193 -36.00 60.88 11.66
C THR F 193 -36.64 61.73 10.59
N GLU F 194 -36.25 63.00 10.54
CA GLU F 194 -36.73 63.90 9.52
C GLU F 194 -35.65 64.09 8.47
N HIS F 195 -36.08 64.57 7.31
CA HIS F 195 -35.15 64.69 6.20
C HIS F 195 -35.72 65.75 5.27
N TYR F 196 -34.89 66.71 4.89
CA TYR F 196 -35.28 67.71 3.90
C TYR F 196 -34.19 67.80 2.86
N GLU F 197 -34.59 68.06 1.63
CA GLU F 197 -33.61 68.19 0.56
C GLU F 197 -34.18 69.14 -0.48
N GLU F 198 -33.31 69.93 -1.10
CA GLU F 198 -33.76 70.84 -2.14
C GLU F 198 -32.62 71.05 -3.13
N GLN F 199 -32.73 70.48 -4.32
CA GLN F 199 -31.81 70.82 -5.39
C GLN F 199 -32.42 71.92 -6.23
N ILE F 200 -31.56 72.74 -6.85
CA ILE F 200 -32.00 73.69 -7.86
C ILE F 200 -30.86 73.87 -8.84
N GLU F 201 -31.20 73.86 -10.13
CA GLU F 201 -30.23 74.07 -11.20
C GLU F 201 -30.81 75.13 -12.14
N ALA F 202 -30.30 76.35 -12.06
CA ALA F 202 -30.66 77.42 -12.97
C ALA F 202 -29.61 77.52 -14.07
N PHE F 203 -30.01 78.09 -15.20
CA PHE F 203 -29.19 78.01 -16.41
C PHE F 203 -29.66 79.10 -17.36
N LYS F 204 -28.71 79.83 -17.95
CA LYS F 204 -29.06 80.91 -18.88
C LYS F 204 -27.94 81.08 -19.90
N SER F 205 -28.21 80.77 -21.16
CA SER F 205 -27.24 80.90 -22.24
C SER F 205 -27.71 81.92 -23.26
N ILE F 206 -26.77 82.67 -23.85
CA ILE F 206 -27.05 83.66 -24.88
C ILE F 206 -25.99 83.52 -25.96
N ILE F 207 -26.41 83.47 -27.23
CA ILE F 207 -25.49 83.54 -28.36
C ILE F 207 -25.96 84.68 -29.26
N GLN F 208 -25.05 85.58 -29.62
CA GLN F 208 -25.38 86.67 -30.53
C GLN F 208 -24.37 86.70 -31.66
N GLU F 209 -24.81 87.16 -32.82
CA GLU F 209 -23.92 87.22 -33.97
C GLU F 209 -24.44 88.25 -34.94
N LYS F 210 -23.56 89.12 -35.44
CA LYS F 210 -23.87 89.94 -36.60
C LYS F 210 -22.73 89.81 -37.60
N THR F 211 -23.07 89.63 -38.87
CA THR F 211 -22.09 89.52 -39.94
C THR F 211 -22.52 90.50 -41.02
N SER F 212 -21.84 91.64 -41.12
CA SER F 212 -22.15 92.67 -42.10
C SER F 212 -21.06 92.71 -43.17
N ASN F 213 -21.46 92.85 -44.43
CA ASN F 213 -20.54 92.83 -45.56
C ASN F 213 -21.00 93.84 -46.59
N PHE F 214 -20.18 94.86 -46.84
CA PHE F 214 -20.50 95.91 -47.80
C PHE F 214 -19.46 95.90 -48.90
N ASN F 215 -19.90 95.93 -50.16
CA ASN F 215 -18.98 95.80 -51.30
C ASN F 215 -19.36 96.85 -52.33
N ALA F 216 -18.41 97.71 -52.69
CA ALA F 216 -18.62 98.62 -53.81
C ALA F 216 -17.94 98.05 -55.05
N ALA F 217 -18.02 98.79 -56.15
CA ALA F 217 -17.35 98.42 -57.40
C ALA F 217 -17.10 99.64 -58.27
N PHE F 249 -10.75 99.44 -58.61
CA PHE F 249 -11.89 100.31 -58.31
C PHE F 249 -12.94 99.60 -57.45
N ARG F 250 -12.67 99.45 -56.15
CA ARG F 250 -13.69 98.94 -55.23
C ARG F 250 -13.37 99.42 -53.83
N PHE F 251 -14.18 98.96 -52.87
CA PHE F 251 -14.01 99.24 -51.44
C PHE F 251 -14.87 98.24 -50.70
N SER F 252 -14.28 97.48 -49.79
CA SER F 252 -15.03 96.53 -48.99
C SER F 252 -15.04 96.96 -47.53
N TYR F 253 -16.00 96.44 -46.78
CA TYR F 253 -16.08 96.69 -45.35
C TYR F 253 -16.84 95.53 -44.73
N SER F 254 -16.13 94.69 -43.98
CA SER F 254 -16.72 93.52 -43.36
C SER F 254 -16.65 93.64 -41.84
N LYS F 255 -17.49 92.88 -41.17
CA LYS F 255 -17.47 92.79 -39.71
C LYS F 255 -18.18 91.51 -39.33
N ASN F 256 -17.57 90.74 -38.42
CA ASN F 256 -18.15 89.49 -37.95
C ASN F 256 -18.05 89.50 -36.42
N GLU F 257 -19.04 90.10 -35.76
CA GLU F 257 -19.07 90.15 -34.30
C GLU F 257 -19.82 88.92 -33.79
N THR F 258 -19.23 88.23 -32.82
CA THR F 258 -19.77 86.99 -32.30
C THR F 258 -19.70 87.03 -30.77
N TYR F 259 -20.80 87.40 -30.14
CA TYR F 259 -20.86 87.46 -28.69
C TYR F 259 -21.43 86.16 -28.15
N GLN F 260 -21.01 85.80 -26.94
CA GLN F 260 -21.60 84.65 -26.29
C GLN F 260 -21.63 84.96 -24.80
N LEU F 261 -22.52 84.28 -24.07
CA LEU F 261 -22.66 84.44 -22.64
C LEU F 261 -23.27 83.16 -22.11
N PHE F 262 -22.91 82.81 -20.88
CA PHE F 262 -23.27 81.50 -20.35
C PHE F 262 -23.25 81.60 -18.84
N LEU F 263 -24.31 81.14 -18.18
CA LEU F 263 -24.34 81.17 -16.73
C LEU F 263 -25.03 79.93 -16.21
N SER F 264 -24.46 79.31 -15.19
CA SER F 264 -25.08 78.21 -14.48
C SER F 264 -25.25 78.58 -13.02
N TYR F 265 -26.08 77.81 -12.31
CA TYR F 265 -26.19 77.93 -10.86
C TYR F 265 -26.74 76.60 -10.36
N SER F 266 -25.87 75.72 -9.90
CA SER F 266 -26.28 74.35 -9.57
C SER F 266 -26.08 74.13 -8.08
N SER F 267 -27.06 74.53 -7.26
CA SER F 267 -26.91 74.50 -5.82
C SER F 267 -27.89 73.52 -5.22
N LYS F 268 -27.40 72.63 -4.36
CA LYS F 268 -28.27 71.76 -3.59
C LYS F 268 -28.17 72.11 -2.12
N LYS F 269 -29.17 71.68 -1.37
CA LYS F 269 -29.17 71.81 0.09
C LYS F 269 -29.78 70.55 0.66
N GLU F 270 -29.41 70.27 1.91
CA GLU F 270 -29.87 69.07 2.59
C GLU F 270 -29.90 69.38 4.08
N LYS F 271 -30.83 68.79 4.80
CA LYS F 271 -30.90 69.03 6.24
C LYS F 271 -31.58 67.83 6.88
N MET F 272 -30.81 66.99 7.55
CA MET F 272 -31.34 65.79 8.17
C MET F 272 -31.67 66.10 9.62
N PHE F 273 -32.29 65.14 10.30
CA PHE F 273 -32.51 65.21 11.75
C PHE F 273 -32.82 63.80 12.20
N LEU F 274 -32.40 63.47 13.41
CA LEU F 274 -32.72 62.17 13.99
C LEU F 274 -32.90 62.40 15.48
N HIS F 275 -33.68 61.55 16.14
CA HIS F 275 -33.95 61.76 17.57
C HIS F 275 -34.43 60.45 18.17
N VAL F 276 -33.58 59.74 18.84
CA VAL F 276 -33.99 58.59 19.62
C VAL F 276 -34.27 59.08 21.02
N LYS F 277 -35.25 58.51 21.73
CA LYS F 277 -35.42 58.85 23.15
C LYS F 277 -36.12 57.69 23.84
N GLY F 278 -35.35 56.86 24.54
CA GLY F 278 -36.01 55.73 25.17
C GLY F 278 -36.11 55.79 26.67
N GLU F 279 -37.26 56.17 27.20
CA GLU F 279 -37.43 56.20 28.65
C GLU F 279 -37.74 54.81 29.18
N ILE F 280 -37.37 54.57 30.43
CA ILE F 280 -37.71 53.35 31.13
C ILE F 280 -38.15 53.75 32.53
N HIS F 281 -39.41 53.52 32.87
CA HIS F 281 -39.92 53.91 34.16
C HIS F 281 -40.06 52.68 35.04
N LEU F 282 -39.59 52.78 36.27
CA LEU F 282 -39.86 51.78 37.30
C LEU F 282 -40.62 52.50 38.41
N GLY F 283 -41.93 52.54 38.28
CA GLY F 283 -42.75 53.02 39.36
C GLY F 283 -42.73 54.52 39.57
N ARG F 284 -43.28 54.93 40.70
CA ARG F 284 -43.48 56.32 41.03
C ARG F 284 -43.74 56.43 42.52
N PHE F 285 -44.07 57.62 42.99
CA PHE F 285 -44.43 57.84 44.40
C PHE F 285 -45.25 59.10 44.51
N VAL F 286 -46.05 59.19 45.56
CA VAL F 286 -46.82 60.38 45.87
C VAL F 286 -46.70 60.66 47.36
N MET F 287 -46.19 61.84 47.72
CA MET F 287 -46.00 62.18 49.11
C MET F 287 -47.31 62.66 49.73
N ARG F 288 -47.29 62.93 51.02
CA ARG F 288 -48.50 63.36 51.72
C ARG F 288 -48.49 64.87 51.93
N ASN F 289 -49.54 65.37 52.58
CA ASN F 289 -49.71 66.80 52.77
C ASN F 289 -50.12 67.21 54.18
N ARG F 290 -50.71 66.31 54.98
CA ARG F 290 -51.07 66.61 56.35
C ARG F 290 -50.55 65.53 57.27
N ASP F 291 -50.26 65.91 58.52
CA ASP F 291 -49.64 65.06 59.55
C ASP F 291 -48.32 64.47 59.06
N VAL F 292 -47.51 65.33 58.46
CA VAL F 292 -46.25 64.94 57.84
C VAL F 292 -45.13 65.16 58.86
N VAL F 293 -44.26 64.17 59.01
CA VAL F 293 -43.08 64.33 59.86
C VAL F 293 -41.93 64.86 59.02
N LEU F 294 -41.12 65.72 59.62
CA LEU F 294 -39.97 66.31 58.96
C LEU F 294 -38.71 65.85 59.68
N THR F 295 -37.58 65.93 58.99
CA THR F 295 -36.33 65.47 59.57
C THR F 295 -35.84 66.43 60.64
N THR F 296 -34.80 66.00 61.36
CA THR F 296 -34.32 66.78 62.51
C THR F 296 -33.61 68.05 62.07
N THR F 297 -32.83 67.96 61.00
CA THR F 297 -32.03 69.08 60.52
C THR F 297 -32.81 70.09 59.69
N PHE F 298 -34.12 70.10 59.78
CA PHE F 298 -34.93 71.01 58.97
C PHE F 298 -35.90 71.83 59.81
N VAL F 299 -36.44 71.24 60.89
CA VAL F 299 -37.28 72.00 61.81
C VAL F 299 -36.45 73.06 62.52
N ASP F 300 -35.19 72.75 62.81
CA ASP F 300 -34.29 73.74 63.41
C ASP F 300 -34.02 74.90 62.46
N ASP F 301 -33.80 74.60 61.17
CA ASP F 301 -33.53 75.65 60.21
C ASP F 301 -34.76 76.48 59.87
N ILE F 302 -35.96 75.92 60.04
CA ILE F 302 -37.15 76.77 59.99
C ILE F 302 -37.24 77.61 61.26
N LYS F 303 -36.87 77.04 62.41
CA LYS F 303 -36.93 77.77 63.67
C LYS F 303 -35.90 78.89 63.76
N ALA F 304 -34.85 78.85 62.93
CA ALA F 304 -33.82 79.88 62.91
C ALA F 304 -34.06 80.92 61.83
N LEU F 305 -35.31 81.11 61.42
CA LEU F 305 -35.60 82.13 60.41
C LEU F 305 -35.94 83.45 61.09
N PRO F 306 -35.56 84.60 60.51
CA PRO F 306 -35.54 85.85 61.27
C PRO F 306 -36.90 86.47 61.54
N THR F 307 -37.99 85.93 60.98
CA THR F 307 -39.39 86.16 61.36
C THR F 307 -39.91 87.55 60.94
N THR F 308 -39.03 88.45 60.49
CA THR F 308 -39.41 89.83 60.20
C THR F 308 -39.24 90.18 58.73
N TYR F 309 -39.17 89.18 57.86
CA TYR F 309 -38.72 89.29 56.47
C TYR F 309 -37.39 90.05 56.40
N GLU F 310 -36.37 89.37 56.91
CA GLU F 310 -35.00 89.82 56.70
C GLU F 310 -34.43 89.00 55.55
N LYS F 311 -34.08 89.71 54.46
CA LYS F 311 -33.85 89.09 53.16
C LYS F 311 -32.60 88.22 53.12
N GLY F 312 -31.68 88.38 54.06
CA GLY F 312 -30.41 87.69 53.96
C GLY F 312 -30.48 86.21 54.27
N GLU F 313 -31.35 85.81 55.20
CA GLU F 313 -31.38 84.42 55.63
C GLU F 313 -32.18 83.53 54.68
N TYR F 314 -33.21 84.07 54.02
CA TYR F 314 -34.08 83.24 53.20
C TYR F 314 -33.39 82.82 51.91
N PHE F 315 -32.50 83.65 51.37
CA PHE F 315 -31.73 83.23 50.20
C PHE F 315 -30.67 82.19 50.54
N ALA F 316 -30.32 82.04 51.80
CA ALA F 316 -29.48 80.91 52.19
C ALA F 316 -30.32 79.67 52.45
N PHE F 317 -31.51 79.85 53.00
CA PHE F 317 -32.39 78.70 53.26
C PHE F 317 -32.87 78.06 51.97
N LEU F 318 -33.26 78.88 50.99
CA LEU F 318 -33.82 78.34 49.75
C LEU F 318 -32.77 77.69 48.87
N GLU F 319 -31.50 77.92 49.12
CA GLU F 319 -30.46 77.19 48.42
C GLU F 319 -29.77 76.16 49.30
N THR F 320 -30.14 76.08 50.57
CA THR F 320 -29.76 74.92 51.35
C THR F 320 -30.74 73.78 51.14
N TYR F 321 -32.05 74.07 51.17
CA TYR F 321 -33.06 73.02 51.09
C TYR F 321 -33.93 73.11 49.85
N GLY F 322 -33.48 73.79 48.81
CA GLY F 322 -34.23 73.84 47.57
C GLY F 322 -35.46 74.73 47.61
N THR F 323 -36.05 74.95 46.46
CA THR F 323 -37.22 75.82 46.39
C THR F 323 -38.51 75.04 46.49
N HIS F 324 -38.61 73.89 45.84
CA HIS F 324 -39.80 73.07 45.87
C HIS F 324 -39.42 71.65 46.25
N TYR F 325 -40.40 70.87 46.70
CA TYR F 325 -40.20 69.46 46.93
C TYR F 325 -41.03 68.64 45.96
N SER F 326 -40.46 67.55 45.46
CA SER F 326 -41.15 66.73 44.48
C SER F 326 -42.27 65.94 45.12
N SER F 327 -43.48 66.49 45.10
CA SER F 327 -44.63 65.83 45.71
C SER F 327 -45.12 64.63 44.92
N SER F 328 -44.70 64.47 43.67
CA SER F 328 -45.10 63.30 42.89
C SER F 328 -44.04 63.08 41.80
N GLY F 329 -43.15 62.12 42.03
CA GLY F 329 -42.09 61.82 41.10
C GLY F 329 -42.36 60.59 40.26
N SER F 330 -41.33 60.17 39.54
CA SER F 330 -41.36 58.93 38.75
C SER F 330 -39.91 58.57 38.47
N LEU F 331 -39.41 57.49 39.05
CA LEU F 331 -37.98 57.21 38.95
C LEU F 331 -37.70 56.43 37.68
N GLY F 332 -36.47 55.94 37.53
CA GLY F 332 -36.03 55.33 36.29
C GLY F 332 -35.60 56.35 35.26
N GLY F 333 -34.52 56.09 34.54
CA GLY F 333 -33.92 57.14 33.72
C GLY F 333 -33.77 56.89 32.24
N LEU F 334 -33.64 57.97 31.48
CA LEU F 334 -33.73 57.94 30.04
C LEU F 334 -32.35 57.85 29.38
N TYR F 335 -32.37 57.83 28.06
CA TYR F 335 -31.22 58.14 27.25
C TYR F 335 -31.71 58.90 26.03
N GLU F 336 -30.79 59.41 25.22
CA GLU F 336 -31.17 60.29 24.13
C GLU F 336 -30.03 60.44 23.15
N LEU F 337 -30.33 60.34 21.86
CA LEU F 337 -29.41 60.71 20.81
C LEU F 337 -30.04 61.86 20.03
N ILE F 338 -29.21 62.73 19.46
CA ILE F 338 -29.63 63.76 18.52
C ILE F 338 -28.56 63.84 17.45
N TYR F 339 -28.95 63.83 16.18
CA TYR F 339 -28.01 63.81 15.07
C TYR F 339 -28.43 64.89 14.09
N VAL F 340 -27.87 66.09 14.22
CA VAL F 340 -28.28 67.20 13.37
C VAL F 340 -27.23 67.35 12.29
N LEU F 341 -27.52 66.87 11.10
CA LEU F 341 -26.64 67.15 9.98
C LEU F 341 -27.11 68.46 9.34
N ASP F 342 -26.25 69.01 8.49
CA ASP F 342 -26.58 70.17 7.68
C ASP F 342 -25.59 70.19 6.53
N LYS F 343 -26.07 70.53 5.35
CA LYS F 343 -25.20 70.60 4.20
C LYS F 343 -25.65 71.78 3.37
N ALA F 344 -24.71 72.44 2.69
CA ALA F 344 -25.07 73.48 1.74
C ALA F 344 -23.97 73.52 0.68
N SER F 345 -24.16 72.78 -0.39
CA SER F 345 -23.30 72.99 -1.53
C SER F 345 -23.75 74.24 -2.27
N MET F 346 -22.90 74.73 -3.17
CA MET F 346 -23.27 75.78 -4.11
C MET F 346 -22.24 75.79 -5.22
N LYS F 347 -22.69 75.84 -6.45
CA LYS F 347 -21.82 76.20 -7.55
C LYS F 347 -22.35 77.46 -8.19
N ARG F 348 -21.48 78.14 -8.91
CA ARG F 348 -21.90 79.14 -9.89
C ARG F 348 -20.78 79.29 -10.89
N LYS F 349 -21.14 79.62 -12.12
CA LYS F 349 -20.18 79.68 -13.21
C LYS F 349 -20.36 80.96 -13.99
N GLY F 350 -19.52 81.13 -14.99
CA GLY F 350 -19.71 82.16 -16.00
C GLY F 350 -18.71 81.96 -17.11
N VAL F 351 -19.17 81.88 -18.35
CA VAL F 351 -18.32 81.62 -19.51
C VAL F 351 -18.65 82.69 -20.53
N GLU F 352 -17.72 83.60 -20.76
CA GLU F 352 -17.96 84.76 -21.61
C GLU F 352 -16.98 84.73 -22.76
N LEU F 353 -17.41 85.26 -23.90
CA LEU F 353 -16.63 85.10 -25.12
C LEU F 353 -16.96 86.22 -26.08
N LYS F 354 -15.95 86.77 -26.74
CA LYS F 354 -16.13 87.85 -27.70
C LYS F 354 -15.18 87.66 -28.87
N ASP F 355 -15.55 88.23 -30.02
CA ASP F 355 -14.82 88.04 -31.26
C ASP F 355 -15.20 89.16 -32.21
N ILE F 356 -14.20 89.74 -32.88
CA ILE F 356 -14.40 90.70 -33.95
C ILE F 356 -13.41 90.35 -35.06
N LYS F 357 -13.93 90.03 -36.24
CA LYS F 357 -13.10 89.61 -37.37
C LYS F 357 -13.32 90.59 -38.51
N ARG F 358 -12.60 91.70 -38.49
CA ARG F 358 -12.72 92.72 -39.52
C ARG F 358 -11.80 92.43 -40.69
N CYS F 359 -12.13 93.01 -41.84
CA CYS F 359 -11.31 92.87 -43.02
C CYS F 359 -11.53 94.09 -43.90
N LEU F 360 -10.61 94.30 -44.84
CA LEU F 360 -10.76 95.31 -45.87
C LEU F 360 -9.80 94.97 -46.99
N GLY F 361 -10.17 95.32 -48.21
CA GLY F 361 -9.26 95.13 -49.33
C GLY F 361 -9.80 95.64 -50.64
N TYR F 362 -8.97 96.32 -51.43
CA TYR F 362 -9.41 96.80 -52.71
C TYR F 362 -8.28 96.82 -53.74
N HIS F 363 -8.66 96.48 -54.96
CA HIS F 363 -7.86 96.64 -56.17
C HIS F 363 -8.20 97.98 -56.80
N LEU F 364 -7.18 98.76 -57.14
CA LEU F 364 -7.39 100.05 -57.80
C LEU F 364 -6.49 100.18 -59.02
N PHE F 379 -2.05 98.25 -58.56
CA PHE F 379 -2.25 98.69 -57.19
C PHE F 379 -3.05 97.64 -56.44
N ASN F 380 -2.84 97.54 -55.13
CA ASN F 380 -3.64 96.67 -54.27
C ASN F 380 -3.41 97.11 -52.83
N LYS F 381 -4.45 97.03 -52.01
CA LYS F 381 -4.25 97.19 -50.57
C LYS F 381 -5.23 96.28 -49.85
N ASP F 382 -4.80 95.66 -48.76
CA ASP F 382 -5.73 94.91 -47.93
C ASP F 382 -5.20 94.84 -46.50
N ASP F 383 -6.10 94.51 -45.59
CA ASP F 383 -5.73 94.11 -44.24
C ASP F 383 -6.81 93.19 -43.68
N CYS F 384 -6.40 92.40 -42.69
CA CYS F 384 -7.30 91.51 -41.97
C CYS F 384 -7.00 91.66 -40.49
N VAL F 385 -8.02 91.98 -39.69
CA VAL F 385 -7.86 92.24 -38.27
C VAL F 385 -8.69 91.20 -37.53
N LYS F 386 -8.10 90.55 -36.54
CA LYS F 386 -8.84 89.63 -35.68
C LYS F 386 -8.63 90.01 -34.24
N ARG F 387 -9.68 89.85 -33.44
CA ARG F 387 -9.60 90.07 -32.00
C ARG F 387 -10.52 89.07 -31.35
N GLY F 388 -10.06 88.43 -30.28
CA GLY F 388 -10.89 87.47 -29.60
C GLY F 388 -10.58 87.37 -28.12
N GLU F 389 -11.59 87.55 -27.28
CA GLU F 389 -11.41 87.52 -25.84
C GLU F 389 -12.23 86.39 -25.26
N GLY F 390 -11.72 85.79 -24.19
CA GLY F 390 -12.44 84.75 -23.50
C GLY F 390 -12.30 84.93 -22.01
N ARG F 391 -13.37 84.73 -21.25
CA ARG F 391 -13.31 84.83 -19.80
C ARG F 391 -14.05 83.66 -19.19
N ALA F 392 -13.59 83.22 -18.02
CA ALA F 392 -14.25 82.12 -17.36
C ALA F 392 -14.09 82.27 -15.86
N VAL F 393 -15.15 81.97 -15.12
CA VAL F 393 -15.15 81.97 -13.67
C VAL F 393 -15.90 80.73 -13.20
N ASN F 394 -15.27 79.94 -12.34
CA ASN F 394 -15.97 78.89 -11.61
C ASN F 394 -15.83 79.21 -10.13
N ILE F 395 -16.93 79.17 -9.38
CA ILE F 395 -16.91 79.37 -7.94
C ILE F 395 -17.68 78.24 -7.30
N THR F 396 -17.01 77.40 -6.53
CA THR F 396 -17.62 76.22 -5.96
C THR F 396 -17.49 76.28 -4.45
N SER F 397 -18.55 76.65 -3.74
CA SER F 397 -18.51 76.71 -2.30
C SER F 397 -19.21 75.51 -1.69
N GLU F 398 -18.85 75.21 -0.45
CA GLU F 398 -19.48 74.11 0.27
C GLU F 398 -19.38 74.35 1.77
N ASN F 399 -20.50 74.17 2.45
CA ASN F 399 -20.55 74.12 3.90
C ASN F 399 -21.08 72.75 4.31
N LEU F 400 -20.58 72.25 5.43
CA LEU F 400 -21.12 71.03 6.00
C LEU F 400 -21.00 71.15 7.50
N ILE F 401 -22.04 70.73 8.22
CA ILE F 401 -22.05 70.74 9.67
C ILE F 401 -22.59 69.39 10.11
N ASP F 402 -21.97 68.80 11.11
CA ASP F 402 -22.54 67.64 11.78
C ASP F 402 -22.47 67.90 13.28
N ASP F 403 -23.61 67.80 13.94
CA ASP F 403 -23.70 67.76 15.39
C ASP F 403 -24.20 66.38 15.77
N VAL F 404 -23.64 65.84 16.85
CA VAL F 404 -24.17 64.67 17.52
C VAL F 404 -24.19 65.01 19.00
N VAL F 405 -25.30 64.73 19.66
CA VAL F 405 -25.39 64.82 21.11
C VAL F 405 -25.86 63.47 21.60
N SER F 406 -25.25 62.96 22.65
CA SER F 406 -25.78 61.80 23.33
C SER F 406 -25.83 62.07 24.81
N LEU F 407 -26.84 61.54 25.47
CA LEU F 407 -27.03 61.74 26.89
C LEU F 407 -27.59 60.44 27.44
N ILE F 408 -27.21 60.09 28.67
CA ILE F 408 -27.69 58.85 29.27
C ILE F 408 -27.67 59.00 30.78
N ARG F 409 -28.80 58.66 31.42
CA ARG F 409 -28.93 58.81 32.85
C ARG F 409 -29.30 57.45 33.45
N GLY F 410 -28.96 57.25 34.72
CA GLY F 410 -29.34 56.03 35.39
C GLY F 410 -28.55 54.80 35.03
N GLY F 411 -28.38 53.89 35.98
CA GLY F 411 -27.77 52.61 35.72
C GLY F 411 -26.39 52.51 36.35
N THR F 412 -25.87 51.29 36.33
CA THR F 412 -24.55 51.03 36.86
C THR F 412 -23.51 51.58 35.88
N ARG F 413 -22.30 51.77 36.39
CA ARG F 413 -21.22 52.39 35.66
C ARG F 413 -20.74 51.54 34.49
N LYS F 414 -20.94 50.24 34.53
CA LYS F 414 -20.29 49.35 33.58
C LYS F 414 -21.11 49.13 32.31
N TYR F 415 -22.43 49.15 32.38
CA TYR F 415 -23.24 48.83 31.22
C TYR F 415 -23.73 50.07 30.45
N ALA F 416 -23.98 51.17 31.16
CA ALA F 416 -24.51 52.37 30.53
C ALA F 416 -23.51 52.97 29.56
N PHE F 417 -22.22 52.89 29.88
CA PHE F 417 -21.22 53.48 29.02
C PHE F 417 -20.71 52.51 27.98
N GLU F 418 -21.14 51.26 28.06
CA GLU F 418 -21.15 50.40 26.89
C GLU F 418 -22.25 50.81 25.93
N LEU F 419 -23.45 51.09 26.49
CA LEU F 419 -24.63 51.42 25.69
C LEU F 419 -24.45 52.73 24.93
N LYS F 420 -23.85 53.73 25.55
CA LYS F 420 -23.69 55.04 24.91
C LYS F 420 -22.79 54.96 23.69
N GLU F 421 -21.68 54.26 23.80
CA GLU F 421 -20.82 54.09 22.65
C GLU F 421 -21.38 53.12 21.62
N LYS F 422 -22.23 52.17 22.03
CA LYS F 422 -22.90 51.38 21.00
C LYS F 422 -23.97 52.18 20.28
N LEU F 423 -24.52 53.22 20.92
CA LEU F 423 -25.37 54.15 20.19
C LEU F 423 -24.57 54.96 19.18
N LEU F 424 -23.49 55.59 19.63
CA LEU F 424 -22.82 56.57 18.80
C LEU F 424 -21.94 55.96 17.72
N ARG F 425 -21.75 54.65 17.73
CA ARG F 425 -21.04 54.00 16.64
C ARG F 425 -21.84 54.04 15.34
N GLY F 426 -23.17 54.07 15.45
CA GLY F 426 -24.03 54.07 14.30
C GLY F 426 -24.43 52.69 13.82
N THR F 427 -23.70 51.65 14.23
CA THR F 427 -24.09 50.29 13.88
C THR F 427 -25.30 49.87 14.72
N VAL F 428 -25.91 48.76 14.31
CA VAL F 428 -27.07 48.25 15.02
C VAL F 428 -26.61 47.62 16.34
N ILE F 429 -27.41 47.80 17.37
CA ILE F 429 -27.12 47.28 18.70
C ILE F 429 -27.90 45.98 18.86
N ASP F 430 -27.18 44.87 19.02
CA ASP F 430 -27.82 43.61 19.35
C ASP F 430 -28.48 43.72 20.72
N VAL F 431 -29.57 42.98 20.91
CA VAL F 431 -30.42 43.20 22.08
C VAL F 431 -29.80 42.36 23.19
N THR F 432 -28.72 42.88 23.73
CA THR F 432 -28.11 42.38 24.95
C THR F 432 -27.57 43.51 25.82
N ASP F 433 -27.41 44.72 25.29
CA ASP F 433 -26.90 45.85 26.03
C ASP F 433 -28.01 46.73 26.57
N PHE F 434 -29.09 46.90 25.81
CA PHE F 434 -30.25 47.60 26.32
C PHE F 434 -30.94 46.80 27.42
N VAL F 435 -30.93 45.47 27.29
CA VAL F 435 -31.47 44.59 28.33
C VAL F 435 -30.61 44.65 29.58
N ASN F 436 -29.28 44.65 29.42
CA ASN F 436 -28.40 44.71 30.58
C ASN F 436 -28.45 46.07 31.26
N TRP F 437 -28.59 47.15 30.50
CA TRP F 437 -28.77 48.45 31.11
C TRP F 437 -30.12 48.55 31.81
N ALA F 438 -31.15 47.91 31.26
CA ALA F 438 -32.46 47.96 31.87
C ALA F 438 -32.54 47.06 33.10
N SER F 439 -31.71 46.04 33.19
CA SER F 439 -31.58 45.30 34.44
C SER F 439 -30.71 46.06 35.43
N SER F 440 -29.79 46.86 34.91
CA SER F 440 -28.94 47.70 35.75
C SER F 440 -29.72 48.82 36.42
N ILE F 441 -30.78 49.31 35.76
CA ILE F 441 -31.48 50.51 36.23
C ILE F 441 -32.24 50.27 37.53
N ASN F 442 -32.41 49.02 37.95
CA ASN F 442 -32.98 48.73 39.27
C ASN F 442 -32.03 49.17 40.38
N ASP F 443 -30.71 49.15 40.13
CA ASP F 443 -29.76 49.51 41.17
C ASP F 443 -29.68 51.02 41.37
N ALA F 444 -29.53 51.77 40.28
CA ALA F 444 -29.25 53.21 40.33
C ALA F 444 -30.33 53.98 39.56
N PRO F 445 -31.46 54.28 40.20
CA PRO F 445 -32.49 55.06 39.54
C PRO F 445 -32.17 56.54 39.53
N VAL F 446 -32.76 57.24 38.57
CA VAL F 446 -32.59 58.68 38.40
C VAL F 446 -33.96 59.27 38.16
N LEU F 447 -34.32 60.30 38.95
CA LEU F 447 -35.62 60.93 38.85
C LEU F 447 -35.80 61.58 37.48
N ILE F 448 -36.99 61.40 36.90
CA ILE F 448 -37.18 61.74 35.49
C ILE F 448 -38.37 62.66 35.24
N SER F 449 -39.36 62.73 36.12
CA SER F 449 -40.53 63.57 35.88
C SER F 449 -41.21 63.81 37.22
N GLN F 450 -41.53 65.06 37.50
CA GLN F 450 -41.98 65.45 38.81
C GLN F 450 -43.07 66.50 38.71
N LYS F 451 -43.91 66.56 39.73
CA LYS F 451 -44.96 67.56 39.84
C LYS F 451 -44.69 68.34 41.11
N LEU F 452 -44.22 69.57 40.96
CA LEU F 452 -43.66 70.33 42.06
C LEU F 452 -44.74 70.82 43.01
N SER F 453 -44.31 71.42 44.11
CA SER F 453 -45.17 71.97 45.15
C SER F 453 -44.30 72.87 46.01
N PRO F 454 -44.77 74.05 46.39
CA PRO F 454 -43.89 75.01 47.05
C PRO F 454 -43.60 74.62 48.49
N ILE F 455 -42.42 75.03 48.96
CA ILE F 455 -41.91 74.57 50.25
C ILE F 455 -42.61 75.26 51.42
N TYR F 456 -43.34 76.34 51.17
CA TYR F 456 -44.17 76.90 52.23
C TYR F 456 -45.53 76.23 52.31
N ASN F 457 -45.72 75.11 51.61
CA ASN F 457 -46.84 74.21 51.85
C ASN F 457 -46.38 73.03 52.71
N LEU F 458 -45.27 73.20 53.43
CA LEU F 458 -44.65 72.13 54.19
C LEU F 458 -44.24 72.56 55.60
N VAL F 459 -44.05 73.85 55.85
CA VAL F 459 -43.73 74.40 57.17
C VAL F 459 -44.87 74.09 58.13
N PRO F 460 -44.60 73.40 59.25
CA PRO F 460 -45.69 73.02 60.15
C PRO F 460 -46.28 74.22 60.88
N VAL F 461 -47.50 74.02 61.36
CA VAL F 461 -48.27 75.10 61.97
C VAL F 461 -48.22 75.02 63.50
N LYS F 462 -47.80 73.88 64.05
CA LYS F 462 -47.64 73.72 65.50
C LYS F 462 -46.59 74.66 66.07
N MET F 463 -45.54 74.95 65.30
CA MET F 463 -44.46 75.79 65.79
C MET F 463 -44.88 77.26 65.82
N LYS F 464 -44.10 78.04 66.56
CA LYS F 464 -44.45 79.44 66.80
C LYS F 464 -44.08 80.31 65.61
N ASN F 465 -44.90 81.35 65.39
CA ASN F 465 -44.79 82.28 64.25
C ASN F 465 -44.79 81.55 62.92
N ALA F 466 -45.68 80.55 62.79
CA ALA F 466 -45.69 79.73 61.60
C ALA F 466 -46.23 80.49 60.39
N HIS F 467 -47.30 81.25 60.60
CA HIS F 467 -47.90 81.98 59.47
C HIS F 467 -47.02 83.12 59.01
N LEU F 468 -46.26 83.74 59.92
CA LEU F 468 -45.35 84.80 59.52
C LEU F 468 -44.19 84.26 58.70
N LYS F 469 -43.67 83.09 59.08
CA LYS F 469 -42.60 82.48 58.30
C LYS F 469 -43.12 81.97 56.96
N LYS F 470 -44.38 81.52 56.91
CA LYS F 470 -44.96 81.15 55.62
C LYS F 470 -45.20 82.36 54.74
N GLN F 471 -45.56 83.49 55.35
CA GLN F 471 -45.71 84.75 54.63
C GLN F 471 -44.37 85.25 54.12
N ASN F 472 -43.29 84.96 54.84
CA ASN F 472 -41.96 85.31 54.36
C ASN F 472 -41.55 84.42 53.19
N LEU F 473 -41.77 83.11 53.33
CA LEU F 473 -41.34 82.17 52.29
C LEU F 473 -42.21 82.22 51.05
N GLU F 474 -43.42 82.76 51.13
CA GLU F 474 -44.22 82.88 49.92
C GLU F 474 -43.79 84.07 49.07
N ARG F 475 -43.10 85.04 49.65
CA ARG F 475 -42.53 86.14 48.90
C ARG F 475 -41.07 85.93 48.56
N ALA F 476 -40.36 85.13 49.35
CA ALA F 476 -38.96 84.85 49.07
C ALA F 476 -38.79 84.07 47.78
N ILE F 477 -39.75 83.21 47.43
CA ILE F 477 -39.66 82.48 46.18
C ILE F 477 -39.90 83.40 44.99
N GLU F 478 -40.81 84.37 45.14
CA GLU F 478 -41.00 85.36 44.08
C GLU F 478 -39.77 86.24 43.91
N ASP F 479 -39.15 86.66 45.02
CA ASP F 479 -37.94 87.46 44.92
C ASP F 479 -36.77 86.65 44.37
N TYR F 480 -36.70 85.36 44.68
CA TYR F 480 -35.63 84.53 44.16
C TYR F 480 -35.80 84.26 42.68
N ILE F 481 -37.04 84.05 42.23
CA ILE F 481 -37.24 83.79 40.82
C ILE F 481 -37.19 85.10 40.02
N ASN F 482 -37.35 86.25 40.67
CA ASN F 482 -37.23 87.50 39.95
C ASN F 482 -35.78 87.95 39.85
N GLU F 483 -35.03 87.92 40.96
CA GLU F 483 -33.73 88.54 41.01
C GLU F 483 -32.64 87.71 40.35
N PHE F 484 -32.82 86.40 40.20
CA PHE F 484 -31.91 85.59 39.42
C PHE F 484 -32.52 85.16 38.09
N SER F 485 -33.51 85.90 37.60
CA SER F 485 -34.09 85.60 36.31
C SER F 485 -33.14 85.98 35.18
N VAL F 486 -33.38 85.40 34.00
CA VAL F 486 -32.56 85.69 32.84
C VAL F 486 -32.95 87.01 32.19
N ARG F 487 -34.07 87.60 32.59
CA ARG F 487 -34.60 88.80 31.97
C ARG F 487 -33.98 90.08 32.50
N LYS F 488 -32.80 90.01 33.12
CA LYS F 488 -32.05 91.22 33.43
C LYS F 488 -30.89 91.46 32.48
N CYS F 489 -30.28 90.40 31.96
CA CYS F 489 -29.23 90.55 30.97
C CYS F 489 -29.83 90.91 29.62
N HIS F 490 -29.21 91.88 28.95
CA HIS F 490 -29.68 92.29 27.63
C HIS F 490 -29.38 91.20 26.61
N THR F 491 -30.37 90.89 25.78
CA THR F 491 -30.32 89.69 24.96
C THR F 491 -29.30 89.81 23.83
N CYS F 492 -28.77 88.67 23.43
CA CYS F 492 -27.82 88.61 22.34
C CYS F 492 -28.53 88.58 21.00
N GLN F 493 -27.91 89.21 20.01
CA GLN F 493 -28.49 89.31 18.68
C GLN F 493 -28.22 88.04 17.89
N ASN F 494 -28.63 88.05 16.62
CA ASN F 494 -28.42 86.99 15.62
C ASN F 494 -29.01 85.65 16.04
N GLY F 495 -30.05 85.67 16.87
CA GLY F 495 -30.64 84.43 17.36
C GLY F 495 -29.90 83.79 18.50
N GLY F 496 -29.05 84.53 19.19
CA GLY F 496 -28.31 83.98 20.32
C GLY F 496 -29.16 83.88 21.57
N THR F 497 -29.33 82.67 22.08
CA THR F 497 -30.12 82.43 23.29
C THR F 497 -29.26 82.65 24.52
N VAL F 498 -29.67 83.59 25.37
CA VAL F 498 -28.93 83.93 26.57
C VAL F 498 -29.21 82.91 27.65
N ILE F 499 -28.18 82.52 28.38
CA ILE F 499 -28.28 81.53 29.45
C ILE F 499 -27.61 82.10 30.69
N LEU F 500 -28.37 82.29 31.76
CA LEU F 500 -27.79 82.68 33.02
C LEU F 500 -27.04 81.51 33.63
N MET F 501 -25.78 81.72 34.00
CA MET F 501 -24.92 80.68 34.55
C MET F 501 -23.83 81.34 35.35
N ASP F 502 -23.77 81.03 36.66
CA ASP F 502 -22.78 81.56 37.60
C ASP F 502 -22.90 83.09 37.72
N GLY F 503 -24.09 83.64 37.49
CA GLY F 503 -24.23 85.08 37.42
C GLY F 503 -23.49 85.71 36.25
N LYS F 504 -23.33 84.96 35.15
CA LYS F 504 -22.56 85.41 33.99
C LYS F 504 -23.30 84.93 32.75
N CYS F 505 -24.07 85.83 32.15
CA CYS F 505 -24.98 85.49 31.07
C CYS F 505 -24.19 85.17 29.80
N LEU F 506 -24.01 83.88 29.54
CA LEU F 506 -23.37 83.41 28.32
C LEU F 506 -24.42 83.09 27.27
N CYS F 507 -24.13 83.43 26.01
CA CYS F 507 -25.05 83.21 24.92
C CYS F 507 -24.54 82.09 24.01
N ALA F 508 -25.48 81.29 23.50
CA ALA F 508 -25.17 80.22 22.55
C ALA F 508 -25.62 80.63 21.16
N CYS F 509 -24.72 80.54 20.20
CA CYS F 509 -24.94 80.99 18.83
C CYS F 509 -25.29 79.82 17.92
N PRO F 510 -26.29 79.96 17.06
CA PRO F 510 -26.71 78.81 16.25
C PRO F 510 -25.85 78.51 15.02
N PHE F 511 -25.01 77.48 15.14
CA PHE F 511 -24.46 76.66 14.07
C PHE F 511 -23.45 77.34 13.14
N LYS F 512 -23.29 78.66 13.20
CA LYS F 512 -22.36 79.31 12.28
C LYS F 512 -21.51 80.39 12.94
N PHE F 513 -21.85 80.85 14.12
CA PHE F 513 -21.32 82.09 14.66
C PHE F 513 -20.39 81.76 15.81
N GLU F 514 -19.10 82.03 15.63
CA GLU F 514 -18.12 81.72 16.66
C GLU F 514 -17.95 82.85 17.67
N GLY F 515 -18.48 84.03 17.40
CA GLY F 515 -18.28 85.16 18.28
C GLY F 515 -19.11 85.07 19.53
N ILE F 516 -18.72 85.86 20.53
CA ILE F 516 -19.46 85.88 21.79
C ILE F 516 -20.81 86.54 21.61
N ALA F 517 -20.87 87.57 20.77
CA ALA F 517 -22.11 88.26 20.46
C ALA F 517 -22.76 87.75 19.17
N CYS F 518 -22.36 86.55 18.73
CA CYS F 518 -22.92 85.87 17.54
C CYS F 518 -22.74 86.68 16.26
N GLU F 519 -21.66 87.45 16.16
CA GLU F 519 -21.51 88.41 15.07
C GLU F 519 -20.78 87.83 13.86
N ILE F 520 -19.63 87.22 14.07
CA ILE F 520 -18.82 86.72 12.96
C ILE F 520 -19.50 85.50 12.35
N SER F 521 -19.60 85.47 11.02
CA SER F 521 -20.26 84.40 10.29
C SER F 521 -19.24 83.67 9.44
N LYS F 522 -19.70 82.60 8.80
CA LYS F 522 -18.87 81.82 7.88
C LYS F 522 -19.66 81.45 6.62
N SER G 18 10.07 97.76 20.86
CA SER G 18 9.27 96.95 21.78
C SER G 18 10.06 96.59 23.02
N HIS G 19 9.85 97.35 24.09
CA HIS G 19 10.60 97.15 25.33
C HIS G 19 9.77 97.71 26.49
N ILE G 20 9.11 96.83 27.23
CA ILE G 20 8.31 97.21 28.39
C ILE G 20 8.86 96.51 29.61
N ASP G 21 8.99 97.23 30.71
CA ASP G 21 9.46 96.67 31.97
C ASP G 21 8.39 96.80 33.04
N CYS G 22 8.60 96.10 34.15
CA CYS G 22 7.68 96.18 35.26
C CYS G 22 7.81 97.50 35.99
N ARG G 23 6.74 97.86 36.70
CA ARG G 23 6.67 99.11 37.44
C ARG G 23 6.09 98.83 38.81
N MET G 24 6.37 99.75 39.75
CA MET G 24 5.81 99.66 41.09
C MET G 24 5.41 101.04 41.57
N SER G 25 4.26 101.09 42.24
CA SER G 25 3.86 102.27 42.99
C SER G 25 4.73 102.40 44.23
N PRO G 26 4.90 103.61 44.77
CA PRO G 26 5.63 103.73 46.04
C PRO G 26 4.80 103.22 47.20
N TRP G 27 5.49 102.89 48.29
CA TRP G 27 4.85 102.32 49.45
C TRP G 27 3.99 103.37 50.15
N SER G 28 3.03 102.89 50.94
CA SER G 28 2.13 103.77 51.66
C SER G 28 2.76 104.18 52.98
N GLU G 29 1.97 104.76 53.87
CA GLU G 29 2.44 105.12 55.19
C GLU G 29 2.20 103.99 56.17
N TRP G 30 3.05 103.94 57.20
CA TRP G 30 2.91 102.94 58.25
C TRP G 30 1.68 103.24 59.08
N SER G 31 0.73 102.30 59.13
CA SER G 31 -0.60 102.62 59.64
C SER G 31 -0.65 102.72 61.16
N GLN G 32 -0.46 101.59 61.84
CA GLN G 32 -0.64 101.50 63.29
C GLN G 32 -0.15 100.14 63.75
N CYS G 33 0.47 100.09 64.92
CA CYS G 33 0.69 98.83 65.61
C CYS G 33 -0.66 98.20 65.94
N ASP G 34 -0.99 97.12 65.27
CA ASP G 34 -2.18 96.35 65.61
C ASP G 34 -1.90 95.64 66.93
N PRO G 35 -2.59 95.99 68.01
CA PRO G 35 -2.15 95.58 69.35
C PRO G 35 -2.36 94.12 69.63
N CYS G 36 -3.29 93.47 68.92
CA CYS G 36 -3.54 92.06 69.10
C CYS G 36 -2.60 91.19 68.28
N LEU G 37 -1.74 91.79 67.46
CA LEU G 37 -0.74 91.05 66.68
C LEU G 37 0.66 91.65 66.73
N ARG G 38 0.83 92.85 67.30
CA ARG G 38 2.12 93.51 67.53
C ARG G 38 2.89 93.79 66.23
N GLN G 39 2.17 94.04 65.13
CA GLN G 39 2.80 94.28 63.84
C GLN G 39 2.05 95.39 63.13
N MET G 40 2.79 96.35 62.59
CA MET G 40 2.21 97.35 61.70
C MET G 40 2.43 96.93 60.25
N PHE G 41 1.43 97.15 59.42
CA PHE G 41 1.46 96.71 58.03
C PHE G 41 1.46 97.92 57.12
N ARG G 42 2.05 97.78 55.94
CA ARG G 42 1.97 98.80 54.91
C ARG G 42 2.03 98.12 53.56
N SER G 43 1.61 98.84 52.52
CA SER G 43 1.43 98.19 51.24
C SER G 43 1.61 99.19 50.10
N ARG G 44 1.41 98.69 48.89
CA ARG G 44 1.49 99.48 47.67
C ARG G 44 0.66 98.76 46.61
N SER G 45 0.76 99.21 45.37
CA SER G 45 0.06 98.54 44.28
C SER G 45 0.99 98.28 43.11
N ILE G 46 0.44 97.79 42.00
CA ILE G 46 1.20 97.49 40.81
C ILE G 46 0.61 98.29 39.66
N GLU G 47 1.44 99.11 39.01
CA GLU G 47 0.93 99.93 37.92
C GLU G 47 0.86 99.15 36.62
N VAL G 48 2.01 98.72 36.09
CA VAL G 48 2.08 98.07 34.78
C VAL G 48 2.95 96.83 34.91
N PHE G 49 2.41 95.67 34.53
CA PHE G 49 3.17 94.45 34.52
C PHE G 49 4.16 94.43 33.36
N GLY G 50 5.22 93.64 33.51
CA GLY G 50 6.19 93.51 32.45
C GLY G 50 5.63 92.77 31.25
N GLN G 51 6.12 93.15 30.08
CA GLN G 51 5.56 92.64 28.84
C GLN G 51 6.63 92.77 27.76
N PHE G 52 6.57 91.86 26.78
CA PHE G 52 7.48 91.81 25.62
C PHE G 52 8.94 91.68 26.07
N ASN G 53 9.22 90.54 26.72
CA ASN G 53 10.58 90.10 27.08
C ASN G 53 11.24 91.11 28.00
N GLY G 54 10.54 91.44 29.10
CA GLY G 54 11.02 92.42 30.05
C GLY G 54 11.07 91.89 31.46
N LYS G 55 11.27 92.77 32.43
CA LYS G 55 11.46 92.36 33.81
C LYS G 55 10.13 91.97 34.44
N ARG G 56 10.14 90.88 35.20
CA ARG G 56 8.95 90.38 35.86
C ARG G 56 8.74 91.11 37.18
N CYS G 57 7.47 91.30 37.56
CA CYS G 57 7.14 92.08 38.74
C CYS G 57 7.41 91.32 40.03
N THR G 58 7.10 90.02 40.05
CA THR G 58 7.36 89.08 41.16
C THR G 58 6.71 89.54 42.48
N ASP G 59 5.43 89.93 42.38
CA ASP G 59 4.43 89.87 43.45
C ASP G 59 4.88 90.50 44.77
N ALA G 60 5.42 91.71 44.69
CA ALA G 60 6.07 92.35 45.82
C ALA G 60 5.16 93.29 46.60
N VAL G 61 3.87 92.97 46.69
CA VAL G 61 2.93 93.79 47.43
C VAL G 61 2.86 93.28 48.87
N GLY G 62 2.48 94.18 49.78
CA GLY G 62 2.38 93.82 51.18
C GLY G 62 3.70 93.80 51.92
N ASP G 63 3.71 94.28 53.15
CA ASP G 63 4.94 94.36 53.94
C ASP G 63 4.58 94.31 55.41
N ARG G 64 5.49 93.74 56.21
CA ARG G 64 5.28 93.57 57.64
C ARG G 64 6.50 94.07 58.39
N ARG G 65 6.28 94.51 59.62
CA ARG G 65 7.38 95.00 60.46
C ARG G 65 6.96 94.89 61.92
N GLN G 66 7.86 94.38 62.75
CA GLN G 66 7.52 94.20 64.16
C GLN G 66 7.55 95.55 64.88
N CYS G 67 6.63 95.73 65.82
CA CYS G 67 6.64 96.92 66.65
C CYS G 67 6.06 96.57 68.02
N VAL G 68 6.52 97.28 69.03
CA VAL G 68 6.02 97.10 70.40
C VAL G 68 4.59 97.65 70.48
N PRO G 69 3.66 96.96 71.15
CA PRO G 69 2.31 97.51 71.29
C PRO G 69 2.27 98.71 72.23
N THR G 70 2.05 99.89 71.66
CA THR G 70 2.05 101.12 72.45
C THR G 70 0.76 101.29 73.25
N GLU G 71 -0.34 100.70 72.78
CA GLU G 71 -1.62 100.75 73.47
C GLU G 71 -2.30 99.40 73.30
N PRO G 72 -2.28 98.55 74.33
CA PRO G 72 -2.70 97.15 74.15
C PRO G 72 -4.21 97.01 74.00
N CYS G 73 -4.60 96.01 73.20
CA CYS G 73 -6.00 95.70 72.96
C CYS G 73 -6.53 94.79 74.05
N GLU G 74 -7.85 94.57 74.03
CA GLU G 74 -8.44 93.59 74.92
C GLU G 74 -8.08 92.19 74.47
N ASP G 75 -8.18 91.24 75.40
CA ASP G 75 -7.83 89.85 75.13
C ASP G 75 -8.89 89.27 74.20
N ALA G 76 -8.52 89.12 72.92
CA ALA G 76 -9.45 88.68 71.89
C ALA G 76 -9.65 87.17 72.01
N GLU G 77 -10.63 86.78 72.82
CA GLU G 77 -11.02 85.38 72.93
C GLU G 77 -12.54 85.30 73.06
N ASP G 78 -13.10 84.23 72.51
CA ASP G 78 -14.55 84.09 72.48
C ASP G 78 -15.09 83.64 73.83
N ASP G 79 -16.37 83.90 74.05
CA ASP G 79 -17.00 83.53 75.32
C ASP G 79 -17.21 82.03 75.42
N CYS G 80 -17.69 81.42 74.33
CA CYS G 80 -18.05 79.99 74.24
C CYS G 80 -19.06 79.63 75.33
N GLY G 81 -20.24 80.25 75.22
CA GLY G 81 -21.22 80.22 76.28
C GLY G 81 -21.93 78.88 76.39
N ASN G 82 -21.83 78.23 77.56
CA ASN G 82 -22.55 77.00 77.92
C ASN G 82 -22.23 75.84 76.98
N ASP G 83 -21.06 75.86 76.37
CA ASP G 83 -20.61 74.80 75.48
C ASP G 83 -19.28 74.26 75.98
N PHE G 84 -19.06 72.98 75.76
CA PHE G 84 -17.78 72.39 76.14
C PHE G 84 -16.71 72.85 75.17
N GLN G 85 -15.84 73.73 75.64
CA GLN G 85 -14.66 74.11 74.86
C GLN G 85 -13.71 72.93 74.77
N CYS G 86 -12.98 72.87 73.67
CA CYS G 86 -12.09 71.77 73.37
C CYS G 86 -10.65 72.27 73.39
N SER G 87 -9.72 71.37 73.04
CA SER G 87 -8.31 71.71 72.96
C SER G 87 -7.90 72.19 71.58
N THR G 88 -8.82 72.74 70.81
CA THR G 88 -8.55 73.35 69.52
C THR G 88 -9.07 74.77 69.41
N GLY G 89 -10.22 75.06 70.02
CA GLY G 89 -10.92 76.32 69.82
C GLY G 89 -12.32 76.16 69.28
N ARG G 90 -12.74 74.93 68.98
CA ARG G 90 -14.11 74.65 68.53
C ARG G 90 -14.96 74.33 69.75
N CYS G 91 -16.19 74.85 69.76
CA CYS G 91 -17.11 74.66 70.87
C CYS G 91 -18.22 73.72 70.43
N ILE G 92 -18.25 72.52 70.99
CA ILE G 92 -19.28 71.54 70.69
C ILE G 92 -20.23 71.44 71.87
N LYS G 93 -21.32 70.70 71.67
CA LYS G 93 -22.37 70.57 72.67
C LYS G 93 -22.06 69.40 73.60
N MET G 94 -22.94 69.18 74.57
CA MET G 94 -22.79 68.08 75.52
C MET G 94 -23.26 66.76 74.93
N ARG G 95 -24.17 66.81 73.94
CA ARG G 95 -24.68 65.60 73.29
C ARG G 95 -23.59 64.82 72.56
N LEU G 96 -22.51 65.49 72.16
CA LEU G 96 -21.41 64.87 71.43
C LEU G 96 -20.39 64.21 72.34
N ARG G 97 -20.69 64.05 73.62
CA ARG G 97 -19.75 63.45 74.56
C ARG G 97 -19.70 61.94 74.39
N CYS G 98 -18.48 61.40 74.22
CA CYS G 98 -18.19 59.96 74.15
C CYS G 98 -18.96 59.28 73.02
N ASN G 99 -19.19 60.00 71.92
CA ASN G 99 -19.97 59.46 70.82
C ASN G 99 -19.16 58.61 69.87
N GLY G 100 -17.86 58.47 70.09
CA GLY G 100 -17.02 57.74 69.17
C GLY G 100 -16.71 58.47 67.88
N ASP G 101 -16.95 59.77 67.83
CA ASP G 101 -16.65 60.58 66.66
C ASP G 101 -15.73 61.73 67.05
N ASN G 102 -14.73 61.96 66.22
CA ASN G 102 -13.73 63.00 66.47
C ASN G 102 -14.29 64.39 66.23
N ASP G 103 -14.93 64.95 67.25
CA ASP G 103 -15.70 66.17 67.11
C ASP G 103 -14.91 67.42 67.46
N CYS G 104 -14.10 67.39 68.51
CA CYS G 104 -13.27 68.55 68.83
C CYS G 104 -12.09 68.69 67.89
N GLY G 105 -11.69 67.61 67.23
CA GLY G 105 -10.54 67.65 66.36
C GLY G 105 -9.36 66.95 67.00
N ASP G 106 -9.16 67.18 68.29
CA ASP G 106 -8.10 66.51 69.07
C ASP G 106 -8.69 65.46 70.01
N PHE G 107 -9.71 64.75 69.52
CA PHE G 107 -10.11 63.44 70.04
C PHE G 107 -10.62 63.53 71.48
N SER G 108 -11.31 64.61 71.80
CA SER G 108 -11.74 64.88 73.17
C SER G 108 -13.07 64.21 73.50
N ASP G 109 -13.44 63.15 72.80
CA ASP G 109 -14.63 62.37 73.09
C ASP G 109 -14.32 60.93 73.48
N GLU G 110 -13.44 60.26 72.74
CA GLU G 110 -13.20 58.83 72.91
C GLU G 110 -12.11 58.52 73.92
N ASP G 111 -11.91 59.39 74.91
CA ASP G 111 -10.87 59.16 75.92
C ASP G 111 -11.38 59.28 77.34
N ASP G 112 -12.38 60.14 77.56
CA ASP G 112 -12.69 60.59 78.91
C ASP G 112 -13.49 59.55 79.69
N CYS G 113 -14.69 59.24 79.24
CA CYS G 113 -15.64 58.52 80.08
C CYS G 113 -15.45 57.02 79.94
N GLU G 114 -15.96 56.30 80.93
CA GLU G 114 -16.09 54.84 80.87
C GLU G 114 -17.50 54.43 80.46
N SER G 115 -18.28 55.35 79.92
CA SER G 115 -19.66 55.07 79.52
C SER G 115 -19.68 54.38 78.16
N GLU G 116 -20.87 54.19 77.61
CA GLU G 116 -21.00 53.55 76.32
C GLU G 116 -20.53 54.49 75.21
N PRO G 117 -19.94 53.95 74.14
CA PRO G 117 -19.61 54.80 72.98
C PRO G 117 -20.83 55.26 72.21
N ARG G 118 -21.99 54.59 72.39
CA ARG G 118 -23.31 54.79 71.80
C ARG G 118 -23.30 55.31 70.35
N PRO G 119 -22.81 54.54 69.39
CA PRO G 119 -22.64 55.05 68.03
C PRO G 119 -23.99 55.26 67.36
N PRO G 120 -24.24 56.47 66.84
CA PRO G 120 -25.54 56.71 66.17
C PRO G 120 -25.70 55.89 64.91
N CYS G 121 -24.62 55.66 64.17
CA CYS G 121 -24.61 54.58 63.19
C CYS G 121 -24.44 53.28 63.94
N ARG G 122 -25.52 52.50 64.03
CA ARG G 122 -25.51 51.22 64.71
C ARG G 122 -24.89 50.14 63.85
N ASP G 123 -25.18 48.88 64.18
CA ASP G 123 -24.61 47.71 63.51
C ASP G 123 -24.95 47.56 62.03
N ARG G 124 -25.71 48.49 61.46
CA ARG G 124 -25.86 48.58 60.01
C ARG G 124 -24.52 48.81 59.34
N VAL G 125 -24.37 48.29 58.12
CA VAL G 125 -23.13 48.40 57.38
C VAL G 125 -22.95 49.84 56.94
N VAL G 126 -22.05 50.55 57.59
CA VAL G 126 -21.85 51.98 57.41
C VAL G 126 -20.36 52.23 57.28
N GLU G 127 -19.95 52.93 56.22
CA GLU G 127 -18.55 53.15 55.90
C GLU G 127 -18.24 54.64 55.98
N GLU G 128 -17.05 55.01 55.53
CA GLU G 128 -16.68 56.40 55.35
C GLU G 128 -16.63 56.70 53.86
N SER G 129 -16.92 57.96 53.51
CA SER G 129 -17.11 58.30 52.11
C SER G 129 -15.77 58.50 51.41
N GLU G 130 -15.84 58.82 50.13
CA GLU G 130 -14.67 59.16 49.34
C GLU G 130 -14.82 60.47 48.60
N LEU G 131 -16.04 60.98 48.43
CA LEU G 131 -16.32 62.21 47.71
C LEU G 131 -16.70 63.34 48.64
N ALA G 132 -17.32 63.02 49.77
CA ALA G 132 -17.77 64.05 50.69
C ALA G 132 -16.66 64.58 51.57
N ARG G 133 -15.55 63.86 51.71
CA ARG G 133 -14.55 64.24 52.69
C ARG G 133 -13.76 65.44 52.24
N THR G 134 -13.73 65.74 50.95
CA THR G 134 -13.03 66.89 50.40
C THR G 134 -14.01 67.84 49.72
N ALA G 135 -15.17 68.05 50.31
CA ALA G 135 -16.28 68.71 49.62
C ALA G 135 -16.22 70.23 49.68
N GLY G 136 -15.09 70.82 49.99
CA GLY G 136 -15.01 72.27 49.90
C GLY G 136 -14.56 72.74 48.53
N TYR G 137 -13.35 72.34 48.14
CA TYR G 137 -12.64 72.82 46.97
C TYR G 137 -12.67 74.34 46.87
N GLY G 138 -12.07 74.98 47.87
CA GLY G 138 -12.01 76.43 47.93
C GLY G 138 -11.23 77.00 46.76
N ILE G 139 -11.93 77.60 45.83
CA ILE G 139 -11.42 77.79 44.49
C ILE G 139 -10.88 79.21 44.35
N ASN G 140 -10.07 79.43 43.32
CA ASN G 140 -9.52 80.73 43.02
C ASN G 140 -10.03 81.18 41.66
N ILE G 141 -9.99 82.49 41.42
CA ILE G 141 -10.60 83.08 40.23
C ILE G 141 -9.87 82.77 38.94
N LEU G 142 -8.66 82.21 39.01
CA LEU G 142 -7.96 81.81 37.79
C LEU G 142 -8.66 80.63 37.12
N GLY G 143 -9.11 79.67 37.91
CA GLY G 143 -9.78 78.50 37.38
C GLY G 143 -9.33 77.22 38.04
N MET G 144 -8.15 77.24 38.64
CA MET G 144 -7.61 76.08 39.34
C MET G 144 -8.05 76.08 40.79
N ASP G 145 -8.14 74.89 41.38
CA ASP G 145 -8.83 74.68 42.65
C ASP G 145 -7.96 74.07 43.72
N PRO G 146 -7.45 74.87 44.65
CA PRO G 146 -6.79 74.29 45.83
C PRO G 146 -7.83 73.65 46.75
N LEU G 147 -7.53 72.44 47.21
CA LEU G 147 -8.41 71.64 48.05
C LEU G 147 -8.40 72.10 49.52
N SER G 148 -7.83 73.27 49.79
CA SER G 148 -7.69 73.80 51.15
C SER G 148 -9.09 74.14 51.64
N THR G 149 -9.78 73.12 52.08
CA THR G 149 -11.18 73.16 52.41
C THR G 149 -11.39 73.95 53.68
N PRO G 150 -12.13 75.05 53.66
CA PRO G 150 -12.44 75.73 54.92
C PRO G 150 -13.39 74.93 55.76
N PHE G 151 -14.20 74.07 55.14
CA PHE G 151 -15.11 73.21 55.86
C PHE G 151 -14.34 72.09 56.54
N ASP G 152 -15.01 71.41 57.46
CA ASP G 152 -14.46 70.24 58.14
C ASP G 152 -15.41 69.10 57.89
N ASN G 153 -15.01 68.15 57.04
CA ASN G 153 -15.84 67.04 56.65
C ASN G 153 -15.58 65.80 57.48
N GLU G 154 -15.23 65.97 58.75
CA GLU G 154 -15.21 64.89 59.71
C GLU G 154 -16.22 65.07 60.82
N PHE G 155 -16.85 66.23 60.90
CA PHE G 155 -17.82 66.53 61.94
C PHE G 155 -19.16 65.93 61.52
N TYR G 156 -19.64 64.94 62.28
CA TYR G 156 -20.89 64.28 61.95
C TYR G 156 -22.05 64.72 62.82
N ASN G 157 -21.76 65.31 63.98
CA ASN G 157 -22.75 65.85 64.92
C ASN G 157 -23.72 64.79 65.40
N GLY G 158 -23.24 63.56 65.54
CA GLY G 158 -24.04 62.49 66.13
C GLY G 158 -25.23 62.04 65.32
N LEU G 159 -25.17 62.15 64.00
CA LEU G 159 -26.26 61.72 63.13
C LEU G 159 -25.76 60.65 62.18
N CYS G 160 -26.70 59.87 61.65
CA CYS G 160 -26.38 58.76 60.76
C CYS G 160 -27.33 58.84 59.56
N ASN G 161 -26.92 59.56 58.52
CA ASN G 161 -27.69 59.70 57.30
C ASN G 161 -26.95 58.96 56.20
N ARG G 162 -27.61 57.99 55.59
CA ARG G 162 -26.97 57.16 54.58
C ARG G 162 -27.29 57.66 53.18
N ASP G 163 -26.32 57.54 52.28
CA ASP G 163 -26.47 57.89 50.88
C ASP G 163 -25.90 56.76 50.04
N ARG G 164 -26.72 56.19 49.18
CA ARG G 164 -26.35 54.95 48.52
C ARG G 164 -25.35 55.17 47.40
N ASP G 165 -24.74 54.07 46.97
CA ASP G 165 -23.87 54.03 45.82
C ASP G 165 -24.47 53.10 44.78
N GLY G 166 -24.27 53.44 43.52
CA GLY G 166 -24.80 52.62 42.46
C GLY G 166 -24.02 51.35 42.23
N ASN G 167 -22.73 51.48 41.97
CA ASN G 167 -21.95 50.33 41.52
C ASN G 167 -21.57 49.43 42.70
N THR G 168 -20.96 50.00 43.73
CA THR G 168 -20.39 49.18 44.79
C THR G 168 -21.42 48.64 45.78
N LEU G 169 -22.62 49.22 45.80
CA LEU G 169 -23.74 48.85 46.69
C LEU G 169 -23.32 48.93 48.17
N THR G 170 -22.90 50.13 48.55
CA THR G 170 -22.48 50.41 49.92
C THR G 170 -23.41 51.47 50.50
N TYR G 171 -23.07 51.95 51.70
CA TYR G 171 -23.85 52.99 52.37
C TYR G 171 -22.88 54.00 52.97
N TYR G 172 -22.53 55.01 52.19
CA TYR G 172 -21.63 56.05 52.64
C TYR G 172 -22.36 57.00 53.58
N ARG G 173 -21.59 57.83 54.27
CA ARG G 173 -22.19 58.77 55.21
C ARG G 173 -22.30 60.15 54.62
N ARG G 174 -23.08 60.98 55.29
CA ARG G 174 -23.26 62.38 54.93
C ARG G 174 -22.70 63.22 56.05
N PRO G 175 -21.56 63.88 55.87
CA PRO G 175 -21.05 64.80 56.89
C PRO G 175 -21.96 66.00 57.06
N TRP G 176 -21.79 66.69 58.18
CA TRP G 176 -22.70 67.77 58.55
C TRP G 176 -22.58 68.97 57.62
N ASN G 177 -21.42 69.16 56.99
CA ASN G 177 -21.29 70.32 56.11
C ASN G 177 -21.89 70.08 54.73
N VAL G 178 -22.14 68.84 54.35
CA VAL G 178 -22.75 68.52 53.07
C VAL G 178 -24.26 68.37 53.27
N ALA G 179 -25.04 69.19 52.57
CA ALA G 179 -26.49 69.17 52.72
C ALA G 179 -27.16 68.16 51.81
N SER G 180 -26.57 67.85 50.67
CA SER G 180 -27.14 66.85 49.77
C SER G 180 -26.05 66.25 48.93
N LEU G 181 -26.22 64.97 48.60
CA LEU G 181 -25.18 64.22 47.92
C LEU G 181 -25.84 63.08 47.16
N ILE G 182 -26.02 63.24 45.87
CA ILE G 182 -26.58 62.20 45.03
C ILE G 182 -25.44 61.54 44.29
N TYR G 183 -25.67 60.30 43.85
CA TYR G 183 -24.76 59.61 42.93
C TYR G 183 -25.57 59.21 41.71
N GLU G 184 -25.65 60.08 40.71
CA GLU G 184 -26.25 59.69 39.45
C GLU G 184 -25.22 58.96 38.59
N THR G 185 -25.52 58.75 37.33
CA THR G 185 -24.53 58.33 36.36
C THR G 185 -24.90 59.03 35.06
N LYS G 186 -24.36 60.21 34.85
CA LYS G 186 -24.85 61.06 33.76
C LYS G 186 -23.77 61.18 32.72
N GLY G 187 -23.84 60.35 31.69
CA GLY G 187 -22.86 60.42 30.62
C GLY G 187 -23.38 61.32 29.51
N GLU G 188 -22.47 62.05 28.88
CA GLU G 188 -22.93 63.07 27.93
C GLU G 188 -21.84 63.38 26.94
N LYS G 189 -22.01 62.95 25.69
CA LYS G 189 -21.01 63.20 24.67
C LYS G 189 -21.53 64.22 23.66
N ASN G 190 -20.85 65.34 23.54
CA ASN G 190 -21.02 66.20 22.39
C ASN G 190 -20.04 65.77 21.32
N PHE G 191 -20.40 66.02 20.07
CA PHE G 191 -19.55 65.74 18.93
C PHE G 191 -19.89 66.77 17.88
N ARG G 192 -18.89 67.37 17.26
CA ARG G 192 -19.14 68.26 16.13
C ARG G 192 -18.10 67.99 15.07
N THR G 193 -18.47 68.21 13.82
CA THR G 193 -17.50 68.34 12.75
C THR G 193 -18.01 69.32 11.72
N GLU G 194 -17.31 70.44 11.58
CA GLU G 194 -17.64 71.43 10.58
C GLU G 194 -16.67 71.31 9.42
N HIS G 195 -17.07 71.87 8.29
CA HIS G 195 -16.28 71.74 7.09
C HIS G 195 -16.64 72.89 6.18
N TYR G 196 -15.65 73.60 5.68
CA TYR G 196 -15.86 74.65 4.71
C TYR G 196 -14.90 74.44 3.56
N GLU G 197 -15.35 74.79 2.36
CA GLU G 197 -14.49 74.63 1.19
C GLU G 197 -14.90 75.69 0.18
N GLU G 198 -13.93 76.22 -0.55
CA GLU G 198 -14.23 77.21 -1.58
C GLU G 198 -13.20 77.10 -2.69
N GLN G 199 -13.57 76.56 -3.83
CA GLN G 199 -12.70 76.64 -5.00
C GLN G 199 -13.09 77.84 -5.83
N ILE G 200 -12.13 78.40 -6.55
CA ILE G 200 -12.41 79.42 -7.55
C ILE G 200 -11.37 79.30 -8.65
N GLU G 201 -11.83 79.35 -9.90
CA GLU G 201 -10.96 79.29 -11.07
C GLU G 201 -11.34 80.46 -11.98
N ALA G 202 -10.53 81.50 -11.99
CA ALA G 202 -10.69 82.61 -12.91
C ALA G 202 -9.78 82.42 -14.10
N PHE G 203 -10.13 83.07 -15.22
CA PHE G 203 -9.50 82.76 -16.49
C PHE G 203 -9.75 83.92 -17.44
N LYS G 204 -8.73 84.38 -18.15
CA LYS G 204 -8.88 85.49 -19.09
C LYS G 204 -7.87 85.36 -20.21
N SER G 205 -8.34 85.11 -21.43
CA SER G 205 -7.49 84.97 -22.61
C SER G 205 -7.79 86.06 -23.61
N ILE G 206 -6.75 86.53 -24.32
CA ILE G 206 -6.88 87.55 -25.36
C ILE G 206 -6.01 87.13 -26.53
N ILE G 207 -6.56 87.17 -27.75
CA ILE G 207 -5.79 86.99 -28.97
C ILE G 207 -6.03 88.19 -29.85
N GLN G 208 -4.97 88.82 -30.35
CA GLN G 208 -5.09 89.95 -31.25
C GLN G 208 -4.23 89.70 -32.48
N GLU G 209 -4.65 90.24 -33.61
CA GLU G 209 -3.90 90.06 -34.84
C GLU G 209 -4.25 91.18 -35.80
N LYS G 210 -3.23 91.78 -36.42
CA LYS G 210 -3.44 92.64 -37.57
C LYS G 210 -2.48 92.20 -38.67
N THR G 211 -2.99 92.11 -39.90
CA THR G 211 -2.19 91.73 -41.06
C THR G 211 -2.46 92.78 -42.13
N SER G 212 -1.53 93.69 -42.32
CA SER G 212 -1.66 94.76 -43.31
C SER G 212 -0.71 94.50 -44.48
N ASN G 213 -1.20 94.72 -45.70
CA ASN G 213 -0.44 94.45 -46.92
C ASN G 213 -0.73 95.54 -47.94
N PHE G 214 0.29 96.30 -48.32
CA PHE G 214 0.16 97.39 -49.28
C PHE G 214 1.05 97.09 -50.47
N ASN G 215 0.50 97.22 -51.69
CA ASN G 215 1.22 96.85 -52.90
C ASN G 215 1.01 97.94 -53.94
N ALA G 216 2.10 98.52 -54.42
CA ALA G 216 2.03 99.43 -55.54
C ALA G 216 2.40 98.69 -56.82
N ALA G 217 2.41 99.42 -57.93
CA ALA G 217 2.81 98.86 -59.22
C ALA G 217 3.28 99.96 -60.17
N PHE G 249 9.29 98.12 -61.13
CA PHE G 249 8.45 99.25 -60.74
C PHE G 249 7.35 98.86 -59.76
N ARG G 250 7.71 98.65 -58.50
CA ARG G 250 6.70 98.44 -57.46
C ARG G 250 7.28 98.84 -56.12
N PHE G 251 6.48 98.62 -55.07
CA PHE G 251 6.86 98.85 -53.68
C PHE G 251 5.85 98.12 -52.82
N SER G 252 6.32 97.24 -51.93
CA SER G 252 5.44 96.53 -51.03
C SER G 252 5.71 96.97 -49.59
N TYR G 253 4.72 96.73 -48.73
CA TYR G 253 4.87 97.00 -47.31
C TYR G 253 3.91 96.09 -46.56
N SER G 254 4.45 95.11 -45.86
CA SER G 254 3.64 94.15 -45.14
C SER G 254 3.91 94.26 -43.65
N LYS G 255 2.96 93.75 -42.86
CA LYS G 255 3.11 93.68 -41.41
C LYS G 255 2.14 92.63 -40.91
N ASN G 256 2.63 91.74 -40.04
CA ASN G 256 1.79 90.68 -39.45
C ASN G 256 2.05 90.69 -37.95
N GLU G 257 1.33 91.54 -37.22
CA GLU G 257 1.48 91.60 -35.78
C GLU G 257 0.49 90.63 -35.14
N THR G 258 0.98 89.82 -34.21
CA THR G 258 0.18 88.76 -33.59
C THR G 258 0.43 88.81 -32.08
N TYR G 259 -0.46 89.47 -31.35
CA TYR G 259 -0.35 89.55 -29.91
C TYR G 259 -1.19 88.46 -29.27
N GLN G 260 -0.75 88.00 -28.10
CA GLN G 260 -1.54 87.06 -27.33
C GLN G 260 -1.32 87.38 -25.86
N LEU G 261 -2.27 86.96 -25.03
CA LEU G 261 -2.22 87.19 -23.60
C LEU G 261 -3.08 86.11 -22.96
N PHE G 262 -2.70 85.69 -21.75
CA PHE G 262 -3.33 84.53 -21.15
C PHE G 262 -3.12 84.64 -19.65
N LEU G 263 -4.18 84.48 -18.87
CA LEU G 263 -4.06 84.54 -17.42
C LEU G 263 -4.99 83.52 -16.80
N SER G 264 -4.49 82.79 -15.81
CA SER G 264 -5.29 81.89 -15.00
C SER G 264 -5.20 82.32 -13.55
N TYR G 265 -6.12 81.80 -12.73
CA TYR G 265 -6.04 81.97 -11.28
C TYR G 265 -6.87 80.83 -10.68
N SER G 266 -6.21 79.76 -10.27
CA SER G 266 -6.92 78.55 -9.84
C SER G 266 -6.63 78.30 -8.37
N SER G 267 -7.39 78.94 -7.48
CA SER G 267 -7.09 78.88 -6.06
C SER G 267 -8.22 78.21 -5.32
N LYS G 268 -7.89 77.24 -4.49
CA LYS G 268 -8.87 76.64 -3.61
C LYS G 268 -8.52 76.95 -2.17
N LYS G 269 -9.52 76.82 -1.29
CA LYS G 269 -9.34 76.96 0.14
C LYS G 269 -10.18 75.92 0.82
N GLU G 270 -9.78 75.56 2.04
CA GLU G 270 -10.46 74.53 2.81
C GLU G 270 -10.24 74.86 4.28
N LYS G 271 -11.21 74.54 5.11
CA LYS G 271 -11.07 74.80 6.54
C LYS G 271 -11.96 73.83 7.29
N MET G 272 -11.36 72.83 7.92
CA MET G 272 -12.11 71.82 8.63
C MET G 272 -12.21 72.23 10.09
N PHE G 273 -12.97 71.46 10.87
CA PHE G 273 -13.02 71.60 12.32
C PHE G 273 -13.63 70.33 12.86
N LEU G 274 -13.18 69.91 14.04
CA LEU G 274 -13.76 68.76 14.69
C LEU G 274 -13.71 69.05 16.19
N HIS G 275 -14.63 68.44 16.95
CA HIS G 275 -14.67 68.72 18.38
C HIS G 275 -15.41 67.59 19.09
N VAL G 276 -14.70 66.70 19.70
CA VAL G 276 -15.33 65.70 20.56
C VAL G 276 -15.31 66.27 21.96
N LYS G 277 -16.33 65.98 22.79
CA LYS G 277 -16.25 66.38 24.20
C LYS G 277 -17.14 65.44 25.00
N GLY G 278 -16.56 64.44 25.65
CA GLY G 278 -17.41 63.53 26.39
C GLY G 278 -17.33 63.64 27.89
N GLU G 279 -18.28 64.31 28.52
CA GLU G 279 -18.28 64.40 29.97
C GLU G 279 -18.89 63.15 30.58
N ILE G 280 -18.45 62.84 31.80
CA ILE G 280 -19.02 61.75 32.58
C ILE G 280 -19.20 62.27 34.00
N HIS G 281 -20.43 62.38 34.47
CA HIS G 281 -20.69 62.91 35.79
C HIS G 281 -21.04 61.77 36.72
N LEU G 282 -20.43 61.76 37.90
CA LEU G 282 -20.84 60.88 38.99
C LEU G 282 -21.27 61.79 40.14
N GLY G 283 -22.53 62.16 40.13
CA GLY G 283 -23.09 62.86 41.27
C GLY G 283 -22.65 64.30 41.42
N ARG G 284 -22.95 64.85 42.59
CA ARG G 284 -22.74 66.26 42.88
C ARG G 284 -22.80 66.43 44.39
N PHE G 285 -22.77 67.68 44.85
CA PHE G 285 -22.90 67.99 46.27
C PHE G 285 -23.35 69.44 46.40
N VAL G 286 -23.99 69.74 47.54
CA VAL G 286 -24.38 71.10 47.86
C VAL G 286 -24.03 71.36 49.32
N MET G 287 -23.21 72.36 49.58
CA MET G 287 -22.79 72.66 50.94
C MET G 287 -23.85 73.47 51.66
N ARG G 288 -23.63 73.74 52.94
CA ARG G 288 -24.60 74.48 53.74
C ARG G 288 -24.17 75.94 53.87
N ASN G 289 -24.98 76.70 54.61
CA ASN G 289 -24.76 78.13 54.76
C ASN G 289 -24.90 78.65 56.19
N ARG G 290 -25.60 77.94 57.08
CA ARG G 290 -25.74 78.36 58.46
C ARG G 290 -25.41 77.18 59.37
N ASP G 291 -24.90 77.49 60.57
CA ASP G 291 -24.42 76.52 61.56
C ASP G 291 -23.36 75.60 60.96
N VAL G 292 -22.41 76.20 60.27
CA VAL G 292 -21.37 75.48 59.54
C VAL G 292 -20.14 75.41 60.43
N VAL G 293 -19.55 74.23 60.53
CA VAL G 293 -18.28 74.10 61.25
C VAL G 293 -17.13 74.29 60.28
N LEU G 294 -16.07 74.92 60.76
CA LEU G 294 -14.88 75.17 59.98
C LEU G 294 -13.71 74.41 60.59
N THR G 295 -12.67 74.18 59.78
CA THR G 295 -11.53 73.41 60.25
C THR G 295 -10.69 74.23 61.21
N THR G 296 -9.73 73.56 61.85
CA THR G 296 -8.96 74.19 62.91
C THR G 296 -7.98 75.21 62.36
N THR G 297 -7.37 74.91 61.21
CA THR G 297 -6.37 75.78 60.62
C THR G 297 -6.94 76.95 59.83
N PHE G 298 -8.19 77.30 60.05
CA PHE G 298 -8.82 78.38 59.30
C PHE G 298 -9.45 79.44 60.20
N VAL G 299 -10.00 79.04 61.33
CA VAL G 299 -10.51 79.99 62.30
C VAL G 299 -9.37 80.80 62.89
N ASP G 300 -8.20 80.18 63.07
CA ASP G 300 -7.02 80.90 63.54
C ASP G 300 -6.56 81.94 62.52
N ASP G 301 -6.57 81.58 61.23
CA ASP G 301 -6.13 82.52 60.21
C ASP G 301 -7.13 83.63 59.96
N ILE G 302 -8.42 83.41 60.27
CA ILE G 302 -9.34 84.54 60.31
C ILE G 302 -9.07 85.39 61.54
N LYS G 303 -8.75 84.75 62.67
CA LYS G 303 -8.49 85.49 63.90
C LYS G 303 -7.19 86.30 63.84
N ALA G 304 -6.29 85.97 62.92
CA ALA G 304 -5.04 86.70 62.75
C ALA G 304 -5.10 87.76 61.67
N LEU G 305 -6.29 88.26 61.37
CA LEU G 305 -6.42 89.31 60.36
C LEU G 305 -6.33 90.69 61.02
N PRO G 306 -5.73 91.68 60.35
CA PRO G 306 -5.31 92.90 61.06
C PRO G 306 -6.42 93.86 61.44
N THR G 307 -7.68 93.61 61.01
CA THR G 307 -8.92 94.20 61.52
C THR G 307 -9.10 95.68 61.10
N THR G 308 -8.06 96.31 60.53
CA THR G 308 -8.09 97.73 60.23
C THR G 308 -8.00 98.01 58.74
N TYR G 309 -8.29 97.02 57.90
CA TYR G 309 -7.97 97.00 56.47
C TYR G 309 -6.51 97.37 56.24
N GLU G 310 -5.65 96.46 56.67
CA GLU G 310 -4.25 96.52 56.31
C GLU G 310 -4.02 95.58 55.13
N LYS G 311 -3.62 96.15 53.99
CA LYS G 311 -3.70 95.48 52.70
C LYS G 311 -2.73 94.31 52.57
N GLY G 312 -1.70 94.24 53.41
CA GLY G 312 -0.68 93.23 53.21
C GLY G 312 -1.10 91.83 53.59
N GLU G 313 -1.94 91.69 54.61
CA GLU G 313 -2.30 90.36 55.10
C GLU G 313 -3.39 89.69 54.26
N TYR G 314 -4.30 90.48 53.69
CA TYR G 314 -5.43 89.90 52.99
C TYR G 314 -5.02 89.30 51.65
N PHE G 315 -4.01 89.86 51.00
CA PHE G 315 -3.50 89.24 49.78
C PHE G 315 -2.72 87.96 50.04
N ALA G 316 -2.28 87.73 51.28
CA ALA G 316 -1.74 86.43 51.62
C ALA G 316 -2.84 85.45 52.00
N PHE G 317 -3.87 85.95 52.67
CA PHE G 317 -4.98 85.08 53.07
C PHE G 317 -5.76 84.57 51.85
N LEU G 318 -6.02 85.44 50.88
CA LEU G 318 -6.83 85.07 49.73
C LEU G 318 -6.08 84.15 48.78
N GLU G 319 -4.77 84.03 48.89
CA GLU G 319 -4.05 83.05 48.12
C GLU G 319 -3.56 81.89 48.96
N THR G 320 -3.80 81.93 50.27
CA THR G 320 -3.65 80.72 51.06
C THR G 320 -4.91 79.87 50.99
N TYR G 321 -6.09 80.50 51.12
CA TYR G 321 -7.34 79.75 51.20
C TYR G 321 -8.29 80.04 50.04
N GLY G 322 -7.78 80.57 48.94
CA GLY G 322 -8.62 80.80 47.79
C GLY G 322 -9.56 81.98 47.91
N THR G 323 -10.19 82.34 46.81
CA THR G 323 -11.10 83.49 46.82
C THR G 323 -12.54 83.07 47.09
N HIS G 324 -12.99 81.98 46.49
CA HIS G 324 -14.35 81.50 46.67
C HIS G 324 -14.31 80.04 47.07
N TYR G 325 -15.41 79.55 47.64
CA TYR G 325 -15.55 78.13 47.91
C TYR G 325 -16.67 77.56 47.05
N SER G 326 -16.46 76.34 46.55
CA SER G 326 -17.44 75.72 45.67
C SER G 326 -18.65 75.25 46.45
N SER G 327 -19.67 76.11 46.54
CA SER G 327 -20.87 75.78 47.28
C SER G 327 -21.75 74.75 46.59
N SER G 328 -21.52 74.46 45.30
CA SER G 328 -22.28 73.42 44.61
C SER G 328 -21.45 72.93 43.44
N GLY G 329 -20.82 71.77 43.61
CA GLY G 329 -19.97 71.20 42.59
C GLY G 329 -20.65 70.06 41.84
N SER G 330 -19.83 69.38 41.03
CA SER G 330 -20.26 68.18 40.31
C SER G 330 -19.00 67.45 39.88
N LEU G 331 -18.74 66.29 40.46
CA LEU G 331 -17.46 65.64 40.23
C LEU G 331 -17.52 64.80 38.97
N GLY G 332 -16.48 64.01 38.71
CA GLY G 332 -16.35 63.28 37.46
C GLY G 332 -15.79 64.14 36.36
N GLY G 333 -14.89 63.60 35.54
CA GLY G 333 -14.13 64.45 34.63
C GLY G 333 -14.21 64.14 33.16
N LEU G 334 -13.89 65.15 32.34
CA LEU G 334 -14.13 65.12 30.91
C LEU G 334 -12.90 64.67 30.13
N TYR G 335 -13.07 64.64 28.82
CA TYR G 335 -11.96 64.63 27.88
C TYR G 335 -12.37 65.47 26.69
N GLU G 336 -11.44 65.71 25.78
CA GLU G 336 -11.70 66.66 24.70
C GLU G 336 -10.66 66.49 23.60
N LEU G 337 -11.11 66.45 22.36
CA LEU G 337 -10.25 66.56 21.20
C LEU G 337 -10.63 67.82 20.44
N ILE G 338 -9.68 68.44 19.76
CA ILE G 338 -9.91 69.54 18.83
C ILE G 338 -8.97 69.32 17.65
N TYR G 339 -9.49 69.39 16.44
CA TYR G 339 -8.72 69.11 15.23
C TYR G 339 -8.93 70.26 14.26
N VAL G 340 -8.07 71.26 14.28
CA VAL G 340 -8.26 72.44 13.44
C VAL G 340 -7.32 72.30 12.25
N LEU G 341 -7.86 71.89 11.12
CA LEU G 341 -7.06 71.92 9.91
C LEU G 341 -7.24 73.29 9.27
N ASP G 342 -6.37 73.60 8.31
CA ASP G 342 -6.46 74.80 7.50
C ASP G 342 -5.63 74.54 6.26
N LYS G 343 -6.13 74.98 5.12
CA LYS G 343 -5.40 74.80 3.88
C LYS G 343 -5.61 76.06 3.05
N ALA G 344 -4.61 76.43 2.27
CA ALA G 344 -4.79 77.52 1.30
C ALA G 344 -3.83 77.25 0.16
N SER G 345 -4.33 76.58 -0.87
CA SER G 345 -3.57 76.54 -2.09
C SER G 345 -3.75 77.86 -2.84
N MET G 346 -2.89 78.09 -3.84
CA MET G 346 -3.08 79.20 -4.76
C MET G 346 -2.22 78.93 -5.98
N LYS G 347 -2.77 79.08 -7.16
CA LYS G 347 -1.96 79.17 -8.36
C LYS G 347 -2.20 80.53 -8.98
N ARG G 348 -1.26 80.95 -9.82
CA ARG G 348 -1.51 82.01 -10.78
C ARG G 348 -0.50 81.85 -11.90
N LYS G 349 -0.90 82.26 -13.10
CA LYS G 349 -0.08 82.04 -14.27
C LYS G 349 0.00 83.32 -15.08
N GLY G 350 0.75 83.25 -16.18
CA GLY G 350 0.72 84.28 -17.20
C GLY G 350 1.52 83.81 -18.40
N VAL G 351 0.91 83.84 -19.58
CA VAL G 351 1.55 83.36 -20.80
C VAL G 351 1.40 84.46 -21.83
N GLU G 352 2.50 85.09 -22.19
CA GLU G 352 2.48 86.26 -23.04
C GLU G 352 3.28 85.96 -24.30
N LEU G 353 2.91 86.58 -25.41
CA LEU G 353 3.48 86.20 -26.68
C LEU G 353 3.35 87.36 -27.66
N LYS G 354 4.40 87.62 -28.44
CA LYS G 354 4.40 88.70 -29.42
C LYS G 354 5.14 88.24 -30.66
N ASP G 355 4.81 88.88 -31.78
CA ASP G 355 5.33 88.50 -33.08
C ASP G 355 5.16 89.66 -34.04
N ILE G 356 6.19 89.95 -34.83
CA ILE G 356 6.15 90.92 -35.91
C ILE G 356 6.87 90.31 -37.10
N LYS G 357 6.17 90.13 -38.21
CA LYS G 357 6.74 89.49 -39.39
C LYS G 357 6.65 90.48 -40.55
N ARG G 358 7.64 91.35 -40.65
CA ARG G 358 7.67 92.36 -41.70
C ARG G 358 8.36 91.82 -42.94
N CYS G 359 8.07 92.45 -44.06
CA CYS G 359 8.70 92.10 -45.32
C CYS G 359 8.71 93.33 -46.22
N LEU G 360 9.55 93.28 -47.25
CA LEU G 360 9.56 94.28 -48.30
C LEU G 360 10.28 93.69 -49.49
N GLY G 361 9.88 94.11 -50.69
CA GLY G 361 10.58 93.66 -51.89
C GLY G 361 10.06 94.29 -53.15
N TYR G 362 10.95 94.70 -54.04
CA TYR G 362 10.51 95.28 -55.30
C TYR G 362 11.50 95.00 -56.43
N HIS G 363 10.91 94.75 -57.60
CA HIS G 363 11.59 94.68 -58.88
C HIS G 363 11.55 96.05 -59.53
N LEU G 364 12.70 96.54 -59.98
CA LEU G 364 12.75 97.82 -60.67
C LEU G 364 13.52 97.69 -61.98
N PHE G 379 17.33 94.68 -61.90
CA PHE G 379 17.39 95.18 -60.54
C PHE G 379 16.44 94.38 -59.67
N ASN G 380 16.76 94.23 -58.39
CA ASN G 380 15.86 93.63 -57.41
C ASN G 380 16.35 93.99 -56.01
N LYS G 381 15.41 94.21 -55.10
CA LYS G 381 15.80 94.32 -53.69
C LYS G 381 14.69 93.71 -52.85
N ASP G 382 15.06 93.02 -51.78
CA ASP G 382 14.07 92.55 -50.83
C ASP G 382 14.71 92.35 -49.46
N ASP G 383 13.86 92.28 -48.44
CA ASP G 383 14.25 91.81 -47.14
C ASP G 383 13.04 91.21 -46.43
N CYS G 384 13.32 90.36 -45.46
CA CYS G 384 12.30 89.75 -44.62
C CYS G 384 12.78 89.83 -43.18
N VAL G 385 11.98 90.42 -42.30
CA VAL G 385 12.35 90.63 -40.90
C VAL G 385 11.36 89.87 -40.05
N LYS G 386 11.87 89.10 -39.10
CA LYS G 386 11.01 88.40 -38.15
C LYS G 386 11.46 88.74 -36.74
N ARG G 387 10.50 88.87 -35.84
CA ARG G 387 10.79 89.07 -34.43
C ARG G 387 9.71 88.36 -33.64
N GLY G 388 10.11 87.64 -32.59
CA GLY G 388 9.13 86.93 -31.79
C GLY G 388 9.55 86.77 -30.36
N GLU G 389 8.72 87.23 -29.44
CA GLU G 389 9.04 87.16 -28.02
C GLU G 389 8.02 86.29 -27.31
N GLY G 390 8.47 85.59 -26.28
CA GLY G 390 7.57 84.79 -25.48
C GLY G 390 7.91 84.94 -24.02
N ARG G 391 6.92 85.04 -23.15
CA ARG G 391 7.16 85.14 -21.72
C ARG G 391 6.20 84.20 -20.99
N ALA G 392 6.65 83.68 -19.86
CA ALA G 392 5.81 82.79 -19.08
C ALA G 392 6.17 82.91 -17.61
N VAL G 393 5.14 82.91 -16.77
CA VAL G 393 5.30 82.93 -15.32
C VAL G 393 4.31 81.93 -14.74
N ASN G 394 4.79 81.01 -13.92
CA ASN G 394 3.93 80.20 -13.06
C ASN G 394 4.30 80.48 -11.63
N ILE G 395 3.31 80.75 -10.78
CA ILE G 395 3.55 80.95 -9.35
C ILE G 395 2.58 80.07 -8.60
N THR G 396 3.09 79.09 -7.87
CA THR G 396 2.25 78.11 -7.19
C THR G 396 2.56 78.17 -5.70
N SER G 397 1.70 78.80 -4.91
CA SER G 397 1.92 78.87 -3.48
C SER G 397 1.00 77.90 -2.76
N GLU G 398 1.40 77.53 -1.55
CA GLU G 398 0.59 76.64 -0.73
C GLU G 398 0.90 76.86 0.74
N ASN G 399 -0.15 76.99 1.54
CA ASN G 399 -0.06 76.97 2.98
C ASN G 399 -0.87 75.80 3.49
N LEU G 400 -0.40 75.19 4.58
CA LEU G 400 -1.17 74.16 5.25
C LEU G 400 -0.88 74.28 6.73
N ILE G 401 -1.90 74.14 7.56
CA ILE G 401 -1.76 74.17 9.00
C ILE G 401 -2.59 73.03 9.55
N ASP G 402 -2.03 72.29 10.51
CA ASP G 402 -2.81 71.33 11.28
C ASP G 402 -2.51 71.58 12.74
N ASP G 403 -3.57 71.80 13.52
CA ASP G 403 -3.51 71.79 14.97
C ASP G 403 -4.31 70.60 15.46
N VAL G 404 -3.80 69.94 16.48
CA VAL G 404 -4.54 68.97 17.25
C VAL G 404 -4.32 69.31 18.72
N VAL G 405 -5.39 69.35 19.49
CA VAL G 405 -5.28 69.47 20.95
C VAL G 405 -6.03 68.30 21.53
N SER G 406 -5.47 67.66 22.53
CA SER G 406 -6.22 66.69 23.31
C SER G 406 -6.02 66.97 24.77
N LEU G 407 -7.07 66.75 25.55
CA LEU G 407 -7.05 66.99 26.97
C LEU G 407 -7.86 65.89 27.62
N ILE G 408 -7.46 65.47 28.82
CA ILE G 408 -8.18 64.41 29.51
C ILE G 408 -7.97 64.56 31.00
N ARG G 409 -9.05 64.54 31.77
CA ARG G 409 -9.01 64.73 33.21
C ARG G 409 -9.64 63.54 33.89
N GLY G 410 -9.23 63.27 35.12
CA GLY G 410 -9.85 62.19 35.88
C GLY G 410 -9.45 60.79 35.48
N GLY G 411 -9.42 59.88 36.45
CA GLY G 411 -9.19 58.49 36.18
C GLY G 411 -7.82 58.03 36.67
N THR G 412 -7.64 56.71 36.64
CA THR G 412 -6.39 56.12 37.06
C THR G 412 -5.35 56.37 35.96
N ARG G 413 -4.09 56.25 36.34
CA ARG G 413 -2.97 56.56 35.48
C ARG G 413 -2.85 55.60 34.30
N LYS G 414 -3.38 54.39 34.42
CA LYS G 414 -3.10 53.35 33.44
C LYS G 414 -4.06 53.34 32.27
N TYR G 415 -5.32 53.70 32.47
CA TYR G 415 -6.31 53.60 31.40
C TYR G 415 -6.53 54.91 30.65
N ALA G 416 -6.41 56.04 31.33
CA ALA G 416 -6.68 57.34 30.71
C ALA G 416 -5.66 57.64 29.62
N PHE G 417 -4.42 57.24 29.81
CA PHE G 417 -3.39 57.53 28.83
C PHE G 417 -3.26 56.44 27.79
N GLU G 418 -3.99 55.35 27.96
CA GLU G 418 -4.35 54.51 26.82
C GLU G 418 -5.40 55.20 25.97
N LEU G 419 -6.41 55.78 26.64
CA LEU G 419 -7.54 56.39 25.94
C LEU G 419 -7.13 57.60 25.11
N LYS G 420 -6.22 58.42 25.64
CA LYS G 420 -5.80 59.63 24.93
C LYS G 420 -5.09 59.31 23.63
N GLU G 421 -4.18 58.34 23.66
CA GLU G 421 -3.52 57.94 22.43
C GLU G 421 -4.42 57.14 21.50
N LYS G 422 -5.44 56.45 22.03
CA LYS G 422 -6.41 55.84 21.11
C LYS G 422 -7.30 56.89 20.46
N LEU G 423 -7.48 58.04 21.11
CA LEU G 423 -8.15 59.16 20.44
C LEU G 423 -7.27 59.72 19.33
N LEU G 424 -6.02 60.05 19.65
CA LEU G 424 -5.20 60.81 18.71
C LEU G 424 -4.64 59.98 17.57
N ARG G 425 -4.80 58.66 17.62
CA ARG G 425 -4.39 57.83 16.49
C ARG G 425 -5.29 58.08 15.28
N GLY G 426 -6.55 58.45 15.52
CA GLY G 426 -7.50 58.65 14.45
C GLY G 426 -8.29 57.43 14.08
N THR G 427 -7.82 56.24 14.44
CA THR G 427 -8.58 55.03 14.20
C THR G 427 -9.77 54.94 15.16
N VAL G 428 -10.68 54.03 14.86
CA VAL G 428 -11.85 53.85 15.70
C VAL G 428 -11.44 53.14 16.98
N ILE G 429 -12.04 53.54 18.09
CA ILE G 429 -11.76 52.97 19.40
C ILE G 429 -12.83 51.93 19.68
N ASP G 430 -12.40 50.67 19.83
CA ASP G 430 -13.31 49.62 20.27
C ASP G 430 -13.78 49.91 21.69
N VAL G 431 -15.00 49.50 22.00
CA VAL G 431 -15.63 49.94 23.25
C VAL G 431 -15.14 48.98 24.33
N THR G 432 -13.90 49.20 24.74
CA THR G 432 -13.32 48.58 25.91
C THR G 432 -12.41 49.53 26.67
N ASP G 433 -12.01 50.65 26.08
CA ASP G 433 -11.14 51.62 26.73
C ASP G 433 -11.91 52.77 27.34
N PHE G 434 -13.00 53.20 26.69
CA PHE G 434 -13.87 54.20 27.28
C PHE G 434 -14.61 53.61 28.47
N VAL G 435 -14.98 52.32 28.39
CA VAL G 435 -15.61 51.63 29.51
C VAL G 435 -14.64 51.48 30.67
N ASN G 436 -13.38 51.14 30.38
CA ASN G 436 -12.39 50.97 31.45
C ASN G 436 -12.02 52.30 32.07
N TRP G 437 -11.96 53.37 31.28
CA TRP G 437 -11.73 54.69 31.86
C TRP G 437 -12.92 55.14 32.69
N ALA G 438 -14.13 54.78 32.26
CA ALA G 438 -15.31 55.18 33.00
C ALA G 438 -15.49 54.35 34.27
N SER G 439 -14.94 53.14 34.31
CA SER G 439 -14.88 52.42 35.58
C SER G 439 -13.74 52.93 36.43
N SER G 440 -12.71 53.46 35.80
CA SER G 440 -11.59 54.05 36.52
C SER G 440 -11.98 55.35 37.21
N ILE G 441 -12.93 56.09 36.65
CA ILE G 441 -13.25 57.43 37.14
C ILE G 441 -13.90 57.42 38.52
N ASN G 442 -14.34 56.25 39.00
CA ASN G 442 -14.81 56.15 40.37
C ASN G 442 -13.68 56.34 41.37
N ASP G 443 -12.45 55.97 40.99
CA ASP G 443 -11.32 56.08 41.92
C ASP G 443 -10.84 57.52 42.05
N ALA G 444 -10.61 58.19 40.92
CA ALA G 444 -9.97 59.51 40.89
C ALA G 444 -10.88 60.52 40.21
N PRO G 445 -11.82 61.12 40.94
CA PRO G 445 -12.69 62.13 40.35
C PRO G 445 -11.99 63.48 40.25
N VAL G 446 -12.48 64.29 39.33
CA VAL G 446 -11.97 65.64 39.09
C VAL G 446 -13.15 66.57 38.96
N LEU G 447 -13.14 67.65 39.75
CA LEU G 447 -14.24 68.61 39.74
C LEU G 447 -14.38 69.26 38.38
N ILE G 448 -15.63 69.41 37.93
CA ILE G 448 -15.88 69.77 36.53
C ILE G 448 -16.80 70.95 36.36
N SER G 449 -17.65 71.29 37.34
CA SER G 449 -18.57 72.41 37.19
C SER G 449 -19.02 72.83 38.56
N GLN G 450 -18.98 74.14 38.83
CA GLN G 450 -19.17 74.63 40.17
C GLN G 450 -19.95 75.93 40.13
N LYS G 451 -20.63 76.22 41.23
CA LYS G 451 -21.37 77.46 41.41
C LYS G 451 -20.78 78.17 42.62
N LEU G 452 -20.02 79.22 42.37
CA LEU G 452 -19.16 79.82 43.37
C LEU G 452 -19.99 80.59 44.41
N SER G 453 -19.29 81.07 45.44
CA SER G 453 -19.86 81.83 46.53
C SER G 453 -18.71 82.48 47.27
N PRO G 454 -18.82 83.75 47.65
CA PRO G 454 -17.64 84.46 48.18
C PRO G 454 -17.31 84.03 49.60
N ILE G 455 -16.02 84.11 49.93
CA ILE G 455 -15.52 83.55 51.18
C ILE G 455 -15.89 84.40 52.38
N TYR G 456 -16.33 85.64 52.17
CA TYR G 456 -16.87 86.42 53.28
C TYR G 456 -18.34 86.13 53.52
N ASN G 457 -18.89 85.09 52.89
CA ASN G 457 -20.16 84.52 53.28
C ASN G 457 -19.95 83.27 54.13
N LEU G 458 -18.76 83.14 54.72
CA LEU G 458 -18.36 81.97 55.47
C LEU G 458 -17.71 82.28 56.81
N VAL G 459 -17.16 83.48 56.99
CA VAL G 459 -16.58 83.93 58.24
C VAL G 459 -17.65 83.96 59.33
N PRO G 460 -17.46 83.24 60.43
CA PRO G 460 -18.49 83.16 61.46
C PRO G 460 -18.67 84.49 62.18
N VAL G 461 -19.84 84.62 62.80
CA VAL G 461 -20.23 85.88 63.45
C VAL G 461 -20.05 85.80 64.96
N LYS G 462 -19.89 84.58 65.51
CA LYS G 462 -19.63 84.42 66.93
C LYS G 462 -18.30 85.05 67.37
N MET G 463 -17.30 85.04 66.49
CA MET G 463 -15.99 85.58 66.83
C MET G 463 -16.01 87.11 66.85
N LYS G 464 -14.99 87.67 67.48
CA LYS G 464 -14.92 89.11 67.70
C LYS G 464 -14.48 89.83 66.44
N ASN G 465 -15.02 91.05 66.26
CA ASN G 465 -14.79 91.91 65.08
C ASN G 465 -15.14 91.19 63.79
N ALA G 466 -16.25 90.46 63.79
CA ALA G 466 -16.60 89.64 62.63
C ALA G 466 -17.05 90.51 61.46
N HIS G 467 -17.87 91.53 61.74
CA HIS G 467 -18.37 92.37 60.65
C HIS G 467 -17.26 93.25 60.06
N LEU G 468 -16.28 93.65 60.87
CA LEU G 468 -15.18 94.44 60.34
C LEU G 468 -14.29 93.60 59.43
N LYS G 469 -14.05 92.34 59.79
CA LYS G 469 -13.28 91.46 58.94
C LYS G 469 -14.04 91.08 57.68
N LYS G 470 -15.37 90.99 57.76
CA LYS G 470 -16.16 90.75 56.56
C LYS G 470 -16.17 91.99 55.67
N GLN G 471 -16.17 93.19 56.27
CA GLN G 471 -16.05 94.43 55.52
C GLN G 471 -14.69 94.55 54.86
N ASN G 472 -13.65 93.99 55.47
CA ASN G 472 -12.34 93.98 54.85
C ASN G 472 -12.30 93.00 53.68
N LEU G 473 -12.83 91.79 53.89
CA LEU G 473 -12.77 90.77 52.85
C LEU G 473 -13.73 91.02 51.70
N GLU G 474 -14.75 91.86 51.88
CA GLU G 474 -15.61 92.17 50.75
C GLU G 474 -14.98 93.19 49.82
N ARG G 475 -14.01 93.96 50.30
CA ARG G 475 -13.25 94.87 49.45
C ARG G 475 -11.94 94.27 48.96
N ALA G 476 -11.38 93.32 49.71
CA ALA G 476 -10.14 92.69 49.31
C ALA G 476 -10.32 91.86 48.04
N ILE G 477 -11.50 91.30 47.83
CA ILE G 477 -11.74 90.54 46.60
C ILE G 477 -11.85 91.49 45.41
N GLU G 478 -12.46 92.66 45.59
CA GLU G 478 -12.51 93.66 44.54
C GLU G 478 -11.10 94.18 44.20
N ASP G 479 -10.29 94.43 45.23
CA ASP G 479 -8.93 94.88 44.98
C ASP G 479 -8.07 93.78 44.34
N TYR G 480 -8.31 92.53 44.70
CA TYR G 480 -7.55 91.44 44.11
C TYR G 480 -7.94 91.22 42.66
N ILE G 481 -9.23 91.33 42.35
CA ILE G 481 -9.64 91.12 40.97
C ILE G 481 -9.33 92.34 40.12
N ASN G 482 -9.12 93.51 40.74
CA ASN G 482 -8.76 94.68 39.96
C ASN G 482 -7.26 94.73 39.71
N GLU G 483 -6.44 94.52 40.74
CA GLU G 483 -5.02 94.78 40.63
C GLU G 483 -4.26 93.69 39.90
N PHE G 484 -4.78 92.47 39.82
CA PHE G 484 -4.20 91.43 38.98
C PHE G 484 -5.04 91.16 37.74
N SER G 485 -5.85 92.13 37.32
CA SER G 485 -6.63 91.98 36.11
C SER G 485 -5.74 92.08 34.88
N VAL G 486 -6.25 91.57 33.75
CA VAL G 486 -5.50 91.62 32.50
C VAL G 486 -5.60 93.00 31.84
N ARG G 487 -6.48 93.86 32.34
CA ARG G 487 -6.74 95.16 31.72
C ARG G 487 -5.76 96.23 32.14
N LYS G 488 -4.59 95.87 32.64
CA LYS G 488 -3.51 96.83 32.83
C LYS G 488 -2.45 96.75 31.75
N CYS G 489 -2.19 95.56 31.21
CA CYS G 489 -1.25 95.42 30.12
C CYS G 489 -1.87 95.90 28.82
N HIS G 490 -1.10 96.67 28.06
CA HIS G 490 -1.58 97.18 26.78
C HIS G 490 -1.68 96.04 25.78
N THR G 491 -2.80 95.99 25.06
CA THR G 491 -3.16 94.81 24.28
C THR G 491 -2.27 94.65 23.06
N CYS G 492 -2.09 93.39 22.65
CA CYS G 492 -1.31 93.07 21.48
C CYS G 492 -2.15 93.22 20.22
N GLN G 493 -1.49 93.66 19.15
CA GLN G 493 -2.16 93.89 17.88
C GLN G 493 -2.31 92.57 17.12
N ASN G 494 -2.85 92.68 15.90
CA ASN G 494 -3.01 91.60 14.92
C ASN G 494 -3.89 90.46 15.45
N GLY G 495 -4.80 90.76 16.38
CA GLY G 495 -5.63 89.73 16.96
C GLY G 495 -4.96 88.93 18.06
N GLY G 496 -3.88 89.43 18.63
CA GLY G 496 -3.20 88.72 19.70
C GLY G 496 -3.91 88.85 21.03
N THR G 497 -4.33 87.74 21.61
CA THR G 497 -5.02 87.73 22.89
C THR G 497 -4.01 87.73 24.02
N VAL G 498 -4.08 88.76 24.86
CA VAL G 498 -3.14 88.90 25.96
C VAL G 498 -3.57 88.00 27.12
N ILE G 499 -2.59 87.36 27.76
CA ILE G 499 -2.84 86.45 28.88
C ILE G 499 -1.91 86.83 30.01
N LEU G 500 -2.48 87.23 31.14
CA LEU G 500 -1.68 87.48 32.33
C LEU G 500 -1.21 86.15 32.90
N MET G 501 0.10 86.04 33.13
CA MET G 501 0.70 84.81 33.64
C MET G 501 2.01 85.18 34.31
N ASP G 502 2.13 84.87 35.60
CA ASP G 502 3.31 85.13 36.43
C ASP G 502 3.62 86.64 36.50
N GLY G 503 2.59 87.48 36.36
CA GLY G 503 2.82 88.91 36.24
C GLY G 503 3.56 89.30 34.98
N LYS G 504 3.41 88.52 33.91
CA LYS G 504 4.14 88.75 32.67
C LYS G 504 3.17 88.47 31.52
N CYS G 505 2.60 89.54 30.96
CA CYS G 505 1.52 89.42 29.99
C CYS G 505 2.07 88.89 28.67
N LEU G 506 1.88 87.60 28.43
CA LEU G 506 2.25 86.96 27.18
C LEU G 506 1.04 86.91 26.26
N CYS G 507 1.28 87.15 24.97
CA CYS G 507 0.22 87.16 23.97
C CYS G 507 0.32 85.95 23.07
N ALA G 508 -0.84 85.42 22.68
CA ALA G 508 -0.93 84.29 21.76
C ALA G 508 -1.40 84.80 20.40
N CYS G 509 -0.66 84.45 19.36
CA CYS G 509 -0.89 84.93 18.00
C CYS G 509 -1.63 83.88 17.17
N PRO G 510 -2.65 84.26 16.40
CA PRO G 510 -3.44 83.26 15.69
C PRO G 510 -2.82 82.73 14.40
N PHE G 511 -2.27 81.52 14.48
CA PHE G 511 -2.06 80.57 13.38
C PHE G 511 -1.02 80.94 12.33
N LYS G 512 -0.52 82.18 12.32
CA LYS G 512 0.44 82.56 11.31
C LYS G 512 1.61 83.38 11.82
N PHE G 513 1.53 83.92 13.02
CA PHE G 513 2.41 85.00 13.44
C PHE G 513 3.34 84.44 14.50
N GLU G 514 4.64 84.36 14.20
CA GLU G 514 5.60 83.82 15.14
C GLU G 514 6.17 84.87 16.08
N GLY G 515 5.93 86.15 15.81
CA GLY G 515 6.52 87.19 16.63
C GLY G 515 5.83 87.34 17.96
N ILE G 516 6.51 88.02 18.88
CA ILE G 516 5.95 88.23 20.21
C ILE G 516 4.80 89.24 20.14
N ALA G 517 4.92 90.23 19.27
CA ALA G 517 3.88 91.22 19.04
C ALA G 517 2.99 90.89 17.86
N CYS G 518 3.00 89.62 17.42
CA CYS G 518 2.18 89.09 16.33
C CYS G 518 2.41 89.82 15.01
N GLU G 519 3.65 90.26 14.77
CA GLU G 519 3.92 91.14 13.63
C GLU G 519 4.33 90.39 12.38
N ILE G 520 5.32 89.50 12.49
CA ILE G 520 5.83 88.79 11.32
C ILE G 520 4.81 87.77 10.84
N SER G 521 4.56 87.76 9.53
CA SER G 521 3.58 86.90 8.92
C SER G 521 4.27 85.91 7.99
N LYS G 522 3.48 85.00 7.44
CA LYS G 522 3.99 84.01 6.48
C LYS G 522 2.99 83.85 5.33
N SER H 18 37.28 91.96 15.89
CA SER H 18 36.39 91.39 16.90
C SER H 18 37.20 90.86 18.06
N HIS H 19 37.31 91.66 19.12
CA HIS H 19 38.10 91.28 20.29
C HIS H 19 37.57 92.06 21.50
N ILE H 20 36.78 91.38 22.34
CA ILE H 20 36.24 91.99 23.56
C ILE H 20 36.72 91.17 24.74
N ASP H 21 37.15 91.84 25.80
CA ASP H 21 37.59 91.20 27.02
C ASP H 21 36.71 91.61 28.19
N CYS H 22 36.84 90.90 29.29
CA CYS H 22 36.10 91.22 30.50
C CYS H 22 36.64 92.47 31.15
N ARG H 23 35.79 93.11 31.95
CA ARG H 23 36.12 94.34 32.65
C ARG H 23 35.64 94.24 34.09
N MET H 24 36.24 95.06 34.94
CA MET H 24 35.83 95.13 36.34
C MET H 24 35.85 96.58 36.80
N SER H 25 34.83 96.94 37.58
CA SER H 25 34.83 98.20 38.32
C SER H 25 35.83 98.10 39.46
N PRO H 26 36.36 99.23 39.93
CA PRO H 26 37.23 99.19 41.12
C PRO H 26 36.42 98.91 42.38
N TRP H 27 37.13 98.43 43.40
CA TRP H 27 36.48 98.06 44.65
C TRP H 27 36.01 99.30 45.39
N SER H 28 35.04 99.10 46.28
CA SER H 28 34.47 100.19 47.06
C SER H 28 35.34 100.44 48.29
N GLU H 29 34.81 101.22 49.22
CA GLU H 29 35.51 101.47 50.48
C GLU H 29 35.09 100.44 51.52
N TRP H 30 35.99 100.19 52.47
CA TRP H 30 35.71 99.26 53.55
C TRP H 30 34.70 99.90 54.50
N SER H 31 33.56 99.23 54.68
CA SER H 31 32.40 99.90 55.30
C SER H 31 32.55 100.03 56.81
N GLN H 32 32.52 98.89 57.52
CA GLN H 32 32.47 98.87 58.97
C GLN H 32 32.62 97.43 59.44
N CYS H 33 33.35 97.24 60.55
CA CYS H 33 33.29 95.97 61.26
C CYS H 33 31.87 95.72 61.75
N ASP H 34 31.21 94.75 61.15
CA ASP H 34 29.91 94.32 61.64
C ASP H 34 30.13 93.59 62.95
N PRO H 35 29.66 94.13 64.08
CA PRO H 35 30.12 93.63 65.39
C PRO H 35 29.57 92.28 65.75
N CYS H 36 28.44 91.88 65.16
CA CYS H 36 27.84 90.58 65.42
C CYS H 36 28.44 89.49 64.53
N LEU H 37 29.34 89.83 63.62
CA LEU H 37 30.03 88.86 62.78
C LEU H 37 31.53 89.07 62.65
N ARG H 38 32.06 90.18 63.17
CA ARG H 38 33.51 90.48 63.23
C ARG H 38 34.17 90.54 61.86
N GLN H 39 33.43 90.96 60.84
CA GLN H 39 33.96 91.01 59.48
C GLN H 39 33.45 92.27 58.79
N MET H 40 34.35 93.00 58.14
CA MET H 40 33.95 94.09 57.27
C MET H 40 33.91 93.62 55.82
N PHE H 41 32.91 94.09 55.09
CA PHE H 41 32.69 93.63 53.73
C PHE H 41 32.90 94.80 52.77
N ARG H 42 33.30 94.49 51.55
CA ARG H 42 33.38 95.48 50.50
C ARG H 42 33.13 94.79 49.17
N SER H 43 32.79 95.57 48.16
CA SER H 43 32.31 94.99 46.92
C SER H 43 32.63 95.89 45.74
N ARG H 44 32.18 95.46 44.57
CA ARG H 44 32.33 96.18 43.31
C ARG H 44 31.24 95.69 42.37
N SER H 45 31.32 96.08 41.11
CA SER H 45 30.35 95.61 40.13
C SER H 45 31.06 95.10 38.88
N ILE H 46 30.29 94.76 37.86
CA ILE H 46 30.81 94.25 36.59
C ILE H 46 30.32 95.17 35.48
N GLU H 47 31.27 95.73 34.73
CA GLU H 47 30.88 96.65 33.66
C GLU H 47 30.46 95.90 32.40
N VAL H 48 31.40 95.17 31.78
CA VAL H 48 31.16 94.51 30.51
C VAL H 48 31.69 93.09 30.60
N PHE H 49 30.83 92.12 30.31
CA PHE H 49 31.25 90.72 30.27
C PHE H 49 32.07 90.44 29.02
N GLY H 50 32.89 89.40 29.10
CA GLY H 50 33.68 89.01 27.95
C GLY H 50 32.82 88.44 26.84
N GLN H 51 33.26 88.65 25.61
CA GLN H 51 32.46 88.29 24.46
C GLN H 51 33.40 88.11 23.28
N PHE H 52 33.01 87.24 22.34
CA PHE H 52 33.75 86.94 21.11
C PHE H 52 35.16 86.44 21.40
N ASN H 53 35.21 85.28 22.06
CA ASN H 53 36.43 84.51 22.31
C ASN H 53 37.44 85.32 23.13
N GLY H 54 36.97 85.82 24.26
CA GLY H 54 37.78 86.66 25.13
C GLY H 54 37.84 86.14 26.55
N LYS H 55 38.36 86.96 27.45
CA LYS H 55 38.58 86.53 28.83
C LYS H 55 37.27 86.52 29.60
N ARG H 56 37.08 85.46 30.39
CA ARG H 56 35.87 85.30 31.19
C ARG H 56 36.01 86.08 32.50
N CYS H 57 34.87 86.60 32.98
CA CYS H 57 34.89 87.45 34.17
C CYS H 57 35.08 86.66 35.46
N THR H 58 34.45 85.49 35.55
CA THR H 58 34.58 84.53 36.67
C THR H 58 34.21 85.16 38.02
N ASP H 59 33.08 85.87 38.04
CA ASP H 59 32.21 86.08 39.22
C ASP H 59 32.95 86.59 40.46
N ALA H 60 33.77 87.62 40.26
CA ALA H 60 34.68 88.07 41.30
C ALA H 60 34.12 89.23 42.13
N VAL H 61 32.82 89.26 42.35
CA VAL H 61 32.21 90.31 43.16
C VAL H 61 32.17 89.86 44.62
N GLY H 62 32.14 90.83 45.52
CA GLY H 62 32.09 90.53 46.94
C GLY H 62 33.44 90.18 47.54
N ASP H 63 33.70 90.65 48.76
CA ASP H 63 34.97 90.41 49.40
C ASP H 63 34.78 90.47 50.91
N ARG H 64 35.58 89.69 51.63
CA ARG H 64 35.49 89.60 53.08
C ARG H 64 36.87 89.77 53.68
N ARG H 65 36.92 90.27 54.92
CA ARG H 65 38.18 90.46 55.62
C ARG H 65 37.91 90.49 57.11
N GLN H 66 38.71 89.77 57.88
CA GLN H 66 38.51 89.70 59.32
C GLN H 66 38.95 91.00 59.98
N CYS H 67 38.21 91.42 60.99
CA CYS H 67 38.62 92.58 61.78
C CYS H 67 38.12 92.40 63.21
N VAL H 68 38.86 93.00 64.14
CA VAL H 68 38.47 92.97 65.56
C VAL H 68 37.26 93.87 65.76
N PRO H 69 36.25 93.45 66.55
CA PRO H 69 35.11 94.35 66.80
C PRO H 69 35.49 95.52 67.70
N THR H 70 35.52 96.71 67.10
CA THR H 70 35.92 97.91 67.84
C THR H 70 34.82 98.41 68.75
N GLU H 71 33.56 98.13 68.41
CA GLU H 71 32.42 98.53 69.24
C GLU H 71 31.40 97.39 69.18
N PRO H 72 31.30 96.58 70.24
CA PRO H 72 30.51 95.35 70.16
C PRO H 72 29.01 95.60 70.16
N CYS H 73 28.30 94.73 69.44
CA CYS H 73 26.85 94.79 69.36
C CYS H 73 26.21 94.06 70.54
N GLU H 74 24.89 94.20 70.65
CA GLU H 74 24.16 93.42 71.63
C GLU H 74 24.10 91.97 71.20
N ASP H 75 23.86 91.09 72.18
CA ASP H 75 23.80 89.65 71.93
C ASP H 75 22.54 89.36 71.13
N ALA H 76 22.71 89.11 69.83
CA ALA H 76 21.60 88.90 68.91
C ALA H 76 21.03 87.51 69.11
N GLU H 77 20.08 87.39 70.02
CA GLU H 77 19.35 86.15 70.24
C GLU H 77 17.89 86.48 70.51
N ASP H 78 17.00 85.59 70.07
CA ASP H 78 15.58 85.83 70.18
C ASP H 78 15.09 85.55 71.60
N ASP H 79 13.94 86.13 71.93
CA ASP H 79 13.38 85.97 73.27
C ASP H 79 12.80 84.58 73.45
N CYS H 80 12.06 84.10 72.43
CA CYS H 80 11.35 82.82 72.44
C CYS H 80 10.39 82.75 73.64
N GLY H 81 9.41 83.64 73.61
CA GLY H 81 8.57 83.89 74.79
C GLY H 81 7.56 82.78 75.01
N ASN H 82 7.60 82.15 76.19
CA ASN H 82 6.63 81.15 76.66
C ASN H 82 6.53 79.93 75.74
N ASP H 83 7.61 79.63 75.03
CA ASP H 83 7.66 78.48 74.14
C ASP H 83 8.85 77.63 74.52
N PHE H 84 8.71 76.33 74.33
CA PHE H 84 9.83 75.42 74.60
C PHE H 84 10.87 75.58 73.51
N GLN H 85 11.99 76.21 73.86
CA GLN H 85 13.13 76.25 72.96
C GLN H 85 13.73 74.86 72.82
N CYS H 86 14.30 74.60 71.65
CA CYS H 86 14.84 73.30 71.32
C CYS H 86 16.35 73.41 71.17
N SER H 87 16.96 72.30 70.76
CA SER H 87 18.40 72.25 70.53
C SER H 87 18.78 72.59 69.09
N THR H 88 17.95 73.36 68.40
CA THR H 88 18.23 73.85 67.06
C THR H 88 18.09 75.36 66.95
N GLY H 89 17.13 75.95 67.66
CA GLY H 89 16.76 77.34 67.49
C GLY H 89 15.32 77.54 67.09
N ARG H 90 14.56 76.47 66.88
CA ARG H 90 13.13 76.55 66.59
C ARG H 90 12.35 76.49 67.89
N CYS H 91 11.31 77.31 68.00
CA CYS H 91 10.50 77.38 69.20
C CYS H 91 9.14 76.77 68.91
N ILE H 92 8.87 75.62 69.53
CA ILE H 92 7.59 74.93 69.36
C ILE H 92 6.77 75.10 70.64
N LYS H 93 5.52 74.67 70.57
CA LYS H 93 4.59 74.83 71.67
C LYS H 93 4.67 73.63 72.62
N MET H 94 3.88 73.67 73.68
CA MET H 94 3.84 72.57 74.64
C MET H 94 2.97 71.42 74.17
N ARG H 95 2.02 71.68 73.27
CA ARG H 95 1.14 70.65 72.72
C ARG H 95 1.91 69.61 71.92
N LEU H 96 3.07 69.97 71.38
CA LEU H 96 3.88 69.08 70.58
C LEU H 96 4.79 68.17 71.40
N ARG H 97 4.60 68.11 72.72
CA ARG H 97 5.46 67.29 73.57
C ARG H 97 5.09 65.82 73.46
N CYS H 98 6.10 64.98 73.19
CA CYS H 98 6.00 63.52 73.14
C CYS H 98 4.97 63.05 72.13
N ASN H 99 4.81 63.78 71.04
CA ASN H 99 3.80 63.47 70.03
C ASN H 99 4.26 62.41 69.04
N GLY H 100 5.49 61.95 69.14
CA GLY H 100 6.02 61.02 68.17
C GLY H 100 6.36 61.62 66.83
N ASP H 101 6.47 62.94 66.75
CA ASP H 101 6.84 63.63 65.53
C ASP H 101 8.06 64.50 65.78
N ASN H 102 9.00 64.44 64.84
CA ASN H 102 10.25 65.18 64.95
C ASN H 102 10.04 66.67 64.71
N ASP H 103 9.69 67.40 65.77
CA ASP H 103 9.25 68.77 65.67
C ASP H 103 10.36 69.78 65.88
N CYS H 104 11.25 69.55 66.84
CA CYS H 104 12.38 70.45 67.05
C CYS H 104 13.45 70.26 65.98
N GLY H 105 13.48 69.11 65.32
CA GLY H 105 14.51 68.83 64.34
C GLY H 105 15.53 67.85 64.88
N ASP H 106 15.92 68.04 66.15
CA ASP H 106 16.83 67.14 66.84
C ASP H 106 16.11 66.28 67.86
N PHE H 107 14.89 65.86 67.53
CA PHE H 107 14.21 64.71 68.13
C PHE H 107 13.92 64.94 69.60
N SER H 108 13.56 66.18 69.95
CA SER H 108 13.35 66.55 71.34
C SER H 108 11.94 66.27 71.83
N ASP H 109 11.24 65.33 71.20
CA ASP H 109 9.93 64.90 71.65
C ASP H 109 9.89 63.43 72.06
N GLU H 110 10.49 62.55 71.26
CA GLU H 110 10.35 61.10 71.46
C GLU H 110 11.44 60.54 72.38
N ASP H 111 11.96 61.34 73.31
CA ASP H 111 13.00 60.84 74.21
C ASP H 111 12.70 61.11 75.68
N ASP H 112 11.99 62.20 75.96
CA ASP H 112 11.95 62.73 77.32
C ASP H 112 11.00 61.95 78.21
N CYS H 113 9.71 61.98 77.89
CA CYS H 113 8.71 61.54 78.85
C CYS H 113 8.47 60.03 78.75
N GLU H 114 7.90 59.48 79.81
CA GLU H 114 7.40 58.11 79.82
C GLU H 114 5.89 58.06 79.57
N SER H 115 5.32 59.16 79.08
CA SER H 115 3.89 59.25 78.82
C SER H 115 3.55 58.57 77.51
N GLU H 116 2.29 58.70 77.08
CA GLU H 116 1.87 58.09 75.83
C GLU H 116 2.44 58.86 74.65
N PRO H 117 2.75 58.17 73.54
CA PRO H 117 3.17 58.90 72.33
C PRO H 117 2.04 59.65 71.67
N ARG H 118 0.77 59.31 71.98
CA ARG H 118 -0.52 59.85 71.52
C ARG H 118 -0.52 60.34 70.07
N PRO H 119 -0.35 59.43 69.09
CA PRO H 119 -0.20 59.88 67.70
C PRO H 119 -1.51 60.42 67.16
N PRO H 120 -1.50 61.64 66.62
CA PRO H 120 -2.74 62.21 66.08
C PRO H 120 -3.25 61.46 64.87
N CYS H 121 -2.35 60.94 64.04
CA CYS H 121 -2.72 59.89 63.10
C CYS H 121 -2.82 58.58 63.88
N ARG H 122 -4.04 58.13 64.11
CA ARG H 122 -4.31 56.89 64.84
C ARG H 122 -4.08 55.67 63.96
N ASP H 123 -4.65 54.53 64.36
CA ASP H 123 -4.48 53.24 63.69
C ASP H 123 -5.01 53.17 62.25
N ARG H 124 -5.55 54.26 61.72
CA ARG H 124 -5.83 54.37 60.29
C ARG H 124 -4.54 54.25 59.49
N VAL H 125 -4.68 53.69 58.29
CA VAL H 125 -3.52 53.45 57.42
C VAL H 125 -3.04 54.80 56.90
N VAL H 126 -1.91 55.26 57.45
CA VAL H 126 -1.36 56.58 57.19
C VAL H 126 0.13 56.43 56.89
N GLU H 127 0.57 56.98 55.77
CA GLU H 127 1.94 56.82 55.30
C GLU H 127 2.64 58.17 55.29
N GLU H 128 3.84 58.21 54.72
CA GLU H 128 4.53 59.47 54.45
C GLU H 128 4.49 59.73 52.95
N SER H 129 4.50 61.00 52.58
CA SER H 129 4.27 61.37 51.19
C SER H 129 5.53 61.21 50.37
N GLU H 130 5.40 61.52 49.08
CA GLU H 130 6.54 61.53 48.16
C GLU H 130 6.65 62.83 47.39
N LEU H 131 5.60 63.63 47.32
CA LEU H 131 5.57 64.88 46.59
C LEU H 131 5.59 66.09 47.50
N ALA H 132 5.03 65.96 48.71
CA ALA H 132 4.96 67.08 49.62
C ALA H 132 6.26 67.30 50.38
N ARG H 133 7.15 66.32 50.42
CA ARG H 133 8.31 66.43 51.29
C ARG H 133 9.36 67.40 50.71
N THR H 134 9.31 67.65 49.42
CA THR H 134 10.23 68.57 48.75
C THR H 134 9.46 69.72 48.14
N ALA H 135 8.47 70.25 48.84
CA ALA H 135 7.49 71.17 48.24
C ALA H 135 7.95 72.63 48.22
N GLY H 136 9.22 72.90 48.40
CA GLY H 136 9.67 74.27 48.24
C GLY H 136 10.08 74.59 46.82
N TYR H 137 11.09 73.88 46.32
CA TYR H 137 11.77 74.15 45.07
C TYR H 137 12.13 75.62 44.92
N GLY H 138 12.99 76.10 45.82
CA GLY H 138 13.42 77.48 45.82
C GLY H 138 14.20 77.81 44.57
N ILE H 139 13.58 78.57 43.67
CA ILE H 139 13.98 78.60 42.29
C ILE H 139 14.85 79.82 42.05
N ASN H 140 15.57 79.81 40.93
CA ASN H 140 16.41 80.91 40.53
C ASN H 140 15.88 81.46 39.20
N ILE H 141 16.24 82.72 38.92
CA ILE H 141 15.68 83.43 37.76
C ILE H 141 16.16 82.92 36.43
N LEU H 142 17.19 82.07 36.39
CA LEU H 142 17.63 81.48 35.13
C LEU H 142 16.58 80.52 34.58
N GLY H 143 15.98 79.72 35.44
CA GLY H 143 14.97 78.77 35.02
C GLY H 143 15.14 77.42 35.70
N MET H 144 16.34 77.14 36.17
CA MET H 144 16.64 75.88 36.85
C MET H 144 16.36 76.03 38.34
N ASP H 145 16.04 74.91 38.98
CA ASP H 145 15.45 74.90 40.32
C ASP H 145 16.25 74.09 41.34
N PRO H 146 17.05 74.74 42.18
CA PRO H 146 17.65 74.02 43.31
C PRO H 146 16.59 73.68 44.35
N LEU H 147 16.61 72.44 44.82
CA LEU H 147 15.64 71.92 45.77
C LEU H 147 15.94 72.37 47.20
N SER H 148 16.81 73.36 47.38
CA SER H 148 17.22 73.85 48.70
C SER H 148 16.02 74.55 49.31
N THR H 149 15.14 73.74 49.86
CA THR H 149 13.84 74.16 50.32
C THR H 149 13.98 74.98 51.58
N PRO H 150 13.56 76.25 51.58
CA PRO H 150 13.57 77.00 52.83
C PRO H 150 12.53 76.48 53.80
N PHE H 151 11.47 75.87 53.30
CA PHE H 151 10.45 75.28 54.13
C PHE H 151 10.96 74.00 54.78
N ASP H 152 10.25 73.53 55.80
CA ASP H 152 10.55 72.28 56.46
C ASP H 152 9.30 71.42 56.34
N ASN H 153 9.37 70.39 55.50
CA ASN H 153 8.22 69.53 55.24
C ASN H 153 8.25 68.26 56.09
N GLU H 154 8.76 68.36 57.31
CA GLU H 154 8.60 67.31 58.30
C GLU H 154 7.81 67.78 59.50
N PHE H 155 7.49 69.06 59.59
CA PHE H 155 6.75 69.61 60.72
C PHE H 155 5.28 69.37 60.46
N TYR H 156 4.64 68.55 61.29
CA TYR H 156 3.23 68.24 61.11
C TYR H 156 2.32 68.99 62.08
N ASN H 157 2.88 69.50 63.19
CA ASN H 157 2.17 70.29 64.20
C ASN H 157 1.00 69.53 64.82
N GLY H 158 1.16 68.22 64.96
CA GLY H 158 0.18 67.39 65.67
C GLY H 158 -1.16 67.26 64.99
N LEU H 159 -1.22 67.34 63.67
CA LEU H 159 -2.45 67.20 62.92
C LEU H 159 -2.36 66.02 61.97
N CYS H 160 -3.53 65.52 61.57
CA CYS H 160 -3.60 64.35 60.69
C CYS H 160 -4.62 64.66 59.60
N ASN H 161 -4.14 65.24 58.51
CA ASN H 161 -4.97 65.55 57.35
C ASN H 161 -4.58 64.64 56.21
N ARG H 162 -5.53 63.87 55.71
CA ARG H 162 -5.24 62.89 54.68
C ARG H 162 -5.57 63.43 53.30
N ASP H 163 -4.75 63.05 52.32
CA ASP H 163 -4.96 63.42 50.92
C ASP H 163 -4.79 62.17 50.07
N ARG H 164 -5.82 61.81 49.31
CA ARG H 164 -5.85 60.51 48.67
C ARG H 164 -4.95 60.46 47.45
N ASP H 165 -4.71 59.24 47.01
CA ASP H 165 -4.00 58.95 45.78
C ASP H 165 -4.93 58.19 44.84
N GLY H 166 -4.80 58.46 43.55
CA GLY H 166 -5.63 57.79 42.58
C GLY H 166 -5.23 56.35 42.33
N ASN H 167 -3.97 56.14 41.93
CA ASN H 167 -3.57 54.82 41.46
C ASN H 167 -3.31 53.87 42.62
N THR H 168 -2.48 54.27 43.57
CA THR H 168 -2.03 53.33 44.60
C THR H 168 -3.05 53.11 45.71
N LEU H 169 -4.06 53.98 45.82
CA LEU H 169 -5.13 53.92 46.84
C LEU H 169 -4.54 53.92 48.26
N THR H 170 -3.79 54.96 48.55
CA THR H 170 -3.17 55.15 49.86
C THR H 170 -3.73 56.41 50.50
N TYR H 171 -3.15 56.80 51.63
CA TYR H 171 -3.56 58.02 52.32
C TYR H 171 -2.30 58.75 52.80
N TYR H 172 -1.79 59.62 51.94
CA TYR H 172 -0.60 60.39 52.25
C TYR H 172 -0.96 61.51 53.24
N ARG H 173 0.06 62.12 53.81
CA ARG H 173 -0.17 63.19 54.77
C ARG H 173 0.03 64.55 54.13
N ARG H 174 -0.43 65.56 54.85
CA ARG H 174 -0.29 66.95 54.44
C ARG H 174 0.59 67.64 55.47
N PRO H 175 1.84 67.95 55.16
CA PRO H 175 2.67 68.73 56.08
C PRO H 175 2.12 70.13 56.29
N TRP H 176 2.59 70.77 57.37
CA TRP H 176 2.05 72.05 57.78
C TRP H 176 2.36 73.17 56.79
N ASN H 177 3.46 73.05 56.05
CA ASN H 177 3.78 74.11 55.12
C ASN H 177 3.00 74.03 53.81
N VAL H 178 2.40 72.88 53.50
CA VAL H 178 1.60 72.73 52.30
C VAL H 178 0.13 72.97 52.66
N ALA H 179 -0.48 73.96 52.01
CA ALA H 179 -1.85 74.33 52.30
C ALA H 179 -2.87 73.53 51.51
N SER H 180 -2.50 73.05 50.33
CA SER H 180 -3.40 72.24 49.54
C SER H 180 -2.59 71.34 48.61
N LEU H 181 -3.12 70.15 48.35
CA LEU H 181 -2.39 69.15 47.59
C LEU H 181 -3.41 68.21 46.97
N ILE H 182 -3.67 68.39 45.68
CA ILE H 182 -4.58 67.53 44.95
C ILE H 182 -3.73 66.59 44.12
N TYR H 183 -4.31 65.44 43.75
CA TYR H 183 -3.72 64.53 42.78
C TYR H 183 -4.73 64.35 41.66
N GLU H 184 -4.68 65.19 40.63
CA GLU H 184 -5.49 64.96 39.46
C GLU H 184 -4.78 63.97 38.54
N THR H 185 -5.27 63.84 37.32
CA THR H 185 -4.52 63.16 36.27
C THR H 185 -4.84 63.92 34.99
N LYS H 186 -4.04 64.91 34.68
CA LYS H 186 -4.40 65.85 33.61
C LYS H 186 -3.44 65.66 32.46
N GLY H 187 -3.83 64.87 31.48
CA GLY H 187 -2.99 64.67 30.31
C GLY H 187 -3.37 65.66 29.23
N GLU H 188 -2.38 66.13 28.48
CA GLU H 188 -2.66 67.22 27.55
C GLU H 188 -1.63 67.21 26.43
N LYS H 189 -2.04 66.84 25.23
CA LYS H 189 -1.13 66.80 24.11
C LYS H 189 -1.46 67.91 23.12
N ASN H 190 -0.53 68.81 22.88
CA ASN H 190 -0.60 69.67 21.72
C ASN H 190 0.13 68.98 20.58
N PHE H 191 -0.30 69.30 19.36
CA PHE H 191 0.33 68.80 18.15
C PHE H 191 0.16 69.88 17.11
N ARG H 192 1.21 70.18 16.37
CA ARG H 192 1.08 71.08 15.22
C ARG H 192 1.90 70.55 14.08
N THR H 193 1.46 70.84 12.87
CA THR H 193 2.32 70.71 11.71
C THR H 193 1.96 71.77 10.69
N GLU H 194 2.91 72.66 10.44
CA GLU H 194 2.75 73.69 9.44
C GLU H 194 3.53 73.31 8.20
N HIS H 195 3.17 73.93 7.09
CA HIS H 195 3.77 73.59 5.82
C HIS H 195 3.62 74.78 4.91
N TYR H 196 4.71 75.20 4.29
CA TYR H 196 4.68 76.26 3.30
C TYR H 196 5.42 75.80 2.06
N GLU H 197 4.95 76.23 0.91
CA GLU H 197 5.61 75.85 -0.33
C GLU H 197 5.38 76.96 -1.34
N GLU H 198 6.37 77.21 -2.19
CA GLU H 198 6.23 78.23 -3.22
C GLU H 198 7.08 77.83 -4.42
N GLN H 199 6.46 77.41 -5.50
CA GLN H 199 7.19 77.24 -6.74
C GLN H 199 7.03 78.50 -7.57
N ILE H 200 8.03 78.77 -8.41
CA ILE H 200 7.92 79.82 -9.42
C ILE H 200 8.77 79.41 -10.61
N GLU H 201 8.21 79.58 -11.81
CA GLU H 201 8.90 79.27 -13.05
C GLU H 201 8.74 80.48 -13.98
N ALA H 202 9.79 81.28 -14.10
CA ALA H 202 9.82 82.39 -15.05
C ALA H 202 10.54 81.94 -16.32
N PHE H 203 10.24 82.65 -17.41
CA PHE H 203 10.63 82.18 -18.73
C PHE H 203 10.59 83.36 -19.69
N LYS H 204 11.62 83.51 -20.52
CA LYS H 204 11.65 84.61 -21.48
C LYS H 204 12.47 84.21 -22.69
N SER H 205 11.83 84.07 -23.85
CA SER H 205 12.48 83.70 -25.10
C SER H 205 12.38 84.83 -26.11
N ILE H 206 13.42 85.00 -26.93
CA ILE H 206 13.45 86.00 -28.00
C ILE H 206 14.05 85.34 -29.23
N ILE H 207 13.40 85.52 -30.39
CA ILE H 207 13.97 85.13 -31.67
C ILE H 207 13.96 86.35 -32.57
N GLN H 208 15.08 86.66 -33.20
CA GLN H 208 15.16 87.78 -34.12
C GLN H 208 15.80 87.30 -35.42
N GLU H 209 15.41 87.92 -36.52
CA GLU H 209 15.95 87.54 -37.82
C GLU H 209 15.81 88.70 -38.78
N LYS H 210 16.88 89.00 -39.52
CA LYS H 210 16.77 89.87 -40.68
C LYS H 210 17.46 89.18 -41.85
N THR H 211 16.82 89.21 -43.02
CA THR H 211 17.37 88.62 -44.23
C THR H 211 17.26 89.69 -45.31
N SER H 212 18.39 90.32 -45.64
CA SER H 212 18.43 91.37 -46.65
C SER H 212 19.14 90.87 -47.89
N ASN H 213 18.60 91.19 -49.07
CA ASN H 213 19.13 90.72 -50.34
C ASN H 213 19.03 91.83 -51.37
N PHE H 214 20.16 92.29 -51.88
CA PHE H 214 20.22 93.36 -52.86
C PHE H 214 20.86 92.83 -54.13
N ASN H 215 20.24 93.08 -55.28
CA ASN H 215 20.70 92.52 -56.54
C ASN H 215 20.69 93.62 -57.60
N ALA H 216 21.84 93.89 -58.21
CA ALA H 216 21.88 94.78 -59.35
C ALA H 216 21.91 93.94 -60.63
N ALA H 217 21.98 94.63 -61.77
CA ALA H 217 22.10 93.98 -63.07
C ALA H 217 22.73 94.91 -64.10
N PHE H 249 27.90 91.54 -65.58
CA PHE H 249 27.44 92.85 -65.16
C PHE H 249 26.39 92.77 -64.06
N ARG H 250 26.80 92.50 -62.83
CA ARG H 250 25.90 92.57 -61.69
C ARG H 250 26.71 92.82 -60.43
N PHE H 251 25.99 92.82 -59.30
CA PHE H 251 26.56 92.96 -57.96
C PHE H 251 25.50 92.54 -56.96
N SER H 252 25.82 91.58 -56.11
CA SER H 252 24.88 91.13 -55.09
C SER H 252 25.40 91.50 -53.70
N TYR H 253 24.49 91.53 -52.75
CA TYR H 253 24.85 91.78 -51.36
C TYR H 253 23.77 91.17 -50.48
N SER H 254 24.10 90.08 -49.80
CA SER H 254 23.15 89.37 -48.97
C SER H 254 23.60 89.44 -47.51
N LYS H 255 22.64 89.20 -46.61
CA LYS H 255 22.93 89.10 -45.19
C LYS H 255 21.77 88.35 -44.55
N ASN H 256 22.10 87.38 -43.70
CA ASN H 256 21.09 86.58 -42.99
C ASN H 256 21.49 86.54 -41.53
N GLU H 257 21.10 87.55 -40.76
CA GLU H 257 21.41 87.60 -39.34
C GLU H 257 20.29 86.92 -38.58
N THR H 258 20.64 86.03 -37.66
CA THR H 258 19.67 85.22 -36.92
C THR H 258 20.08 85.23 -35.45
N TYR H 259 19.47 86.09 -34.66
CA TYR H 259 19.75 86.16 -33.25
C TYR H 259 18.73 85.34 -32.48
N GLN H 260 19.17 84.79 -31.34
CA GLN H 260 18.24 84.11 -30.46
C GLN H 260 18.68 84.37 -29.03
N LEU H 261 17.75 84.23 -28.10
CA LEU H 261 18.01 84.45 -26.69
C LEU H 261 16.98 83.64 -25.93
N PHE H 262 17.36 83.15 -24.76
CA PHE H 262 16.52 82.21 -24.04
C PHE H 262 16.91 82.28 -22.57
N LEU H 263 15.92 82.41 -21.69
CA LEU H 263 16.21 82.44 -20.27
C LEU H 263 15.13 81.71 -19.51
N SER H 264 15.52 80.89 -18.55
CA SER H 264 14.60 80.25 -17.63
C SER H 264 14.96 80.66 -16.21
N TYR H 265 14.02 80.40 -15.29
CA TYR H 265 14.30 80.56 -13.86
C TYR H 265 13.27 79.68 -13.14
N SER H 266 13.67 78.48 -12.75
CA SER H 266 12.72 77.51 -12.21
C SER H 266 13.08 77.20 -10.76
N SER H 267 12.63 78.03 -9.84
CA SER H 267 13.05 77.92 -8.45
C SER H 267 11.86 77.57 -7.57
N LYS H 268 12.02 76.56 -6.74
CA LYS H 268 11.01 76.25 -5.74
C LYS H 268 11.58 76.48 -4.36
N LYS H 269 10.69 76.62 -3.38
CA LYS H 269 11.04 76.73 -1.98
C LYS H 269 10.03 75.95 -1.18
N GLU H 270 10.46 75.51 0.00
CA GLU H 270 9.62 74.71 0.88
C GLU H 270 10.08 74.98 2.30
N LYS H 271 9.14 74.93 3.24
CA LYS H 271 9.51 75.17 4.63
C LYS H 271 8.48 74.48 5.51
N MET H 272 8.86 73.37 6.11
CA MET H 272 7.94 72.59 6.93
C MET H 272 8.12 73.02 8.38
N PHE H 273 7.27 72.49 9.27
CA PHE H 273 7.43 72.67 10.70
C PHE H 273 6.56 71.61 11.35
N LEU H 274 7.00 71.10 12.49
CA LEU H 274 6.22 70.15 13.25
C LEU H 274 6.49 70.43 14.72
N HIS H 275 5.55 70.08 15.59
CA HIS H 275 5.72 70.39 17.01
C HIS H 275 4.79 69.50 17.83
N VAL H 276 5.31 68.46 18.40
CA VAL H 276 4.54 67.67 19.36
C VAL H 276 4.85 68.23 20.74
N LYS H 277 3.90 68.23 21.66
CA LYS H 277 4.22 68.61 23.04
C LYS H 277 3.20 67.94 23.97
N GLY H 278 3.58 66.84 24.59
CA GLY H 278 2.60 66.20 25.44
C GLY H 278 2.87 66.29 26.92
N GLU H 279 2.20 67.20 27.62
CA GLU H 279 2.37 67.31 29.06
C GLU H 279 1.53 66.26 29.77
N ILE H 280 1.99 65.87 30.95
CA ILE H 280 1.24 64.97 31.83
C ILE H 280 1.36 65.53 33.24
N HIS H 281 0.25 65.97 33.82
CA HIS H 281 0.29 66.56 35.14
C HIS H 281 -0.24 65.56 36.15
N LEU H 282 0.46 65.41 37.26
CA LEU H 282 -0.04 64.68 38.42
C LEU H 282 -0.09 65.68 39.58
N GLY H 283 -1.21 66.38 39.67
CA GLY H 283 -1.44 67.21 40.83
C GLY H 283 -0.64 68.49 40.88
N ARG H 284 -0.66 69.11 42.05
CA ARG H 284 -0.06 70.42 42.26
C ARG H 284 0.09 70.62 43.76
N PHE H 285 0.49 71.82 44.16
CA PHE H 285 0.60 72.17 45.58
C PHE H 285 0.56 73.69 45.70
N VAL H 286 0.14 74.16 46.88
CA VAL H 286 0.15 75.59 47.20
C VAL H 286 0.70 75.74 48.60
N MET H 287 1.78 76.51 48.74
CA MET H 287 2.42 76.70 50.03
C MET H 287 1.68 77.77 50.82
N ARG H 288 2.10 77.99 52.06
CA ARG H 288 1.45 78.97 52.92
C ARG H 288 2.25 80.26 52.96
N ASN H 289 1.74 81.22 53.74
CA ASN H 289 2.35 82.55 53.82
C ASN H 289 2.50 83.09 55.23
N ARG H 290 1.74 82.61 56.21
CA ARG H 290 1.86 83.05 57.59
C ARG H 290 1.97 81.85 58.49
N ASP H 291 2.66 82.03 59.62
CA ASP H 291 2.98 80.98 60.60
C ASP H 291 3.69 79.80 59.94
N VAL H 292 4.68 80.13 59.13
CA VAL H 292 5.41 79.16 58.33
C VAL H 292 6.67 78.78 59.09
N VAL H 293 6.96 77.48 59.18
CA VAL H 293 8.20 77.03 59.77
C VAL H 293 9.26 76.90 58.69
N LEU H 294 10.50 77.23 59.04
CA LEU H 294 11.62 77.16 58.13
C LEU H 294 12.60 76.12 58.65
N THR H 295 13.45 75.62 57.75
CA THR H 295 14.39 74.58 58.14
C THR H 295 15.52 75.17 58.99
N THR H 296 16.34 74.27 59.55
CA THR H 296 17.36 74.69 60.50
C THR H 296 18.50 75.42 59.81
N THR H 297 18.88 74.96 58.62
CA THR H 297 20.01 75.52 57.90
C THR H 297 19.68 76.78 57.14
N PHE H 298 18.60 77.47 57.46
CA PHE H 298 18.20 78.66 56.73
C PHE H 298 17.97 79.85 57.64
N VAL H 299 17.45 79.62 58.85
CA VAL H 299 17.30 80.69 59.83
C VAL H 299 18.67 81.18 60.27
N ASP H 300 19.66 80.28 60.34
CA ASP H 300 21.02 80.67 60.66
C ASP H 300 21.63 81.54 59.57
N ASP H 301 21.39 81.18 58.30
CA ASP H 301 21.95 81.96 57.20
C ASP H 301 21.24 83.29 57.02
N ILE H 302 19.99 83.41 57.46
CA ILE H 302 19.41 84.75 57.54
C ILE H 302 20.01 85.52 58.71
N LYS H 303 20.27 84.83 59.83
CA LYS H 303 20.85 85.48 61.00
C LYS H 303 22.29 85.92 60.77
N ALA H 304 22.98 85.36 59.78
CA ALA H 304 24.35 85.74 59.47
C ALA H 304 24.45 86.77 58.35
N LEU H 305 23.40 87.56 58.15
CA LEU H 305 23.45 88.59 57.12
C LEU H 305 23.96 89.90 57.71
N PRO H 306 24.73 90.69 56.95
CA PRO H 306 25.52 91.77 57.56
C PRO H 306 24.73 93.00 58.01
N THR H 307 23.42 93.08 57.72
CA THR H 307 22.44 93.98 58.32
C THR H 307 22.61 95.45 57.87
N THR H 308 23.70 95.77 57.19
CA THR H 308 24.01 97.15 56.83
C THR H 308 24.02 97.38 55.32
N TYR H 309 23.38 96.49 54.56
CA TYR H 309 23.54 96.37 53.10
C TYR H 309 25.02 96.34 52.72
N GLU H 310 25.64 95.24 53.09
CA GLU H 310 26.98 94.93 52.60
C GLU H 310 26.82 93.95 51.44
N LYS H 311 27.23 94.39 50.25
CA LYS H 311 26.84 93.75 48.99
C LYS H 311 27.46 92.36 48.80
N GLY H 312 28.52 92.03 49.54
CA GLY H 312 29.22 90.79 49.30
C GLY H 312 28.49 89.54 49.76
N GLU H 313 27.75 89.63 50.86
CA GLU H 313 27.12 88.45 51.43
C GLU H 313 25.81 88.09 50.74
N TYR H 314 25.07 89.09 50.23
CA TYR H 314 23.77 88.81 49.67
C TYR H 314 23.86 88.11 48.32
N PHE H 315 24.91 88.37 47.55
CA PHE H 315 25.11 87.63 46.31
C PHE H 315 25.55 86.20 46.55
N ALA H 316 26.04 85.87 47.74
CA ALA H 316 26.27 84.47 48.07
C ALA H 316 25.00 83.82 48.61
N PHE H 317 24.20 84.59 49.35
CA PHE H 317 22.95 84.04 49.89
C PHE H 317 21.94 83.74 48.79
N LEU H 318 21.82 84.64 47.81
CA LEU H 318 20.83 84.47 46.76
C LEU H 318 21.19 83.38 45.77
N GLU H 319 22.44 82.94 45.76
CA GLU H 319 22.80 81.77 44.95
C GLU H 319 23.05 80.54 45.80
N THR H 320 22.98 80.65 47.11
CA THR H 320 22.89 79.47 47.93
C THR H 320 21.45 78.97 48.02
N TYR H 321 20.50 79.88 48.25
CA TYR H 321 19.11 79.49 48.47
C TYR H 321 18.15 80.01 47.41
N GLY H 322 18.66 80.37 46.24
CA GLY H 322 17.79 80.80 45.17
C GLY H 322 17.21 82.19 45.34
N THR H 323 16.57 82.69 44.29
CA THR H 323 16.01 84.04 44.35
C THR H 323 14.55 84.02 44.77
N HIS H 324 13.76 83.07 44.27
CA HIS H 324 12.35 82.97 44.60
C HIS H 324 12.05 81.55 45.05
N TYR H 325 10.93 81.38 45.74
CA TYR H 325 10.46 80.05 46.08
C TYR H 325 9.15 79.78 45.36
N SER H 326 8.97 78.55 44.89
CA SER H 326 7.78 78.20 44.14
C SER H 326 6.58 78.07 45.06
N SER H 327 5.83 79.16 45.20
CA SER H 327 4.68 79.17 46.08
C SER H 327 3.50 78.40 45.52
N SER H 328 3.51 78.04 44.24
CA SER H 328 2.42 77.24 43.66
C SER H 328 2.97 76.52 42.44
N GLY H 329 3.30 75.24 42.58
CA GLY H 329 3.85 74.46 41.51
C GLY H 329 2.83 73.52 40.87
N SER H 330 3.34 72.64 40.02
CA SER H 330 2.55 71.60 39.38
C SER H 330 3.53 70.55 38.87
N LEU H 331 3.53 69.37 39.47
CA LEU H 331 4.57 68.41 39.13
C LEU H 331 4.16 67.59 37.91
N GLY H 332 4.92 66.56 37.59
CA GLY H 332 4.72 65.80 36.36
C GLY H 332 5.38 66.48 35.17
N GLY H 333 6.01 65.71 34.29
CA GLY H 333 6.85 66.32 33.28
C GLY H 333 6.55 66.02 31.83
N LEU H 334 7.03 66.90 30.95
CA LEU H 334 6.64 66.92 29.55
C LEU H 334 7.61 66.15 28.68
N TYR H 335 7.32 66.16 27.39
CA TYR H 335 8.27 65.84 26.35
C TYR H 335 7.97 66.75 25.18
N GLU H 336 8.83 66.72 24.16
CA GLU H 336 8.72 67.69 23.07
C GLU H 336 9.55 67.25 21.89
N LEU H 337 8.98 67.32 20.70
CA LEU H 337 9.71 67.18 19.46
C LEU H 337 9.59 68.49 18.70
N ILE H 338 10.59 68.82 17.90
CA ILE H 338 10.55 69.93 16.95
C ILE H 338 11.27 69.46 15.69
N TYR H 339 10.67 69.66 14.53
CA TYR H 339 11.22 69.16 13.27
C TYR H 339 11.20 70.32 12.28
N VAL H 340 12.29 71.06 12.18
CA VAL H 340 12.32 72.24 11.31
C VAL H 340 13.05 71.84 10.04
N LEU H 341 12.31 71.57 8.99
CA LEU H 341 12.96 71.38 7.70
C LEU H 341 13.08 72.74 7.03
N ASP H 342 13.89 72.80 5.98
CA ASP H 342 14.02 73.97 5.13
C ASP H 342 14.62 73.49 3.83
N LYS H 343 14.15 74.03 2.73
CA LYS H 343 14.67 73.65 1.43
C LYS H 343 14.70 74.91 0.58
N ALA H 344 15.68 75.00 -0.31
CA ALA H 344 15.67 76.08 -1.29
C ALA H 344 16.40 75.57 -2.52
N SER H 345 15.65 75.04 -3.47
CA SER H 345 16.25 74.78 -4.76
C SER H 345 16.33 76.10 -5.53
N MET H 346 17.11 76.08 -6.61
CA MET H 346 17.10 77.18 -7.57
C MET H 346 17.75 76.68 -8.84
N LYS H 347 17.13 76.96 -9.98
CA LYS H 347 17.81 76.83 -11.25
C LYS H 347 17.86 78.20 -11.91
N ARG H 348 18.77 78.34 -12.84
CA ARG H 348 18.71 79.42 -13.82
C ARG H 348 19.51 78.98 -15.03
N LYS H 349 19.12 79.47 -16.19
CA LYS H 349 19.73 79.03 -17.44
C LYS H 349 20.04 80.24 -18.30
N GLY H 350 20.63 79.96 -19.45
CA GLY H 350 20.76 80.95 -20.51
C GLY H 350 21.28 80.27 -21.75
N VAL H 351 20.59 80.45 -22.88
CA VAL H 351 20.93 79.79 -24.13
C VAL H 351 20.97 80.89 -25.18
N GLU H 352 22.15 81.21 -25.68
CA GLU H 352 22.34 82.33 -26.57
C GLU H 352 22.91 81.81 -27.89
N LEU H 353 22.58 82.50 -28.98
CA LEU H 353 22.90 81.96 -30.29
C LEU H 353 22.97 83.11 -31.29
N LYS H 354 23.97 83.08 -32.18
CA LYS H 354 24.13 84.11 -33.19
C LYS H 354 24.60 83.46 -34.48
N ASP H 355 24.33 84.14 -35.59
CA ASP H 355 24.59 83.62 -36.92
C ASP H 355 24.62 84.79 -37.90
N ILE H 356 25.61 84.77 -38.79
CA ILE H 356 25.70 85.71 -39.91
C ILE H 356 26.12 84.92 -41.14
N LYS H 357 25.27 84.91 -42.17
CA LYS H 357 25.52 84.13 -43.38
C LYS H 357 25.59 85.10 -44.55
N ARG H 358 26.75 85.68 -44.79
CA ARG H 358 26.94 86.63 -45.87
C ARG H 358 27.32 85.92 -47.16
N CYS H 359 27.09 86.60 -48.27
CA CYS H 359 27.46 86.07 -49.57
C CYS H 359 27.69 87.24 -50.51
N LEU H 360 28.38 86.96 -51.62
CA LEU H 360 28.53 87.92 -52.70
C LEU H 360 28.94 87.14 -53.94
N GLY H 361 28.55 87.64 -55.10
CA GLY H 361 28.98 87.00 -56.33
C GLY H 361 28.50 87.74 -57.58
N TYR H 362 29.38 87.89 -58.56
CA TYR H 362 28.97 88.54 -59.80
C TYR H 362 29.72 88.00 -61.00
N HIS H 363 28.97 87.90 -62.10
CA HIS H 363 29.47 87.64 -63.44
C HIS H 363 29.72 88.97 -64.14
N LEU H 364 30.89 89.13 -64.72
CA LEU H 364 31.21 90.34 -65.46
C LEU H 364 31.78 90.00 -66.83
N PHE H 379 34.65 86.09 -67.02
CA PHE H 379 34.99 86.58 -65.68
C PHE H 379 33.96 86.07 -64.69
N ASN H 380 34.37 85.86 -63.43
CA ASN H 380 33.45 85.53 -62.36
C ASN H 380 34.15 85.76 -61.03
N LYS H 381 33.42 86.23 -60.04
CA LYS H 381 33.96 86.25 -58.68
C LYS H 381 32.84 85.96 -57.72
N ASP H 382 33.13 85.21 -56.66
CA ASP H 382 32.15 85.04 -55.60
C ASP H 382 32.86 84.68 -54.29
N ASP H 383 32.13 84.85 -53.19
CA ASP H 383 32.52 84.31 -51.91
C ASP H 383 31.29 84.07 -51.07
N CYS H 384 31.44 83.18 -50.10
CA CYS H 384 30.39 82.87 -49.13
C CYS H 384 31.03 82.83 -47.75
N VAL H 385 30.50 83.63 -46.83
CA VAL H 385 31.06 83.75 -45.49
C VAL H 385 30.00 83.28 -44.51
N LYS H 386 30.38 82.42 -43.58
CA LYS H 386 29.48 81.98 -42.52
C LYS H 386 30.15 82.20 -41.17
N ARG H 387 29.35 82.59 -40.18
CA ARG H 387 29.84 82.73 -38.82
C ARG H 387 28.70 82.33 -37.90
N GLY H 388 29.00 81.54 -36.88
CA GLY H 388 27.97 81.14 -35.96
C GLY H 388 28.48 80.89 -34.56
N GLU H 389 27.90 81.55 -33.58
CA GLU H 389 28.34 81.41 -32.20
C GLU H 389 27.21 80.85 -31.36
N GLY H 390 27.57 80.08 -30.36
CA GLY H 390 26.59 79.54 -29.45
C GLY H 390 27.11 79.62 -28.03
N ARG H 391 26.27 79.99 -27.07
CA ARG H 391 26.68 80.04 -25.68
C ARG H 391 25.60 79.39 -24.82
N ALA H 392 26.02 78.78 -23.72
CA ALA H 392 25.06 78.15 -22.83
C ALA H 392 25.59 78.19 -21.41
N VAL H 393 24.69 78.47 -20.46
CA VAL H 393 25.00 78.47 -19.04
C VAL H 393 23.86 77.77 -18.33
N ASN H 394 24.17 76.76 -17.52
CA ASN H 394 23.22 76.21 -16.56
C ASN H 394 23.80 76.41 -15.17
N ILE H 395 23.01 76.94 -14.25
CA ILE H 395 23.44 77.08 -12.86
C ILE H 395 22.36 76.50 -11.98
N THR H 396 22.67 75.44 -11.26
CA THR H 396 21.69 74.72 -10.46
C THR H 396 22.16 74.70 -9.02
N SER H 397 21.59 75.54 -8.18
CA SER H 397 21.96 75.58 -6.78
C SER H 397 20.90 74.89 -5.93
N GLU H 398 21.32 74.44 -4.75
CA GLU H 398 20.40 73.80 -3.83
C GLU H 398 20.91 73.96 -2.40
N ASN H 399 20.03 74.36 -1.51
CA ASN H 399 20.26 74.34 -0.07
C ASN H 399 19.23 73.42 0.55
N LEU H 400 19.63 72.73 1.61
CA LEU H 400 18.69 71.94 2.40
C LEU H 400 19.18 72.00 3.84
N ILE H 401 18.24 72.15 4.77
CA ILE H 401 18.54 72.15 6.19
C ILE H 401 17.51 71.27 6.87
N ASP H 402 17.95 70.43 7.79
CA ASP H 402 17.04 69.72 8.67
C ASP H 402 17.54 69.91 10.08
N ASP H 403 16.66 70.39 10.95
CA ASP H 403 16.87 70.38 12.39
C ASP H 403 15.85 69.45 13.00
N VAL H 404 16.28 68.69 13.99
CA VAL H 404 15.39 67.95 14.88
C VAL H 404 15.85 68.25 16.29
N VAL H 405 14.92 68.58 17.17
CA VAL H 405 15.20 68.69 18.60
C VAL H 405 14.24 67.75 19.29
N SER H 406 14.72 67.00 20.27
CA SER H 406 13.83 66.26 21.14
C SER H 406 14.25 66.51 22.58
N LEU H 407 13.27 66.58 23.46
CA LEU H 407 13.51 66.82 24.86
C LEU H 407 12.51 65.99 25.64
N ILE H 408 12.92 65.49 26.80
CA ILE H 408 12.02 64.67 27.60
C ILE H 408 12.43 64.77 29.06
N ARG H 409 11.45 65.04 29.93
CA ARG H 409 11.71 65.23 31.35
C ARG H 409 10.86 64.24 32.13
N GLY H 410 11.31 63.90 33.32
CA GLY H 410 10.52 63.03 34.18
C GLY H 410 10.50 61.57 33.80
N GLY H 411 10.39 60.70 34.80
CA GLY H 411 10.23 59.28 34.56
C GLY H 411 11.47 58.49 34.94
N THR H 412 11.29 57.18 34.94
CA THR H 412 12.39 56.29 35.25
C THR H 412 13.33 56.24 34.05
N ARG H 413 14.56 55.80 34.30
CA ARG H 413 15.62 55.79 33.32
C ARG H 413 15.36 54.81 32.17
N LYS H 414 14.54 53.79 32.39
CA LYS H 414 14.45 52.70 31.43
C LYS H 414 13.39 52.93 30.36
N TYR H 415 12.30 53.61 30.67
CA TYR H 415 11.21 53.76 29.71
C TYR H 415 11.26 55.07 28.93
N ALA H 416 11.74 56.14 29.56
CA ALA H 416 11.76 57.45 28.91
C ALA H 416 12.70 57.47 27.72
N PHE H 417 13.80 56.76 27.79
CA PHE H 417 14.76 56.75 26.71
C PHE H 417 14.49 55.66 25.71
N GLU H 418 13.52 54.80 25.99
CA GLU H 418 12.84 54.07 24.93
C GLU H 418 11.91 55.00 24.16
N LEU H 419 11.17 55.83 24.90
CA LEU H 419 10.17 56.71 24.30
C LEU H 419 10.79 57.76 23.39
N LYS H 420 11.94 58.31 23.79
CA LYS H 420 12.57 59.37 23.00
C LYS H 420 13.05 58.86 21.65
N GLU H 421 13.67 57.69 21.62
CA GLU H 421 14.06 57.11 20.35
C GLU H 421 12.88 56.57 19.55
N LYS H 422 11.79 56.17 20.19
CA LYS H 422 10.61 55.83 19.41
C LYS H 422 9.95 57.07 18.81
N LEU H 423 10.14 58.23 19.43
CA LEU H 423 9.73 59.47 18.78
C LEU H 423 10.59 59.78 17.57
N LEU H 424 11.91 59.77 17.75
CA LEU H 424 12.79 60.28 16.71
C LEU H 424 13.00 59.31 15.55
N ARG H 425 12.52 58.08 15.66
CA ARG H 425 12.56 57.16 14.53
C ARG H 425 11.64 57.62 13.41
N GLY H 426 10.55 58.31 13.75
CA GLY H 426 9.58 58.75 12.78
C GLY H 426 8.46 57.77 12.54
N THR H 427 8.64 56.50 12.89
CA THR H 427 7.57 55.53 12.78
C THR H 427 6.52 55.78 13.85
N VAL H 428 5.37 55.12 13.69
CA VAL H 428 4.29 55.27 14.65
C VAL H 428 4.64 54.49 15.90
N ILE H 429 4.28 55.05 17.06
CA ILE H 429 4.54 54.44 18.36
C ILE H 429 3.28 53.71 18.77
N ASP H 430 3.37 52.39 18.93
CA ASP H 430 2.28 51.64 19.49
C ASP H 430 2.06 52.05 20.95
N VAL H 431 0.81 51.97 21.39
CA VAL H 431 0.45 52.58 22.68
C VAL H 431 0.78 51.53 23.74
N THR H 432 2.08 51.43 24.01
CA THR H 432 2.60 50.69 25.15
C THR H 432 3.79 51.37 25.78
N ASP H 433 4.42 52.34 25.11
CA ASP H 433 5.57 53.06 25.62
C ASP H 433 5.18 54.38 26.27
N PHE H 434 4.19 55.07 25.71
CA PHE H 434 3.67 56.27 26.35
C PHE H 434 2.93 55.91 27.63
N VAL H 435 2.24 54.77 27.63
CA VAL H 435 1.57 54.27 28.83
C VAL H 435 2.59 53.89 29.90
N ASN H 436 3.68 53.22 29.50
CA ASN H 436 4.70 52.82 30.47
C ASN H 436 5.47 54.01 31.00
N TRP H 437 5.72 55.01 30.16
CA TRP H 437 6.34 56.23 30.67
C TRP H 437 5.40 56.99 31.59
N ALA H 438 4.10 56.96 31.30
CA ALA H 438 3.15 57.66 32.14
C ALA H 438 2.90 56.93 33.45
N SER H 439 3.11 55.62 33.49
CA SER H 439 3.12 54.92 34.76
C SER H 439 4.43 55.13 35.49
N SER H 440 5.50 55.35 34.73
CA SER H 440 6.80 55.64 35.31
C SER H 440 6.84 57.00 36.00
N ILE H 441 6.06 57.97 35.49
CA ILE H 441 6.16 59.34 35.96
C ILE H 441 5.67 59.53 37.40
N ASN H 442 5.00 58.51 37.96
CA ASN H 442 4.66 58.56 39.38
C ASN H 442 5.91 58.45 40.25
N ASP H 443 6.95 57.77 39.77
CA ASP H 443 8.15 57.59 40.57
C ASP H 443 9.00 58.85 40.59
N ALA H 444 9.28 59.43 39.42
CA ALA H 444 10.24 60.54 39.28
C ALA H 444 9.55 61.75 38.66
N PRO H 445 8.89 62.57 39.46
CA PRO H 445 8.25 63.77 38.91
C PRO H 445 9.27 64.88 38.69
N VAL H 446 8.91 65.79 37.79
CA VAL H 446 9.72 66.95 37.44
C VAL H 446 8.82 68.16 37.41
N LEU H 447 9.19 69.21 38.14
CA LEU H 447 8.37 70.42 38.21
C LEU H 447 8.27 71.08 36.85
N ILE H 448 7.06 71.54 36.51
CA ILE H 448 6.77 71.93 35.14
C ILE H 448 6.17 73.32 35.01
N SER H 449 5.56 73.89 36.05
CA SER H 449 4.93 75.20 35.95
C SER H 449 4.76 75.74 37.35
N GLN H 450 5.16 76.98 37.55
CA GLN H 450 5.25 77.53 38.89
C GLN H 450 4.83 78.99 38.88
N LYS H 451 4.37 79.46 40.03
CA LYS H 451 4.01 80.86 40.22
C LYS H 451 4.89 81.39 41.34
N LEU H 452 5.87 82.21 40.98
CA LEU H 452 6.95 82.58 41.87
C LEU H 452 6.46 83.54 42.95
N SER H 453 7.36 83.84 43.89
CA SER H 453 7.14 84.74 45.01
C SER H 453 8.49 85.07 45.59
N PRO H 454 8.76 86.33 45.93
CA PRO H 454 10.12 86.71 46.32
C PRO H 454 10.48 86.22 47.70
N ILE H 455 11.77 85.97 47.90
CA ILE H 455 12.24 85.31 49.12
C ILE H 455 12.24 86.24 50.31
N TYR H 456 12.11 87.55 50.11
CA TYR H 456 11.91 88.46 51.23
C TYR H 456 10.45 88.56 51.63
N ASN H 457 9.59 87.70 51.09
CA ASN H 457 8.25 87.48 51.64
C ASN H 457 8.24 86.24 52.51
N LEU H 458 9.41 85.81 52.98
CA LEU H 458 9.56 84.58 53.73
C LEU H 458 10.41 84.72 54.98
N VAL H 459 11.26 85.74 55.06
CA VAL H 459 12.07 86.04 56.24
C VAL H 459 11.18 86.35 57.42
N PRO H 460 11.29 85.62 58.53
CA PRO H 460 10.38 85.84 59.66
C PRO H 460 10.63 87.17 60.35
N VAL H 461 9.60 87.62 61.07
CA VAL H 461 9.62 88.93 61.70
C VAL H 461 9.94 88.83 63.18
N LYS H 462 9.85 87.63 63.77
CA LYS H 462 10.20 87.41 65.17
C LYS H 462 11.68 87.68 65.43
N MET H 463 12.54 87.40 64.46
CA MET H 463 13.97 87.58 64.65
C MET H 463 14.36 89.06 64.61
N LYS H 464 15.55 89.34 65.11
CA LYS H 464 16.01 90.71 65.27
C LYS H 464 16.50 91.28 63.94
N ASN H 465 16.27 92.59 63.77
CA ASN H 465 16.58 93.35 62.55
C ASN H 465 15.94 92.73 61.32
N ALA H 466 14.68 92.31 61.46
CA ALA H 466 14.00 91.61 60.37
C ALA H 466 13.67 92.55 59.22
N HIS H 467 13.19 93.75 59.54
CA HIS H 467 12.81 94.68 58.48
C HIS H 467 14.03 95.22 57.75
N LEU H 468 15.15 95.37 58.44
CA LEU H 468 16.36 95.84 57.76
C LEU H 468 16.90 94.78 56.81
N LYS H 469 16.85 93.50 57.20
CA LYS H 469 17.27 92.44 56.30
C LYS H 469 16.30 92.27 55.14
N LYS H 470 15.01 92.52 55.37
CA LYS H 470 14.07 92.49 54.26
C LYS H 470 14.28 93.67 53.32
N GLN H 471 14.66 94.83 53.87
CA GLN H 471 15.01 95.99 53.06
C GLN H 471 16.28 95.74 52.26
N ASN H 472 17.20 94.94 52.80
CA ASN H 472 18.39 94.58 52.04
C ASN H 472 18.05 93.61 50.92
N LEU H 473 17.25 92.58 51.22
CA LEU H 473 16.93 91.57 50.24
C LEU H 473 15.95 92.05 49.17
N GLU H 474 15.21 93.13 49.42
CA GLU H 474 14.35 93.64 48.37
C GLU H 474 15.11 94.46 47.33
N ARG H 475 16.30 94.95 47.68
CA ARG H 475 17.17 95.62 46.73
C ARG H 475 18.23 94.70 46.14
N ALA H 476 18.59 93.63 46.87
CA ALA H 476 19.58 92.69 46.36
C ALA H 476 19.06 91.93 45.15
N ILE H 477 17.76 91.69 45.09
CA ILE H 477 17.20 91.01 43.92
C ILE H 477 17.21 91.94 42.70
N GLU H 478 16.95 93.23 42.92
CA GLU H 478 17.05 94.20 41.82
C GLU H 478 18.49 94.33 41.33
N ASP H 479 19.45 94.37 42.26
CA ASP H 479 20.86 94.44 41.85
C ASP H 479 21.32 93.16 41.18
N TYR H 480 20.80 92.01 41.62
CA TYR H 480 21.19 90.74 41.00
C TYR H 480 20.61 90.62 39.61
N ILE H 481 19.36 91.05 39.41
CA ILE H 481 18.77 90.95 38.09
C ILE H 481 19.29 92.04 37.17
N ASN H 482 19.86 93.12 37.72
CA ASN H 482 20.43 94.15 36.86
C ASN H 482 21.85 93.80 36.45
N GLU H 483 22.69 93.39 37.42
CA GLU H 483 24.12 93.27 37.14
C GLU H 483 24.48 92.00 36.38
N PHE H 484 23.65 90.97 36.41
CA PHE H 484 23.86 89.80 35.56
C PHE H 484 22.85 89.75 34.42
N SER H 485 22.28 90.90 34.05
CA SER H 485 21.36 90.93 32.92
C SER H 485 22.12 90.79 31.61
N VAL H 486 21.37 90.41 30.57
CA VAL H 486 21.97 90.26 29.24
C VAL H 486 22.16 91.59 28.53
N ARG H 487 21.59 92.66 29.08
CA ARG H 487 21.61 93.97 28.44
C ARG H 487 22.87 94.76 28.72
N LYS H 488 23.97 94.11 29.11
CA LYS H 488 25.27 94.77 29.16
C LYS H 488 26.16 94.39 27.98
N CYS H 489 26.04 93.16 27.48
CA CYS H 489 26.78 92.76 26.30
C CYS H 489 26.18 93.39 25.05
N HIS H 490 27.04 93.91 24.18
CA HIS H 490 26.57 94.51 22.94
C HIS H 490 26.07 93.43 22.00
N THR H 491 24.91 93.67 21.40
CA THR H 491 24.17 92.62 20.71
C THR H 491 24.86 92.22 19.41
N CYS H 492 24.66 90.95 19.04
CA CYS H 492 25.20 90.42 17.80
C CYS H 492 24.30 90.77 16.63
N GLN H 493 24.92 91.01 15.49
CA GLN H 493 24.20 91.39 14.28
C GLN H 493 23.64 90.15 13.59
N ASN H 494 23.03 90.39 12.42
CA ASN H 494 22.49 89.37 11.51
C ASN H 494 21.40 88.51 12.17
N GLY H 495 20.70 89.04 13.17
CA GLY H 495 19.71 88.27 13.88
C GLY H 495 20.26 87.34 14.93
N GLY H 496 21.49 87.54 15.37
CA GLY H 496 22.06 86.69 16.39
C GLY H 496 21.56 87.03 17.79
N THR H 497 20.92 86.07 18.44
CA THR H 497 20.40 86.25 19.78
C THR H 497 21.50 86.01 20.81
N VAL H 498 21.78 87.02 21.62
CA VAL H 498 22.84 86.93 22.62
C VAL H 498 22.32 86.18 23.84
N ILE H 499 23.16 85.32 24.40
CA ILE H 499 22.80 84.52 25.57
C ILE H 499 23.92 84.65 26.60
N LEU H 500 23.58 85.21 27.76
CA LEU H 500 24.55 85.25 28.85
C LEU H 500 24.72 83.85 29.42
N MET H 501 25.96 83.40 29.52
CA MET H 501 26.27 82.06 30.02
C MET H 501 27.69 82.08 30.54
N ASP H 502 27.87 81.77 31.83
CA ASP H 502 29.16 81.73 32.52
C ASP H 502 29.85 83.10 32.50
N GLY H 503 29.07 84.17 32.44
CA GLY H 503 29.65 85.50 32.24
C GLY H 503 30.33 85.67 30.90
N LYS H 504 29.87 84.94 29.88
CA LYS H 504 30.50 84.95 28.56
C LYS H 504 29.38 84.92 27.53
N CYS H 505 29.05 86.09 26.99
CA CYS H 505 27.88 86.25 26.13
C CYS H 505 28.12 85.58 24.78
N LEU H 506 27.58 84.39 24.63
CA LEU H 506 27.64 83.66 23.36
C LEU H 506 26.37 83.92 22.56
N CYS H 507 26.51 84.07 21.25
CA CYS H 507 25.40 84.34 20.37
C CYS H 507 25.08 83.14 19.50
N ALA H 508 23.79 82.92 19.25
CA ALA H 508 23.32 81.85 18.39
C ALA H 508 22.85 82.45 17.06
N CYS H 509 23.36 81.90 15.97
CA CYS H 509 23.11 82.41 14.63
C CYS H 509 22.05 81.58 13.92
N PRO H 510 21.09 82.21 13.24
CA PRO H 510 19.99 81.45 12.64
C PRO H 510 20.32 80.75 11.32
N PHE H 511 20.54 79.44 11.40
CA PHE H 511 20.37 78.46 10.32
C PHE H 511 21.36 78.53 9.16
N LYS H 512 22.16 79.59 9.05
CA LYS H 512 23.08 79.69 7.92
C LYS H 512 24.46 80.19 8.29
N PHE H 513 24.65 80.76 9.47
CA PHE H 513 25.83 81.56 9.76
C PHE H 513 26.69 80.79 10.76
N GLU H 514 27.87 80.38 10.31
CA GLU H 514 28.76 79.61 11.18
C GLU H 514 29.68 80.48 12.01
N GLY H 515 29.76 81.77 11.73
CA GLY H 515 30.68 82.63 12.43
C GLY H 515 30.19 82.98 13.82
N ILE H 516 31.12 83.47 14.65
CA ILE H 516 30.78 83.83 16.01
C ILE H 516 29.93 85.10 16.01
N ALA H 517 30.20 86.02 15.09
CA ALA H 517 29.44 87.25 14.95
C ALA H 517 28.37 87.14 13.86
N CYS H 518 28.01 85.91 13.48
CA CYS H 518 26.96 85.61 12.50
C CYS H 518 27.24 86.23 11.13
N GLU H 519 28.52 86.33 10.75
CA GLU H 519 28.88 87.10 9.57
C GLU H 519 28.95 86.23 8.31
N ILE H 520 29.68 85.13 8.35
CA ILE H 520 29.86 84.29 7.17
C ILE H 520 28.56 83.58 6.83
N SER H 521 28.19 83.62 5.55
CA SER H 521 26.96 83.03 5.07
C SER H 521 27.27 81.89 4.12
N LYS H 522 26.21 81.20 3.69
CA LYS H 522 26.34 80.11 2.72
C LYS H 522 25.22 80.20 1.67
N SER I 18 61.33 79.13 8.47
CA SER I 18 60.44 78.84 9.59
C SER I 18 61.21 78.13 10.69
N HIS I 19 61.64 78.89 11.71
CA HIS I 19 62.42 78.33 12.80
C HIS I 19 62.24 79.23 14.02
N ILE I 20 61.40 78.79 14.97
CA ILE I 20 61.16 79.53 16.20
C ILE I 20 61.54 78.63 17.37
N ASP I 21 62.24 79.19 18.35
CA ASP I 21 62.62 78.46 19.54
C ASP I 21 62.00 79.11 20.78
N CYS I 22 62.08 78.39 21.89
CA CYS I 22 61.56 78.91 23.15
C CYS I 22 62.49 79.99 23.70
N ARG I 23 61.92 80.83 24.55
CA ARG I 23 62.63 81.93 25.17
C ARG I 23 62.29 81.99 26.65
N MET I 24 63.18 82.63 27.41
CA MET I 24 62.95 82.83 28.83
C MET I 24 63.39 84.23 29.24
N SER I 25 62.59 84.85 30.10
CA SER I 25 63.00 86.06 30.77
C SER I 25 64.06 85.73 31.82
N PRO I 26 64.91 86.68 32.19
CA PRO I 26 65.85 86.42 33.28
C PRO I 26 65.14 86.39 34.63
N TRP I 27 65.80 85.75 35.60
CA TRP I 27 65.22 85.58 36.92
C TRP I 27 65.16 86.91 37.65
N SER I 28 64.28 86.98 38.64
CA SER I 28 64.09 88.19 39.43
C SER I 28 65.12 88.22 40.56
N GLU I 29 64.92 89.12 41.50
CA GLU I 29 65.78 89.20 42.68
C GLU I 29 65.22 88.33 43.79
N TRP I 30 66.12 87.85 44.65
CA TRP I 30 65.74 87.05 45.80
C TRP I 30 65.03 87.94 46.81
N SER I 31 63.77 87.59 47.13
CA SER I 31 62.92 88.55 47.83
C SER I 31 63.24 88.65 49.32
N GLN I 32 62.99 87.58 50.07
CA GLN I 32 63.09 87.59 51.53
C GLN I 32 62.93 86.17 52.03
N CYS I 33 63.68 85.80 53.07
CA CYS I 33 63.38 84.60 53.83
C CYS I 33 62.00 84.73 54.47
N ASP I 34 61.04 83.97 53.97
CA ASP I 34 59.74 83.90 54.61
C ASP I 34 59.90 83.15 55.92
N PRO I 35 59.71 83.81 57.07
CA PRO I 35 60.17 83.21 58.33
C PRO I 35 59.31 82.05 58.80
N CYS I 36 58.07 81.97 58.35
CA CYS I 36 57.19 80.88 58.72
C CYS I 36 57.39 79.65 57.82
N LEU I 37 58.24 79.74 56.81
CA LEU I 37 58.55 78.61 55.94
C LEU I 37 60.04 78.42 55.66
N ARG I 38 60.89 79.36 56.08
CA ARG I 38 62.37 79.27 55.98
C ARG I 38 62.87 79.14 54.55
N GLN I 39 62.15 79.72 53.59
CA GLN I 39 62.54 79.62 52.18
C GLN I 39 62.31 80.95 51.50
N MET I 40 63.29 81.42 50.74
CA MET I 40 63.10 82.57 49.87
C MET I 40 62.78 82.10 48.45
N PHE I 41 61.86 82.80 47.81
CA PHE I 41 61.39 82.41 46.49
C PHE I 41 61.79 83.47 45.48
N ARG I 42 61.97 83.04 44.23
CA ARG I 42 62.19 83.98 43.14
C ARG I 42 61.62 83.36 41.88
N SER I 43 61.41 84.19 40.87
CA SER I 43 60.65 83.74 39.70
C SER I 43 61.07 84.51 38.47
N ARG I 44 60.40 84.20 37.36
CA ARG I 44 60.60 84.84 36.07
C ARG I 44 59.32 84.64 35.27
N SER I 45 59.37 84.98 33.98
CA SER I 45 58.22 84.77 33.13
C SER I 45 58.62 84.08 31.83
N ILE I 46 57.68 83.94 30.91
CA ILE I 46 57.92 83.29 29.62
C ILE I 46 57.58 84.30 28.52
N GLU I 47 58.55 84.59 27.66
CA GLU I 47 58.30 85.55 26.60
C GLU I 47 57.58 84.93 25.42
N VAL I 48 58.22 83.97 24.74
CA VAL I 48 57.68 83.38 23.52
C VAL I 48 57.83 81.87 23.61
N PHE I 49 56.72 81.15 23.45
CA PHE I 49 56.75 79.70 23.43
C PHE I 49 57.34 79.21 22.12
N GLY I 50 57.86 77.98 22.15
CA GLY I 50 58.40 77.38 20.95
C GLY I 50 57.31 77.03 19.95
N GLN I 51 57.66 77.12 18.67
CA GLN I 51 56.67 76.97 17.62
C GLN I 51 57.41 76.53 16.36
N PHE I 52 56.70 75.78 15.50
CA PHE I 52 57.21 75.29 14.22
C PHE I 52 58.46 74.44 14.39
N ASN I 53 58.27 73.31 15.08
CA ASN I 53 59.27 72.25 15.23
C ASN I 53 60.53 72.77 15.92
N GLY I 54 60.34 73.40 17.08
CA GLY I 54 61.42 74.01 17.82
C GLY I 54 61.50 73.51 19.25
N LYS I 55 62.32 74.17 20.07
CA LYS I 55 62.55 73.71 21.43
C LYS I 55 61.37 74.05 22.32
N ARG I 56 61.01 73.10 23.17
CA ARG I 56 59.89 73.27 24.09
C ARG I 56 60.35 74.00 25.35
N CYS I 57 59.45 74.80 25.92
CA CYS I 57 59.82 75.63 27.07
C CYS I 57 59.94 74.83 28.36
N THR I 58 59.04 73.88 28.56
CA THR I 58 59.03 72.93 29.70
C THR I 58 58.99 73.64 31.05
N ASP I 59 58.08 74.63 31.16
CA ASP I 59 57.43 75.07 32.41
C ASP I 59 58.40 75.39 33.55
N ALA I 60 59.44 76.17 33.23
CA ALA I 60 60.54 76.37 34.16
C ALA I 60 60.39 77.64 34.98
N VAL I 61 59.17 78.02 35.34
CA VAL I 61 58.94 79.20 36.16
C VAL I 61 58.94 78.80 37.63
N GLY I 62 59.26 79.75 38.49
CA GLY I 62 59.29 79.50 39.92
C GLY I 62 60.55 78.80 40.40
N ASP I 63 61.06 79.20 41.57
CA ASP I 63 62.29 78.65 42.09
C ASP I 63 62.28 78.77 43.61
N ARG I 64 62.92 77.82 44.27
CA ARG I 64 62.96 77.78 45.73
C ARG I 64 64.40 77.58 46.18
N ARG I 65 64.70 78.07 47.39
CA ARG I 65 66.04 77.93 47.95
C ARG I 65 65.94 78.05 49.46
N GLN I 66 66.61 77.15 50.17
CA GLN I 66 66.55 77.15 51.63
C GLN I 66 67.38 78.30 52.18
N CYS I 67 66.89 78.91 53.25
CA CYS I 67 67.66 79.94 53.96
C CYS I 67 67.29 79.91 55.43
N VAL I 68 68.26 80.29 56.25
CA VAL I 68 68.03 80.39 57.70
C VAL I 68 67.11 81.58 57.99
N PRO I 69 66.12 81.45 58.89
CA PRO I 69 65.30 82.62 59.22
C PRO I 69 66.05 83.66 60.03
N THR I 70 66.33 84.79 59.39
CA THR I 70 67.10 85.85 60.03
C THR I 70 66.27 86.65 61.03
N GLU I 71 64.95 86.70 60.83
CA GLU I 71 64.05 87.39 61.75
C GLU I 71 62.77 86.56 61.84
N PRO I 72 62.57 85.81 62.93
CA PRO I 72 61.49 84.83 62.98
C PRO I 72 60.12 85.47 63.11
N CYS I 73 59.13 84.81 62.51
CA CYS I 73 57.74 85.24 62.57
C CYS I 73 57.07 84.72 63.83
N GLU I 74 55.85 85.20 64.06
CA GLU I 74 55.05 84.66 65.15
C GLU I 74 54.57 83.26 64.78
N ASP I 75 54.21 82.49 65.81
CA ASP I 75 53.75 81.11 65.63
C ASP I 75 52.38 81.15 64.96
N ALA I 76 52.34 80.85 63.67
CA ALA I 76 51.13 80.94 62.88
C ALA I 76 50.24 79.74 63.18
N GLU I 77 49.39 79.89 64.19
CA GLU I 77 48.40 78.88 64.53
C GLU I 77 47.10 79.59 64.93
N ASP I 78 45.99 78.96 64.62
CA ASP I 78 44.68 79.57 64.86
C ASP I 78 44.30 79.43 66.32
N ASP I 79 43.38 80.31 66.75
CA ASP I 79 42.95 80.31 68.14
C ASP I 79 42.04 79.12 68.43
N CYS I 80 41.11 78.83 67.52
CA CYS I 80 40.09 77.79 67.65
C CYS I 80 39.28 78.00 68.94
N GLY I 81 38.56 79.11 68.97
CA GLY I 81 37.94 79.58 70.21
C GLY I 81 36.71 78.78 70.58
N ASN I 82 36.72 78.17 71.77
CA ASN I 82 35.57 77.47 72.37
C ASN I 82 35.06 76.31 71.51
N ASP I 83 35.95 75.74 70.71
CA ASP I 83 35.60 74.60 69.87
C ASP I 83 36.57 73.47 70.16
N PHE I 84 36.08 72.24 70.05
CA PHE I 84 36.93 71.08 70.23
C PHE I 84 37.87 70.95 69.04
N GLN I 85 39.14 71.27 69.25
CA GLN I 85 40.15 71.00 68.24
C GLN I 85 40.35 69.50 68.09
N CYS I 86 40.70 69.09 66.88
CA CYS I 86 40.85 67.68 66.55
C CYS I 86 42.30 67.39 66.25
N SER I 87 42.57 66.15 65.82
CA SER I 87 43.91 65.73 65.46
C SER I 87 44.21 65.94 63.98
N THR I 88 43.54 66.88 63.34
CA THR I 88 43.79 67.28 61.96
C THR I 88 44.03 68.76 61.81
N GLY I 89 43.34 69.59 62.58
CA GLY I 89 43.33 71.03 62.39
C GLY I 89 41.95 71.61 62.14
N ARG I 90 40.93 70.77 62.05
CA ARG I 90 39.55 71.21 61.89
C ARG I 90 38.92 71.37 63.27
N CYS I 91 38.15 72.43 63.44
CA CYS I 91 37.52 72.73 64.72
C CYS I 91 36.02 72.49 64.59
N ILE I 92 35.53 71.47 65.27
CA ILE I 92 34.11 71.14 65.26
C ILE I 92 33.50 71.53 66.61
N LYS I 93 32.18 71.45 66.69
CA LYS I 93 31.44 71.85 67.87
C LYS I 93 31.32 70.68 68.84
N MET I 94 30.66 70.94 69.98
CA MET I 94 30.45 69.91 70.98
C MET I 94 29.27 69.01 70.64
N ARG I 95 28.32 69.51 69.84
CA ARG I 95 27.16 68.73 69.41
C ARG I 95 27.55 67.52 68.58
N LEU I 96 28.69 67.55 67.92
CA LEU I 96 29.16 66.47 67.07
C LEU I 96 29.88 65.37 67.84
N ARG I 97 29.82 65.37 69.17
CA ARG I 97 30.52 64.37 69.97
C ARG I 97 29.77 63.05 69.95
N CYS I 98 30.50 61.97 69.61
CA CYS I 98 30.02 60.58 69.63
C CYS I 98 28.80 60.39 68.74
N ASN I 99 28.72 61.13 67.65
CA ASN I 99 27.57 61.07 66.77
C ASN I 99 27.62 59.93 65.78
N GLY I 100 28.71 59.15 65.76
CA GLY I 100 28.85 58.10 64.78
C GLY I 100 29.20 58.58 63.40
N ASP I 101 29.64 59.83 63.25
CA ASP I 101 30.05 60.38 61.97
C ASP I 101 31.47 60.90 62.07
N ASN I 102 32.26 60.59 61.04
CA ASN I 102 33.66 60.98 61.00
C ASN I 102 33.83 62.46 60.72
N ASP I 103 33.79 63.27 61.78
CA ASP I 103 33.70 64.71 61.67
C ASP I 103 35.06 65.40 61.73
N CYS I 104 35.95 64.94 62.61
CA CYS I 104 37.29 65.52 62.66
C CYS I 104 38.16 65.05 61.51
N GLY I 105 37.82 63.93 60.89
CA GLY I 105 38.63 63.37 59.83
C GLY I 105 39.42 62.17 60.30
N ASP I 106 39.97 62.26 61.51
CA ASP I 106 40.69 61.16 62.14
C ASP I 106 39.88 60.54 63.27
N PHE I 107 38.56 60.44 63.07
CA PHE I 107 37.68 59.52 63.79
C PHE I 107 37.61 59.84 65.27
N SER I 108 37.62 61.13 65.60
CA SER I 108 37.67 61.56 66.99
C SER I 108 36.30 61.67 67.63
N ASP I 109 35.31 60.93 67.11
CA ASP I 109 33.99 60.86 67.71
C ASP I 109 33.61 59.47 68.17
N GLU I 110 33.87 58.44 67.35
CA GLU I 110 33.40 57.09 67.63
C GLU I 110 34.38 56.27 68.45
N ASP I 111 35.19 56.91 69.29
CA ASP I 111 36.16 56.17 70.10
C ASP I 111 36.09 56.53 71.58
N ASP I 112 35.72 57.78 71.89
CA ASP I 112 35.97 58.32 73.23
C ASP I 112 34.94 57.82 74.23
N CYS I 113 33.68 58.18 74.04
CA CYS I 113 32.71 58.02 75.11
C CYS I 113 32.09 56.64 75.09
N GLU I 114 31.51 56.26 76.23
CA GLU I 114 30.66 55.08 76.35
C GLU I 114 29.19 55.43 76.25
N SER I 115 28.87 56.63 75.77
CA SER I 115 27.49 57.08 75.66
C SER I 115 26.85 56.49 74.41
N GLU I 116 25.63 56.95 74.10
CA GLU I 116 24.94 56.46 72.93
C GLU I 116 25.55 57.04 71.66
N PRO I 117 25.56 56.29 70.57
CA PRO I 117 26.02 56.85 69.30
C PRO I 117 25.06 57.87 68.71
N ARG I 118 23.78 57.88 69.17
CA ARG I 118 22.64 58.73 68.81
C ARG I 118 22.61 59.18 67.34
N PRO I 119 22.44 58.26 66.39
CA PRO I 119 22.55 58.63 64.99
C PRO I 119 21.36 59.49 64.56
N PRO I 120 21.64 60.66 63.96
CA PRO I 120 20.54 61.53 63.53
C PRO I 120 19.73 60.92 62.41
N CYS I 121 20.36 60.17 61.51
CA CYS I 121 19.63 59.25 60.66
C CYS I 121 19.28 58.02 61.49
N ARG I 122 18.01 57.90 61.86
CA ARG I 122 17.52 56.79 62.66
C ARG I 122 17.33 55.54 61.81
N ASP I 123 16.53 54.60 62.31
CA ASP I 123 16.29 53.31 61.68
C ASP I 123 15.61 53.36 60.31
N ARG I 124 15.32 54.55 59.79
CA ARG I 124 14.93 54.71 58.40
C ARG I 124 16.04 54.23 57.47
N VAL I 125 15.65 53.72 56.31
CA VAL I 125 16.59 53.18 55.34
C VAL I 125 17.35 54.35 54.73
N VAL I 126 18.62 54.50 55.14
CA VAL I 126 19.45 55.62 54.77
C VAL I 126 20.81 55.08 54.33
N GLU I 127 21.27 55.49 53.15
CA GLU I 127 22.49 54.97 52.57
C GLU I 127 23.50 56.10 52.43
N GLU I 128 24.60 55.82 51.74
CA GLU I 128 25.56 56.83 51.35
C GLU I 128 25.44 57.08 49.86
N SER I 129 25.74 58.30 49.43
CA SER I 129 25.46 58.71 48.07
C SER I 129 26.55 58.20 47.12
N GLU I 130 26.36 58.52 45.84
CA GLU I 130 27.36 58.23 44.82
C GLU I 130 27.73 59.43 43.98
N LEU I 131 26.91 60.49 43.99
CA LEU I 131 27.14 61.69 43.23
C LEU I 131 27.58 62.85 44.08
N ALA I 132 27.14 62.90 45.33
CA ALA I 132 27.45 64.01 46.20
C ALA I 132 28.83 63.90 46.82
N ARG I 133 29.44 62.71 46.81
CA ARG I 133 30.68 62.53 47.56
C ARG I 133 31.86 63.17 46.84
N THR I 134 31.75 63.41 45.55
CA THR I 134 32.80 64.07 44.76
C THR I 134 32.29 65.37 44.18
N ALA I 135 31.55 66.15 44.96
CA ALA I 135 30.79 67.28 44.42
C ALA I 135 31.60 68.56 44.30
N GLY I 136 32.92 68.50 44.34
CA GLY I 136 33.68 69.70 44.08
C GLY I 136 34.01 69.88 42.62
N TYR I 137 34.74 68.92 42.05
CA TYR I 137 35.33 69.00 40.73
C TYR I 137 36.05 70.32 40.49
N GLY I 138 37.08 70.56 41.28
CA GLY I 138 37.86 71.79 41.18
C GLY I 138 38.56 71.88 39.84
N ILE I 139 38.06 72.77 38.99
CA ILE I 139 38.30 72.68 37.57
C ILE I 139 39.44 73.63 37.19
N ASN I 140 40.01 73.41 36.01
CA ASN I 140 41.06 74.25 35.49
C ASN I 140 40.56 74.90 34.20
N ILE I 141 41.18 76.02 33.83
CA ILE I 141 40.72 76.84 32.71
C ILE I 141 40.91 76.20 31.35
N LEU I 142 41.67 75.11 31.25
CA LEU I 142 41.81 74.42 29.98
C LEU I 142 40.49 73.76 29.57
N GLY I 143 39.79 73.15 30.53
CA GLY I 143 38.54 72.49 30.24
C GLY I 143 38.42 71.15 30.94
N MET I 144 39.56 70.57 31.30
CA MET I 144 39.58 69.30 32.01
C MET I 144 39.51 69.52 33.51
N ASP I 145 38.97 68.53 34.22
CA ASP I 145 38.56 68.69 35.61
C ASP I 145 39.21 67.71 36.57
N PRO I 146 40.25 68.14 37.30
CA PRO I 146 40.75 67.31 38.40
C PRO I 146 39.77 67.27 39.55
N LEU I 147 39.52 66.07 40.07
CA LEU I 147 38.55 65.84 41.13
C LEU I 147 39.10 66.20 42.50
N SER I 148 40.21 66.94 42.56
CA SER I 148 40.87 67.32 43.80
C SER I 148 39.96 68.32 44.51
N THR I 149 38.97 67.77 45.17
CA THR I 149 37.88 68.52 45.74
C THR I 149 38.37 69.30 46.95
N PRO I 150 38.28 70.63 46.94
CA PRO I 150 38.62 71.37 48.16
C PRO I 150 37.59 71.15 49.24
N PHE I 151 36.36 70.83 48.87
CA PHE I 151 35.32 70.54 49.83
C PHE I 151 35.56 69.18 50.48
N ASP I 152 34.86 68.93 51.57
CA ASP I 152 34.88 67.64 52.25
C ASP I 152 33.45 67.14 52.29
N ASN I 153 33.16 66.12 51.48
CA ASN I 153 31.80 65.58 51.37
C ASN I 153 31.60 64.37 52.26
N GLU I 154 32.24 64.35 53.42
CA GLU I 154 31.93 63.39 54.47
C GLU I 154 31.40 64.06 55.72
N PHE I 155 31.46 65.37 55.80
CA PHE I 155 31.00 66.12 56.97
C PHE I 155 29.50 66.28 56.87
N TYR I 156 28.76 65.66 57.79
CA TYR I 156 27.31 65.73 57.76
C TYR I 156 26.73 66.69 58.79
N ASN I 157 27.51 67.06 59.81
CA ASN I 157 27.15 68.02 60.85
C ASN I 157 25.90 67.59 61.61
N GLY I 158 25.72 66.28 61.79
CA GLY I 158 24.65 65.75 62.62
C GLY I 158 23.25 65.98 62.09
N LEU I 159 23.08 66.05 60.78
CA LEU I 159 21.77 66.23 60.17
C LEU I 159 21.46 65.06 59.26
N CYS I 160 20.17 64.88 58.99
CA CYS I 160 19.70 63.76 58.18
C CYS I 160 18.68 64.30 57.18
N ASN I 161 19.17 64.73 56.02
CA ASN I 161 18.33 65.24 54.94
C ASN I 161 18.35 64.24 53.80
N ARG I 162 17.19 63.74 53.43
CA ARG I 162 17.10 62.70 52.42
C ARG I 162 16.79 63.29 51.06
N ASP I 163 17.37 62.70 50.01
CA ASP I 163 17.12 63.09 48.63
C ASP I 163 16.86 61.83 47.81
N ARG I 164 15.70 61.75 47.18
CA ARG I 164 15.26 60.50 46.61
C ARG I 164 15.97 60.20 45.30
N ASP I 165 15.85 58.94 44.88
CA ASP I 165 16.32 58.47 43.60
C ASP I 165 15.14 57.97 42.80
N GLY I 166 15.20 58.17 41.49
CA GLY I 166 14.12 57.74 40.63
C GLY I 166 14.11 56.24 40.39
N ASN I 167 15.21 55.71 39.88
CA ASN I 167 15.20 54.33 39.42
C ASN I 167 15.34 53.35 40.59
N THR I 168 16.34 53.53 41.44
CA THR I 168 16.63 52.52 42.45
C THR I 168 15.71 52.58 43.66
N LEU I 169 14.98 53.69 43.84
CA LEU I 169 14.05 53.92 44.97
C LEU I 169 14.76 53.79 46.31
N THR I 170 15.78 54.61 46.49
CA THR I 170 16.57 54.64 47.72
C THR I 170 16.43 56.01 48.36
N TYR I 171 17.21 56.25 49.42
CA TYR I 171 17.20 57.54 50.10
C TYR I 171 18.64 57.91 50.41
N TYR I 172 19.28 58.61 49.47
CA TYR I 172 20.65 59.05 49.64
C TYR I 172 20.70 60.23 50.61
N ARG I 173 21.90 60.56 51.05
CA ARG I 173 22.06 61.66 51.99
C ARG I 173 22.54 62.91 51.28
N ARG I 174 22.43 64.02 52.00
CA ARG I 174 22.89 65.32 51.53
C ARG I 174 24.02 65.77 52.43
N PRO I 175 25.26 65.75 51.99
CA PRO I 175 26.36 66.28 52.80
C PRO I 175 26.22 67.77 53.00
N TRP I 176 26.95 68.28 54.00
CA TRP I 176 26.80 69.67 54.41
C TRP I 176 27.29 70.65 53.36
N ASN I 177 28.24 70.24 52.51
CA ASN I 177 28.73 71.18 51.51
C ASN I 177 27.82 71.27 50.30
N VAL I 178 26.91 70.32 50.09
CA VAL I 178 25.96 70.37 48.98
C VAL I 178 24.67 71.00 49.48
N ALA I 179 24.27 72.11 48.85
CA ALA I 179 23.07 72.83 49.27
C ALA I 179 21.81 72.30 48.61
N SER I 180 21.92 71.74 47.42
CA SER I 180 20.76 71.18 46.75
C SER I 180 21.19 70.10 45.78
N LEU I 181 20.34 69.09 45.63
CA LEU I 181 20.71 67.92 44.84
C LEU I 181 19.42 67.26 44.35
N ILE I 182 19.08 67.50 43.10
CA ILE I 182 17.92 66.89 42.49
C ILE I 182 18.39 65.75 41.61
N TYR I 183 17.50 64.79 41.36
CA TYR I 183 17.73 63.74 40.37
C TYR I 183 16.59 63.82 39.37
N GLU I 184 16.74 64.61 38.31
CA GLU I 184 15.78 64.58 37.22
C GLU I 184 16.11 63.43 36.28
N THR I 185 15.48 63.42 35.12
CA THR I 185 15.91 62.55 34.02
C THR I 185 15.66 63.36 32.76
N LYS I 186 16.66 64.11 32.33
CA LYS I 186 16.44 65.08 31.28
C LYS I 186 17.20 64.64 30.04
N GLY I 187 16.51 63.97 29.13
CA GLY I 187 17.13 63.54 27.89
C GLY I 187 16.91 64.58 26.81
N GLU I 188 17.91 64.76 25.96
CA GLU I 188 17.82 65.88 25.02
C GLU I 188 18.69 65.59 23.80
N LYS I 189 18.07 65.31 22.67
CA LYS I 189 18.82 65.04 21.45
C LYS I 189 18.67 66.18 20.46
N ASN I 190 19.79 66.80 20.10
CA ASN I 190 19.82 67.63 18.92
C ASN I 190 20.21 66.77 17.74
N PHE I 191 19.77 67.17 16.56
CA PHE I 191 20.11 66.51 15.31
C PHE I 191 20.10 67.58 14.25
N ARG I 192 21.12 67.60 13.40
CA ARG I 192 21.11 68.49 12.25
C ARG I 192 21.63 67.74 11.04
N THR I 193 21.15 68.12 9.87
CA THR I 193 21.83 67.75 8.63
C THR I 193 21.65 68.86 7.62
N GLU I 194 22.76 69.47 7.24
CA GLU I 194 22.77 70.49 6.22
C GLU I 194 23.29 69.90 4.92
N HIS I 195 22.99 70.59 3.83
CA HIS I 195 23.34 70.08 2.52
C HIS I 195 23.41 71.27 1.58
N TYR I 196 24.50 71.38 0.84
CA TYR I 196 24.63 72.40 -0.18
C TYR I 196 25.10 71.74 -1.46
N GLU I 197 24.64 72.26 -2.58
CA GLU I 197 25.04 71.71 -3.86
C GLU I 197 25.01 72.83 -4.89
N GLU I 198 25.93 72.80 -5.84
CA GLU I 198 25.94 73.80 -6.90
C GLU I 198 26.53 73.19 -8.16
N GLN I 199 25.71 72.92 -9.15
CA GLN I 199 26.23 72.56 -10.46
C GLN I 199 26.32 73.81 -11.31
N ILE I 200 27.27 73.79 -12.25
CA ILE I 200 27.32 74.82 -13.29
C ILE I 200 27.91 74.19 -14.54
N GLU I 201 27.28 74.49 -15.68
CA GLU I 201 27.74 73.99 -16.98
C GLU I 201 27.79 75.19 -17.93
N ALA I 202 28.99 75.69 -18.18
CA ALA I 202 29.21 76.73 -19.18
C ALA I 202 29.64 76.11 -20.49
N PHE I 203 29.44 76.85 -21.57
CA PHE I 203 29.55 76.28 -22.91
C PHE I 203 29.71 77.41 -23.91
N LYS I 204 30.64 77.29 -24.84
CA LYS I 204 30.87 78.33 -25.84
C LYS I 204 31.42 77.70 -27.11
N SER I 205 30.64 77.74 -28.19
CA SER I 205 31.04 77.18 -29.48
C SER I 205 31.12 78.29 -30.52
N ILE I 206 32.08 78.17 -31.45
CA ILE I 206 32.26 79.12 -32.55
C ILE I 206 32.53 78.32 -33.81
N ILE I 207 31.84 78.63 -34.91
CA ILE I 207 32.14 78.10 -36.22
C ILE I 207 32.35 79.27 -37.17
N GLN I 208 33.45 79.27 -37.91
CA GLN I 208 33.71 80.31 -38.88
C GLN I 208 34.06 79.66 -40.21
N GLU I 209 33.73 80.36 -41.30
CA GLU I 209 34.01 79.82 -42.63
C GLU I 209 34.07 80.97 -43.62
N LYS I 210 35.10 80.98 -44.47
CA LYS I 210 35.11 81.83 -45.65
C LYS I 210 35.46 80.97 -46.85
N THR I 211 34.72 81.16 -47.94
CA THR I 211 34.96 80.43 -49.18
C THR I 211 35.04 81.47 -50.29
N SER I 212 36.24 81.79 -50.75
CA SER I 212 36.44 82.77 -51.80
C SER I 212 36.86 82.08 -53.09
N ASN I 213 36.31 82.53 -54.22
CA ASN I 213 36.55 81.91 -55.52
C ASN I 213 36.64 83.00 -56.58
N PHE I 214 37.80 83.14 -57.21
CA PHE I 214 38.03 84.15 -58.24
C PHE I 214 38.38 83.46 -59.54
N ASN I 215 37.71 83.85 -60.63
CA ASN I 215 37.88 83.17 -61.91
C ASN I 215 38.04 84.22 -63.00
N ALA I 216 39.14 84.17 -63.74
CA ALA I 216 39.29 85.00 -64.91
C ALA I 216 38.97 84.17 -66.16
N ALA I 217 39.10 84.81 -67.32
CA ALA I 217 38.89 84.13 -68.59
C ALA I 217 39.64 84.85 -69.72
N PHE I 249 43.57 80.22 -71.58
CA PHE I 249 43.51 81.62 -71.16
C PHE I 249 42.60 81.83 -69.96
N ARG I 250 43.06 81.47 -68.77
CA ARG I 250 42.33 81.79 -67.54
C ARG I 250 43.30 81.84 -66.38
N PHE I 251 42.74 82.04 -65.19
CA PHE I 251 43.47 82.04 -63.92
C PHE I 251 42.44 81.92 -62.81
N SER I 252 42.59 80.93 -61.95
CA SER I 252 41.69 80.75 -60.83
C SER I 252 42.43 80.99 -59.52
N TYR I 253 41.66 81.28 -58.47
CA TYR I 253 42.22 81.43 -57.14
C TYR I 253 41.12 81.14 -56.13
N SER I 254 41.22 80.01 -55.45
CA SER I 254 40.22 79.58 -54.50
C SER I 254 40.82 79.54 -53.10
N LYS I 255 39.94 79.57 -52.10
CA LYS I 255 40.33 79.43 -50.71
C LYS I 255 39.10 79.01 -49.93
N ASN I 256 39.25 77.99 -49.08
CA ASN I 256 38.15 77.49 -48.25
C ASN I 256 38.68 77.37 -46.83
N GLU I 257 38.65 78.46 -46.07
CA GLU I 257 39.11 78.44 -44.69
C GLU I 257 37.93 78.09 -43.79
N THR I 258 38.14 77.14 -42.88
CA THR I 258 37.07 76.63 -42.02
C THR I 258 37.62 76.54 -40.59
N TYR I 259 37.35 77.55 -39.78
CA TYR I 259 37.79 77.56 -38.40
C TYR I 259 36.68 77.04 -37.51
N GLN I 260 37.07 76.42 -36.40
CA GLN I 260 36.10 76.00 -35.41
C GLN I 260 36.75 76.16 -34.04
N LEU I 261 35.91 76.29 -33.01
CA LEU I 261 36.37 76.43 -31.64
C LEU I 261 35.25 75.94 -30.75
N PHE I 262 35.61 75.38 -29.61
CA PHE I 262 34.64 74.70 -28.78
C PHE I 262 35.19 74.68 -27.36
N LEU I 263 34.38 75.08 -26.39
CA LEU I 263 34.81 75.06 -25.00
C LEU I 263 33.65 74.65 -24.11
N SER I 264 33.93 73.76 -23.16
CA SER I 264 32.98 73.39 -22.13
C SER I 264 33.57 73.71 -20.77
N TYR I 265 32.70 73.71 -19.76
CA TYR I 265 33.16 73.81 -18.37
C TYR I 265 32.03 73.25 -17.51
N SER I 266 32.14 71.98 -17.11
CA SER I 266 31.03 71.30 -16.45
C SER I 266 31.46 70.93 -15.03
N SER I 267 31.33 71.87 -14.10
CA SER I 267 31.85 71.66 -12.76
C SER I 267 30.72 71.65 -11.75
N LYS I 268 30.69 70.65 -10.90
CA LYS I 268 29.76 70.61 -9.80
C LYS I 268 30.50 70.71 -8.49
N LYS I 269 29.78 71.09 -7.43
CA LYS I 269 30.31 71.10 -6.09
C LYS I 269 29.22 70.63 -5.14
N GLU I 270 29.64 70.11 -4.01
CA GLU I 270 28.73 69.57 -3.02
C GLU I 270 29.38 69.74 -1.66
N LYS I 271 28.57 69.94 -0.62
CA LYS I 271 29.13 70.10 0.71
C LYS I 271 28.05 69.71 1.71
N MET I 272 28.19 68.54 2.32
CA MET I 272 27.21 68.04 3.25
C MET I 272 27.64 68.43 4.67
N PHE I 273 26.78 68.15 5.65
CA PHE I 273 27.12 68.30 7.05
C PHE I 273 26.09 67.51 7.82
N LEU I 274 26.50 66.92 8.93
CA LEU I 274 25.58 66.20 9.80
C LEU I 274 26.08 66.42 11.22
N HIS I 275 25.18 66.36 12.20
CA HIS I 275 25.58 66.62 13.58
C HIS I 275 24.53 66.01 14.52
N VAL I 276 24.82 64.88 15.07
CA VAL I 276 23.98 64.33 16.13
C VAL I 276 24.58 64.80 17.45
N LYS I 277 23.75 65.07 18.47
CA LYS I 277 24.31 65.37 19.79
C LYS I 277 23.26 65.00 20.84
N GLY I 278 23.39 63.85 21.46
CA GLY I 278 22.38 63.49 22.44
C GLY I 278 22.82 63.52 23.89
N GLU I 279 22.48 64.59 24.61
CA GLU I 279 22.83 64.67 26.01
C GLU I 279 21.83 63.88 26.84
N ILE I 280 22.30 63.39 27.99
CA ILE I 280 21.45 62.74 28.97
C ILE I 280 21.85 63.27 30.34
N HIS I 281 20.96 63.98 31.01
CA HIS I 281 21.29 64.56 32.29
C HIS I 281 20.62 63.75 33.39
N LEU I 282 21.38 63.43 34.44
CA LEU I 282 20.83 62.87 35.67
C LEU I 282 21.17 63.87 36.78
N GLY I 283 20.28 64.84 36.96
CA GLY I 283 20.40 65.70 38.11
C GLY I 283 21.51 66.73 38.02
N ARG I 284 21.78 67.35 39.16
CA ARG I 284 22.71 68.47 39.26
C ARG I 284 23.07 68.64 40.73
N PHE I 285 23.81 69.70 41.04
CA PHE I 285 24.16 70.02 42.42
C PHE I 285 24.52 71.50 42.49
N VAL I 286 24.37 72.08 43.68
CA VAL I 286 24.78 73.45 43.95
C VAL I 286 25.51 73.48 45.28
N MET I 287 26.76 73.93 45.27
CA MET I 287 27.55 73.96 46.49
C MET I 287 27.20 75.21 47.31
N ARG I 288 27.80 75.32 48.49
CA ARG I 288 27.51 76.44 49.37
C ARG I 288 28.62 77.48 49.28
N ASN I 289 28.47 78.55 50.06
CA ASN I 289 29.40 79.67 50.04
C ASN I 289 29.84 80.17 51.40
N ARG I 290 29.08 79.93 52.47
CA ARG I 290 29.47 80.33 53.81
C ARG I 290 29.35 79.15 54.74
N ASP I 291 30.18 79.16 55.80
CA ASP I 291 30.31 78.07 56.79
C ASP I 291 30.62 76.75 56.10
N VAL I 292 31.57 76.78 55.17
CA VAL I 292 31.94 75.65 54.34
C VAL I 292 33.13 74.96 54.99
N VAL I 293 33.07 73.64 55.10
CA VAL I 293 34.22 72.88 55.60
C VAL I 293 35.09 72.46 54.41
N LEU I 294 36.39 72.47 54.63
CA LEU I 294 37.36 72.09 53.61
C LEU I 294 38.08 70.84 54.07
N THR I 295 38.68 70.12 53.11
CA THR I 295 39.35 68.88 53.44
C THR I 295 40.68 69.16 54.16
N THR I 296 41.28 68.09 54.67
CA THR I 296 42.47 68.24 55.51
C THR I 296 43.68 68.63 54.67
N THR I 297 43.81 68.07 53.46
CA THR I 297 44.97 68.30 52.61
C THR I 297 44.90 69.61 51.84
N PHE I 298 44.07 70.55 52.24
CA PHE I 298 43.91 71.80 51.50
C PHE I 298 44.10 73.02 52.38
N VAL I 299 43.66 72.94 53.65
CA VAL I 299 43.91 74.03 54.59
C VAL I 299 45.41 74.15 54.88
N ASP I 300 46.12 73.02 54.89
CA ASP I 300 47.56 73.05 55.06
C ASP I 300 48.26 73.71 53.87
N ASP I 301 47.80 73.41 52.65
CA ASP I 301 48.42 74.00 51.47
C ASP I 301 48.06 75.47 51.31
N ILE I 302 46.94 75.93 51.87
CA ILE I 302 46.73 77.37 51.95
C ILE I 302 47.64 77.97 53.03
N LYS I 303 47.83 77.25 54.14
CA LYS I 303 48.68 77.74 55.22
C LYS I 303 50.16 77.78 54.83
N ALA I 304 50.56 77.05 53.80
CA ALA I 304 51.95 77.04 53.34
C ALA I 304 52.19 78.00 52.17
N LEU I 305 51.36 79.03 52.05
CA LEU I 305 51.57 80.00 50.98
C LEU I 305 52.47 81.15 51.47
N PRO I 306 53.33 81.70 50.61
CA PRO I 306 54.43 82.54 51.09
C PRO I 306 54.05 83.93 51.56
N THR I 307 52.78 84.35 51.40
CA THR I 307 52.13 85.49 52.07
C THR I 307 52.62 86.85 51.54
N THR I 308 53.69 86.87 50.74
CA THR I 308 54.31 88.12 50.30
C THR I 308 54.20 88.32 48.79
N TYR I 309 53.29 87.62 48.13
CA TYR I 309 53.25 87.45 46.67
C TYR I 309 54.62 87.02 46.14
N GLU I 310 54.98 85.80 46.49
CA GLU I 310 56.13 85.14 45.88
C GLU I 310 55.59 84.23 44.78
N LYS I 311 55.98 84.52 43.55
CA LYS I 311 55.31 84.00 42.36
C LYS I 311 55.52 82.49 42.17
N GLY I 312 56.52 81.91 42.81
CA GLY I 312 56.85 80.52 42.54
C GLY I 312 55.87 79.52 43.13
N GLU I 313 55.30 79.81 44.29
CA GLU I 313 54.45 78.85 44.97
C GLU I 313 53.03 78.83 44.42
N TYR I 314 52.54 79.98 43.96
CA TYR I 314 51.14 80.04 43.53
C TYR I 314 50.91 79.33 42.21
N PHE I 315 51.90 79.30 41.33
CA PHE I 315 51.76 78.52 40.10
C PHE I 315 51.85 77.02 40.36
N ALA I 316 52.36 76.59 41.50
CA ALA I 316 52.25 75.20 41.87
C ALA I 316 50.91 74.90 42.55
N PHE I 317 50.43 75.86 43.34
CA PHE I 317 49.14 75.67 44.02
C PHE I 317 47.99 75.62 43.03
N LEU I 318 48.00 76.52 42.04
CA LEU I 318 46.88 76.60 41.10
C LEU I 318 46.85 75.44 40.13
N GLU I 319 47.93 74.68 40.00
CA GLU I 319 47.89 73.46 39.21
C GLU I 319 47.90 72.21 40.08
N THR I 320 48.00 72.35 41.39
CA THR I 320 47.69 71.24 42.25
C THR I 320 46.19 71.15 42.51
N TYR I 321 45.54 72.27 42.80
CA TYR I 321 44.12 72.26 43.18
C TYR I 321 43.22 73.00 42.19
N GLY I 322 43.69 73.21 40.96
CA GLY I 322 42.85 73.84 39.96
C GLY I 322 42.66 75.32 40.14
N THR I 323 42.08 75.98 39.15
CA THR I 323 41.89 77.41 39.20
C THR I 323 40.53 77.78 39.77
N HIS I 324 39.48 77.08 39.38
CA HIS I 324 38.14 77.35 39.86
C HIS I 324 37.52 76.06 40.39
N TYR I 325 36.47 76.20 41.20
CA TYR I 325 35.72 75.04 41.63
C TYR I 325 34.30 75.12 41.06
N SER I 326 33.77 73.96 40.65
CA SER I 326 32.46 73.93 40.04
C SER I 326 31.37 74.14 41.08
N SER I 327 30.95 75.39 41.26
CA SER I 327 29.93 75.72 42.24
C SER I 327 28.54 75.26 41.83
N SER I 328 28.32 74.91 40.57
CA SER I 328 27.02 74.41 40.14
C SER I 328 27.23 73.56 38.89
N GLY I 329 27.22 72.24 39.06
CA GLY I 329 27.43 71.32 37.96
C GLY I 329 26.14 70.69 37.47
N SER I 330 26.32 69.69 36.60
CA SER I 330 25.22 68.88 36.09
C SER I 330 25.82 67.60 35.53
N LEU I 331 25.59 66.47 36.16
CA LEU I 331 26.30 65.27 35.76
C LEU I 331 25.56 64.58 34.62
N GLY I 332 26.00 63.38 34.27
CA GLY I 332 25.48 62.69 33.10
C GLY I 332 26.15 63.15 31.82
N GLY I 333 26.46 62.23 30.91
CA GLY I 333 27.33 62.58 29.81
C GLY I 333 26.81 62.36 28.40
N LEU I 334 27.41 63.07 27.45
CA LEU I 334 26.89 63.18 26.10
C LEU I 334 27.52 62.17 25.16
N TYR I 335 27.11 62.24 23.90
CA TYR I 335 27.82 61.67 22.78
C TYR I 335 27.65 62.61 21.62
N GLU I 336 28.36 62.35 20.52
CA GLU I 336 28.39 63.30 19.41
C GLU I 336 28.95 62.64 18.18
N LEU I 337 28.29 62.85 17.04
CA LEU I 337 28.82 62.50 15.74
C LEU I 337 28.97 63.79 14.95
N ILE I 338 29.94 63.83 14.04
CA ILE I 338 30.09 64.90 13.05
C ILE I 338 30.52 64.25 11.76
N TYR I 339 29.87 64.59 10.65
CA TYR I 339 30.12 63.95 9.36
C TYR I 339 30.31 65.05 8.33
N VAL I 340 31.53 65.49 8.09
CA VAL I 340 31.78 66.61 7.18
C VAL I 340 32.24 66.02 5.87
N LEU I 341 31.35 65.93 4.90
CA LEU I 341 31.79 65.56 3.56
C LEU I 341 32.18 66.84 2.83
N ASP I 342 32.86 66.67 1.70
CA ASP I 342 33.20 67.75 0.80
C ASP I 342 33.52 67.12 -0.54
N LYS I 343 33.09 67.75 -1.60
CA LYS I 343 33.35 67.24 -2.93
C LYS I 343 33.61 68.43 -3.83
N ALA I 344 34.48 68.25 -4.81
CA ALA I 344 34.66 69.28 -5.83
C ALA I 344 35.09 68.58 -7.11
N SER I 345 34.13 68.25 -7.94
CA SER I 345 34.50 67.84 -9.29
C SER I 345 34.84 69.07 -10.11
N MET I 346 35.47 68.85 -11.26
CA MET I 346 35.65 69.90 -12.26
C MET I 346 36.00 69.23 -13.57
N LYS I 347 35.36 69.64 -14.65
CA LYS I 347 35.84 69.32 -15.98
C LYS I 347 36.17 70.62 -16.69
N ARG I 348 37.00 70.51 -17.72
CA ARG I 348 37.11 71.56 -18.72
C ARG I 348 37.63 70.91 -19.98
N LYS I 349 37.26 71.47 -21.12
CA LYS I 349 37.59 70.87 -22.40
C LYS I 349 38.12 71.95 -23.34
N GLY I 350 38.49 71.51 -24.53
CA GLY I 350 38.76 72.41 -25.63
C GLY I 350 38.95 71.61 -26.90
N VAL I 351 38.21 71.95 -27.95
CA VAL I 351 38.24 71.21 -29.21
C VAL I 351 38.44 72.25 -30.30
N GLU I 352 39.61 72.24 -30.92
CA GLU I 352 40.00 73.27 -31.87
C GLU I 352 40.26 72.61 -33.22
N LEU I 353 40.01 73.34 -34.30
CA LEU I 353 40.03 72.72 -35.61
C LEU I 353 40.30 73.80 -36.66
N LYS I 354 41.14 73.49 -37.64
CA LYS I 354 41.47 74.43 -38.71
C LYS I 354 41.62 73.67 -40.01
N ASP I 355 41.40 74.38 -41.11
CA ASP I 355 41.38 73.79 -42.44
C ASP I 355 41.62 74.90 -43.47
N ILE I 356 42.46 74.62 -44.45
CA ILE I 356 42.68 75.49 -45.60
C ILE I 356 42.74 74.60 -46.84
N LYS I 357 41.82 74.79 -47.77
CA LYS I 357 41.73 73.97 -48.97
C LYS I 357 41.92 74.87 -50.19
N ARG I 358 43.16 75.13 -50.55
CA ARG I 358 43.46 75.98 -51.68
C ARG I 358 43.52 75.17 -52.98
N CYS I 359 43.35 75.87 -54.09
CA CYS I 359 43.43 75.25 -55.40
C CYS I 359 43.86 76.32 -56.40
N LEU I 360 44.33 75.85 -57.56
CA LEU I 360 44.61 76.71 -58.69
C LEU I 360 44.66 75.84 -59.93
N GLY I 361 44.30 76.41 -61.07
CA GLY I 361 44.42 75.68 -62.31
C GLY I 361 44.02 76.49 -63.53
N TYR I 362 44.79 76.39 -64.60
CA TYR I 362 44.44 77.13 -65.81
C TYR I 362 44.89 76.38 -67.06
N HIS I 363 44.02 76.47 -68.08
CA HIS I 363 44.29 76.07 -69.45
C HIS I 363 44.79 77.29 -70.22
N LEU I 364 45.91 77.13 -70.92
CA LEU I 364 46.45 78.21 -71.73
C LEU I 364 46.76 77.72 -73.15
N PHE I 379 48.48 73.19 -73.46
CA PHE I 379 49.09 73.58 -72.19
C PHE I 379 48.07 73.37 -71.08
N ASN I 380 48.54 73.08 -69.86
CA ASN I 380 47.68 73.01 -68.69
C ASN I 380 48.56 73.06 -67.45
N LYS I 381 48.09 73.72 -66.41
CA LYS I 381 48.76 73.62 -65.11
C LYS I 381 47.70 73.65 -64.03
N ASP I 382 47.89 72.85 -62.98
CA ASP I 382 47.02 72.95 -61.82
C ASP I 382 47.75 72.45 -60.57
N ASP I 383 47.21 72.81 -59.42
CA ASP I 383 47.59 72.21 -58.16
C ASP I 383 46.42 72.30 -57.19
N CYS I 384 46.44 71.41 -56.20
CA CYS I 384 45.46 71.41 -55.13
C CYS I 384 46.20 71.22 -53.82
N VAL I 385 46.00 72.14 -52.87
CA VAL I 385 46.71 72.12 -51.60
C VAL I 385 45.68 71.96 -50.51
N LYS I 386 45.92 71.03 -49.59
CA LYS I 386 45.06 70.86 -48.43
C LYS I 386 45.91 70.92 -47.16
N ARG I 387 45.35 71.51 -46.12
CA ARG I 387 45.99 71.54 -44.82
C ARG I 387 44.89 71.46 -43.77
N GLY I 388 45.08 70.63 -42.76
CA GLY I 388 44.08 70.52 -41.72
C GLY I 388 44.67 70.16 -40.38
N GLU I 389 44.39 70.96 -39.36
CA GLU I 389 44.92 70.74 -38.04
C GLU I 389 43.77 70.50 -37.07
N GLY I 390 44.03 69.67 -36.07
CA GLY I 390 43.04 69.42 -35.05
C GLY I 390 43.71 69.38 -33.69
N ARG I 391 43.10 69.96 -32.67
CA ARG I 391 43.65 69.92 -31.33
C ARG I 391 42.54 69.59 -30.35
N ALA I 392 42.90 68.91 -29.26
CA ALA I 392 41.91 68.56 -28.26
C ALA I 392 42.58 68.48 -26.90
N VAL I 393 41.89 69.00 -25.89
CA VAL I 393 42.35 68.92 -24.50
C VAL I 393 41.14 68.56 -23.65
N ASN I 394 41.27 67.52 -22.84
CA ASN I 394 40.31 67.25 -21.76
C ASN I 394 41.07 67.30 -20.45
N ILE I 395 40.55 68.02 -19.48
CA ILE I 395 41.15 68.07 -18.15
C ILE I 395 40.05 67.81 -17.14
N THR I 396 40.16 66.70 -16.41
CA THR I 396 39.10 66.28 -15.49
C THR I 396 39.70 66.16 -14.11
N SER I 397 39.46 67.13 -13.25
CA SER I 397 39.97 67.08 -11.89
C SER I 397 38.88 66.70 -10.92
N GLU I 398 39.29 66.17 -9.76
CA GLU I 398 38.33 65.82 -8.73
C GLU I 398 39.01 65.84 -7.38
N ASN I 399 38.37 66.48 -6.41
CA ASN I 399 38.74 66.41 -5.01
C ASN I 399 37.57 65.81 -4.24
N LEU I 400 37.89 65.05 -3.21
CA LEU I 400 36.88 64.54 -2.30
C LEU I 400 37.50 64.48 -0.92
N ILE I 401 36.74 64.88 0.09
CA ILE I 401 37.18 64.84 1.47
C ILE I 401 36.04 64.25 2.28
N ASP I 402 36.34 63.34 3.19
CA ASP I 402 35.38 62.90 4.18
C ASP I 402 36.05 62.97 5.53
N ASP I 403 35.42 63.67 6.46
CA ASP I 403 35.78 63.64 7.87
C ASP I 403 34.62 63.01 8.62
N VAL I 404 34.94 62.18 9.60
CA VAL I 404 34.00 61.70 10.59
C VAL I 404 34.66 61.88 11.93
N VAL I 405 33.95 62.46 12.89
CA VAL I 405 34.39 62.50 14.28
C VAL I 405 33.30 61.86 15.10
N SER I 406 33.67 61.03 16.05
CA SER I 406 32.73 60.56 17.04
C SER I 406 33.34 60.70 18.42
N LEU I 407 32.51 61.03 19.39
CA LEU I 407 32.95 61.23 20.75
C LEU I 407 31.86 60.69 21.66
N ILE I 408 32.24 60.11 22.78
CA ILE I 408 31.26 59.57 23.70
C ILE I 408 31.83 59.58 25.11
N ARG I 409 31.06 60.10 26.06
CA ARG I 409 31.50 60.24 27.44
C ARG I 409 30.51 59.52 28.35
N GLY I 410 30.97 59.08 29.50
CA GLY I 410 30.09 58.47 30.46
C GLY I 410 29.65 57.05 30.14
N GLY I 411 29.42 56.25 31.18
CA GLY I 411 28.88 54.93 31.02
C GLY I 411 29.89 53.84 31.30
N THR I 412 29.39 52.62 31.37
CA THR I 412 30.25 51.47 31.60
C THR I 412 31.01 51.17 30.32
N ARG I 413 32.10 50.42 30.46
CA ARG I 413 33.01 50.12 29.38
C ARG I 413 32.38 49.24 28.31
N LYS I 414 31.37 48.47 28.64
CA LYS I 414 30.89 47.43 27.74
C LYS I 414 29.82 47.91 26.77
N TYR I 415 28.98 48.87 27.17
CA TYR I 415 27.87 49.28 26.32
C TYR I 415 28.17 50.52 25.49
N ALA I 416 28.98 51.44 26.02
CA ALA I 416 29.27 52.70 25.32
C ALA I 416 30.04 52.45 24.04
N PHE I 417 30.93 51.47 24.04
CA PHE I 417 31.74 51.20 22.86
C PHE I 417 31.08 50.21 21.93
N GLU I 418 29.96 49.64 22.35
CA GLU I 418 29.01 49.09 21.39
C GLU I 418 28.28 50.23 20.68
N LEU I 419 27.86 51.24 21.45
CA LEU I 419 27.07 52.34 20.92
C LEU I 419 27.84 53.17 19.91
N LYS I 420 29.13 53.42 20.17
CA LYS I 420 29.93 54.26 19.28
C LYS I 420 30.10 53.63 17.91
N GLU I 421 30.38 52.33 17.87
CA GLU I 421 30.48 51.65 16.59
C GLU I 421 29.14 51.43 15.93
N LYS I 422 28.04 51.34 16.71
CA LYS I 422 26.74 51.32 16.05
C LYS I 422 26.37 52.67 15.47
N LEU I 423 26.91 53.75 16.02
CA LEU I 423 26.77 55.06 15.37
C LEU I 423 27.55 55.11 14.06
N LEU I 424 28.83 54.75 14.11
CA LEU I 424 29.70 55.01 12.97
C LEU I 424 29.53 54.01 11.84
N ARG I 425 28.76 52.95 12.05
CA ARG I 425 28.44 52.04 10.95
C ARG I 425 27.55 52.70 9.91
N GLY I 426 26.73 53.66 10.33
CA GLY I 426 25.81 54.32 9.44
C GLY I 426 24.45 53.67 9.35
N THR I 427 24.34 52.41 9.74
CA THR I 427 23.04 51.74 9.77
C THR I 427 22.21 52.26 10.94
N VAL I 428 20.92 51.94 10.91
CA VAL I 428 20.02 52.38 11.97
C VAL I 428 20.28 51.55 13.22
N ILE I 429 20.21 52.20 14.37
CA ILE I 429 20.44 51.56 15.66
C ILE I 429 19.09 51.20 16.23
N ASP I 430 18.85 49.89 16.42
CA ASP I 430 17.66 49.45 17.13
C ASP I 430 17.71 49.93 18.58
N VAL I 431 16.55 50.18 19.15
CA VAL I 431 16.48 50.88 20.44
C VAL I 431 16.65 49.79 21.50
N THR I 432 17.89 49.36 21.65
CA THR I 432 18.33 48.53 22.76
C THR I 432 19.72 48.88 23.23
N ASP I 433 20.49 49.64 22.46
CA ASP I 433 21.84 50.04 22.83
C ASP I 433 21.88 51.42 23.46
N PHE I 434 21.05 52.34 22.98
CA PHE I 434 20.93 53.64 23.62
C PHE I 434 20.26 53.51 24.98
N VAL I 435 19.30 52.58 25.10
CA VAL I 435 18.66 52.30 26.38
C VAL I 435 19.65 51.66 27.35
N ASN I 436 20.48 50.73 26.87
CA ASN I 436 21.44 50.09 27.75
C ASN I 436 22.55 51.05 28.16
N TRP I 437 22.97 51.94 27.26
CA TRP I 437 23.94 52.95 27.65
C TRP I 437 23.34 53.94 28.64
N ALA I 438 22.04 54.25 28.48
CA ALA I 438 21.41 55.19 29.39
C ALA I 438 21.12 54.56 30.73
N SER I 439 20.99 53.24 30.80
CA SER I 439 20.94 52.58 32.09
C SER I 439 22.33 52.44 32.68
N SER I 440 23.34 52.37 31.81
CA SER I 440 24.73 52.32 32.25
C SER I 440 25.19 53.63 32.87
N ILE I 441 24.63 54.76 32.41
CA ILE I 441 25.14 56.07 32.81
C ILE I 441 24.86 56.39 34.28
N ASN I 442 24.02 55.60 34.95
CA ASN I 442 23.86 55.74 36.39
C ASN I 442 25.12 55.32 37.14
N ASP I 443 25.89 54.39 36.58
CA ASP I 443 27.09 53.91 37.26
C ASP I 443 28.24 54.91 37.15
N ALA I 444 28.53 55.37 35.94
CA ALA I 444 29.71 56.19 35.66
C ALA I 444 29.30 57.53 35.06
N PRO I 445 28.96 58.51 35.89
CA PRO I 445 28.61 59.82 35.36
C PRO I 445 29.85 60.63 35.00
N VAL I 446 29.64 61.59 34.11
CA VAL I 446 30.68 62.49 33.63
C VAL I 446 30.13 63.90 33.64
N LEU I 447 30.83 64.82 34.29
CA LEU I 447 30.38 66.20 34.39
C LEU I 447 30.30 66.85 33.02
N ILE I 448 29.22 67.60 32.79
CA ILE I 448 28.90 68.04 31.44
C ILE I 448 28.68 69.54 31.32
N SER I 449 28.34 70.25 32.39
CA SER I 449 28.07 71.69 32.30
C SER I 449 28.20 72.27 33.68
N GLN I 450 28.93 73.37 33.81
CA GLN I 450 29.30 73.89 35.10
C GLN I 450 29.27 75.41 35.07
N LYS I 451 29.08 76.00 36.24
CA LYS I 451 29.11 77.45 36.42
C LYS I 451 30.21 77.74 37.42
N LEU I 452 31.32 78.27 36.93
CA LEU I 452 32.55 78.35 37.70
C LEU I 452 32.45 79.42 38.78
N SER I 453 33.50 79.49 39.61
CA SER I 453 33.62 80.42 40.71
C SER I 453 35.07 80.40 41.14
N PRO I 454 35.69 81.54 41.40
CA PRO I 454 37.14 81.56 41.65
C PRO I 454 37.50 81.02 43.00
N ILE I 455 38.70 80.43 43.07
CA ILE I 455 39.11 79.69 44.27
C ILE I 455 39.48 80.61 45.42
N TYR I 456 39.67 81.90 45.18
CA TYR I 456 39.84 82.83 46.28
C TYR I 456 38.50 83.32 46.82
N ASN I 457 37.40 82.71 46.40
CA ASN I 457 36.11 82.86 47.08
C ASN I 457 35.86 81.67 48.00
N LEU I 458 36.92 80.96 48.37
CA LEU I 458 36.84 79.74 49.15
C LEU I 458 37.82 79.67 50.30
N VAL I 459 38.92 80.44 50.26
CA VAL I 459 39.91 80.52 51.34
C VAL I 459 39.24 81.07 52.59
N PRO I 460 39.28 80.35 53.71
CA PRO I 460 38.59 80.80 54.91
C PRO I 460 39.24 82.03 55.52
N VAL I 461 38.46 82.75 56.32
CA VAL I 461 38.88 84.01 56.89
C VAL I 461 39.31 83.85 58.34
N LYS I 462 38.97 82.72 58.98
CA LYS I 462 39.40 82.43 60.34
C LYS I 462 40.92 82.31 60.45
N MET I 463 41.58 81.81 59.41
CA MET I 463 43.01 81.60 59.45
C MET I 463 43.76 82.93 59.31
N LYS I 464 45.04 82.90 59.68
CA LYS I 464 45.85 84.10 59.74
C LYS I 464 46.32 84.50 58.35
N ASN I 465 46.42 85.82 58.15
CA ASN I 465 46.79 86.47 56.88
C ASN I 465 45.88 86.02 55.73
N ALA I 466 44.58 85.95 56.02
CA ALA I 466 43.64 85.44 55.04
C ALA I 466 43.43 86.41 53.89
N HIS I 467 43.32 87.71 54.20
CA HIS I 467 43.08 88.69 53.16
C HIS I 467 44.31 88.89 52.28
N LEU I 468 45.51 88.74 52.85
CA LEU I 468 46.72 88.87 52.04
C LEU I 468 46.86 87.70 51.08
N LYS I 469 46.51 86.48 51.53
CA LYS I 469 46.56 85.34 50.63
C LYS I 469 45.46 85.41 49.58
N LYS I 470 44.31 85.99 49.92
CA LYS I 470 43.28 86.20 48.92
C LYS I 470 43.69 87.27 47.92
N GLN I 471 44.41 88.30 48.38
CA GLN I 471 44.96 89.31 47.50
C GLN I 471 46.04 88.73 46.58
N ASN I 472 46.76 87.72 47.06
CA ASN I 472 47.74 87.06 46.20
C ASN I 472 47.03 86.20 45.16
N LEU I 473 46.03 85.42 45.58
CA LEU I 473 45.36 84.51 44.67
C LEU I 473 44.43 85.22 43.69
N GLU I 474 44.02 86.46 43.97
CA GLU I 474 43.21 87.17 42.99
C GLU I 474 44.05 87.74 41.85
N ARG I 475 45.36 87.91 42.06
CA ARG I 475 46.27 88.31 40.99
C ARG I 475 46.98 87.14 40.34
N ALA I 476 47.13 86.03 41.08
CA ALA I 476 47.78 84.86 40.51
C ALA I 476 46.95 84.25 39.39
N ILE I 477 45.63 84.35 39.46
CA ILE I 477 44.79 83.83 38.39
C ILE I 477 44.92 84.70 37.13
N GLU I 478 45.03 86.02 37.32
CA GLU I 478 45.26 86.91 36.18
C GLU I 478 46.62 86.66 35.55
N ASP I 479 47.65 86.46 36.37
CA ASP I 479 48.97 86.16 35.83
C ASP I 479 49.02 84.78 35.17
N TYR I 480 48.27 83.81 35.70
CA TYR I 480 48.25 82.49 35.10
C TYR I 480 47.50 82.50 33.77
N ILE I 481 46.40 83.25 33.69
CA ILE I 481 45.66 83.29 32.44
C ILE I 481 46.35 84.20 31.42
N ASN I 482 47.24 85.08 31.87
CA ASN I 482 47.96 85.92 30.92
C ASN I 482 49.20 85.21 30.39
N GLU I 483 49.99 84.60 31.28
CA GLU I 483 51.31 84.11 30.87
C GLU I 483 51.26 82.78 30.12
N PHE I 484 50.19 82.01 30.28
CA PHE I 484 49.99 80.82 29.46
C PHE I 484 48.89 81.02 28.43
N SER I 485 48.60 82.26 28.06
CA SER I 485 47.61 82.53 27.04
C SER I 485 48.15 82.17 25.66
N VAL I 486 47.23 81.99 24.71
CA VAL I 486 47.63 81.67 23.34
C VAL I 486 48.08 82.90 22.57
N ARG I 487 47.87 84.09 23.13
CA ARG I 487 48.16 85.34 22.43
C ARG I 487 49.61 85.77 22.56
N LYS I 488 50.53 84.86 22.86
CA LYS I 488 51.95 85.15 22.75
C LYS I 488 52.58 84.55 21.51
N CYS I 489 52.10 83.39 21.07
CA CYS I 489 52.59 82.79 19.84
C CYS I 489 52.03 83.54 18.63
N HIS I 490 52.89 83.81 17.66
CA HIS I 490 52.48 84.50 16.45
C HIS I 490 51.61 83.57 15.61
N THR I 491 50.50 84.10 15.12
CA THR I 491 49.44 83.27 14.55
C THR I 491 49.86 82.69 13.20
N CYS I 492 49.30 81.51 12.90
CA CYS I 492 49.55 80.85 11.64
C CYS I 492 48.65 81.41 10.55
N GLN I 493 49.20 81.46 9.34
CA GLN I 493 48.47 82.00 8.20
C GLN I 493 47.54 80.95 7.62
N ASN I 494 46.89 81.32 6.51
CA ASN I 494 46.00 80.47 5.70
C ASN I 494 44.81 79.94 6.49
N GLY I 495 44.39 80.64 7.54
CA GLY I 495 43.30 80.17 8.37
C GLY I 495 43.70 79.13 9.40
N GLY I 496 44.98 79.02 9.71
CA GLY I 496 45.42 78.05 10.70
C GLY I 496 45.18 78.53 12.12
N THR I 497 44.38 77.77 12.87
CA THR I 497 44.07 78.11 14.25
C THR I 497 45.17 77.59 15.17
N VAL I 498 45.79 78.51 15.91
CA VAL I 498 46.89 78.16 16.80
C VAL I 498 46.33 77.58 18.10
N ILE I 499 46.97 76.55 18.61
CA ILE I 499 46.54 75.87 19.84
C ILE I 499 47.75 75.73 20.75
N LEU I 500 47.70 76.36 21.91
CA LEU I 500 48.75 76.16 22.89
C LEU I 500 48.61 74.77 23.50
N MET I 501 49.71 74.02 23.50
CA MET I 501 49.71 72.65 24.01
C MET I 501 51.14 72.29 24.38
N ASP I 502 51.35 71.96 25.66
CA ASP I 502 52.67 71.59 26.22
C ASP I 502 53.68 72.73 26.08
N GLY I 503 53.20 73.97 26.05
CA GLY I 503 54.08 75.09 25.75
C GLY I 503 54.63 75.07 24.35
N LYS I 504 53.89 74.48 23.40
CA LYS I 504 54.36 74.31 22.02
C LYS I 504 53.16 74.56 21.12
N CYS I 505 53.10 75.77 20.56
CA CYS I 505 51.92 76.22 19.82
C CYS I 505 51.85 75.50 18.48
N LEU I 506 50.99 74.48 18.43
CA LEU I 506 50.72 73.75 17.19
C LEU I 506 49.49 74.32 16.52
N CYS I 507 49.53 74.42 15.19
CA CYS I 507 48.43 74.97 14.41
C CYS I 507 47.73 73.87 13.63
N ALA I 508 46.41 73.99 13.51
CA ALA I 508 45.58 73.08 12.75
C ALA I 508 45.14 73.75 11.46
N CYS I 509 45.38 73.09 10.33
CA CYS I 509 45.13 73.62 9.00
C CYS I 509 43.83 73.09 8.44
N PRO I 510 42.99 73.95 7.84
CA PRO I 510 41.67 73.49 7.38
C PRO I 510 41.66 72.73 6.07
N PHE I 511 41.54 71.39 6.17
CA PHE I 511 41.02 70.49 5.15
C PHE I 511 41.86 70.28 3.89
N LYS I 512 42.89 71.09 3.67
CA LYS I 512 43.68 70.94 2.45
C LYS I 512 45.17 71.06 2.66
N PHE I 513 45.63 71.56 3.79
CA PHE I 513 47.00 72.04 3.93
C PHE I 513 47.73 71.08 4.87
N GLU I 514 48.71 70.37 4.33
CA GLU I 514 49.45 69.40 5.13
C GLU I 514 50.66 70.01 5.83
N GLY I 515 51.04 71.24 5.49
CA GLY I 515 52.21 71.84 6.06
C GLY I 515 51.99 72.31 7.48
N ILE I 516 53.09 72.54 8.19
CA ILE I 516 53.01 73.01 9.57
C ILE I 516 52.51 74.45 9.60
N ALA I 517 52.93 75.26 8.62
CA ALA I 517 52.49 76.64 8.51
C ALA I 517 51.33 76.81 7.54
N CYS I 518 50.62 75.70 7.25
CA CYS I 518 49.43 75.68 6.38
C CYS I 518 49.72 76.18 4.97
N GLU I 519 50.92 75.95 4.46
CA GLU I 519 51.35 76.57 3.22
C GLU I 519 51.06 75.72 2.00
N ILE I 520 51.46 74.45 2.01
CA ILE I 520 51.31 73.58 0.85
C ILE I 520 49.84 73.24 0.66
N SER I 521 49.36 73.36 -0.57
CA SER I 521 47.97 73.11 -0.90
C SER I 521 47.86 71.90 -1.83
N LYS I 522 46.62 71.52 -2.13
CA LYS I 522 46.36 70.43 -3.06
C LYS I 522 45.20 70.79 -3.99
N SER J 18 80.32 60.36 -0.77
CA SER J 18 79.51 60.32 0.43
C SER J 18 80.18 59.45 1.48
N HIS J 19 80.89 60.08 2.42
CA HIS J 19 81.62 59.34 3.46
C HIS J 19 81.81 60.28 4.65
N ILE J 20 80.99 60.09 5.69
CA ILE J 20 81.09 60.87 6.91
C ILE J 20 81.33 59.93 8.07
N ASP J 21 82.26 60.29 8.95
CA ASP J 21 82.56 59.50 10.13
C ASP J 21 82.27 60.31 11.39
N CYS J 22 82.27 59.61 12.52
CA CYS J 22 82.05 60.26 13.80
C CYS J 22 83.27 61.07 14.22
N ARG J 23 83.03 62.03 15.10
CA ARG J 23 84.07 62.92 15.58
C ARG J 23 83.92 63.08 17.09
N MET J 24 85.01 63.47 17.74
CA MET J 24 85.01 63.74 19.16
C MET J 24 85.84 64.98 19.47
N SER J 25 85.32 65.81 20.38
CA SER J 25 86.10 66.88 20.96
C SER J 25 87.14 66.29 21.91
N PRO J 26 88.24 66.99 22.16
CA PRO J 26 89.19 66.50 23.16
C PRO J 26 88.64 66.67 24.57
N TRP J 27 89.21 65.89 25.49
CA TRP J 27 88.75 65.90 26.86
C TRP J 27 89.12 67.21 27.55
N SER J 28 88.39 67.51 28.61
CA SER J 28 88.62 68.75 29.37
C SER J 28 89.73 68.52 30.39
N GLU J 29 89.88 69.44 31.32
CA GLU J 29 90.85 69.31 32.39
C GLU J 29 90.20 68.63 33.59
N TRP J 30 91.04 67.94 34.37
CA TRP J 30 90.58 67.28 35.59
C TRP J 30 90.23 68.34 36.64
N SER J 31 88.98 68.34 37.09
CA SER J 31 88.47 69.49 37.83
C SER J 31 88.97 69.52 39.28
N GLN J 32 88.53 68.57 40.09
CA GLN J 32 88.79 68.56 41.53
C GLN J 32 88.31 67.24 42.10
N CYS J 33 89.05 66.70 43.07
CA CYS J 33 88.53 65.63 43.91
C CYS J 33 87.32 66.13 44.66
N ASP J 34 86.14 65.64 44.31
CA ASP J 34 84.94 65.92 45.07
C ASP J 34 85.04 65.18 46.39
N PRO J 35 85.15 65.87 47.53
CA PRO J 35 85.57 65.20 48.76
C PRO J 35 84.50 64.31 49.35
N CYS J 36 83.24 64.55 49.03
CA CYS J 36 82.15 63.73 49.52
C CYS J 36 81.92 62.48 48.67
N LEU J 37 82.66 62.33 47.57
CA LEU J 37 82.57 61.14 46.72
C LEU J 37 83.91 60.57 46.31
N ARG J 38 85.02 61.26 46.59
CA ARG J 38 86.40 60.79 46.35
C ARG J 38 86.69 60.50 44.89
N GLN J 39 86.06 61.25 43.98
CA GLN J 39 86.25 61.03 42.54
C GLN J 39 86.31 62.37 41.85
N MET J 40 87.28 62.55 40.96
CA MET J 40 87.32 63.69 40.08
C MET J 40 86.74 63.31 38.72
N PHE J 41 85.97 64.22 38.14
CA PHE J 41 85.27 63.96 36.89
C PHE J 41 85.82 64.87 35.80
N ARG J 42 85.76 64.39 34.56
CA ARG J 42 86.10 65.22 33.42
C ARG J 42 85.25 64.76 32.24
N SER J 43 85.15 65.61 31.23
CA SER J 43 84.19 65.34 30.17
C SER J 43 84.66 65.98 28.86
N ARG J 44 83.82 65.83 27.85
CA ARG J 44 84.04 66.38 26.52
C ARG J 44 82.68 66.52 25.86
N SER J 45 82.67 66.82 24.56
CA SER J 45 81.41 66.91 23.82
C SER J 45 81.49 66.12 22.52
N ILE J 46 80.46 66.21 21.70
CA ILE J 46 80.38 65.52 20.42
C ILE J 46 80.20 66.56 19.34
N GLU J 47 81.11 66.58 18.36
CA GLU J 47 81.02 67.57 17.30
C GLU J 47 80.02 67.13 16.21
N VAL J 48 80.32 66.04 15.53
CA VAL J 48 79.52 65.59 14.38
C VAL J 48 79.28 64.09 14.52
N PHE J 49 78.02 63.69 14.50
CA PHE J 49 77.67 62.29 14.54
C PHE J 49 77.96 61.64 13.18
N GLY J 50 78.15 60.32 13.22
CA GLY J 50 78.38 59.59 11.99
C GLY J 50 77.14 59.53 11.13
N GLN J 51 77.36 59.51 9.81
CA GLN J 51 76.26 59.60 8.87
C GLN J 51 76.73 58.98 7.56
N PHE J 52 75.76 58.43 6.80
CA PHE J 52 75.98 57.80 5.50
C PHE J 52 76.98 56.66 5.57
N ASN J 53 76.58 55.63 6.33
CA ASN J 53 77.28 54.34 6.42
C ASN J 53 78.70 54.52 6.96
N GLY J 54 78.79 55.20 8.10
CA GLY J 54 80.07 55.50 8.71
C GLY J 54 80.18 55.02 10.14
N LYS J 55 81.21 55.46 10.85
CA LYS J 55 81.47 54.96 12.19
C LYS J 55 80.51 55.62 13.19
N ARG J 56 80.00 54.81 14.11
CA ARG J 56 79.09 55.26 15.14
C ARG J 56 79.85 55.87 16.30
N CYS J 57 79.25 56.88 16.94
CA CYS J 57 79.94 57.60 18.00
C CYS J 57 79.98 56.82 19.31
N THR J 58 78.88 56.12 19.64
CA THR J 58 78.75 55.23 20.80
C THR J 58 79.04 55.95 22.12
N ASP J 59 78.44 57.13 22.28
CA ASP J 59 78.07 57.75 23.57
C ASP J 59 79.20 57.81 24.59
N ALA J 60 80.36 58.29 24.15
CA ALA J 60 81.58 58.20 24.95
C ALA J 60 81.85 59.49 25.74
N VAL J 61 80.82 60.17 26.20
CA VAL J 61 80.99 61.38 27.00
C VAL J 61 81.05 61.00 28.46
N GLY J 62 81.69 61.85 29.26
CA GLY J 62 81.81 61.62 30.69
C GLY J 62 82.89 60.63 31.06
N ASP J 63 83.60 60.90 32.16
CA ASP J 63 84.69 60.04 32.57
C ASP J 63 84.88 60.18 34.08
N ARG J 64 85.31 59.10 34.72
CA ARG J 64 85.49 59.07 36.16
C ARG J 64 86.87 58.51 36.47
N ARG J 65 87.42 58.91 37.62
CA ARG J 65 88.72 58.43 38.05
C ARG J 65 88.82 58.59 39.56
N GLN J 66 89.31 57.55 40.24
CA GLN J 66 89.40 57.59 41.69
C GLN J 66 90.57 58.47 42.12
N CYS J 67 90.37 59.22 43.21
CA CYS J 67 91.44 60.01 43.78
C CYS J 67 91.24 60.10 45.28
N VAL J 68 92.35 60.23 46.00
CA VAL J 68 92.31 60.39 47.46
C VAL J 68 91.78 61.78 47.79
N PRO J 69 90.89 61.94 48.78
CA PRO J 69 90.43 63.28 49.15
C PRO J 69 91.51 64.10 49.83
N THR J 70 92.01 65.12 49.13
CA THR J 70 93.09 65.94 49.65
C THR J 70 92.61 66.94 50.69
N GLU J 71 91.34 67.33 50.63
CA GLU J 71 90.74 68.24 51.60
C GLU J 71 89.31 67.78 51.86
N PRO J 72 89.05 67.12 52.98
CA PRO J 72 87.75 66.46 53.17
C PRO J 72 86.62 67.43 53.43
N CYS J 73 85.44 67.05 52.95
CA CYS J 73 84.22 67.84 53.12
C CYS J 73 83.58 67.53 54.47
N GLU J 74 82.55 68.31 54.81
CA GLU J 74 81.76 68.01 55.99
C GLU J 74 80.89 66.78 55.72
N ASP J 75 80.45 66.14 56.81
CA ASP J 75 79.64 64.94 56.72
C ASP J 75 78.27 65.32 56.21
N ALA J 76 78.02 65.03 54.93
CA ALA J 76 76.78 65.43 54.26
C ALA J 76 75.66 64.51 54.70
N GLU J 77 74.99 64.88 55.79
CA GLU J 77 73.80 64.18 56.25
C GLU J 77 72.79 65.21 56.76
N ASP J 78 71.52 64.88 56.58
CA ASP J 78 70.46 65.81 56.93
C ASP J 78 70.20 65.80 58.43
N ASP J 79 69.60 66.89 58.91
CA ASP J 79 69.33 67.03 60.34
C ASP J 79 68.18 66.12 60.76
N CYS J 80 67.11 66.07 59.95
CA CYS J 80 65.87 65.34 60.23
C CYS J 80 65.29 65.76 61.59
N GLY J 81 64.90 67.03 61.65
CA GLY J 81 64.55 67.66 62.91
C GLY J 81 63.20 67.22 63.43
N ASN J 82 63.18 66.64 64.64
CA ASN J 82 61.96 66.27 65.39
C ASN J 82 61.09 65.28 64.64
N ASP J 83 61.69 64.48 63.76
CA ASP J 83 60.99 63.47 63.00
C ASP J 83 61.64 62.13 63.24
N PHE J 84 60.84 61.07 63.23
CA PHE J 84 61.38 59.72 63.38
C PHE J 84 62.11 59.34 62.10
N GLN J 85 63.44 59.31 62.17
CA GLN J 85 64.23 58.78 61.08
C GLN J 85 64.02 57.28 60.97
N CYS J 86 64.12 56.78 59.75
CA CYS J 86 63.86 55.38 59.46
C CYS J 86 65.15 54.70 59.02
N SER J 87 65.04 53.43 58.63
CA SER J 87 66.18 52.67 58.14
C SER J 87 66.36 52.78 56.63
N THR J 88 65.89 53.86 56.03
CA THR J 88 66.10 54.15 54.62
C THR J 88 66.70 55.53 54.39
N GLY J 89 66.34 56.52 55.20
CA GLY J 89 66.68 57.90 54.94
C GLY J 89 65.47 58.82 54.81
N ARG J 90 64.26 58.27 54.85
CA ARG J 90 63.04 59.06 54.82
C ARG J 90 62.62 59.40 56.24
N CYS J 91 62.18 60.62 56.46
CA CYS J 91 61.78 61.10 57.77
C CYS J 91 60.27 61.26 57.80
N ILE J 92 59.60 60.40 58.57
CA ILE J 92 58.16 60.47 58.72
C ILE J 92 57.82 61.01 60.09
N LYS J 93 56.53 61.28 60.30
CA LYS J 93 56.06 61.88 61.54
C LYS J 93 55.73 60.80 62.57
N MET J 94 55.30 61.23 63.76
CA MET J 94 54.94 60.30 64.81
C MET J 94 53.54 59.74 64.63
N ARG J 95 52.67 60.46 63.90
CA ARG J 95 51.30 60.01 63.62
C ARG J 95 51.26 58.73 62.80
N LEU J 96 52.31 58.46 62.03
CA LEU J 96 52.38 57.27 61.19
C LEU J 96 52.88 56.04 61.93
N ARG J 97 52.96 56.07 63.25
CA ARG J 97 53.45 54.93 64.02
C ARG J 97 52.39 53.85 64.13
N CYS J 98 52.78 52.62 63.75
CA CYS J 98 51.95 51.41 63.87
C CYS J 98 50.63 51.52 63.12
N ASN J 99 50.64 52.24 62.01
CA ASN J 99 49.41 52.49 61.26
C ASN J 99 49.07 51.35 60.30
N GLY J 100 49.90 50.32 60.21
CA GLY J 100 49.67 49.26 59.27
C GLY J 100 49.98 49.61 57.83
N ASP J 101 50.71 50.70 57.60
CA ASP J 101 51.11 51.11 56.26
C ASP J 101 52.62 51.24 56.20
N ASN J 102 53.19 50.72 55.11
CA ASN J 102 54.63 50.73 54.93
C ASN J 102 55.15 52.11 54.57
N ASP J 103 55.43 52.92 55.59
CA ASP J 103 55.72 54.33 55.43
C ASP J 103 57.21 54.63 55.33
N CYS J 104 58.03 53.97 56.14
CA CYS J 104 59.47 54.18 56.03
C CYS J 104 60.06 53.48 54.81
N GLY J 105 59.38 52.48 54.28
CA GLY J 105 59.89 51.72 53.16
C GLY J 105 60.40 50.36 53.60
N ASP J 106 61.07 50.31 54.75
CA ASP J 106 61.54 49.08 55.35
C ASP J 106 60.73 48.70 56.57
N PHE J 107 59.42 48.95 56.51
CA PHE J 107 58.41 48.29 57.34
C PHE J 107 58.57 48.64 58.81
N SER J 108 58.96 49.89 59.09
CA SER J 108 59.28 50.32 60.45
C SER J 108 58.05 50.79 61.22
N ASP J 109 56.86 50.32 60.84
CA ASP J 109 55.63 50.60 61.56
C ASP J 109 54.96 49.37 62.11
N GLU J 110 54.85 48.31 61.31
CA GLU J 110 54.07 47.13 61.69
C GLU J 110 54.89 46.08 62.44
N ASP J 111 55.92 46.50 63.17
CA ASP J 111 56.74 45.54 63.90
C ASP J 111 56.93 45.92 65.37
N ASP J 112 56.93 47.23 65.67
CA ASP J 112 57.45 47.69 66.95
C ASP J 112 56.45 47.50 68.08
N CYS J 113 55.31 48.17 68.00
CA CYS J 113 54.45 48.29 69.16
C CYS J 113 53.49 47.11 69.26
N GLU J 114 52.96 46.92 70.47
CA GLU J 114 51.85 46.00 70.70
C GLU J 114 50.51 46.73 70.74
N SER J 115 50.47 47.96 70.25
CA SER J 115 49.26 48.76 70.25
C SER J 115 48.36 48.35 69.10
N GLU J 116 47.27 49.10 68.90
CA GLU J 116 46.35 48.80 67.82
C GLU J 116 46.95 49.19 66.48
N PRO J 117 46.66 48.43 65.41
CA PRO J 117 47.11 48.85 64.09
C PRO J 117 46.39 50.08 63.56
N ARG J 118 45.22 50.43 64.14
CA ARG J 118 44.30 51.55 63.87
C ARG J 118 44.22 51.97 62.39
N PRO J 119 43.72 51.11 61.50
CA PRO J 119 43.77 51.43 60.08
C PRO J 119 42.83 52.57 59.73
N PRO J 120 43.32 53.62 59.07
CA PRO J 120 42.45 54.74 58.72
C PRO J 120 41.39 54.35 57.71
N CYS J 121 41.71 53.45 56.78
CA CYS J 121 40.68 52.74 56.04
C CYS J 121 40.12 51.67 56.96
N ARG J 122 38.91 51.88 57.45
CA ARG J 122 38.23 50.95 58.35
C ARG J 122 37.63 49.78 57.56
N ASP J 123 36.67 49.09 58.18
CA ASP J 123 36.04 47.90 57.62
C ASP J 123 35.26 48.11 56.32
N ARG J 124 35.23 49.33 55.79
CA ARG J 124 34.74 49.57 54.44
C ARG J 124 35.59 48.80 53.42
N VAL J 125 34.96 48.40 52.33
CA VAL J 125 35.62 47.62 51.29
C VAL J 125 36.59 48.54 50.56
N VAL J 126 37.89 48.35 50.84
CA VAL J 126 38.94 49.23 50.35
C VAL J 126 40.05 48.34 49.80
N GLU J 127 40.48 48.59 48.57
CA GLU J 127 41.45 47.77 47.89
C GLU J 127 42.70 48.58 47.60
N GLU J 128 43.61 48.01 46.82
CA GLU J 128 44.75 48.74 46.29
C GLU J 128 44.54 48.99 44.81
N SER J 129 45.11 50.09 44.31
CA SER J 129 44.80 50.54 42.96
C SER J 129 45.61 49.76 41.94
N GLU J 130 45.38 50.09 40.67
CA GLU J 130 46.16 49.54 39.56
C GLU J 130 46.73 50.60 38.65
N LEU J 131 46.22 51.82 38.70
CA LEU J 131 46.67 52.92 37.86
C LEU J 131 47.48 53.94 38.63
N ALA J 132 47.20 54.11 39.91
CA ALA J 132 47.89 55.11 40.70
C ALA J 132 49.25 54.65 41.19
N ARG J 133 49.52 53.35 41.16
CA ARG J 133 50.74 52.85 41.79
C ARG J 133 51.97 53.15 40.93
N THR J 134 51.79 53.39 39.64
CA THR J 134 52.87 53.73 38.74
C THR J 134 52.68 55.13 38.16
N ALA J 135 52.24 56.09 38.98
CA ALA J 135 51.75 57.36 38.47
C ALA J 135 52.85 58.39 38.23
N GLY J 136 54.11 57.98 38.13
CA GLY J 136 55.12 58.94 37.75
C GLY J 136 55.32 59.02 36.26
N TYR J 137 55.72 57.89 35.67
CA TYR J 137 56.17 57.78 34.27
C TYR J 137 57.17 58.88 33.92
N GLY J 138 58.31 58.85 34.60
CA GLY J 138 59.36 59.81 34.37
C GLY J 138 59.92 59.71 32.96
N ILE J 139 59.58 60.69 32.13
CA ILE J 139 59.63 60.52 30.70
C ILE J 139 60.93 61.13 30.17
N ASN J 140 61.30 60.76 28.95
CA ASN J 140 62.47 61.30 28.30
C ASN J 140 62.02 62.04 27.04
N ILE J 141 62.88 62.94 26.56
CA ILE J 141 62.52 63.84 25.47
C ILE J 141 62.39 63.17 24.12
N LEU J 142 62.83 61.91 23.99
CA LEU J 142 62.64 61.19 22.73
C LEU J 142 61.17 60.90 22.48
N GLY J 143 60.44 60.50 23.53
CA GLY J 143 59.04 60.19 23.39
C GLY J 143 58.65 58.94 24.16
N MET J 144 59.63 58.08 24.44
CA MET J 144 59.39 56.86 25.18
C MET J 144 59.55 57.11 26.66
N ASP J 145 58.85 56.30 27.46
CA ASP J 145 58.63 56.59 28.88
C ASP J 145 59.12 55.48 29.81
N PRO J 146 60.29 55.63 30.42
CA PRO J 146 60.68 54.70 31.49
C PRO J 146 59.85 54.95 32.73
N LEU J 147 59.34 53.86 33.32
CA LEU J 147 58.47 53.90 34.49
C LEU J 147 59.24 54.13 35.78
N SER J 148 60.51 54.55 35.69
CA SER J 148 61.37 54.74 36.85
C SER J 148 60.84 55.96 37.61
N THR J 149 59.81 55.70 38.39
CA THR J 149 59.01 56.72 39.04
C THR J 149 59.81 57.36 40.15
N PRO J 150 60.08 58.66 40.10
CA PRO J 150 60.72 59.29 41.26
C PRO J 150 59.80 59.37 42.45
N PHE J 151 58.50 59.38 42.20
CA PHE J 151 57.52 59.38 43.28
C PHE J 151 57.46 58.01 43.94
N ASP J 152 56.84 57.98 45.11
CA ASP J 152 56.61 56.73 45.83
C ASP J 152 55.11 56.62 46.04
N ASN J 153 54.47 55.71 45.30
CA ASN J 153 53.03 55.55 45.35
C ASN J 153 52.61 54.44 46.30
N GLU J 154 53.34 54.26 47.39
CA GLU J 154 52.90 53.44 48.50
C GLU J 154 52.71 54.22 49.78
N PHE J 155 53.11 55.49 49.79
CA PHE J 155 52.99 56.34 50.97
C PHE J 155 51.57 56.89 51.01
N TYR J 156 50.81 56.50 52.03
CA TYR J 156 49.43 56.94 52.15
C TYR J 156 49.23 58.04 53.19
N ASN J 157 50.19 58.19 54.10
CA ASN J 157 50.20 59.22 55.15
C ASN J 157 48.96 59.15 56.04
N GLY J 158 48.47 57.94 56.29
CA GLY J 158 47.40 57.72 57.24
C GLY J 158 46.06 58.30 56.84
N LEU J 159 45.77 58.40 55.55
CA LEU J 159 44.50 58.91 55.08
C LEU J 159 43.79 57.85 54.24
N CYS J 160 42.47 58.01 54.11
CA CYS J 160 41.65 57.04 53.39
C CYS J 160 40.72 57.83 52.48
N ASN J 161 41.17 58.09 51.26
CA ASN J 161 40.38 58.79 50.25
C ASN J 161 40.03 57.81 49.15
N ARG J 162 38.73 57.63 48.92
CA ARG J 162 38.28 56.63 47.97
C ARG J 162 37.98 57.28 46.62
N ASP J 163 38.27 56.54 45.55
CA ASP J 163 37.98 56.97 44.18
C ASP J 163 37.33 55.82 43.44
N ARG J 164 36.13 56.04 42.93
CA ARG J 164 35.32 54.92 42.46
C ARG J 164 35.79 54.43 41.10
N ASP J 165 35.30 53.24 40.75
CA ASP J 165 35.49 52.66 39.44
C ASP J 165 34.13 52.47 38.78
N GLY J 166 34.11 52.64 37.46
CA GLY J 166 32.87 52.50 36.73
C GLY J 166 32.45 51.05 36.56
N ASN J 167 33.31 50.24 35.96
CA ASN J 167 32.90 48.90 35.56
C ASN J 167 32.88 47.94 36.75
N THR J 168 34.00 47.86 37.48
CA THR J 168 34.13 46.82 38.50
C THR J 168 33.38 47.14 39.79
N LEU J 169 32.98 48.40 40.00
CA LEU J 169 32.28 48.88 41.19
C LEU J 169 33.06 48.58 42.48
N THR J 170 34.27 49.10 42.53
CA THR J 170 35.16 48.94 43.66
C THR J 170 35.46 50.31 44.26
N TYR J 171 36.38 50.35 45.22
CA TYR J 171 36.78 51.61 45.85
C TYR J 171 38.30 51.59 46.01
N TYR J 172 38.99 52.08 44.98
CA TYR J 172 40.44 52.14 44.99
C TYR J 172 40.90 53.28 45.90
N ARG J 173 42.18 53.29 46.21
CA ARG J 173 42.72 54.33 47.09
C ARG J 173 43.42 55.41 46.29
N ARG J 174 43.69 56.51 46.97
CA ARG J 174 44.42 57.63 46.40
C ARG J 174 45.71 57.78 47.18
N PRO J 175 46.85 57.42 46.60
CA PRO J 175 48.14 57.66 47.28
C PRO J 175 48.42 59.15 47.43
N TRP J 176 49.35 59.45 48.34
CA TRP J 176 49.60 60.84 48.71
C TRP J 176 50.23 61.64 47.57
N ASN J 177 50.93 60.99 46.66
CA ASN J 177 51.54 61.74 45.57
C ASN J 177 50.56 62.07 44.46
N VAL J 178 49.43 61.39 44.38
CA VAL J 178 48.41 61.67 43.37
C VAL J 178 47.38 62.63 43.96
N ALA J 179 47.23 63.79 43.35
CA ALA J 179 46.30 64.80 43.85
C ALA J 179 44.89 64.63 43.33
N SER J 180 44.71 64.03 42.16
CA SER J 180 43.38 63.80 41.63
C SER J 180 43.42 62.62 40.68
N LEU J 181 42.33 61.86 40.64
CA LEU J 181 42.29 60.63 39.87
C LEU J 181 40.83 60.34 39.54
N ILE J 182 40.43 60.64 38.31
CA ILE J 182 39.09 60.35 37.86
C ILE J 182 39.15 59.11 36.98
N TYR J 183 38.03 58.43 36.85
CA TYR J 183 37.87 57.34 35.88
C TYR J 183 36.69 57.70 35.00
N GLU J 184 36.93 58.41 33.90
CA GLU J 184 35.88 58.63 32.92
C GLU J 184 35.80 57.41 31.99
N THR J 185 35.06 57.55 30.90
CA THR J 185 35.13 56.59 29.80
C THR J 185 34.97 57.42 28.54
N LYS J 186 36.08 57.87 27.98
CA LYS J 186 36.01 58.86 26.92
C LYS J 186 36.49 58.23 25.63
N GLY J 187 35.56 57.75 24.82
CA GLY J 187 35.92 57.15 23.55
C GLY J 187 35.86 58.20 22.46
N GLU J 188 36.77 58.11 21.50
CA GLU J 188 36.88 59.20 20.52
C GLU J 188 37.50 58.67 19.24
N LYS J 189 36.73 58.56 18.19
CA LYS J 189 37.24 58.07 16.91
C LYS J 189 37.30 59.20 15.90
N ASN J 190 38.48 59.51 15.41
CA ASN J 190 38.61 60.29 14.20
C ASN J 190 38.63 59.34 13.01
N PHE J 191 38.18 59.84 11.87
CA PHE J 191 38.21 59.08 10.62
C PHE J 191 38.37 60.11 9.52
N ARG J 192 39.26 59.84 8.57
CA ARG J 192 39.35 60.69 7.40
C ARG J 192 39.53 59.82 6.17
N THR J 193 39.05 60.30 5.04
CA THR J 193 39.46 59.75 3.76
C THR J 193 39.48 60.86 2.72
N GLU J 194 40.66 61.15 2.22
CA GLU J 194 40.82 62.12 1.16
C GLU J 194 41.03 61.40 -0.16
N HIS J 195 40.80 62.14 -1.24
CA HIS J 195 40.88 61.53 -2.56
C HIS J 195 41.15 62.64 -3.55
N TYR J 196 42.15 62.46 -4.40
CA TYR J 196 42.43 63.40 -5.46
C TYR J 196 42.57 62.62 -6.76
N GLU J 197 42.14 63.23 -7.85
CA GLU J 197 42.25 62.58 -9.14
C GLU J 197 42.40 63.66 -10.20
N GLU J 198 43.18 63.38 -11.24
CA GLU J 198 43.34 64.33 -12.32
C GLU J 198 43.62 63.57 -13.61
N GLN J 199 42.65 63.51 -14.51
CA GLN J 199 42.92 63.02 -15.84
C GLN J 199 43.24 64.17 -16.76
N ILE J 200 44.04 63.92 -17.78
CA ILE J 200 44.24 64.88 -18.85
C ILE J 200 44.50 64.11 -20.14
N GLU J 201 43.87 64.54 -21.22
CA GLU J 201 44.04 63.92 -22.54
C GLU J 201 44.31 65.05 -23.53
N ALA J 202 45.56 65.21 -23.93
CA ALA J 202 45.94 66.16 -24.97
C ALA J 202 46.05 65.42 -26.30
N PHE J 203 45.92 66.18 -27.39
CA PHE J 203 45.74 65.58 -28.70
C PHE J 203 46.07 66.63 -29.75
N LYS J 204 46.85 66.24 -30.77
CA LYS J 204 47.22 67.18 -31.83
C LYS J 204 47.46 66.42 -33.12
N SER J 205 46.61 66.64 -34.12
CA SER J 205 46.71 66.00 -35.42
C SER J 205 46.96 67.03 -36.50
N ILE J 206 47.75 66.64 -37.52
CA ILE J 206 48.05 67.50 -38.67
C ILE J 206 47.98 66.63 -39.92
N ILE J 207 47.27 67.11 -40.95
CA ILE J 207 47.29 66.50 -42.27
C ILE J 207 47.68 67.56 -43.27
N GLN J 208 48.67 67.27 -44.12
CA GLN J 208 49.09 68.19 -45.16
C GLN J 208 49.11 67.47 -46.49
N GLU J 209 48.87 68.21 -47.56
CA GLU J 209 48.85 67.60 -48.89
C GLU J 209 49.10 68.67 -49.92
N LYS J 210 49.99 68.40 -50.87
CA LYS J 210 50.10 69.21 -52.08
C LYS J 210 50.10 68.28 -53.27
N THR J 211 49.31 68.63 -54.30
CA THR J 211 49.23 67.85 -55.53
C THR J 211 49.44 68.83 -56.67
N SER J 212 50.64 68.82 -57.26
CA SER J 212 50.98 69.70 -58.37
C SER J 212 51.06 68.91 -59.67
N ASN J 213 50.52 69.46 -60.75
CA ASN J 213 50.46 68.79 -62.04
C ASN J 213 50.71 69.82 -63.14
N PHE J 214 51.79 69.64 -63.89
CA PHE J 214 52.17 70.54 -64.98
C PHE J 214 52.18 69.76 -66.28
N ASN J 215 51.54 70.30 -67.32
CA ASN J 215 51.38 69.59 -68.58
C ASN J 215 51.69 70.54 -69.72
N ALA J 216 52.66 70.20 -70.56
CA ALA J 216 52.90 70.95 -71.77
C ALA J 216 52.25 70.23 -72.94
N ALA J 217 52.41 70.78 -74.14
CA ALA J 217 51.90 70.17 -75.36
C ALA J 217 52.67 70.65 -76.59
N PHE J 249 55.06 65.14 -78.63
CA PHE J 249 55.40 66.50 -78.28
C PHE J 249 54.71 66.96 -77.00
N ARG J 250 55.19 66.50 -75.84
CA ARG J 250 54.69 67.02 -74.57
C ARG J 250 55.76 66.83 -73.51
N PHE J 251 55.41 67.18 -72.27
CA PHE J 251 56.24 67.00 -71.09
C PHE J 251 55.34 67.18 -69.88
N SER J 252 55.32 66.19 -69.00
CA SER J 252 54.52 66.27 -67.79
C SER J 252 55.44 66.31 -66.56
N TYR J 253 54.88 66.81 -65.46
CA TYR J 253 55.60 66.83 -64.20
C TYR J 253 54.57 66.84 -63.09
N SER J 254 54.46 65.73 -62.37
CA SER J 254 53.49 65.60 -61.30
C SER J 254 54.20 65.41 -59.97
N LYS J 255 53.46 65.69 -58.89
CA LYS J 255 53.96 65.46 -57.54
C LYS J 255 52.74 65.38 -56.63
N ASN J 256 52.72 64.38 -55.76
CA ASN J 256 51.62 64.21 -54.79
C ASN J 256 52.25 63.96 -53.43
N GLU J 257 52.58 65.03 -52.72
CA GLU J 257 53.17 64.89 -51.39
C GLU J 257 52.04 64.89 -50.36
N THR J 258 52.08 63.93 -49.44
CA THR J 258 51.02 63.72 -48.46
C THR J 258 51.68 63.50 -47.10
N TYR J 259 51.77 64.57 -46.31
CA TYR J 259 52.34 64.48 -44.97
C TYR J 259 51.24 64.27 -43.96
N GLN J 260 51.57 63.58 -42.87
CA GLN J 260 50.63 63.45 -41.77
C GLN J 260 51.44 63.44 -40.48
N LEU J 261 50.78 63.79 -39.38
CA LEU J 261 51.40 63.84 -38.07
C LEU J 261 50.29 63.67 -37.05
N PHE J 262 50.63 63.04 -35.93
CA PHE J 262 49.59 62.65 -34.98
C PHE J 262 50.26 62.51 -33.62
N LEU J 263 49.69 63.11 -32.59
CA LEU J 263 50.25 63.00 -31.26
C LEU J 263 49.13 62.91 -30.24
N SER J 264 49.26 61.99 -29.29
CA SER J 264 48.36 61.91 -28.16
C SER J 264 49.16 62.08 -26.87
N TYR J 265 48.44 62.32 -25.78
CA TYR J 265 49.05 62.30 -24.44
C TYR J 265 47.90 62.07 -23.46
N SER J 266 47.73 60.83 -23.04
CA SER J 266 46.55 60.47 -22.23
C SER J 266 47.02 60.01 -20.86
N SER J 267 47.25 60.96 -19.95
CA SER J 267 47.84 60.64 -18.65
C SER J 267 46.85 60.94 -17.54
N LYS J 268 46.64 59.98 -16.66
CA LYS J 268 45.86 60.21 -15.47
C LYS J 268 46.74 60.13 -14.24
N LYS J 269 46.26 60.70 -13.13
CA LYS J 269 46.91 60.59 -11.85
C LYS J 269 45.85 60.44 -10.79
N GLU J 270 46.24 59.84 -9.67
CA GLU J 270 45.32 59.56 -8.58
C GLU J 270 46.13 59.56 -7.30
N LYS J 271 45.53 59.99 -6.20
CA LYS J 271 46.24 60.00 -4.93
C LYS J 271 45.22 59.93 -3.82
N MET J 272 45.11 58.77 -3.18
CA MET J 272 44.13 58.56 -2.14
C MET J 272 44.80 58.84 -0.79
N PHE J 273 44.01 58.81 0.28
CA PHE J 273 44.53 58.87 1.64
C PHE J 273 43.41 58.39 2.55
N LEU J 274 43.77 57.72 3.63
CA LEU J 274 42.80 57.29 4.61
C LEU J 274 43.47 57.39 5.97
N HIS J 275 42.70 57.57 7.03
CA HIS J 275 43.30 57.74 8.35
C HIS J 275 42.24 57.44 9.42
N VAL J 276 42.28 56.28 9.98
CA VAL J 276 41.45 55.98 11.14
C VAL J 276 42.28 56.29 12.37
N LYS J 277 41.66 56.77 13.46
CA LYS J 277 42.42 56.93 14.71
C LYS J 277 41.43 56.87 15.87
N GLY J 278 41.32 55.73 16.52
CA GLY J 278 40.36 55.66 17.60
C GLY J 278 40.95 55.59 19.00
N GLU J 279 40.97 56.71 19.70
CA GLU J 279 41.47 56.71 21.06
C GLU J 279 40.41 56.23 22.02
N ILE J 280 40.84 55.66 23.13
CA ILE J 280 39.96 55.26 24.22
C ILE J 280 40.63 55.68 25.51
N HIS J 281 40.03 56.61 26.24
CA HIS J 281 40.64 57.10 27.47
C HIS J 281 39.91 56.51 28.65
N LEU J 282 40.66 56.01 29.63
CA LEU J 282 40.11 55.63 30.93
C LEU J 282 40.82 56.51 31.97
N GLY J 283 40.24 57.68 32.19
CA GLY J 283 40.70 58.50 33.29
C GLY J 283 42.02 59.20 33.05
N ARG J 284 42.56 59.74 34.13
CA ARG J 284 43.76 60.56 34.09
C ARG J 284 44.30 60.66 35.51
N PHE J 285 45.32 61.49 35.71
CA PHE J 285 45.88 61.73 37.03
C PHE J 285 46.63 63.05 37.02
N VAL J 286 46.75 63.67 38.19
CA VAL J 286 47.53 64.89 38.35
C VAL J 286 48.38 64.75 39.61
N MET J 287 49.69 64.85 39.47
CA MET J 287 50.60 64.69 40.59
C MET J 287 50.67 65.98 41.39
N ARG J 288 51.40 65.96 42.51
CA ARG J 288 51.51 67.12 43.36
C ARG J 288 52.83 67.84 43.12
N ASN J 289 53.05 68.91 43.88
CA ASN J 289 54.23 69.75 43.70
C ASN J 289 54.93 70.14 45.00
N ARG J 290 54.25 70.11 46.14
CA ARG J 290 54.87 70.42 47.42
C ARG J 290 54.55 69.32 48.42
N ASP J 291 55.46 69.12 49.38
CA ASP J 291 55.41 68.05 50.39
C ASP J 291 55.29 66.68 49.73
N VAL J 292 56.12 66.46 48.72
CA VAL J 292 56.09 65.26 47.90
C VAL J 292 57.12 64.28 48.45
N VAL J 293 56.74 63.03 48.61
CA VAL J 293 57.69 62.00 49.02
C VAL J 293 58.28 61.36 47.78
N LEU J 294 59.57 61.03 47.86
CA LEU J 294 60.28 60.40 46.77
C LEU J 294 60.70 58.99 47.19
N THR J 295 60.98 58.14 46.22
CA THR J 295 61.34 56.77 46.53
C THR J 295 62.76 56.70 47.09
N THR J 296 63.12 55.51 47.58
CA THR J 296 64.39 55.35 48.29
C THR J 296 65.57 55.40 47.32
N THR J 297 65.42 54.82 46.14
CA THR J 297 66.50 54.72 45.17
C THR J 297 66.68 56.00 44.35
N PHE J 298 66.17 57.13 44.79
CA PHE J 298 66.28 58.37 44.03
C PHE J 298 66.86 59.51 44.84
N VAL J 299 66.57 59.57 46.14
CA VAL J 299 67.18 60.56 47.01
C VAL J 299 68.67 60.28 47.15
N ASP J 300 69.07 59.01 47.14
CA ASP J 300 70.49 58.66 47.15
C ASP J 300 71.19 59.10 45.88
N ASP J 301 70.55 58.92 44.72
CA ASP J 301 71.17 59.31 43.46
C ASP J 301 71.19 60.82 43.28
N ILE J 302 70.29 61.56 43.93
CA ILE J 302 70.48 63.01 43.99
C ILE J 302 71.61 63.36 44.93
N LYS J 303 71.73 62.63 46.04
CA LYS J 303 72.79 62.88 47.01
C LYS J 303 74.17 62.53 46.49
N ALA J 304 74.27 61.71 45.44
CA ALA J 304 75.54 61.34 44.85
C ALA J 304 75.90 62.18 43.63
N LEU J 305 75.37 63.40 43.55
CA LEU J 305 75.70 64.26 42.43
C LEU J 305 76.91 65.14 42.78
N PRO J 306 77.78 65.43 41.81
CA PRO J 306 79.11 65.96 42.15
C PRO J 306 79.15 67.41 42.61
N THR J 307 78.04 68.14 42.56
CA THR J 307 77.78 69.43 43.24
C THR J 307 78.55 70.60 42.61
N THR J 308 79.49 70.33 41.70
CA THR J 308 80.36 71.36 41.16
C THR J 308 80.16 71.57 39.67
N TYR J 309 79.03 71.12 39.12
CA TYR J 309 78.78 70.95 37.69
C TYR J 309 79.93 70.18 37.03
N GLU J 310 80.00 68.91 37.40
CA GLU J 310 80.87 67.97 36.70
C GLU J 310 80.00 67.21 35.71
N LYS J 311 80.31 67.39 34.42
CA LYS J 311 79.41 67.04 33.33
C LYS J 311 79.19 65.52 33.18
N GLY J 312 80.09 64.71 33.74
CA GLY J 312 80.01 63.28 33.49
C GLY J 312 78.86 62.57 34.21
N GLU J 313 78.53 63.03 35.41
CA GLU J 313 77.53 62.32 36.21
C GLU J 313 76.10 62.67 35.81
N TYR J 314 75.87 63.91 35.35
CA TYR J 314 74.51 64.33 35.06
C TYR J 314 73.96 63.69 33.80
N PHE J 315 74.81 63.39 32.82
CA PHE J 315 74.34 62.65 31.66
C PHE J 315 74.06 61.19 31.95
N ALA J 316 74.56 60.66 33.05
CA ALA J 316 74.13 59.34 33.48
C ALA J 316 72.85 59.42 34.31
N PHE J 317 72.72 60.47 35.12
CA PHE J 317 71.50 60.63 35.92
C PHE J 317 70.27 60.89 35.05
N LEU J 318 70.41 61.73 34.02
CA LEU J 318 69.27 62.09 33.21
C LEU J 318 68.83 60.97 32.28
N GLU J 319 69.65 59.95 32.08
CA GLU J 319 69.22 58.78 31.36
C GLU J 319 69.00 57.58 32.26
N THR J 320 69.27 57.71 33.54
CA THR J 320 68.77 56.73 34.49
C THR J 320 67.33 57.03 34.89
N TYR J 321 67.03 58.30 35.19
CA TYR J 321 65.72 58.65 35.71
C TYR J 321 64.95 59.59 34.80
N GLY J 322 65.30 59.66 33.51
CA GLY J 322 64.55 60.48 32.58
C GLY J 322 64.79 61.96 32.72
N THR J 323 64.29 62.73 31.76
CA THR J 323 64.48 64.17 31.78
C THR J 323 63.33 64.88 32.47
N HIS J 324 62.10 64.48 32.21
CA HIS J 324 60.93 65.09 32.80
C HIS J 324 60.07 64.02 33.45
N TYR J 325 59.19 64.43 34.35
CA TYR J 325 58.20 63.54 34.91
C TYR J 325 56.80 63.96 34.48
N SER J 326 55.95 62.99 34.18
CA SER J 326 54.61 63.30 33.70
C SER J 326 53.74 63.79 34.82
N SER J 327 53.67 65.12 34.99
CA SER J 327 52.88 65.71 36.06
C SER J 327 51.40 65.63 35.81
N SER J 328 50.96 65.33 34.59
CA SER J 328 49.52 65.18 34.31
C SER J 328 49.38 64.29 33.08
N GLY J 329 49.05 63.02 33.30
CA GLY J 329 48.90 62.07 32.22
C GLY J 329 47.44 61.79 31.88
N SER J 330 47.25 60.77 31.05
CA SER J 330 45.92 60.28 30.68
C SER J 330 46.13 58.88 30.11
N LEU J 331 45.67 57.86 30.81
CA LEU J 331 46.00 56.51 30.39
C LEU J 331 44.99 56.02 29.35
N GLY J 332 45.06 54.74 29.00
CA GLY J 332 44.26 54.20 27.92
C GLY J 332 44.89 54.45 26.57
N GLY J 333 44.85 53.48 25.67
CA GLY J 333 45.65 53.57 24.46
C GLY J 333 44.95 53.48 23.14
N LEU J 334 45.60 54.00 22.10
CA LEU J 334 45.00 54.22 20.80
C LEU J 334 45.24 53.07 19.85
N TYR J 335 44.72 53.23 18.63
CA TYR J 335 45.15 52.47 17.47
C TYR J 335 45.11 53.42 16.30
N GLU J 336 45.59 52.97 15.14
CA GLU J 336 45.75 53.86 14.01
C GLU J 336 45.99 53.06 12.73
N LEU J 337 45.29 53.42 11.67
CA LEU J 337 45.57 52.93 10.34
C LEU J 337 45.96 54.13 9.49
N ILE J 338 46.81 53.91 8.49
CA ILE J 338 47.13 54.89 7.45
C ILE J 338 47.22 54.13 6.15
N TYR J 339 46.58 54.62 5.10
CA TYR J 339 46.52 53.92 3.81
C TYR J 339 46.87 54.92 2.73
N VAL J 340 48.14 55.02 2.35
CA VAL J 340 48.57 56.02 1.37
C VAL J 340 48.72 55.31 0.04
N LEU J 341 47.74 55.46 -0.83
CA LEU J 341 47.92 54.97 -2.18
C LEU J 341 48.55 56.08 -3.00
N ASP J 342 49.04 55.73 -4.18
CA ASP J 342 49.55 56.67 -5.16
C ASP J 342 49.55 55.96 -6.50
N LYS J 343 49.18 56.67 -7.54
CA LYS J 343 49.16 56.10 -8.86
C LYS J 343 49.63 57.17 -9.83
N ALA J 344 50.31 56.75 -10.89
CA ALA J 344 50.65 57.69 -11.95
C ALA J 344 50.74 56.89 -13.24
N SER J 345 49.64 56.81 -13.97
CA SER J 345 49.75 56.30 -15.32
C SER J 345 50.30 57.39 -16.22
N MET J 346 50.73 57.00 -17.42
CA MET J 346 51.07 57.94 -18.47
C MET J 346 51.09 57.19 -19.78
N LYS J 347 50.47 57.75 -20.81
CA LYS J 347 50.70 57.30 -22.16
C LYS J 347 51.29 58.46 -22.95
N ARG J 348 51.94 58.13 -24.05
CA ARG J 348 52.22 59.09 -25.10
C ARG J 348 52.42 58.32 -26.39
N LYS J 349 52.08 58.94 -27.50
CA LYS J 349 52.12 58.26 -28.79
C LYS J 349 52.79 59.14 -29.81
N GLY J 350 52.92 58.62 -31.02
CA GLY J 350 53.29 59.39 -32.18
C GLY J 350 53.12 58.57 -33.42
N VAL J 351 52.39 59.08 -34.41
CA VAL J 351 52.10 58.34 -35.64
C VAL J 351 52.44 59.27 -36.78
N GLU J 352 53.50 58.95 -37.51
CA GLU J 352 54.03 59.82 -38.54
C GLU J 352 53.97 59.10 -39.87
N LEU J 353 53.80 59.86 -40.95
CA LEU J 353 53.54 59.24 -42.24
C LEU J 353 53.95 60.21 -43.34
N LYS J 354 54.58 59.67 -44.39
CA LYS J 354 55.02 60.48 -45.52
C LYS J 354 54.82 59.70 -46.80
N ASP J 355 54.70 60.42 -47.91
CA ASP J 355 54.38 59.85 -49.20
C ASP J 355 54.78 60.84 -50.29
N ILE J 356 55.42 60.33 -51.34
CA ILE J 356 55.73 61.10 -52.54
C ILE J 356 55.42 60.21 -53.74
N LYS J 357 54.49 60.64 -54.59
CA LYS J 357 54.07 59.85 -55.73
C LYS J 357 54.34 60.66 -57.00
N ARG J 358 55.57 60.57 -57.50
CA ARG J 358 55.96 61.30 -58.69
C ARG J 358 55.66 60.50 -59.94
N CYS J 359 55.57 61.21 -61.06
CA CYS J 359 55.35 60.57 -62.34
C CYS J 359 55.93 61.47 -63.43
N LEU J 360 56.13 60.88 -64.61
CA LEU J 360 56.50 61.63 -65.80
C LEU J 360 56.20 60.76 -66.99
N GLY J 361 55.87 61.39 -68.11
CA GLY J 361 55.66 60.64 -69.34
C GLY J 361 55.37 61.51 -70.53
N TYR J 362 55.97 61.21 -71.68
CA TYR J 362 55.69 61.98 -72.87
C TYR J 362 55.79 61.15 -74.14
N HIS J 363 54.88 61.44 -75.06
CA HIS J 363 54.90 60.97 -76.43
C HIS J 363 55.61 62.00 -77.29
N LEU J 364 56.56 61.54 -78.11
CA LEU J 364 57.28 62.43 -79.00
C LEU J 364 57.29 61.86 -80.43
N PHE J 379 57.74 57.03 -80.72
CA PHE J 379 58.55 57.27 -79.54
C PHE J 379 57.64 57.35 -78.32
N ASN J 380 58.14 56.96 -77.15
CA ASN J 380 57.42 57.13 -75.89
C ASN J 380 58.43 56.97 -74.76
N LYS J 381 58.24 57.75 -73.69
CA LYS J 381 59.00 57.48 -72.48
C LYS J 381 58.10 57.79 -71.28
N ASP J 382 58.20 56.99 -70.23
CA ASP J 382 57.51 57.33 -68.99
C ASP J 382 58.20 56.67 -67.82
N ASP J 383 57.90 57.18 -66.63
CA ASP J 383 58.24 56.50 -65.39
C ASP J 383 57.26 56.92 -64.30
N CYS J 384 57.15 56.06 -63.29
CA CYS J 384 56.31 56.32 -62.13
C CYS J 384 57.12 55.96 -60.89
N VAL J 385 57.27 56.91 -59.97
CA VAL J 385 58.08 56.73 -58.78
C VAL J 385 57.17 56.86 -57.57
N LYS J 386 57.26 55.91 -56.65
CA LYS J 386 56.51 55.99 -55.40
C LYS J 386 57.46 55.84 -54.24
N ARG J 387 57.20 56.57 -53.17
CA ARG J 387 57.96 56.44 -51.93
C ARG J 387 57.00 56.67 -50.79
N GLY J 388 57.08 55.83 -49.77
CA GLY J 388 56.20 56.00 -48.63
C GLY J 388 56.80 55.51 -47.34
N GLU J 389 56.85 56.37 -46.34
CA GLU J 389 57.44 56.03 -45.05
C GLU J 389 56.39 56.10 -43.97
N GLY J 390 56.52 55.25 -42.97
CA GLY J 390 55.61 55.29 -41.84
C GLY J 390 56.40 55.08 -40.56
N ARG J 391 56.08 55.81 -39.51
CA ARG J 391 56.73 55.65 -38.22
C ARG J 391 55.69 55.64 -37.12
N ALA J 392 55.96 54.89 -36.06
CA ALA J 392 55.03 54.83 -34.95
C ALA J 392 55.80 54.59 -33.66
N VAL J 393 55.38 55.28 -32.60
CA VAL J 393 55.94 55.11 -31.27
C VAL J 393 54.79 55.09 -30.29
N ASN J 394 54.72 54.06 -29.46
CA ASN J 394 53.85 54.07 -28.29
C ASN J 394 54.73 53.92 -27.05
N ILE J 395 54.52 54.77 -26.06
CA ILE J 395 55.25 54.68 -24.79
C ILE J 395 54.22 54.72 -23.67
N THR J 396 54.12 53.64 -22.92
CA THR J 396 53.10 53.51 -21.89
C THR J 396 53.79 53.25 -20.56
N SER J 397 53.90 54.27 -19.72
CA SER J 397 54.53 54.10 -18.42
C SER J 397 53.48 54.04 -17.33
N GLU J 398 53.86 53.43 -16.20
CA GLU J 398 52.96 53.35 -15.07
C GLU J 398 53.76 53.21 -13.79
N ASN J 399 53.41 54.01 -12.79
CA ASN J 399 53.90 53.86 -11.44
C ASN J 399 52.70 53.60 -10.53
N LEU J 400 52.92 52.79 -9.50
CA LEU J 400 51.92 52.58 -8.48
C LEU J 400 52.65 52.38 -7.17
N ILE J 401 52.13 52.97 -6.10
CA ILE J 401 52.69 52.82 -4.77
C ILE J 401 51.53 52.57 -3.82
N ASP J 402 51.67 51.62 -2.92
CA ASP J 402 50.73 51.47 -1.82
C ASP J 402 51.55 51.37 -0.55
N ASP J 403 51.23 52.22 0.42
CA ASP J 403 51.71 52.11 1.78
C ASP J 403 50.52 51.81 2.67
N VAL J 404 50.71 50.95 3.63
CA VAL J 404 49.78 50.74 4.73
C VAL J 404 50.61 50.76 6.00
N VAL J 405 50.17 51.51 7.00
CA VAL J 405 50.77 51.46 8.33
C VAL J 405 49.64 51.14 9.29
N SER J 406 49.88 50.24 10.23
CA SER J 406 48.95 50.05 11.32
C SER J 406 49.73 50.05 12.62
N LEU J 407 49.12 50.60 13.66
CA LEU J 407 49.73 50.68 14.96
C LEU J 407 48.65 50.46 15.99
N ILE J 408 48.99 49.82 17.10
CA ILE J 408 47.99 49.56 18.13
C ILE J 408 48.69 49.44 19.47
N ARG J 409 48.19 50.17 20.47
CA ARG J 409 48.79 50.19 21.80
C ARG J 409 47.75 49.77 22.82
N GLY J 410 48.22 49.24 23.94
CA GLY J 410 47.30 48.88 25.01
C GLY J 410 46.48 47.63 24.79
N GLY J 411 46.16 46.94 25.88
CA GLY J 411 45.28 45.80 25.82
C GLY J 411 46.00 44.49 26.04
N THR J 412 45.21 43.44 26.21
CA THR J 412 45.76 42.11 26.40
C THR J 412 46.28 41.60 25.06
N ARG J 413 47.14 40.59 25.13
CA ARG J 413 47.83 40.05 23.97
C ARG J 413 46.88 39.35 23.00
N LYS J 414 45.74 38.88 23.47
CA LYS J 414 44.91 37.99 22.66
C LYS J 414 43.91 38.73 21.78
N TYR J 415 43.39 39.87 22.22
CA TYR J 415 42.35 40.55 21.47
C TYR J 415 42.87 41.67 20.56
N ALA J 416 43.94 42.35 20.97
CA ALA J 416 44.48 43.46 20.21
C ALA J 416 45.02 43.02 18.86
N PHE J 417 45.61 41.84 18.81
CA PHE J 417 46.20 41.35 17.57
C PHE J 417 45.21 40.56 16.75
N GLU J 418 44.02 40.30 17.30
CA GLU J 418 42.88 40.02 16.46
C GLU J 418 42.38 41.30 15.79
N LEU J 419 42.34 42.39 16.56
CA LEU J 419 41.80 43.65 16.06
C LEU J 419 42.65 44.24 14.95
N LYS J 420 43.97 44.15 15.07
CA LYS J 420 44.87 44.73 14.07
C LYS J 420 44.72 44.06 12.71
N GLU J 421 44.66 42.74 12.70
CA GLU J 421 44.44 42.04 11.45
C GLU J 421 43.01 42.17 10.93
N LYS J 422 42.02 42.39 11.81
CA LYS J 422 40.70 42.70 11.29
C LYS J 422 40.63 44.10 10.70
N LEU J 423 41.50 45.00 11.14
CA LEU J 423 41.63 46.29 10.47
C LEU J 423 42.25 46.12 9.09
N LEU J 424 43.39 45.44 9.02
CA LEU J 424 44.17 45.44 7.79
C LEU J 424 43.63 44.51 6.72
N ARG J 425 42.62 43.69 7.04
CA ARG J 425 41.98 42.89 6.03
C ARG J 425 41.19 43.75 5.05
N GLY J 426 40.69 44.89 5.51
CA GLY J 426 39.88 45.76 4.70
C GLY J 426 38.40 45.49 4.77
N THR J 427 38.00 44.31 5.22
CA THR J 427 36.60 44.01 5.40
C THR J 427 36.05 44.74 6.62
N VAL J 428 34.72 44.77 6.74
CA VAL J 428 34.09 45.43 7.86
C VAL J 428 34.26 44.58 9.10
N ILE J 429 34.48 45.23 10.24
CA ILE J 429 34.67 44.58 11.51
C ILE J 429 33.34 44.59 12.24
N ASP J 430 32.80 43.39 12.50
CA ASP J 430 31.61 43.30 13.34
C ASP J 430 31.93 43.75 14.76
N VAL J 431 30.95 44.32 15.44
CA VAL J 431 31.22 45.02 16.70
C VAL J 431 31.20 43.94 17.77
N THR J 432 32.29 43.20 17.82
CA THR J 432 32.61 42.29 18.91
C THR J 432 34.09 42.27 19.23
N ASP J 433 34.95 42.80 18.36
CA ASP J 433 36.38 42.83 18.58
C ASP J 433 36.85 44.17 19.15
N PHE J 434 36.24 45.25 18.71
CA PHE J 434 36.53 46.55 19.31
C PHE J 434 36.00 46.61 20.73
N VAL J 435 34.85 45.97 20.98
CA VAL J 435 34.30 45.88 22.33
C VAL J 435 35.20 45.03 23.22
N ASN J 436 35.69 43.91 22.70
CA ASN J 436 36.55 43.04 23.50
C ASN J 436 37.91 43.67 23.76
N TRP J 437 38.44 44.41 22.79
CA TRP J 437 39.68 45.14 23.04
C TRP J 437 39.45 46.27 24.05
N ALA J 438 38.28 46.91 24.00
CA ALA J 438 38.01 47.99 24.93
C ALA J 438 37.71 47.47 26.32
N SER J 439 37.24 46.24 26.45
CA SER J 439 37.17 45.63 27.77
C SER J 439 38.54 45.14 28.22
N SER J 440 39.39 44.79 27.26
CA SER J 440 40.75 44.39 27.56
C SER J 440 41.59 45.54 28.07
N ILE J 441 41.31 46.76 27.63
CA ILE J 441 42.18 47.90 27.93
C ILE J 441 42.16 48.29 29.40
N ASN J 442 41.22 47.77 30.19
CA ASN J 442 41.24 47.97 31.63
C ASN J 442 42.43 47.24 32.27
N ASP J 443 42.86 46.12 31.68
CA ASP J 443 43.96 45.35 32.25
C ASP J 443 45.31 46.01 31.99
N ALA J 444 45.59 46.38 30.73
CA ALA J 444 46.90 46.85 30.30
C ALA J 444 46.79 48.24 29.70
N PRO J 445 46.81 49.28 30.51
CA PRO J 445 46.76 50.64 29.98
C PRO J 445 48.11 51.10 29.46
N VAL J 446 48.08 52.06 28.56
CA VAL J 446 49.26 52.65 27.94
C VAL J 446 49.09 54.15 27.95
N LEU J 447 50.08 54.86 28.49
CA LEU J 447 50.01 56.31 28.59
C LEU J 447 49.95 56.95 27.20
N ILE J 448 49.09 57.95 27.05
CA ILE J 448 48.75 58.45 25.72
C ILE J 448 48.91 59.95 25.56
N SER J 449 48.90 60.74 26.63
CA SER J 449 49.00 62.19 26.51
C SER J 449 49.42 62.74 27.87
N GLN J 450 50.42 63.60 27.86
CA GLN J 450 51.05 64.03 29.09
C GLN J 450 51.42 65.50 29.01
N LYS J 451 51.51 66.14 30.17
CA LYS J 451 51.93 67.52 30.29
C LYS J 451 53.17 67.53 31.16
N LEU J 452 54.32 67.74 30.54
CA LEU J 452 55.61 67.51 31.18
C LEU J 452 55.90 68.58 32.22
N SER J 453 57.01 68.37 32.94
CA SER J 453 57.49 69.26 33.98
C SER J 453 58.93 68.86 34.28
N PRO J 454 59.84 69.81 34.43
CA PRO J 454 61.26 69.45 34.52
C PRO J 454 61.61 68.84 35.86
N ILE J 455 62.62 67.95 35.84
CA ILE J 455 62.95 67.15 37.01
C ILE J 455 63.66 67.96 38.08
N TYR J 456 64.16 69.14 37.76
CA TYR J 456 64.67 70.02 38.80
C TYR J 456 63.58 70.85 39.45
N ASN J 457 62.32 70.55 39.18
CA ASN J 457 61.20 71.03 39.97
C ASN J 457 60.74 69.96 40.97
N LEU J 458 61.62 69.00 41.26
CA LEU J 458 61.30 67.85 42.08
C LEU J 458 62.35 67.54 43.14
N VAL J 459 63.59 67.99 42.95
CA VAL J 459 64.68 67.83 43.92
C VAL J 459 64.31 68.56 45.21
N PRO J 460 64.29 67.86 46.34
CA PRO J 460 63.86 68.49 47.59
C PRO J 460 64.88 69.52 48.08
N VAL J 461 64.39 70.41 48.94
CA VAL J 461 65.19 71.54 49.41
C VAL J 461 65.71 71.28 50.82
N LYS J 462 65.17 70.29 51.53
CA LYS J 462 65.65 69.92 52.85
C LYS J 462 67.09 69.40 52.82
N MET J 463 67.47 68.72 51.73
CA MET J 463 68.80 68.16 51.64
C MET J 463 69.85 69.23 51.38
N LYS J 464 71.11 68.87 51.62
CA LYS J 464 72.21 69.82 51.54
C LYS J 464 72.62 70.07 50.10
N ASN J 465 73.04 71.32 49.84
CA ASN J 465 73.42 71.82 48.52
C ASN J 465 72.31 71.62 47.49
N ALA J 466 71.07 71.89 47.90
CA ALA J 466 69.93 71.64 47.04
C ALA J 466 69.87 72.62 45.88
N HIS J 467 70.13 73.90 46.15
CA HIS J 467 70.05 74.90 45.09
C HIS J 467 71.18 74.76 44.09
N LEU J 468 72.35 74.31 44.54
CA LEU J 468 73.46 74.09 43.62
C LEU J 468 73.19 72.92 42.69
N LYS J 469 72.59 71.85 43.22
CA LYS J 469 72.24 70.72 42.37
C LYS J 469 71.09 71.06 41.43
N LYS J 470 70.18 71.94 41.86
CA LYS J 470 69.13 72.40 40.95
C LYS J 470 69.70 73.31 39.88
N GLN J 471 70.70 74.11 40.22
CA GLN J 471 71.41 74.94 39.25
C GLN J 471 72.19 74.09 38.27
N ASN J 472 72.68 72.93 38.70
CA ASN J 472 73.34 72.02 37.78
C ASN J 472 72.33 71.36 36.84
N LEU J 473 71.21 70.88 37.40
CA LEU J 473 70.23 70.17 36.59
C LEU J 473 69.43 71.09 35.68
N GLU J 474 69.40 72.39 35.95
CA GLU J 474 68.70 73.28 35.03
C GLU J 474 69.53 73.60 33.80
N ARG J 475 70.84 73.41 33.87
CA ARG J 475 71.71 73.55 32.71
C ARG J 475 72.02 72.23 32.04
N ALA J 476 71.95 71.13 32.78
CA ALA J 476 72.21 69.81 32.21
C ALA J 476 71.14 69.43 31.20
N ILE J 477 69.90 69.89 31.39
CA ILE J 477 68.86 69.59 30.43
C ILE J 477 69.07 70.38 29.14
N GLU J 478 69.53 71.63 29.26
CA GLU J 478 69.87 72.41 28.07
C GLU J 478 71.04 71.80 27.31
N ASP J 479 72.07 71.35 28.04
CA ASP J 479 73.20 70.70 27.39
C ASP J 479 72.81 69.36 26.78
N TYR J 480 71.90 68.63 27.41
CA TYR J 480 71.47 67.34 26.86
C TYR J 480 70.62 67.54 25.62
N ILE J 481 69.75 68.55 25.62
CA ILE J 481 68.92 68.76 24.44
C ILE J 481 69.71 69.45 23.34
N ASN J 482 70.83 70.08 23.66
CA ASN J 482 71.64 70.69 22.61
C ASN J 482 72.59 69.67 21.99
N GLU J 483 73.29 68.88 22.81
CA GLU J 483 74.38 68.06 22.29
C GLU J 483 73.90 66.79 21.61
N PHE J 484 72.69 66.31 21.91
CA PHE J 484 72.10 65.21 21.16
C PHE J 484 70.99 65.68 20.23
N SER J 485 71.00 66.95 19.86
CA SER J 485 70.01 67.46 18.91
C SER J 485 70.29 66.96 17.51
N VAL J 486 69.27 67.01 16.66
CA VAL J 486 69.41 66.59 15.27
C VAL J 486 70.08 67.64 14.42
N ARG J 487 70.25 68.86 14.95
CA ARG J 487 70.78 69.97 14.18
C ARG J 487 72.30 70.01 14.14
N LYS J 488 72.97 68.89 14.38
CA LYS J 488 74.41 68.80 14.13
C LYS J 488 74.71 68.04 12.85
N CYS J 489 73.91 67.04 12.50
CA CYS J 489 74.09 66.33 11.25
C CYS J 489 73.62 67.17 10.09
N HIS J 490 74.42 67.19 9.03
CA HIS J 490 74.07 67.96 7.84
C HIS J 490 72.91 67.28 7.13
N THR J 491 71.92 68.08 6.72
CA THR J 491 70.64 67.55 6.29
C THR J 491 70.74 66.86 4.93
N CYS J 492 69.87 65.87 4.74
CA CYS J 492 69.81 65.15 3.48
C CYS J 492 68.98 65.91 2.47
N GLN J 493 69.37 65.81 1.20
CA GLN J 493 68.70 66.50 0.12
C GLN J 493 67.46 65.72 -0.33
N ASN J 494 66.82 66.24 -1.37
CA ASN J 494 65.66 65.65 -2.06
C ASN J 494 64.47 65.45 -1.13
N GLY J 495 64.36 66.26 -0.08
CA GLY J 495 63.28 66.10 0.88
C GLY J 495 63.49 65.01 1.90
N GLY J 496 64.73 64.56 2.10
CA GLY J 496 65.01 63.53 3.07
C GLY J 496 65.05 64.07 4.48
N THR J 497 64.17 63.56 5.34
CA THR J 497 64.11 63.98 6.73
C THR J 497 65.13 63.20 7.56
N VAL J 498 66.03 63.92 8.19
CA VAL J 498 67.10 63.31 8.98
C VAL J 498 66.54 62.92 10.35
N ILE J 499 66.95 61.75 10.84
CA ILE J 499 66.50 61.23 12.13
C ILE J 499 67.71 60.78 12.91
N LEU J 500 67.95 61.42 14.05
CA LEU J 500 69.01 60.96 14.94
C LEU J 500 68.58 59.66 15.61
N MET J 501 69.44 58.65 15.53
CA MET J 501 69.14 57.33 16.09
C MET J 501 70.45 56.63 16.33
N ASP J 502 70.71 56.26 17.59
CA ASP J 502 71.93 55.58 18.03
C ASP J 502 73.18 56.41 17.74
N GLY J 503 73.05 57.73 17.72
CA GLY J 503 74.15 58.57 17.28
C GLY J 503 74.53 58.38 15.83
N LYS J 504 73.57 58.01 14.99
CA LYS J 504 73.82 57.70 13.59
C LYS J 504 72.64 58.24 12.79
N CYS J 505 72.83 59.42 12.20
CA CYS J 505 71.75 60.15 11.56
C CYS J 505 71.33 59.47 10.27
N LEU J 506 70.25 58.71 10.33
CA LEU J 506 69.67 58.05 9.17
C LEU J 506 68.56 58.92 8.59
N CYS J 507 68.49 58.99 7.26
CA CYS J 507 67.50 59.79 6.57
C CYS J 507 66.45 58.92 5.91
N ALA J 508 65.20 59.38 5.94
CA ALA J 508 64.08 58.71 5.28
C ALA J 508 63.71 59.46 4.02
N CYS J 509 63.64 58.74 2.90
CA CYS J 509 63.40 59.31 1.58
C CYS J 509 61.95 59.14 1.17
N PRO J 510 61.31 60.17 0.63
CA PRO J 510 59.88 60.07 0.32
C PRO J 510 59.52 59.31 -0.96
N PHE J 511 59.08 58.07 -0.79
CA PHE J 511 58.23 57.31 -1.72
C PHE J 511 58.85 56.88 -3.04
N LYS J 512 60.03 57.39 -3.40
CA LYS J 512 60.61 57.02 -4.68
C LYS J 512 62.10 56.74 -4.63
N PHE J 513 62.79 57.13 -3.57
CA PHE J 513 64.24 57.23 -3.58
C PHE J 513 64.80 56.12 -2.69
N GLU J 514 65.49 55.16 -3.30
CA GLU J 514 66.04 54.05 -2.54
C GLU J 514 67.42 54.33 -1.98
N GLY J 515 68.07 55.41 -2.41
CA GLY J 515 69.42 55.69 -1.98
C GLY J 515 69.48 56.22 -0.56
N ILE J 516 70.67 56.17 0.02
CA ILE J 516 70.86 56.65 1.38
C ILE J 516 70.77 58.18 1.41
N ALA J 517 71.26 58.83 0.36
CA ALA J 517 71.20 60.27 0.24
C ALA J 517 70.01 60.73 -0.61
N CYS J 518 69.02 59.85 -0.79
CA CYS J 518 67.78 60.12 -1.54
C CYS J 518 68.03 60.53 -2.99
N GLU J 519 69.08 59.97 -3.60
CA GLU J 519 69.52 60.44 -4.91
C GLU J 519 68.89 59.69 -6.06
N ILE J 520 68.96 58.36 -6.03
CA ILE J 520 68.45 57.55 -7.14
C ILE J 520 66.93 57.59 -7.17
N SER J 521 66.37 57.83 -8.35
CA SER J 521 64.93 57.95 -8.53
C SER J 521 64.42 56.80 -9.39
N LYS J 522 63.10 56.75 -9.55
CA LYS J 522 62.47 55.75 -10.41
C LYS J 522 61.35 56.40 -11.24
N SER K 18 92.68 37.17 -11.14
CA SER K 18 92.02 37.35 -9.85
C SER K 18 92.54 36.35 -8.83
N HIS K 19 93.49 36.78 -8.00
CA HIS K 19 94.11 35.89 -7.02
C HIS K 19 94.66 36.75 -5.88
N ILE K 20 93.93 36.80 -4.77
CA ILE K 20 94.36 37.56 -3.59
C ILE K 20 94.48 36.58 -2.42
N ASP K 21 95.55 36.71 -1.65
CA ASP K 21 95.77 35.88 -0.47
C ASP K 21 95.82 36.75 0.77
N CYS K 22 95.76 36.08 1.93
CA CYS K 22 95.85 36.79 3.19
C CYS K 22 97.28 37.26 3.45
N ARG K 23 97.40 38.26 4.31
CA ARG K 23 98.68 38.86 4.66
C ARG K 23 98.73 39.06 6.16
N MET K 24 99.96 39.16 6.68
CA MET K 24 100.17 39.45 8.09
C MET K 24 101.31 40.42 8.26
N SER K 25 101.14 41.36 9.18
CA SER K 25 102.22 42.20 9.65
C SER K 25 103.16 41.37 10.51
N PRO K 26 104.43 41.76 10.61
CA PRO K 26 105.33 41.05 11.54
C PRO K 26 105.00 41.37 12.98
N TRP K 27 105.43 40.48 13.87
CA TRP K 27 105.14 40.63 15.29
C TRP K 27 105.91 41.80 15.88
N SER K 28 105.40 42.30 17.00
CA SER K 28 106.03 43.44 17.68
C SER K 28 107.14 42.94 18.59
N GLU K 29 107.62 43.81 19.47
CA GLU K 29 108.63 43.43 20.44
C GLU K 29 107.96 42.96 21.73
N TRP K 30 108.66 42.10 22.45
CA TRP K 30 108.19 41.59 23.73
C TRP K 30 108.23 42.71 24.75
N SER K 31 107.08 43.06 25.34
CA SER K 31 106.97 44.31 26.08
C SER K 31 107.62 44.22 27.47
N GLN K 32 107.03 43.43 28.36
CA GLN K 32 107.43 43.36 29.76
C GLN K 32 106.68 42.22 30.43
N CYS K 33 107.37 41.52 31.34
CA CYS K 33 106.67 40.63 32.27
C CYS K 33 105.71 41.44 33.12
N ASP K 34 104.43 41.28 32.90
CA ASP K 34 103.43 41.87 33.77
C ASP K 34 103.47 41.14 35.10
N PRO K 35 103.87 41.80 36.19
CA PRO K 35 104.24 41.05 37.40
C PRO K 35 103.04 40.48 38.13
N CYS K 36 101.86 41.05 37.93
CA CYS K 36 100.64 40.53 38.56
C CYS K 36 100.02 39.39 37.78
N LEU K 37 100.57 39.04 36.62
CA LEU K 37 100.08 37.91 35.83
C LEU K 37 101.18 36.99 35.31
N ARG K 38 102.46 37.36 35.45
CA ARG K 38 103.63 36.56 35.10
C ARG K 38 103.68 36.19 33.63
N GLN K 39 103.18 37.05 32.75
CA GLN K 39 103.14 36.78 31.32
C GLN K 39 103.47 38.05 30.56
N MET K 40 104.36 37.95 29.58
CA MET K 40 104.60 39.05 28.65
C MET K 40 103.80 38.81 27.38
N PHE K 41 103.24 39.88 26.85
CA PHE K 41 102.36 39.79 25.68
C PHE K 41 103.02 40.50 24.51
N ARG K 42 102.70 40.05 23.30
CA ARG K 42 103.12 40.76 22.10
C ARG K 42 102.06 40.51 21.03
N SER K 43 102.07 41.34 19.99
CA SER K 43 100.97 41.34 19.05
C SER K 43 101.44 41.80 17.68
N ARG K 44 100.50 41.87 16.76
CA ARG K 44 100.71 42.33 15.40
C ARG K 44 99.36 42.81 14.87
N SER K 45 99.30 43.10 13.56
CA SER K 45 98.04 43.49 12.96
C SER K 45 97.77 42.69 11.69
N ILE K 46 96.71 43.05 10.97
CA ILE K 46 96.33 42.38 9.73
C ILE K 46 96.30 43.42 8.63
N GLU K 47 97.08 43.19 7.57
CA GLU K 47 97.13 44.15 6.47
C GLU K 47 95.96 43.98 5.53
N VAL K 48 95.88 42.84 4.85
CA VAL K 48 94.88 42.61 3.81
C VAL K 48 94.28 41.23 4.02
N PHE K 49 92.95 41.17 4.16
CA PHE K 49 92.26 39.90 4.27
C PHE K 49 92.22 39.18 2.94
N GLY K 50 92.07 37.87 3.00
CA GLY K 50 91.97 37.08 1.78
C GLY K 50 90.67 37.35 1.05
N GLN K 51 90.74 37.24 -0.27
CA GLN K 51 89.61 37.62 -1.12
C GLN K 51 89.75 36.88 -2.43
N PHE K 52 88.61 36.59 -3.06
CA PHE K 52 88.50 35.92 -4.37
C PHE K 52 89.18 34.55 -4.34
N ASN K 53 88.62 33.66 -3.51
CA ASN K 53 88.96 32.24 -3.44
C ASN K 53 90.43 32.05 -3.06
N GLY K 54 90.81 32.68 -1.95
CA GLY K 54 92.18 32.66 -1.49
C GLY K 54 92.31 32.19 -0.06
N LYS K 55 93.49 32.34 0.52
CA LYS K 55 93.75 31.81 1.86
C LYS K 55 93.11 32.70 2.92
N ARG K 56 92.51 32.07 3.91
CA ARG K 56 91.85 32.76 5.01
C ARG K 56 92.87 33.17 6.07
N CYS K 57 92.63 34.30 6.72
CA CYS K 57 93.59 34.83 7.68
C CYS K 57 93.57 34.08 9.01
N THR K 58 92.37 33.70 9.47
CA THR K 58 92.13 32.89 10.67
C THR K 58 92.73 33.52 11.94
N ASP K 59 92.49 34.82 12.10
CA ASP K 59 92.42 35.54 13.40
C ASP K 59 93.64 35.31 14.30
N ALA K 60 94.83 35.46 13.72
CA ALA K 60 96.06 35.07 14.41
C ALA K 60 96.74 36.24 15.11
N VAL K 61 95.97 37.19 15.64
CA VAL K 61 96.54 38.30 16.37
C VAL K 61 96.64 37.96 17.84
N GLY K 62 97.57 38.61 18.54
CA GLY K 62 97.77 38.37 19.95
C GLY K 62 98.59 37.13 20.25
N ASP K 63 99.45 37.22 21.26
CA ASP K 63 100.33 36.11 21.60
C ASP K 63 100.70 36.22 23.07
N ARG K 64 100.92 35.07 23.71
CA ARG K 64 101.23 35.01 25.12
C ARG K 64 102.44 34.11 25.33
N ARG K 65 103.19 34.37 26.40
CA ARG K 65 104.37 33.57 26.71
C ARG K 65 104.66 33.71 28.19
N GLN K 66 104.94 32.60 28.86
CA GLN K 66 105.19 32.62 30.29
C GLN K 66 106.58 33.18 30.57
N CYS K 67 106.70 33.97 31.64
CA CYS K 67 108.00 34.45 32.08
C CYS K 67 107.98 34.61 33.59
N VAL K 68 109.16 34.45 34.18
CA VAL K 68 109.32 34.64 35.63
C VAL K 68 109.20 36.13 35.95
N PRO K 69 108.49 36.51 37.03
CA PRO K 69 108.44 37.93 37.39
C PRO K 69 109.76 38.45 37.92
N THR K 70 110.43 39.29 37.13
CA THR K 70 111.74 39.81 37.51
C THR K 70 111.64 40.90 38.56
N GLU K 71 110.52 41.61 38.60
CA GLU K 71 110.28 42.67 39.59
C GLU K 71 108.82 42.60 40.00
N PRO K 72 108.52 42.05 41.18
CA PRO K 72 107.13 41.76 41.53
C PRO K 72 106.32 43.00 41.86
N CYS K 73 105.03 42.93 41.52
CA CYS K 73 104.09 44.01 41.77
C CYS K 73 103.53 43.90 43.19
N GLU K 74 102.79 44.93 43.59
CA GLU K 74 102.07 44.86 44.85
C GLU K 74 100.90 43.90 44.73
N ASP K 75 100.43 43.41 45.88
CA ASP K 75 99.33 42.45 45.92
C ASP K 75 98.05 43.18 45.54
N ALA K 76 97.60 42.95 44.30
CA ALA K 76 96.44 43.65 43.74
C ALA K 76 95.16 43.06 44.32
N GLU K 77 94.74 43.61 45.46
CA GLU K 77 93.48 43.25 46.07
C GLU K 77 92.82 44.51 46.62
N ASP K 78 91.49 44.53 46.59
CA ASP K 78 90.76 45.71 47.01
C ASP K 78 90.67 45.79 48.53
N ASP K 79 90.42 47.00 49.02
CA ASP K 79 90.35 47.22 50.45
C ASP K 79 89.07 46.65 51.03
N CYS K 80 87.94 46.88 50.34
CA CYS K 80 86.58 46.50 50.76
C CYS K 80 86.28 47.07 52.15
N GLY K 81 86.24 48.41 52.20
CA GLY K 81 86.21 49.11 53.47
C GLY K 81 84.85 49.05 54.14
N ASN K 82 84.81 48.51 55.37
CA ASN K 82 83.62 48.48 56.25
C ASN K 82 82.44 47.75 55.62
N ASP K 83 82.73 46.81 54.73
CA ASP K 83 81.70 46.01 54.08
C ASP K 83 82.01 44.54 54.30
N PHE K 84 80.96 43.73 54.41
CA PHE K 84 81.15 42.30 54.55
C PHE K 84 81.61 41.72 53.23
N GLN K 85 82.88 41.35 53.18
CA GLN K 85 83.40 40.61 52.02
C GLN K 85 82.80 39.22 52.00
N CYS K 86 82.63 38.69 50.79
CA CYS K 86 81.99 37.40 50.59
C CYS K 86 83.00 36.40 50.05
N SER K 87 82.53 35.21 49.72
CA SER K 87 83.37 34.16 49.15
C SER K 87 83.40 34.20 47.63
N THR K 88 83.18 35.36 47.03
CA THR K 88 83.30 35.57 45.60
C THR K 88 84.21 36.74 45.26
N GLY K 89 84.20 37.80 46.06
CA GLY K 89 84.86 39.05 45.72
C GLY K 89 83.93 40.24 45.67
N ARG K 90 82.63 40.04 45.85
CA ARG K 90 81.66 41.11 45.91
C ARG K 90 81.50 41.56 47.35
N CYS K 91 81.42 42.88 47.56
CA CYS K 91 81.30 43.45 48.89
C CYS K 91 79.89 44.00 49.07
N ILE K 92 79.11 43.36 49.93
CA ILE K 92 77.75 43.79 50.22
C ILE K 92 77.72 44.44 51.60
N LYS K 93 76.57 45.04 51.92
CA LYS K 93 76.40 45.75 53.18
C LYS K 93 75.92 44.81 54.27
N MET K 94 75.75 45.34 55.48
CA MET K 94 75.27 44.55 56.60
C MET K 94 73.75 44.38 56.59
N ARG K 95 73.03 45.30 55.91
CA ARG K 95 71.58 45.22 55.79
C ARG K 95 71.12 43.98 55.04
N LEU K 96 71.97 43.43 54.17
CA LEU K 96 71.65 42.27 53.38
C LEU K 96 71.87 40.94 54.11
N ARG K 97 72.10 40.97 55.41
CA ARG K 97 72.36 39.75 56.17
C ARG K 97 71.08 38.99 56.43
N CYS K 98 71.08 37.70 56.08
CA CYS K 98 69.99 36.75 56.32
C CYS K 98 68.68 37.20 55.70
N ASN K 99 68.75 37.89 54.57
CA ASN K 99 67.56 38.42 53.92
C ASN K 99 66.83 37.40 53.06
N GLY K 100 67.36 36.19 52.94
CA GLY K 100 66.76 35.22 52.05
C GLY K 100 66.99 35.46 50.58
N ASP K 101 67.95 36.31 50.24
CA ASP K 101 68.30 36.59 48.84
C ASP K 101 69.78 36.32 48.63
N ASN K 102 70.07 35.66 47.52
CA ASN K 102 71.44 35.28 47.18
C ASN K 102 72.26 36.48 46.72
N ASP K 103 72.85 37.19 47.68
CA ASP K 103 73.47 38.48 47.43
C ASP K 103 74.96 38.37 47.17
N CYS K 104 75.68 37.53 47.92
CA CYS K 104 77.10 37.36 47.66
C CYS K 104 77.36 36.52 46.42
N GLY K 105 76.38 35.72 46.00
CA GLY K 105 76.56 34.84 44.87
C GLY K 105 76.73 33.40 45.30
N ASP K 106 77.50 33.19 46.38
CA ASP K 106 77.68 31.87 46.97
C ASP K 106 76.94 31.74 48.30
N PHE K 107 75.73 32.33 48.35
CA PHE K 107 74.68 31.97 49.30
C PHE K 107 75.10 32.28 50.74
N SER K 108 75.82 33.38 50.92
CA SER K 108 76.37 33.73 52.23
C SER K 108 75.40 34.52 53.10
N ASP K 109 74.10 34.37 52.85
CA ASP K 109 73.07 34.99 53.68
C ASP K 109 72.16 33.97 54.34
N GLU K 110 71.70 32.96 53.61
CA GLU K 110 70.69 32.04 54.10
C GLU K 110 71.28 30.82 54.81
N ASP K 111 72.46 30.96 55.41
CA ASP K 111 73.08 29.84 56.10
C ASP K 111 73.51 30.17 57.53
N ASP K 112 73.88 31.43 57.77
CA ASP K 112 74.64 31.76 58.97
C ASP K 112 73.75 31.85 60.21
N CYS K 113 72.81 32.80 60.22
CA CYS K 113 72.14 33.15 61.46
C CYS K 113 70.93 32.27 61.69
N GLU K 114 70.50 32.24 62.95
CA GLU K 114 69.23 31.64 63.34
C GLU K 114 68.13 32.69 63.47
N SER K 115 68.36 33.89 62.94
CA SER K 115 67.40 34.98 63.04
C SER K 115 66.30 34.81 61.99
N GLU K 116 65.44 35.81 61.87
CA GLU K 116 64.35 35.75 60.90
C GLU K 116 64.90 35.95 59.49
N PRO K 117 64.30 35.28 58.50
CA PRO K 117 64.70 35.56 57.11
C PRO K 117 64.28 36.92 56.61
N ARG K 118 63.30 37.58 57.29
CA ARG K 118 62.69 38.89 57.07
C ARG K 118 62.57 39.30 55.60
N PRO K 119 61.77 38.59 54.80
CA PRO K 119 61.75 38.87 53.35
C PRO K 119 61.09 40.21 53.06
N PRO K 120 61.78 41.08 52.32
CA PRO K 120 61.18 42.40 52.00
C PRO K 120 59.96 42.27 51.13
N CYS K 121 59.94 41.32 50.21
CA CYS K 121 58.69 40.89 49.61
C CYS K 121 57.97 40.01 50.60
N ARG K 122 56.92 40.54 51.22
CA ARG K 122 56.12 39.83 52.20
C ARG K 122 55.16 38.86 51.54
N ASP K 123 54.12 38.44 52.27
CA ASP K 123 53.14 37.46 51.83
C ASP K 123 52.31 37.85 50.60
N ARG K 124 52.54 39.04 50.03
CA ARG K 124 52.00 39.38 48.72
C ARG K 124 52.51 38.40 47.66
N VAL K 125 51.67 38.16 46.65
CA VAL K 125 52.00 37.22 45.59
C VAL K 125 53.10 37.84 44.73
N VAL K 126 54.32 37.33 44.88
CA VAL K 126 55.50 37.88 44.25
C VAL K 126 56.29 36.73 43.64
N GLU K 127 56.62 36.86 42.36
CA GLU K 127 57.27 35.79 41.60
C GLU K 127 58.66 36.26 41.17
N GLU K 128 59.29 35.45 40.32
CA GLU K 128 60.53 35.85 39.66
C GLU K 128 60.23 36.13 38.19
N SER K 129 61.01 37.03 37.60
CA SER K 129 60.68 37.53 36.28
C SER K 129 61.15 36.56 35.20
N GLU K 130 60.88 36.93 33.95
CA GLU K 130 61.36 36.17 32.80
C GLU K 130 62.09 37.03 31.79
N LEU K 131 61.93 38.35 31.85
CA LEU K 131 62.54 39.28 30.92
C LEU K 131 63.67 40.06 31.56
N ALA K 132 63.58 40.31 32.86
CA ALA K 132 64.59 41.11 33.55
C ALA K 132 65.83 40.31 33.90
N ARG K 133 65.75 38.98 33.91
CA ARG K 133 66.85 38.19 34.42
C ARG K 133 68.02 38.15 33.44
N THR K 134 67.78 38.42 32.16
CA THR K 134 68.82 38.45 31.15
C THR K 134 68.92 39.83 30.53
N ALA K 135 68.84 40.88 31.35
CA ALA K 135 68.65 42.24 30.84
C ALA K 135 69.94 42.93 30.45
N GLY K 136 71.03 42.21 30.25
CA GLY K 136 72.21 42.86 29.73
C GLY K 136 72.28 42.87 28.22
N TYR K 137 72.30 41.68 27.64
CA TYR K 137 72.54 41.44 26.22
C TYR K 137 73.76 42.23 25.72
N GLY K 138 74.92 41.91 26.29
CA GLY K 138 76.16 42.56 25.92
C GLY K 138 76.50 42.30 24.46
N ILE K 139 76.35 43.32 23.63
CA ILE K 139 76.20 43.12 22.20
C ILE K 139 77.55 43.38 21.54
N ASN K 140 77.68 42.90 20.30
CA ASN K 140 78.87 43.10 19.51
C ASN K 140 78.51 43.92 18.28
N ILE K 141 79.51 44.56 17.68
CA ILE K 141 79.27 45.51 16.60
C ILE K 141 78.84 44.88 15.29
N LEU K 142 78.91 43.55 15.17
CA LEU K 142 78.42 42.89 13.96
C LEU K 142 76.90 42.98 13.88
N GLY K 143 76.22 42.81 15.00
CA GLY K 143 74.77 42.88 15.03
C GLY K 143 74.15 41.78 15.87
N MET K 144 74.89 40.70 16.08
CA MET K 144 74.43 39.59 16.88
C MET K 144 74.81 39.81 18.35
N ASP K 145 74.01 39.22 19.23
CA ASP K 145 74.03 39.57 20.65
C ASP K 145 74.31 38.39 21.57
N PRO K 146 75.54 38.24 22.06
CA PRO K 146 75.78 37.25 23.12
C PRO K 146 75.18 37.72 24.43
N LEU K 147 74.48 36.81 25.11
CA LEU K 147 73.77 37.09 26.36
C LEU K 147 74.71 37.13 27.55
N SER K 148 76.03 37.19 27.33
CA SER K 148 77.03 37.17 28.39
C SER K 148 76.92 38.50 29.14
N THR K 149 75.94 38.52 30.03
CA THR K 149 75.51 39.71 30.71
C THR K 149 76.56 40.14 31.71
N PRO K 150 77.15 41.32 31.59
CA PRO K 150 78.06 41.78 32.64
C PRO K 150 77.32 42.12 33.92
N PHE K 151 76.04 42.46 33.80
CA PHE K 151 75.22 42.73 34.97
C PHE K 151 74.88 41.44 35.69
N ASP K 152 74.40 41.58 36.92
CA ASP K 152 73.93 40.45 37.70
C ASP K 152 72.48 40.74 38.07
N ASN K 153 71.56 40.01 37.43
CA ASN K 153 70.13 40.23 37.62
C ASN K 153 69.54 39.29 38.66
N GLU K 154 70.32 38.94 39.69
CA GLU K 154 69.80 38.27 40.86
C GLU K 154 69.95 39.10 42.12
N PHE K 155 70.67 40.21 42.04
CA PHE K 155 70.90 41.07 43.19
C PHE K 155 69.68 41.98 43.35
N TYR K 156 68.95 41.81 44.46
CA TYR K 156 67.76 42.60 44.70
C TYR K 156 67.96 43.72 45.70
N ASN K 157 69.03 43.64 46.51
CA ASN K 157 69.42 44.64 47.51
C ASN K 157 68.30 44.91 48.52
N GLY K 158 67.55 43.88 48.87
CA GLY K 158 66.56 43.96 49.92
C GLY K 158 65.37 44.86 49.64
N LEU K 159 64.99 45.02 48.38
CA LEU K 159 63.86 45.84 48.01
C LEU K 159 62.81 44.99 47.31
N CYS K 160 61.58 45.48 47.29
CA CYS K 160 60.46 44.76 46.69
C CYS K 160 59.66 45.75 45.85
N ASN K 161 60.03 45.88 44.58
CA ASN K 161 59.36 46.75 43.63
C ASN K 161 58.64 45.88 42.62
N ARG K 162 57.33 46.03 42.51
CA ARG K 162 56.54 45.18 41.65
C ARG K 162 56.27 45.87 40.32
N ASP K 163 56.24 45.07 39.25
CA ASP K 163 55.93 45.54 37.90
C ASP K 163 54.93 44.58 37.29
N ARG K 164 53.78 45.11 36.89
CA ARG K 164 52.66 44.25 36.54
C ARG K 164 52.84 43.63 35.17
N ASP K 165 52.02 42.61 34.91
CA ASP K 165 51.92 41.98 33.61
C ASP K 165 50.50 42.15 33.10
N GLY K 166 50.38 42.30 31.78
CA GLY K 166 49.08 42.47 31.19
C GLY K 166 48.28 41.19 31.12
N ASN K 167 48.83 40.17 30.47
CA ASN K 167 48.04 38.99 30.17
C ASN K 167 47.91 38.08 31.38
N THR K 168 49.03 37.72 32.01
CA THR K 168 48.99 36.69 33.05
C THR K 168 48.50 37.21 34.40
N LEU K 169 48.47 38.54 34.59
CA LEU K 169 48.04 39.20 35.83
C LEU K 169 48.85 38.72 37.03
N THR K 170 50.16 38.90 36.94
CA THR K 170 51.09 38.53 38.00
C THR K 170 51.79 39.78 38.50
N TYR K 171 52.78 39.59 39.36
CA TYR K 171 53.57 40.69 39.90
C TYR K 171 55.03 40.29 39.90
N TYR K 172 55.72 40.57 38.80
CA TYR K 172 57.12 40.25 38.67
C TYR K 172 57.96 41.24 39.47
N ARG K 173 59.23 40.92 39.66
CA ARG K 173 60.11 41.79 40.43
C ARG K 173 60.97 42.63 39.52
N ARG K 174 61.58 43.63 40.13
CA ARG K 174 62.52 44.52 39.45
C ARG K 174 63.88 44.34 40.09
N PRO K 175 64.82 43.68 39.42
CA PRO K 175 66.19 43.58 39.96
C PRO K 175 66.86 44.95 40.02
N TRP K 176 67.93 45.01 40.81
CA TRP K 176 68.57 46.28 41.10
C TRP K 176 69.26 46.87 39.89
N ASN K 177 69.67 46.05 38.93
CA ASN K 177 70.34 46.61 37.75
C ASN K 177 69.36 47.16 36.73
N VAL K 178 68.09 46.80 36.80
CA VAL K 178 67.08 47.33 35.88
C VAL K 178 66.40 48.53 36.53
N ALA K 179 66.48 49.68 35.89
CA ALA K 179 65.91 50.91 36.44
C ALA K 179 64.45 51.10 36.09
N SER K 180 64.01 50.57 34.95
CA SER K 180 62.62 50.68 34.57
C SER K 180 62.24 49.53 33.66
N LEU K 181 61.00 49.08 33.76
CA LEU K 181 60.56 47.90 33.05
C LEU K 181 59.05 47.99 32.87
N ILE K 182 58.61 48.37 31.68
CA ILE K 182 57.21 48.44 31.38
C ILE K 182 56.85 47.22 30.54
N TYR K 183 55.58 46.84 30.56
CA TYR K 183 55.04 45.83 29.65
C TYR K 183 53.90 46.47 28.87
N GLU K 184 54.20 47.08 27.74
CA GLU K 184 53.15 47.55 26.85
C GLU K 184 52.65 46.40 25.99
N THR K 185 51.87 46.71 24.97
CA THR K 185 51.57 45.75 23.91
C THR K 185 51.51 46.57 22.64
N LYS K 186 52.61 46.72 21.95
CA LYS K 186 52.69 47.68 20.87
C LYS K 186 52.86 46.92 19.57
N GLY K 187 51.75 46.69 18.86
CA GLY K 187 51.81 46.00 17.59
C GLY K 187 51.91 47.03 16.48
N GLU K 188 52.65 46.68 15.43
CA GLU K 188 52.94 47.69 14.41
C GLU K 188 53.27 47.02 13.10
N LYS K 189 52.38 47.09 12.13
CA LYS K 189 52.62 46.48 10.83
C LYS K 189 52.84 47.53 9.77
N ASN K 190 54.01 47.51 9.16
CA ASN K 190 54.20 48.22 7.90
C ASN K 190 53.86 47.28 6.76
N PHE K 191 53.42 47.87 5.65
CA PHE K 191 53.12 47.11 4.44
C PHE K 191 53.44 48.05 3.29
N ARG K 192 54.12 47.55 2.26
CA ARG K 192 54.30 48.33 1.05
C ARG K 192 54.12 47.43 -0.14
N THR K 193 53.66 48.00 -1.24
CA THR K 193 53.78 47.35 -2.53
C THR K 193 53.98 48.39 -3.62
N GLU K 194 55.13 48.36 -4.25
CA GLU K 194 55.42 49.25 -5.35
C GLU K 194 55.29 48.49 -6.66
N HIS K 195 55.16 49.24 -7.73
CA HIS K 195 54.93 48.62 -9.03
C HIS K 195 55.37 49.61 -10.09
N TYR K 196 56.20 49.16 -11.02
CA TYR K 196 56.59 49.98 -12.14
C TYR K 196 56.39 49.18 -13.41
N GLU K 197 56.02 49.87 -14.48
CA GLU K 197 55.82 49.20 -15.75
C GLU K 197 56.13 50.18 -16.86
N GLU K 198 56.70 49.69 -17.96
CA GLU K 198 56.97 50.56 -19.10
C GLU K 198 56.91 49.74 -20.37
N GLN K 199 55.87 49.92 -21.17
CA GLN K 199 55.86 49.35 -22.50
C GLN K 199 56.37 50.39 -23.49
N ILE K 200 56.96 49.91 -24.58
CA ILE K 200 57.29 50.77 -25.71
C ILE K 200 57.21 49.94 -26.98
N GLU K 201 56.59 50.51 -28.00
CA GLU K 201 56.46 49.86 -29.31
C GLU K 201 56.90 50.87 -30.36
N ALA K 202 58.11 50.69 -30.89
CA ALA K 202 58.60 51.49 -31.99
C ALA K 202 58.38 50.74 -33.30
N PHE K 203 58.33 51.48 -34.40
CA PHE K 203 57.86 50.93 -35.67
C PHE K 203 58.35 51.84 -36.78
N LYS K 204 58.89 51.25 -37.86
CA LYS K 204 59.38 52.05 -38.98
C LYS K 204 59.26 51.24 -40.26
N SER K 205 58.39 51.67 -41.18
CA SER K 205 58.19 50.99 -42.46
C SER K 205 58.59 51.91 -43.60
N ILE K 206 59.13 51.32 -44.67
CA ILE K 206 59.53 52.06 -45.88
C ILE K 206 59.10 51.23 -47.08
N ILE K 207 58.43 51.86 -48.05
CA ILE K 207 58.15 51.25 -49.35
C ILE K 207 58.70 52.17 -50.43
N GLN K 208 59.48 51.61 -51.35
CA GLN K 208 60.00 52.39 -52.47
C GLN K 208 59.70 51.66 -53.76
N GLU K 209 59.54 52.42 -54.84
CA GLU K 209 59.22 51.82 -56.13
C GLU K 209 59.65 52.79 -57.22
N LYS K 210 60.32 52.28 -58.24
CA LYS K 210 60.51 53.01 -59.48
C LYS K 210 60.14 52.10 -60.64
N THR K 211 59.37 52.63 -61.59
CA THR K 211 58.96 51.89 -62.77
C THR K 211 59.29 52.76 -63.97
N SER K 212 60.37 52.43 -64.68
CA SER K 212 60.81 53.18 -65.84
C SER K 212 60.55 52.38 -67.12
N ASN K 213 60.06 53.05 -68.16
CA ASN K 213 59.69 52.39 -69.41
C ASN K 213 60.08 53.30 -70.57
N PHE K 214 60.99 52.83 -71.42
CA PHE K 214 61.47 53.59 -72.57
C PHE K 214 61.14 52.83 -73.83
N ASN K 215 60.55 53.50 -74.82
CA ASN K 215 60.08 52.84 -76.03
C ASN K 215 60.51 53.66 -77.24
N ALA K 216 61.26 53.07 -78.15
CA ALA K 216 61.54 53.72 -79.42
C ALA K 216 60.61 53.17 -80.49
N ALA K 217 60.78 53.66 -81.71
CA ALA K 217 60.00 53.18 -82.86
C ALA K 217 60.75 53.43 -84.16
N PHE K 249 61.38 47.46 -86.22
CA PHE K 249 62.11 48.70 -85.96
C PHE K 249 61.70 49.33 -84.63
N ARG K 250 62.16 48.77 -83.51
CA ARG K 250 61.95 49.42 -82.21
C ARG K 250 63.05 48.96 -81.26
N PHE K 251 62.93 49.42 -80.01
CA PHE K 251 63.81 49.04 -78.91
C PHE K 251 63.12 49.46 -77.63
N SER K 252 62.93 48.52 -76.71
CA SER K 252 62.32 48.83 -75.42
C SER K 252 63.33 48.64 -74.31
N TYR K 253 63.04 49.27 -73.17
CA TYR K 253 63.88 49.12 -71.99
C TYR K 253 63.01 49.42 -70.78
N SER K 254 62.70 48.39 -70.01
CA SER K 254 61.83 48.52 -68.85
C SER K 254 62.62 48.18 -67.59
N LYS K 255 62.10 48.65 -66.46
CA LYS K 255 62.66 48.32 -65.15
C LYS K 255 61.56 48.57 -64.12
N ASN K 256 61.37 47.63 -63.21
CA ASN K 256 60.38 47.75 -62.14
C ASN K 256 61.07 47.36 -60.83
N GLU K 257 61.74 48.32 -60.20
CA GLU K 257 62.40 48.05 -58.93
C GLU K 257 61.43 48.35 -57.80
N THR K 258 61.32 47.43 -56.86
CA THR K 258 60.36 47.51 -55.76
C THR K 258 61.08 47.15 -54.46
N TYR K 259 61.51 48.16 -53.73
CA TYR K 259 62.19 47.94 -52.46
C TYR K 259 61.17 48.05 -51.32
N GLN K 260 61.44 47.31 -50.25
CA GLN K 260 60.62 47.45 -49.07
C GLN K 260 61.53 47.24 -47.87
N LEU K 261 61.11 47.76 -46.72
CA LEU K 261 61.85 47.66 -45.48
C LEU K 261 60.85 47.79 -44.35
N PHE K 262 61.13 47.12 -43.23
CA PHE K 262 60.13 47.02 -42.17
C PHE K 262 60.89 46.72 -40.88
N LEU K 263 60.61 47.48 -39.83
CA LEU K 263 61.26 47.22 -38.55
C LEU K 263 60.26 47.46 -37.43
N SER K 264 60.25 46.55 -36.46
CA SER K 264 59.49 46.71 -35.25
C SER K 264 60.43 46.68 -34.05
N TYR K 265 59.92 47.12 -32.90
CA TYR K 265 60.64 46.96 -31.64
C TYR K 265 59.59 47.04 -30.54
N SER K 266 59.14 45.90 -30.04
CA SER K 266 58.02 45.87 -29.11
C SER K 266 58.49 45.32 -27.78
N SER K 267 59.04 46.19 -26.94
CA SER K 267 59.67 45.74 -25.70
C SER K 267 58.91 46.31 -24.50
N LYS K 268 58.56 45.44 -23.56
CA LYS K 268 58.00 45.88 -22.30
C LYS K 268 58.95 45.59 -21.16
N LYS K 269 58.76 46.28 -20.05
CA LYS K 269 59.50 46.02 -18.83
C LYS K 269 58.54 46.15 -17.66
N GLU K 270 58.88 45.49 -16.57
CA GLU K 270 58.04 45.48 -15.37
C GLU K 270 58.96 45.28 -14.19
N LYS K 271 58.60 45.87 -13.05
CA LYS K 271 59.43 45.71 -11.86
C LYS K 271 58.54 45.92 -10.64
N MET K 272 58.21 44.83 -9.96
CA MET K 272 57.32 44.90 -8.81
C MET K 272 58.19 45.01 -7.56
N PHE K 273 57.53 45.20 -6.41
CA PHE K 273 58.19 45.15 -5.12
C PHE K 273 57.09 44.98 -4.08
N LEU K 274 57.38 44.25 -3.01
CA LEU K 274 56.43 44.11 -1.92
C LEU K 274 57.25 44.05 -0.65
N HIS K 275 56.67 44.44 0.48
CA HIS K 275 57.43 44.46 1.73
C HIS K 275 56.45 44.45 2.91
N VAL K 276 56.25 43.33 3.51
CA VAL K 276 55.49 43.28 4.76
C VAL K 276 56.49 43.38 5.88
N LYS K 277 56.15 44.02 7.01
CA LYS K 277 57.04 43.98 8.17
C LYS K 277 56.21 44.20 9.41
N GLY K 278 55.87 43.14 10.12
CA GLY K 278 55.05 43.32 11.30
C GLY K 278 55.75 43.14 12.63
N GLU K 279 56.14 44.22 13.28
CA GLU K 279 56.76 44.10 14.59
C GLU K 279 55.71 43.94 15.66
N ILE K 280 56.10 43.28 16.75
CA ILE K 280 55.27 43.13 17.94
C ILE K 280 56.16 43.38 19.13
N HIS K 281 55.91 44.44 19.88
CA HIS K 281 56.74 44.77 21.03
C HIS K 281 56.01 44.39 22.30
N LEU K 282 56.71 43.74 23.21
CA LEU K 282 56.22 43.53 24.57
C LEU K 282 57.23 44.21 25.50
N GLY K 283 57.02 45.50 25.73
CA GLY K 283 57.79 46.17 26.75
C GLY K 283 59.21 46.49 26.35
N ARG K 284 59.98 46.89 27.35
CA ARG K 284 61.34 47.38 27.16
C ARG K 284 62.03 47.34 28.52
N PHE K 285 63.26 47.88 28.59
CA PHE K 285 64.00 47.98 29.83
C PHE K 285 65.05 49.06 29.69
N VAL K 286 65.46 49.63 30.81
CA VAL K 286 66.55 50.61 30.85
C VAL K 286 67.45 50.26 32.02
N MET K 287 68.72 50.02 31.74
CA MET K 287 69.66 49.64 32.78
C MET K 287 70.16 50.88 33.52
N ARG K 288 70.97 50.67 34.55
CA ARG K 288 71.47 51.79 35.34
C ARG K 288 72.90 52.12 34.95
N ASN K 289 73.47 53.11 35.64
CA ASN K 289 74.80 53.61 35.31
C ASN K 289 75.71 53.82 36.52
N ARG K 290 75.17 53.98 37.72
CA ARG K 290 75.99 54.13 38.92
C ARG K 290 75.50 53.16 39.99
N ASP K 291 76.42 52.75 40.86
CA ASP K 291 76.21 51.74 41.91
C ASP K 291 75.66 50.44 41.32
N VAL K 292 76.29 50.00 40.24
CA VAL K 292 75.86 48.84 39.48
C VAL K 292 76.66 47.63 39.97
N VAL K 293 75.98 46.52 40.21
CA VAL K 293 76.67 45.28 40.56
C VAL K 293 76.95 44.50 39.29
N LEU K 294 78.10 43.84 39.26
CA LEU K 294 78.50 43.02 38.13
C LEU K 294 78.60 41.58 38.56
N THR K 295 78.53 40.67 37.60
CA THR K 295 78.56 39.24 37.93
C THR K 295 79.96 38.81 38.35
N THR K 296 80.06 37.58 38.84
CA THR K 296 81.30 37.10 39.43
C THR K 296 82.34 36.84 38.35
N THR K 297 81.92 36.30 37.22
CA THR K 297 82.83 35.91 36.15
C THR K 297 83.25 37.08 35.26
N PHE K 298 83.10 38.31 35.70
CA PHE K 298 83.43 39.47 34.90
C PHE K 298 84.39 40.43 35.59
N VAL K 299 84.25 40.57 36.91
CA VAL K 299 85.19 41.38 37.68
C VAL K 299 86.57 40.72 37.67
N ASP K 300 86.62 39.39 37.67
CA ASP K 300 87.88 38.68 37.56
C ASP K 300 88.54 38.91 36.20
N ASP K 301 87.75 38.89 35.13
CA ASP K 301 88.32 39.09 33.80
C ASP K 301 88.72 40.54 33.56
N ILE K 302 88.11 41.49 34.26
CA ILE K 302 88.67 42.84 34.23
C ILE K 302 89.95 42.89 35.06
N LYS K 303 90.00 42.16 36.18
CA LYS K 303 91.18 42.15 37.03
C LYS K 303 92.37 41.45 36.39
N ALA K 304 92.13 40.61 35.37
CA ALA K 304 93.19 39.91 34.67
C ALA K 304 93.62 40.62 33.38
N LEU K 305 93.42 41.93 33.30
CA LEU K 305 93.85 42.67 32.13
C LEU K 305 95.27 43.20 32.31
N PRO K 306 96.08 43.24 31.26
CA PRO K 306 97.53 43.40 31.45
C PRO K 306 98.00 44.80 31.84
N THR K 307 97.11 45.80 31.87
CA THR K 307 97.27 47.11 32.51
C THR K 307 98.24 48.04 31.77
N THR K 308 98.98 47.51 30.79
CA THR K 308 100.02 48.29 30.12
C THR K 308 99.73 48.51 28.64
N TYR K 309 98.47 48.37 28.23
CA TYR K 309 98.04 48.24 26.84
C TYR K 309 98.88 47.20 26.11
N GLU K 310 98.65 45.96 26.52
CA GLU K 310 99.16 44.82 25.77
C GLU K 310 98.03 44.29 24.90
N LYS K 311 98.24 44.37 23.58
CA LYS K 311 97.15 44.26 22.60
C LYS K 311 96.54 42.86 22.54
N GLY K 312 97.24 41.84 23.03
CA GLY K 312 96.77 40.47 22.85
C GLY K 312 95.57 40.10 23.70
N GLU K 313 95.49 40.64 24.91
CA GLU K 313 94.44 40.23 25.84
C GLU K 313 93.11 40.95 25.57
N TYR K 314 93.17 42.19 25.08
CA TYR K 314 91.94 42.96 24.91
C TYR K 314 91.11 42.47 23.74
N PHE K 315 91.75 41.93 22.71
CA PHE K 315 90.98 41.33 21.62
C PHE K 315 90.36 40.00 21.99
N ALA K 316 90.83 39.37 23.07
CA ALA K 316 90.11 38.22 23.58
C ALA K 316 88.99 38.64 24.53
N PHE K 317 89.22 39.70 25.30
CA PHE K 317 88.19 40.18 26.22
C PHE K 317 86.98 40.74 25.47
N LEU K 318 87.22 41.51 24.41
CA LEU K 318 86.13 42.15 23.69
C LEU K 318 85.32 41.17 22.86
N GLU K 319 85.82 39.97 22.61
CA GLU K 319 85.02 38.94 21.98
C GLU K 319 84.60 37.85 22.94
N THR K 320 85.03 37.92 24.19
CA THR K 320 84.39 37.11 25.22
C THR K 320 83.13 37.79 25.75
N TYR K 321 83.21 39.10 26.03
CA TYR K 321 82.09 39.80 26.66
C TYR K 321 81.50 40.89 25.79
N GLY K 322 81.72 40.84 24.49
CA GLY K 322 81.12 41.81 23.60
C GLY K 322 81.74 43.19 23.65
N THR K 323 81.35 44.05 22.71
CA THR K 323 81.92 45.38 22.66
C THR K 323 81.08 46.39 23.43
N HIS K 324 79.77 46.31 23.32
CA HIS K 324 78.86 47.23 23.99
C HIS K 324 77.82 46.43 24.76
N TYR K 325 77.18 47.06 25.73
CA TYR K 325 76.05 46.46 26.42
C TYR K 325 74.79 47.23 26.11
N SER K 326 73.69 46.51 25.94
CA SER K 326 72.43 47.16 25.58
C SER K 326 71.84 47.88 26.76
N SER K 327 72.13 49.17 26.89
CA SER K 327 71.64 49.96 28.01
C SER K 327 70.17 50.28 27.92
N SER K 328 69.53 50.09 26.75
CA SER K 328 68.10 50.32 26.62
C SER K 328 67.59 49.49 25.45
N GLY K 329 66.97 48.35 25.75
CA GLY K 329 66.47 47.45 24.74
C GLY K 329 64.95 47.56 24.55
N SER K 330 64.42 46.62 23.78
CA SER K 330 62.99 46.49 23.56
C SER K 330 62.75 45.08 23.03
N LEU K 331 62.12 44.22 23.81
CA LEU K 331 62.04 42.82 23.42
C LEU K 331 60.84 42.61 22.50
N GLY K 332 60.54 41.35 22.21
CA GLY K 332 59.51 41.02 21.23
C GLY K 332 60.03 41.08 19.81
N GLY K 333 59.65 40.13 18.96
CA GLY K 333 60.33 40.02 17.68
C GLY K 333 59.48 40.09 16.42
N LEU K 334 60.13 40.41 15.31
CA LEU K 334 59.47 40.78 14.07
C LEU K 334 59.31 39.58 13.14
N TYR K 335 58.72 39.85 11.99
CA TYR K 335 58.81 39.00 10.82
C TYR K 335 58.88 39.91 9.61
N GLU K 336 59.13 39.34 8.44
CA GLU K 336 59.38 40.14 7.25
C GLU K 336 59.26 39.29 6.00
N LEU K 337 58.57 39.81 5.00
CA LEU K 337 58.57 39.25 3.66
C LEU K 337 59.17 40.29 2.73
N ILE K 338 59.81 39.84 1.66
CA ILE K 338 60.26 40.70 0.56
C ILE K 338 60.03 39.92 -0.72
N TYR K 339 59.41 40.55 -1.72
CA TYR K 339 59.05 39.87 -2.96
C TYR K 339 59.54 40.73 -4.11
N VAL K 340 60.73 40.49 -4.61
CA VAL K 340 61.29 41.33 -5.66
C VAL K 340 61.12 40.60 -6.98
N LEU K 341 60.12 40.98 -7.76
CA LEU K 341 60.03 40.45 -9.10
C LEU K 341 60.83 41.35 -10.01
N ASP K 342 61.08 40.86 -11.22
CA ASP K 342 61.73 41.63 -12.28
C ASP K 342 61.38 40.92 -13.58
N LYS K 343 61.11 41.69 -14.61
CA LYS K 343 60.80 41.12 -15.91
C LYS K 343 61.42 42.03 -16.95
N ALA K 344 61.85 41.44 -18.07
CA ALA K 344 62.30 42.25 -19.19
C ALA K 344 62.05 41.43 -20.45
N SER K 345 60.90 41.63 -21.06
CA SER K 345 60.73 41.09 -22.40
C SER K 345 61.44 41.99 -23.39
N MET K 346 61.62 41.48 -24.61
CA MET K 346 62.08 42.30 -25.73
C MET K 346 61.78 41.55 -27.00
N LYS K 347 61.22 42.24 -27.97
CA LYS K 347 61.18 41.73 -29.32
C LYS K 347 61.96 42.68 -30.22
N ARG K 348 62.37 42.18 -31.37
CA ARG K 348 62.78 43.02 -32.48
C ARG K 348 62.64 42.20 -33.74
N LYS K 349 62.35 42.88 -34.85
CA LYS K 349 62.08 42.20 -36.09
C LYS K 349 62.85 42.86 -37.21
N GLY K 350 62.70 42.30 -38.41
CA GLY K 350 63.14 42.95 -39.62
C GLY K 350 62.63 42.18 -40.82
N VAL K 351 61.96 42.84 -41.74
CA VAL K 351 61.35 42.20 -42.91
C VAL K 351 61.81 42.99 -44.12
N GLU K 352 62.66 42.40 -44.93
CA GLU K 352 63.29 43.09 -46.05
C GLU K 352 62.89 42.39 -47.33
N LEU K 353 62.81 43.16 -48.42
CA LEU K 353 62.27 42.61 -49.65
C LEU K 353 62.80 43.41 -50.83
N LYS K 354 63.15 42.73 -51.91
CA LYS K 354 63.66 43.37 -53.11
C LYS K 354 63.13 42.66 -54.33
N ASP K 355 63.08 43.38 -55.45
CA ASP K 355 62.49 42.88 -56.68
C ASP K 355 63.02 43.73 -57.84
N ILE K 356 63.38 43.06 -58.93
CA ILE K 356 63.75 43.71 -60.19
C ILE K 356 63.10 42.91 -61.31
N LYS K 357 62.23 43.56 -62.08
CA LYS K 357 61.50 42.90 -63.14
C LYS K 357 61.83 43.59 -64.46
N ARG K 358 62.94 43.17 -65.07
CA ARG K 358 63.37 43.77 -66.33
C ARG K 358 62.75 43.05 -67.51
N CYS K 359 62.73 43.74 -68.65
CA CYS K 359 62.20 43.17 -69.87
C CYS K 359 62.88 43.87 -71.04
N LEU K 360 62.80 43.24 -72.21
CA LEU K 360 63.24 43.85 -73.46
C LEU K 360 62.58 43.07 -74.59
N GLY K 361 62.32 43.76 -75.69
CA GLY K 361 61.79 43.07 -76.86
C GLY K 361 61.60 43.98 -78.05
N TYR K 362 61.97 43.52 -79.24
CA TYR K 362 61.78 44.32 -80.43
C TYR K 362 61.53 43.47 -81.67
N HIS K 363 60.64 43.98 -82.50
CA HIS K 363 60.37 43.51 -83.85
C HIS K 363 61.24 44.30 -84.82
N LEU K 364 61.95 43.61 -85.70
CA LEU K 364 62.77 44.27 -86.71
C LEU K 364 62.49 43.69 -88.10
N PHE K 379 61.64 38.92 -88.24
CA PHE K 379 62.60 38.94 -87.16
C PHE K 379 61.88 39.27 -85.86
N ASN K 380 62.37 38.78 -84.73
CA ASN K 380 61.87 39.15 -83.41
C ASN K 380 62.90 38.75 -82.38
N LYS K 381 63.05 39.55 -81.33
CA LYS K 381 63.83 39.11 -80.19
C LYS K 381 63.19 39.66 -78.93
N ASP K 382 63.18 38.87 -77.85
CA ASP K 382 62.74 39.40 -76.57
C ASP K 382 63.37 38.60 -75.45
N ASP K 383 63.32 39.17 -74.25
CA ASP K 383 63.61 38.45 -73.02
C ASP K 383 62.89 39.12 -71.87
N CYS K 384 62.67 38.34 -70.82
CA CYS K 384 62.06 38.83 -69.58
C CYS K 384 62.87 38.28 -68.43
N VAL K 385 63.36 39.16 -67.56
CA VAL K 385 64.22 38.79 -66.45
C VAL K 385 63.50 39.17 -65.16
N LYS K 386 63.44 38.24 -64.22
CA LYS K 386 62.87 38.53 -62.91
C LYS K 386 63.88 38.14 -61.84
N ARG K 387 63.92 38.94 -60.77
CA ARG K 387 64.75 38.62 -59.62
C ARG K 387 64.01 39.11 -58.39
N GLY K 388 63.97 38.30 -57.35
CA GLY K 388 63.29 38.70 -56.14
C GLY K 388 63.88 38.09 -54.90
N GLU K 389 64.27 38.92 -53.94
CA GLU K 389 64.88 38.45 -52.71
C GLU K 389 64.01 38.82 -51.53
N GLY K 390 64.01 37.96 -50.51
CA GLY K 390 63.28 38.25 -49.30
C GLY K 390 64.10 37.86 -48.10
N ARG K 391 64.10 38.67 -47.05
CA ARG K 391 64.83 38.35 -45.83
C ARG K 391 63.94 38.62 -44.63
N ALA K 392 64.13 37.85 -43.58
CA ALA K 392 63.33 38.06 -42.38
C ALA K 392 64.14 37.64 -41.17
N VAL K 393 64.03 38.41 -40.10
CA VAL K 393 64.67 38.13 -38.83
C VAL K 393 63.66 38.42 -37.72
N ASN K 394 63.41 37.45 -36.85
CA ASN K 394 62.70 37.70 -35.61
C ASN K 394 63.64 37.35 -34.46
N ILE K 395 63.77 38.23 -33.48
CA ILE K 395 64.58 37.97 -32.31
C ILE K 395 63.73 38.29 -31.08
N THR K 396 63.42 37.28 -30.28
CA THR K 396 62.52 37.45 -29.15
C THR K 396 63.26 37.03 -27.88
N SER K 397 63.72 37.98 -27.10
CA SER K 397 64.42 37.68 -25.86
C SER K 397 63.50 37.91 -24.67
N GLU K 398 63.83 37.24 -23.57
CA GLU K 398 63.07 37.41 -22.34
C GLU K 398 63.95 37.08 -21.14
N ASN K 399 63.91 37.95 -20.15
CA ASN K 399 64.49 37.70 -18.85
C ASN K 399 63.37 37.76 -17.82
N LEU K 400 63.48 36.94 -16.79
CA LEU K 400 62.57 37.01 -15.66
C LEU K 400 63.36 36.64 -14.43
N ILE K 401 63.12 37.36 -13.34
CA ILE K 401 63.77 37.09 -12.05
C ILE K 401 62.68 37.18 -11.00
N ASP K 402 62.68 36.23 -10.08
CA ASP K 402 61.85 36.34 -8.88
C ASP K 402 62.74 36.04 -7.68
N ASP K 403 62.76 36.96 -6.73
CA ASP K 403 63.34 36.74 -5.42
C ASP K 403 62.21 36.78 -4.42
N VAL K 404 62.28 35.89 -3.43
CA VAL K 404 61.46 35.97 -2.24
C VAL K 404 62.38 35.78 -1.07
N VAL K 405 62.27 36.63 -0.06
CA VAL K 405 62.96 36.44 1.21
C VAL K 405 61.90 36.44 2.29
N SER K 406 61.99 35.51 3.22
CA SER K 406 61.17 35.58 4.42
C SER K 406 62.05 35.40 5.63
N LEU K 407 61.72 36.10 6.70
CA LEU K 407 62.47 36.04 7.94
C LEU K 407 61.48 36.13 9.07
N ILE K 408 61.76 35.43 10.16
CA ILE K 408 60.85 35.45 11.31
C ILE K 408 61.63 35.17 12.58
N ARG K 409 61.44 36.01 13.59
CA ARG K 409 62.17 35.89 14.84
C ARG K 409 61.18 35.77 15.98
N GLY K 410 61.60 35.15 17.07
CA GLY K 410 60.75 35.06 18.24
C GLY K 410 59.61 34.06 18.16
N GLY K 411 59.25 33.49 19.29
CA GLY K 411 58.09 32.62 19.37
C GLY K 411 58.47 31.17 19.57
N THR K 412 57.45 30.37 19.85
CA THR K 412 57.65 28.95 20.05
C THR K 412 57.88 28.30 18.68
N ARG K 413 58.45 27.11 18.70
CA ARG K 413 58.84 26.40 17.50
C ARG K 413 57.66 25.95 16.65
N LYS K 414 56.48 25.80 17.25
CA LYS K 414 55.37 25.16 16.57
C LYS K 414 54.51 26.12 15.77
N TYR K 415 54.36 27.36 16.21
CA TYR K 415 53.45 28.28 15.53
C TYR K 415 54.15 29.20 14.54
N ALA K 416 55.40 29.59 14.82
CA ALA K 416 56.11 30.52 13.96
C ALA K 416 56.37 29.93 12.58
N PHE K 417 56.64 28.63 12.52
CA PHE K 417 56.94 28.00 11.26
C PHE K 417 55.69 27.48 10.57
N GLU K 418 54.55 27.54 11.24
CA GLU K 418 53.28 27.56 10.53
C GLU K 418 53.08 28.92 9.86
N LEU K 419 53.39 29.99 10.59
CA LEU K 419 53.15 31.35 10.10
C LEU K 419 54.00 31.69 8.88
N LYS K 420 55.26 31.24 8.88
CA LYS K 420 56.17 31.57 7.78
C LYS K 420 55.70 30.94 6.46
N GLU K 421 55.30 29.68 6.51
CA GLU K 421 54.78 29.05 5.30
C GLU K 421 53.38 29.55 4.93
N LYS K 422 52.59 30.02 5.90
CA LYS K 422 51.34 30.66 5.51
C LYS K 422 51.58 32.02 4.86
N LEU K 423 52.69 32.67 5.18
CA LEU K 423 53.08 33.87 4.44
C LEU K 423 53.48 33.53 3.03
N LEU K 424 54.40 32.58 2.86
CA LEU K 424 55.01 32.36 1.56
C LEU K 424 54.14 31.59 0.59
N ARG K 425 53.00 31.06 1.05
CA ARG K 425 52.06 30.44 0.13
C ARG K 425 51.42 31.47 -0.79
N GLY K 426 51.29 32.71 -0.33
CA GLY K 426 50.65 33.75 -1.09
C GLY K 426 49.17 33.88 -0.87
N THR K 427 48.52 32.84 -0.33
CA THR K 427 47.12 32.93 0.00
C THR K 427 46.91 33.80 1.24
N VAL K 428 45.65 34.16 1.48
CA VAL K 428 45.34 34.99 2.63
C VAL K 428 45.42 34.13 3.89
N ILE K 429 45.92 34.72 4.97
CA ILE K 429 46.07 34.06 6.25
C ILE K 429 44.87 34.42 7.11
N ASP K 430 44.07 33.42 7.47
CA ASP K 430 42.99 33.64 8.42
C ASP K 430 43.57 34.02 9.77
N VAL K 431 42.84 34.83 10.53
CA VAL K 431 43.41 35.45 11.72
C VAL K 431 43.24 34.43 12.84
N THR K 432 44.10 33.42 12.81
CA THR K 432 44.29 32.47 13.90
C THR K 432 45.73 32.07 14.07
N ASP K 433 46.60 32.35 13.10
CA ASP K 433 48.01 32.01 13.18
C ASP K 433 48.86 33.18 13.64
N PHE K 434 48.51 34.39 13.21
CA PHE K 434 49.19 35.57 13.74
C PHE K 434 48.85 35.79 15.21
N VAL K 435 47.61 35.47 15.59
CA VAL K 435 47.20 35.55 16.99
C VAL K 435 47.93 34.50 17.82
N ASN K 436 48.06 33.28 17.29
CA ASN K 436 48.75 32.23 18.03
C ASN K 436 50.24 32.49 18.13
N TRP K 437 50.84 33.05 17.09
CA TRP K 437 52.24 33.43 17.20
C TRP K 437 52.42 34.59 18.16
N ALA K 438 51.46 35.51 18.21
CA ALA K 438 51.58 36.63 19.12
C ALA K 438 51.31 36.23 20.56
N SER K 439 50.55 35.16 20.77
CA SER K 439 50.46 34.61 22.12
C SER K 439 51.70 33.79 22.45
N SER K 440 52.33 33.22 21.43
CA SER K 440 53.56 32.47 21.61
C SER K 440 54.73 33.37 21.99
N ILE K 441 54.72 34.62 21.53
CA ILE K 441 55.87 35.50 21.69
C ILE K 441 56.12 35.90 23.14
N ASN K 442 55.16 35.64 24.04
CA ASN K 442 55.40 35.84 25.46
C ASN K 442 56.41 34.84 26.00
N ASP K 443 56.48 33.65 25.41
CA ASP K 443 57.39 32.62 25.91
C ASP K 443 58.83 32.90 25.48
N ALA K 444 59.05 33.17 24.19
CA ALA K 444 60.40 33.27 23.63
C ALA K 444 60.59 34.64 22.97
N PRO K 445 60.96 35.65 23.74
CA PRO K 445 61.21 36.96 23.16
C PRO K 445 62.58 37.03 22.50
N VAL K 446 62.69 37.97 21.56
CA VAL K 446 63.91 38.21 20.82
C VAL K 446 64.14 39.71 20.77
N LEU K 447 65.33 40.15 21.18
CA LEU K 447 65.65 41.57 21.23
C LEU K 447 65.62 42.18 19.84
N ILE K 448 65.03 43.37 19.73
CA ILE K 448 64.69 43.91 18.42
C ILE K 448 65.22 45.33 18.19
N SER K 449 65.53 46.11 19.23
CA SER K 449 65.98 47.48 19.04
C SER K 449 66.68 47.91 20.32
N GLN K 450 67.87 48.49 20.18
CA GLN K 450 68.71 48.75 21.33
C GLN K 450 69.43 50.06 21.15
N LYS K 451 69.80 50.66 22.27
CA LYS K 451 70.58 51.90 22.30
C LYS K 451 71.87 51.59 23.03
N LEU K 452 72.96 51.49 22.30
CA LEU K 452 74.20 50.93 22.81
C LEU K 452 74.88 51.90 23.77
N SER K 453 75.96 51.42 24.39
CA SER K 453 76.77 52.16 25.34
C SER K 453 78.07 51.41 25.50
N PRO K 454 79.22 52.08 25.53
CA PRO K 454 80.49 51.36 25.49
C PRO K 454 80.81 50.70 26.82
N ILE K 455 81.55 49.59 26.72
CA ILE K 455 81.77 48.73 27.89
C ILE K 455 82.79 49.32 28.86
N TYR K 456 83.54 50.35 28.44
CA TYR K 456 84.37 51.07 29.39
C TYR K 456 83.60 52.17 30.12
N ASN K 457 82.28 52.20 29.98
CA ASN K 457 81.42 52.97 30.86
C ASN K 457 80.81 52.06 31.94
N LEU K 458 81.43 50.92 32.17
CA LEU K 458 80.91 49.90 33.07
C LEU K 458 81.96 49.35 34.03
N VAL K 459 83.25 49.44 33.70
CA VAL K 459 84.35 49.01 34.56
C VAL K 459 84.32 49.82 35.86
N PRO K 460 84.24 49.18 37.01
CA PRO K 460 84.14 49.91 38.27
C PRO K 460 85.42 50.64 38.62
N VAL K 461 85.28 51.64 39.48
CA VAL K 461 86.38 52.53 39.83
C VAL K 461 86.98 52.15 41.19
N LYS K 462 86.26 51.36 41.98
CA LYS K 462 86.78 50.88 43.26
C LYS K 462 88.02 50.01 43.11
N MET K 463 88.10 49.24 42.02
CA MET K 463 89.21 48.34 41.81
C MET K 463 90.47 49.11 41.42
N LYS K 464 91.61 48.43 41.54
CA LYS K 464 92.90 49.06 41.32
C LYS K 464 93.21 49.17 39.83
N ASN K 465 93.91 50.26 39.48
CA ASN K 465 94.26 50.63 38.10
C ASN K 465 93.04 50.71 37.21
N ALA K 466 91.96 51.31 37.72
CA ALA K 466 90.71 51.35 37.00
C ALA K 466 90.79 52.30 35.81
N HIS K 467 91.39 53.47 36.00
CA HIS K 467 91.46 54.44 34.92
C HIS K 467 92.41 53.99 33.81
N LEU K 468 93.47 53.26 34.17
CA LEU K 468 94.37 52.75 33.14
C LEU K 468 93.71 51.68 32.29
N LYS K 469 92.92 50.81 32.92
CA LYS K 469 92.18 49.81 32.17
C LYS K 469 91.08 50.43 31.32
N LYS K 470 90.48 51.52 31.81
CA LYS K 470 89.50 52.22 30.99
C LYS K 470 90.17 52.94 29.83
N GLN K 471 91.38 53.45 30.04
CA GLN K 471 92.16 54.05 28.97
C GLN K 471 92.58 53.02 27.94
N ASN K 472 92.79 51.77 28.38
CA ASN K 472 93.09 50.72 27.43
C ASN K 472 91.87 50.33 26.63
N LEU K 473 90.73 50.17 27.31
CA LEU K 473 89.52 49.73 26.63
C LEU K 473 88.88 50.81 25.77
N GLU K 474 89.22 52.08 25.99
CA GLU K 474 88.67 53.11 25.11
C GLU K 474 89.42 53.18 23.79
N ARG K 475 90.65 52.66 23.74
CA ARG K 475 91.39 52.55 22.49
C ARG K 475 91.28 51.19 21.85
N ALA K 476 91.00 50.16 22.64
CA ALA K 476 90.85 48.82 22.09
C ALA K 476 89.62 48.71 21.21
N ILE K 477 88.57 49.47 21.51
CA ILE K 477 87.39 49.45 20.67
C ILE K 477 87.65 50.14 19.34
N GLU K 478 88.44 51.23 19.36
CA GLU K 478 88.84 51.88 18.12
C GLU K 478 89.72 50.98 17.26
N ASP K 479 90.67 50.28 17.90
CA ASP K 479 91.52 49.35 17.17
C ASP K 479 90.73 48.16 16.66
N TYR K 480 89.73 47.69 17.40
CA TYR K 480 88.93 46.56 16.95
C TYR K 480 88.03 46.96 15.79
N ILE K 481 87.46 48.16 15.83
CA ILE K 481 86.59 48.58 14.74
C ILE K 481 87.41 49.01 13.54
N ASN K 482 88.69 49.32 13.72
CA ASN K 482 89.51 49.69 12.58
C ASN K 482 90.08 48.45 11.89
N GLU K 483 90.64 47.52 12.68
CA GLU K 483 91.42 46.43 12.09
C GLU K 483 90.56 45.32 11.51
N PHE K 484 89.30 45.18 11.94
CA PHE K 484 88.37 44.27 11.30
C PHE K 484 87.33 45.00 10.47
N SER K 485 87.63 46.23 10.04
CA SER K 485 86.71 46.96 9.20
C SER K 485 86.71 46.38 7.78
N VAL K 486 85.64 46.70 7.04
CA VAL K 486 85.52 46.23 5.66
C VAL K 486 86.35 47.06 4.71
N ARG K 487 86.88 48.19 5.16
CA ARG K 487 87.60 49.12 4.31
C ARG K 487 89.06 48.76 4.12
N LYS K 488 89.45 47.52 4.33
CA LYS K 488 90.77 47.04 3.94
C LYS K 488 90.74 46.21 2.67
N CYS K 489 89.66 45.46 2.44
CA CYS K 489 89.52 44.70 1.21
C CYS K 489 89.17 45.63 0.06
N HIS K 490 89.83 45.43 -1.07
CA HIS K 490 89.56 46.23 -2.25
C HIS K 490 88.20 45.88 -2.82
N THR K 491 87.41 46.91 -3.15
CA THR K 491 86.00 46.72 -3.43
C THR K 491 85.76 46.02 -4.76
N CYS K 492 84.66 45.29 -4.83
CA CYS K 492 84.28 44.59 -6.04
C CYS K 492 83.56 45.54 -7.00
N GLN K 493 83.79 45.32 -8.29
CA GLN K 493 83.21 46.15 -9.32
C GLN K 493 81.77 45.71 -9.62
N ASN K 494 81.17 46.38 -10.62
CA ASN K 494 79.84 46.09 -11.15
C ASN K 494 78.74 46.23 -10.12
N GLY K 495 78.95 47.05 -9.09
CA GLY K 495 77.98 47.19 -8.02
C GLY K 495 78.01 46.09 -6.98
N GLY K 496 79.10 45.33 -6.90
CA GLY K 496 79.21 44.28 -5.91
C GLY K 496 79.53 44.81 -4.54
N THR K 497 78.65 44.55 -3.57
CA THR K 497 78.85 45.00 -2.19
C THR K 497 79.71 43.99 -1.45
N VAL K 498 80.84 44.46 -0.94
CA VAL K 498 81.78 43.59 -0.24
C VAL K 498 81.30 43.39 1.19
N ILE K 499 81.43 42.15 1.69
CA ILE K 499 81.00 41.79 3.04
C ILE K 499 82.14 41.05 3.71
N LEU K 500 82.65 41.61 4.80
CA LEU K 500 83.65 40.90 5.59
C LEU K 500 82.96 39.77 6.35
N MET K 501 83.52 38.57 6.22
CA MET K 501 82.94 37.38 6.86
C MET K 501 84.06 36.36 7.00
N ASP K 502 84.34 35.96 8.24
CA ASP K 502 85.38 34.97 8.59
C ASP K 502 86.76 35.45 8.15
N GLY K 503 86.98 36.76 8.07
CA GLY K 503 88.21 37.28 7.50
C GLY K 503 88.36 36.98 6.03
N LYS K 504 87.25 36.85 5.31
CA LYS K 504 87.27 36.47 3.89
C LYS K 504 86.19 37.30 3.19
N CYS K 505 86.61 38.39 2.55
CA CYS K 505 85.70 39.37 1.99
C CYS K 505 84.99 38.79 0.77
N LEU K 506 83.75 38.34 0.97
CA LEU K 506 82.91 37.85 -0.10
C LEU K 506 82.01 38.98 -0.60
N CYS K 507 81.81 39.04 -1.91
CA CYS K 507 81.00 40.07 -2.53
C CYS K 507 79.68 39.49 -3.05
N ALA K 508 78.61 40.26 -2.92
CA ALA K 508 77.31 39.90 -3.42
C ALA K 508 77.00 40.71 -4.68
N CYS K 509 76.63 40.02 -5.76
CA CYS K 509 76.41 40.62 -7.07
C CYS K 509 74.92 40.83 -7.33
N PRO K 510 74.52 41.99 -7.84
CA PRO K 510 73.09 42.25 -8.00
C PRO K 510 72.42 41.61 -9.20
N PHE K 511 71.69 40.51 -8.95
CA PHE K 511 70.57 40.01 -9.75
C PHE K 511 70.92 39.40 -11.11
N LYS K 512 72.14 39.59 -11.61
CA LYS K 512 72.47 39.06 -12.93
C LYS K 512 73.84 38.41 -13.01
N PHE K 513 74.71 38.61 -12.04
CA PHE K 513 76.12 38.33 -12.20
C PHE K 513 76.46 37.12 -11.33
N GLU K 514 76.82 36.01 -11.97
CA GLU K 514 77.14 34.80 -11.21
C GLU K 514 78.60 34.72 -10.81
N GLY K 515 79.45 35.58 -11.35
CA GLY K 515 80.87 35.50 -11.06
C GLY K 515 81.21 36.02 -9.68
N ILE K 516 82.41 35.66 -9.22
CA ILE K 516 82.86 36.10 -7.91
C ILE K 516 83.17 37.59 -7.92
N ALA K 517 83.71 38.08 -9.04
CA ALA K 517 84.00 39.49 -9.22
C ALA K 517 82.90 40.22 -9.97
N CYS K 518 81.70 39.64 -10.01
CA CYS K 518 80.49 40.22 -10.63
C CYS K 518 80.69 40.52 -12.11
N GLU K 519 81.49 39.70 -12.82
CA GLU K 519 81.89 40.03 -14.17
C GLU K 519 80.96 39.45 -15.23
N ILE K 520 80.68 38.15 -15.15
CA ILE K 520 79.88 37.49 -16.17
C ILE K 520 78.43 37.94 -16.04
N SER K 521 77.82 38.28 -17.17
CA SER K 521 76.45 38.77 -17.21
C SER K 521 75.57 37.80 -17.98
N LYS K 522 74.28 38.09 -18.00
CA LYS K 522 73.32 37.29 -18.76
C LYS K 522 72.33 38.19 -19.50
N SER L 18 97.41 11.42 -21.77
CA SER L 18 96.97 11.78 -20.43
C SER L 18 97.31 10.69 -19.43
N HIS L 19 98.42 10.87 -18.72
CA HIS L 19 98.89 9.87 -17.76
C HIS L 19 99.77 10.56 -16.72
N ILE L 20 99.21 10.81 -15.55
CA ILE L 20 99.93 11.44 -14.44
C ILE L 20 99.91 10.49 -13.26
N ASP L 21 101.06 10.33 -12.60
CA ASP L 21 101.17 9.49 -11.42
C ASP L 21 101.59 10.32 -10.22
N CYS L 22 101.48 9.72 -9.04
CA CYS L 22 101.89 10.38 -7.82
C CYS L 22 103.40 10.47 -7.73
N ARG L 23 103.87 11.42 -6.92
CA ARG L 23 105.29 11.66 -6.73
C ARG L 23 105.56 11.85 -5.25
N MET L 24 106.81 11.65 -4.86
CA MET L 24 107.24 11.87 -3.49
C MET L 24 108.61 12.52 -3.47
N SER L 25 108.78 13.49 -2.58
CA SER L 25 110.09 14.02 -2.25
C SER L 25 110.87 12.97 -1.45
N PRO L 26 112.21 13.01 -1.49
CA PRO L 26 112.98 12.12 -0.63
C PRO L 26 112.89 12.53 0.82
N TRP L 27 113.18 11.57 1.70
CA TRP L 27 113.08 11.79 3.13
C TRP L 27 114.19 12.74 3.59
N SER L 28 113.96 13.37 4.74
CA SER L 28 114.92 14.30 5.30
C SER L 28 115.96 13.54 6.12
N GLU L 29 116.73 14.26 6.91
CA GLU L 29 117.71 13.65 7.80
C GLU L 29 117.08 13.38 9.15
N TRP L 30 117.61 12.37 9.84
CA TRP L 30 117.16 12.02 11.18
C TRP L 30 117.60 13.11 12.16
N SER L 31 116.65 13.74 12.83
CA SER L 31 116.95 14.99 13.53
C SER L 31 117.69 14.75 14.85
N GLN L 32 117.02 14.15 15.83
CA GLN L 32 117.54 14.01 17.18
C GLN L 32 116.60 13.11 17.97
N CYS L 33 117.16 12.27 18.83
CA CYS L 33 116.37 11.60 19.85
C CYS L 33 115.75 12.65 20.77
N ASP L 34 114.44 12.82 20.68
CA ASP L 34 113.73 13.67 21.63
C ASP L 34 113.72 12.96 22.97
N PRO L 35 114.40 13.50 23.99
CA PRO L 35 114.68 12.70 25.19
C PRO L 35 113.47 12.48 26.06
N CYS L 36 112.45 13.32 25.96
CA CYS L 36 111.23 13.16 26.72
C CYS L 36 110.24 12.21 26.05
N LEU L 37 110.55 11.71 24.85
CA LEU L 37 109.72 10.73 24.17
C LEU L 37 110.48 9.56 23.57
N ARG L 38 111.81 9.59 23.58
CA ARG L 38 112.69 8.49 23.15
C ARG L 38 112.49 8.10 21.68
N GLN L 39 112.13 9.06 20.83
CA GLN L 39 111.87 8.79 19.43
C GLN L 39 112.44 9.92 18.58
N MET L 40 113.18 9.58 17.53
CA MET L 40 113.58 10.56 16.54
C MET L 40 112.62 10.54 15.36
N PHE L 41 112.30 11.71 14.84
CA PHE L 41 111.31 11.84 13.77
C PHE L 41 112.00 12.34 12.51
N ARG L 42 111.45 11.98 11.37
CA ARG L 42 111.90 12.53 10.09
C ARG L 42 110.71 12.56 9.15
N SER L 43 110.84 13.35 8.09
CA SER L 43 109.68 13.61 7.25
C SER L 43 110.10 13.93 5.83
N ARG L 44 109.11 14.23 5.00
CA ARG L 44 109.29 14.61 3.61
C ARG L 44 108.07 15.41 3.20
N SER L 45 107.94 15.69 1.90
CA SER L 45 106.76 16.40 1.40
C SER L 45 106.17 15.68 0.21
N ILE L 46 105.17 16.30 -0.42
CA ILE L 46 104.50 15.74 -1.58
C ILE L 46 104.62 16.74 -2.72
N GLU L 47 105.19 16.30 -3.84
CA GLU L 47 105.38 17.20 -4.97
C GLU L 47 104.11 17.33 -5.79
N VAL L 48 103.66 16.24 -6.42
CA VAL L 48 102.53 16.27 -7.34
C VAL L 48 101.61 15.09 -7.01
N PHE L 49 100.34 15.39 -6.75
CA PHE L 49 99.36 14.36 -6.51
C PHE L 49 99.00 13.64 -7.81
N GLY L 50 98.51 12.41 -7.68
CA GLY L 50 98.09 11.68 -8.85
C GLY L 50 96.83 12.26 -9.45
N GLN L 51 96.72 12.13 -10.78
CA GLN L 51 95.65 12.77 -11.51
C GLN L 51 95.45 12.01 -12.81
N PHE L 52 94.21 12.03 -13.31
CA PHE L 52 93.80 11.38 -14.56
C PHE L 52 94.09 9.88 -14.56
N ASN L 53 93.41 9.20 -13.64
CA ASN L 53 93.39 7.73 -13.55
C ASN L 53 94.78 7.17 -13.30
N GLY L 54 95.44 7.69 -12.27
CA GLY L 54 96.79 7.30 -11.94
C GLY L 54 96.94 6.84 -10.51
N LYS L 55 98.18 6.68 -10.06
CA LYS L 55 98.43 6.12 -8.74
C LYS L 55 98.17 7.16 -7.66
N ARG L 56 97.53 6.72 -6.58
CA ARG L 56 97.19 7.58 -5.46
C ARG L 56 98.39 7.70 -4.52
N CYS L 57 98.52 8.87 -3.90
CA CYS L 57 99.68 9.14 -3.06
C CYS L 57 99.60 8.44 -1.71
N THR L 58 98.41 8.40 -1.11
CA THR L 58 98.11 7.69 0.15
C THR L 58 98.98 8.15 1.31
N ASP L 59 99.10 9.48 1.46
CA ASP L 59 99.36 10.19 2.72
C ASP L 59 100.56 9.67 3.50
N ALA L 60 101.68 9.49 2.81
CA ALA L 60 102.82 8.81 3.37
C ALA L 60 103.87 9.76 3.96
N VAL L 61 103.42 10.88 4.53
CA VAL L 61 104.34 11.83 5.15
C VAL L 61 104.51 11.48 6.63
N GLY L 62 105.64 11.88 7.19
CA GLY L 62 105.91 11.61 8.59
C GLY L 62 106.42 10.20 8.86
N ASP L 63 107.38 10.07 9.77
CA ASP L 63 107.96 8.77 10.07
C ASP L 63 108.51 8.80 11.48
N ARG L 64 108.48 7.65 12.14
CA ARG L 64 108.93 7.51 13.52
C ARG L 64 109.88 6.33 13.63
N ARG L 65 110.77 6.40 14.61
CA ARG L 65 111.73 5.32 14.85
C ARG L 65 112.21 5.40 16.29
N GLN L 66 112.25 4.26 16.96
CA GLN L 66 112.65 4.24 18.36
C GLN L 66 114.16 4.41 18.47
N CYS L 67 114.59 5.14 19.49
CA CYS L 67 116.01 5.28 19.78
C CYS L 67 116.20 5.46 21.27
N VAL L 68 117.35 5.01 21.76
CA VAL L 68 117.71 5.16 23.17
C VAL L 68 118.02 6.63 23.46
N PRO L 69 117.56 7.21 24.57
CA PRO L 69 117.91 8.59 24.88
C PRO L 69 119.37 8.74 25.26
N THR L 70 120.14 9.37 24.37
CA THR L 70 121.57 9.54 24.60
C THR L 70 121.88 10.63 25.60
N GLU L 71 120.99 11.62 25.73
CA GLU L 71 121.14 12.70 26.70
C GLU L 71 119.76 13.02 27.26
N PRO L 72 119.46 12.60 28.48
CA PRO L 72 118.08 12.67 28.97
C PRO L 72 117.66 14.09 29.33
N CYS L 73 116.37 14.36 29.12
CA CYS L 73 115.77 15.65 29.43
C CYS L 73 115.36 15.70 30.91
N GLU L 74 114.96 16.89 31.34
CA GLU L 74 114.39 17.03 32.67
C GLU L 74 113.00 16.41 32.70
N ASP L 75 112.55 16.07 33.91
CA ASP L 75 111.25 15.44 34.10
C ASP L 75 110.16 16.47 33.80
N ALA L 76 109.53 16.36 32.64
CA ALA L 76 108.55 17.33 32.16
C ALA L 76 107.24 17.10 32.90
N GLU L 77 107.09 17.76 34.04
CA GLU L 77 105.84 17.75 34.79
C GLU L 77 105.60 19.14 35.37
N ASP L 78 104.33 19.51 35.46
CA ASP L 78 103.98 20.84 35.90
C ASP L 78 104.07 20.96 37.42
N ASP L 79 104.20 22.21 37.88
CA ASP L 79 104.35 22.45 39.31
C ASP L 79 103.02 22.24 40.04
N CYS L 80 101.93 22.75 39.45
CA CYS L 80 100.58 22.74 40.02
C CYS L 80 100.58 23.40 41.40
N GLY L 81 100.90 24.69 41.40
CA GLY L 81 101.18 25.40 42.65
C GLY L 81 99.94 25.71 43.45
N ASN L 82 99.89 25.21 44.70
CA ASN L 82 98.84 25.50 45.69
C ASN L 82 97.45 25.10 45.22
N ASP L 83 97.37 24.10 44.33
CA ASP L 83 96.11 23.59 43.82
C ASP L 83 96.06 22.10 44.07
N PHE L 84 94.85 21.60 44.32
CA PHE L 84 94.67 20.16 44.50
C PHE L 84 94.83 19.46 43.16
N GLN L 85 95.95 18.77 42.99
CA GLN L 85 96.12 17.91 41.82
C GLN L 85 95.18 16.72 41.91
N CYS L 86 94.75 16.24 40.76
CA CYS L 86 93.78 15.17 40.66
C CYS L 86 94.44 13.94 40.06
N SER L 87 93.64 12.91 39.84
CA SER L 87 94.12 11.67 39.22
C SER L 87 94.00 11.68 37.71
N THR L 88 94.02 12.84 37.10
CA THR L 88 94.04 13.01 35.65
C THR L 88 95.19 13.88 35.17
N GLY L 89 95.53 14.93 35.92
CA GLY L 89 96.45 15.95 35.47
C GLY L 89 95.87 17.34 35.46
N ARG L 90 94.58 17.49 35.78
CA ARG L 90 93.94 18.79 35.89
C ARG L 90 94.06 19.28 37.33
N CYS L 91 94.33 20.57 37.50
CA CYS L 91 94.51 21.17 38.81
C CYS L 91 93.32 22.07 39.10
N ILE L 92 92.50 21.67 40.06
CA ILE L 92 91.34 22.45 40.46
C ILE L 92 91.62 23.09 41.82
N LYS L 93 90.72 23.97 42.23
CA LYS L 93 90.87 24.73 43.47
C LYS L 93 90.28 23.95 44.64
N MET L 94 90.38 24.53 45.84
CA MET L 94 89.83 23.90 47.03
C MET L 94 88.34 24.14 47.17
N ARG L 95 87.81 25.20 46.54
CA ARG L 95 86.38 25.51 46.57
C ARG L 95 85.54 24.42 45.91
N LEU L 96 86.13 23.66 44.99
CA LEU L 96 85.42 22.61 44.27
C LEU L 96 85.38 21.29 45.03
N ARG L 97 85.74 21.27 46.31
CA ARG L 97 85.76 20.03 47.08
C ARG L 97 84.34 19.64 47.49
N CYS L 98 83.98 18.38 47.19
CA CYS L 98 82.72 17.75 47.58
C CYS L 98 81.50 18.53 47.08
N ASN L 99 81.63 19.15 45.91
CA ASN L 99 80.56 19.98 45.37
C ASN L 99 79.51 19.18 44.63
N GLY L 100 79.68 17.87 44.50
CA GLY L 100 78.76 17.08 43.73
C GLY L 100 78.89 17.22 42.23
N ASP L 101 79.99 17.80 41.75
CA ASP L 101 80.25 17.96 40.33
C ASP L 101 81.57 17.30 39.97
N ASN L 102 81.57 16.58 38.86
CA ASN L 102 82.75 15.86 38.41
C ASN L 102 83.79 16.79 37.82
N ASP L 103 84.64 17.33 38.69
CA ASP L 103 85.55 18.40 38.33
C ASP L 103 86.93 17.92 37.93
N CYS L 104 87.48 16.93 38.63
CA CYS L 104 88.77 16.38 38.24
C CYS L 104 88.66 15.48 37.01
N GLY L 105 87.48 14.96 36.73
CA GLY L 105 87.30 14.05 35.62
C GLY L 105 87.14 12.62 36.10
N ASP L 106 87.94 12.24 37.09
CA ASP L 106 87.84 10.92 37.71
C ASP L 106 87.22 11.00 39.11
N PHE L 107 86.23 11.89 39.26
CA PHE L 107 85.23 11.83 40.32
C PHE L 107 85.86 12.04 41.70
N SER L 108 86.86 12.91 41.77
CA SER L 108 87.62 13.12 42.99
C SER L 108 86.98 14.14 43.92
N ASP L 109 85.66 14.34 43.82
CA ASP L 109 84.93 15.22 44.72
C ASP L 109 83.87 14.48 45.51
N GLU L 110 83.08 13.62 44.86
CA GLU L 110 81.92 13.00 45.49
C GLU L 110 82.24 11.68 46.19
N ASP L 111 83.48 11.51 46.66
CA ASP L 111 83.85 10.27 47.33
C ASP L 111 84.50 10.50 48.69
N ASP L 112 85.22 11.62 48.84
CA ASP L 112 86.16 11.75 49.96
C ASP L 112 85.45 12.08 51.26
N CYS L 113 84.81 13.25 51.32
CA CYS L 113 84.40 13.78 52.61
C CYS L 113 83.02 13.25 53.00
N GLU L 114 82.74 13.35 54.30
CA GLU L 114 81.40 13.11 54.83
C GLU L 114 80.63 14.41 55.04
N SER L 115 81.11 15.50 54.44
CA SER L 115 80.48 16.81 54.59
C SER L 115 79.27 16.91 53.67
N GLU L 116 78.69 18.11 53.59
CA GLU L 116 77.54 18.33 52.75
C GLU L 116 77.96 18.35 51.28
N PRO L 117 77.10 17.87 50.37
CA PRO L 117 77.41 18.00 48.94
C PRO L 117 77.30 19.42 48.44
N ARG L 118 76.61 20.32 49.18
CA ARG L 118 76.34 21.75 48.98
C ARG L 118 76.18 22.16 47.50
N PRO L 119 75.14 21.68 46.81
CA PRO L 119 75.03 21.93 45.38
C PRO L 119 74.72 23.39 45.10
N PRO L 120 75.53 24.05 44.25
CA PRO L 120 75.26 25.45 43.95
C PRO L 120 73.96 25.66 43.20
N CYS L 121 73.60 24.73 42.32
CA CYS L 121 72.22 24.64 41.86
C CYS L 121 71.42 23.99 42.97
N ARG L 122 70.61 24.80 43.66
CA ARG L 122 69.75 24.32 44.75
C ARG L 122 68.51 23.63 44.21
N ASP L 123 67.49 23.51 45.08
CA ASP L 123 66.25 22.80 44.77
C ASP L 123 65.41 23.39 43.61
N ARG L 124 65.89 24.46 42.98
CA ARG L 124 65.31 24.92 41.72
C ARG L 124 65.44 23.84 40.66
N VAL L 125 64.47 23.82 39.74
CA VAL L 125 64.43 22.81 38.69
C VAL L 125 65.55 23.11 37.70
N VAL L 126 66.60 22.30 37.75
CA VAL L 126 67.81 22.51 36.98
C VAL L 126 68.20 21.19 36.33
N GLU L 127 68.41 21.20 35.02
CA GLU L 127 68.69 20.00 34.26
C GLU L 127 70.10 20.07 33.67
N GLU L 128 70.41 19.12 32.80
CA GLU L 128 71.62 19.18 32.00
C GLU L 128 71.25 19.51 30.56
N SER L 129 72.17 20.17 29.85
CA SER L 129 71.85 20.73 28.55
C SER L 129 71.92 19.65 27.48
N GLU L 130 71.63 20.05 26.24
CA GLU L 130 71.77 19.19 25.08
C GLU L 130 72.59 19.82 23.97
N LEU L 131 72.78 21.13 23.99
CA LEU L 131 73.52 21.86 22.97
C LEU L 131 74.87 22.32 23.46
N ALA L 132 74.99 22.59 24.76
CA ALA L 132 76.24 23.11 25.30
C ALA L 132 77.25 22.03 25.56
N ARG L 133 76.84 20.76 25.63
CA ARG L 133 77.75 19.72 26.06
C ARG L 133 78.75 19.36 24.98
N THR L 134 78.45 19.66 23.73
CA THR L 134 79.34 19.41 22.60
C THR L 134 79.74 20.71 21.93
N ALA L 135 80.02 21.75 22.70
CA ALA L 135 80.14 23.10 22.17
C ALA L 135 81.52 23.43 21.62
N GLY L 136 82.35 22.45 21.35
CA GLY L 136 83.60 22.76 20.69
C GLY L 136 83.50 22.74 19.18
N TYR L 137 83.15 21.57 18.64
CA TYR L 137 83.18 21.25 17.21
C TYR L 137 84.48 21.70 16.57
N GLY L 138 85.58 21.09 17.03
CA GLY L 138 86.90 21.39 16.51
C GLY L 138 87.02 21.03 15.04
N ILE L 139 87.04 22.05 14.19
CA ILE L 139 86.70 21.88 12.80
C ILE L 139 87.98 21.75 11.98
N ASN L 140 87.85 21.26 10.76
CA ASN L 140 88.97 21.12 9.85
C ASN L 140 88.69 21.99 8.63
N ILE L 141 89.76 22.35 7.91
CA ILE L 141 89.67 23.31 6.82
C ILE L 141 88.95 22.80 5.59
N LEU L 142 88.67 21.49 5.51
CA LEU L 142 87.88 20.97 4.39
C LEU L 142 86.45 21.47 4.44
N GLY L 143 85.86 21.48 5.64
CA GLY L 143 84.49 21.93 5.81
C GLY L 143 83.71 21.04 6.75
N MET L 144 84.16 19.81 6.93
CA MET L 144 83.52 18.87 7.82
C MET L 144 84.09 18.99 9.23
N ASP L 145 83.27 18.65 10.22
CA ASP L 145 83.53 19.01 11.61
C ASP L 145 83.58 17.80 12.54
N PRO L 146 84.77 17.33 12.91
CA PRO L 146 84.86 16.33 13.97
C PRO L 146 84.54 16.96 15.32
N LEU L 147 83.71 16.27 16.10
CA LEU L 147 83.24 16.73 17.40
C LEU L 147 84.28 16.55 18.50
N SER L 148 85.52 16.26 18.14
CA SER L 148 86.60 16.00 19.10
C SER L 148 86.92 17.30 19.80
N THR L 149 86.08 17.60 20.77
CA THR L 149 86.05 18.87 21.45
C THR L 149 87.28 19.01 22.32
N PRO L 150 88.14 20.00 22.10
CA PRO L 150 89.24 20.21 23.04
C PRO L 150 88.74 20.75 24.37
N PHE L 151 87.60 21.42 24.37
CA PHE L 151 87.01 21.90 25.60
C PHE L 151 86.43 20.75 26.40
N ASP L 152 86.13 21.04 27.66
CA ASP L 152 85.46 20.07 28.54
C ASP L 152 84.19 20.74 29.03
N ASN L 153 83.05 20.28 28.53
CA ASN L 153 81.76 20.86 28.85
C ASN L 153 81.06 20.12 29.98
N GLU L 154 81.82 19.59 30.92
CA GLU L 154 81.28 19.09 32.17
C GLU L 154 81.78 19.87 33.37
N PHE L 155 82.73 20.76 33.18
CA PHE L 155 83.30 21.54 34.27
C PHE L 155 82.40 22.73 34.52
N TYR L 156 81.76 22.77 35.69
CA TYR L 156 80.85 23.86 36.01
C TYR L 156 81.45 24.90 36.95
N ASN L 157 82.52 24.54 37.66
CA ASN L 157 83.27 25.43 38.56
C ASN L 157 82.39 25.98 39.68
N GLY L 158 81.42 25.18 40.13
CA GLY L 158 80.60 25.54 41.28
C GLY L 158 79.68 26.71 41.08
N LEU L 159 79.21 26.95 39.87
CA LEU L 159 78.30 28.04 39.57
C LEU L 159 77.00 27.49 39.01
N CYS L 160 75.95 28.29 39.10
CA CYS L 160 74.62 27.87 38.65
C CYS L 160 74.03 29.02 37.85
N ASN L 161 74.28 29.04 36.55
CA ASN L 161 73.75 30.04 35.64
C ASN L 161 72.72 29.38 34.73
N ARG L 162 71.50 29.87 34.76
CA ARG L 162 70.42 29.25 34.01
C ARG L 162 70.21 29.97 32.69
N ASP L 163 69.86 29.20 31.66
CA ASP L 163 69.55 29.71 30.33
C ASP L 163 68.27 29.05 29.85
N ARG L 164 67.25 29.85 29.55
CA ARG L 164 65.92 29.30 29.35
C ARG L 164 65.79 28.64 27.99
N ASP L 165 64.71 27.88 27.86
CA ASP L 165 64.31 27.27 26.60
C ASP L 165 62.93 27.80 26.22
N GLY L 166 62.72 27.97 24.93
CA GLY L 166 61.45 28.47 24.45
C GLY L 166 60.34 27.44 24.52
N ASN L 167 60.54 26.30 23.86
CA ASN L 167 59.44 25.36 23.68
C ASN L 167 59.21 24.53 24.93
N THR L 168 60.26 23.90 25.47
CA THR L 168 60.06 22.94 26.54
C THR L 168 59.87 23.58 27.91
N LEU L 169 60.20 24.87 28.05
CA LEU L 169 60.10 25.64 29.31
C LEU L 169 60.88 24.97 30.44
N THR L 170 62.17 24.81 30.21
CA THR L 170 63.08 24.21 31.17
C THR L 170 64.13 25.24 31.56
N TYR L 171 65.13 24.81 32.33
CA TYR L 171 66.23 25.68 32.75
C TYR L 171 67.53 24.90 32.61
N TYR L 172 68.14 24.98 31.44
CA TYR L 172 69.39 24.30 31.17
C TYR L 172 70.53 25.05 31.86
N ARG L 173 71.69 24.41 31.93
CA ARG L 173 72.83 25.03 32.58
C ARG L 173 73.80 25.59 31.55
N ARG L 174 74.70 26.41 32.05
CA ARG L 174 75.76 27.01 31.25
C ARG L 174 77.09 26.49 31.75
N PRO L 175 77.76 25.60 31.03
CA PRO L 175 79.09 25.16 31.42
C PRO L 175 80.10 26.29 31.37
N TRP L 176 81.22 26.08 32.05
CA TRP L 176 82.21 27.14 32.22
C TRP L 176 82.89 27.53 30.92
N ASN L 177 82.97 26.61 29.95
CA ASN L 177 83.63 26.96 28.71
C ASN L 177 82.72 27.74 27.75
N VAL L 178 81.42 27.73 27.97
CA VAL L 178 80.49 28.49 27.14
C VAL L 178 80.22 29.83 27.81
N ALA L 179 80.53 30.92 27.11
CA ALA L 179 80.36 32.26 27.66
C ALA L 179 78.97 32.82 27.45
N SER L 180 78.28 32.41 26.39
CA SER L 180 76.93 32.88 26.15
C SER L 180 76.18 31.85 25.32
N LEU L 181 74.88 31.76 25.57
CA LEU L 181 74.08 30.71 24.95
C LEU L 181 72.63 31.19 24.92
N ILE L 182 72.18 31.66 23.77
CA ILE L 182 70.82 32.10 23.60
C ILE L 182 70.08 31.00 22.85
N TYR L 183 68.75 30.97 23.00
CA TYR L 183 67.88 30.12 22.20
C TYR L 183 66.87 31.03 21.52
N GLU L 184 67.20 31.53 20.33
CA GLU L 184 66.21 32.25 19.54
C GLU L 184 65.35 31.25 18.78
N THR L 185 64.56 31.75 17.83
CA THR L 185 63.92 30.89 16.84
C THR L 185 63.93 31.70 15.55
N LYS L 186 64.96 31.52 14.75
CA LYS L 186 65.17 32.42 13.63
C LYS L 186 64.99 31.63 12.34
N GLY L 187 63.80 31.70 11.77
CA GLY L 187 63.54 31.00 10.52
C GLY L 187 63.78 31.95 9.37
N GLU L 188 64.30 31.41 8.27
CA GLU L 188 64.73 32.29 7.19
C GLU L 188 64.73 31.54 5.87
N LYS L 189 63.78 31.84 5.00
CA LYS L 189 63.71 31.16 3.70
C LYS L 189 64.09 32.11 2.59
N ASN L 190 65.15 31.78 1.85
CA ASN L 190 65.39 32.40 0.57
C ASN L 190 64.68 31.57 -0.50
N PHE L 191 64.30 32.23 -1.58
CA PHE L 191 63.70 31.57 -2.73
C PHE L 191 64.11 32.38 -3.94
N ARG L 192 64.52 31.71 -5.00
CA ARG L 192 64.77 32.40 -6.25
C ARG L 192 64.23 31.56 -7.39
N THR L 193 63.83 32.23 -8.46
CA THR L 193 63.63 31.54 -9.74
C THR L 193 63.98 32.50 -10.86
N GLU L 194 65.01 32.15 -11.61
CA GLU L 194 65.41 32.91 -12.77
C GLU L 194 64.95 32.20 -14.02
N HIS L 195 64.89 32.94 -15.12
CA HIS L 195 64.38 32.39 -16.35
C HIS L 195 64.95 33.23 -17.48
N TYR L 196 65.52 32.56 -18.48
CA TYR L 196 66.00 33.23 -19.67
C TYR L 196 65.45 32.50 -20.88
N GLU L 197 65.17 33.25 -21.93
CA GLU L 197 64.66 32.64 -23.15
C GLU L 197 65.10 33.49 -24.32
N GLU L 198 65.39 32.86 -25.45
CA GLU L 198 65.77 33.61 -26.64
C GLU L 198 65.36 32.82 -27.87
N GLN L 199 64.33 33.27 -28.56
CA GLN L 199 64.02 32.70 -29.87
C GLN L 199 64.68 33.54 -30.94
N ILE L 200 65.01 32.91 -32.06
CA ILE L 200 65.43 33.65 -33.25
C ILE L 200 65.00 32.85 -34.47
N GLU L 201 64.44 33.55 -35.46
CA GLU L 201 64.01 32.95 -36.71
C GLU L 201 64.58 33.80 -37.85
N ALA L 202 65.63 33.29 -38.48
CA ALA L 202 66.20 33.93 -39.67
C ALA L 202 65.65 33.24 -40.91
N PHE L 203 65.69 33.96 -42.03
CA PHE L 203 64.96 33.54 -43.22
C PHE L 203 65.54 34.28 -44.42
N LYS L 204 65.79 33.56 -45.51
CA LYS L 204 66.34 34.19 -46.71
C LYS L 204 65.89 33.42 -47.95
N SER L 205 65.08 34.05 -48.78
CA SER L 205 64.57 33.44 -50.01
C SER L 205 65.05 34.20 -51.22
N ILE L 206 65.32 33.48 -52.32
CA ILE L 206 65.76 34.08 -53.59
C ILE L 206 65.00 33.38 -54.71
N ILE L 207 64.42 34.15 -55.63
CA ILE L 207 63.86 33.61 -56.87
C ILE L 207 64.51 34.34 -58.02
N GLN L 208 65.01 33.58 -59.01
CA GLN L 208 65.61 34.18 -60.20
C GLN L 208 64.99 33.55 -61.43
N GLU L 209 64.91 34.32 -62.51
CA GLU L 209 64.32 33.80 -63.73
C GLU L 209 64.85 34.61 -64.90
N LYS L 210 65.27 33.93 -65.97
CA LYS L 210 65.50 34.58 -67.25
C LYS L 210 64.78 33.78 -68.32
N THR L 211 64.08 34.48 -69.22
CA THR L 211 63.37 33.86 -70.32
C THR L 211 63.79 34.59 -71.58
N SER L 212 64.66 33.98 -72.38
CA SER L 212 65.15 34.58 -73.61
C SER L 212 64.56 33.86 -74.82
N ASN L 213 64.16 34.62 -75.83
CA ASN L 213 63.49 34.08 -77.01
C ASN L 213 63.98 34.84 -78.24
N PHE L 214 64.65 34.14 -79.15
CA PHE L 214 65.18 34.74 -80.37
C PHE L 214 64.53 34.06 -81.57
N ASN L 215 64.03 34.85 -82.52
CA ASN L 215 63.28 34.33 -83.65
C ASN L 215 63.77 35.00 -84.92
N ALA L 216 64.25 34.22 -85.88
CA ALA L 216 64.56 34.75 -87.20
C ALA L 216 63.40 34.46 -88.14
N ALA L 217 63.56 34.87 -89.40
CA ALA L 217 62.57 34.60 -90.45
C ALA L 217 63.21 34.62 -91.83
N PHE L 249 62.05 28.67 -93.70
CA PHE L 249 63.09 29.68 -93.56
C PHE L 249 63.01 30.41 -92.23
N ARG L 250 63.42 29.77 -91.14
CA ARG L 250 63.54 30.46 -89.85
C ARG L 250 64.57 29.74 -88.99
N PHE L 251 64.71 30.24 -87.76
CA PHE L 251 65.57 29.65 -86.73
C PHE L 251 65.15 30.25 -85.41
N SER L 252 64.82 29.40 -84.44
CA SER L 252 64.45 29.87 -83.12
C SER L 252 65.50 29.44 -82.10
N TYR L 253 65.51 30.14 -80.96
CA TYR L 253 66.40 29.79 -79.86
C TYR L 253 65.77 30.32 -78.59
N SER L 254 65.27 29.42 -77.75
CA SER L 254 64.61 29.79 -76.51
C SER L 254 65.40 29.26 -75.32
N LYS L 255 65.15 29.86 -74.17
CA LYS L 255 65.73 29.42 -72.91
C LYS L 255 64.87 29.96 -71.79
N ASN L 256 64.54 29.11 -70.83
CA ASN L 256 63.72 29.50 -69.68
C ASN L 256 64.42 28.96 -68.42
N GLU L 257 65.38 29.71 -67.90
CA GLU L 257 66.09 29.30 -66.69
C GLU L 257 65.35 29.86 -65.49
N THR L 258 65.11 29.00 -64.49
CA THR L 258 64.33 29.36 -63.32
C THR L 258 65.05 28.84 -62.08
N TYR L 259 65.82 29.70 -61.44
CA TYR L 259 66.54 29.33 -60.23
C TYR L 259 65.72 29.70 -59.01
N GLN L 260 65.89 28.94 -57.94
CA GLN L 260 65.26 29.29 -56.68
C GLN L 260 66.21 28.88 -55.57
N LEU L 261 66.07 29.50 -54.41
CA LEU L 261 66.89 29.23 -53.25
C LEU L 261 66.08 29.63 -52.03
N PHE L 262 66.29 28.92 -50.92
CA PHE L 262 65.43 29.10 -49.77
C PHE L 262 66.21 28.63 -48.55
N LEU L 263 66.25 29.44 -47.50
CA LEU L 263 66.94 29.05 -46.29
C LEU L 263 66.17 29.54 -45.08
N SER L 264 66.03 28.67 -44.08
CA SER L 264 65.47 29.05 -42.79
C SER L 264 66.49 28.78 -41.71
N TYR L 265 66.23 29.35 -40.53
CA TYR L 265 67.03 29.03 -39.34
C TYR L 265 66.15 29.39 -38.14
N SER L 266 65.47 28.42 -37.56
CA SER L 266 64.49 28.69 -36.52
C SER L 266 64.93 28.06 -35.22
N SER L 267 65.78 28.76 -34.47
CA SER L 267 66.40 28.18 -33.28
C SER L 267 65.95 28.93 -32.04
N LYS L 268 65.49 28.21 -31.04
CA LYS L 268 65.19 28.80 -29.75
C LYS L 268 66.16 28.27 -28.71
N LYS L 269 66.26 28.99 -27.60
CA LYS L 269 67.03 28.57 -26.45
C LYS L 269 66.27 28.97 -25.20
N GLU L 270 66.55 28.25 -24.12
CA GLU L 270 65.87 28.47 -22.86
C GLU L 270 66.83 28.06 -21.75
N LYS L 271 66.76 28.73 -20.62
CA LYS L 271 67.64 28.37 -19.51
C LYS L 271 66.97 28.82 -18.22
N MET L 272 66.44 27.87 -17.46
CA MET L 272 65.73 28.18 -16.23
C MET L 272 66.72 28.07 -15.08
N PHE L 273 66.27 28.44 -13.87
CA PHE L 273 67.02 28.23 -12.65
C PHE L 273 66.03 28.39 -11.51
N LEU L 274 66.23 27.61 -10.45
CA LEU L 274 65.41 27.73 -9.27
C LEU L 274 66.31 27.46 -8.08
N HIS L 275 65.97 28.02 -6.91
CA HIS L 275 66.83 27.85 -5.74
C HIS L 275 66.03 28.11 -4.48
N VAL L 276 65.60 27.09 -3.82
CA VAL L 276 64.99 27.25 -2.50
C VAL L 276 66.12 27.10 -1.48
N LYS L 277 66.07 27.82 -0.35
CA LYS L 277 67.03 27.57 0.71
C LYS L 277 66.42 28.01 2.03
N GLY L 278 65.89 27.07 2.81
CA GLY L 278 65.29 27.49 4.05
C GLY L 278 66.04 27.14 5.31
N GLU L 279 66.77 28.09 5.88
CA GLU L 279 67.48 27.83 7.12
C GLU L 279 66.54 27.95 8.30
N ILE L 280 66.86 27.23 9.37
CA ILE L 280 66.15 27.33 10.63
C ILE L 280 67.20 27.34 11.73
N HIS L 281 67.31 28.44 12.46
CA HIS L 281 68.32 28.55 13.49
C HIS L 281 67.66 28.41 14.85
N LEU L 282 68.25 27.59 15.72
CA LEU L 282 67.88 27.53 17.13
C LEU L 282 69.12 27.94 17.92
N GLY L 283 69.27 29.24 18.13
CA GLY L 283 70.29 29.70 19.03
C GLY L 283 71.70 29.64 18.48
N ARG L 284 72.65 29.83 19.39
CA ARG L 284 74.06 29.93 19.04
C ARG L 284 74.86 29.74 20.32
N PHE L 285 76.18 29.93 20.24
CA PHE L 285 77.05 29.85 21.40
C PHE L 285 78.33 30.61 21.10
N VAL L 286 78.99 31.07 22.17
CA VAL L 286 80.28 31.74 22.06
C VAL L 286 81.19 31.18 23.15
N MET L 287 82.32 30.60 22.75
CA MET L 287 83.24 30.00 23.71
C MET L 287 84.12 31.08 24.33
N ARG L 288 84.95 30.69 25.30
CA ARG L 288 85.80 31.63 26.00
C ARG L 288 87.22 31.57 25.43
N ASN L 289 88.10 32.39 26.02
CA ASN L 289 89.47 32.52 25.55
C ASN L 289 90.52 32.49 26.65
N ARG L 290 90.17 32.80 27.91
CA ARG L 290 91.12 32.75 29.00
C ARG L 290 90.52 31.96 30.15
N ASP L 291 91.39 31.33 30.94
CA ASP L 291 91.03 30.42 32.04
C ASP L 291 90.11 29.30 31.56
N VAL L 292 90.48 28.70 30.45
CA VAL L 292 89.68 27.68 29.78
C VAL L 292 90.19 26.32 30.23
N VAL L 293 89.28 25.42 30.59
CA VAL L 293 89.66 24.05 30.91
C VAL L 293 89.59 23.21 29.66
N LEU L 294 90.51 22.28 29.53
CA LEU L 294 90.57 21.36 28.40
C LEU L 294 90.33 19.95 28.88
N THR L 295 89.94 19.07 27.96
CA THR L 295 89.63 17.70 28.35
C THR L 295 90.90 16.93 28.64
N THR L 296 90.72 15.72 29.17
CA THR L 296 91.86 14.93 29.65
C THR L 296 92.68 14.38 28.48
N THR L 297 92.01 13.97 27.42
CA THR L 297 92.67 13.35 26.28
C THR L 297 93.28 14.35 25.31
N PHE L 298 93.51 15.57 25.71
CA PHE L 298 94.04 16.61 24.83
C PHE L 298 95.27 17.29 25.39
N VAL L 299 95.33 17.48 26.72
CA VAL L 299 96.52 18.01 27.35
C VAL L 299 97.67 17.03 27.24
N ASP L 300 97.36 15.72 27.28
CA ASP L 300 98.39 14.70 27.07
C ASP L 300 98.94 14.73 25.65
N ASP L 301 98.06 14.91 24.66
CA ASP L 301 98.51 14.94 23.28
C ASP L 301 99.24 16.23 22.94
N ILE L 302 98.99 17.31 23.66
CA ILE L 302 99.87 18.47 23.52
C ILE L 302 101.20 18.20 24.21
N LYS L 303 101.18 17.50 25.35
CA LYS L 303 102.40 17.19 26.08
C LYS L 303 103.28 16.18 25.34
N ALA L 304 102.74 15.43 24.40
CA ALA L 304 103.50 14.46 23.62
C ALA L 304 103.95 15.02 22.27
N LEU L 305 104.09 16.34 22.16
CA LEU L 305 104.57 16.93 20.92
C LEU L 305 106.09 17.07 20.94
N PRO L 306 106.78 16.89 19.81
CA PRO L 306 108.22 16.66 19.84
C PRO L 306 109.08 17.88 20.13
N THR L 307 108.48 19.09 20.21
CA THR L 307 109.05 20.32 20.79
C THR L 307 110.15 20.95 19.92
N THR L 308 110.62 20.24 18.89
CA THR L 308 111.74 20.70 18.09
C THR L 308 111.36 20.98 16.64
N TYR L 309 110.07 21.17 16.37
CA TYR L 309 109.48 21.15 15.02
C TYR L 309 109.93 19.90 14.26
N GLU L 310 109.43 18.78 14.73
CA GLU L 310 109.54 17.54 13.99
C GLU L 310 108.23 17.32 13.25
N LYS L 311 108.31 17.31 11.92
CA LYS L 311 107.14 17.48 11.05
C LYS L 311 106.19 16.29 11.10
N GLY L 312 106.65 15.13 11.57
CA GLY L 312 105.82 13.93 11.49
C GLY L 312 104.66 13.90 12.47
N GLU L 313 104.86 14.45 13.67
CA GLU L 313 103.83 14.35 14.70
C GLU L 313 102.73 15.37 14.54
N TYR L 314 103.04 16.56 14.01
CA TYR L 314 102.04 17.62 13.93
C TYR L 314 100.99 17.35 12.87
N PHE L 315 101.36 16.66 11.78
CA PHE L 315 100.35 16.27 10.80
C PHE L 315 99.45 15.15 11.30
N ALA L 316 99.84 14.43 12.34
CA ALA L 316 98.91 13.51 12.97
C ALA L 316 98.05 14.21 14.00
N PHE L 317 98.63 15.20 14.71
CA PHE L 317 97.86 15.94 15.71
C PHE L 317 96.77 16.79 15.06
N LEU L 318 97.08 17.45 13.94
CA LEU L 318 96.12 18.35 13.32
C LEU L 318 95.01 17.60 12.60
N GLU L 319 95.16 16.32 12.36
CA GLU L 319 94.05 15.53 11.85
C GLU L 319 93.46 14.59 12.90
N THR L 320 94.03 14.57 14.09
CA THR L 320 93.32 13.97 15.21
C THR L 320 92.35 14.96 15.84
N TYR L 321 92.78 16.20 16.06
CA TYR L 321 91.96 17.17 16.77
C TYR L 321 91.58 18.37 15.92
N GLY L 322 91.64 18.25 14.60
CA GLY L 322 91.22 19.34 13.73
C GLY L 322 92.18 20.50 13.68
N THR L 323 91.93 21.43 12.75
CA THR L 323 92.82 22.57 12.58
C THR L 323 92.35 23.77 13.40
N HIS L 324 91.06 24.03 13.42
CA HIS L 324 90.51 25.16 14.14
C HIS L 324 89.38 24.67 15.05
N TYR L 325 89.04 25.47 16.05
CA TYR L 325 87.87 25.18 16.87
C TYR L 325 86.82 26.26 16.66
N SER L 326 85.56 25.85 16.62
CA SER L 326 84.47 26.79 16.36
C SER L 326 84.22 27.67 17.59
N SER L 327 84.86 28.83 17.62
CA SER L 327 84.71 29.73 18.75
C SER L 327 83.37 30.43 18.79
N SER L 328 82.59 30.41 17.70
CA SER L 328 81.25 31.00 17.71
C SER L 328 80.43 30.31 16.63
N GLY L 329 79.57 29.39 17.04
CA GLY L 329 78.74 28.64 16.11
C GLY L 329 77.31 29.14 16.08
N SER L 330 76.47 28.36 15.39
CA SER L 330 75.02 28.61 15.34
C SER L 330 74.38 27.31 14.88
N LEU L 331 73.64 26.64 15.75
CA LEU L 331 73.16 25.31 15.42
C LEU L 331 71.85 25.41 14.65
N GLY L 332 71.19 24.28 14.43
CA GLY L 332 70.02 24.22 13.57
C GLY L 332 70.40 24.12 12.10
N GLY L 333 69.69 23.30 11.33
CA GLY L 333 70.17 22.98 10.00
C GLY L 333 69.24 23.27 8.84
N LEU L 334 69.83 23.39 7.65
CA LEU L 334 69.16 23.90 6.47
C LEU L 334 68.60 22.79 5.61
N TYR L 335 67.97 23.20 4.51
CA TYR L 335 67.72 22.33 3.37
C TYR L 335 67.89 23.17 2.13
N GLU L 336 67.84 22.54 0.96
CA GLU L 336 68.18 23.23 -0.28
C GLU L 336 67.72 22.43 -1.48
N LEU L 337 67.08 23.10 -2.43
CA LEU L 337 66.80 22.55 -3.73
C LEU L 337 67.53 23.39 -4.75
N ILE L 338 67.93 22.77 -5.87
CA ILE L 338 68.46 23.46 -7.04
C ILE L 338 67.90 22.76 -8.26
N TYR L 339 67.37 23.50 -9.21
CA TYR L 339 66.70 22.94 -10.39
C TYR L 339 67.27 23.64 -11.61
N VAL L 340 68.30 23.08 -12.22
CA VAL L 340 68.95 23.73 -13.36
C VAL L 340 68.45 23.05 -14.61
N LEU L 341 67.52 23.67 -15.30
CA LEU L 341 67.14 23.17 -16.61
C LEU L 341 68.05 23.81 -17.64
N ASP L 342 68.04 23.26 -18.85
CA ASP L 342 68.74 23.83 -19.99
C ASP L 342 68.09 23.22 -21.23
N LYS L 343 67.91 24.03 -22.25
CA LYS L 343 67.34 23.54 -23.49
C LYS L 343 68.05 24.24 -24.62
N ALA L 344 68.20 23.54 -25.74
CA ALA L 344 68.72 24.19 -26.95
C ALA L 344 68.13 23.45 -28.15
N SER L 345 67.01 23.94 -28.64
CA SER L 345 66.56 23.45 -29.92
C SER L 345 67.38 24.12 -31.02
N MET L 346 67.28 23.57 -32.23
CA MET L 346 67.84 24.21 -33.42
C MET L 346 67.20 23.56 -34.64
N LYS L 347 66.74 24.36 -35.57
CA LYS L 347 66.43 23.87 -36.89
C LYS L 347 67.32 24.57 -37.89
N ARG L 348 67.47 23.95 -39.05
CA ARG L 348 67.96 24.65 -40.23
C ARG L 348 67.48 23.89 -41.44
N LYS L 349 67.27 24.60 -42.53
CA LYS L 349 66.69 24.01 -43.72
C LYS L 349 67.49 24.42 -44.94
N GLY L 350 67.06 23.92 -46.09
CA GLY L 350 67.53 24.41 -47.37
C GLY L 350 66.72 23.78 -48.48
N VAL L 351 66.13 24.59 -49.35
CA VAL L 351 65.26 24.12 -50.43
C VAL L 351 65.78 24.75 -51.71
N GLU L 352 66.36 23.94 -52.58
CA GLU L 352 67.02 24.44 -53.78
C GLU L 352 66.33 23.84 -54.99
N LEU L 353 66.34 24.58 -56.09
CA LEU L 353 65.53 24.20 -57.24
C LEU L 353 66.13 24.81 -58.49
N LYS L 354 66.17 24.05 -59.58
CA LYS L 354 66.70 24.52 -60.84
C LYS L 354 65.87 23.96 -61.98
N ASP L 355 65.90 24.66 -63.12
CA ASP L 355 65.07 24.32 -64.26
C ASP L 355 65.67 24.98 -65.50
N ILE L 356 65.74 24.23 -66.60
CA ILE L 356 66.13 24.74 -67.90
C ILE L 356 65.17 24.13 -68.92
N LYS L 357 64.42 24.98 -69.63
CA LYS L 357 63.43 24.51 -70.59
C LYS L 357 63.79 25.08 -71.95
N ARG L 358 64.68 24.38 -72.66
CA ARG L 358 65.13 24.82 -73.98
C ARG L 358 64.21 24.28 -75.06
N CYS L 359 64.24 24.95 -76.22
CA CYS L 359 63.47 24.51 -77.36
C CYS L 359 64.17 25.00 -78.62
N LEU L 360 63.80 24.39 -79.75
CA LEU L 360 64.24 24.86 -81.05
C LEU L 360 63.31 24.27 -82.08
N GLY L 361 63.10 24.98 -83.18
CA GLY L 361 62.29 24.45 -84.26
C GLY L 361 62.23 25.36 -85.46
N TYR L 362 62.35 24.80 -86.67
CA TYR L 362 62.24 25.61 -87.86
C TYR L 362 61.64 24.84 -89.03
N HIS L 363 60.83 25.56 -89.79
CA HIS L 363 60.31 25.15 -91.09
C HIS L 363 61.25 25.68 -92.17
N LEU L 364 61.64 24.82 -93.09
CA LEU L 364 62.50 25.22 -94.20
C LEU L 364 61.93 24.73 -95.52
N PHE L 379 59.86 20.34 -95.41
CA PHE L 379 60.91 20.13 -94.42
C PHE L 379 60.43 20.65 -93.07
N ASN L 380 60.91 20.06 -91.98
CA ASN L 380 60.66 20.56 -90.63
C ASN L 380 61.66 19.91 -89.69
N LYS L 381 62.11 20.67 -88.69
CA LYS L 381 62.88 20.05 -87.62
C LYS L 381 62.53 20.77 -86.33
N ASP L 382 62.44 20.02 -85.22
CA ASP L 382 62.28 20.65 -83.92
C ASP L 382 62.80 19.73 -82.84
N ASP L 383 63.04 20.31 -81.67
CA ASP L 383 63.25 19.55 -80.45
C ASP L 383 62.85 20.40 -79.25
N CYS L 384 62.56 19.72 -78.15
CA CYS L 384 62.24 20.36 -76.89
C CYS L 384 63.00 19.64 -75.80
N VAL L 385 63.78 20.37 -75.02
CA VAL L 385 64.63 19.80 -73.99
C VAL L 385 64.17 20.37 -72.65
N LYS L 386 63.97 19.51 -71.66
CA LYS L 386 63.65 19.94 -70.31
C LYS L 386 64.62 19.32 -69.34
N ARG L 387 64.99 20.09 -68.32
CA ARG L 387 65.82 19.58 -67.24
C ARG L 387 65.37 20.25 -65.97
N GLY L 388 65.23 19.49 -64.90
CA GLY L 388 64.81 20.07 -63.64
C GLY L 388 65.36 19.35 -62.44
N GLU L 389 66.03 20.06 -61.56
CA GLU L 389 66.64 19.45 -60.38
C GLU L 389 66.02 20.06 -59.14
N GLY L 390 65.91 19.25 -58.09
CA GLY L 390 65.41 19.73 -56.82
C GLY L 390 66.23 19.15 -55.70
N ARG L 391 66.55 19.94 -54.68
CA ARG L 391 67.29 19.46 -53.53
C ARG L 391 66.63 19.97 -52.26
N ALA L 392 66.72 19.19 -51.20
CA ALA L 392 66.14 19.60 -49.94
C ALA L 392 66.95 19.00 -48.80
N VAL L 393 67.16 19.80 -47.75
CA VAL L 393 67.83 19.36 -46.54
C VAL L 393 67.05 19.93 -45.35
N ASN L 394 66.66 19.07 -44.42
CA ASN L 394 66.17 19.50 -43.13
C ASN L 394 67.10 18.94 -42.07
N ILE L 395 67.56 19.77 -41.14
CA ILE L 395 68.39 19.31 -40.03
C ILE L 395 67.80 19.86 -38.75
N THR L 396 67.32 18.98 -37.89
CA THR L 396 66.62 19.38 -36.68
C THR L 396 67.35 18.80 -35.48
N SER L 397 68.13 19.61 -34.78
CA SER L 397 68.85 19.15 -33.61
C SER L 397 68.16 19.62 -32.34
N GLU L 398 68.42 18.90 -31.26
CA GLU L 398 67.87 19.28 -29.97
C GLU L 398 68.74 18.75 -28.85
N ASN L 399 69.05 19.61 -27.89
CA ASN L 399 69.67 19.23 -26.65
C ASN L 399 68.73 19.60 -25.51
N LEU L 400 68.73 18.78 -24.46
CA LEU L 400 67.99 19.11 -23.25
C LEU L 400 68.78 18.56 -22.09
N ILE L 401 68.87 19.33 -21.01
CA ILE L 401 69.54 18.91 -19.79
C ILE L 401 68.63 19.29 -18.64
N ASP L 402 68.48 18.39 -17.68
CA ASP L 402 67.86 18.73 -16.41
C ASP L 402 68.75 18.22 -15.31
N ASP L 403 69.11 19.11 -14.40
CA ASP L 403 69.75 18.76 -13.14
C ASP L 403 68.79 19.12 -12.03
N VAL L 404 68.73 18.26 -11.03
CA VAL L 404 68.07 18.55 -9.76
C VAL L 404 69.05 18.14 -8.68
N VAL L 405 69.27 19.00 -7.70
CA VAL L 405 70.01 18.65 -6.50
C VAL L 405 69.12 18.94 -5.32
N SER L 406 69.06 18.04 -4.37
CA SER L 406 68.42 18.34 -3.10
C SER L 406 69.35 17.94 -1.97
N LEU L 407 69.32 18.72 -0.90
CA LEU L 407 70.16 18.48 0.25
C LEU L 407 69.36 18.83 1.49
N ILE L 408 69.55 18.09 2.57
CA ILE L 408 68.80 18.38 3.79
C ILE L 408 69.61 17.91 4.98
N ARG L 409 69.77 18.78 5.98
CA ARG L 409 70.57 18.49 7.16
C ARG L 409 69.70 18.65 8.40
N GLY L 410 70.06 17.95 9.46
CA GLY L 410 69.34 18.10 10.71
C GLY L 410 67.98 17.45 10.78
N GLY L 411 67.61 17.00 11.97
CA GLY L 411 66.28 16.46 12.20
C GLY L 411 66.29 14.96 12.41
N THR L 412 65.13 14.46 12.83
CA THR L 412 64.98 13.04 13.05
C THR L 412 64.88 12.34 11.69
N ARG L 413 65.13 11.04 11.71
CA ARG L 413 65.20 10.23 10.51
C ARG L 413 63.85 10.11 9.80
N LYS L 414 62.74 10.28 10.52
CA LYS L 414 61.44 9.94 9.97
C LYS L 414 60.77 11.08 9.22
N TYR L 415 61.00 12.33 9.63
CA TYR L 415 60.29 13.45 9.02
C TYR L 415 61.09 14.14 7.93
N ALA L 416 62.42 14.19 8.06
CA ALA L 416 63.26 14.89 7.09
C ALA L 416 63.21 14.23 5.73
N PHE L 417 63.12 12.91 5.69
CA PHE L 417 63.11 12.21 4.42
C PHE L 417 61.71 12.02 3.88
N GLU L 418 60.70 12.40 4.66
CA GLU L 418 59.42 12.74 4.09
C GLU L 418 59.49 14.09 3.38
N LEU L 419 60.16 15.06 4.03
CA LEU L 419 60.22 16.42 3.51
C LEU L 419 61.00 16.51 2.21
N LYS L 420 62.10 15.75 2.10
CA LYS L 420 62.92 15.82 0.90
C LYS L 420 62.18 15.31 -0.33
N GLU L 421 61.46 14.20 -0.20
CA GLU L 421 60.67 13.72 -1.32
C GLU L 421 59.43 14.56 -1.57
N LYS L 422 58.90 15.23 -0.55
CA LYS L 422 57.81 16.18 -0.84
C LYS L 422 58.33 17.42 -1.55
N LEU L 423 59.61 17.76 -1.37
CA LEU L 423 60.21 18.80 -2.19
C LEU L 423 60.35 18.35 -3.64
N LEU L 424 60.96 17.19 -3.84
CA LEU L 424 61.36 16.80 -5.19
C LEU L 424 60.22 16.28 -6.04
N ARG L 425 59.04 16.07 -5.45
CA ARG L 425 57.87 15.71 -6.25
C ARG L 425 57.44 16.86 -7.14
N GLY L 426 57.68 18.10 -6.71
CA GLY L 426 57.26 19.26 -7.45
C GLY L 426 55.88 19.78 -7.08
N THR L 427 55.06 18.95 -6.44
CA THR L 427 53.76 19.41 -5.99
C THR L 427 53.93 20.31 -4.76
N VAL L 428 52.84 21.00 -4.41
CA VAL L 428 52.88 21.90 -3.27
C VAL L 428 52.87 21.06 -1.99
N ILE L 429 53.62 21.52 -0.99
CA ILE L 429 53.71 20.85 0.29
C ILE L 429 52.75 21.52 1.25
N ASP L 430 51.76 20.77 1.72
CA ASP L 430 50.89 21.28 2.77
C ASP L 430 51.69 21.50 4.04
N VAL L 431 51.27 22.49 4.84
CA VAL L 431 52.12 22.96 5.95
C VAL L 431 51.80 22.02 7.11
N THR L 432 52.37 20.82 7.03
CA THR L 432 52.41 19.88 8.13
C THR L 432 53.71 19.12 8.17
N ASP L 433 54.51 19.14 7.11
CA ASP L 433 55.79 18.44 7.06
C ASP L 433 56.96 19.34 7.39
N PHE L 434 56.90 20.61 6.96
CA PHE L 434 57.91 21.58 7.36
C PHE L 434 57.79 21.89 8.84
N VAL L 435 56.56 21.91 9.36
CA VAL L 435 56.34 22.12 10.80
C VAL L 435 56.85 20.92 11.60
N ASN L 436 56.60 19.70 11.10
CA ASN L 436 57.07 18.52 11.82
C ASN L 436 58.58 18.38 11.75
N TRP L 437 59.20 18.75 10.63
CA TRP L 437 60.65 18.76 10.58
C TRP L 437 61.23 19.83 11.49
N ALA L 438 60.55 20.97 11.59
CA ALA L 438 61.05 22.04 12.44
C ALA L 438 60.84 21.74 13.90
N SER L 439 59.86 20.91 14.24
CA SER L 439 59.77 20.41 15.61
C SER L 439 60.78 19.29 15.85
N SER L 440 61.12 18.58 14.79
CA SER L 440 62.13 17.53 14.88
C SER L 440 63.53 18.09 15.11
N ILE L 441 63.80 19.29 14.59
CA ILE L 441 65.15 19.84 14.61
C ILE L 441 65.65 20.18 16.01
N ASN L 442 64.75 20.20 17.00
CA ASN L 442 65.18 20.35 18.39
C ASN L 442 65.95 19.12 18.87
N ASP L 443 65.64 17.94 18.32
CA ASP L 443 66.31 16.73 18.76
C ASP L 443 67.71 16.60 18.19
N ALA L 444 67.86 16.79 16.88
CA ALA L 444 69.12 16.53 16.17
C ALA L 444 69.58 17.78 15.45
N PRO L 445 70.28 18.68 16.14
CA PRO L 445 70.80 19.88 15.48
C PRO L 445 72.06 19.58 14.68
N VAL L 446 72.32 20.44 13.70
CA VAL L 446 73.47 20.35 12.83
C VAL L 446 74.08 21.73 12.71
N LEU L 447 75.38 21.85 12.98
CA LEU L 447 76.06 23.13 12.94
C LEU L 447 76.03 23.71 11.54
N ILE L 448 75.78 25.01 11.44
CA ILE L 448 75.45 25.61 10.15
C ILE L 448 76.30 26.83 9.82
N SER L 449 76.91 27.52 10.79
CA SER L 449 77.68 28.72 10.50
C SER L 449 78.60 28.97 11.68
N GLN L 450 79.87 29.22 11.40
CA GLN L 450 80.86 29.26 12.45
C GLN L 450 81.89 30.34 12.14
N LYS L 451 82.52 30.83 13.20
CA LYS L 451 83.59 31.81 13.10
C LYS L 451 84.83 31.19 13.72
N LEU L 452 85.77 30.80 12.88
CA LEU L 452 86.86 29.94 13.29
C LEU L 452 87.87 30.71 14.14
N SER L 453 88.85 29.97 14.67
CA SER L 453 89.92 30.49 15.50
C SER L 453 90.99 29.42 15.57
N PRO L 454 92.27 29.76 15.45
CA PRO L 454 93.30 28.73 15.31
C PRO L 454 93.57 28.02 16.62
N ILE L 455 93.99 26.76 16.51
CA ILE L 455 94.11 25.89 17.67
C ILE L 455 95.33 26.22 18.50
N TYR L 456 96.28 26.99 17.98
CA TYR L 456 97.36 27.49 18.82
C TYR L 456 97.00 28.75 19.56
N ASN L 457 95.72 29.13 19.56
CA ASN L 457 95.18 30.11 20.49
C ASN L 457 94.47 29.41 21.66
N LEU L 458 94.80 28.14 21.87
CA LEU L 458 94.14 27.31 22.86
C LEU L 458 95.10 26.50 23.73
N VAL L 459 96.32 26.27 23.27
CA VAL L 459 97.36 25.57 24.04
C VAL L 459 97.68 26.37 25.30
N PRO L 460 97.56 25.78 26.48
CA PRO L 460 97.78 26.54 27.72
C PRO L 460 99.24 26.90 27.90
N VAL L 461 99.46 27.92 28.73
CA VAL L 461 100.78 28.48 28.93
C VAL L 461 101.41 27.99 30.24
N LYS L 462 100.59 27.41 31.13
CA LYS L 462 101.11 26.84 32.37
C LYS L 462 102.05 25.67 32.12
N MET L 463 101.81 24.89 31.07
CA MET L 463 102.63 23.72 30.78
C MET L 463 104.00 24.13 30.24
N LYS L 464 104.92 23.19 30.27
CA LYS L 464 106.30 23.45 29.90
C LYS L 464 106.46 23.46 28.39
N ASN L 465 107.39 24.32 27.93
CA ASN L 465 107.68 24.57 26.51
C ASN L 465 106.42 24.96 25.73
N ALA L 466 105.61 25.82 26.33
CA ALA L 466 104.33 26.18 25.72
C ALA L 466 104.53 27.07 24.51
N HIS L 467 105.43 28.04 24.59
CA HIS L 467 105.63 28.95 23.47
C HIS L 467 106.31 28.26 22.30
N LEU L 468 107.17 27.27 22.57
CA LEU L 468 107.81 26.53 21.47
C LEU L 468 106.79 25.66 20.74
N LYS L 469 105.87 25.04 21.48
CA LYS L 469 104.84 24.25 20.83
C LYS L 469 103.85 25.13 20.09
N LYS L 470 103.60 26.34 20.59
CA LYS L 470 102.75 27.26 19.85
C LYS L 470 103.46 27.77 18.60
N GLN L 471 104.78 27.96 18.67
CA GLN L 471 105.57 28.32 17.51
C GLN L 471 105.60 27.19 16.48
N ASN L 472 105.52 25.94 16.94
CA ASN L 472 105.44 24.83 16.00
C ASN L 472 104.07 24.77 15.35
N LEU L 473 103.01 24.92 16.14
CA LEU L 473 101.66 24.82 15.61
C LEU L 473 101.24 26.02 14.78
N GLU L 474 101.92 27.16 14.91
CA GLU L 474 101.57 28.27 14.05
C GLU L 474 102.17 28.14 12.65
N ARG L 475 103.21 27.31 12.50
CA ARG L 475 103.75 27.00 11.19
C ARG L 475 103.21 25.70 10.61
N ALA L 476 102.78 24.78 11.48
CA ALA L 476 102.22 23.53 10.99
C ALA L 476 100.92 23.74 10.24
N ILE L 477 100.14 24.75 10.62
CA ILE L 477 98.91 25.04 9.91
C ILE L 477 99.20 25.61 8.53
N GLU L 478 100.24 26.46 8.42
CA GLU L 478 100.66 26.96 7.11
C GLU L 478 101.18 25.85 6.22
N ASP L 479 101.98 24.93 6.79
CA ASP L 479 102.47 23.81 6.01
C ASP L 479 101.35 22.86 5.62
N TYR L 480 100.36 22.68 6.49
CA TYR L 480 99.24 21.79 6.16
C TYR L 480 98.36 22.39 5.09
N ILE L 481 98.12 23.71 5.14
CA ILE L 481 97.28 24.32 4.13
C ILE L 481 98.06 24.52 2.82
N ASN L 482 99.39 24.49 2.87
CA ASN L 482 100.15 24.61 1.64
C ASN L 482 100.30 23.25 0.95
N GLU L 483 100.68 22.22 1.71
CA GLU L 483 101.08 20.96 1.09
C GLU L 483 99.91 20.11 0.64
N PHE L 484 98.71 20.31 1.20
CA PHE L 484 97.52 19.66 0.69
C PHE L 484 96.61 20.63 -0.06
N SER L 485 97.17 21.73 -0.56
CA SER L 485 96.39 22.67 -1.35
C SER L 485 96.08 22.09 -2.72
N VAL L 486 95.06 22.67 -3.37
CA VAL L 486 94.67 22.24 -4.71
C VAL L 486 95.60 22.81 -5.77
N ARG L 487 96.44 23.77 -5.42
CA ARG L 487 97.29 24.47 -6.37
C ARG L 487 98.58 23.73 -6.70
N LYS L 488 98.64 22.43 -6.46
CA LYS L 488 99.75 21.62 -6.98
C LYS L 488 99.36 20.82 -8.20
N CYS L 489 98.11 20.37 -8.28
CA CYS L 489 97.65 19.66 -9.47
C CYS L 489 97.43 20.64 -10.61
N HIS L 490 97.89 20.26 -11.80
CA HIS L 490 97.72 21.10 -12.98
C HIS L 490 96.25 21.10 -13.39
N THR L 491 95.73 22.29 -13.68
CA THR L 491 94.30 22.49 -13.81
C THR L 491 93.76 21.85 -15.09
N CYS L 492 92.49 21.43 -15.02
CA CYS L 492 91.81 20.84 -16.16
C CYS L 492 91.28 21.93 -17.07
N GLN L 493 91.30 21.64 -18.37
CA GLN L 493 90.85 22.59 -19.38
C GLN L 493 89.33 22.54 -19.51
N ASN L 494 88.82 23.33 -20.46
CA ASN L 494 87.40 23.40 -20.86
C ASN L 494 86.49 23.83 -19.71
N GLY L 495 87.02 24.57 -18.75
CA GLY L 495 86.24 24.98 -17.60
C GLY L 495 86.10 23.93 -16.52
N GLY L 496 86.95 22.91 -16.52
CA GLY L 496 86.89 21.88 -15.51
C GLY L 496 87.49 22.32 -14.19
N THR L 497 86.68 22.31 -13.13
CA THR L 497 87.12 22.70 -11.80
C THR L 497 87.77 21.52 -11.11
N VAL L 498 89.03 21.68 -10.73
CA VAL L 498 89.78 20.61 -10.09
C VAL L 498 89.42 20.55 -8.61
N ILE L 499 89.27 19.33 -8.08
CA ILE L 499 88.91 19.11 -6.69
C ILE L 499 89.88 18.10 -6.10
N LEU L 500 90.64 18.52 -5.09
CA LEU L 500 91.50 17.58 -4.38
C LEU L 500 90.63 16.68 -3.51
N MET L 501 90.83 15.38 -3.64
CA MET L 501 90.04 14.39 -2.91
C MET L 501 90.85 13.11 -2.84
N ASP L 502 91.16 12.66 -1.61
CA ASP L 502 91.94 11.45 -1.33
C ASP L 502 93.34 11.54 -1.94
N GLY L 503 93.88 12.74 -2.08
CA GLY L 503 95.13 12.91 -2.79
C GLY L 503 95.05 12.57 -4.26
N LYS L 504 93.87 12.73 -4.87
CA LYS L 504 93.64 12.34 -6.26
C LYS L 504 92.75 13.42 -6.87
N CYS L 505 93.36 14.33 -7.60
CA CYS L 505 92.68 15.52 -8.10
C CYS L 505 91.73 15.14 -9.22
N LEU L 506 90.44 15.03 -8.88
CA LEU L 506 89.39 14.77 -9.84
C LEU L 506 88.76 16.09 -10.29
N CYS L 507 88.45 16.18 -11.58
CA CYS L 507 87.87 17.39 -12.16
C CYS L 507 86.41 17.16 -12.52
N ALA L 508 85.60 18.19 -12.32
CA ALA L 508 84.19 18.17 -12.68
C ALA L 508 83.98 19.02 -13.93
N CYS L 509 83.33 18.44 -14.93
CA CYS L 509 83.13 19.06 -16.23
C CYS L 509 81.72 19.65 -16.35
N PRO L 510 81.59 20.87 -16.87
CA PRO L 510 80.27 21.50 -16.89
C PRO L 510 79.32 21.03 -18.00
N PHE L 511 78.36 20.19 -17.63
CA PHE L 511 77.08 19.97 -18.29
C PHE L 511 77.11 19.28 -19.66
N LYS L 512 78.28 19.14 -20.28
CA LYS L 512 78.32 18.53 -21.61
C LYS L 512 79.44 17.54 -21.79
N PHE L 513 80.45 17.51 -20.93
CA PHE L 513 81.71 16.87 -21.21
C PHE L 513 81.82 15.63 -20.34
N GLU L 514 81.80 14.45 -20.96
CA GLU L 514 81.87 13.21 -20.21
C GLU L 514 83.30 12.75 -19.94
N GLY L 515 84.29 13.36 -20.59
CA GLY L 515 85.65 12.91 -20.44
C GLY L 515 86.26 13.33 -19.12
N ILE L 516 87.36 12.67 -18.78
CA ILE L 516 88.05 13.00 -17.53
C ILE L 516 88.74 14.35 -17.65
N ALA L 517 89.26 14.67 -18.82
CA ALA L 517 89.89 15.95 -19.08
C ALA L 517 88.94 16.94 -19.74
N CYS L 518 87.63 16.70 -19.65
CA CYS L 518 86.56 17.57 -20.17
C CYS L 518 86.67 17.79 -21.67
N GLU L 519 87.15 16.79 -22.41
CA GLU L 519 87.48 16.97 -23.82
C GLU L 519 86.32 16.64 -24.75
N ILE L 520 85.72 15.46 -24.60
CA ILE L 520 84.67 15.03 -25.51
C ILE L 520 83.40 15.84 -25.26
N SER L 521 82.80 16.32 -26.33
CA SER L 521 81.60 17.15 -26.25
C SER L 521 80.43 16.43 -26.89
N LYS L 522 79.26 17.05 -26.79
CA LYS L 522 78.05 16.52 -27.42
C LYS L 522 77.25 17.65 -28.09
N SER M 18 94.15 -14.81 -31.82
CA SER M 18 93.97 -14.32 -30.45
C SER M 18 94.12 -15.46 -29.46
N HIS M 19 95.31 -15.55 -28.86
CA HIS M 19 95.59 -16.64 -27.92
C HIS M 19 96.72 -16.18 -27.00
N ILE M 20 96.38 -15.78 -25.78
CA ILE M 20 97.35 -15.35 -24.78
C ILE M 20 97.21 -16.26 -23.57
N ASP M 21 98.34 -16.71 -23.02
CA ASP M 21 98.36 -17.53 -21.83
C ASP M 21 99.11 -16.82 -20.70
N CYS M 22 98.96 -17.36 -19.50
CA CYS M 22 99.66 -16.81 -18.35
C CYS M 22 101.14 -17.13 -18.41
N ARG M 23 101.92 -16.32 -17.70
CA ARG M 23 103.38 -16.47 -17.66
C ARG M 23 103.84 -16.32 -16.21
N MET M 24 105.03 -16.85 -15.94
CA MET M 24 105.65 -16.72 -14.63
C MET M 24 107.13 -16.46 -14.78
N SER M 25 107.64 -15.56 -13.94
CA SER M 25 109.07 -15.39 -13.77
C SER M 25 109.63 -16.59 -13.01
N PRO M 26 110.92 -16.90 -13.18
CA PRO M 26 111.51 -17.97 -12.38
C PRO M 26 111.70 -17.52 -10.94
N TRP M 27 111.81 -18.52 -10.06
CA TRP M 27 111.94 -18.25 -8.63
C TRP M 27 113.29 -17.63 -8.32
N SER M 28 113.36 -16.95 -7.18
CA SER M 28 114.58 -16.29 -6.75
C SER M 28 115.46 -17.29 -6.01
N GLU M 29 116.49 -16.78 -5.33
CA GLU M 29 117.35 -17.62 -4.53
C GLU M 29 116.83 -17.70 -3.09
N TRP M 30 117.15 -18.81 -2.44
CA TRP M 30 116.76 -19.00 -1.04
C TRP M 30 117.58 -18.07 -0.16
N SER M 31 116.90 -17.19 0.59
CA SER M 31 117.58 -16.06 1.20
C SER M 31 118.37 -16.47 2.44
N GLN M 32 117.67 -16.86 3.51
CA GLN M 32 118.27 -17.12 4.81
C GLN M 32 117.22 -17.73 5.72
N CYS M 33 117.64 -18.68 6.56
CA CYS M 33 116.81 -19.11 7.68
C CYS M 33 116.59 -17.93 8.61
N ASP M 34 115.37 -17.41 8.65
CA ASP M 34 115.01 -16.40 9.62
C ASP M 34 114.96 -17.06 10.99
N PRO M 35 115.86 -16.70 11.91
CA PRO M 35 116.05 -17.54 13.11
C PRO M 35 114.91 -17.43 14.11
N CYS M 36 114.15 -16.34 14.07
CA CYS M 36 113.02 -16.17 14.96
C CYS M 36 111.75 -16.83 14.43
N LEU M 37 111.79 -17.41 13.22
CA LEU M 37 110.66 -18.14 12.67
C LEU M 37 111.02 -19.48 12.04
N ARG M 38 112.31 -19.80 11.91
CA ARG M 38 112.83 -21.10 11.44
C ARG M 38 112.37 -21.44 10.02
N GLN M 39 112.19 -20.43 9.18
CA GLN M 39 111.72 -20.64 7.81
C GLN M 39 112.48 -19.71 6.87
N MET M 40 112.97 -20.24 5.76
CA MET M 40 113.51 -19.41 4.70
C MET M 40 112.46 -19.20 3.62
N PHE M 41 112.40 -17.98 3.09
CA PHE M 41 111.38 -17.62 2.13
C PHE M 41 112.04 -17.33 0.78
N ARG M 42 111.28 -17.55 -0.29
CA ARG M 42 111.73 -17.15 -1.62
C ARG M 42 110.50 -16.82 -2.44
N SER M 43 110.70 -16.11 -3.54
CA SER M 43 109.57 -15.56 -4.26
C SER M 43 109.91 -15.38 -5.73
N ARG M 44 108.96 -14.84 -6.47
CA ARG M 44 109.07 -14.55 -7.89
C ARG M 44 108.07 -13.45 -8.21
N SER M 45 107.87 -13.16 -9.49
CA SER M 45 106.88 -12.18 -9.90
C SER M 45 106.00 -12.73 -11.00
N ILE M 46 105.13 -11.88 -11.55
CA ILE M 46 104.22 -12.25 -12.62
C ILE M 46 104.47 -11.33 -13.80
N GLU M 47 104.80 -11.93 -14.95
CA GLU M 47 105.08 -11.12 -16.13
C GLU M 47 103.81 -10.67 -16.83
N VAL M 48 103.03 -11.61 -17.36
CA VAL M 48 101.85 -11.30 -18.17
C VAL M 48 100.71 -12.18 -17.71
N PHE M 49 99.59 -11.56 -17.33
CA PHE M 49 98.41 -12.31 -16.96
C PHE M 49 97.74 -12.90 -18.18
N GLY M 50 96.97 -13.96 -17.95
CA GLY M 50 96.24 -14.58 -19.04
C GLY M 50 95.12 -13.69 -19.56
N GLN M 51 94.84 -13.80 -20.85
CA GLN M 51 93.90 -12.91 -21.49
C GLN M 51 93.37 -13.61 -22.74
N PHE M 52 92.14 -13.27 -23.11
CA PHE M 52 91.45 -13.80 -24.29
C PHE M 52 91.34 -15.33 -24.25
N ASN M 53 90.60 -15.80 -23.25
CA ASN M 53 90.20 -17.21 -23.09
C ASN M 53 91.42 -18.11 -22.96
N GLY M 54 92.29 -17.77 -22.03
CA GLY M 54 93.54 -18.50 -21.82
C GLY M 54 93.70 -18.97 -20.39
N LYS M 55 94.90 -19.44 -20.06
CA LYS M 55 95.14 -20.02 -18.75
C LYS M 55 95.27 -18.94 -17.69
N ARG M 56 94.66 -19.19 -16.54
CA ARG M 56 94.68 -18.26 -15.43
C ARG M 56 95.96 -18.44 -14.61
N CYS M 57 96.45 -17.33 -14.05
CA CYS M 57 97.73 -17.37 -13.35
C CYS M 57 97.61 -18.01 -11.97
N THR M 58 96.52 -17.74 -11.26
CA THR M 58 96.18 -18.32 -9.94
C THR M 58 97.26 -18.09 -8.89
N ASP M 59 97.74 -16.84 -8.81
CA ASP M 59 98.30 -16.19 -7.61
C ASP M 59 99.40 -17.01 -6.93
N ALA M 60 100.36 -17.49 -7.73
CA ALA M 60 101.35 -18.45 -7.25
C ALA M 60 102.65 -17.79 -6.81
N VAL M 61 102.57 -16.59 -6.24
CA VAL M 61 103.77 -15.90 -5.75
C VAL M 61 103.99 -16.27 -4.29
N GLY M 62 105.25 -16.18 -3.86
CA GLY M 62 105.59 -16.49 -2.48
C GLY M 62 105.73 -17.97 -2.21
N ASP M 63 106.72 -18.35 -1.39
CA ASP M 63 106.98 -19.75 -1.11
C ASP M 63 107.66 -19.84 0.25
N ARG M 64 107.40 -20.95 0.95
CA ARG M 64 107.93 -21.17 2.29
C ARG M 64 108.55 -22.56 2.35
N ARG M 65 109.53 -22.72 3.23
CA ARG M 65 110.20 -24.01 3.41
C ARG M 65 110.84 -24.04 4.79
N GLN M 66 110.64 -25.14 5.51
CA GLN M 66 111.17 -25.26 6.84
C GLN M 66 112.68 -25.47 6.81
N CYS M 67 113.39 -24.88 7.75
CA CYS M 67 114.82 -25.12 7.89
C CYS M 67 115.21 -24.97 9.34
N VAL M 68 116.24 -25.70 9.73
CA VAL M 68 116.77 -25.63 11.10
C VAL M 68 117.49 -24.30 11.29
N PRO M 69 117.31 -23.61 12.43
CA PRO M 69 118.05 -22.35 12.64
C PRO M 69 119.53 -22.58 12.86
N THR M 70 120.34 -22.19 11.88
CA THR M 70 121.78 -22.42 11.96
C THR M 70 122.46 -21.41 12.89
N GLU M 71 121.88 -20.23 13.06
CA GLU M 71 122.41 -19.21 13.96
C GLU M 71 121.23 -18.53 14.65
N PRO M 72 120.96 -18.85 15.91
CA PRO M 72 119.71 -18.41 16.53
C PRO M 72 119.71 -16.93 16.88
N CYS M 73 118.52 -16.33 16.79
CA CYS M 73 118.31 -14.93 17.10
C CYS M 73 118.09 -14.76 18.60
N GLU M 74 118.06 -13.50 19.03
CA GLU M 74 117.68 -13.20 20.40
C GLU M 74 116.19 -13.43 20.60
N ASP M 75 115.80 -13.62 21.86
CA ASP M 75 114.41 -13.89 22.20
C ASP M 75 113.60 -12.60 21.97
N ALA M 76 112.85 -12.58 20.88
CA ALA M 76 112.11 -11.39 20.46
C ALA M 76 110.87 -11.25 21.34
N GLU M 77 111.02 -10.55 22.46
CA GLU M 77 109.90 -10.24 23.33
C GLU M 77 110.10 -8.82 23.87
N ASP M 78 108.98 -8.13 24.08
CA ASP M 78 109.03 -6.74 24.50
C ASP M 78 109.31 -6.64 26.00
N ASP M 79 109.81 -5.46 26.39
CA ASP M 79 110.17 -5.25 27.79
C ASP M 79 108.91 -5.09 28.64
N CYS M 80 107.94 -4.32 28.16
CA CYS M 80 106.70 -3.97 28.86
C CYS M 80 107.01 -3.32 30.21
N GLY M 81 107.65 -2.15 30.13
CA GLY M 81 108.25 -1.54 31.31
C GLY M 81 107.21 -0.91 32.22
N ASN M 82 107.17 -1.35 33.48
CA ASN M 82 106.35 -0.78 34.57
C ASN M 82 104.85 -0.82 34.23
N ASP M 83 104.44 -1.76 33.42
CA ASP M 83 103.04 -1.93 33.06
C ASP M 83 102.62 -3.35 33.37
N PHE M 84 101.36 -3.52 33.75
CA PHE M 84 100.84 -4.85 34.00
C PHE M 84 100.66 -5.58 32.68
N GLN M 85 101.54 -6.55 32.43
CA GLN M 85 101.36 -7.44 31.29
C GLN M 85 100.15 -8.34 31.51
N CYS M 86 99.50 -8.70 30.42
CA CYS M 86 98.28 -9.48 30.47
C CYS M 86 98.52 -10.85 29.86
N SER M 87 97.46 -11.64 29.74
CA SER M 87 97.53 -12.96 29.15
C SER M 87 97.26 -12.95 27.65
N THR M 88 97.52 -11.83 26.99
CA THR M 88 97.42 -11.69 25.54
C THR M 88 98.70 -11.15 24.92
N GLY M 89 99.39 -10.23 25.60
CA GLY M 89 100.50 -9.50 25.01
C GLY M 89 100.29 -8.00 25.01
N ARG M 90 99.13 -7.51 25.45
CA ARG M 90 98.86 -6.09 25.58
C ARG M 90 99.24 -5.63 26.97
N CYS M 91 99.87 -4.46 27.05
CA CYS M 91 100.34 -3.91 28.32
C CYS M 91 99.46 -2.72 28.69
N ILE M 92 98.67 -2.88 29.74
CA ILE M 92 97.80 -1.83 30.23
C ILE M 92 98.38 -1.26 31.52
N LYS M 93 97.79 -0.16 31.99
CA LYS M 93 98.26 0.53 33.18
C LYS M 93 97.62 -0.04 34.43
N MET M 94 98.00 0.50 35.59
CA MET M 94 97.43 0.06 36.85
C MET M 94 96.07 0.68 37.13
N ARG M 95 95.77 1.83 36.51
CA ARG M 95 94.48 2.51 36.67
C ARG M 95 93.33 1.68 36.14
N LEU M 96 93.59 0.77 35.20
CA LEU M 96 92.57 -0.07 34.60
C LEU M 96 92.26 -1.32 35.40
N ARG M 97 92.74 -1.42 36.64
CA ARG M 97 92.52 -2.61 37.46
C ARG M 97 91.10 -2.62 38.02
N CYS M 98 90.40 -3.73 37.82
CA CYS M 98 89.06 -4.00 38.35
C CYS M 98 88.04 -2.94 37.94
N ASN M 99 88.20 -2.39 36.75
CA ASN M 99 87.33 -1.32 36.28
C ASN M 99 86.04 -1.82 35.67
N GLY M 100 85.85 -3.13 35.58
CA GLY M 100 84.67 -3.66 34.93
C GLY M 100 84.68 -3.56 33.42
N ASP M 101 85.84 -3.31 32.82
CA ASP M 101 85.98 -3.24 31.37
C ASP M 101 87.04 -4.23 30.91
N ASN M 102 86.73 -4.94 29.84
CA ASN M 102 87.62 -5.95 29.30
C ASN M 102 88.81 -5.33 28.58
N ASP M 103 89.85 -5.02 29.33
CA ASP M 103 90.96 -4.22 28.85
C ASP M 103 92.12 -5.07 28.32
N CYS M 104 92.47 -6.16 29.01
CA CYS M 104 93.52 -7.03 28.51
C CYS M 104 93.05 -7.88 27.34
N GLY M 105 91.75 -8.07 27.19
CA GLY M 105 91.23 -8.92 26.14
C GLY M 105 90.75 -10.25 26.69
N ASP M 106 91.52 -10.82 27.62
CA ASP M 106 91.16 -12.05 28.30
C ASP M 106 90.74 -11.79 29.74
N PHE M 107 90.03 -10.68 29.95
CA PHE M 107 89.16 -10.46 31.12
C PHE M 107 89.97 -10.41 32.41
N SER M 108 91.17 -9.83 32.35
CA SER M 108 92.08 -9.81 33.48
C SER M 108 91.82 -8.65 34.43
N ASP M 109 90.61 -8.11 34.45
CA ASP M 109 90.22 -7.06 35.39
C ASP M 109 89.09 -7.48 36.30
N GLU M 110 88.05 -8.12 35.78
CA GLU M 110 86.84 -8.40 36.54
C GLU M 110 86.88 -9.75 37.25
N ASP M 111 88.07 -10.23 37.61
CA ASP M 111 88.18 -11.52 38.28
C ASP M 111 89.01 -11.46 39.56
N ASP M 112 90.01 -10.56 39.60
CA ASP M 112 91.06 -10.67 40.60
C ASP M 112 90.61 -10.14 41.96
N CYS M 113 90.30 -8.86 42.04
CA CYS M 113 90.17 -8.22 43.33
C CYS M 113 88.76 -8.36 43.89
N GLU M 114 88.64 -8.18 45.20
CA GLU M 114 87.36 -8.05 45.88
C GLU M 114 86.99 -6.59 46.10
N SER M 115 87.66 -5.67 45.42
CA SER M 115 87.41 -4.24 45.58
C SER M 115 86.19 -3.83 44.77
N GLU M 116 85.92 -2.52 44.71
CA GLU M 116 84.79 -2.03 43.97
C GLU M 116 85.04 -2.12 42.47
N PRO M 117 84.00 -2.38 41.68
CA PRO M 117 84.17 -2.35 40.22
C PRO M 117 84.39 -0.96 39.67
N ARG M 118 84.03 0.10 40.44
CA ARG M 118 84.12 1.55 40.21
C ARG M 118 83.92 1.96 38.75
N PRO M 119 82.73 1.77 38.19
CA PRO M 119 82.54 2.01 36.75
C PRO M 119 82.59 3.51 36.45
N PRO M 120 83.45 3.92 35.51
CA PRO M 120 83.52 5.34 35.17
C PRO M 120 82.26 5.87 34.55
N CYS M 121 81.57 5.06 33.76
CA CYS M 121 80.18 5.33 33.44
C CYS M 121 79.35 4.92 34.65
N ARG M 122 78.85 5.92 35.38
CA ARG M 122 78.03 5.71 36.56
C ARG M 122 76.59 5.36 36.19
N ASP M 123 75.68 5.51 37.14
CA ASP M 123 74.26 5.17 36.99
C ASP M 123 73.50 5.93 35.91
N ARG M 124 74.16 6.83 35.19
CA ARG M 124 73.60 7.41 33.97
C ARG M 124 73.32 6.32 32.94
N VAL M 125 72.29 6.55 32.13
CA VAL M 125 71.87 5.57 31.12
C VAL M 125 72.92 5.56 30.02
N VAL M 126 73.73 4.50 29.99
CA VAL M 126 74.87 4.38 29.11
C VAL M 126 74.83 2.99 28.48
N GLU M 127 74.90 2.93 27.15
CA GLU M 127 74.76 1.69 26.41
C GLU M 127 76.07 1.38 25.67
N GLU M 128 76.04 0.38 24.82
CA GLU M 128 77.13 0.10 23.90
C GLU M 128 76.70 0.50 22.49
N SER M 129 77.68 0.89 21.68
CA SER M 129 77.37 1.49 20.40
C SER M 129 77.05 0.42 19.36
N GLU M 130 76.76 0.87 18.14
CA GLU M 130 76.53 -0.01 17.01
C GLU M 130 77.37 0.37 15.80
N LEU M 131 77.89 1.58 15.75
CA LEU M 131 78.69 2.08 14.64
C LEU M 131 80.16 2.18 14.97
N ALA M 132 80.48 2.43 16.23
CA ALA M 132 81.86 2.60 16.64
C ALA M 132 82.59 1.29 16.84
N ARG M 133 81.86 0.18 17.00
CA ARG M 133 82.51 -1.06 17.37
C ARG M 133 83.27 -1.68 16.20
N THR M 134 82.93 -1.33 14.97
CA THR M 134 83.60 -1.81 13.79
C THR M 134 84.24 -0.67 13.02
N ALA M 135 84.87 0.27 13.73
CA ALA M 135 85.27 1.53 13.13
C ALA M 135 86.63 1.48 12.44
N GLY M 136 87.14 0.31 12.12
CA GLY M 136 88.35 0.28 11.32
C GLY M 136 88.09 0.25 9.84
N TYR M 137 87.39 -0.78 9.39
CA TYR M 137 87.18 -1.11 7.97
C TYR M 137 88.49 -1.04 7.18
N GLY M 138 89.43 -1.90 7.56
CA GLY M 138 90.72 -1.96 6.90
C GLY M 138 90.58 -2.35 5.44
N ILE M 139 90.78 -1.40 4.55
CA ILE M 139 90.26 -1.49 3.20
C ILE M 139 91.38 -1.95 2.28
N ASN M 140 90.99 -2.42 1.09
CA ASN M 140 91.92 -2.84 0.08
C ASN M 140 91.76 -1.95 -1.15
N ILE M 141 92.80 -1.89 -1.97
CA ILE M 141 92.85 -0.96 -3.10
C ILE M 141 91.88 -1.28 -4.22
N LEU M 142 91.27 -2.46 -4.22
CA LEU M 142 90.27 -2.77 -5.24
C LEU M 142 89.02 -1.92 -5.06
N GLY M 143 88.59 -1.73 -3.81
CA GLY M 143 87.41 -0.93 -3.53
C GLY M 143 86.53 -1.58 -2.48
N MET M 144 86.67 -2.89 -2.30
CA MET M 144 85.89 -3.61 -1.31
C MET M 144 86.62 -3.63 0.03
N ASP M 145 85.85 -3.72 1.10
CA ASP M 145 86.34 -3.44 2.45
C ASP M 145 86.19 -4.60 3.42
N PRO M 146 87.24 -5.37 3.69
CA PRO M 146 87.18 -6.35 4.78
C PRO M 146 87.18 -5.64 6.12
N LEU M 147 86.29 -6.08 7.01
CA LEU M 147 86.09 -5.49 8.33
C LEU M 147 87.15 -5.92 9.33
N SER M 148 88.25 -6.54 8.85
CA SER M 148 89.30 -7.06 9.70
C SER M 148 90.03 -5.87 10.32
N THR M 149 89.40 -5.36 11.37
CA THR M 149 89.78 -4.11 12.00
C THR M 149 91.08 -4.28 12.74
N PRO M 150 92.14 -3.56 12.38
CA PRO M 150 93.35 -3.63 13.20
C PRO M 150 93.16 -2.97 14.55
N PHE M 151 92.24 -2.03 14.64
CA PHE M 151 91.93 -1.38 15.90
C PHE M 151 91.15 -2.33 16.80
N ASP M 152 91.07 -1.97 18.08
CA ASP M 152 90.29 -2.71 19.05
C ASP M 152 89.28 -1.74 19.64
N ASN M 153 88.01 -1.89 19.26
CA ASN M 153 86.96 -0.97 19.69
C ASN M 153 86.21 -1.50 20.91
N GLU M 154 86.90 -2.19 21.81
CA GLU M 154 86.38 -2.52 23.11
C GLU M 154 87.20 -1.89 24.23
N PHE M 155 88.33 -1.28 23.92
CA PHE M 155 89.20 -0.66 24.91
C PHE M 155 88.65 0.73 25.20
N TYR M 156 88.19 0.95 26.43
CA TYR M 156 87.63 2.23 26.80
C TYR M 156 88.57 3.09 27.62
N ASN M 157 89.58 2.48 28.23
CA ASN M 157 90.63 3.14 29.03
C ASN M 157 90.03 3.93 30.20
N GLY M 158 88.95 3.42 30.78
CA GLY M 158 88.39 3.99 31.99
C GLY M 158 87.78 5.36 31.83
N LEU M 159 87.27 5.70 30.66
CA LEU M 159 86.64 6.98 30.43
C LEU M 159 85.19 6.78 30.01
N CYS M 160 84.39 7.83 30.17
CA CYS M 160 82.97 7.79 29.87
C CYS M 160 82.61 9.04 29.10
N ASN M 161 82.72 8.97 27.77
CA ASN M 161 82.38 10.07 26.88
C ASN M 161 81.14 9.68 26.12
N ARG M 162 80.09 10.49 26.23
CA ARG M 162 78.80 10.16 25.63
C ARG M 162 78.64 10.89 24.30
N ASP M 163 78.01 10.22 23.34
CA ASP M 163 77.70 10.79 22.03
C ASP M 163 76.24 10.48 21.72
N ARG M 164 75.45 11.52 21.48
CA ARG M 164 74.00 11.34 21.43
C ARG M 164 73.56 10.72 20.12
N ASP M 165 72.32 10.26 20.13
CA ASP M 165 71.64 9.77 18.94
C ASP M 165 70.42 10.64 18.68
N GLY M 166 70.12 10.84 17.41
CA GLY M 166 68.98 11.64 17.05
C GLY M 166 67.66 10.94 17.26
N ASN M 167 67.48 9.79 16.63
CA ASN M 167 66.16 9.17 16.60
C ASN M 167 65.86 8.45 17.90
N THR M 168 66.75 7.57 18.35
CA THR M 168 66.43 6.70 19.47
C THR M 168 66.55 7.39 20.83
N LEU M 169 67.23 8.54 20.89
CA LEU M 169 67.46 9.32 22.11
C LEU M 169 68.16 8.50 23.19
N THR M 170 69.33 7.99 22.84
CA THR M 170 70.15 7.19 23.74
C THR M 170 71.48 7.91 23.97
N TYR M 171 72.39 7.24 24.65
CA TYR M 171 73.72 7.80 24.92
C TYR M 171 74.75 6.70 24.69
N TYR M 172 75.24 6.60 23.46
CA TYR M 172 76.23 5.62 23.10
C TYR M 172 77.60 6.05 23.64
N ARG M 173 78.55 5.12 23.62
CA ARG M 173 79.87 5.43 24.12
C ARG M 173 80.84 5.72 22.99
N ARG M 174 81.98 6.28 23.36
CA ARG M 174 83.06 6.57 22.44
C ARG M 174 84.25 5.71 22.83
N PRO M 175 84.58 4.67 22.06
CA PRO M 175 85.79 3.90 22.34
C PRO M 175 87.05 4.73 22.15
N TRP M 176 88.14 4.24 22.72
CA TRP M 176 89.38 5.01 22.75
C TRP M 176 89.99 5.18 21.38
N ASN M 177 89.73 4.27 20.45
CA ASN M 177 90.33 4.42 19.13
C ASN M 177 89.56 5.39 18.24
N VAL M 178 88.32 5.73 18.59
CA VAL M 178 87.54 6.70 17.82
C VAL M 178 87.70 8.07 18.46
N ALA M 179 88.21 9.04 17.70
CA ALA M 179 88.46 10.37 18.21
C ALA M 179 87.25 11.28 18.11
N SER M 180 86.36 11.05 17.14
CA SER M 180 85.16 11.84 17.02
C SER M 180 84.09 11.04 16.31
N LEU M 181 82.84 11.30 16.69
CA LEU M 181 81.73 10.50 16.19
C LEU M 181 80.47 11.35 16.29
N ILE M 182 80.03 11.90 15.17
CA ILE M 182 78.82 12.67 15.12
C ILE M 182 77.75 11.80 14.49
N TYR M 183 76.49 12.13 14.79
CA TYR M 183 75.34 11.53 14.10
C TYR M 183 74.53 12.67 13.49
N GLU M 184 74.85 13.04 12.25
CA GLU M 184 74.01 13.99 11.53
C GLU M 184 72.84 13.24 10.90
N THR M 185 72.12 13.91 10.02
CA THR M 185 71.17 13.24 9.13
C THR M 185 71.25 14.00 7.83
N LYS M 186 72.12 13.56 6.93
CA LYS M 186 72.43 14.35 5.76
C LYS M 186 71.92 13.62 4.54
N GLY M 187 70.73 13.99 4.07
CA GLY M 187 70.17 13.37 2.89
C GLY M 187 70.52 14.21 1.68
N GLU M 188 70.75 13.54 0.55
CA GLU M 188 71.28 14.26 -0.60
C GLU M 188 70.94 13.52 -1.87
N LYS M 189 70.02 14.05 -2.66
CA LYS M 189 69.65 13.40 -3.91
C LYS M 189 70.14 14.20 -5.10
N ASN M 190 70.99 13.60 -5.92
CA ASN M 190 71.24 14.11 -7.25
C ASN M 190 70.23 13.49 -8.21
N PHE M 191 69.93 14.21 -9.27
CA PHE M 191 69.05 13.73 -10.32
C PHE M 191 69.53 14.38 -11.60
N ARG M 192 69.64 13.62 -12.67
CA ARG M 192 69.93 14.20 -13.97
C ARG M 192 69.07 13.51 -15.01
N THR M 193 68.74 14.25 -16.06
CA THR M 193 68.25 13.63 -17.28
C THR M 193 68.70 14.43 -18.48
N GLU M 194 69.53 13.83 -19.31
CA GLU M 194 69.98 14.45 -20.54
C GLU M 194 69.22 13.87 -21.71
N HIS M 195 69.24 14.59 -22.81
CA HIS M 195 68.47 14.18 -23.97
C HIS M 195 69.11 14.81 -25.19
N TYR M 196 69.38 14.01 -26.20
CA TYR M 196 69.89 14.51 -27.47
C TYR M 196 69.06 13.94 -28.58
N GLU M 197 68.87 14.72 -29.64
CA GLU M 197 68.09 14.26 -30.77
C GLU M 197 68.60 14.95 -32.01
N GLU M 198 68.61 14.25 -33.13
CA GLU M 198 69.04 14.86 -34.39
C GLU M 198 68.30 14.18 -35.54
N GLN M 199 67.35 14.88 -36.15
CA GLN M 199 66.78 14.40 -37.39
C GLN M 199 67.51 15.03 -38.56
N ILE M 200 67.55 14.33 -39.68
CA ILE M 200 68.02 14.91 -40.93
C ILE M 200 67.27 14.24 -42.07
N GLU M 201 66.81 15.04 -43.02
CA GLU M 201 66.10 14.57 -44.20
C GLU M 201 66.75 15.21 -45.42
N ALA M 202 67.57 14.45 -46.14
CA ALA M 202 68.14 14.89 -47.39
C ALA M 202 67.31 14.37 -48.56
N PHE M 203 67.42 15.04 -49.69
CA PHE M 203 66.48 14.82 -50.79
C PHE M 203 67.10 15.36 -52.06
N LYS M 204 67.03 14.59 -53.16
CA LYS M 204 67.61 15.02 -54.44
C LYS M 204 66.84 14.39 -55.58
N SER M 205 66.12 15.19 -56.36
CA SER M 205 65.35 14.73 -57.50
C SER M 205 65.89 15.33 -58.79
N ILE M 206 65.84 14.55 -59.87
CA ILE M 206 66.28 14.99 -61.19
C ILE M 206 65.25 14.49 -62.20
N ILE M 207 64.80 15.38 -63.10
CA ILE M 207 63.98 15.00 -64.24
C ILE M 207 64.68 15.52 -65.50
N GLN M 208 64.85 14.65 -66.50
CA GLN M 208 65.45 15.05 -67.76
C GLN M 208 64.57 14.59 -68.89
N GLU M 209 64.58 15.33 -69.99
CA GLU M 209 63.76 14.98 -71.14
C GLU M 209 64.34 15.61 -72.38
N LYS M 210 64.46 14.82 -73.45
CA LYS M 210 64.71 15.37 -74.78
C LYS M 210 63.70 14.79 -75.74
N THR M 211 63.12 15.63 -76.58
CA THR M 211 62.15 15.21 -77.59
C THR M 211 62.62 15.80 -78.91
N SER M 212 63.21 14.96 -79.77
CA SER M 212 63.70 15.40 -81.07
C SER M 212 62.82 14.84 -82.17
N ASN M 213 62.52 15.67 -83.18
CA ASN M 213 61.61 15.30 -84.26
C ASN M 213 62.15 15.90 -85.56
N PHE M 214 62.51 15.04 -86.51
CA PHE M 214 63.05 15.46 -87.80
C PHE M 214 62.12 14.96 -88.90
N ASN M 215 61.75 15.85 -89.82
CA ASN M 215 60.78 15.53 -90.86
C ASN M 215 61.29 16.03 -92.19
N ALA M 216 61.43 15.14 -93.17
CA ALA M 216 61.74 15.55 -94.52
C ALA M 216 60.44 15.57 -95.34
N ALA M 217 60.57 15.90 -96.62
CA ALA M 217 59.44 15.89 -97.54
C ALA M 217 59.92 15.74 -98.99
N PHE M 249 57.06 10.27 -100.50
CA PHE M 249 58.33 10.96 -100.50
C PHE M 249 58.58 11.71 -99.20
N ARG M 250 58.94 11.00 -98.12
CA ARG M 250 59.36 11.65 -96.90
C ARG M 250 60.25 10.70 -96.11
N PHE M 251 60.64 11.15 -94.92
CA PHE M 251 61.43 10.38 -93.96
C PHE M 251 61.32 11.08 -92.62
N SER M 252 60.89 10.36 -91.60
CA SER M 252 60.80 10.92 -90.26
C SER M 252 61.80 10.25 -89.33
N TYR M 253 62.11 10.93 -88.24
CA TYR M 253 62.99 10.37 -87.21
C TYR M 253 62.66 11.06 -85.90
N SER M 254 62.04 10.33 -84.99
CA SER M 254 61.63 10.89 -83.71
C SER M 254 62.37 10.18 -82.58
N LYS M 255 62.42 10.85 -81.43
CA LYS M 255 62.99 10.27 -80.23
C LYS M 255 62.42 11.03 -79.04
N ASN M 256 61.98 10.31 -78.02
CA ASN M 256 61.43 10.91 -76.81
C ASN M 256 62.10 10.23 -75.61
N GLU M 257 63.27 10.71 -75.22
CA GLU M 257 63.96 10.14 -74.08
C GLU M 257 63.53 10.88 -72.82
N THR M 258 63.18 10.13 -71.78
CA THR M 258 62.64 10.69 -70.54
C THR M 258 63.34 10.02 -69.37
N TYR M 259 64.37 10.66 -68.83
CA TYR M 259 65.10 10.12 -67.69
C TYR M 259 64.54 10.71 -66.41
N GLN M 260 64.62 9.95 -65.34
CA GLN M 260 64.24 10.47 -64.04
C GLN M 260 65.16 9.83 -63.01
N LEU M 261 65.31 10.48 -61.87
CA LEU M 261 66.14 10.01 -60.78
C LEU M 261 65.61 10.63 -59.50
N PHE M 262 65.74 9.91 -58.40
CA PHE M 262 65.08 10.31 -57.16
C PHE M 262 65.84 9.68 -56.02
N LEU M 263 66.19 10.46 -55.01
CA LEU M 263 66.88 9.90 -53.86
C LEU M 263 66.40 10.60 -52.59
N SER M 264 66.15 9.82 -51.56
CA SER M 264 65.83 10.34 -50.24
C SER M 264 66.87 9.84 -49.25
N TYR M 265 66.90 10.46 -48.07
CA TYR M 265 67.69 9.96 -46.95
C TYR M 265 67.08 10.56 -45.69
N SER M 266 66.24 9.79 -45.01
CA SER M 266 65.47 10.34 -43.89
C SER M 266 65.88 9.62 -42.61
N SER M 267 66.96 10.08 -41.98
CA SER M 267 67.53 9.38 -40.84
C SER M 267 67.41 10.23 -39.60
N LYS M 268 66.90 9.66 -38.52
CA LYS M 268 66.90 10.33 -37.23
C LYS M 268 67.80 9.58 -36.26
N LYS M 269 68.21 10.26 -35.21
CA LYS M 269 68.96 9.67 -34.13
C LYS M 269 68.47 10.26 -32.82
N GLU M 270 68.66 9.51 -31.75
CA GLU M 270 68.20 9.92 -30.43
C GLU M 270 69.12 9.28 -29.42
N LYS M 271 69.35 9.96 -28.30
CA LYS M 271 70.22 9.40 -27.27
C LYS M 271 69.84 10.02 -25.94
N MET M 272 69.15 9.25 -25.11
CA MET M 272 68.69 9.75 -23.83
C MET M 272 69.74 9.40 -22.76
N PHE M 273 69.52 9.89 -21.54
CA PHE M 273 70.31 9.52 -20.39
C PHE M 273 69.53 9.92 -19.16
N LEU M 274 69.64 9.14 -18.10
CA LEU M 274 69.00 9.49 -16.84
C LEU M 274 69.92 9.01 -15.75
N HIS M 275 69.86 9.64 -14.58
CA HIS M 275 70.77 9.27 -13.48
C HIS M 275 70.20 9.75 -12.16
N VAL M 276 69.60 8.88 -11.42
CA VAL M 276 69.20 9.22 -10.06
C VAL M 276 70.34 8.80 -9.15
N LYS M 277 70.60 9.51 -8.05
CA LYS M 277 71.58 9.02 -7.08
C LYS M 277 71.25 9.63 -5.72
N GLY M 278 70.58 8.87 -4.87
CA GLY M 278 70.24 9.46 -3.58
C GLY M 278 71.01 8.93 -2.39
N GLU M 279 72.01 9.66 -1.94
CA GLU M 279 72.76 9.24 -0.76
C GLU M 279 72.02 9.62 0.50
N ILE M 280 72.24 8.85 1.55
CA ILE M 280 71.72 9.15 2.89
C ILE M 280 72.85 8.90 3.87
N HIS M 281 73.32 9.94 4.53
CA HIS M 281 74.43 9.79 5.47
C HIS M 281 73.89 9.83 6.88
N LEU M 282 74.35 8.91 7.72
CA LEU M 282 74.13 8.96 9.15
C LEU M 282 75.52 9.04 9.80
N GLY M 283 76.01 10.25 9.94
CA GLY M 283 77.20 10.45 10.72
C GLY M 283 78.48 10.01 10.04
N ARG M 284 79.54 9.95 10.84
CA ARG M 284 80.90 9.68 10.35
C ARG M 284 81.74 9.30 11.55
N PHE M 285 83.05 9.14 11.33
CA PHE M 285 83.98 8.85 12.40
C PHE M 285 85.38 9.24 11.96
N VAL M 286 86.25 9.53 12.92
CA VAL M 286 87.65 9.82 12.67
C VAL M 286 88.49 9.06 13.67
N MET M 287 89.39 8.21 13.20
CA MET M 287 90.20 7.39 14.07
C MET M 287 91.39 8.21 14.58
N ARG M 288 92.20 7.62 15.45
CA ARG M 288 93.33 8.31 16.03
C ARG M 288 94.62 7.89 15.34
N ASN M 289 95.74 8.44 15.81
CA ASN M 289 97.04 8.21 15.20
C ASN M 289 98.16 7.92 16.18
N ARG M 290 98.04 8.32 17.44
CA ARG M 290 99.05 8.03 18.45
C ARG M 290 98.39 7.45 19.69
N ASP M 291 99.14 6.61 20.41
CA ASP M 291 98.69 5.85 21.58
C ASP M 291 97.45 5.01 21.24
N VAL M 292 97.54 4.32 20.10
CA VAL M 292 96.44 3.53 19.57
C VAL M 292 96.62 2.09 20.02
N VAL M 293 95.55 1.48 20.50
CA VAL M 293 95.59 0.05 20.84
C VAL M 293 95.16 -0.75 19.62
N LEU M 294 95.80 -1.91 19.45
CA LEU M 294 95.50 -2.81 18.35
C LEU M 294 94.95 -4.11 18.92
N THR M 295 94.25 -4.86 18.07
CA THR M 295 93.64 -6.09 18.53
C THR M 295 94.70 -7.18 18.73
N THR M 296 94.26 -8.29 19.33
CA THR M 296 95.20 -9.34 19.72
C THR M 296 95.71 -10.09 18.50
N THR M 297 94.85 -10.34 17.53
CA THR M 297 95.20 -11.13 16.34
C THR M 297 95.95 -10.33 15.29
N PHE M 298 96.54 -9.20 15.62
CA PHE M 298 97.21 -8.36 14.64
C PHE M 298 98.63 -8.02 15.06
N VAL M 299 98.87 -7.83 16.36
CA VAL M 299 100.22 -7.61 16.86
C VAL M 299 101.06 -8.87 16.66
N ASP M 300 100.43 -10.05 16.78
CA ASP M 300 101.13 -11.30 16.52
C ASP M 300 101.51 -11.44 15.05
N ASP M 301 100.61 -11.04 14.15
CA ASP M 301 100.91 -11.16 12.73
C ASP M 301 101.91 -10.11 12.26
N ILE M 302 102.02 -8.98 12.97
CA ILE M 302 103.15 -8.10 12.70
C ILE M 302 104.43 -8.71 13.26
N LYS M 303 104.35 -9.36 14.42
CA LYS M 303 105.52 -9.98 15.04
C LYS M 303 106.03 -11.18 14.26
N ALA M 304 105.20 -11.77 13.39
CA ALA M 304 105.61 -12.92 12.59
C ALA M 304 106.05 -12.51 11.18
N LEU M 305 106.51 -11.28 11.01
CA LEU M 305 106.99 -10.86 9.69
C LEU M 305 108.48 -11.12 9.57
N PRO M 306 108.98 -11.50 8.38
CA PRO M 306 110.32 -12.09 8.28
C PRO M 306 111.48 -11.12 8.43
N THR M 307 111.23 -9.81 8.52
CA THR M 307 112.16 -8.76 9.00
C THR M 307 113.27 -8.45 7.99
N THR M 308 113.44 -9.28 6.95
CA THR M 308 114.55 -9.14 6.02
C THR M 308 114.11 -8.78 4.61
N TYR M 309 112.88 -8.26 4.46
CA TYR M 309 112.17 -8.14 3.18
C TYR M 309 112.20 -9.47 2.43
N GLU M 310 111.48 -10.42 2.99
CA GLU M 310 111.19 -11.66 2.29
C GLU M 310 109.80 -11.53 1.69
N LYS M 311 109.72 -11.57 0.37
CA LYS M 311 108.56 -11.12 -0.39
C LYS M 311 107.33 -12.01 -0.20
N GLY M 312 107.52 -13.25 0.27
CA GLY M 312 106.41 -14.19 0.32
C GLY M 312 105.39 -13.90 1.41
N GLU M 313 105.85 -13.40 2.56
CA GLU M 313 104.95 -13.23 3.69
C GLU M 313 104.13 -11.94 3.60
N TYR M 314 104.68 -10.89 2.98
CA TYR M 314 104.00 -9.61 2.97
C TYR M 314 102.81 -9.60 2.04
N PHE M 315 102.86 -10.38 0.95
CA PHE M 315 101.69 -10.50 0.08
C PHE M 315 100.58 -11.34 0.72
N ALA M 316 100.89 -12.13 1.74
CA ALA M 316 99.83 -12.77 2.50
C ALA M 316 99.30 -11.84 3.58
N PHE M 317 100.18 -11.04 4.18
CA PHE M 317 99.74 -10.11 5.21
C PHE M 317 98.85 -9.01 4.65
N LEU M 318 99.20 -8.46 3.49
CA LEU M 318 98.45 -7.36 2.92
C LEU M 318 97.10 -7.79 2.36
N GLU M 319 96.88 -9.08 2.15
CA GLU M 319 95.56 -9.55 1.78
C GLU M 319 94.86 -10.29 2.92
N THR M 320 95.53 -10.45 4.06
CA THR M 320 94.81 -10.83 5.26
C THR M 320 94.20 -9.61 5.94
N TYR M 321 94.97 -8.53 6.07
CA TYR M 321 94.51 -7.35 6.82
C TYR M 321 94.36 -6.10 5.96
N GLY M 322 94.26 -6.25 4.65
CA GLY M 322 94.04 -5.11 3.79
C GLY M 322 95.27 -4.24 3.59
N THR M 323 95.17 -3.29 2.66
CA THR M 323 96.30 -2.43 2.36
C THR M 323 96.24 -1.14 3.17
N HIS M 324 95.07 -0.54 3.30
CA HIS M 324 94.90 0.70 4.04
C HIS M 324 93.80 0.53 5.07
N TYR M 325 93.78 1.40 6.07
CA TYR M 325 92.67 1.45 7.01
C TYR M 325 91.92 2.75 6.86
N SER M 326 90.60 2.70 6.97
CA SER M 326 89.79 3.88 6.78
C SER M 326 89.89 4.81 7.98
N SER M 327 90.81 5.76 7.91
CA SER M 327 91.03 6.69 9.01
C SER M 327 89.92 7.72 9.16
N SER M 328 89.05 7.87 8.16
CA SER M 328 87.93 8.81 8.28
C SER M 328 86.84 8.35 7.31
N GLY M 329 85.81 7.68 7.84
CA GLY M 329 84.73 7.17 7.03
C GLY M 329 83.48 8.03 7.11
N SER M 330 82.41 7.49 6.55
CA SER M 330 81.08 8.11 6.62
C SER M 330 80.07 7.01 6.29
N LEU M 331 79.28 6.58 7.25
CA LEU M 331 78.43 5.42 7.03
C LEU M 331 77.12 5.84 6.38
N GLY M 332 76.17 4.91 6.28
CA GLY M 332 74.95 5.16 5.53
C GLY M 332 75.12 4.95 4.05
N GLY M 333 74.15 4.33 3.39
CA GLY M 333 74.38 3.90 2.03
C GLY M 333 73.45 4.40 0.95
N LEU M 334 73.92 4.34 -0.30
CA LEU M 334 73.28 5.00 -1.43
C LEU M 334 72.35 4.05 -2.18
N TYR M 335 71.76 4.60 -3.23
CA TYR M 335 71.16 3.82 -4.29
C TYR M 335 71.42 4.58 -5.59
N GLU M 336 71.09 3.96 -6.71
CA GLU M 336 71.46 4.53 -8.01
C GLU M 336 70.67 3.87 -9.12
N LEU M 337 70.13 4.67 -10.02
CA LEU M 337 69.58 4.19 -11.28
C LEU M 337 70.40 4.80 -12.40
N ILE M 338 70.49 4.08 -13.53
CA ILE M 338 71.06 4.60 -14.77
C ILE M 338 70.21 4.05 -15.90
N TYR M 339 69.79 4.90 -16.82
CA TYR M 339 68.88 4.52 -17.90
C TYR M 339 69.48 5.02 -19.20
N VAL M 340 70.26 4.21 -19.90
CA VAL M 340 70.93 4.65 -21.11
C VAL M 340 70.14 4.11 -22.29
N LEU M 341 69.33 4.96 -22.90
CA LEU M 341 68.70 4.55 -24.14
C LEU M 341 69.63 4.92 -25.29
N ASP M 342 69.35 4.37 -26.46
CA ASP M 342 70.04 4.72 -27.69
C ASP M 342 69.14 4.29 -28.82
N LYS M 343 69.07 5.10 -29.86
CA LYS M 343 68.25 4.78 -31.01
C LYS M 343 69.00 5.24 -32.24
N ALA M 344 68.84 4.52 -33.34
CA ALA M 344 69.38 4.99 -34.61
C ALA M 344 68.50 4.41 -35.71
N SER M 345 67.50 5.18 -36.11
CA SER M 345 66.81 4.81 -37.34
C SER M 345 67.65 5.22 -38.53
N MET M 346 67.28 4.71 -39.70
CA MET M 346 67.85 5.17 -40.96
C MET M 346 66.95 4.69 -42.08
N LYS M 347 66.61 5.58 -42.99
CA LYS M 347 66.04 5.17 -44.26
C LYS M 347 66.98 5.60 -45.37
N ARG M 348 66.84 4.95 -46.52
CA ARG M 348 67.37 5.49 -47.76
C ARG M 348 66.57 4.86 -48.90
N LYS M 349 66.44 5.59 -49.99
CA LYS M 349 65.60 5.14 -51.08
C LYS M 349 66.35 5.34 -52.40
N GLY M 350 65.69 4.94 -53.47
CA GLY M 350 66.13 5.27 -54.81
C GLY M 350 65.06 4.86 -55.80
N VAL M 351 64.63 5.79 -56.65
CA VAL M 351 63.55 5.55 -57.61
C VAL M 351 64.08 6.00 -58.96
N GLU M 352 64.33 5.07 -59.86
CA GLU M 352 64.97 5.35 -61.13
C GLU M 352 64.02 4.95 -62.25
N LEU M 353 64.10 5.66 -63.37
CA LEU M 353 63.11 5.48 -64.41
C LEU M 353 63.71 5.90 -65.74
N LYS M 354 63.43 5.13 -66.79
CA LYS M 354 63.94 5.43 -68.13
C LYS M 354 62.87 5.10 -69.16
N ASP M 355 62.96 5.75 -70.31
CA ASP M 355 61.95 5.63 -71.36
C ASP M 355 62.56 6.09 -72.68
N ILE M 356 62.32 5.34 -73.74
CA ILE M 356 62.68 5.72 -75.10
C ILE M 356 61.51 5.37 -75.99
N LYS M 357 60.93 6.36 -76.65
CA LYS M 357 59.75 6.17 -77.50
C LYS M 357 60.11 6.60 -78.92
N ARG M 358 60.70 5.69 -79.67
CA ARG M 358 61.10 5.98 -81.04
C ARG M 358 59.96 5.70 -82.01
N CYS M 359 60.05 6.30 -83.18
CA CYS M 359 59.07 6.09 -84.23
C CYS M 359 59.73 6.35 -85.56
N LEU M 360 59.11 5.85 -86.63
CA LEU M 360 59.52 6.17 -88.00
C LEU M 360 58.34 5.83 -88.90
N GLY M 361 58.23 6.56 -90.01
CA GLY M 361 57.20 6.24 -90.97
C GLY M 361 57.24 7.12 -92.19
N TYR M 362 57.08 6.53 -93.38
CA TYR M 362 57.06 7.34 -94.59
C TYR M 362 56.16 6.73 -95.66
N HIS M 363 55.48 7.64 -96.37
CA HIS M 363 54.75 7.36 -97.59
C HIS M 363 55.67 7.61 -98.78
N LEU M 364 55.74 6.65 -99.70
CA LEU M 364 56.53 6.81 -100.90
C LEU M 364 55.73 6.47 -102.14
N PHE M 379 52.60 2.79 -101.65
CA PHE M 379 53.66 2.32 -100.76
C PHE M 379 53.48 2.96 -99.40
N ASN M 380 53.90 2.27 -98.33
CA ASN M 380 53.94 2.84 -96.99
C ASN M 380 54.83 1.96 -96.13
N LYS M 381 55.57 2.58 -95.21
CA LYS M 381 56.26 1.81 -94.19
C LYS M 381 56.25 2.60 -92.91
N ASP M 382 56.08 1.93 -91.77
CA ASP M 382 56.24 2.59 -90.48
C ASP M 382 56.61 1.57 -89.42
N ASP M 383 57.11 2.09 -88.30
CA ASP M 383 57.25 1.31 -87.09
C ASP M 383 57.22 2.26 -85.89
N CYS M 384 56.86 1.69 -84.74
CA CYS M 384 56.86 2.40 -83.48
C CYS M 384 57.52 1.51 -82.44
N VAL M 385 58.55 2.03 -81.77
CA VAL M 385 59.32 1.26 -80.80
C VAL M 385 59.17 1.96 -79.46
N LYS M 386 58.86 1.18 -78.43
CA LYS M 386 58.80 1.71 -77.07
C LYS M 386 59.68 0.86 -76.16
N ARG M 387 60.34 1.52 -75.21
CA ARG M 387 61.13 0.82 -74.21
C ARG M 387 61.00 1.61 -72.92
N GLY M 388 60.79 0.92 -71.81
CA GLY M 388 60.67 1.61 -70.55
C GLY M 388 61.13 0.78 -69.37
N GLU M 389 62.07 1.30 -68.59
CA GLU M 389 62.61 0.57 -67.47
C GLU M 389 62.30 1.32 -66.19
N GLY M 390 62.10 0.59 -65.11
CA GLY M 390 61.87 1.20 -63.81
C GLY M 390 62.63 0.44 -62.75
N ARG M 391 63.25 1.13 -61.81
CA ARG M 391 63.96 0.48 -60.72
C ARG M 391 63.59 1.17 -59.41
N ALA M 392 63.59 0.40 -58.34
CA ALA M 392 63.28 0.97 -57.03
C ALA M 392 64.01 0.19 -55.95
N VAL M 393 64.53 0.91 -54.98
CA VAL M 393 65.19 0.34 -53.81
C VAL M 393 64.72 1.10 -52.59
N ASN M 394 64.22 0.39 -51.59
CA ASN M 394 64.00 0.95 -50.26
C ASN M 394 64.86 0.16 -49.28
N ILE M 395 65.61 0.86 -48.43
CA ILE M 395 66.41 0.22 -47.40
C ILE M 395 66.12 0.91 -46.10
N THR M 396 65.52 0.19 -45.15
CA THR M 396 65.08 0.79 -43.89
C THR M 396 65.77 0.05 -42.75
N SER M 397 66.80 0.65 -42.17
CA SER M 397 67.49 0.01 -41.05
C SER M 397 67.09 0.66 -39.74
N GLU M 398 67.26 -0.08 -38.66
CA GLU M 398 66.97 0.44 -37.33
C GLU M 398 67.79 -0.29 -36.30
N ASN M 399 68.41 0.48 -35.41
CA ASN M 399 69.05 -0.04 -34.21
C ASN M 399 68.36 0.58 -33.01
N LEU M 400 68.25 -0.19 -31.94
CA LEU M 400 67.75 0.33 -30.68
C LEU M 400 68.50 -0.40 -29.57
N ILE M 401 68.89 0.34 -28.54
CA ILE M 401 69.56 -0.23 -27.38
C ILE M 401 68.92 0.39 -26.15
N ASP M 402 68.64 -0.43 -25.15
CA ASP M 402 68.24 0.07 -23.84
C ASP M 402 69.11 -0.64 -22.81
N ASP M 403 69.77 0.14 -21.97
CA ASP M 403 70.43 -0.35 -20.78
C ASP M 403 69.71 0.26 -19.58
N VAL M 404 69.54 -0.55 -18.55
CA VAL M 404 69.13 -0.07 -17.24
C VAL M 404 70.07 -0.71 -16.25
N VAL M 405 70.60 0.07 -15.32
CA VAL M 405 71.35 -0.44 -14.20
C VAL M 405 70.69 0.08 -12.94
N SER M 406 70.51 -0.76 -11.95
CA SER M 406 70.11 -0.29 -10.64
C SER M 406 71.02 -0.90 -9.59
N LEU M 407 71.30 -0.13 -8.56
CA LEU M 407 72.17 -0.58 -7.49
C LEU M 407 71.62 0.00 -6.20
N ILE M 408 71.73 -0.75 -5.11
CA ILE M 408 71.21 -0.28 -3.83
C ILE M 408 72.01 -0.92 -2.71
N ARG M 409 72.48 -0.10 -1.77
CA ARG M 409 73.30 -0.58 -0.67
C ARG M 409 72.65 -0.19 0.64
N GLY M 410 72.91 -0.94 1.69
CA GLY M 410 72.40 -0.59 3.00
C GLY M 410 70.93 -0.87 3.24
N GLY M 411 70.58 -1.19 4.47
CA GLY M 411 69.19 -1.35 4.85
C GLY M 411 68.84 -2.80 5.12
N THR M 412 67.64 -2.97 5.67
CA THR M 412 67.15 -4.31 5.96
C THR M 412 66.72 -4.97 4.66
N ARG M 413 66.62 -6.30 4.70
CA ARG M 413 66.35 -7.10 3.52
C ARG M 413 64.95 -6.87 2.96
N LYS M 414 64.01 -6.41 3.77
CA LYS M 414 62.61 -6.41 3.38
C LYS M 414 62.19 -5.14 2.65
N TYR M 415 62.77 -3.99 2.99
CA TYR M 415 62.33 -2.73 2.40
C TYR M 415 63.16 -2.28 1.21
N ALA M 416 64.46 -2.59 1.21
CA ALA M 416 65.34 -2.14 0.14
C ALA M 416 64.98 -2.78 -1.19
N PHE M 417 64.55 -4.03 -1.17
CA PHE M 417 64.21 -4.72 -2.39
C PHE M 417 62.76 -4.54 -2.78
N GLU M 418 61.98 -3.90 -1.93
CA GLU M 418 60.78 -3.24 -2.39
C GLU M 418 61.13 -1.97 -3.14
N LEU M 419 62.08 -1.19 -2.61
CA LEU M 419 62.44 0.09 -3.17
C LEU M 419 63.08 -0.04 -4.56
N LYS M 420 63.92 -1.07 -4.74
CA LYS M 420 64.61 -1.24 -6.02
C LYS M 420 63.63 -1.54 -7.16
N GLU M 421 62.67 -2.42 -6.91
CA GLU M 421 61.66 -2.70 -7.93
C GLU M 421 60.66 -1.56 -8.08
N LYS M 422 60.43 -0.75 -7.04
CA LYS M 422 59.61 0.43 -7.26
C LYS M 422 60.35 1.49 -8.07
N LEU M 423 61.68 1.49 -8.03
CA LEU M 423 62.45 2.33 -8.95
C LEU M 423 62.31 1.84 -10.37
N LEU M 424 62.57 0.55 -10.60
CA LEU M 424 62.72 0.06 -11.96
C LEU M 424 61.39 -0.16 -12.67
N ARG M 425 60.26 -0.04 -11.97
CA ARG M 425 58.97 -0.09 -12.62
C ARG M 425 58.75 1.13 -13.51
N GLY M 426 59.35 2.25 -13.16
CA GLY M 426 59.17 3.48 -13.90
C GLY M 426 58.03 4.35 -13.42
N THR M 427 57.09 3.77 -12.67
CA THR M 427 56.01 4.55 -12.09
C THR M 427 56.54 5.40 -10.94
N VAL M 428 55.72 6.36 -10.51
CA VAL M 428 56.10 7.22 -9.40
C VAL M 428 56.00 6.44 -8.10
N ILE M 429 56.95 6.69 -7.20
CA ILE M 429 57.00 6.03 -5.91
C ILE M 429 56.36 6.95 -4.89
N ASP M 430 55.26 6.49 -4.28
CA ASP M 430 54.67 7.22 -3.18
C ASP M 430 55.63 7.25 -2.00
N VAL M 431 55.58 8.31 -1.21
CA VAL M 431 56.62 8.56 -0.21
C VAL M 431 56.20 7.76 1.01
N THR M 432 56.42 6.45 0.93
CA THR M 432 56.33 5.54 2.06
C THR M 432 57.39 4.46 2.00
N ASP M 433 58.06 4.26 0.87
CA ASP M 433 59.09 3.25 0.71
C ASP M 433 60.48 3.82 0.89
N PHE M 434 60.71 5.05 0.41
CA PHE M 434 61.97 5.71 0.68
C PHE M 434 62.10 6.07 2.16
N VAL M 435 60.98 6.43 2.79
CA VAL M 435 60.97 6.69 4.23
C VAL M 435 61.23 5.42 5.02
N ASN M 436 60.63 4.30 4.59
CA ASN M 436 60.84 3.04 5.31
C ASN M 436 62.25 2.51 5.10
N TRP M 437 62.81 2.69 3.91
CA TRP M 437 64.22 2.31 3.72
C TRP M 437 65.14 3.22 4.51
N ALA M 438 64.80 4.50 4.64
CA ALA M 438 65.64 5.40 5.39
C ALA M 438 65.52 5.18 6.89
N SER M 439 64.40 4.65 7.35
CA SER M 439 64.34 4.21 8.73
C SER M 439 65.03 2.87 8.92
N SER M 440 65.07 2.07 7.86
CA SER M 440 65.77 0.80 7.89
C SER M 440 67.28 0.97 7.95
N ILE M 441 67.80 2.06 7.38
CA ILE M 441 69.24 2.23 7.23
C ILE M 441 69.95 2.44 8.56
N ASN M 442 69.21 2.71 9.64
CA ASN M 442 69.81 2.75 10.97
C ASN M 442 70.27 1.37 11.41
N ASP M 443 69.61 0.31 10.95
CA ASP M 443 69.98 -1.04 11.37
C ASP M 443 71.24 -1.52 10.66
N ALA M 444 71.29 -1.39 9.33
CA ALA M 444 72.35 -1.99 8.52
C ALA M 444 73.06 -0.91 7.70
N PRO M 445 74.03 -0.23 8.28
CA PRO M 445 74.77 0.79 7.53
C PRO M 445 75.82 0.17 6.63
N VAL M 446 76.18 0.91 5.59
CA VAL M 446 77.18 0.51 4.61
C VAL M 446 78.10 1.68 4.37
N LEU M 447 79.41 1.46 4.51
CA LEU M 447 80.39 2.52 4.36
C LEU M 447 80.37 3.07 2.94
N ILE M 448 80.45 4.39 2.81
CA ILE M 448 80.16 5.04 1.54
C ILE M 448 81.25 5.99 1.08
N SER M 449 82.11 6.51 1.95
CA SER M 449 83.14 7.46 1.54
C SER M 449 84.20 7.48 2.63
N GLN M 450 85.47 7.37 2.21
CA GLN M 450 86.54 7.17 3.15
C GLN M 450 87.77 7.94 2.70
N LYS M 451 88.62 8.26 3.67
CA LYS M 451 89.89 8.93 3.42
C LYS M 451 90.98 8.01 3.94
N LEU M 452 91.69 7.36 3.02
CA LEU M 452 92.57 6.25 3.36
C LEU M 452 93.83 6.74 4.08
N SER M 453 94.63 5.78 4.53
CA SER M 453 95.88 6.00 5.24
C SER M 453 96.63 4.70 5.23
N PRO M 454 97.93 4.70 4.98
CA PRO M 454 98.65 3.43 4.78
C PRO M 454 98.87 2.69 6.08
N ILE M 455 98.92 1.36 5.97
CA ILE M 455 98.93 0.50 7.15
C ILE M 455 100.28 0.50 7.85
N TYR M 456 101.34 0.99 7.21
CA TYR M 456 102.59 1.19 7.91
C TYR M 456 102.65 2.53 8.64
N ASN M 457 101.52 3.23 8.75
CA ASN M 457 101.36 4.33 9.70
C ASN M 457 100.62 3.84 10.95
N LEU M 458 100.62 2.54 11.18
CA LEU M 458 99.88 1.93 12.26
C LEU M 458 100.68 0.91 13.06
N VAL M 459 101.74 0.35 12.49
CA VAL M 459 102.65 -0.58 13.18
C VAL M 459 103.30 0.11 14.36
N PRO M 460 103.15 -0.40 15.58
CA PRO M 460 103.70 0.28 16.76
C PRO M 460 105.21 0.25 16.78
N VAL M 461 105.77 1.19 17.54
CA VAL M 461 107.21 1.39 17.59
C VAL M 461 107.82 0.76 18.84
N LYS M 462 106.98 0.42 19.84
CA LYS M 462 107.45 -0.24 21.05
C LYS M 462 108.03 -1.63 20.75
N MET M 463 107.49 -2.32 19.75
CA MET M 463 107.94 -3.67 19.43
C MET M 463 109.30 -3.64 18.73
N LYS M 464 109.94 -4.80 18.72
CA LYS M 464 111.30 -4.91 18.21
C LYS M 464 111.30 -4.96 16.68
N ASN M 465 112.36 -4.38 16.10
CA ASN M 465 112.55 -4.23 14.65
C ASN M 465 111.37 -3.53 13.98
N ALA M 466 110.87 -2.48 14.63
CA ALA M 466 109.67 -1.80 14.14
C ALA M 466 109.96 -1.01 12.87
N HIS M 467 111.09 -0.32 12.82
CA HIS M 467 111.40 0.49 11.66
C HIS M 467 111.75 -0.38 10.45
N LEU M 468 112.35 -1.54 10.68
CA LEU M 468 112.65 -2.43 9.55
C LEU M 468 111.38 -3.02 8.96
N LYS M 469 110.40 -3.37 9.81
CA LYS M 469 109.13 -3.86 9.30
C LYS M 469 108.34 -2.76 8.62
N LYS M 470 108.47 -1.52 9.10
CA LYS M 470 107.81 -0.41 8.41
C LYS M 470 108.49 -0.13 7.08
N GLN M 471 109.82 -0.30 7.01
CA GLN M 471 110.55 -0.17 5.76
C GLN M 471 110.17 -1.27 4.78
N ASN M 472 109.83 -2.45 5.29
CA ASN M 472 109.35 -3.52 4.42
C ASN M 472 107.95 -3.23 3.90
N LEU M 473 107.06 -2.79 4.79
CA LEU M 473 105.68 -2.55 4.40
C LEU M 473 105.51 -1.29 3.57
N GLU M 474 106.46 -0.36 3.59
CA GLU M 474 106.33 0.80 2.72
C GLU M 474 106.72 0.49 1.28
N ARG M 475 107.48 -0.58 1.05
CA ARG M 475 107.78 -1.04 -0.29
C ARG M 475 106.87 -2.16 -0.76
N ALA M 476 106.31 -2.91 0.18
CA ALA M 476 105.39 -3.99 -0.19
C ALA M 476 104.12 -3.45 -0.82
N ILE M 477 103.68 -2.27 -0.40
CA ILE M 477 102.48 -1.67 -1.01
C ILE M 477 102.78 -1.21 -2.43
N GLU M 478 103.98 -0.68 -2.67
CA GLU M 478 104.38 -0.31 -4.03
C GLU M 478 104.50 -1.53 -4.92
N ASP M 479 105.09 -2.61 -4.40
CA ASP M 479 105.18 -3.84 -5.19
C ASP M 479 103.82 -4.47 -5.42
N TYR M 480 102.90 -4.37 -4.45
CA TYR M 480 101.57 -4.94 -4.63
C TYR M 480 100.77 -4.14 -5.64
N ILE M 481 100.89 -2.81 -5.61
CA ILE M 481 100.14 -2.01 -6.56
C ILE M 481 100.78 -2.04 -7.94
N ASN M 482 102.06 -2.41 -8.03
CA ASN M 482 102.69 -2.52 -9.33
C ASN M 482 102.42 -3.87 -9.98
N GLU M 483 102.59 -4.96 -9.23
CA GLU M 483 102.58 -6.29 -9.82
C GLU M 483 101.18 -6.81 -10.12
N PHE M 484 100.15 -6.29 -9.46
CA PHE M 484 98.78 -6.61 -9.82
C PHE M 484 98.08 -5.45 -10.51
N SER M 485 98.85 -4.53 -11.11
CA SER M 485 98.27 -3.43 -11.85
C SER M 485 97.67 -3.92 -13.16
N VAL M 486 96.78 -3.11 -13.72
CA VAL M 486 96.15 -3.45 -15.01
C VAL M 486 97.07 -3.14 -16.18
N ARG M 487 98.17 -2.44 -15.95
CA ARG M 487 99.06 -1.99 -17.00
C ARG M 487 100.07 -3.05 -17.43
N LYS M 488 99.82 -4.32 -17.16
CA LYS M 488 100.61 -5.39 -17.74
C LYS M 488 99.91 -6.09 -18.88
N CYS M 489 98.58 -6.19 -18.83
CA CYS M 489 97.83 -6.77 -19.93
C CYS M 489 97.75 -5.78 -21.09
N HIS M 490 97.97 -6.28 -22.30
CA HIS M 490 97.90 -5.44 -23.48
C HIS M 490 96.44 -5.06 -23.75
N THR M 491 96.22 -3.78 -24.03
CA THR M 491 94.88 -3.21 -24.03
C THR M 491 94.06 -3.70 -25.22
N CYS M 492 92.75 -3.77 -25.01
CA CYS M 492 91.82 -4.17 -26.05
C CYS M 492 91.49 -2.99 -26.95
N GLN M 493 91.30 -3.29 -28.23
CA GLN M 493 91.01 -2.27 -29.22
C GLN M 493 89.53 -1.92 -29.20
N ASN M 494 89.14 -1.05 -30.13
CA ASN M 494 87.75 -0.61 -30.39
C ASN M 494 87.11 0.07 -29.17
N GLY M 495 87.93 0.65 -28.30
CA GLY M 495 87.40 1.27 -27.09
C GLY M 495 87.10 0.30 -25.97
N GLY M 496 87.67 -0.91 -26.00
CA GLY M 496 87.44 -1.87 -24.96
C GLY M 496 88.26 -1.59 -23.72
N THR M 497 87.59 -1.37 -22.60
CA THR M 497 88.27 -1.09 -21.33
C THR M 497 88.66 -2.40 -20.66
N VAL M 498 89.95 -2.58 -20.41
CA VAL M 498 90.46 -3.80 -19.81
C VAL M 498 90.25 -3.74 -18.29
N ILE M 499 89.85 -4.87 -17.71
CA ILE M 499 89.59 -4.97 -16.28
C ILE M 499 90.33 -6.19 -15.75
N LEU M 500 91.27 -5.97 -14.85
CA LEU M 500 91.92 -7.09 -14.19
C LEU M 500 90.95 -7.71 -13.20
N MET M 501 90.79 -9.04 -13.29
CA MET M 501 89.86 -9.78 -12.45
C MET M 501 90.31 -11.22 -12.41
N ASP M 502 90.62 -11.72 -11.20
CA ASP M 502 91.08 -13.09 -10.96
C ASP M 502 92.39 -13.39 -11.70
N GLY M 503 93.20 -12.37 -11.94
CA GLY M 503 94.37 -12.53 -12.78
C GLY M 503 94.04 -12.87 -14.21
N LYS M 504 92.90 -12.41 -14.71
CA LYS M 504 92.42 -12.73 -16.05
C LYS M 504 91.78 -11.47 -16.62
N CYS M 505 92.53 -10.76 -17.44
CA CYS M 505 92.14 -9.44 -17.92
C CYS M 505 90.99 -9.57 -18.92
N LEU M 506 89.77 -9.33 -18.45
CA LEU M 506 88.59 -9.31 -19.29
C LEU M 506 88.29 -7.89 -19.73
N CYS M 507 87.87 -7.73 -20.98
CA CYS M 507 87.57 -6.42 -21.54
C CYS M 507 86.07 -6.26 -21.75
N ALA M 508 85.58 -5.06 -21.51
CA ALA M 508 84.18 -4.70 -21.73
C ALA M 508 84.07 -3.85 -22.98
N CYS M 509 83.19 -4.24 -23.89
CA CYS M 509 83.02 -3.61 -25.19
C CYS M 509 81.81 -2.68 -25.19
N PRO M 510 81.94 -1.47 -25.74
CA PRO M 510 80.83 -0.51 -25.66
C PRO M 510 79.70 -0.72 -26.65
N PHE M 511 78.59 -1.29 -26.15
CA PHE M 511 77.23 -1.17 -26.68
C PHE M 511 76.94 -1.86 -28.01
N LYS M 512 77.96 -2.32 -28.74
CA LYS M 512 77.70 -2.93 -30.03
C LYS M 512 78.50 -4.19 -30.29
N PHE M 513 79.54 -4.46 -29.53
CA PHE M 513 80.55 -5.42 -29.92
C PHE M 513 80.43 -6.64 -29.01
N GLU M 514 80.04 -7.77 -29.58
CA GLU M 514 79.87 -8.98 -28.79
C GLU M 514 81.15 -9.79 -28.65
N GLY M 515 82.18 -9.48 -29.42
CA GLY M 515 83.39 -10.26 -29.39
C GLY M 515 84.23 -10.00 -28.16
N ILE M 516 85.15 -10.92 -27.89
CA ILE M 516 86.03 -10.77 -26.73
C ILE M 516 87.03 -9.64 -26.97
N ALA M 517 87.49 -9.49 -28.20
CA ALA M 517 88.40 -8.41 -28.57
C ALA M 517 87.68 -7.22 -29.18
N CYS M 518 86.36 -7.12 -28.94
CA CYS M 518 85.51 -6.00 -29.39
C CYS M 518 85.51 -5.84 -30.91
N GLU M 519 85.63 -6.94 -31.64
CA GLU M 519 85.85 -6.85 -33.08
C GLU M 519 84.55 -6.89 -33.88
N ILE M 520 83.69 -7.87 -33.62
CA ILE M 520 82.46 -8.02 -34.40
C ILE M 520 81.49 -6.90 -34.06
N SER M 521 80.91 -6.29 -35.09
CA SER M 521 80.00 -5.18 -34.93
C SER M 521 78.61 -5.57 -35.41
N LYS M 522 77.66 -4.66 -35.23
CA LYS M 522 76.29 -4.86 -35.71
C LYS M 522 75.75 -3.58 -36.34
N SER N 18 83.15 -39.36 -40.41
CA SER N 18 83.24 -38.81 -39.05
C SER N 18 83.21 -39.94 -38.03
N HIS N 19 84.38 -40.34 -37.55
CA HIS N 19 84.48 -41.46 -36.61
C HIS N 19 85.78 -41.30 -35.82
N ILE N 20 85.68 -40.81 -34.59
CA ILE N 20 86.83 -40.63 -33.72
C ILE N 20 86.60 -41.46 -32.46
N ASP N 21 87.62 -42.17 -32.01
CA ASP N 21 87.54 -42.96 -30.79
C ASP N 21 88.57 -42.47 -29.78
N CYS N 22 88.42 -42.93 -28.54
CA CYS N 22 89.36 -42.57 -27.49
C CYS N 22 90.70 -43.26 -27.69
N ARG N 23 91.73 -42.69 -27.09
CA ARG N 23 93.08 -43.20 -27.19
C ARG N 23 93.73 -43.17 -25.81
N MET N 24 94.75 -43.99 -25.63
CA MET N 24 95.52 -44.01 -24.40
C MET N 24 97.00 -44.14 -24.69
N SER N 25 97.81 -43.41 -23.95
CA SER N 25 99.24 -43.62 -23.93
C SER N 25 99.55 -44.91 -23.19
N PRO N 26 100.69 -45.55 -23.47
CA PRO N 26 101.07 -46.72 -22.69
C PRO N 26 101.52 -46.33 -21.29
N TRP N 27 101.46 -47.30 -20.38
CA TRP N 27 101.80 -47.06 -18.99
C TRP N 27 103.30 -46.82 -18.84
N SER N 28 103.65 -46.15 -17.74
CA SER N 28 105.05 -45.84 -17.46
C SER N 28 105.72 -47.02 -16.77
N GLU N 29 106.90 -46.80 -16.22
CA GLU N 29 107.60 -47.82 -15.47
C GLU N 29 107.22 -47.74 -14.00
N TRP N 30 107.31 -48.89 -13.33
CA TRP N 30 107.04 -48.96 -11.89
C TRP N 30 108.16 -48.27 -11.13
N SER N 31 107.81 -47.23 -10.37
CA SER N 31 108.83 -46.31 -9.86
C SER N 31 109.61 -46.90 -8.69
N GLN N 32 108.95 -47.08 -7.55
CA GLN N 32 109.61 -47.47 -6.30
C GLN N 32 108.54 -47.77 -5.27
N CYS N 33 108.78 -48.79 -4.44
CA CYS N 33 107.99 -48.97 -3.22
C CYS N 33 108.18 -47.76 -2.32
N ASP N 34 107.15 -46.95 -2.18
CA ASP N 34 107.17 -45.86 -1.23
C ASP N 34 107.10 -46.47 0.17
N PRO N 35 108.14 -46.35 0.99
CA PRO N 35 108.24 -47.19 2.19
C PRO N 35 107.28 -46.77 3.28
N CYS N 36 106.83 -45.53 3.28
CA CYS N 36 105.89 -45.06 4.28
C CYS N 36 104.44 -45.37 3.89
N LEU N 37 104.20 -45.95 2.72
CA LEU N 37 102.86 -46.37 2.30
C LEU N 37 102.80 -47.76 1.70
N ARG N 38 103.94 -48.41 1.45
CA ARG N 38 104.05 -49.80 0.98
C ARG N 38 103.38 -50.02 -0.37
N GLN N 39 103.37 -49.01 -1.23
CA GLN N 39 102.73 -49.12 -2.54
C GLN N 39 103.59 -48.43 -3.57
N MET N 40 103.81 -49.08 -4.71
CA MET N 40 104.43 -48.43 -5.85
C MET N 40 103.35 -47.96 -6.82
N PHE N 41 103.56 -46.79 -7.39
CA PHE N 41 102.57 -46.17 -8.27
C PHE N 41 103.13 -46.08 -9.67
N ARG N 42 102.24 -46.11 -10.67
CA ARG N 42 102.63 -45.87 -12.04
C ARG N 42 101.44 -45.23 -12.75
N SER N 43 101.71 -44.60 -13.89
CA SER N 43 100.69 -43.78 -14.52
C SER N 43 100.90 -43.73 -16.03
N ARG N 44 100.05 -42.96 -16.68
CA ARG N 44 100.09 -42.72 -18.11
C ARG N 44 99.38 -41.40 -18.37
N SER N 45 99.13 -41.10 -19.64
CA SER N 45 98.39 -39.90 -19.99
C SER N 45 97.27 -40.20 -20.97
N ILE N 46 96.61 -39.16 -21.47
CA ILE N 46 95.52 -39.30 -22.42
C ILE N 46 95.88 -38.50 -23.66
N GLU N 47 95.91 -39.16 -24.81
CA GLU N 47 96.27 -38.47 -26.04
C GLU N 47 95.09 -37.71 -26.63
N VAL N 48 94.05 -38.42 -27.05
CA VAL N 48 92.91 -37.83 -27.75
C VAL N 48 91.63 -38.37 -27.14
N PHE N 49 90.76 -37.47 -26.67
CA PHE N 49 89.46 -37.88 -26.16
C PHE N 49 88.54 -38.29 -27.29
N GLY N 50 87.55 -39.10 -26.95
CA GLY N 50 86.58 -39.52 -27.93
C GLY N 50 85.67 -38.39 -28.36
N GLN N 51 85.24 -38.44 -29.61
CA GLN N 51 84.50 -37.33 -30.19
C GLN N 51 83.68 -37.89 -31.36
N PHE N 52 82.54 -37.24 -31.62
CA PHE N 52 81.61 -37.59 -32.71
C PHE N 52 81.12 -39.03 -32.59
N ASN N 53 80.39 -39.28 -31.50
CA ASN N 53 79.67 -40.53 -31.25
C ASN N 53 80.62 -41.73 -31.21
N GLY N 54 81.64 -41.61 -30.38
CA GLY N 54 82.67 -42.63 -30.27
C GLY N 54 82.86 -43.12 -28.85
N LYS N 55 83.92 -43.88 -28.61
CA LYS N 55 84.14 -44.49 -27.32
C LYS N 55 84.66 -43.47 -26.32
N ARG N 56 84.13 -43.53 -25.10
CA ARG N 56 84.51 -42.63 -24.04
C ARG N 56 85.77 -43.13 -23.34
N CYS N 57 86.59 -42.18 -22.88
CA CYS N 57 87.88 -42.55 -22.30
C CYS N 57 87.76 -43.11 -20.90
N THR N 58 86.86 -42.55 -20.09
CA THR N 58 86.51 -43.02 -18.73
C THR N 58 87.72 -43.06 -17.80
N ASP N 59 88.51 -41.98 -17.81
CA ASP N 59 89.35 -41.49 -16.71
C ASP N 59 90.27 -42.56 -16.11
N ALA N 60 90.98 -43.28 -16.97
CA ALA N 60 91.72 -44.46 -16.56
C ALA N 60 93.20 -44.16 -16.27
N VAL N 61 93.50 -42.98 -15.75
CA VAL N 61 94.87 -42.62 -15.41
C VAL N 61 95.15 -43.02 -13.97
N GLY N 62 96.42 -43.24 -13.66
CA GLY N 62 96.81 -43.63 -12.32
C GLY N 62 96.60 -45.09 -12.00
N ASP N 63 97.54 -45.70 -11.27
CA ASP N 63 97.45 -47.12 -10.96
C ASP N 63 98.22 -47.37 -9.68
N ARG N 64 97.76 -48.36 -8.91
CA ARG N 64 98.35 -48.70 -7.63
C ARG N 64 98.60 -50.20 -7.57
N ARG N 65 99.59 -50.60 -6.79
CA ARG N 65 99.91 -52.01 -6.62
C ARG N 65 100.66 -52.20 -5.31
N GLN N 66 100.27 -53.21 -4.55
CA GLN N 66 100.89 -53.43 -3.25
C GLN N 66 102.28 -54.05 -3.44
N CYS N 67 103.22 -53.64 -2.59
CA CYS N 67 104.54 -54.24 -2.59
C CYS N 67 105.11 -54.19 -1.18
N VAL N 68 105.95 -55.16 -0.87
CA VAL N 68 106.62 -55.21 0.43
C VAL N 68 107.68 -54.11 0.49
N PRO N 69 107.81 -53.38 1.62
CA PRO N 69 108.86 -52.37 1.71
C PRO N 69 110.25 -52.97 1.80
N THR N 70 111.02 -52.82 0.72
CA THR N 70 112.35 -53.41 0.66
C THR N 70 113.37 -52.62 1.48
N GLU N 71 113.13 -51.32 1.67
CA GLU N 71 114.00 -50.47 2.47
C GLU N 71 113.11 -49.49 3.23
N PRO N 72 112.91 -49.72 4.54
CA PRO N 72 111.88 -48.95 5.26
C PRO N 72 112.31 -47.52 5.55
N CYS N 73 111.32 -46.64 5.55
CA CYS N 73 111.51 -45.23 5.83
C CYS N 73 111.50 -44.97 7.33
N GLU N 74 111.85 -43.75 7.71
CA GLU N 74 111.71 -43.35 9.10
C GLU N 74 110.24 -43.18 9.45
N ASP N 75 109.94 -43.24 10.75
CA ASP N 75 108.57 -43.13 11.25
C ASP N 75 108.12 -41.69 11.05
N ALA N 76 107.28 -41.46 10.03
CA ALA N 76 106.83 -40.13 9.66
C ALA N 76 105.77 -39.66 10.63
N GLU N 77 106.21 -39.03 11.71
CA GLU N 77 105.31 -38.41 12.68
C GLU N 77 105.93 -37.09 13.14
N ASP N 78 105.05 -36.13 13.43
CA ASP N 78 105.50 -34.80 13.78
C ASP N 78 105.97 -34.75 15.24
N ASP N 79 106.79 -33.74 15.54
CA ASP N 79 107.34 -33.62 16.89
C ASP N 79 106.27 -33.12 17.86
N CYS N 80 105.48 -32.13 17.43
CA CYS N 80 104.45 -31.46 18.24
C CYS N 80 105.07 -30.91 19.53
N GLY N 81 105.97 -29.94 19.34
CA GLY N 81 106.83 -29.49 20.43
C GLY N 81 106.10 -28.60 21.41
N ASN N 82 106.07 -29.00 22.69
CA ASN N 82 105.54 -28.22 23.82
C ASN N 82 104.07 -27.87 23.65
N ASP N 83 103.34 -28.69 22.91
CA ASP N 83 101.91 -28.49 22.70
C ASP N 83 101.17 -29.75 23.11
N PHE N 84 99.96 -29.58 23.62
CA PHE N 84 99.14 -30.72 23.97
C PHE N 84 98.65 -31.39 22.71
N GLN N 85 99.21 -32.56 22.40
CA GLN N 85 98.69 -33.38 21.33
C GLN N 85 97.31 -33.93 21.71
N CYS N 86 96.48 -34.13 20.70
CA CYS N 86 95.10 -34.56 20.90
C CYS N 86 94.93 -35.95 20.32
N SER N 87 93.69 -36.44 20.34
CA SER N 87 93.35 -37.74 19.80
C SER N 87 92.94 -37.67 18.33
N THR N 88 93.40 -36.66 17.60
CA THR N 88 93.19 -36.53 16.17
C THR N 88 94.49 -36.35 15.40
N GLY N 89 95.46 -35.63 15.96
CA GLY N 89 96.66 -35.21 15.24
C GLY N 89 96.84 -33.72 15.21
N ARG N 90 95.91 -32.94 15.75
CA ARG N 90 96.03 -31.49 15.84
C ARG N 90 96.67 -31.14 17.17
N CYS N 91 97.58 -30.17 17.14
CA CYS N 91 98.30 -29.74 18.34
C CYS N 91 97.81 -28.37 18.75
N ILE N 92 97.12 -28.30 19.88
CA ILE N 92 96.61 -27.04 20.40
C ILE N 92 97.45 -26.64 21.61
N LYS N 93 97.22 -25.42 22.09
CA LYS N 93 97.98 -24.86 23.20
C LYS N 93 97.34 -25.23 24.53
N MET N 94 97.97 -24.79 25.62
CA MET N 94 97.45 -25.05 26.95
C MET N 94 96.33 -24.09 27.34
N ARG N 95 96.28 -22.91 26.71
CA ARG N 95 95.24 -21.92 26.97
C ARG N 95 93.85 -22.43 26.59
N LEU N 96 93.77 -23.37 25.67
CA LEU N 96 92.51 -23.93 25.20
C LEU N 96 91.97 -25.04 26.08
N ARG N 97 92.54 -25.25 27.27
CA ARG N 97 92.11 -26.33 28.15
C ARG N 97 90.81 -25.96 28.86
N CYS N 98 89.82 -26.86 28.76
CA CYS N 98 88.52 -26.76 29.43
C CYS N 98 87.77 -25.48 29.08
N ASN N 99 87.94 -24.99 27.87
CA ASN N 99 87.34 -23.74 27.44
C ASN N 99 85.90 -23.89 26.99
N GLY N 100 85.37 -25.11 26.97
CA GLY N 100 84.03 -25.32 26.46
C GLY N 100 83.91 -25.25 24.95
N ASP N 101 85.02 -25.32 24.22
CA ASP N 101 85.01 -25.30 22.77
C ASP N 101 85.73 -26.54 22.25
N ASN N 102 85.13 -27.16 21.24
CA ASN N 102 85.67 -28.38 20.66
C ASN N 102 86.89 -28.09 19.80
N ASP N 103 88.06 -28.06 20.43
CA ASP N 103 89.28 -27.59 19.80
C ASP N 103 90.11 -28.71 19.20
N CYS N 104 90.23 -29.85 19.90
CA CYS N 104 90.97 -30.97 19.33
C CYS N 104 90.18 -31.68 18.24
N GLY N 105 88.87 -31.53 18.23
CA GLY N 105 88.03 -32.23 17.27
C GLY N 105 87.28 -33.37 17.91
N ASP N 106 87.98 -34.11 18.79
CA ASP N 106 87.38 -35.20 19.55
C ASP N 106 87.19 -34.82 21.01
N PHE N 107 86.83 -33.56 21.25
CA PHE N 107 86.18 -33.11 22.49
C PHE N 107 87.10 -33.25 23.69
N SER N 108 88.39 -33.00 23.49
CA SER N 108 89.39 -33.21 24.53
C SER N 108 89.55 -32.02 25.45
N ASP N 109 88.53 -31.18 25.57
CA ASP N 109 88.52 -30.06 26.49
C ASP N 109 87.43 -30.16 27.53
N GLU N 110 86.21 -30.50 27.14
CA GLU N 110 85.05 -30.45 28.03
C GLU N 110 84.82 -31.76 28.78
N ASP N 111 85.88 -32.53 29.04
CA ASP N 111 85.72 -33.78 29.75
C ASP N 111 86.67 -33.93 30.93
N ASP N 112 87.86 -33.33 30.84
CA ASP N 112 88.95 -33.69 31.73
C ASP N 112 88.80 -33.05 33.11
N CYS N 113 88.84 -31.73 33.17
CA CYS N 113 89.02 -31.06 34.45
C CYS N 113 87.68 -30.82 35.14
N GLU N 114 87.76 -30.60 36.45
CA GLU N 114 86.63 -30.13 37.25
C GLU N 114 86.69 -28.62 37.45
N SER N 115 87.49 -27.92 36.66
CA SER N 115 87.65 -26.48 36.80
C SER N 115 86.49 -25.76 36.10
N GLU N 116 86.57 -24.44 36.02
CA GLU N 116 85.52 -23.66 35.37
C GLU N 116 85.58 -23.85 33.86
N PRO N 117 84.44 -23.84 33.19
CA PRO N 117 84.46 -23.87 31.72
C PRO N 117 84.96 -22.58 31.09
N ARG N 118 84.98 -21.47 31.85
CA ARG N 118 85.42 -20.09 31.55
C ARG N 118 85.17 -19.65 30.11
N PRO N 119 83.91 -19.54 29.68
CA PRO N 119 83.64 -19.26 28.26
C PRO N 119 84.05 -17.85 27.89
N PRO N 120 84.88 -17.69 26.86
CA PRO N 120 85.29 -16.33 26.46
C PRO N 120 84.15 -15.49 25.95
N CYS N 121 83.19 -16.11 25.26
CA CYS N 121 81.88 -15.49 25.07
C CYS N 121 81.11 -15.65 26.37
N ARG N 122 80.97 -14.55 27.11
CA ARG N 122 80.26 -14.52 28.37
C ARG N 122 78.75 -14.49 28.15
N ASP N 123 78.01 -14.08 29.19
CA ASP N 123 76.54 -14.06 29.19
C ASP N 123 75.90 -13.14 28.16
N ARG N 124 76.69 -12.44 27.34
CA ARG N 124 76.17 -11.75 26.16
C ARG N 124 75.51 -12.74 25.21
N VAL N 125 74.49 -12.26 24.50
CA VAL N 125 73.73 -13.10 23.58
C VAL N 125 74.62 -13.41 22.38
N VAL N 126 75.11 -14.63 22.31
CA VAL N 126 76.09 -15.07 21.32
C VAL N 126 75.62 -16.40 20.76
N GLU N 127 75.53 -16.50 19.43
CA GLU N 127 75.01 -17.66 18.76
C GLU N 127 76.10 -18.31 17.92
N GLU N 128 75.70 -19.29 17.10
CA GLU N 128 76.58 -19.85 16.09
C GLU N 128 76.14 -19.37 14.71
N SER N 129 77.09 -19.26 13.80
CA SER N 129 76.82 -18.62 12.53
C SER N 129 76.12 -19.58 11.57
N GLU N 130 75.82 -19.08 10.38
CA GLU N 130 75.26 -19.89 9.31
C GLU N 130 76.03 -19.75 8.00
N LEU N 131 76.85 -18.72 7.85
CA LEU N 131 77.62 -18.46 6.65
C LEU N 131 79.09 -18.75 6.83
N ALA N 132 79.61 -18.57 8.04
CA ALA N 132 81.01 -18.76 8.30
C ALA N 132 81.40 -20.22 8.48
N ARG N 133 80.43 -21.09 8.76
CA ARG N 133 80.77 -22.46 9.11
C ARG N 133 81.21 -23.27 7.90
N THR N 134 80.84 -22.85 6.70
CA THR N 134 81.24 -23.52 5.47
C THR N 134 82.07 -22.58 4.60
N ALA N 135 82.99 -21.83 5.20
CA ALA N 135 83.64 -20.73 4.52
C ALA N 135 84.86 -21.14 3.70
N GLY N 136 85.02 -22.41 3.37
CA GLY N 136 86.08 -22.76 2.46
C GLY N 136 85.66 -22.74 1.01
N TYR N 137 84.67 -23.57 0.68
CA TYR N 137 84.25 -23.84 -0.69
C TYR N 137 85.43 -24.12 -1.61
N GLY N 138 86.15 -25.19 -1.30
CA GLY N 138 87.30 -25.61 -2.08
C GLY N 138 86.91 -25.96 -3.50
N ILE N 139 87.25 -25.10 -4.45
CA ILE N 139 86.60 -25.07 -5.73
C ILE N 139 87.44 -25.81 -6.74
N ASN N 140 86.82 -26.18 -7.86
CA ASN N 140 87.50 -26.85 -8.95
C ASN N 140 87.44 -25.95 -10.18
N ILE N 141 88.38 -26.19 -11.11
CA ILE N 141 88.55 -25.31 -12.27
C ILE N 141 87.42 -25.38 -13.28
N LEU N 142 86.52 -26.35 -13.18
CA LEU N 142 85.37 -26.40 -14.07
C LEU N 142 84.41 -25.25 -13.80
N GLY N 143 84.19 -24.94 -12.52
CA GLY N 143 83.29 -23.87 -12.16
C GLY N 143 82.39 -24.24 -11.00
N MET N 144 82.19 -25.53 -10.79
CA MET N 144 81.36 -26.03 -9.70
C MET N 144 82.21 -26.21 -8.44
N ASP N 145 81.55 -26.09 -7.29
CA ASP N 145 82.24 -25.93 -6.01
C ASP N 145 81.89 -27.00 -4.98
N PRO N 146 82.74 -28.01 -4.79
CA PRO N 146 82.54 -28.93 -3.67
C PRO N 146 82.87 -28.23 -2.35
N LEU N 147 81.99 -28.41 -1.37
CA LEU N 147 82.10 -27.77 -0.06
C LEU N 147 83.11 -28.47 0.84
N SER N 148 83.94 -29.34 0.29
CA SER N 148 84.92 -30.12 1.05
C SER N 148 85.98 -29.15 1.54
N THR N 149 85.64 -28.48 2.63
CA THR N 149 86.38 -27.37 3.16
C THR N 149 87.67 -27.87 3.78
N PRO N 150 88.84 -27.45 3.29
CA PRO N 150 90.06 -27.82 3.98
C PRO N 150 90.19 -27.12 5.33
N PHE N 151 89.56 -25.97 5.47
CA PHE N 151 89.56 -25.25 6.73
C PHE N 151 88.67 -25.96 7.74
N ASP N 152 88.82 -25.57 9.00
CA ASP N 152 87.97 -26.07 10.07
C ASP N 152 87.33 -24.85 10.72
N ASN N 153 86.04 -24.67 10.48
CA ASN N 153 85.31 -23.51 10.97
C ASN N 153 84.58 -23.80 12.28
N GLU N 154 85.17 -24.65 13.13
CA GLU N 154 84.72 -24.81 14.49
C GLU N 154 85.77 -24.40 15.50
N PHE N 155 86.99 -24.12 15.05
CA PHE N 155 88.08 -23.73 15.92
C PHE N 155 87.96 -22.24 16.21
N TYR N 156 87.71 -21.90 17.47
CA TYR N 156 87.53 -20.50 17.85
C TYR N 156 88.75 -19.91 18.54
N ASN N 157 89.64 -20.77 19.07
CA ASN N 157 90.88 -20.39 19.73
C ASN N 157 90.65 -19.46 20.92
N GLY N 158 89.54 -19.67 21.63
CA GLY N 158 89.27 -18.95 22.86
C GLY N 158 89.03 -17.47 22.72
N LEU N 159 88.50 -17.02 21.58
CA LEU N 159 88.20 -15.62 21.37
C LEU N 159 86.71 -15.44 21.11
N CYS N 160 86.24 -14.21 21.30
CA CYS N 160 84.83 -13.90 21.15
C CYS N 160 84.73 -12.59 20.36
N ASN N 161 84.67 -12.71 19.04
CA ASN N 161 84.53 -11.57 18.14
C ASN N 161 83.15 -11.62 17.52
N ARG N 162 82.37 -10.58 17.72
CA ARG N 162 81.00 -10.56 17.24
C ARG N 162 80.89 -9.83 15.91
N ASP N 163 80.00 -10.32 15.05
CA ASP N 163 79.71 -9.70 13.77
C ASP N 163 78.20 -9.63 13.60
N ARG N 164 77.68 -8.42 13.41
CA ARG N 164 76.25 -8.21 13.51
C ARG N 164 75.51 -8.72 12.27
N ASP N 165 74.21 -8.83 12.42
CA ASP N 165 73.30 -9.15 11.34
C ASP N 165 72.33 -7.99 11.15
N GLY N 166 71.95 -7.73 9.91
CA GLY N 166 71.04 -6.65 9.64
C GLY N 166 69.60 -6.98 10.01
N ASN N 167 69.07 -8.06 9.44
CA ASN N 167 67.64 -8.31 9.56
C ASN N 167 67.29 -8.91 10.93
N THR N 168 67.98 -9.99 11.31
CA THR N 168 67.56 -10.73 12.49
C THR N 168 68.00 -10.09 13.80
N LEU N 169 68.96 -9.15 13.76
CA LEU N 169 69.52 -8.44 14.91
C LEU N 169 70.08 -9.42 15.95
N THR N 170 71.04 -10.21 15.50
CA THR N 170 71.72 -11.18 16.35
C THR N 170 73.19 -10.83 16.41
N TYR N 171 73.97 -11.71 17.04
CA TYR N 171 75.43 -11.52 17.14
C TYR N 171 76.11 -12.84 16.86
N TYR N 172 76.41 -13.08 15.59
CA TYR N 172 77.08 -14.30 15.17
C TYR N 172 78.55 -14.23 15.55
N ARG N 173 79.23 -15.37 15.48
CA ARG N 173 80.63 -15.43 15.83
C ARG N 173 81.52 -15.41 14.59
N ARG N 174 82.79 -15.16 14.83
CA ARG N 174 83.81 -15.18 13.80
C ARG N 174 84.77 -16.31 14.10
N PRO N 175 84.74 -17.40 13.35
CA PRO N 175 85.73 -18.46 13.54
C PRO N 175 87.13 -18.00 13.18
N TRP N 176 88.12 -18.75 13.66
CA TRP N 176 89.50 -18.34 13.54
C TRP N 176 89.99 -18.34 12.11
N ASN N 177 89.41 -19.17 11.25
CA ASN N 177 89.88 -19.19 9.86
C ASN N 177 89.30 -18.06 9.03
N VAL N 178 88.23 -17.41 9.47
CA VAL N 178 87.66 -16.27 8.75
C VAL N 178 88.23 -14.99 9.32
N ALA N 179 88.88 -14.20 8.47
CA ALA N 179 89.52 -12.96 8.91
C ALA N 179 88.59 -11.78 8.90
N SER N 180 87.58 -11.78 8.02
CA SER N 180 86.62 -10.70 7.99
C SER N 180 85.30 -11.20 7.43
N LEU N 181 84.22 -10.62 7.92
CA LEU N 181 82.89 -11.11 7.56
C LEU N 181 81.91 -9.96 7.75
N ILE N 182 81.51 -9.33 6.66
CA ILE N 182 80.54 -8.26 6.70
C ILE N 182 79.21 -8.82 6.22
N TYR N 183 78.12 -8.19 6.62
CA TYR N 183 76.79 -8.47 6.08
C TYR N 183 76.25 -7.16 5.50
N GLU N 184 76.52 -6.91 4.23
CA GLU N 184 75.88 -5.77 3.56
C GLU N 184 74.51 -6.20 3.08
N THR N 185 73.89 -5.37 2.24
CA THR N 185 72.71 -5.78 1.49
C THR N 185 72.85 -5.09 0.15
N LYS N 186 73.47 -5.75 -0.80
CA LYS N 186 73.85 -5.07 -2.04
C LYS N 186 73.04 -5.66 -3.17
N GLY N 187 71.94 -5.01 -3.52
CA GLY N 187 71.12 -5.47 -4.63
C GLY N 187 71.53 -4.77 -5.90
N GLU N 188 71.47 -5.49 -7.02
CA GLU N 188 72.05 -4.94 -8.24
C GLU N 188 71.40 -5.58 -9.45
N LYS N 189 70.57 -4.85 -10.16
CA LYS N 189 69.91 -5.38 -11.34
C LYS N 189 70.46 -4.75 -12.60
N ASN N 190 71.03 -5.57 -13.47
CA ASN N 190 71.26 -5.15 -14.84
C ASN N 190 70.03 -5.50 -15.67
N PHE N 191 69.81 -4.74 -16.73
CA PHE N 191 68.74 -4.98 -17.66
C PHE N 191 69.23 -4.50 -19.01
N ARG N 192 69.03 -5.28 -20.06
CA ARG N 192 69.31 -4.81 -21.40
C ARG N 192 68.21 -5.25 -22.32
N THR N 193 67.96 -4.48 -23.36
CA THR N 193 67.20 -4.96 -24.50
C THR N 193 67.72 -4.31 -25.77
N GLU N 194 68.26 -5.13 -26.65
CA GLU N 194 68.73 -4.66 -27.94
C GLU N 194 67.72 -5.04 -29.00
N HIS N 195 67.82 -4.37 -30.14
CA HIS N 195 66.85 -4.56 -31.20
C HIS N 195 67.50 -4.13 -32.49
N TYR N 196 67.44 -4.99 -33.50
CA TYR N 196 67.93 -4.65 -34.83
C TYR N 196 66.86 -5.00 -35.83
N GLU N 197 66.76 -4.21 -36.89
CA GLU N 197 65.78 -4.48 -37.92
C GLU N 197 66.33 -3.95 -39.23
N GLU N 198 66.02 -4.64 -40.32
CA GLU N 198 66.46 -4.18 -41.64
C GLU N 198 65.46 -4.65 -42.68
N GLN N 199 64.67 -3.74 -43.21
CA GLN N 199 63.86 -4.07 -44.37
C GLN N 199 64.61 -3.66 -45.64
N ILE N 200 64.33 -4.37 -46.73
CA ILE N 200 64.80 -3.94 -48.04
C ILE N 200 63.78 -4.40 -49.08
N GLU N 201 63.46 -3.52 -50.00
CA GLU N 201 62.52 -3.81 -51.09
C GLU N 201 63.18 -3.38 -52.39
N ALA N 202 63.69 -4.33 -53.16
CA ALA N 202 64.23 -4.07 -54.48
C ALA N 202 63.17 -4.37 -55.53
N PHE N 203 63.32 -3.77 -56.70
CA PHE N 203 62.25 -3.74 -57.69
C PHE N 203 62.85 -3.41 -59.04
N LYS N 204 62.47 -4.14 -60.09
CA LYS N 204 63.00 -3.89 -61.42
C LYS N 204 61.98 -4.31 -62.47
N SER N 205 61.42 -3.35 -63.21
CA SER N 205 60.43 -3.61 -64.24
C SER N 205 60.97 -3.20 -65.59
N ILE N 206 60.60 -3.94 -66.64
CA ILE N 206 61.00 -3.65 -68.02
C ILE N 206 59.78 -3.87 -68.90
N ILE N 207 59.49 -2.91 -69.78
CA ILE N 207 58.48 -3.07 -70.83
C ILE N 207 59.14 -2.77 -72.17
N GLN N 208 58.99 -3.68 -73.13
CA GLN N 208 59.53 -3.46 -74.47
C GLN N 208 58.44 -3.68 -75.49
N GLU N 209 58.53 -2.97 -76.61
CA GLU N 209 57.52 -3.11 -77.65
C GLU N 209 58.11 -2.68 -78.98
N LYS N 210 57.90 -3.47 -80.02
CA LYS N 210 58.16 -3.03 -81.38
C LYS N 210 56.92 -3.34 -82.22
N THR N 211 56.50 -2.38 -83.03
CA THR N 211 55.35 -2.56 -83.92
C THR N 211 55.82 -2.12 -85.30
N SER N 212 56.07 -3.08 -86.18
CA SER N 212 56.53 -2.82 -87.53
C SER N 212 55.41 -3.13 -88.53
N ASN N 213 55.24 -2.26 -89.53
CA ASN N 213 54.16 -2.40 -90.50
C ASN N 213 54.68 -1.98 -91.87
N PHE N 214 54.70 -2.92 -92.82
CA PHE N 214 55.20 -2.67 -94.17
C PHE N 214 54.06 -2.92 -95.14
N ASN N 215 53.84 -1.97 -96.07
CA ASN N 215 52.70 -2.05 -96.99
C ASN N 215 53.19 -1.72 -98.39
N ALA N 216 52.99 -2.62 -99.33
CA ALA N 216 53.25 -2.31 -100.73
C ALA N 216 51.92 -1.97 -101.41
N ALA N 217 51.99 -1.70 -102.71
CA ALA N 217 50.81 -1.42 -103.52
C ALA N 217 51.07 -1.72 -104.99
N PHE N 249 46.75 -6.26 -106.00
CA PHE N 249 48.16 -5.92 -106.15
C PHE N 249 48.73 -5.25 -104.91
N ARG N 250 48.99 -6.01 -103.86
CA ARG N 250 49.70 -5.48 -102.70
C ARG N 250 50.39 -6.62 -101.97
N PHE N 251 51.02 -6.28 -100.83
CA PHE N 251 51.67 -7.22 -99.94
C PHE N 251 51.89 -6.50 -98.62
N SER N 252 51.40 -7.06 -97.53
CA SER N 252 51.60 -6.48 -96.21
C SER N 252 52.48 -7.38 -95.37
N TYR N 253 53.08 -6.79 -94.34
CA TYR N 253 53.88 -7.55 -93.38
C TYR N 253 53.88 -6.79 -92.08
N SER N 254 53.20 -7.31 -91.07
CA SER N 254 53.09 -6.67 -89.78
C SER N 254 53.74 -7.53 -88.72
N LYS N 255 54.07 -6.88 -87.60
CA LYS N 255 54.61 -7.57 -86.42
C LYS N 255 54.38 -6.67 -85.23
N ASN N 256 53.88 -7.24 -84.14
CA ASN N 256 53.64 -6.50 -82.90
C ASN N 256 54.22 -7.32 -81.75
N GLU N 257 55.51 -7.17 -81.50
CA GLU N 257 56.16 -7.88 -80.41
C GLU N 257 56.07 -7.03 -79.15
N THR N 258 55.64 -7.65 -78.05
CA THR N 258 55.40 -6.95 -76.78
C THR N 258 56.02 -7.77 -75.67
N TYR N 259 57.23 -7.43 -75.26
CA TYR N 259 57.91 -8.11 -74.17
C TYR N 259 57.66 -7.38 -72.87
N GLN N 260 57.66 -8.13 -71.78
CA GLN N 260 57.57 -7.51 -70.47
C GLN N 260 58.40 -8.36 -69.51
N LEU N 261 58.83 -7.74 -68.42
CA LEU N 261 59.62 -8.41 -67.40
C LEU N 261 59.40 -7.66 -66.10
N PHE N 262 59.46 -8.38 -64.99
CA PHE N 262 59.06 -7.80 -63.71
C PHE N 262 59.75 -8.60 -62.62
N LEU N 263 60.41 -7.93 -61.68
CA LEU N 263 61.04 -8.62 -60.58
C LEU N 263 60.90 -7.81 -59.31
N SER N 264 60.56 -8.49 -58.23
CA SER N 264 60.54 -7.89 -56.90
C SER N 264 61.50 -8.64 -56.00
N TYR N 265 61.81 -8.03 -54.85
CA TYR N 265 62.57 -8.71 -53.80
C TYR N 265 62.27 -7.96 -52.51
N SER N 266 61.34 -8.46 -51.72
CA SER N 266 60.86 -7.72 -50.55
C SER N 266 61.20 -8.51 -49.30
N SER N 267 62.42 -8.34 -48.80
CA SER N 267 62.90 -9.15 -47.69
C SER N 267 63.16 -8.28 -46.48
N LYS N 268 62.62 -8.69 -45.33
CA LYS N 268 62.94 -8.03 -44.08
C LYS N 268 63.70 -8.98 -43.17
N LYS N 269 64.39 -8.41 -42.20
CA LYS N 269 65.07 -9.17 -41.16
C LYS N 269 64.89 -8.45 -39.85
N GLU N 270 64.99 -9.21 -38.76
CA GLU N 270 64.79 -8.68 -37.42
C GLU N 270 65.63 -9.53 -36.49
N LYS N 271 66.14 -8.92 -35.43
CA LYS N 271 66.94 -9.67 -34.46
C LYS N 271 66.87 -8.95 -33.13
N MET N 272 66.11 -9.51 -32.19
CA MET N 272 65.93 -8.89 -30.89
C MET N 272 66.95 -9.49 -29.93
N PHE N 273 67.01 -8.94 -28.72
CA PHE N 273 67.79 -9.51 -27.63
C PHE N 273 67.28 -8.89 -26.35
N LEU N 274 67.29 -9.66 -25.27
CA LEU N 274 66.90 -9.14 -23.98
C LEU N 274 67.78 -9.83 -22.95
N HIS N 275 68.01 -9.20 -21.81
CA HIS N 275 68.90 -9.79 -20.81
C HIS N 275 68.62 -9.15 -19.45
N VAL N 276 67.90 -9.82 -18.62
CA VAL N 276 67.74 -9.38 -17.23
C VAL N 276 68.82 -10.08 -16.44
N LYS N 277 69.38 -9.44 -15.40
CA LYS N 277 70.30 -10.16 -14.51
C LYS N 277 70.27 -9.46 -13.15
N GLY N 278 69.53 -10.01 -12.21
CA GLY N 278 69.49 -9.35 -10.92
C GLY N 278 70.22 -10.04 -9.79
N GLU N 279 71.41 -9.59 -9.46
CA GLU N 279 72.14 -10.18 -8.35
C GLU N 279 71.67 -9.61 -7.04
N ILE N 280 71.80 -10.39 -5.97
CA ILE N 280 71.51 -9.95 -4.62
C ILE N 280 72.64 -10.48 -3.75
N HIS N 281 73.43 -9.59 -3.17
CA HIS N 281 74.56 -10.01 -2.35
C HIS N 281 74.21 -9.81 -0.88
N LEU N 282 74.49 -10.81 -0.07
CA LEU N 282 74.45 -10.68 1.38
C LEU N 282 75.86 -10.97 1.89
N GLY N 283 76.67 -9.93 1.93
CA GLY N 283 77.96 -10.04 2.57
C GLY N 283 78.99 -10.81 1.79
N ARG N 284 80.08 -11.13 2.48
CA ARG N 284 81.25 -11.75 1.88
C ARG N 284 82.10 -12.33 2.99
N PHE N 285 83.28 -12.82 2.65
CA PHE N 285 84.22 -13.34 3.64
C PHE N 285 85.62 -13.33 3.04
N VAL N 286 86.63 -13.27 3.90
CA VAL N 286 88.02 -13.35 3.50
C VAL N 286 88.74 -14.30 4.44
N MET N 287 89.33 -15.36 3.92
CA MET N 287 90.00 -16.35 4.74
C MET N 287 91.41 -15.87 5.09
N ARG N 288 92.11 -16.63 5.91
CA ARG N 288 93.44 -16.26 6.33
C ARG N 288 94.50 -17.02 5.54
N ASN N 289 95.76 -16.77 5.86
CA ASN N 289 96.88 -17.34 5.15
C ASN N 289 97.99 -17.91 6.02
N ARG N 290 98.11 -17.47 7.28
CA ARG N 290 99.12 -17.99 8.19
C ARG N 290 98.46 -18.38 9.50
N ASP N 291 99.05 -19.37 10.18
CA ASP N 291 98.52 -19.98 11.42
C ASP N 291 97.10 -20.47 11.23
N VAL N 292 96.88 -21.17 10.13
CA VAL N 292 95.57 -21.65 9.73
C VAL N 292 95.41 -23.08 10.22
N VAL N 293 94.27 -23.39 10.82
CA VAL N 293 93.98 -24.76 11.22
C VAL N 293 93.23 -25.45 10.08
N LEU N 294 93.52 -26.73 9.90
CA LEU N 294 92.89 -27.53 8.86
C LEU N 294 92.09 -28.63 9.53
N THR N 295 91.13 -29.19 8.79
CA THR N 295 90.26 -30.21 9.36
C THR N 295 91.02 -31.53 9.50
N THR N 296 90.38 -32.49 10.18
CA THR N 296 91.05 -33.74 10.50
C THR N 296 91.22 -34.62 9.28
N THR N 297 90.22 -34.65 8.40
CA THR N 297 90.23 -35.50 7.22
C THR N 297 91.04 -34.94 6.07
N PHE N 298 91.93 -34.00 6.30
CA PHE N 298 92.70 -33.38 5.23
C PHE N 298 94.20 -33.42 5.49
N VAL N 299 94.61 -33.28 6.75
CA VAL N 299 96.02 -33.43 7.09
C VAL N 299 96.47 -34.87 6.86
N ASP N 300 95.58 -35.83 7.10
CA ASP N 300 95.90 -37.23 6.82
C ASP N 300 96.08 -37.47 5.32
N ASP N 301 95.21 -36.87 4.50
CA ASP N 301 95.32 -37.07 3.06
C ASP N 301 96.49 -36.33 2.46
N ILE N 302 96.98 -35.27 3.10
CA ILE N 302 98.27 -34.71 2.69
C ILE N 302 99.40 -35.62 3.15
N LYS N 303 99.27 -36.22 4.34
CA LYS N 303 100.29 -37.12 4.85
C LYS N 303 100.39 -38.42 4.07
N ALA N 304 99.35 -38.78 3.32
CA ALA N 304 99.35 -40.00 2.52
C ALA N 304 99.73 -39.74 1.07
N LEU N 305 100.48 -38.68 0.80
CA LEU N 305 100.91 -38.41 -0.57
C LEU N 305 102.26 -39.06 -0.83
N PRO N 306 102.51 -39.56 -2.06
CA PRO N 306 103.63 -40.49 -2.26
C PRO N 306 105.02 -39.86 -2.26
N THR N 307 105.13 -38.53 -2.20
CA THR N 307 106.34 -37.76 -1.86
C THR N 307 107.38 -37.76 -2.98
N THR N 308 107.22 -38.60 -4.01
CA THR N 308 108.23 -38.78 -5.04
C THR N 308 107.74 -38.34 -6.41
N TYR N 309 106.69 -37.52 -6.46
CA TYR N 309 105.90 -37.22 -7.66
C TYR N 309 105.50 -38.52 -8.37
N GLU N 310 104.62 -39.25 -7.70
CA GLU N 310 103.94 -40.37 -8.32
C GLU N 310 102.58 -39.90 -8.78
N LYS N 311 102.36 -39.92 -10.09
CA LYS N 311 101.28 -39.19 -10.74
C LYS N 311 99.89 -39.74 -10.40
N GLY N 312 99.79 -40.97 -9.90
CA GLY N 312 98.50 -41.58 -9.70
C GLY N 312 97.71 -41.03 -8.53
N GLU N 313 98.39 -40.65 -7.46
CA GLU N 313 97.70 -40.23 -6.24
C GLU N 313 97.24 -38.78 -6.30
N TYR N 314 97.98 -37.92 -7.01
CA TYR N 314 97.65 -36.50 -7.00
C TYR N 314 96.41 -36.20 -7.82
N PHE N 315 96.14 -36.98 -8.87
CA PHE N 315 94.90 -36.80 -9.61
C PHE N 315 93.68 -37.31 -8.84
N ALA N 316 93.88 -38.14 -7.83
CA ALA N 316 92.77 -38.46 -6.94
C ALA N 316 92.62 -37.42 -5.85
N PHE N 317 93.74 -36.87 -5.37
CA PHE N 317 93.67 -35.84 -4.33
C PHE N 317 93.04 -34.56 -4.85
N LEU N 318 93.40 -34.15 -6.07
CA LEU N 318 92.90 -32.88 -6.60
C LEU N 318 91.44 -32.95 -7.00
N GLU N 319 90.87 -34.14 -7.13
CA GLU N 319 89.44 -34.26 -7.35
C GLU N 319 88.70 -34.76 -6.13
N THR N 320 89.43 -35.08 -5.05
CA THR N 320 88.75 -35.25 -3.77
C THR N 320 88.55 -33.90 -3.09
N TYR N 321 89.59 -33.05 -3.07
CA TYR N 321 89.52 -31.80 -2.33
C TYR N 321 89.62 -30.56 -3.22
N GLY N 322 89.35 -30.70 -4.50
CA GLY N 322 89.34 -29.55 -5.38
C GLY N 322 90.72 -29.03 -5.73
N THR N 323 90.78 -28.10 -6.69
CA THR N 323 92.05 -27.57 -7.13
C THR N 323 92.43 -26.30 -6.37
N HIS N 324 91.47 -25.40 -6.14
CA HIS N 324 91.70 -24.16 -5.44
C HIS N 324 90.71 -24.02 -4.30
N TYR N 325 91.02 -23.16 -3.34
CA TYR N 325 90.07 -22.82 -2.30
C TYR N 325 89.68 -21.36 -2.42
N SER N 326 88.40 -21.07 -2.19
CA SER N 326 87.90 -19.71 -2.33
C SER N 326 88.37 -18.84 -1.19
N SER N 327 89.50 -18.16 -1.39
CA SER N 327 90.07 -17.31 -0.36
C SER N 327 89.28 -16.03 -0.14
N SER N 328 88.38 -15.66 -1.05
CA SER N 328 87.56 -14.46 -0.86
C SER N 328 86.29 -14.63 -1.69
N GLY N 329 85.19 -15.00 -1.04
CA GLY N 329 83.94 -15.21 -1.71
C GLY N 329 82.97 -14.06 -1.54
N SER N 330 81.73 -14.30 -1.97
CA SER N 330 80.62 -13.37 -1.80
C SER N 330 79.34 -14.16 -1.98
N LEU N 331 78.57 -14.36 -0.93
CA LEU N 331 77.43 -15.26 -1.02
C LEU N 331 76.22 -14.51 -1.54
N GLY N 332 75.05 -15.16 -1.52
CA GLY N 332 73.86 -14.61 -2.14
C GLY N 332 73.82 -14.88 -3.63
N GLY N 333 72.66 -15.22 -4.17
CA GLY N 333 72.62 -15.73 -5.54
C GLY N 333 71.74 -15.01 -6.54
N LEU N 334 72.04 -15.20 -7.81
CA LEU N 334 71.47 -14.41 -8.90
C LEU N 334 70.27 -15.09 -9.52
N TYR N 335 69.72 -14.42 -10.52
CA TYR N 335 68.83 -15.03 -11.49
C TYR N 335 69.14 -14.39 -12.84
N GLU N 336 68.54 -14.90 -13.90
CA GLU N 336 68.90 -14.47 -15.24
C GLU N 336 67.86 -14.92 -16.24
N LEU N 337 67.46 -14.01 -17.12
CA LEU N 337 66.67 -14.34 -18.29
C LEU N 337 67.49 -13.98 -19.52
N ILE N 338 67.28 -14.71 -20.62
CA ILE N 338 67.82 -14.38 -21.93
C ILE N 338 66.74 -14.70 -22.94
N TYR N 339 66.46 -13.78 -23.86
CA TYR N 339 65.38 -13.92 -24.83
C TYR N 339 65.95 -13.61 -26.19
N VAL N 340 66.41 -14.61 -26.92
CA VAL N 340 67.05 -14.36 -28.22
C VAL N 340 66.02 -14.70 -29.29
N LEU N 341 65.39 -13.68 -29.86
CA LEU N 341 64.55 -13.92 -31.01
C LEU N 341 65.42 -13.82 -32.26
N ASP N 342 64.89 -14.29 -33.37
CA ASP N 342 65.51 -14.15 -34.68
C ASP N 342 64.40 -14.34 -35.70
N LYS N 343 64.45 -13.56 -36.75
CA LYS N 343 63.45 -13.67 -37.80
C LYS N 343 64.16 -13.44 -39.12
N ALA N 344 63.71 -14.10 -40.18
CA ALA N 344 64.21 -13.80 -41.51
C ALA N 344 63.10 -14.13 -42.49
N SER N 345 62.29 -13.14 -42.82
CA SER N 345 61.40 -13.33 -43.95
C SER N 345 62.19 -13.17 -45.24
N MET N 346 61.58 -13.59 -46.35
CA MET N 346 62.12 -13.29 -47.67
C MET N 346 61.01 -13.53 -48.68
N LYS N 347 60.81 -12.60 -49.59
CA LYS N 347 60.02 -12.87 -50.77
C LYS N 347 60.92 -12.71 -51.98
N ARG N 348 60.50 -13.31 -53.09
CA ARG N 348 61.00 -12.95 -54.41
C ARG N 348 59.97 -13.36 -55.42
N LYS N 349 59.90 -12.63 -56.52
CA LYS N 349 58.88 -12.86 -57.52
C LYS N 349 59.50 -12.88 -58.91
N GLY N 350 58.64 -13.11 -59.89
CA GLY N 350 59.01 -12.92 -61.28
C GLY N 350 57.78 -13.04 -62.14
N VAL N 351 57.51 -12.04 -62.98
CA VAL N 351 56.32 -12.01 -63.82
C VAL N 351 56.80 -11.71 -65.23
N GLU N 352 56.69 -12.70 -66.10
CA GLU N 352 57.24 -12.60 -67.45
C GLU N 352 56.12 -12.76 -68.45
N LEU N 353 56.26 -12.11 -69.61
CA LEU N 353 55.15 -12.04 -70.54
C LEU N 353 55.70 -11.80 -71.93
N LYS N 354 55.12 -12.49 -72.92
CA LYS N 354 55.54 -12.34 -74.31
C LYS N 354 54.32 -12.40 -75.22
N ASP N 355 54.44 -11.80 -76.40
CA ASP N 355 53.34 -11.67 -77.34
C ASP N 355 53.91 -11.39 -78.72
N ILE N 356 53.37 -12.08 -79.72
CA ILE N 356 53.67 -11.82 -81.13
C ILE N 356 52.35 -11.87 -81.88
N LYS N 357 51.99 -10.76 -82.52
CA LYS N 357 50.72 -10.65 -83.23
C LYS N 357 51.02 -10.35 -84.69
N ARG N 358 51.27 -11.38 -85.47
CA ARG N 358 51.59 -11.23 -86.89
C ARG N 358 50.32 -11.22 -87.72
N CYS N 359 50.43 -10.66 -88.93
CA CYS N 359 49.33 -10.63 -89.86
C CYS N 359 49.89 -10.56 -91.26
N LEU N 360 49.05 -10.90 -92.24
CA LEU N 360 49.38 -10.72 -93.65
C LEU N 360 48.07 -10.74 -94.43
N GLY N 361 48.03 -10.02 -95.53
CA GLY N 361 46.85 -10.07 -96.38
C GLY N 361 46.99 -9.24 -97.64
N TYR N 362 46.56 -9.78 -98.78
CA TYR N 362 46.62 -9.02 -100.00
C TYR N 362 45.50 -9.38 -100.97
N HIS N 363 45.01 -8.34 -101.63
CA HIS N 363 44.09 -8.42 -102.77
C HIS N 363 44.91 -8.44 -104.05
N LEU N 364 44.63 -9.39 -104.93
CA LEU N 364 45.32 -9.46 -106.21
C LEU N 364 44.32 -9.59 -107.36
N PHE N 379 40.41 -12.33 -106.41
CA PHE N 379 41.40 -13.05 -105.61
C PHE N 379 41.55 -12.36 -104.26
N ASN N 380 41.89 -13.12 -103.22
CA ASN N 380 42.20 -12.56 -101.91
C ASN N 380 42.93 -13.64 -101.11
N LYS N 381 43.89 -13.22 -100.29
CA LYS N 381 44.45 -14.14 -99.32
C LYS N 381 44.79 -13.36 -98.07
N ASP N 382 44.58 -13.96 -96.89
CA ASP N 382 45.04 -13.34 -95.66
C ASP N 382 45.23 -14.40 -94.60
N ASP N 383 45.98 -14.02 -93.56
CA ASP N 383 46.04 -14.79 -92.33
C ASP N 383 46.38 -13.86 -91.18
N CYS N 384 46.02 -14.30 -89.98
CA CYS N 384 46.32 -13.59 -88.75
C CYS N 384 46.84 -14.60 -87.74
N VAL N 385 48.04 -14.37 -87.20
CA VAL N 385 48.68 -15.30 -86.29
C VAL N 385 48.86 -14.59 -84.96
N LYS N 386 48.47 -15.24 -83.87
CA LYS N 386 48.69 -14.69 -82.54
C LYS N 386 49.42 -15.73 -81.69
N ARG N 387 50.32 -15.26 -80.84
CA ARG N 387 51.00 -16.13 -79.89
C ARG N 387 51.22 -15.32 -78.63
N GLY N 388 50.96 -15.92 -77.48
CA GLY N 388 51.15 -15.20 -76.24
C GLY N 388 51.51 -16.11 -75.09
N GLU N 389 52.62 -15.84 -74.42
CA GLU N 389 53.07 -16.67 -73.33
C GLU N 389 53.10 -15.85 -72.06
N GLY N 390 52.84 -16.50 -70.93
CA GLY N 390 52.92 -15.84 -69.65
C GLY N 390 53.56 -16.76 -68.64
N ARG N 391 54.44 -16.23 -67.78
CA ARG N 391 55.06 -17.04 -66.75
C ARG N 391 55.03 -16.27 -65.44
N ALA N 392 54.95 -17.00 -64.34
CA ALA N 392 54.93 -16.35 -63.04
C ALA N 392 55.54 -17.28 -62.01
N VAL N 393 56.34 -16.71 -61.11
CA VAL N 393 56.95 -17.41 -60.00
C VAL N 393 56.81 -16.54 -58.77
N ASN N 394 56.26 -17.09 -57.69
CA ASN N 394 56.34 -16.47 -56.37
C ASN N 394 57.06 -17.44 -55.46
N ILE N 395 58.05 -16.96 -54.71
CA ILE N 395 58.76 -17.78 -53.75
C ILE N 395 58.80 -17.01 -52.43
N THR N 396 58.15 -17.54 -51.41
CA THR N 396 58.01 -16.84 -50.14
C THR N 396 58.60 -17.71 -49.04
N SER N 397 59.79 -17.41 -48.60
CA SER N 397 60.42 -18.18 -47.53
C SER N 397 60.34 -17.43 -46.21
N GLU N 398 60.44 -18.18 -45.12
CA GLU N 398 60.43 -17.58 -43.79
C GLU N 398 61.13 -18.49 -42.81
N ASN N 399 62.03 -17.91 -42.03
CA ASN N 399 62.63 -18.56 -40.88
C ASN N 399 62.25 -17.77 -39.63
N LEU N 400 62.07 -18.47 -38.53
CA LEU N 400 61.86 -17.83 -37.24
C LEU N 400 62.50 -18.70 -36.19
N ILE N 401 63.17 -18.08 -35.24
CA ILE N 401 63.80 -18.79 -34.12
C ILE N 401 63.47 -18.02 -32.87
N ASP N 402 63.10 -18.72 -31.81
CA ASP N 402 62.99 -18.12 -30.50
C ASP N 402 63.74 -19.02 -29.52
N ASP N 403 64.67 -18.44 -28.79
CA ASP N 403 65.31 -19.06 -27.64
C ASP N 403 64.90 -18.27 -26.42
N VAL N 404 64.63 -18.99 -25.34
CA VAL N 404 64.49 -18.41 -24.01
C VAL N 404 65.35 -19.26 -23.09
N VAL N 405 66.15 -18.64 -22.26
CA VAL N 405 66.87 -19.32 -21.19
C VAL N 405 66.50 -18.62 -19.90
N SER N 406 66.21 -19.38 -18.86
CA SER N 406 66.09 -18.80 -17.53
C SER N 406 66.91 -19.62 -16.57
N LEU N 407 67.50 -18.93 -15.60
CA LEU N 407 68.33 -19.58 -14.60
C LEU N 407 68.08 -18.87 -13.29
N ILE N 408 68.12 -19.60 -12.19
CA ILE N 408 67.88 -19.00 -10.88
C ILE N 408 68.59 -19.81 -9.81
N ARG N 409 69.35 -19.13 -8.96
CA ARG N 409 70.13 -19.79 -7.93
C ARG N 409 69.74 -19.22 -6.58
N GLY N 410 69.93 -20.02 -5.53
CA GLY N 410 69.65 -19.53 -4.19
C GLY N 410 68.20 -19.41 -3.80
N GLY N 411 67.90 -19.61 -2.52
CA GLY N 411 66.57 -19.40 -2.01
C GLY N 411 65.89 -20.70 -1.64
N THR N 412 64.75 -20.55 -0.97
CA THR N 412 63.97 -21.70 -0.57
C THR N 412 63.25 -22.24 -1.81
N ARG N 413 62.82 -23.49 -1.71
CA ARG N 413 62.22 -24.22 -2.82
C ARG N 413 60.87 -23.64 -3.24
N LYS N 414 60.18 -22.94 -2.35
CA LYS N 414 58.79 -22.58 -2.61
C LYS N 414 58.64 -21.24 -3.34
N TYR N 415 59.53 -20.28 -3.11
CA TYR N 415 59.37 -18.96 -3.71
C TYR N 415 60.16 -18.76 -4.99
N ALA N 416 61.33 -19.39 -5.10
CA ALA N 416 62.18 -19.21 -6.27
C ALA N 416 61.52 -19.75 -7.54
N PHE N 417 60.78 -20.84 -7.42
CA PHE N 417 60.16 -21.44 -8.58
C PHE N 417 58.76 -20.89 -8.83
N GLU N 418 58.27 -20.05 -7.93
CA GLU N 418 57.24 -19.10 -8.29
C GLU N 418 57.83 -17.97 -9.12
N LEU N 419 58.99 -17.47 -8.71
CA LEU N 419 59.63 -16.33 -9.37
C LEU N 419 60.04 -16.65 -10.79
N LYS N 420 60.57 -17.86 -11.03
CA LYS N 420 61.05 -18.22 -12.36
C LYS N 420 59.91 -18.26 -13.38
N GLU N 421 58.79 -18.86 -13.00
CA GLU N 421 57.64 -18.87 -13.90
C GLU N 421 56.96 -17.52 -14.00
N LYS N 422 57.05 -16.67 -12.98
CA LYS N 422 56.55 -15.30 -13.16
C LYS N 422 57.45 -14.50 -14.09
N LEU N 423 58.73 -14.84 -14.17
CA LEU N 423 59.58 -14.24 -15.19
C LEU N 423 59.18 -14.70 -16.58
N LEU N 424 59.08 -16.01 -16.77
CA LEU N 424 58.94 -16.55 -18.12
C LEU N 424 57.53 -16.41 -18.69
N ARG N 425 56.56 -15.99 -17.89
CA ARG N 425 55.23 -15.72 -18.41
C ARG N 425 55.24 -14.50 -19.32
N GLY N 426 56.16 -13.56 -19.07
CA GLY N 426 56.22 -12.34 -19.84
C GLY N 426 55.40 -11.20 -19.28
N THR N 427 54.42 -11.49 -18.42
CA THR N 427 53.66 -10.44 -17.77
C THR N 427 54.50 -9.75 -16.71
N VAL N 428 54.01 -8.61 -16.23
CA VAL N 428 54.71 -7.86 -15.21
C VAL N 428 54.56 -8.59 -13.87
N ILE N 429 55.63 -8.57 -13.08
CA ILE N 429 55.65 -9.22 -11.77
C ILE N 429 55.38 -8.14 -10.74
N ASP N 430 54.27 -8.29 -10.01
CA ASP N 430 54.00 -7.42 -8.88
C ASP N 430 55.06 -7.64 -7.80
N VAL N 431 55.37 -6.57 -7.06
CA VAL N 431 56.53 -6.61 -6.17
C VAL N 431 56.06 -7.26 -4.88
N THR N 432 55.92 -8.57 -4.94
CA THR N 432 55.72 -9.42 -3.78
C THR N 432 56.46 -10.74 -3.89
N ASP N 433 56.92 -11.12 -5.08
CA ASP N 433 57.63 -12.36 -5.30
C ASP N 433 59.13 -12.17 -5.28
N PHE N 434 59.62 -11.05 -5.82
CA PHE N 434 61.03 -10.74 -5.71
C PHE N 434 61.41 -10.41 -4.27
N VAL N 435 60.49 -9.77 -3.54
CA VAL N 435 60.70 -9.49 -2.12
C VAL N 435 60.71 -10.79 -1.32
N ASN N 436 59.79 -11.71 -1.62
CA ASN N 436 59.75 -12.97 -0.89
C ASN N 436 60.94 -13.85 -1.21
N TRP N 437 61.41 -13.84 -2.46
CA TRP N 437 62.63 -14.57 -2.78
C TRP N 437 63.84 -13.94 -2.12
N ALA N 438 63.85 -12.61 -2.01
CA ALA N 438 64.98 -11.94 -1.38
C ALA N 438 64.97 -12.11 0.13
N SER N 439 63.80 -12.32 0.73
CA SER N 439 63.76 -12.72 2.13
C SER N 439 64.11 -14.19 2.29
N SER N 440 63.82 -14.98 1.27
CA SER N 440 64.17 -16.39 1.27
C SER N 440 65.67 -16.62 1.17
N ILE N 441 66.39 -15.71 0.51
CA ILE N 441 67.80 -15.93 0.22
C ILE N 441 68.68 -15.89 1.47
N ASN N 442 68.15 -15.43 2.60
CA ASN N 442 68.88 -15.52 3.86
C ASN N 442 69.02 -16.97 4.30
N ASP N 443 68.06 -17.82 3.95
CA ASP N 443 68.11 -19.22 4.39
C ASP N 443 69.11 -20.04 3.58
N ALA N 444 69.05 -19.94 2.24
CA ALA N 444 69.84 -20.80 1.35
C ALA N 444 70.70 -19.94 0.43
N PRO N 445 71.88 -19.53 0.89
CA PRO N 445 72.77 -18.76 0.02
C PRO N 445 73.52 -19.65 -0.95
N VAL N 446 73.94 -19.04 -2.05
CA VAL N 446 74.70 -19.69 -3.10
C VAL N 446 75.86 -18.80 -3.48
N LEU N 447 77.08 -19.36 -3.47
CA LEU N 447 78.28 -18.60 -3.76
C LEU N 447 78.24 -18.08 -5.19
N ILE N 448 78.66 -16.82 -5.37
CA ILE N 448 78.41 -16.14 -6.63
C ILE N 448 79.65 -15.51 -7.24
N SER N 449 80.70 -15.23 -6.48
CA SER N 449 81.89 -14.59 -7.02
C SER N 449 83.04 -14.84 -6.05
N GLN N 450 84.17 -15.27 -6.58
CA GLN N 450 85.26 -15.74 -5.75
C GLN N 450 86.59 -15.33 -6.35
N LYS N 451 87.59 -15.23 -5.49
CA LYS N 451 88.95 -14.91 -5.89
C LYS N 451 89.82 -16.08 -5.44
N LEU N 452 90.24 -16.89 -6.39
CA LEU N 452 90.83 -18.20 -6.10
C LEU N 452 92.24 -18.05 -5.53
N SER N 453 92.81 -19.18 -5.13
CA SER N 453 94.14 -19.28 -4.55
C SER N 453 94.52 -20.74 -4.59
N PRO N 454 95.75 -21.09 -4.97
CA PRO N 454 96.09 -22.49 -5.19
C PRO N 454 96.24 -23.26 -3.89
N ILE N 455 95.94 -24.56 -3.95
CA ILE N 455 95.84 -25.37 -2.74
C ILE N 455 97.22 -25.71 -2.18
N TYR N 456 98.29 -25.52 -2.94
CA TYR N 456 99.62 -25.64 -2.38
C TYR N 456 100.10 -24.38 -1.71
N ASN N 457 99.21 -23.40 -1.52
CA ASN N 457 99.44 -22.29 -0.60
C ASN N 457 98.75 -22.54 0.72
N LEU N 458 98.43 -23.80 1.01
CA LEU N 458 97.67 -24.18 2.19
C LEU N 458 98.26 -25.36 2.94
N VAL N 459 99.08 -26.20 2.29
CA VAL N 459 99.77 -27.32 2.93
C VAL N 459 100.71 -26.81 4.01
N PRO N 460 100.56 -27.25 5.25
CA PRO N 460 101.38 -26.71 6.34
C PRO N 460 102.83 -27.14 6.22
N VAL N 461 103.69 -26.37 6.88
CA VAL N 461 105.14 -26.56 6.77
C VAL N 461 105.69 -27.30 7.99
N LYS N 462 104.91 -27.41 9.07
CA LYS N 462 105.31 -28.16 10.26
C LYS N 462 105.47 -29.64 9.96
N MET N 463 104.67 -30.19 9.04
CA MET N 463 104.72 -31.61 8.74
C MET N 463 105.96 -31.94 7.90
N LYS N 464 106.27 -33.23 7.87
CA LYS N 464 107.50 -33.70 7.22
C LYS N 464 107.32 -33.77 5.71
N ASN N 465 108.42 -33.49 5.01
CA ASN N 465 108.49 -33.42 3.55
C ASN N 465 107.46 -32.44 2.97
N ALA N 466 107.33 -31.28 3.63
CA ALA N 466 106.30 -30.33 3.23
C ALA N 466 106.65 -29.66 1.91
N HIS N 467 107.91 -29.28 1.73
CA HIS N 467 108.29 -28.59 0.49
C HIS N 467 108.28 -29.53 -0.70
N LEU N 468 108.57 -30.82 -0.50
CA LEU N 468 108.51 -31.77 -1.60
C LEU N 468 107.07 -32.00 -2.04
N LYS N 469 106.14 -32.08 -1.09
CA LYS N 469 104.74 -32.23 -1.45
C LYS N 469 104.19 -30.96 -2.08
N LYS N 470 104.69 -29.80 -1.67
CA LYS N 470 104.27 -28.57 -2.34
C LYS N 470 104.86 -28.48 -3.75
N GLN N 471 106.08 -28.99 -3.94
CA GLN N 471 106.68 -29.08 -5.26
C GLN N 471 105.93 -30.06 -6.15
N ASN N 472 105.34 -31.09 -5.56
CA ASN N 472 104.52 -32.02 -6.34
C ASN N 472 103.20 -31.37 -6.72
N LEU N 473 102.55 -30.70 -5.77
CA LEU N 473 101.24 -30.11 -6.03
C LEU N 473 101.31 -28.86 -6.90
N GLU N 474 102.47 -28.22 -6.99
CA GLU N 474 102.56 -27.07 -7.90
C GLU N 474 102.70 -27.49 -9.35
N ARG N 475 103.13 -28.72 -9.61
CA ARG N 475 103.16 -29.27 -10.96
C ARG N 475 101.95 -30.11 -11.29
N ALA N 476 101.31 -30.68 -10.28
CA ALA N 476 100.11 -31.48 -10.51
C ALA N 476 98.96 -30.65 -11.03
N ILE N 477 98.88 -29.37 -10.61
CA ILE N 477 97.83 -28.50 -11.13
C ILE N 477 98.08 -28.14 -12.59
N GLU N 478 99.35 -27.95 -12.96
CA GLU N 478 99.68 -27.71 -14.37
C GLU N 478 99.38 -28.94 -15.22
N ASP N 479 99.72 -30.13 -14.72
CA ASP N 479 99.41 -31.35 -15.46
C ASP N 479 97.91 -31.60 -15.53
N TYR N 480 97.17 -31.26 -14.48
CA TYR N 480 95.72 -31.45 -14.51
C TYR N 480 95.05 -30.48 -15.46
N ILE N 481 95.51 -29.23 -15.50
CA ILE N 481 94.89 -28.27 -16.40
C ILE N 481 95.37 -28.49 -17.83
N ASN N 482 96.48 -29.18 -18.03
CA ASN N 482 96.92 -29.46 -19.40
C ASN N 482 96.24 -30.71 -19.95
N GLU N 483 96.20 -31.79 -19.17
CA GLU N 483 95.79 -33.08 -19.72
C GLU N 483 94.28 -33.22 -19.85
N PHE N 484 93.50 -32.45 -19.11
CA PHE N 484 92.06 -32.39 -19.33
C PHE N 484 91.62 -31.10 -20.00
N SER N 485 92.53 -30.43 -20.69
CA SER N 485 92.17 -29.22 -21.41
C SER N 485 91.34 -29.55 -22.65
N VAL N 486 90.63 -28.55 -23.14
CA VAL N 486 89.81 -28.72 -24.34
C VAL N 486 90.63 -28.68 -25.61
N ARG N 487 91.91 -28.29 -25.52
CA ARG N 487 92.76 -28.09 -26.68
C ARG N 487 93.41 -29.38 -27.16
N LYS N 488 92.88 -30.54 -26.81
CA LYS N 488 93.29 -31.79 -27.43
C LYS N 488 92.32 -32.30 -28.47
N CYS N 489 91.02 -32.05 -28.28
CA CYS N 489 90.03 -32.42 -29.28
C CYS N 489 90.08 -31.46 -30.45
N HIS N 490 90.04 -32.02 -31.66
CA HIS N 490 90.06 -31.20 -32.87
C HIS N 490 88.75 -30.45 -33.00
N THR N 491 88.83 -29.17 -33.31
CA THR N 491 87.69 -28.27 -33.20
C THR N 491 86.65 -28.54 -34.28
N CYS N 492 85.39 -28.25 -33.93
CA CYS N 492 84.29 -28.41 -34.86
C CYS N 492 84.18 -27.20 -35.77
N GLN N 493 83.79 -27.46 -37.02
CA GLN N 493 83.66 -26.40 -38.01
C GLN N 493 82.33 -25.68 -37.85
N ASN N 494 82.09 -24.74 -38.78
CA ASN N 494 80.85 -23.96 -38.91
C ASN N 494 80.53 -23.13 -37.67
N GLY N 495 81.56 -22.76 -36.90
CA GLY N 495 81.34 -22.02 -35.67
C GLY N 495 80.92 -22.87 -34.49
N GLY N 496 81.15 -24.17 -34.54
CA GLY N 496 80.79 -25.03 -33.43
C GLY N 496 81.79 -24.96 -32.30
N THR N 497 81.32 -24.56 -31.12
CA THR N 497 82.18 -24.46 -29.94
C THR N 497 82.28 -25.81 -29.25
N VAL N 498 83.51 -26.32 -29.13
CA VAL N 498 83.74 -27.62 -28.53
C VAL N 498 83.72 -27.49 -27.02
N ILE N 499 83.10 -28.46 -26.36
CA ILE N 499 82.98 -28.49 -24.90
C ILE N 499 83.42 -29.85 -24.40
N LEU N 500 84.48 -29.86 -23.60
CA LEU N 500 84.89 -31.11 -22.96
C LEU N 500 83.90 -31.45 -21.86
N MET N 501 83.39 -32.68 -21.90
CA MET N 501 82.40 -33.14 -20.92
C MET N 501 82.45 -34.65 -20.88
N ASP N 502 82.75 -35.20 -19.68
CA ASP N 502 82.86 -36.64 -19.43
C ASP N 502 83.97 -37.29 -20.29
N GLY N 503 84.98 -36.51 -20.64
CA GLY N 503 85.98 -36.99 -21.59
C GLY N 503 85.42 -37.24 -22.98
N LYS N 504 84.39 -36.51 -23.37
CA LYS N 504 83.70 -36.71 -24.65
C LYS N 504 83.36 -35.34 -25.20
N CYS N 505 84.18 -34.85 -26.12
CA CYS N 505 84.08 -33.48 -26.61
C CYS N 505 82.85 -33.32 -27.49
N LEU N 506 81.79 -32.77 -26.90
CA LEU N 506 80.57 -32.45 -27.62
C LEU N 506 80.60 -31.00 -28.08
N CYS N 507 80.11 -30.75 -29.30
CA CYS N 507 80.10 -29.42 -29.87
C CYS N 507 78.68 -28.88 -29.94
N ALA N 508 78.55 -27.57 -29.69
CA ALA N 508 77.27 -26.87 -29.79
C ALA N 508 77.26 -26.03 -31.05
N CYS N 509 76.20 -26.20 -31.86
CA CYS N 509 76.07 -25.56 -33.16
C CYS N 509 75.16 -24.34 -33.07
N PRO N 510 75.53 -23.22 -33.68
CA PRO N 510 74.73 -21.99 -33.53
C PRO N 510 73.47 -21.92 -34.39
N PHE N 511 72.32 -22.17 -33.76
CA PHE N 511 70.99 -21.70 -34.16
C PHE N 511 70.39 -22.30 -35.43
N LYS N 512 71.17 -23.02 -36.23
CA LYS N 512 70.62 -23.56 -37.47
C LYS N 512 71.04 -24.99 -37.76
N PHE N 513 72.05 -25.52 -37.10
CA PHE N 513 72.74 -26.71 -37.55
C PHE N 513 72.40 -27.85 -36.58
N GLU N 514 71.68 -28.84 -37.06
CA GLU N 514 71.28 -29.96 -36.21
C GLU N 514 72.31 -31.07 -36.17
N GLY N 515 73.31 -31.04 -37.04
CA GLY N 515 74.27 -32.13 -37.11
C GLY N 515 75.27 -32.07 -35.98
N ILE N 516 75.95 -33.20 -35.77
CA ILE N 516 76.94 -33.28 -34.71
C ILE N 516 78.17 -32.45 -35.09
N ALA N 517 78.52 -32.43 -36.36
CA ALA N 517 79.64 -31.64 -36.86
C ALA N 517 79.19 -30.31 -37.45
N CYS N 518 77.97 -29.86 -37.08
CA CYS N 518 77.40 -28.57 -37.48
C CYS N 518 77.28 -28.42 -39.00
N GLU N 519 77.03 -29.53 -39.70
CA GLU N 519 77.11 -29.53 -41.16
C GLU N 519 75.77 -29.22 -41.82
N ILE N 520 74.72 -29.94 -41.44
CA ILE N 520 73.42 -29.78 -42.09
C ILE N 520 72.81 -28.44 -41.70
N SER N 521 72.31 -27.71 -42.69
CA SER N 521 71.74 -26.38 -42.48
C SER N 521 70.25 -26.42 -42.81
N LYS N 522 69.59 -25.29 -42.57
CA LYS N 522 68.18 -25.12 -42.90
C LYS N 522 67.92 -23.75 -43.52
N SER O 18 65.31 -60.28 -46.89
CA SER O 18 65.67 -59.77 -45.58
C SER O 18 65.45 -60.83 -44.51
N HIS O 19 66.53 -61.52 -44.14
CA HIS O 19 66.43 -62.61 -43.16
C HIS O 19 67.81 -62.79 -42.52
N ILE O 20 67.97 -62.27 -41.30
CA ILE O 20 69.21 -62.40 -40.55
C ILE O 20 68.91 -63.12 -39.25
N ASP O 21 69.75 -64.07 -38.87
CA ASP O 21 69.60 -64.80 -37.62
C ASP O 21 70.82 -64.58 -36.74
N CYS O 22 70.69 -64.97 -35.48
CA CYS O 22 71.79 -64.85 -34.54
C CYS O 22 72.88 -65.88 -34.84
N ARG O 23 74.08 -65.58 -34.37
CA ARG O 23 75.24 -66.44 -34.57
C ARG O 23 76.01 -66.56 -33.27
N MET O 24 76.80 -67.62 -33.17
CA MET O 24 77.66 -67.82 -32.01
C MET O 24 79.01 -68.35 -32.46
N SER O 25 80.07 -67.84 -31.83
CA SER O 25 81.39 -68.42 -31.94
C SER O 25 81.43 -69.74 -31.18
N PRO O 26 82.32 -70.65 -31.55
CA PRO O 26 82.47 -71.87 -30.76
C PRO O 26 83.14 -71.60 -29.44
N TRP O 27 82.94 -72.52 -28.49
CA TRP O 27 83.47 -72.36 -27.15
C TRP O 27 84.99 -72.51 -27.16
N SER O 28 85.62 -71.95 -26.13
CA SER O 28 87.07 -72.01 -26.00
C SER O 28 87.48 -73.33 -25.33
N GLU O 29 88.72 -73.41 -24.91
CA GLU O 29 89.21 -74.56 -24.19
C GLU O 29 89.03 -74.38 -22.69
N TRP O 30 88.89 -75.50 -21.99
CA TRP O 30 88.76 -75.48 -20.54
C TRP O 30 90.11 -75.09 -19.92
N SER O 31 90.12 -74.00 -19.16
CA SER O 31 91.38 -73.37 -18.80
C SER O 31 92.11 -74.12 -17.69
N GLN O 32 91.55 -74.12 -16.48
CA GLN O 32 92.21 -74.65 -15.29
C GLN O 32 91.21 -74.65 -14.15
N CYS O 33 91.27 -75.68 -13.31
CA CYS O 33 90.59 -75.63 -12.01
C CYS O 33 91.19 -74.51 -11.19
N ASP O 34 90.42 -73.45 -10.98
CA ASP O 34 90.83 -72.40 -10.06
C ASP O 34 90.75 -72.95 -8.65
N PRO O 35 91.87 -73.10 -7.95
CA PRO O 35 91.88 -73.92 -6.73
C PRO O 35 91.18 -73.26 -5.56
N CYS O 36 91.07 -71.93 -5.56
CA CYS O 36 90.38 -71.21 -4.50
C CYS O 36 88.88 -71.14 -4.72
N LEU O 37 88.37 -71.66 -5.85
CA LEU O 37 86.94 -71.71 -6.11
C LEU O 37 86.45 -73.05 -6.65
N ARG O 38 87.35 -73.98 -6.98
CA ARG O 38 87.03 -75.35 -7.40
C ARG O 38 86.20 -75.41 -8.67
N GLN O 39 86.36 -74.45 -9.57
CA GLN O 39 85.58 -74.39 -10.80
C GLN O 39 86.47 -73.96 -11.94
N MET O 40 86.39 -74.66 -13.07
CA MET O 40 87.03 -74.21 -14.29
C MET O 40 86.02 -73.50 -15.17
N PHE O 41 86.46 -72.42 -15.81
CA PHE O 41 85.58 -71.58 -16.59
C PHE O 41 85.99 -71.66 -18.06
N ARG O 42 85.03 -71.45 -18.95
CA ARG O 42 85.32 -71.34 -20.37
C ARG O 42 84.27 -70.42 -20.98
N SER O 43 84.57 -69.91 -22.16
CA SER O 43 83.74 -68.85 -22.72
C SER O 43 83.80 -68.87 -24.24
N ARG O 44 83.11 -67.91 -24.84
CA ARG O 44 83.05 -67.71 -26.27
C ARG O 44 82.68 -66.25 -26.52
N SER O 45 82.39 -65.91 -27.77
CA SER O 45 81.95 -64.55 -28.08
C SER O 45 80.71 -64.58 -28.94
N ILE O 46 80.28 -63.40 -29.41
CA ILE O 46 79.10 -63.26 -30.24
C ILE O 46 79.53 -62.59 -31.54
N GLU O 47 79.25 -63.26 -32.67
CA GLU O 47 79.65 -62.69 -33.95
C GLU O 47 78.65 -61.66 -34.45
N VAL O 48 77.42 -62.08 -34.73
CA VAL O 48 76.42 -61.21 -35.32
C VAL O 48 75.10 -61.40 -34.58
N PHE O 49 74.55 -60.30 -34.07
CA PHE O 49 73.26 -60.34 -33.41
C PHE O 49 72.14 -60.51 -34.43
N GLY O 50 71.02 -61.03 -33.95
CA GLY O 50 69.87 -61.20 -34.82
C GLY O 50 69.26 -59.86 -35.20
N GLN O 51 68.69 -59.82 -36.40
CA GLN O 51 68.21 -58.56 -36.95
C GLN O 51 67.16 -58.90 -38.00
N PHE O 52 66.20 -57.98 -38.18
CA PHE O 52 65.10 -58.08 -39.14
C PHE O 52 64.27 -59.34 -38.93
N ASN O 53 63.62 -59.38 -37.76
CA ASN O 53 62.62 -60.39 -37.39
C ASN O 53 63.23 -61.80 -37.40
N GLY O 54 64.34 -61.94 -36.68
CA GLY O 54 65.07 -63.20 -36.64
C GLY O 54 65.27 -63.70 -35.22
N LYS O 55 66.12 -64.71 -35.07
CA LYS O 55 66.31 -65.34 -33.77
C LYS O 55 67.18 -64.48 -32.87
N ARG O 56 66.78 -64.38 -31.60
CA ARG O 56 67.49 -63.59 -30.62
C ARG O 56 68.65 -64.41 -30.04
N CYS O 57 69.74 -63.71 -29.70
CA CYS O 57 70.95 -64.38 -29.23
C CYS O 57 70.82 -64.88 -27.80
N THR O 58 70.18 -64.10 -26.94
CA THR O 58 69.88 -64.43 -25.53
C THR O 58 71.13 -64.79 -24.72
N ASP O 59 72.16 -63.96 -24.86
CA ASP O 59 73.21 -63.70 -23.86
C ASP O 59 73.88 -64.95 -23.32
N ALA O 60 74.29 -65.84 -24.22
CA ALA O 60 74.74 -67.17 -23.83
C ALA O 60 76.26 -67.26 -23.71
N VAL O 61 76.91 -66.20 -23.26
CA VAL O 61 78.35 -66.21 -23.08
C VAL O 61 78.67 -66.65 -21.65
N GLY O 62 79.87 -67.19 -21.46
CA GLY O 62 80.29 -67.66 -20.16
C GLY O 62 79.74 -69.01 -19.76
N ASP O 63 80.56 -69.83 -19.11
CA ASP O 63 80.14 -71.17 -18.73
C ASP O 63 80.94 -71.61 -17.52
N ARG O 64 80.33 -72.43 -16.67
CA ARG O 64 80.95 -72.90 -15.44
C ARG O 64 80.79 -74.41 -15.35
N ARG O 65 81.74 -75.05 -14.65
CA ARG O 65 81.69 -76.49 -14.47
C ARG O 65 82.50 -76.85 -13.23
N GLN O 66 81.95 -77.72 -12.39
CA GLN O 66 82.63 -78.08 -11.15
C GLN O 66 83.77 -79.03 -11.45
N CYS O 67 84.88 -78.88 -10.73
CA CYS O 67 85.98 -79.81 -10.83
C CYS O 67 86.69 -79.89 -9.49
N VAL O 68 87.28 -81.05 -9.23
CA VAL O 68 88.05 -81.26 -7.99
C VAL O 68 89.35 -80.46 -8.08
N PRO O 69 89.78 -79.79 -7.00
CA PRO O 69 91.07 -79.08 -7.06
C PRO O 69 92.26 -80.03 -7.09
N THR O 70 92.92 -80.10 -8.24
CA THR O 70 94.05 -81.02 -8.40
C THR O 70 95.31 -80.51 -7.73
N GLU O 71 95.44 -79.19 -7.57
CA GLU O 71 96.58 -78.58 -6.89
C GLU O 71 96.07 -77.41 -6.07
N PRO O 72 95.94 -77.55 -4.76
CA PRO O 72 95.24 -76.54 -3.97
C PRO O 72 96.05 -75.26 -3.78
N CYS O 73 95.33 -74.15 -3.71
CA CYS O 73 95.92 -72.83 -3.51
C CYS O 73 96.13 -72.57 -2.03
N GLU O 74 96.81 -71.48 -1.73
CA GLU O 74 96.93 -71.04 -0.35
C GLU O 74 95.60 -70.48 0.14
N ASP O 75 95.45 -70.45 1.47
CA ASP O 75 94.21 -69.98 2.09
C ASP O 75 94.12 -68.47 1.88
N ALA O 76 93.28 -68.05 0.95
CA ALA O 76 93.15 -66.64 0.56
C ALA O 76 92.35 -65.91 1.62
N GLU O 77 93.06 -65.39 2.62
CA GLU O 77 92.46 -64.56 3.65
C GLU O 77 93.43 -63.44 4.00
N ASP O 78 92.88 -62.27 4.34
CA ASP O 78 93.71 -61.11 4.59
C ASP O 78 94.31 -61.17 5.98
N ASP O 79 95.39 -60.41 6.16
CA ASP O 79 96.09 -60.41 7.44
C ASP O 79 95.30 -59.64 8.49
N CYS O 80 94.75 -58.48 8.11
CA CYS O 80 94.03 -57.56 9.00
C CYS O 80 94.91 -57.17 10.19
N GLY O 81 96.00 -56.48 9.88
CA GLY O 81 97.05 -56.25 10.85
C GLY O 81 96.69 -55.19 11.87
N ASN O 82 96.70 -55.56 13.16
CA ASN O 82 96.51 -54.66 14.30
C ASN O 82 95.17 -53.92 14.27
N ASP O 83 94.18 -54.53 13.64
CA ASP O 83 92.84 -53.96 13.56
C ASP O 83 91.84 -54.98 14.09
N PHE O 84 90.79 -54.49 14.71
CA PHE O 84 89.73 -55.37 15.19
C PHE O 84 88.94 -55.91 14.01
N GLN O 85 89.15 -57.18 13.69
CA GLN O 85 88.33 -57.86 12.71
C GLN O 85 86.91 -58.03 13.24
N CYS O 86 85.94 -58.01 12.33
CA CYS O 86 84.55 -58.05 12.69
C CYS O 86 83.95 -59.36 12.19
N SER O 87 82.63 -59.50 12.35
CA SER O 87 81.91 -60.68 11.89
C SER O 87 81.38 -60.52 10.47
N THR O 88 82.01 -59.68 9.66
CA THR O 88 81.69 -59.52 8.25
C THR O 88 82.90 -59.68 7.35
N GLY O 89 84.08 -59.24 7.79
CA GLY O 89 85.25 -59.17 6.94
C GLY O 89 85.82 -57.77 6.83
N ARG O 90 85.18 -56.77 7.42
CA ARG O 90 85.68 -55.40 7.45
C ARG O 90 86.53 -55.22 8.69
N CYS O 91 87.65 -54.51 8.53
CA CYS O 91 88.59 -54.29 9.63
C CYS O 91 88.52 -52.82 10.03
N ILE O 92 87.99 -52.56 11.22
CA ILE O 92 87.88 -51.21 11.75
C ILE O 92 88.92 -51.02 12.85
N LYS O 93 89.06 -49.78 13.30
CA LYS O 93 90.06 -49.42 14.31
C LYS O 93 89.49 -49.60 15.71
N MET O 94 90.33 -49.32 16.71
CA MET O 94 89.90 -49.42 18.10
C MET O 94 89.12 -48.20 18.55
N ARG O 95 89.31 -47.05 17.89
CA ARG O 95 88.59 -45.82 18.21
C ARG O 95 87.09 -45.96 17.99
N LEU O 96 86.67 -46.86 17.12
CA LEU O 96 85.27 -47.06 16.81
C LEU O 96 84.55 -48.00 17.77
N ARG O 97 85.17 -48.33 18.91
CA ARG O 97 84.56 -49.24 19.87
C ARG O 97 83.49 -48.54 20.69
N CYS O 98 82.30 -49.14 20.71
CA CYS O 98 81.15 -48.70 21.52
C CYS O 98 80.73 -47.27 21.20
N ASN O 99 80.89 -46.87 19.95
CA ASN O 99 80.59 -45.51 19.54
C ASN O 99 79.12 -45.28 19.24
N GLY O 100 78.29 -46.31 19.31
CA GLY O 100 76.90 -46.17 18.95
C GLY O 100 76.64 -46.09 17.46
N ASP O 101 77.61 -46.46 16.64
CA ASP O 101 77.45 -46.45 15.19
C ASP O 101 77.77 -47.84 14.65
N ASN O 102 76.93 -48.29 13.73
CA ASN O 102 77.06 -49.62 13.14
C ASN O 102 78.22 -49.68 12.15
N ASP O 103 79.42 -49.95 12.66
CA ASP O 103 80.64 -49.82 11.90
C ASP O 103 81.09 -51.13 11.26
N CYS O 104 80.98 -52.25 11.99
CA CYS O 104 81.33 -53.53 11.40
C CYS O 104 80.27 -54.02 10.42
N GLY O 105 79.05 -53.52 10.53
CA GLY O 105 77.97 -53.99 9.69
C GLY O 105 77.03 -54.90 10.45
N ASP O 106 77.58 -55.78 11.28
CA ASP O 106 76.81 -56.66 12.14
C ASP O 106 76.89 -56.23 13.60
N PHE O 107 76.89 -54.92 13.82
CA PHE O 107 76.51 -54.29 15.10
C PHE O 107 77.48 -54.66 16.21
N SER O 108 78.77 -54.76 15.87
CA SER O 108 79.78 -55.22 16.81
C SER O 108 80.35 -54.09 17.66
N ASP O 109 79.60 -53.01 17.85
CA ASP O 109 79.98 -51.92 18.72
C ASP O 109 79.02 -51.72 19.87
N GLU O 110 77.72 -51.73 19.62
CA GLU O 110 76.71 -51.36 20.61
C GLU O 110 76.24 -52.56 21.43
N ASP O 111 77.08 -53.58 21.62
CA ASP O 111 76.67 -54.74 22.38
C ASP O 111 77.67 -55.11 23.48
N ASP O 112 78.95 -54.85 23.24
CA ASP O 112 80.01 -55.48 24.03
C ASP O 112 80.18 -54.80 25.40
N CYS O 113 80.57 -53.54 25.40
CA CYS O 113 81.05 -52.93 26.63
C CYS O 113 79.90 -52.34 27.44
N GLU O 114 80.17 -52.13 28.73
CA GLU O 114 79.29 -51.36 29.60
C GLU O 114 79.75 -49.92 29.75
N SER O 115 80.63 -49.47 28.86
CA SER O 115 81.17 -48.11 28.92
C SER O 115 80.17 -47.13 28.31
N GLU O 116 80.58 -45.88 28.17
CA GLU O 116 79.71 -44.86 27.60
C GLU O 116 79.56 -45.07 26.10
N PRO O 117 78.39 -44.77 25.54
CA PRO O 117 78.24 -44.82 24.08
C PRO O 117 79.00 -43.71 23.36
N ARG O 118 79.39 -42.63 24.07
CA ARG O 118 80.12 -41.43 23.68
C ARG O 118 79.85 -40.96 22.25
N PRO O 119 78.63 -40.53 21.93
CA PRO O 119 78.30 -40.20 20.54
C PRO O 119 79.01 -38.94 20.08
N PRO O 120 79.74 -39.02 18.97
CA PRO O 120 80.45 -37.82 18.47
C PRO O 120 79.51 -36.73 18.04
N CYS O 121 78.36 -37.08 17.48
CA CYS O 121 77.25 -36.14 17.40
C CYS O 121 76.60 -36.06 18.77
N ARG O 122 76.83 -34.96 19.47
CA ARG O 122 76.29 -34.74 20.80
C ARG O 122 74.82 -34.31 20.74
N ASP O 123 74.34 -33.72 21.82
CA ASP O 123 72.94 -33.31 21.97
C ASP O 123 72.44 -32.25 20.97
N ARG O 124 73.29 -31.81 20.05
CA ARG O 124 72.85 -31.02 18.91
C ARG O 124 71.86 -31.81 18.07
N VAL O 125 70.92 -31.09 17.44
CA VAL O 125 69.88 -31.72 16.63
C VAL O 125 70.53 -32.25 15.37
N VAL O 126 70.68 -33.57 15.30
CA VAL O 126 71.39 -34.26 14.23
C VAL O 126 70.53 -35.42 13.77
N GLU O 127 70.30 -35.51 12.47
CA GLU O 127 69.41 -36.51 11.89
C GLU O 127 70.20 -37.43 10.96
N GLU O 128 69.49 -38.28 10.24
CA GLU O 128 70.07 -39.06 9.17
C GLU O 128 69.63 -38.49 7.83
N SER O 129 70.47 -38.65 6.82
CA SER O 129 70.24 -37.98 5.55
C SER O 129 69.22 -38.74 4.71
N GLU O 130 68.93 -38.18 3.53
CA GLU O 130 68.08 -38.83 2.55
C GLU O 130 68.70 -38.92 1.18
N LEU O 131 69.75 -38.14 0.91
CA LEU O 131 70.42 -38.10 -0.37
C LEU O 131 71.78 -38.76 -0.33
N ALA O 132 72.44 -38.72 0.81
CA ALA O 132 73.78 -39.27 0.94
C ALA O 132 73.78 -40.77 1.14
N ARG O 133 72.66 -41.36 1.54
CA ARG O 133 72.67 -42.76 1.92
C ARG O 133 72.75 -43.67 0.70
N THR O 134 72.38 -43.18 -0.47
CA THR O 134 72.46 -43.95 -1.71
C THR O 134 73.40 -43.28 -2.69
N ALA O 135 74.54 -42.78 -2.21
CA ALA O 135 75.38 -41.90 -3.01
C ALA O 135 76.36 -42.63 -3.93
N GLY O 136 76.14 -43.89 -4.22
CA GLY O 136 76.98 -44.53 -5.21
C GLY O 136 76.43 -44.40 -6.61
N TYR O 137 75.24 -44.95 -6.82
CA TYR O 137 74.61 -45.12 -8.13
C TYR O 137 75.57 -45.71 -9.14
N GLY O 138 76.02 -46.94 -8.87
CA GLY O 138 76.93 -47.64 -9.75
C GLY O 138 76.31 -47.91 -11.10
N ILE O 139 76.77 -47.18 -12.11
CA ILE O 139 76.00 -46.98 -13.32
C ILE O 139 76.52 -47.94 -14.38
N ASN O 140 75.71 -48.15 -15.42
CA ASN O 140 76.08 -48.98 -16.54
C ASN O 140 76.12 -48.12 -17.79
N ILE O 141 76.85 -48.60 -18.80
CA ILE O 141 77.12 -47.80 -20.00
C ILE O 141 75.92 -47.59 -20.90
N LEU O 142 74.81 -48.30 -20.67
CA LEU O 142 73.60 -48.06 -21.43
C LEU O 142 73.00 -46.69 -21.12
N GLY O 143 73.00 -46.31 -19.84
CA GLY O 143 72.46 -45.03 -19.43
C GLY O 143 71.62 -45.14 -18.17
N MET O 144 71.12 -46.35 -17.89
CA MET O 144 70.31 -46.59 -16.70
C MET O 144 71.21 -46.97 -15.54
N ASP O 145 70.74 -46.67 -14.32
CA ASP O 145 71.57 -46.68 -13.13
C ASP O 145 71.07 -47.61 -12.03
N PRO O 146 71.64 -48.81 -11.89
CA PRO O 146 71.33 -49.62 -10.71
C PRO O 146 71.97 -49.01 -9.47
N LEU O 147 71.18 -48.95 -8.39
CA LEU O 147 71.59 -48.35 -7.13
C LEU O 147 72.48 -49.27 -6.30
N SER O 148 72.99 -50.34 -6.91
CA SER O 148 73.81 -51.34 -6.21
C SER O 148 75.13 -50.67 -5.86
N THR O 149 75.09 -49.92 -4.78
CA THR O 149 76.14 -49.04 -4.36
C THR O 149 77.32 -49.86 -3.86
N PRO O 150 78.50 -49.77 -4.48
CA PRO O 150 79.66 -50.44 -3.90
C PRO O 150 80.10 -49.79 -2.60
N PHE O 151 79.81 -48.50 -2.45
CA PHE O 151 80.13 -47.80 -1.22
C PHE O 151 79.20 -48.22 -0.10
N ASP O 152 79.58 -47.87 1.13
CA ASP O 152 78.75 -48.12 2.30
C ASP O 152 78.52 -46.77 2.96
N ASN O 153 77.29 -46.26 2.84
CA ASN O 153 76.95 -44.95 3.36
C ASN O 153 76.32 -45.02 4.74
N GLU O 154 76.75 -45.98 5.55
CA GLU O 154 76.42 -45.99 6.97
C GLU O 154 77.65 -45.87 7.85
N PHE O 155 78.84 -45.92 7.27
CA PHE O 155 80.08 -45.83 8.01
C PHE O 155 80.38 -44.36 8.25
N TYR O 156 80.36 -43.94 9.52
CA TYR O 156 80.60 -42.54 9.85
C TYR O 156 81.99 -42.29 10.40
N ASN O 157 82.68 -43.33 10.87
CA ASN O 157 84.04 -43.29 11.39
C ASN O 157 84.18 -42.32 12.56
N GLY O 158 83.14 -42.22 13.38
CA GLY O 158 83.21 -41.44 14.61
C GLY O 158 83.34 -39.95 14.42
N LEU O 159 82.83 -39.40 13.33
CA LEU O 159 82.89 -37.96 13.09
C LEU O 159 81.47 -37.40 12.98
N CYS O 160 81.36 -36.10 13.17
CA CYS O 160 80.07 -35.42 13.14
C CYS O 160 80.23 -34.14 12.32
N ASN O 161 80.00 -34.26 11.01
CA ASN O 161 80.07 -33.13 10.09
C ASN O 161 78.67 -32.83 9.61
N ARG O 162 78.21 -31.61 9.84
CA ARG O 162 76.84 -31.24 9.51
C ARG O 162 76.79 -30.52 8.17
N ASP O 163 75.71 -30.77 7.42
CA ASP O 163 75.46 -30.12 6.14
C ASP O 163 74.02 -29.66 6.13
N ARG O 164 73.81 -28.36 5.94
CA ARG O 164 72.50 -27.78 6.18
C ARG O 164 71.53 -28.08 5.04
N ASP O 165 70.26 -27.85 5.32
CA ASP O 165 69.19 -27.92 4.34
C ASP O 165 68.55 -26.56 4.22
N GLY O 166 68.12 -26.23 3.01
CA GLY O 166 67.49 -24.95 2.79
C GLY O 166 66.08 -24.88 3.31
N ASN O 167 65.21 -25.79 2.84
CA ASN O 167 63.79 -25.66 3.12
C ASN O 167 63.45 -26.13 4.53
N THR O 168 63.86 -27.34 4.89
CA THR O 168 63.41 -27.94 6.13
C THR O 168 64.13 -27.42 7.37
N LEU O 169 65.28 -26.76 7.18
CA LEU O 169 66.13 -26.21 8.25
C LEU O 169 66.53 -27.28 9.27
N THR O 170 67.19 -28.30 8.76
CA THR O 170 67.68 -29.42 9.57
C THR O 170 69.20 -29.46 9.47
N TYR O 171 69.79 -30.51 10.04
CA TYR O 171 71.24 -30.71 10.00
C TYR O 171 71.51 -32.17 9.70
N TYR O 172 71.61 -32.49 8.42
CA TYR O 172 71.89 -33.85 7.99
C TYR O 172 73.37 -34.17 8.22
N ARG O 173 73.71 -35.44 8.11
CA ARG O 173 75.08 -35.86 8.33
C ARG O 173 75.79 -36.09 7.01
N ARG O 174 77.11 -36.19 7.12
CA ARG O 174 77.98 -36.48 5.99
C ARG O 174 78.64 -37.82 6.24
N PRO O 175 78.24 -38.88 5.54
CA PRO O 175 78.94 -40.16 5.67
C PRO O 175 80.37 -40.07 5.16
N TRP O 176 81.16 -41.06 5.57
CA TRP O 176 82.60 -41.02 5.29
C TRP O 176 82.91 -41.17 3.81
N ASN O 177 82.04 -41.83 3.05
CA ASN O 177 82.33 -41.99 1.63
C ASN O 177 82.00 -40.76 0.81
N VAL O 178 81.18 -39.84 1.33
CA VAL O 178 80.84 -38.61 0.64
C VAL O 178 81.79 -37.51 1.08
N ALA O 179 82.54 -36.94 0.15
CA ALA O 179 83.52 -35.91 0.47
C ALA O 179 82.93 -34.51 0.50
N SER O 180 81.86 -34.26 -0.26
CA SER O 180 81.22 -32.96 -0.25
C SER O 180 79.77 -33.11 -0.65
N LEU O 181 78.92 -32.26 -0.08
CA LEU O 181 77.48 -32.39 -0.28
C LEU O 181 76.86 -31.01 -0.04
N ILE O 182 76.53 -30.32 -1.11
CA ILE O 182 75.88 -29.03 -1.02
C ILE O 182 74.42 -29.23 -1.34
N TYR O 183 73.58 -28.32 -0.86
CA TYR O 183 72.17 -28.26 -1.25
C TYR O 183 71.93 -26.86 -1.82
N GLU O 184 72.12 -26.70 -3.13
CA GLU O 184 71.72 -25.45 -3.77
C GLU O 184 70.24 -25.50 -4.10
N THR O 185 69.78 -24.55 -4.90
CA THR O 185 68.46 -24.64 -5.52
C THR O 185 68.62 -24.03 -6.89
N LYS O 186 68.95 -24.84 -7.88
CA LYS O 186 69.36 -24.31 -9.17
C LYS O 186 68.30 -24.67 -10.19
N GLY O 187 67.39 -23.75 -10.46
CA GLY O 187 66.36 -23.99 -11.45
C GLY O 187 66.81 -23.45 -12.79
N GLU O 188 66.45 -24.14 -13.87
CA GLU O 188 67.01 -23.77 -15.16
C GLU O 188 66.10 -24.24 -16.27
N LYS O 189 65.40 -23.31 -16.93
CA LYS O 189 64.50 -23.68 -18.02
C LYS O 189 65.07 -23.23 -19.34
N ASN O 190 65.31 -24.17 -20.23
CA ASN O 190 65.50 -23.85 -21.63
C ASN O 190 64.14 -23.88 -22.32
N PHE O 191 64.01 -23.10 -23.39
CA PHE O 191 62.82 -23.07 -24.20
C PHE O 191 63.27 -22.75 -25.60
N ARG O 192 62.76 -23.45 -26.60
CA ARG O 192 63.02 -23.09 -27.98
C ARG O 192 61.74 -23.25 -28.77
N THR O 193 61.60 -22.44 -29.81
CA THR O 193 60.62 -22.71 -30.84
C THR O 193 61.15 -22.24 -32.19
N GLU O 194 61.37 -23.18 -33.09
CA GLU O 194 61.80 -22.87 -34.43
C GLU O 194 60.62 -22.99 -35.38
N HIS O 195 60.77 -22.37 -36.53
CA HIS O 195 59.67 -22.32 -37.48
C HIS O 195 60.28 -22.10 -38.86
N TYR O 196 59.90 -22.92 -39.81
CA TYR O 196 60.31 -22.73 -41.19
C TYR O 196 59.08 -22.81 -42.07
N GLU O 197 59.08 -22.03 -43.15
CA GLU O 197 57.96 -22.04 -44.07
C GLU O 197 58.48 -21.69 -45.44
N GLU O 198 57.89 -22.29 -46.47
CA GLU O 198 58.29 -21.98 -47.84
C GLU O 198 57.11 -22.18 -48.76
N GLN O 199 56.52 -21.09 -49.25
CA GLN O 199 55.53 -21.21 -50.30
C GLN O 199 56.22 -21.04 -51.65
N ILE O 200 55.66 -21.66 -52.68
CA ILE O 200 56.08 -21.39 -54.05
C ILE O 200 54.87 -21.58 -54.96
N GLU O 201 54.69 -20.65 -55.88
CA GLU O 201 53.61 -20.70 -56.87
C GLU O 201 54.22 -20.47 -58.23
N ALA O 202 54.38 -21.53 -59.02
CA ALA O 202 54.82 -21.43 -60.39
C ALA O 202 53.60 -21.46 -61.32
N PHE O 203 53.79 -20.93 -62.52
CA PHE O 203 52.66 -20.64 -63.40
C PHE O 203 53.19 -20.49 -64.81
N LYS O 204 52.52 -21.11 -65.79
CA LYS O 204 52.95 -21.01 -67.19
C LYS O 204 51.74 -21.17 -68.10
N SER O 205 51.38 -20.11 -68.81
CA SER O 205 50.25 -20.11 -69.74
C SER O 205 50.73 -19.87 -71.16
N ILE O 206 50.08 -20.51 -72.12
CA ILE O 206 50.39 -20.35 -73.55
C ILE O 206 49.07 -20.24 -74.31
N ILE O 207 48.94 -19.26 -75.18
CA ILE O 207 47.82 -19.15 -76.11
C ILE O 207 48.40 -19.06 -77.52
N GLN O 208 47.90 -19.89 -78.44
CA GLN O 208 48.34 -19.84 -79.82
C GLN O 208 47.13 -19.79 -80.72
N GLU O 209 47.28 -19.15 -81.87
CA GLU O 209 46.16 -19.02 -82.80
C GLU O 209 46.71 -18.78 -84.19
N LYS O 210 46.19 -19.51 -85.18
CA LYS O 210 46.39 -19.16 -86.58
C LYS O 210 45.05 -19.15 -87.27
N THR O 211 44.81 -18.12 -88.07
CA THR O 211 43.57 -18.00 -88.83
C THR O 211 43.97 -17.71 -90.27
N SER O 212 43.88 -18.72 -91.14
CA SER O 212 44.24 -18.60 -92.55
C SER O 212 42.98 -18.63 -93.41
N ASN O 213 42.93 -17.75 -94.42
CA ASN O 213 41.76 -17.61 -95.27
C ASN O 213 42.23 -17.37 -96.70
N PHE O 214 41.90 -18.28 -97.61
CA PHE O 214 42.30 -18.19 -99.01
C PHE O 214 41.04 -18.13 -99.86
N ASN O 215 40.97 -17.18 -100.79
CA ASN O 215 39.77 -16.96 -101.59
C ASN O 215 40.17 -16.79 -103.04
N ALA O 216 39.64 -17.62 -103.93
CA ALA O 216 39.82 -17.41 -105.35
C ALA O 216 38.57 -16.74 -105.92
N ALA O 217 38.57 -16.51 -107.22
CA ALA O 217 37.42 -15.94 -107.92
C ALA O 217 37.44 -16.31 -109.40
N PHE O 249 32.00 -19.57 -109.79
CA PHE O 249 33.42 -19.62 -110.10
C PHE O 249 34.27 -19.10 -108.95
N ARG O 250 34.45 -19.90 -107.89
CA ARG O 250 35.39 -19.56 -106.84
C ARG O 250 35.83 -20.84 -106.13
N PHE O 251 36.63 -20.65 -105.09
CA PHE O 251 37.11 -21.72 -104.22
C PHE O 251 37.66 -21.07 -102.96
N SER O 252 37.15 -21.47 -101.80
CA SER O 252 37.63 -20.95 -100.53
C SER O 252 38.33 -22.05 -99.75
N TYR O 253 39.17 -21.61 -98.81
CA TYR O 253 39.84 -22.54 -97.91
C TYR O 253 40.19 -21.79 -96.63
N SER O 254 39.50 -22.12 -95.55
CA SER O 254 39.69 -21.43 -94.29
C SER O 254 40.21 -22.42 -93.25
N LYS O 255 40.82 -21.88 -92.20
CA LYS O 255 41.28 -22.67 -91.06
C LYS O 255 41.42 -21.73 -89.88
N ASN O 256 40.90 -22.13 -88.72
CA ASN O 256 40.99 -21.33 -87.50
C ASN O 256 41.46 -22.27 -86.38
N GLU O 257 42.77 -22.45 -86.27
CA GLU O 257 43.32 -23.30 -85.22
C GLU O 257 43.59 -22.44 -83.98
N THR O 258 43.14 -22.91 -82.83
CA THR O 258 43.22 -22.17 -81.57
C THR O 258 43.72 -23.11 -80.49
N TYR O 259 45.02 -23.08 -80.22
CA TYR O 259 45.61 -23.91 -79.19
C TYR O 259 45.70 -23.13 -77.89
N GLN O 260 45.62 -23.83 -76.77
CA GLN O 260 45.83 -23.20 -75.49
C GLN O 260 46.51 -24.23 -74.59
N LEU O 261 47.20 -23.73 -73.57
CA LEU O 261 47.90 -24.57 -72.61
C LEU O 261 48.01 -23.78 -71.32
N PHE O 262 48.01 -24.46 -70.20
CA PHE O 262 47.91 -23.79 -68.91
C PHE O 262 48.48 -24.72 -67.86
N LEU O 263 49.37 -24.24 -67.03
CA LEU O 263 49.93 -25.07 -65.96
C LEU O 263 50.12 -24.23 -64.71
N SER O 264 49.75 -24.78 -63.58
CA SER O 264 50.03 -24.17 -62.29
C SER O 264 50.84 -25.15 -61.44
N TYR O 265 51.43 -24.62 -60.37
CA TYR O 265 52.09 -25.47 -59.37
C TYR O 265 52.14 -24.64 -58.09
N SER O 266 51.19 -24.88 -57.18
CA SER O 266 51.05 -24.03 -56.00
C SER O 266 51.31 -24.86 -54.76
N SER O 267 52.58 -25.01 -54.39
CA SER O 267 52.95 -25.91 -53.30
C SER O 267 53.54 -25.12 -52.16
N LYS O 268 53.05 -25.36 -50.95
CA LYS O 268 53.65 -24.79 -49.76
C LYS O 268 54.24 -25.90 -48.90
N LYS O 269 55.15 -25.51 -48.02
CA LYS O 269 55.71 -26.42 -47.04
C LYS O 269 55.86 -25.66 -45.73
N GLU O 270 55.88 -26.40 -44.63
CA GLU O 270 55.98 -25.83 -43.32
C GLU O 270 56.65 -26.85 -42.43
N LYS O 271 57.41 -26.39 -41.44
CA LYS O 271 58.09 -27.32 -40.54
C LYS O 271 58.35 -26.59 -39.23
N MET O 272 57.58 -26.91 -38.21
CA MET O 272 57.70 -26.25 -36.93
C MET O 272 58.64 -27.08 -36.04
N PHE O 273 58.95 -26.56 -34.86
CA PHE O 273 59.68 -27.30 -33.84
C PHE O 273 59.47 -26.55 -32.53
N LEU O 274 59.40 -27.28 -31.44
CA LEU O 274 59.31 -26.67 -30.13
C LEU O 274 60.08 -27.55 -29.18
N HIS O 275 60.58 -26.98 -28.08
CA HIS O 275 61.40 -27.77 -27.15
C HIS O 275 61.43 -27.07 -25.80
N VAL O 276 60.66 -27.51 -24.87
CA VAL O 276 60.76 -27.04 -23.51
C VAL O 276 61.71 -27.98 -22.79
N LYS O 277 62.51 -27.50 -21.83
CA LYS O 277 63.30 -28.42 -21.01
C LYS O 277 63.61 -27.73 -19.69
N GLY O 278 62.85 -28.06 -18.65
CA GLY O 278 63.12 -27.39 -17.39
C GLY O 278 63.76 -28.23 -16.32
N GLU O 279 65.06 -28.11 -16.13
CA GLU O 279 65.73 -28.86 -15.08
C GLU O 279 65.56 -28.16 -13.75
N ILE O 280 65.59 -28.95 -12.68
CA ILE O 280 65.58 -28.43 -11.31
C ILE O 280 66.62 -29.22 -10.53
N HIS O 281 67.67 -28.56 -10.07
CA HIS O 281 68.73 -29.25 -9.35
C HIS O 281 68.60 -28.95 -7.87
N LEU O 282 68.70 -29.99 -7.05
CA LEU O 282 68.84 -29.83 -5.61
C LEU O 282 70.18 -30.47 -5.23
N GLY O 283 71.23 -29.67 -5.31
CA GLY O 283 72.50 -30.12 -4.79
C GLY O 283 73.21 -31.14 -5.64
N ARG O 284 74.24 -31.72 -5.06
CA ARG O 284 75.14 -32.63 -5.75
C ARG O 284 75.93 -33.41 -4.70
N PHE O 285 76.90 -34.20 -5.14
CA PHE O 285 77.78 -34.93 -4.23
C PHE O 285 79.05 -35.30 -4.96
N VAL O 286 80.12 -35.49 -4.21
CA VAL O 286 81.40 -35.95 -4.75
C VAL O 286 81.94 -37.04 -3.84
N MET O 287 82.17 -38.23 -4.38
CA MET O 287 82.65 -39.34 -3.60
C MET O 287 84.16 -39.25 -3.40
N ARG O 288 84.73 -40.16 -2.62
CA ARG O 288 86.15 -40.14 -2.35
C ARG O 288 86.88 -41.16 -3.21
N ASN O 289 88.19 -41.24 -3.02
CA ASN O 289 89.04 -42.10 -3.83
C ASN O 289 90.05 -42.93 -3.04
N ARG O 290 90.42 -42.52 -1.83
CA ARG O 290 91.34 -43.28 -1.00
C ARG O 290 90.75 -43.46 0.39
N ASP O 291 91.13 -44.57 1.04
CA ASP O 291 90.61 -45.00 2.34
C ASP O 291 89.08 -45.10 2.32
N VAL O 292 88.58 -45.74 1.27
CA VAL O 292 87.15 -45.85 1.03
C VAL O 292 86.68 -47.19 1.59
N VAL O 293 85.57 -47.18 2.31
CA VAL O 293 84.98 -48.43 2.79
C VAL O 293 83.96 -48.90 1.76
N LEU O 294 83.89 -50.22 1.59
CA LEU O 294 82.96 -50.84 0.66
C LEU O 294 81.96 -51.69 1.45
N THR O 295 80.82 -51.98 0.83
CA THR O 295 79.79 -52.73 1.52
C THR O 295 80.19 -54.20 1.64
N THR O 296 79.40 -54.94 2.42
CA THR O 296 79.75 -56.33 2.73
C THR O 296 79.56 -57.24 1.52
N THR O 297 78.50 -57.01 0.75
CA THR O 297 78.16 -57.85 -0.38
C THR O 297 78.97 -57.54 -1.64
N PHE O 298 80.08 -56.86 -1.54
CA PHE O 298 80.87 -56.48 -2.71
C PHE O 298 82.32 -56.90 -2.59
N VAL O 299 82.89 -56.87 -1.38
CA VAL O 299 84.24 -57.37 -1.17
C VAL O 299 84.28 -58.89 -1.39
N ASP O 300 83.20 -59.58 -1.03
CA ASP O 300 83.11 -61.01 -1.29
C ASP O 300 83.05 -61.31 -2.78
N ASP O 301 82.30 -60.52 -3.54
CA ASP O 301 82.19 -60.75 -4.97
C ASP O 301 83.45 -60.36 -5.72
N ILE O 302 84.26 -59.44 -5.16
CA ILE O 302 85.59 -59.25 -5.73
C ILE O 302 86.49 -60.43 -5.35
N LYS O 303 86.34 -60.95 -4.13
CA LYS O 303 87.15 -62.08 -3.68
C LYS O 303 86.81 -63.37 -4.42
N ALA O 304 85.65 -63.47 -5.05
CA ALA O 304 85.24 -64.65 -5.79
C ALA O 304 85.52 -64.52 -7.29
N LEU O 305 86.48 -63.68 -7.67
CA LEU O 305 86.82 -63.56 -9.08
C LEU O 305 87.93 -64.54 -9.45
N PRO O 306 87.91 -65.11 -10.67
CA PRO O 306 88.72 -66.30 -10.96
C PRO O 306 90.22 -66.05 -11.12
N THR O 307 90.68 -64.79 -11.12
CA THR O 307 92.07 -64.36 -10.93
C THR O 307 92.96 -64.66 -12.15
N THR O 308 92.46 -65.43 -13.12
CA THR O 308 93.28 -65.89 -14.24
C THR O 308 92.78 -65.34 -15.58
N TYR O 309 91.97 -64.28 -15.56
CA TYR O 309 91.17 -63.81 -16.68
C TYR O 309 90.38 -64.96 -17.29
N GLU O 310 89.41 -65.42 -16.51
CA GLU O 310 88.40 -66.34 -17.01
C GLU O 310 87.17 -65.52 -17.36
N LYS O 311 86.81 -65.51 -18.63
CA LYS O 311 85.89 -64.53 -19.20
C LYS O 311 84.46 -64.68 -18.70
N GLY O 312 84.10 -65.84 -18.15
CA GLY O 312 82.72 -66.09 -17.80
C GLY O 312 82.22 -65.34 -16.58
N GLU O 313 83.10 -65.15 -15.59
CA GLU O 313 82.67 -64.55 -14.34
C GLU O 313 82.60 -63.02 -14.41
N TYR O 314 83.46 -62.39 -15.22
CA TYR O 314 83.51 -60.93 -15.23
C TYR O 314 82.30 -60.33 -15.93
N PHE O 315 81.74 -61.02 -16.93
CA PHE O 315 80.51 -60.52 -17.54
C PHE O 315 79.30 -60.69 -16.63
N ALA O 316 79.38 -61.53 -15.61
CA ALA O 316 78.33 -61.55 -14.61
C ALA O 316 78.57 -60.48 -13.54
N PHE O 317 79.84 -60.24 -13.20
CA PHE O 317 80.14 -59.22 -12.21
C PHE O 317 79.81 -57.82 -12.70
N LEU O 318 80.14 -57.52 -13.97
CA LEU O 318 79.93 -56.19 -14.50
C LEU O 318 78.47 -55.87 -14.75
N GLU O 319 77.60 -56.87 -14.78
CA GLU O 319 76.17 -56.62 -14.85
C GLU O 319 75.47 -56.90 -13.53
N THR O 320 76.19 -57.38 -12.53
CA THR O 320 75.64 -57.34 -11.19
C THR O 320 75.87 -56.00 -10.53
N TYR O 321 77.09 -55.45 -10.66
CA TYR O 321 77.44 -54.21 -9.96
C TYR O 321 77.76 -53.06 -10.89
N GLY O 322 77.31 -53.13 -12.15
CA GLY O 322 77.52 -52.02 -13.06
C GLY O 322 78.94 -51.88 -13.58
N THR O 323 79.13 -51.01 -14.56
CA THR O 323 80.44 -50.84 -15.15
C THR O 323 81.21 -49.71 -14.49
N HIS O 324 80.55 -48.59 -14.20
CA HIS O 324 81.18 -47.45 -13.58
C HIS O 324 80.37 -47.04 -12.35
N TYR O 325 81.00 -46.28 -11.46
CA TYR O 325 80.30 -45.69 -10.34
C TYR O 325 80.28 -44.18 -10.48
N SER O 326 79.15 -43.56 -10.14
CA SER O 326 79.02 -42.13 -10.28
C SER O 326 79.82 -41.39 -9.23
N SER O 327 81.05 -41.02 -9.56
CA SER O 327 81.92 -40.34 -8.62
C SER O 327 81.53 -38.90 -8.38
N SER O 328 80.67 -38.31 -9.21
CA SER O 328 80.20 -36.95 -8.99
C SER O 328 78.86 -36.79 -9.69
N GLY O 329 77.77 -36.84 -8.91
CA GLY O 329 76.44 -36.73 -9.45
C GLY O 329 75.83 -35.37 -9.23
N SER O 330 74.53 -35.28 -9.52
CA SER O 330 73.73 -34.08 -9.27
C SER O 330 72.27 -34.51 -9.30
N LEU O 331 71.59 -34.49 -8.16
CA LEU O 331 70.27 -35.07 -8.11
C LEU O 331 69.24 -34.02 -8.55
N GLY O 332 67.95 -34.34 -8.39
CA GLY O 332 66.88 -33.50 -8.90
C GLY O 332 66.61 -33.77 -10.36
N GLY O 333 65.35 -33.81 -10.77
CA GLY O 333 65.04 -34.30 -12.10
C GLY O 333 64.28 -33.39 -13.04
N LEU O 334 64.38 -33.67 -14.33
CA LEU O 334 63.92 -32.77 -15.38
C LEU O 334 62.52 -33.12 -15.85
N TYR O 335 62.07 -32.34 -16.82
CA TYR O 335 60.95 -32.70 -17.67
C TYR O 335 61.27 -32.18 -19.07
N GLU O 336 60.45 -32.53 -20.04
CA GLU O 336 60.78 -32.23 -21.43
C GLU O 336 59.55 -32.40 -22.31
N LEU O 337 59.29 -31.43 -23.17
CA LEU O 337 58.33 -31.56 -24.25
C LEU O 337 59.09 -31.45 -25.57
N ILE O 338 58.58 -32.10 -26.60
CA ILE O 338 59.05 -31.94 -27.98
C ILE O 338 57.82 -31.97 -28.87
N TYR O 339 57.70 -31.02 -29.78
CA TYR O 339 56.51 -30.89 -30.63
C TYR O 339 56.99 -30.75 -32.06
N VAL O 340 57.10 -31.85 -32.79
CA VAL O 340 57.63 -31.79 -34.15
C VAL O 340 56.44 -31.86 -35.11
N LEU O 341 56.05 -30.72 -35.65
CA LEU O 341 55.06 -30.74 -36.70
C LEU O 341 55.79 -30.89 -38.03
N ASP O 342 55.04 -31.22 -39.07
CA ASP O 342 55.53 -31.26 -40.44
C ASP O 342 54.32 -31.17 -41.33
N LYS O 343 54.44 -30.42 -42.42
CA LYS O 343 53.35 -30.29 -43.36
C LYS O 343 53.95 -30.27 -44.75
N ALA O 344 53.23 -30.80 -45.72
CA ALA O 344 53.65 -30.67 -47.11
C ALA O 344 52.38 -30.71 -47.96
N SER O 345 51.84 -29.54 -48.25
CA SER O 345 50.82 -29.50 -49.28
C SER O 345 51.48 -29.56 -50.64
N MET O 346 50.66 -29.82 -51.67
CA MET O 346 51.12 -29.70 -53.05
C MET O 346 49.88 -29.65 -53.93
N LYS O 347 49.84 -28.72 -54.85
CA LYS O 347 48.89 -28.78 -55.94
C LYS O 347 49.65 -28.87 -57.25
N ARG O 348 48.98 -29.36 -58.28
CA ARG O 348 49.43 -29.15 -59.64
C ARG O 348 48.21 -29.29 -60.54
N LYS O 349 48.22 -28.59 -61.66
CA LYS O 349 47.08 -28.54 -62.53
C LYS O 349 47.52 -28.75 -63.97
N GLY O 350 46.54 -28.75 -64.86
CA GLY O 350 46.79 -28.68 -66.28
C GLY O 350 45.48 -28.49 -67.01
N VAL O 351 45.39 -27.47 -67.86
CA VAL O 351 44.17 -27.13 -68.57
C VAL O 351 44.56 -26.99 -70.04
N GLU O 352 44.11 -27.92 -70.87
CA GLU O 352 44.52 -28.00 -72.25
C GLU O 352 43.29 -27.85 -73.13
N LEU O 353 43.47 -27.29 -74.32
CA LEU O 353 42.32 -26.93 -75.14
C LEU O 353 42.76 -26.87 -76.59
N LYS O 354 41.93 -27.38 -77.49
CA LYS O 354 42.22 -27.37 -78.91
C LYS O 354 40.93 -27.12 -79.69
N ASP O 355 41.09 -26.59 -80.90
CA ASP O 355 39.96 -26.19 -81.74
C ASP O 355 40.44 -26.09 -83.18
N ILE O 356 39.63 -26.60 -84.09
CA ILE O 356 39.84 -26.46 -85.53
C ILE O 356 38.48 -26.16 -86.15
N LYS O 357 38.35 -25.01 -86.79
CA LYS O 357 37.08 -24.58 -87.38
C LYS O 357 37.30 -24.38 -88.88
N ARG O 358 37.19 -25.47 -89.63
CA ARG O 358 37.38 -25.41 -91.07
C ARG O 358 36.08 -25.08 -91.79
N CYS O 359 36.20 -24.58 -93.01
CA CYS O 359 35.05 -24.28 -93.83
C CYS O 359 35.46 -24.38 -95.28
N LEU O 360 34.46 -24.49 -96.16
CA LEU O 360 34.67 -24.42 -97.60
C LEU O 360 33.33 -24.11 -98.24
N GLY O 361 33.36 -23.41 -99.37
CA GLY O 361 32.13 -23.16 -100.09
C GLY O 361 32.34 -22.42 -101.38
N TYR O 362 31.67 -22.83 -102.45
CA TYR O 362 31.79 -22.14 -103.71
C TYR O 362 30.51 -22.19 -104.53
N HIS O 363 30.24 -21.07 -105.20
CA HIS O 363 29.22 -20.93 -106.23
C HIS O 363 29.87 -21.17 -107.59
N LEU O 364 29.26 -22.03 -108.39
CA LEU O 364 29.77 -22.29 -109.73
C LEU O 364 28.65 -22.17 -110.76
N PHE O 379 24.30 -23.77 -109.33
CA PHE O 379 25.15 -24.71 -108.61
C PHE O 379 25.60 -24.07 -107.31
N ASN O 380 25.84 -24.88 -106.27
CA ASN O 380 26.43 -24.42 -105.02
C ASN O 380 26.93 -25.63 -104.25
N LYS O 381 28.05 -25.47 -103.56
CA LYS O 381 28.45 -26.50 -102.61
C LYS O 381 29.11 -25.81 -101.43
N ASP O 382 28.88 -26.31 -100.22
CA ASP O 382 29.61 -25.83 -99.06
C ASP O 382 29.64 -26.89 -97.98
N ASP O 383 30.57 -26.72 -97.04
CA ASP O 383 30.55 -27.45 -95.80
C ASP O 383 31.24 -26.63 -94.72
N CYS O 384 30.91 -26.95 -93.47
CA CYS O 384 31.52 -26.33 -92.31
C CYS O 384 31.86 -27.44 -91.32
N VAL O 385 33.12 -27.52 -90.91
CA VAL O 385 33.60 -28.57 -90.03
C VAL O 385 34.09 -27.91 -88.75
N LYS O 386 33.67 -28.43 -87.61
CA LYS O 386 34.16 -27.94 -86.33
C LYS O 386 34.67 -29.13 -85.52
N ARG O 387 35.76 -28.90 -84.78
CA ARG O 387 36.28 -29.90 -83.87
C ARG O 387 36.84 -29.16 -82.67
N GLY O 388 36.56 -29.65 -81.47
CA GLY O 388 37.06 -29.00 -80.28
C GLY O 388 37.28 -29.97 -79.14
N GLU O 389 38.49 -29.99 -78.60
CA GLU O 389 38.83 -30.89 -77.52
C GLU O 389 39.21 -30.09 -76.29
N GLY O 390 38.91 -30.63 -75.13
CA GLY O 390 39.29 -30.00 -73.88
C GLY O 390 39.78 -31.05 -72.91
N ARG O 391 40.84 -30.76 -72.17
CA ARG O 391 41.34 -31.68 -71.17
C ARG O 391 41.66 -30.92 -69.90
N ALA O 392 41.50 -31.59 -68.76
CA ALA O 392 41.79 -30.94 -67.49
C ALA O 392 42.24 -31.99 -66.49
N VAL O 393 43.25 -31.63 -65.71
CA VAL O 393 43.77 -32.47 -64.63
C VAL O 393 44.01 -31.57 -63.42
N ASN O 394 43.44 -31.94 -62.28
CA ASN O 394 43.82 -31.35 -61.00
C ASN O 394 44.36 -32.47 -60.12
N ILE O 395 45.52 -32.25 -59.50
CA ILE O 395 46.09 -33.22 -58.58
C ILE O 395 46.46 -32.47 -57.31
N THR O 396 45.81 -32.79 -56.20
CA THR O 396 46.00 -32.07 -54.95
C THR O 396 46.44 -33.06 -53.89
N SER O 397 47.73 -33.07 -53.57
CA SER O 397 48.24 -33.97 -52.54
C SER O 397 48.50 -33.20 -51.25
N GLU O 398 48.50 -33.94 -50.15
CA GLU O 398 48.79 -33.35 -48.86
C GLU O 398 49.34 -34.40 -47.92
N ASN O 399 50.42 -34.06 -47.24
CA ASN O 399 50.95 -34.83 -46.14
C ASN O 399 50.93 -33.95 -44.90
N LEU O 400 50.69 -34.57 -43.75
CA LEU O 400 50.80 -33.88 -42.48
C LEU O 400 51.29 -34.88 -41.46
N ILE O 401 52.21 -34.45 -40.60
CA ILE O 401 52.75 -35.28 -39.54
C ILE O 401 52.76 -34.43 -38.27
N ASP O 402 52.33 -35.00 -37.16
CA ASP O 402 52.53 -34.38 -35.87
C ASP O 402 53.11 -35.42 -34.94
N ASP O 403 54.24 -35.11 -34.33
CA ASP O 403 54.80 -35.85 -33.23
C ASP O 403 54.75 -34.98 -31.99
N VAL O 404 54.43 -35.59 -30.87
CA VAL O 404 54.59 -34.97 -29.56
C VAL O 404 55.27 -36.01 -28.70
N VAL O 405 56.30 -35.61 -27.97
CA VAL O 405 56.92 -36.44 -26.96
C VAL O 405 56.89 -35.65 -25.66
N SER O 406 56.53 -36.30 -24.57
CA SER O 406 56.70 -35.69 -23.26
C SER O 406 57.38 -36.68 -22.34
N LEU O 407 58.23 -36.17 -21.47
CA LEU O 407 58.96 -37.00 -20.53
C LEU O 407 59.04 -36.22 -19.23
N ILE O 408 59.00 -36.93 -18.11
CA ILE O 408 59.08 -36.27 -16.81
C ILE O 408 59.65 -37.23 -15.79
N ARG O 409 60.66 -36.77 -15.05
CA ARG O 409 61.34 -37.60 -14.07
C ARG O 409 61.25 -36.93 -12.71
N GLY O 410 61.34 -37.73 -11.66
CA GLY O 410 61.35 -37.17 -10.32
C GLY O 410 60.02 -36.68 -9.79
N GLY O 411 59.82 -36.78 -8.49
CA GLY O 411 58.66 -36.21 -7.85
C GLY O 411 57.70 -37.29 -7.36
N THR O 412 56.72 -36.83 -6.59
CA THR O 412 55.70 -37.73 -6.08
C THR O 412 54.75 -38.08 -7.21
N ARG O 413 54.01 -39.17 -7.01
CA ARG O 413 53.14 -39.72 -8.03
C ARG O 413 51.95 -38.82 -8.35
N LYS O 414 51.56 -37.95 -7.42
CA LYS O 414 50.30 -37.24 -7.56
C LYS O 414 50.42 -35.93 -8.32
N TYR O 415 51.55 -35.23 -8.21
CA TYR O 415 51.68 -33.92 -8.84
C TYR O 415 52.34 -33.95 -10.20
N ALA O 416 53.30 -34.87 -10.41
CA ALA O 416 54.03 -34.92 -11.66
C ALA O 416 53.13 -35.28 -12.83
N PHE O 417 52.16 -36.15 -12.60
CA PHE O 417 51.28 -36.58 -13.67
C PHE O 417 50.05 -35.68 -13.80
N GLU O 418 49.89 -34.73 -12.88
CA GLU O 418 49.10 -33.55 -13.18
C GLU O 418 49.87 -32.63 -14.11
N LEU O 419 51.17 -32.45 -13.83
CA LEU O 419 52.00 -31.52 -14.59
C LEU O 419 52.17 -31.95 -16.05
N LYS O 420 52.33 -33.25 -16.28
CA LYS O 420 52.56 -33.74 -17.64
C LYS O 420 51.35 -33.50 -18.54
N GLU O 421 50.16 -33.79 -18.04
CA GLU O 421 48.96 -33.51 -18.81
C GLU O 421 48.65 -32.02 -18.90
N LYS O 422 49.07 -31.20 -17.91
CA LYS O 422 48.92 -29.77 -18.10
C LYS O 422 49.89 -29.23 -19.14
N LEU O 423 51.03 -29.91 -19.35
CA LEU O 423 51.89 -29.56 -20.47
C LEU O 423 51.24 -29.92 -21.79
N LEU O 424 50.78 -31.15 -21.93
CA LEU O 424 50.35 -31.64 -23.23
C LEU O 424 48.99 -31.15 -23.66
N ARG O 425 48.25 -30.49 -22.78
CA ARG O 425 46.99 -29.87 -23.18
C ARG O 425 47.22 -28.72 -24.13
N GLY O 426 48.36 -28.04 -24.01
CA GLY O 426 48.66 -26.89 -24.83
C GLY O 426 48.22 -25.57 -24.24
N THR O 427 47.31 -25.59 -23.27
CA THR O 427 46.91 -24.37 -22.60
C THR O 427 48.01 -23.92 -21.64
N VAL O 428 47.89 -22.67 -21.17
CA VAL O 428 48.87 -22.13 -20.26
C VAL O 428 48.68 -22.76 -18.88
N ILE O 429 49.78 -23.03 -18.20
CA ILE O 429 49.79 -23.64 -16.88
C ILE O 429 49.90 -22.51 -15.86
N ASP O 430 48.88 -22.36 -15.02
CA ASP O 430 48.98 -21.43 -13.91
C ASP O 430 50.05 -21.90 -12.93
N VAL O 431 50.70 -20.96 -12.26
CA VAL O 431 51.91 -21.29 -11.50
C VAL O 431 51.42 -21.76 -10.14
N THR O 432 50.93 -23.01 -10.13
CA THR O 432 50.65 -23.76 -8.92
C THR O 432 50.99 -25.23 -9.06
N ASP O 433 51.21 -25.73 -10.27
CA ASP O 433 51.55 -27.12 -10.50
C ASP O 433 53.05 -27.33 -10.65
N PHE O 434 53.75 -26.38 -11.28
CA PHE O 434 55.20 -26.45 -11.32
C PHE O 434 55.79 -26.21 -9.94
N VAL O 435 55.16 -25.35 -9.15
CA VAL O 435 55.58 -25.11 -7.77
C VAL O 435 55.34 -26.35 -6.92
N ASN O 436 54.19 -27.01 -7.10
CA ASN O 436 53.89 -28.20 -6.31
C ASN O 436 54.78 -29.37 -6.72
N TRP O 437 55.10 -29.50 -8.01
CA TRP O 437 56.04 -30.53 -8.41
C TRP O 437 57.44 -30.23 -7.90
N ALA O 438 57.81 -28.94 -7.84
CA ALA O 438 59.13 -28.60 -7.36
C ALA O 438 59.24 -28.73 -5.85
N SER O 439 58.12 -28.62 -5.14
CA SER O 439 58.14 -28.98 -3.72
C SER O 439 58.11 -30.49 -3.54
N SER O 440 57.51 -31.19 -4.50
CA SER O 440 57.48 -32.64 -4.47
C SER O 440 58.85 -33.25 -4.70
N ILE O 441 59.71 -32.58 -5.47
CA ILE O 441 60.98 -33.16 -5.90
C ILE O 441 61.96 -33.34 -4.75
N ASN O 442 61.69 -32.74 -3.58
CA ASN O 442 62.50 -33.01 -2.41
C ASN O 442 62.31 -34.44 -1.91
N ASP O 443 61.12 -35.02 -2.13
CA ASP O 443 60.86 -36.37 -1.65
C ASP O 443 61.53 -37.42 -2.53
N ALA O 444 61.35 -37.34 -3.85
CA ALA O 444 61.78 -38.38 -4.78
C ALA O 444 62.74 -37.79 -5.81
N PRO O 445 64.02 -37.70 -5.49
CA PRO O 445 64.99 -37.20 -6.47
C PRO O 445 65.37 -38.26 -7.48
N VAL O 446 65.83 -37.80 -8.64
CA VAL O 446 66.26 -38.64 -9.73
C VAL O 446 67.57 -38.10 -10.26
N LEU O 447 68.59 -38.96 -10.34
CA LEU O 447 69.91 -38.54 -10.78
C LEU O 447 69.87 -38.04 -12.22
N ILE O 448 70.57 -36.95 -12.50
CA ILE O 448 70.37 -36.23 -13.75
C ILE O 448 71.67 -35.96 -14.50
N SER O 449 72.83 -35.95 -13.86
CA SER O 449 74.08 -35.65 -14.54
C SER O 449 75.22 -36.18 -13.69
N GLN O 450 76.14 -36.91 -14.31
CA GLN O 450 77.14 -37.64 -13.57
C GLN O 450 78.47 -37.59 -14.31
N LYS O 451 79.54 -37.74 -13.56
CA LYS O 451 80.90 -37.81 -14.11
C LYS O 451 81.47 -39.16 -13.70
N LEU O 452 81.56 -40.07 -14.67
CA LEU O 452 81.81 -41.47 -14.38
C LEU O 452 83.27 -41.69 -13.96
N SER O 453 83.56 -42.92 -13.57
CA SER O 453 84.88 -43.37 -13.13
C SER O 453 84.86 -44.88 -13.14
N PRO O 454 85.91 -45.55 -13.62
CA PRO O 454 85.84 -46.99 -13.82
C PRO O 454 85.93 -47.75 -12.51
N ILE O 455 85.29 -48.92 -12.50
CA ILE O 455 85.13 -49.67 -11.25
C ILE O 455 86.42 -50.35 -10.82
N TYR O 456 87.40 -50.46 -11.69
CA TYR O 456 88.72 -50.92 -11.26
C TYR O 456 89.58 -49.81 -10.69
N ASN O 457 88.99 -48.63 -10.45
CA ASN O 457 89.60 -47.62 -9.61
C ASN O 457 89.01 -47.65 -8.21
N LEU O 458 88.42 -48.79 -7.84
CA LEU O 458 87.70 -48.94 -6.58
C LEU O 458 88.05 -50.23 -5.84
N VAL O 459 88.55 -51.25 -6.54
CA VAL O 459 88.99 -52.51 -5.93
C VAL O 459 90.13 -52.25 -4.97
N PRO O 460 90.01 -52.63 -3.70
CA PRO O 460 91.05 -52.32 -2.72
C PRO O 460 92.32 -53.11 -2.98
N VAL O 461 93.42 -52.59 -2.43
CA VAL O 461 94.74 -53.14 -2.66
C VAL O 461 95.21 -53.99 -1.49
N LYS O 462 94.55 -53.87 -0.33
CA LYS O 462 94.86 -54.69 0.84
C LYS O 462 94.60 -56.17 0.58
N MET O 463 93.59 -56.49 -0.22
CA MET O 463 93.24 -57.88 -0.48
C MET O 463 94.25 -58.54 -1.42
N LYS O 464 94.22 -59.87 -1.43
CA LYS O 464 95.20 -60.65 -2.17
C LYS O 464 94.85 -60.68 -3.66
N ASN O 465 95.91 -60.72 -4.48
CA ASN O 465 95.84 -60.68 -5.95
C ASN O 465 95.05 -59.48 -6.45
N ALA O 466 95.29 -58.32 -5.84
CA ALA O 466 94.51 -57.13 -6.16
C ALA O 466 94.87 -56.58 -7.54
N HIS O 467 96.17 -56.56 -7.86
CA HIS O 467 96.58 -56.01 -9.14
C HIS O 467 96.19 -56.92 -10.30
N LEU O 468 96.16 -58.24 -10.07
CA LEU O 468 95.74 -59.15 -11.13
C LEU O 468 94.25 -59.01 -11.42
N LYS O 469 93.44 -58.83 -10.37
CA LYS O 469 92.02 -58.61 -10.58
C LYS O 469 91.74 -57.25 -11.21
N LYS O 470 92.57 -56.24 -10.89
CA LYS O 470 92.42 -54.96 -11.56
C LYS O 470 92.86 -55.05 -13.02
N GLN O 471 93.88 -55.87 -13.31
CA GLN O 471 94.29 -56.12 -14.69
C GLN O 471 93.22 -56.88 -15.46
N ASN O 472 92.45 -57.72 -14.78
CA ASN O 472 91.35 -58.40 -15.43
C ASN O 472 90.20 -57.43 -15.71
N LEU O 473 89.85 -56.61 -14.72
CA LEU O 473 88.72 -55.70 -14.87
C LEU O 473 89.02 -54.53 -15.79
N GLU O 474 90.29 -54.21 -16.03
CA GLU O 474 90.57 -53.14 -16.97
C GLU O 474 90.44 -53.59 -18.43
N ARG O 475 90.51 -54.90 -18.68
CA ARG O 475 90.26 -55.44 -20.00
C ARG O 475 88.84 -55.95 -20.18
N ALA O 476 88.18 -56.31 -19.07
CA ALA O 476 86.80 -56.78 -19.16
C ALA O 476 85.86 -55.67 -19.59
N ILE O 477 86.16 -54.42 -19.23
CA ILE O 477 85.32 -53.31 -19.66
C ILE O 477 85.50 -53.05 -21.16
N GLU O 478 86.73 -53.20 -21.66
CA GLU O 478 86.96 -53.08 -23.10
C GLU O 478 86.27 -54.19 -23.87
N ASP O 479 86.33 -55.43 -23.36
CA ASP O 479 85.64 -56.52 -24.02
C ASP O 479 84.13 -56.38 -23.93
N TYR O 480 83.61 -55.83 -22.83
CA TYR O 480 82.17 -55.65 -22.70
C TYR O 480 81.68 -54.54 -23.62
N ILE O 481 82.45 -53.46 -23.75
CA ILE O 481 82.01 -52.38 -24.62
C ILE O 481 82.25 -52.73 -26.09
N ASN O 482 83.12 -53.70 -26.37
CA ASN O 482 83.33 -54.10 -27.76
C ASN O 482 82.29 -55.12 -28.19
N GLU O 483 82.05 -56.16 -27.38
CA GLU O 483 81.26 -57.29 -27.82
C GLU O 483 79.77 -57.04 -27.80
N PHE O 484 79.29 -56.07 -27.02
CA PHE O 484 77.90 -55.65 -27.08
C PHE O 484 77.75 -54.29 -27.76
N SER O 485 78.72 -53.89 -28.58
CA SER O 485 78.61 -52.65 -29.30
C SER O 485 77.60 -52.76 -30.43
N VAL O 486 77.12 -51.60 -30.90
CA VAL O 486 76.16 -51.57 -32.00
C VAL O 486 76.83 -51.76 -33.35
N ARG O 487 78.17 -51.72 -33.40
CA ARG O 487 78.91 -51.77 -34.65
C ARG O 487 79.15 -53.20 -35.13
N LYS O 488 78.37 -54.17 -34.68
CA LYS O 488 78.38 -55.50 -35.29
C LYS O 488 77.21 -55.74 -36.21
N CYS O 489 76.04 -55.15 -35.90
CA CYS O 489 74.89 -55.26 -36.78
C CYS O 489 75.07 -54.37 -38.00
N HIS O 490 74.75 -54.91 -39.17
CA HIS O 490 74.85 -54.14 -40.40
C HIS O 490 73.77 -53.07 -40.44
N THR O 491 74.16 -51.85 -40.81
CA THR O 491 73.31 -50.68 -40.61
C THR O 491 72.12 -50.69 -41.57
N CYS O 492 71.03 -50.08 -41.12
CA CYS O 492 69.83 -49.95 -41.92
C CYS O 492 69.94 -48.77 -42.87
N GLN O 493 69.37 -48.93 -44.05
CA GLN O 493 69.42 -47.88 -45.07
C GLN O 493 68.34 -46.84 -44.81
N ASN O 494 68.25 -45.88 -45.74
CA ASN O 494 67.26 -44.80 -45.78
C ASN O 494 67.30 -43.91 -44.55
N GLY O 495 68.45 -43.81 -43.90
CA GLY O 495 68.57 -43.02 -42.68
C GLY O 495 68.08 -43.71 -41.44
N GLY O 496 67.95 -45.03 -41.46
CA GLY O 496 67.49 -45.75 -40.28
C GLY O 496 68.59 -45.94 -39.26
N THR O 497 68.38 -45.41 -38.06
CA THR O 497 69.35 -45.52 -36.97
C THR O 497 69.17 -46.85 -36.25
N VAL O 498 70.23 -47.65 -36.23
CA VAL O 498 70.18 -48.97 -35.61
C VAL O 498 70.35 -48.81 -34.10
N ILE O 499 69.57 -49.59 -33.35
CA ILE O 499 69.60 -49.57 -31.88
C ILE O 499 69.73 -50.99 -31.37
N LEU O 500 70.83 -51.27 -30.69
CA LEU O 500 70.96 -52.57 -30.05
C LEU O 500 70.04 -52.64 -28.84
N MET O 501 69.23 -53.69 -28.76
CA MET O 501 68.26 -53.85 -27.68
C MET O 501 67.94 -55.33 -27.59
N ASP O 502 68.20 -55.92 -26.41
CA ASP O 502 67.96 -57.34 -26.11
C ASP O 502 68.76 -58.25 -27.05
N GLY O 503 69.90 -57.78 -27.54
CA GLY O 503 70.63 -58.51 -28.56
C GLY O 503 69.89 -58.63 -29.87
N LYS O 504 69.04 -57.66 -30.19
CA LYS O 504 68.20 -57.69 -31.38
C LYS O 504 68.16 -56.28 -31.95
N CYS O 505 68.98 -56.03 -32.96
CA CYS O 505 69.20 -54.69 -33.49
C CYS O 505 67.95 -54.22 -34.24
N LEU O 506 67.15 -53.41 -33.59
CA LEU O 506 65.98 -52.79 -34.20
C LEU O 506 66.33 -51.40 -34.71
N CYS O 507 65.80 -51.05 -35.88
CA CYS O 507 66.07 -49.77 -36.50
C CYS O 507 64.84 -48.86 -36.45
N ALA O 508 65.08 -47.57 -36.25
CA ALA O 508 64.03 -46.56 -36.24
C ALA O 508 64.10 -45.76 -37.53
N CYS O 509 62.96 -45.66 -38.22
CA CYS O 509 62.87 -45.02 -39.52
C CYS O 509 62.32 -43.61 -39.40
N PRO O 510 62.90 -42.63 -40.08
CA PRO O 510 62.46 -41.24 -39.90
C PRO O 510 61.18 -40.85 -40.64
N PHE O 511 60.08 -40.78 -39.89
CA PHE O 511 58.88 -39.98 -40.17
C PHE O 511 58.01 -40.42 -41.34
N LYS O 512 58.49 -41.32 -42.19
CA LYS O 512 57.69 -41.71 -43.34
C LYS O 512 57.70 -43.21 -43.62
N PHE O 513 58.60 -43.97 -43.04
CA PHE O 513 58.90 -45.31 -43.50
C PHE O 513 58.38 -46.30 -42.47
N GLU O 514 57.37 -47.09 -42.84
CA GLU O 514 56.80 -48.04 -41.91
C GLU O 514 57.50 -49.39 -41.92
N GLY O 515 58.37 -49.64 -42.90
CA GLY O 515 59.01 -50.92 -43.01
C GLY O 515 60.10 -51.13 -41.99
N ILE O 516 60.48 -52.39 -41.80
CA ILE O 516 61.54 -52.72 -40.85
C ILE O 516 62.88 -52.24 -41.38
N ALA O 517 63.09 -52.34 -42.68
CA ALA O 517 64.31 -51.87 -43.32
C ALA O 517 64.16 -50.47 -43.91
N CYS O 518 63.16 -49.72 -43.44
CA CYS O 518 62.89 -48.32 -43.84
C CYS O 518 62.65 -48.17 -45.34
N GLU O 519 62.06 -49.18 -45.97
CA GLU O 519 61.98 -49.22 -47.42
C GLU O 519 60.71 -48.58 -47.96
N ILE O 520 59.54 -48.98 -47.46
CA ILE O 520 58.28 -48.51 -47.98
C ILE O 520 58.08 -47.04 -47.58
N SER O 521 57.68 -46.22 -48.54
CA SER O 521 57.49 -44.80 -48.33
C SER O 521 56.02 -44.43 -48.50
N LYS O 522 55.72 -43.17 -48.25
CA LYS O 522 54.36 -42.65 -48.44
C LYS O 522 54.41 -41.26 -49.08
N SER P 18 42.05 -75.84 -50.75
CA SER P 18 42.68 -75.43 -49.50
C SER P 18 42.30 -76.39 -48.38
N HIS P 19 43.19 -77.34 -48.08
CA HIS P 19 42.93 -78.34 -47.06
C HIS P 19 44.26 -78.88 -46.55
N ILE P 20 44.69 -78.41 -45.38
CA ILE P 20 45.93 -78.85 -44.76
C ILE P 20 45.58 -79.44 -43.39
N ASP P 21 46.18 -80.58 -43.07
CA ASP P 21 45.99 -81.23 -41.78
C ASP P 21 47.32 -81.32 -41.04
N CYS P 22 47.22 -81.65 -39.76
CA CYS P 22 48.41 -81.81 -38.94
C CYS P 22 49.14 -83.10 -39.30
N ARG P 23 50.44 -83.11 -38.97
CA ARG P 23 51.30 -84.25 -39.25
C ARG P 23 52.15 -84.55 -38.03
N MET P 24 52.64 -85.78 -37.97
CA MET P 24 53.53 -86.19 -36.89
C MET P 24 54.65 -87.06 -37.44
N SER P 25 55.86 -86.82 -36.94
CA SER P 25 56.97 -87.74 -37.17
C SER P 25 56.74 -89.02 -36.37
N PRO P 26 57.32 -90.13 -36.79
CA PRO P 26 57.24 -91.35 -35.97
C PRO P 26 58.10 -91.24 -34.72
N TRP P 27 57.76 -92.05 -33.73
CA TRP P 27 58.45 -92.03 -32.45
C TRP P 27 59.87 -92.58 -32.60
N SER P 28 60.73 -92.19 -31.67
CA SER P 28 62.12 -92.62 -31.69
C SER P 28 62.24 -93.99 -31.01
N GLU P 29 63.47 -94.39 -30.71
CA GLU P 29 63.71 -95.63 -30.00
C GLU P 29 63.75 -95.39 -28.50
N TRP P 30 63.39 -96.42 -27.74
CA TRP P 30 63.43 -96.35 -26.29
C TRP P 30 64.87 -96.32 -25.82
N SER P 31 65.26 -95.26 -25.11
CA SER P 31 66.67 -94.98 -24.90
C SER P 31 67.30 -95.88 -23.84
N GLN P 32 66.89 -95.72 -22.58
CA GLN P 32 67.50 -96.39 -21.45
C GLN P 32 66.67 -96.11 -20.21
N CYS P 33 66.55 -97.11 -19.34
CA CYS P 33 66.05 -96.87 -17.99
C CYS P 33 67.00 -95.93 -17.27
N ASP P 34 66.56 -94.71 -17.03
CA ASP P 34 67.32 -93.79 -16.20
C ASP P 34 67.25 -94.29 -14.77
N PRO P 35 68.37 -94.71 -14.17
CA PRO P 35 68.29 -95.49 -12.93
C PRO P 35 67.91 -94.66 -11.72
N CYS P 36 68.15 -93.35 -11.77
CA CYS P 36 67.80 -92.47 -10.67
C CYS P 36 66.34 -92.01 -10.75
N LEU P 37 65.61 -92.39 -11.80
CA LEU P 37 64.19 -92.06 -11.91
C LEU P 37 63.31 -93.22 -12.34
N ARG P 38 63.90 -94.36 -12.72
CA ARG P 38 63.20 -95.61 -13.06
C ARG P 38 62.24 -95.47 -14.23
N GLN P 39 62.56 -94.59 -15.18
CA GLN P 39 61.69 -94.34 -16.33
C GLN P 39 62.53 -94.17 -17.57
N MET P 40 62.16 -94.85 -18.66
CA MET P 40 62.76 -94.60 -19.95
C MET P 40 61.88 -93.65 -20.76
N PHE P 41 62.52 -92.73 -21.47
CA PHE P 41 61.81 -91.70 -22.21
C PHE P 41 62.02 -91.90 -23.70
N ARG P 42 61.06 -91.47 -24.49
CA ARG P 42 61.21 -91.45 -25.93
C ARG P 42 60.38 -90.29 -26.48
N SER P 43 60.67 -89.89 -27.70
CA SER P 43 60.09 -88.66 -28.22
C SER P 43 59.98 -88.72 -29.73
N ARG P 44 59.49 -87.61 -30.30
CA ARG P 44 59.36 -87.43 -31.73
C ARG P 44 59.35 -85.92 -31.99
N SER P 45 59.02 -85.53 -33.22
CA SER P 45 58.92 -84.12 -33.54
C SER P 45 57.62 -83.81 -34.27
N ILE P 46 57.48 -82.57 -34.73
CA ILE P 46 56.29 -82.13 -35.45
C ILE P 46 56.73 -81.62 -36.81
N GLU P 47 56.17 -82.20 -37.88
CA GLU P 47 56.57 -81.79 -39.22
C GLU P 47 55.82 -80.53 -39.65
N VAL P 48 54.50 -80.62 -39.80
CA VAL P 48 53.70 -79.52 -40.32
C VAL P 48 52.48 -79.35 -39.43
N PHE P 49 52.29 -78.14 -38.92
CA PHE P 49 51.11 -77.83 -38.13
C PHE P 49 49.89 -77.72 -39.02
N GLY P 50 48.71 -77.91 -38.42
CA GLY P 50 47.48 -77.78 -39.17
C GLY P 50 47.20 -76.34 -39.53
N GLN P 51 46.54 -76.16 -40.67
CA GLN P 51 46.33 -74.83 -41.23
C GLN P 51 45.13 -74.89 -42.15
N PHE P 52 44.43 -73.75 -42.26
CA PHE P 52 43.25 -73.58 -43.12
C PHE P 52 42.14 -74.57 -42.77
N ASN P 53 41.63 -74.42 -41.54
CA ASN P 53 40.46 -75.14 -41.03
C ASN P 53 40.67 -76.65 -41.06
N GLY P 54 41.78 -77.08 -40.44
CA GLY P 54 42.16 -78.46 -40.42
C GLY P 54 42.38 -78.99 -39.01
N LYS P 55 42.95 -80.18 -38.90
CA LYS P 55 43.10 -80.83 -37.61
C LYS P 55 44.25 -80.22 -36.83
N ARG P 56 44.03 -80.00 -35.54
CA ARG P 56 45.02 -79.43 -34.66
C ARG P 56 45.99 -80.50 -34.17
N CYS P 57 47.24 -80.11 -33.95
CA CYS P 57 48.28 -81.08 -33.59
C CYS P 57 48.18 -81.51 -32.14
N THR P 58 47.87 -80.56 -31.24
CA THR P 58 47.64 -80.80 -29.81
C THR P 58 48.83 -81.45 -29.10
N ASP P 59 50.03 -80.92 -29.39
CA ASP P 59 51.21 -80.93 -28.50
C ASP P 59 51.58 -82.32 -27.98
N ALA P 60 51.64 -83.30 -28.88
CA ALA P 60 51.77 -84.70 -28.49
C ALA P 60 53.22 -85.18 -28.52
N VAL P 61 54.17 -84.31 -28.18
CA VAL P 61 55.57 -84.71 -28.13
C VAL P 61 55.92 -85.19 -26.74
N GLY P 62 56.94 -86.04 -26.65
CA GLY P 62 57.36 -86.57 -25.37
C GLY P 62 56.53 -87.73 -24.87
N ASP P 63 57.17 -88.72 -24.27
CA ASP P 63 56.46 -89.91 -23.80
C ASP P 63 57.25 -90.52 -22.66
N ARG P 64 56.54 -91.14 -21.73
CA ARG P 64 57.14 -91.75 -20.55
C ARG P 64 56.61 -93.17 -20.38
N ARG P 65 57.41 -94.02 -19.75
CA ARG P 65 57.02 -95.40 -19.51
C ARG P 65 57.83 -95.94 -18.35
N GLN P 66 57.17 -96.62 -17.42
CA GLN P 66 57.85 -97.13 -16.24
C GLN P 66 58.68 -98.36 -16.62
N CYS P 67 59.86 -98.49 -16.01
CA CYS P 67 60.67 -99.68 -16.18
C CYS P 67 61.47 -99.93 -14.91
N VAL P 68 61.76 -101.20 -14.67
CA VAL P 68 62.57 -101.59 -13.52
C VAL P 68 64.02 -101.16 -13.76
N PRO P 69 64.73 -100.61 -12.76
CA PRO P 69 66.14 -100.27 -12.98
C PRO P 69 67.03 -101.49 -13.08
N THR P 70 67.52 -101.75 -14.29
CA THR P 70 68.35 -102.93 -14.52
C THR P 70 69.77 -102.76 -14.01
N GLU P 71 70.25 -101.53 -13.91
CA GLU P 71 71.58 -101.24 -13.38
C GLU P 71 71.48 -99.95 -12.56
N PRO P 72 71.46 -100.05 -11.23
CA PRO P 72 71.13 -98.88 -10.42
C PRO P 72 72.26 -97.85 -10.36
N CYS P 73 71.86 -96.59 -10.27
CA CYS P 73 72.79 -95.47 -10.18
C CYS P 73 73.22 -95.26 -8.72
N GLU P 74 74.20 -94.38 -8.54
CA GLU P 74 74.57 -93.96 -7.20
C GLU P 74 73.49 -93.08 -6.60
N ASP P 75 73.49 -92.99 -5.28
CA ASP P 75 72.50 -92.20 -4.55
C ASP P 75 72.78 -90.72 -4.81
N ALA P 76 71.97 -90.11 -5.66
CA ALA P 76 72.18 -88.73 -6.10
C ALA P 76 71.72 -87.79 -4.99
N GLU P 77 72.64 -87.47 -4.08
CA GLU P 77 72.39 -86.49 -3.04
C GLU P 77 73.64 -85.66 -2.83
N ASP P 78 73.45 -84.39 -2.49
CA ASP P 78 74.57 -83.48 -2.36
C ASP P 78 75.29 -83.67 -1.03
N ASP P 79 76.54 -83.22 -0.99
CA ASP P 79 77.36 -83.40 0.21
C ASP P 79 76.90 -82.44 1.30
N CYS P 80 76.63 -81.18 0.94
CA CYS P 80 76.27 -80.09 1.85
C CYS P 80 77.35 -79.92 2.93
N GLY P 81 78.55 -79.55 2.48
CA GLY P 81 79.72 -79.60 3.34
C GLY P 81 79.75 -78.46 4.35
N ASN P 82 79.80 -78.80 5.65
CA ASN P 82 79.98 -77.87 6.76
C ASN P 82 78.88 -76.81 6.83
N ASP P 83 77.70 -77.15 6.33
CA ASP P 83 76.55 -76.25 6.37
C ASP P 83 75.39 -76.96 7.03
N PHE P 84 74.56 -76.21 7.73
CA PHE P 84 73.38 -76.78 8.35
C PHE P 84 72.36 -77.11 7.27
N GLN P 85 72.19 -78.40 6.99
CA GLN P 85 71.12 -78.83 6.12
C GLN P 85 69.77 -78.62 6.80
N CYS P 86 68.76 -78.35 5.99
CA CYS P 86 67.44 -78.04 6.48
C CYS P 86 66.47 -79.15 6.09
N SER P 87 65.19 -78.93 6.39
CA SER P 87 64.14 -79.89 6.05
C SER P 87 63.52 -79.61 4.69
N THR P 88 64.25 -78.98 3.80
CA THR P 88 63.84 -78.75 2.42
C THR P 88 64.87 -79.24 1.41
N GLY P 89 66.16 -79.12 1.71
CA GLY P 89 67.22 -79.35 0.75
C GLY P 89 68.11 -78.17 0.51
N ARG P 90 67.82 -77.02 1.13
CA ARG P 90 68.66 -75.84 1.05
C ARG P 90 69.66 -75.86 2.20
N CYS P 91 70.90 -75.48 1.90
CA CYS P 91 71.97 -75.50 2.89
C CYS P 91 72.33 -74.05 3.24
N ILE P 92 72.01 -73.65 4.47
CA ILE P 92 72.32 -72.31 4.95
C ILE P 92 73.49 -72.39 5.93
N LYS P 93 73.99 -71.22 6.32
CA LYS P 93 75.14 -71.14 7.20
C LYS P 93 74.71 -71.14 8.66
N MET P 94 75.68 -71.08 9.57
CA MET P 94 75.39 -71.05 10.99
C MET P 94 75.01 -69.66 11.48
N ARG P 95 75.42 -68.61 10.75
CA ARG P 95 75.09 -67.23 11.09
C ARG P 95 73.58 -66.97 11.03
N LEU P 96 72.85 -67.74 10.23
CA LEU P 96 71.42 -67.57 10.07
C LEU P 96 70.60 -68.27 11.15
N ARG P 97 71.22 -68.74 12.22
CA ARG P 97 70.51 -69.45 13.27
C ARG P 97 69.74 -68.48 14.16
N CYS P 98 68.45 -68.76 14.34
CA CYS P 98 67.55 -68.01 15.23
C CYS P 98 67.48 -66.53 14.91
N ASN P 99 67.61 -66.20 13.62
CA ASN P 99 67.63 -64.80 13.20
C ASN P 99 66.25 -64.20 13.03
N GLY P 100 65.19 -64.99 13.24
CA GLY P 100 63.85 -64.49 13.01
C GLY P 100 63.46 -64.36 11.56
N ASP P 101 64.21 -64.97 10.65
CA ASP P 101 63.91 -64.95 9.22
C ASP P 101 63.79 -66.38 8.70
N ASN P 102 62.77 -66.60 7.89
CA ASN P 102 62.50 -67.93 7.34
C ASN P 102 63.48 -68.30 6.25
N ASP P 103 64.62 -68.87 6.66
CA ASP P 103 65.74 -69.08 5.76
C ASP P 103 65.77 -70.46 5.14
N CYS P 104 65.46 -71.50 5.91
CA CYS P 104 65.39 -72.84 5.34
C CYS P 104 64.15 -73.04 4.50
N GLY P 105 63.11 -72.25 4.71
CA GLY P 105 61.86 -72.42 4.00
C GLY P 105 60.80 -73.04 4.89
N ASP P 106 61.20 -74.03 5.68
CA ASP P 106 60.31 -74.67 6.65
C ASP P 106 60.65 -74.26 8.08
N PHE P 107 61.03 -72.98 8.25
CA PHE P 107 60.96 -72.27 9.53
C PHE P 107 61.91 -72.87 10.56
N SER P 108 63.08 -73.30 10.09
CA SER P 108 64.04 -74.01 10.94
C SER P 108 64.97 -73.05 11.69
N ASP P 109 64.54 -71.81 11.90
CA ASP P 109 65.29 -70.84 12.70
C ASP P 109 64.54 -70.38 13.93
N GLU P 110 63.25 -70.05 13.80
CA GLU P 110 62.50 -69.44 14.88
C GLU P 110 61.82 -70.45 15.78
N ASP P 111 62.38 -71.65 15.93
CA ASP P 111 61.77 -72.66 16.79
C ASP P 111 62.74 -73.26 17.78
N ASP P 112 64.03 -73.35 17.40
CA ASP P 112 64.96 -74.22 18.11
C ASP P 112 65.43 -73.60 19.42
N CYS P 113 66.14 -72.48 19.34
CA CYS P 113 66.90 -72.01 20.49
C CYS P 113 66.04 -71.13 21.39
N GLU P 114 66.48 -70.98 22.63
CA GLU P 114 65.93 -70.00 23.56
C GLU P 114 66.77 -68.73 23.60
N SER P 115 67.63 -68.52 22.61
CA SER P 115 68.50 -67.36 22.56
C SER P 115 67.73 -66.16 22.02
N GLU P 116 68.44 -65.06 21.79
CA GLU P 116 67.81 -63.86 21.28
C GLU P 116 67.45 -64.05 19.81
N PRO P 117 66.34 -63.45 19.35
CA PRO P 117 66.03 -63.47 17.92
C PRO P 117 66.97 -62.62 17.08
N ARG P 118 67.70 -61.67 17.71
CA ARG P 118 68.68 -60.71 17.19
C ARG P 118 68.39 -60.19 15.78
N PRO P 119 67.29 -59.46 15.57
CA PRO P 119 66.91 -59.08 14.21
C PRO P 119 67.88 -58.06 13.63
N PRO P 120 68.43 -58.33 12.45
CA PRO P 120 69.37 -57.37 11.84
C PRO P 120 68.70 -56.07 11.47
N CYS P 121 67.45 -56.12 11.04
CA CYS P 121 66.62 -54.91 11.03
C CYS P 121 66.17 -54.66 12.46
N ARG P 122 66.75 -53.65 13.09
CA ARG P 122 66.43 -53.27 14.46
C ARG P 122 65.13 -52.48 14.52
N ASP P 123 64.92 -51.76 15.62
CA ASP P 123 63.70 -51.00 15.89
C ASP P 123 63.40 -49.87 14.91
N ARG P 124 64.23 -49.67 13.89
CA ARG P 124 63.89 -48.80 12.77
C ARG P 124 62.64 -49.32 12.06
N VAL P 125 61.88 -48.39 11.51
CA VAL P 125 60.62 -48.72 10.83
C VAL P 125 60.96 -49.43 9.53
N VAL P 126 60.76 -50.74 9.50
CA VAL P 126 61.15 -51.60 8.39
C VAL P 126 59.98 -52.51 8.06
N GLU P 127 59.58 -52.55 6.79
CA GLU P 127 58.41 -53.28 6.35
C GLU P 127 58.83 -54.39 5.40
N GLU P 128 57.85 -55.03 4.76
CA GLU P 128 58.11 -55.96 3.67
C GLU P 128 57.68 -55.30 2.37
N SER P 129 58.34 -55.69 1.28
CA SER P 129 58.15 -54.99 0.02
C SER P 129 56.89 -55.47 -0.69
N GLU P 130 56.63 -54.87 -1.84
CA GLU P 130 55.54 -55.29 -2.71
C GLU P 130 55.98 -55.55 -4.13
N LEU P 131 57.15 -55.07 -4.54
CA LEU P 131 57.67 -55.24 -5.89
C LEU P 131 58.80 -56.22 -5.95
N ALA P 132 59.58 -56.34 -4.87
CA ALA P 132 60.73 -57.22 -4.86
C ALA P 132 60.36 -58.67 -4.61
N ARG P 133 59.18 -58.94 -4.07
CA ARG P 133 58.85 -60.29 -3.64
C ARG P 133 58.58 -61.21 -4.82
N THR P 134 58.22 -60.65 -5.97
CA THR P 134 57.96 -61.42 -7.18
C THR P 134 58.94 -61.04 -8.29
N ALA P 135 60.22 -60.86 -7.94
CA ALA P 135 61.17 -60.23 -8.84
C ALA P 135 61.82 -61.20 -9.83
N GLY P 136 61.25 -62.37 -10.04
CA GLY P 136 61.78 -63.21 -11.10
C GLY P 136 61.14 -62.97 -12.44
N TYR P 137 59.82 -63.18 -12.50
CA TYR P 137 59.03 -63.20 -13.73
C TYR P 137 59.70 -64.03 -14.82
N GLY P 138 59.84 -65.33 -14.53
CA GLY P 138 60.44 -66.26 -15.47
C GLY P 138 59.64 -66.36 -16.75
N ILE P 139 60.16 -65.79 -17.82
CA ILE P 139 59.34 -65.42 -18.96
C ILE P 139 59.48 -66.49 -20.03
N ASN P 140 58.54 -66.49 -20.97
CA ASN P 140 58.55 -67.41 -22.09
C ASN P 140 58.69 -66.60 -23.37
N ILE P 141 59.16 -67.26 -24.44
CA ILE P 141 59.50 -66.58 -25.68
C ILE P 141 58.29 -66.07 -26.46
N LEU P 142 57.07 -66.46 -26.08
CA LEU P 142 55.89 -65.92 -26.75
C LEU P 142 55.71 -64.44 -26.42
N GLY P 143 55.94 -64.06 -25.17
CA GLY P 143 55.79 -62.69 -24.75
C GLY P 143 55.09 -62.55 -23.42
N MET P 144 54.34 -63.58 -23.04
CA MET P 144 53.63 -63.59 -21.76
C MET P 144 54.51 -64.18 -20.68
N ASP P 145 54.26 -63.75 -19.44
CA ASP P 145 55.19 -63.96 -18.34
C ASP P 145 54.58 -64.71 -17.17
N PRO P 146 54.83 -66.02 -17.03
CA PRO P 146 54.45 -66.70 -15.80
C PRO P 146 55.35 -66.27 -14.65
N LEU P 147 54.73 -65.99 -13.51
CA LEU P 147 55.41 -65.50 -12.31
C LEU P 147 56.11 -66.61 -11.53
N SER P 148 56.26 -67.79 -12.14
CA SER P 148 56.86 -68.96 -11.50
C SER P 148 58.34 -68.67 -11.31
N THR P 149 58.61 -67.91 -10.26
CA THR P 149 59.90 -67.34 -9.99
C THR P 149 60.87 -68.42 -9.57
N PRO P 150 61.95 -68.65 -10.30
CA PRO P 150 62.95 -69.61 -9.81
C PRO P 150 63.69 -69.07 -8.60
N PHE P 151 63.76 -67.76 -8.46
CA PHE P 151 64.38 -67.14 -7.31
C PHE P 151 63.49 -67.29 -6.08
N ASP P 152 64.08 -67.05 -4.92
CA ASP P 152 63.35 -67.05 -3.66
C ASP P 152 63.54 -65.69 -3.04
N ASN P 153 62.49 -64.87 -3.04
CA ASN P 153 62.56 -63.50 -2.54
C ASN P 153 62.08 -63.39 -1.10
N GLU P 154 62.33 -64.42 -0.30
CA GLU P 154 62.16 -64.34 1.14
C GLU P 154 63.46 -64.52 1.88
N PHE P 155 64.54 -64.90 1.18
CA PHE P 155 65.83 -65.13 1.80
C PHE P 155 66.52 -63.78 1.95
N TYR P 156 66.74 -63.35 3.19
CA TYR P 156 67.37 -62.07 3.44
C TYR P 156 68.84 -62.18 3.84
N ASN P 157 69.26 -63.36 4.28
CA ASN P 157 70.65 -63.67 4.66
C ASN P 157 71.16 -62.76 5.77
N GLY P 158 70.27 -62.38 6.69
CA GLY P 158 70.67 -61.63 7.87
C GLY P 158 71.17 -60.22 7.63
N LEU P 159 70.70 -59.58 6.57
CA LEU P 159 71.10 -58.21 6.26
C LEU P 159 69.89 -57.30 6.26
N CYS P 160 70.13 -56.01 6.42
CA CYS P 160 69.06 -55.02 6.50
C CYS P 160 69.46 -53.83 5.61
N ASN P 161 69.07 -53.91 4.33
CA ASN P 161 69.34 -52.85 3.38
C ASN P 161 68.01 -52.20 3.02
N ARG P 162 67.91 -50.89 3.25
CA ARG P 162 66.66 -50.18 3.04
C ARG P 162 66.65 -49.49 1.68
N ASP P 163 65.48 -49.45 1.05
CA ASP P 163 65.27 -48.77 -0.21
C ASP P 163 64.01 -47.95 -0.11
N ARG P 164 64.12 -46.65 -0.32
CA ARG P 164 63.04 -45.74 0.02
C ARG P 164 61.92 -45.79 -1.00
N ASP P 165 60.78 -45.23 -0.61
CA ASP P 165 59.63 -45.03 -1.47
C ASP P 165 59.36 -43.55 -1.58
N GLY P 166 58.91 -43.14 -2.75
CA GLY P 166 58.60 -41.73 -2.97
C GLY P 166 57.31 -41.29 -2.31
N ASN P 167 56.21 -41.95 -2.66
CA ASN P 167 54.90 -41.45 -2.24
C ASN P 167 54.60 -41.80 -0.79
N THR P 168 54.72 -43.08 -0.42
CA THR P 168 54.26 -43.51 0.89
C THR P 168 55.23 -43.18 2.02
N LEU P 169 56.49 -42.85 1.70
CA LEU P 169 57.55 -42.53 2.66
C LEU P 169 57.77 -43.66 3.66
N THR P 170 58.08 -44.83 3.13
CA THR P 170 58.35 -46.01 3.93
C THR P 170 59.78 -46.47 3.70
N TYR P 171 60.14 -47.62 4.24
CA TYR P 171 61.48 -48.18 4.06
C TYR P 171 61.33 -49.68 3.80
N TYR P 172 61.21 -50.02 2.52
CA TYR P 172 61.07 -51.41 2.12
C TYR P 172 62.43 -52.11 2.21
N ARG P 173 62.41 -53.43 2.13
CA ARG P 173 63.65 -54.18 2.22
C ARG P 173 64.14 -54.62 0.86
N ARG P 174 65.38 -55.05 0.83
CA ARG P 174 66.01 -55.57 -0.37
C ARG P 174 66.33 -57.03 -0.14
N PRO P 175 65.61 -57.96 -0.76
CA PRO P 175 65.95 -59.38 -0.63
C PRO P 175 67.29 -59.67 -1.29
N TRP P 176 67.85 -60.83 -0.93
CA TRP P 176 69.20 -61.18 -1.34
C TRP P 176 69.30 -61.43 -2.84
N ASN P 177 68.22 -61.84 -3.49
CA ASN P 177 68.31 -62.09 -4.91
C ASN P 177 68.21 -60.82 -5.75
N VAL P 178 67.73 -59.71 -5.18
CA VAL P 178 67.65 -58.45 -5.90
C VAL P 178 68.89 -57.63 -5.58
N ALA P 179 69.66 -57.27 -6.61
CA ALA P 179 70.90 -56.54 -6.44
C ALA P 179 70.69 -55.04 -6.40
N SER P 180 69.66 -54.53 -7.05
CA SER P 180 69.38 -53.11 -7.03
C SER P 180 67.91 -52.87 -7.29
N LEU P 181 67.37 -51.82 -6.67
CA LEU P 181 65.94 -51.57 -6.72
C LEU P 181 65.72 -50.08 -6.47
N ILE P 182 65.48 -49.34 -7.53
CA ILE P 182 65.20 -47.92 -7.42
C ILE P 182 63.70 -47.73 -7.58
N TYR P 183 63.18 -46.63 -7.06
CA TYR P 183 61.81 -46.20 -7.31
C TYR P 183 61.87 -44.80 -7.92
N GLU P 184 61.97 -44.70 -9.24
CA GLU P 184 61.85 -43.41 -9.88
C GLU P 184 60.37 -43.07 -10.07
N THR P 185 60.09 -42.04 -10.84
CA THR P 185 58.73 -41.80 -11.33
C THR P 185 58.90 -41.26 -12.74
N LYS P 186 58.89 -42.14 -13.71
CA LYS P 186 59.29 -41.75 -15.05
C LYS P 186 58.08 -41.84 -15.96
N GLY P 187 57.40 -40.71 -16.17
CA GLY P 187 56.25 -40.69 -17.05
C GLY P 187 56.68 -40.30 -18.45
N GLU P 188 56.04 -40.88 -19.44
CA GLU P 188 56.54 -40.69 -20.81
C GLU P 188 55.42 -40.91 -21.80
N LYS P 189 54.93 -39.85 -22.41
CA LYS P 189 53.86 -39.97 -23.39
C LYS P 189 54.38 -39.70 -24.80
N ASN P 190 54.26 -40.69 -25.67
CA ASN P 190 54.37 -40.44 -27.09
C ASN P 190 53.00 -40.12 -27.63
N PHE P 191 52.97 -39.35 -28.71
CA PHE P 191 51.73 -39.01 -29.40
C PHE P 191 52.11 -38.83 -30.86
N ARG P 192 51.33 -39.40 -31.76
CA ARG P 192 51.52 -39.14 -33.18
C ARG P 192 50.17 -38.96 -33.83
N THR P 193 50.14 -38.15 -34.89
CA THR P 193 49.02 -38.18 -35.81
C THR P 193 49.51 -37.87 -37.21
N GLU P 194 49.37 -38.85 -38.09
CA GLU P 194 49.72 -38.68 -39.48
C GLU P 194 48.46 -38.49 -40.29
N HIS P 195 48.64 -37.94 -41.49
CA HIS P 195 47.50 -37.63 -42.32
C HIS P 195 47.99 -37.59 -43.76
N TYR P 196 47.30 -38.29 -44.65
CA TYR P 196 47.60 -38.24 -46.06
C TYR P 196 46.30 -37.99 -46.82
N GLU P 197 46.40 -37.25 -47.91
CA GLU P 197 45.22 -36.98 -48.71
C GLU P 197 45.66 -36.80 -50.15
N GLU P 198 44.84 -37.23 -51.09
CA GLU P 198 45.16 -37.06 -52.50
C GLU P 198 43.87 -36.94 -53.29
N GLN P 199 43.53 -35.76 -53.76
CA GLN P 199 42.45 -35.63 -54.70
C GLN P 199 43.01 -35.65 -56.11
N ILE P 200 42.20 -36.11 -57.06
CA ILE P 200 42.53 -35.98 -58.48
C ILE P 200 41.22 -35.86 -59.25
N GLU P 201 41.20 -34.92 -60.19
CA GLU P 201 40.03 -34.70 -61.05
C GLU P 201 40.53 -34.65 -62.49
N ALA P 202 40.32 -35.73 -63.23
CA ALA P 202 40.62 -35.76 -64.66
C ALA P 202 39.36 -35.49 -65.45
N PHE P 203 39.54 -35.04 -66.68
CA PHE P 203 38.44 -34.48 -67.46
C PHE P 203 38.83 -34.48 -68.93
N LYS P 204 37.92 -34.92 -69.80
CA LYS P 204 38.22 -34.96 -71.24
C LYS P 204 36.92 -34.81 -72.02
N SER P 205 36.77 -33.69 -72.74
CA SER P 205 35.59 -33.41 -73.54
C SER P 205 35.97 -33.32 -75.01
N ILE P 206 35.07 -33.77 -75.89
CA ILE P 206 35.26 -33.71 -77.33
C ILE P 206 33.94 -33.27 -77.96
N ILE P 207 33.98 -32.31 -78.85
CA ILE P 207 32.83 -31.93 -79.67
C ILE P 207 33.25 -31.99 -81.13
N GLN P 208 32.47 -32.69 -81.97
CA GLN P 208 32.76 -32.77 -83.38
C GLN P 208 31.50 -32.41 -84.16
N GLU P 209 31.69 -31.84 -85.34
CA GLU P 209 30.56 -31.44 -86.16
C GLU P 209 31.00 -31.36 -87.61
N LYS P 210 30.20 -31.94 -88.51
CA LYS P 210 30.34 -31.68 -89.94
C LYS P 210 28.98 -31.32 -90.50
N THR P 211 28.92 -30.27 -91.31
CA THR P 211 27.69 -29.84 -91.94
C THR P 211 27.99 -29.69 -93.43
N SER P 212 27.55 -30.65 -94.24
CA SER P 212 27.78 -30.64 -95.68
C SER P 212 26.48 -30.35 -96.41
N ASN P 213 26.55 -29.50 -97.44
CA ASN P 213 25.37 -29.07 -98.18
C ASN P 213 25.73 -28.97 -99.66
N PHE P 214 25.09 -29.78 -100.50
CA PHE P 214 25.33 -29.81 -101.92
C PHE P 214 24.06 -29.44 -102.66
N ASN P 215 24.13 -28.52 -103.61
CA ASN P 215 22.95 -28.00 -104.29
C ASN P 215 23.23 -27.95 -105.78
N ALA P 216 22.42 -28.63 -106.57
CA ALA P 216 22.49 -28.48 -108.02
C ALA P 216 21.40 -27.52 -108.48
N ALA P 217 21.32 -27.32 -109.79
CA ALA P 217 20.29 -26.47 -110.39
C ALA P 217 20.05 -26.86 -111.84
N PHE P 249 13.95 -28.58 -111.57
CA PHE P 249 15.26 -28.99 -112.01
C PHE P 249 16.34 -28.71 -110.97
N ARG P 250 16.41 -29.52 -109.91
CA ARG P 250 17.51 -29.41 -108.96
C ARG P 250 17.69 -30.75 -108.26
N PHE P 251 18.61 -30.77 -107.30
CA PHE P 251 18.89 -31.93 -106.45
C PHE P 251 19.72 -31.42 -105.28
N SER P 252 19.25 -31.66 -104.06
CA SER P 252 19.98 -31.28 -102.87
C SER P 252 20.45 -32.50 -102.12
N TYR P 253 21.47 -32.30 -101.28
CA TYR P 253 21.97 -33.36 -100.41
C TYR P 253 22.63 -32.71 -99.22
N SER P 254 22.01 -32.83 -98.06
CA SER P 254 22.50 -32.21 -96.84
C SER P 254 22.86 -33.28 -95.83
N LYS P 255 23.68 -32.91 -94.86
CA LYS P 255 24.04 -33.77 -93.75
C LYS P 255 24.56 -32.89 -92.62
N ASN P 256 24.08 -33.13 -91.41
CA ASN P 256 24.50 -32.37 -90.23
C ASN P 256 24.82 -33.38 -89.13
N GLU P 257 26.05 -33.90 -89.14
CA GLU P 257 26.47 -34.85 -88.12
C GLU P 257 27.07 -34.08 -86.95
N THR P 258 26.64 -34.41 -85.74
CA THR P 258 27.05 -33.69 -84.53
C THR P 258 27.41 -34.72 -83.47
N TYR P 259 28.68 -35.03 -83.33
CA TYR P 259 29.15 -35.97 -82.33
C TYR P 259 29.57 -35.22 -81.07
N GLN P 260 29.43 -35.87 -79.93
CA GLN P 260 29.94 -35.29 -78.70
C GLN P 260 30.41 -36.45 -77.83
N LEU P 261 31.31 -36.15 -76.90
CA LEU P 261 31.87 -37.13 -75.98
C LEU P 261 32.33 -36.36 -74.75
N PHE P 262 32.26 -37.03 -73.61
CA PHE P 262 32.48 -36.33 -72.34
C PHE P 262 32.88 -37.37 -71.32
N LEU P 263 33.96 -37.12 -70.60
CA LEU P 263 34.40 -38.06 -69.57
C LEU P 263 34.94 -37.29 -68.38
N SER P 264 34.55 -37.71 -67.18
CA SER P 264 35.11 -37.18 -65.95
C SER P 264 35.74 -38.32 -65.17
N TYR P 265 36.55 -37.97 -64.17
CA TYR P 265 37.07 -38.93 -63.21
C TYR P 265 37.46 -38.14 -61.97
N SER P 266 36.59 -38.11 -60.97
CA SER P 266 36.80 -37.23 -59.82
C SER P 266 36.97 -38.09 -58.57
N SER P 267 38.19 -38.56 -58.32
CA SER P 267 38.42 -39.51 -57.24
C SER P 267 39.33 -38.89 -56.19
N LYS P 268 38.91 -38.98 -54.93
CA LYS P 268 39.77 -38.58 -53.83
C LYS P 268 40.14 -39.78 -53.01
N LYS P 269 41.20 -39.64 -52.22
CA LYS P 269 41.62 -40.65 -51.27
C LYS P 269 42.10 -39.95 -50.01
N GLU P 270 42.03 -40.66 -48.90
CA GLU P 270 42.41 -40.11 -47.62
C GLU P 270 42.90 -41.27 -46.76
N LYS P 271 43.86 -41.01 -45.87
CA LYS P 271 44.35 -42.06 -45.01
C LYS P 271 44.93 -41.42 -43.77
N MET P 272 44.22 -41.52 -42.66
CA MET P 272 44.64 -40.90 -41.42
C MET P 272 45.42 -41.93 -40.60
N PHE P 273 45.98 -41.50 -39.48
CA PHE P 273 46.60 -42.38 -38.50
C PHE P 273 46.73 -41.59 -37.22
N LEU P 274 46.59 -42.27 -36.10
CA LEU P 274 46.79 -41.63 -34.81
C LEU P 274 47.41 -42.68 -33.90
N HIS P 275 48.16 -42.25 -32.89
CA HIS P 275 48.83 -43.21 -32.01
C HIS P 275 49.20 -42.53 -30.70
N VAL P 276 48.43 -42.74 -29.69
CA VAL P 276 48.81 -42.29 -28.35
C VAL P 276 49.55 -43.45 -27.69
N LYS P 277 50.54 -43.18 -26.85
CA LYS P 277 51.15 -44.27 -26.07
C LYS P 277 51.76 -43.67 -24.81
N GLY P 278 51.06 -43.77 -23.69
CA GLY P 278 51.63 -43.17 -22.49
C GLY P 278 52.14 -44.14 -21.46
N GLU P 279 53.44 -44.37 -21.41
CA GLU P 279 54.00 -45.26 -20.40
C GLU P 279 54.15 -44.52 -19.07
N ILE P 280 54.10 -45.28 -17.98
CA ILE P 280 54.36 -44.76 -16.65
C ILE P 280 55.24 -45.79 -15.95
N HIS P 281 56.47 -45.43 -15.62
CA HIS P 281 57.38 -46.36 -14.99
C HIS P 281 57.50 -46.01 -13.51
N LEU P 282 57.40 -47.03 -12.67
CA LEU P 282 57.74 -46.90 -11.24
C LEU P 282 58.90 -47.86 -10.98
N GLY P 283 60.11 -47.38 -11.20
CA GLY P 283 61.27 -48.12 -10.80
C GLY P 283 61.60 -49.31 -11.68
N ARG P 284 62.50 -50.14 -11.16
CA ARG P 284 63.05 -51.27 -11.91
C ARG P 284 63.70 -52.20 -10.90
N PHE P 285 64.40 -53.22 -11.41
CA PHE P 285 65.14 -54.15 -10.56
C PHE P 285 66.19 -54.84 -11.41
N VAL P 286 67.25 -55.30 -10.76
CA VAL P 286 68.30 -56.08 -11.41
C VAL P 286 68.63 -57.27 -10.51
N MET P 287 68.48 -58.48 -11.03
CA MET P 287 68.74 -59.67 -10.25
C MET P 287 70.23 -59.97 -10.22
N ARG P 288 70.63 -60.99 -9.46
CA ARG P 288 72.03 -61.35 -9.34
C ARG P 288 72.37 -62.53 -10.23
N ASN P 289 73.63 -62.96 -10.16
CA ASN P 289 74.13 -64.02 -11.01
C ASN P 289 74.98 -65.07 -10.30
N ARG P 290 75.56 -64.76 -9.15
CA ARG P 290 76.34 -65.73 -8.39
C ARG P 290 75.87 -65.73 -6.95
N ASP P 291 76.02 -66.88 -6.29
CA ASP P 291 75.54 -67.15 -4.92
C ASP P 291 74.05 -66.85 -4.78
N VAL P 292 73.28 -67.33 -5.75
CA VAL P 292 71.86 -67.08 -5.85
C VAL P 292 71.12 -68.24 -5.20
N VAL P 293 70.14 -67.93 -4.36
CA VAL P 293 69.29 -68.98 -3.79
C VAL P 293 68.08 -69.18 -4.67
N LEU P 294 67.65 -70.44 -4.79
CA LEU P 294 66.51 -70.81 -5.59
C LEU P 294 65.42 -71.35 -4.68
N THR P 295 64.18 -71.34 -5.17
CA THR P 295 63.08 -71.79 -4.35
C THR P 295 63.08 -73.31 -4.22
N THR P 296 62.21 -73.81 -3.34
CA THR P 296 62.22 -75.23 -3.01
C THR P 296 61.67 -76.07 -4.16
N THR P 297 60.64 -75.58 -4.82
CA THR P 297 59.97 -76.32 -5.89
C THR P 297 60.68 -76.24 -7.23
N PHE P 298 61.95 -75.88 -7.26
CA PHE P 298 62.68 -75.73 -8.52
C PHE P 298 63.97 -76.52 -8.54
N VAL P 299 64.66 -76.62 -7.39
CA VAL P 299 65.85 -77.46 -7.30
C VAL P 299 65.47 -78.93 -7.45
N ASP P 300 64.29 -79.31 -6.96
CA ASP P 300 63.81 -80.68 -7.16
C ASP P 300 63.51 -80.97 -8.62
N ASP P 301 62.91 -80.01 -9.33
CA ASP P 301 62.60 -80.23 -10.74
C ASP P 301 63.84 -80.18 -11.62
N ILE P 302 64.90 -79.51 -11.19
CA ILE P 302 66.17 -79.68 -11.89
C ILE P 302 66.77 -81.05 -11.55
N LYS P 303 66.61 -81.50 -10.30
CA LYS P 303 67.15 -82.79 -9.89
C LYS P 303 66.41 -83.96 -10.54
N ALA P 304 65.20 -83.76 -11.04
CA ALA P 304 64.44 -84.80 -11.70
C ALA P 304 64.57 -84.76 -13.22
N LEU P 305 65.68 -84.22 -13.73
CA LEU P 305 65.88 -84.19 -15.17
C LEU P 305 66.65 -85.45 -15.62
N PRO P 306 66.35 -85.99 -16.80
CA PRO P 306 66.79 -87.36 -17.12
C PRO P 306 68.27 -87.52 -17.44
N THR P 307 69.03 -86.42 -17.53
CA THR P 307 70.51 -86.36 -17.50
C THR P 307 71.15 -86.90 -18.79
N THR P 308 70.38 -87.55 -19.67
CA THR P 308 70.92 -88.20 -20.86
C THR P 308 70.45 -87.56 -22.16
N TYR P 309 69.95 -86.33 -22.10
CA TYR P 309 69.18 -85.67 -23.15
C TYR P 309 68.05 -86.58 -23.63
N GLU P 310 67.08 -86.77 -22.74
CA GLU P 310 65.83 -87.39 -23.10
C GLU P 310 64.82 -86.28 -23.35
N LYS P 311 64.35 -86.19 -24.59
CA LYS P 311 63.66 -85.01 -25.10
C LYS P 311 62.29 -84.78 -24.46
N GLY P 312 61.70 -85.80 -23.83
CA GLY P 312 60.34 -85.67 -23.33
C GLY P 312 60.21 -84.80 -22.09
N GLU P 313 61.20 -84.83 -21.21
CA GLU P 313 61.08 -84.13 -19.94
C GLU P 313 61.40 -82.64 -20.06
N TYR P 314 62.30 -82.27 -20.97
CA TYR P 314 62.72 -80.87 -21.06
C TYR P 314 61.65 -79.98 -21.66
N PHE P 315 60.82 -80.51 -22.57
CA PHE P 315 59.71 -79.72 -23.07
C PHE P 315 58.60 -79.55 -22.05
N ALA P 316 58.56 -80.37 -21.01
CA ALA P 316 57.66 -80.10 -19.90
C ALA P 316 58.27 -79.12 -18.91
N PHE P 317 59.59 -79.22 -18.70
CA PHE P 317 60.26 -78.30 -17.78
C PHE P 317 60.25 -76.87 -18.30
N LEU P 318 60.51 -76.68 -19.60
CA LEU P 318 60.60 -75.35 -20.15
C LEU P 318 59.24 -74.66 -20.28
N GLU P 319 58.16 -75.40 -20.18
CA GLU P 319 56.85 -74.78 -20.11
C GLU P 319 56.23 -74.85 -18.73
N THR P 320 56.90 -75.49 -17.79
CA THR P 320 56.53 -75.30 -16.39
C THR P 320 57.17 -74.05 -15.82
N TYR P 321 58.47 -73.83 -16.09
CA TYR P 321 59.20 -72.73 -15.48
C TYR P 321 59.71 -71.71 -16.49
N GLY P 322 59.13 -71.67 -17.68
CA GLY P 322 59.52 -70.68 -18.65
C GLY P 322 60.86 -70.92 -19.31
N THR P 323 61.15 -70.15 -20.35
CA THR P 323 62.40 -70.33 -21.07
C THR P 323 63.51 -69.43 -20.53
N HIS P 324 63.19 -68.18 -20.22
CA HIS P 324 64.16 -67.23 -19.71
C HIS P 324 63.63 -66.62 -18.42
N TYR P 325 64.52 -66.03 -17.63
CA TYR P 325 64.11 -65.26 -16.48
C TYR P 325 64.48 -63.80 -16.67
N SER P 326 63.59 -62.91 -16.24
CA SER P 326 63.82 -61.48 -16.43
C SER P 326 64.89 -60.97 -15.49
N SER P 327 66.14 -60.95 -15.96
CA SER P 327 67.25 -60.52 -15.13
C SER P 327 67.27 -59.01 -14.91
N SER P 328 66.50 -58.23 -15.68
CA SER P 328 66.44 -56.79 -15.46
C SER P 328 65.12 -56.28 -16.03
N GLY P 329 64.15 -56.05 -15.15
CA GLY P 329 62.83 -55.59 -15.56
C GLY P 329 62.62 -54.12 -15.32
N SER P 330 61.37 -53.69 -15.49
CA SER P 330 60.94 -52.33 -15.21
C SER P 330 59.43 -52.36 -15.08
N LEU P 331 58.90 -52.15 -13.89
CA LEU P 331 57.48 -52.35 -13.68
C LEU P 331 56.72 -51.08 -14.04
N GLY P 332 55.42 -51.05 -13.74
CA GLY P 332 54.56 -49.97 -14.18
C GLY P 332 54.07 -50.18 -15.61
N GLY P 333 52.80 -49.88 -15.89
CA GLY P 333 52.24 -50.29 -17.16
C GLY P 333 51.64 -49.23 -18.04
N LEU P 334 51.54 -49.53 -19.32
CA LEU P 334 51.22 -48.57 -20.36
C LEU P 334 49.74 -48.53 -20.68
N TYR P 335 49.39 -47.68 -21.63
CA TYR P 335 48.14 -47.74 -22.36
C TYR P 335 48.43 -47.35 -23.78
N GLU P 336 47.45 -47.48 -24.67
CA GLU P 336 47.69 -47.29 -26.08
C GLU P 336 46.38 -47.13 -26.83
N LEU P 337 46.29 -46.15 -27.71
CA LEU P 337 45.22 -46.04 -28.67
C LEU P 337 45.83 -46.13 -30.05
N ILE P 338 45.07 -46.64 -31.01
CA ILE P 338 45.41 -46.63 -32.43
C ILE P 338 44.13 -46.36 -33.19
N TYR P 339 44.16 -45.42 -34.13
CA TYR P 339 42.96 -44.99 -34.86
C TYR P 339 43.31 -45.00 -36.34
N VAL P 340 43.05 -46.09 -37.04
CA VAL P 340 43.43 -46.19 -38.44
C VAL P 340 42.18 -45.95 -39.26
N LEU P 341 42.04 -44.77 -39.81
CA LEU P 341 40.97 -44.54 -40.76
C LEU P 341 41.48 -44.89 -42.14
N ASP P 342 40.57 -45.01 -43.09
CA ASP P 342 40.89 -45.20 -44.50
C ASP P 342 39.64 -44.80 -45.27
N LYS P 343 39.85 -44.14 -46.39
CA LYS P 343 38.73 -43.74 -47.23
C LYS P 343 39.18 -43.88 -48.67
N ALA P 344 38.23 -44.22 -49.54
CA ALA P 344 38.53 -44.22 -50.97
C ALA P 344 37.21 -43.93 -51.69
N SER P 345 36.95 -42.67 -51.96
CA SER P 345 35.88 -42.37 -52.88
C SER P 345 36.35 -42.62 -54.30
N MET P 346 35.39 -42.68 -55.23
CA MET P 346 35.71 -42.69 -56.66
C MET P 346 34.44 -42.32 -57.41
N LYS P 347 34.54 -41.42 -58.36
CA LYS P 347 33.50 -41.25 -59.35
C LYS P 347 34.08 -41.55 -60.72
N ARG P 348 33.19 -41.86 -61.66
CA ARG P 348 33.52 -41.80 -63.07
C ARG P 348 32.23 -41.62 -63.83
N LYS P 349 32.31 -40.96 -64.97
CA LYS P 349 31.12 -40.62 -65.73
C LYS P 349 31.34 -40.96 -67.20
N GLY P 350 30.30 -40.72 -67.98
CA GLY P 350 30.41 -40.73 -69.42
C GLY P 350 29.14 -40.20 -70.03
N VAL P 351 29.22 -39.21 -70.90
CA VAL P 351 28.06 -38.57 -71.51
C VAL P 351 28.31 -38.56 -73.00
N GLU P 352 27.54 -39.35 -73.74
CA GLU P 352 27.77 -39.54 -75.16
C GLU P 352 26.54 -39.09 -75.92
N LEU P 353 26.73 -38.61 -77.14
CA LEU P 353 25.64 -37.98 -77.85
C LEU P 353 25.91 -38.04 -79.34
N LYS P 354 24.89 -38.34 -80.13
CA LYS P 354 25.02 -38.42 -81.58
C LYS P 354 23.77 -37.85 -82.24
N ASP P 355 23.92 -37.39 -83.48
CA ASP P 355 22.86 -36.71 -84.20
C ASP P 355 23.19 -36.76 -85.69
N ILE P 356 22.18 -37.06 -86.50
CA ILE P 356 22.27 -36.99 -87.96
C ILE P 356 20.97 -36.36 -88.45
N LYS P 357 21.08 -35.22 -89.12
CA LYS P 357 19.92 -34.47 -89.60
C LYS P 357 20.01 -34.36 -91.12
N ARG P 358 19.54 -35.38 -91.81
CA ARG P 358 19.59 -35.39 -93.26
C ARG P 358 18.35 -34.75 -93.85
N CYS P 359 18.47 -34.31 -95.10
CA CYS P 359 17.35 -33.72 -95.82
C CYS P 359 17.56 -33.95 -97.30
N LEU P 360 16.49 -33.80 -98.06
CA LEU P 360 16.56 -33.80 -99.52
C LEU P 360 15.27 -33.16 -100.03
N GLY P 361 15.37 -32.51 -101.18
CA GLY P 361 14.18 -31.96 -101.79
C GLY P 361 14.43 -31.31 -103.13
N TYR P 362 13.56 -31.55 -104.11
CA TYR P 362 13.73 -30.92 -105.40
C TYR P 362 12.41 -30.65 -106.09
N HIS P 363 12.37 -29.51 -106.76
CA HIS P 363 11.31 -29.12 -107.69
C HIS P 363 11.73 -29.54 -109.09
N LEU P 364 10.83 -30.21 -109.81
CA LEU P 364 11.10 -30.61 -111.18
C LEU P 364 9.95 -30.21 -112.10
N PHE P 379 5.51 -30.60 -110.17
CA PHE P 379 6.16 -31.72 -109.51
C PHE P 379 6.91 -31.22 -108.28
N ASN P 380 7.03 -32.05 -107.25
CA ASN P 380 7.86 -31.73 -106.08
C ASN P 380 8.10 -33.02 -105.32
N LYS P 381 9.29 -33.16 -104.75
CA LYS P 381 9.52 -34.24 -103.80
C LYS P 381 10.45 -33.74 -102.72
N ASP P 382 10.23 -34.15 -101.47
CA ASP P 382 11.17 -33.86 -100.41
C ASP P 382 11.04 -34.88 -99.30
N ASP P 383 12.07 -34.94 -98.47
CA ASP P 383 12.00 -35.64 -97.19
C ASP P 383 12.99 -35.01 -96.22
N CYS P 384 12.72 -35.22 -94.95
CA CYS P 384 13.59 -34.77 -93.86
C CYS P 384 13.73 -35.91 -92.88
N VAL P 385 14.97 -36.32 -92.59
CA VAL P 385 15.24 -37.45 -91.72
C VAL P 385 16.03 -36.92 -90.53
N LYS P 386 15.61 -37.29 -89.33
CA LYS P 386 16.35 -36.94 -88.13
C LYS P 386 16.62 -38.21 -87.33
N ARG P 387 17.79 -38.26 -86.71
CA ARG P 387 18.14 -39.36 -85.81
C ARG P 387 19.00 -38.77 -84.70
N GLY P 388 18.71 -39.17 -83.47
CA GLY P 388 19.50 -38.66 -82.37
C GLY P 388 19.58 -39.62 -81.21
N GLU P 389 20.80 -39.96 -80.79
CA GLU P 389 21.00 -40.91 -79.72
C GLU P 389 21.70 -40.22 -78.57
N GLY P 390 21.40 -40.65 -77.36
CA GLY P 390 22.07 -40.12 -76.18
C GLY P 390 22.36 -41.25 -75.22
N ARG P 391 23.54 -41.24 -74.60
CA ARG P 391 23.89 -42.26 -73.62
C ARG P 391 24.52 -41.58 -72.42
N ALA P 392 24.31 -42.18 -71.25
CA ALA P 392 24.89 -41.61 -70.04
C ALA P 392 25.17 -42.73 -69.05
N VAL P 393 26.32 -42.64 -68.38
CA VAL P 393 26.70 -43.58 -67.33
C VAL P 393 27.30 -42.75 -66.19
N ASN P 394 26.77 -42.95 -64.98
CA ASN P 394 27.43 -42.47 -63.77
C ASN P 394 27.75 -43.67 -62.91
N ILE P 395 28.98 -43.76 -62.42
CA ILE P 395 29.38 -44.83 -61.51
C ILE P 395 30.07 -44.19 -60.32
N THR P 396 29.48 -44.32 -59.14
CA THR P 396 29.98 -43.66 -57.95
C THR P 396 30.27 -44.71 -56.89
N SER P 397 31.53 -45.06 -56.71
CA SER P 397 31.89 -46.05 -55.70
C SER P 397 32.47 -45.37 -54.48
N GLU P 398 32.41 -46.06 -53.35
CA GLU P 398 32.98 -45.55 -52.11
C GLU P 398 33.33 -46.70 -51.20
N ASN P 399 34.54 -46.65 -50.65
CA ASN P 399 34.96 -47.51 -49.56
C ASN P 399 35.30 -46.65 -48.37
N LEU P 400 35.03 -47.17 -47.18
CA LEU P 400 35.45 -46.51 -45.96
C LEU P 400 35.77 -47.60 -44.95
N ILE P 401 36.85 -47.41 -44.21
CA ILE P 401 37.26 -48.34 -43.16
C ILE P 401 37.63 -47.51 -41.95
N ASP P 402 37.19 -47.93 -40.77
CA ASP P 402 37.68 -47.37 -39.53
C ASP P 402 38.07 -48.52 -38.63
N ASP P 403 39.30 -48.50 -38.15
CA ASP P 403 39.76 -49.36 -37.08
C ASP P 403 40.07 -48.48 -35.88
N VAL P 404 39.71 -48.98 -34.70
CA VAL P 404 40.17 -48.41 -33.44
C VAL P 404 40.66 -49.58 -32.61
N VAL P 405 41.83 -49.45 -32.02
CA VAL P 405 42.31 -50.41 -31.03
C VAL P 405 42.63 -49.62 -29.78
N SER P 406 42.22 -50.14 -28.62
CA SER P 406 42.69 -49.58 -27.37
C SER P 406 43.18 -50.71 -26.48
N LEU P 407 44.22 -50.42 -25.71
CA LEU P 407 44.80 -51.40 -24.82
C LEU P 407 45.23 -50.67 -23.57
N ILE P 408 45.12 -51.32 -22.42
CA ILE P 408 45.50 -50.69 -21.16
C ILE P 408 45.91 -51.76 -20.17
N ARG P 409 47.07 -51.56 -19.55
CA ARG P 409 47.63 -52.54 -18.61
C ARG P 409 47.86 -51.85 -17.28
N GLY P 410 47.84 -52.62 -16.21
CA GLY P 410 48.14 -52.08 -14.90
C GLY P 410 47.06 -51.24 -14.27
N GLY P 411 46.98 -51.27 -12.95
CA GLY P 411 46.07 -50.41 -12.21
C GLY P 411 44.92 -51.19 -11.59
N THR P 412 44.19 -50.49 -10.75
CA THR P 412 43.03 -51.08 -10.10
C THR P 412 41.90 -51.19 -11.12
N ARG P 413 40.94 -52.05 -10.81
CA ARG P 413 39.84 -52.36 -11.71
C ARG P 413 38.91 -51.18 -11.93
N LYS P 414 38.86 -50.23 -11.02
CA LYS P 414 37.82 -49.21 -11.05
C LYS P 414 38.20 -47.99 -11.87
N TYR P 415 39.47 -47.61 -11.90
CA TYR P 415 39.86 -46.38 -12.59
C TYR P 415 40.35 -46.61 -14.01
N ALA P 416 41.00 -47.74 -14.27
CA ALA P 416 41.56 -48.00 -15.60
C ALA P 416 40.48 -48.13 -16.65
N PHE P 417 39.34 -48.70 -16.29
CA PHE P 417 38.27 -48.89 -17.25
C PHE P 417 37.32 -47.72 -17.30
N GLU P 418 37.50 -46.75 -16.40
CA GLU P 418 37.02 -45.40 -16.66
C GLU P 418 37.90 -44.73 -17.70
N LEU P 419 39.23 -44.89 -17.57
CA LEU P 419 40.19 -44.21 -18.45
C LEU P 419 40.08 -44.69 -19.89
N LYS P 420 39.87 -46.00 -20.09
CA LYS P 420 39.81 -46.55 -21.44
C LYS P 420 38.62 -46.02 -22.22
N GLU P 421 37.46 -45.96 -21.59
CA GLU P 421 36.30 -45.39 -22.25
C GLU P 421 36.38 -43.87 -22.36
N LYS P 422 37.09 -43.19 -21.47
CA LYS P 422 37.31 -41.77 -21.69
C LYS P 422 38.27 -41.51 -22.84
N LEU P 423 39.16 -42.46 -23.13
CA LEU P 423 39.96 -42.37 -24.34
C LEU P 423 39.10 -42.56 -25.58
N LEU P 424 38.32 -43.64 -25.62
CA LEU P 424 37.65 -44.02 -26.86
C LEU P 424 36.41 -43.18 -27.17
N ARG P 425 35.98 -42.34 -26.24
CA ARG P 425 34.88 -41.42 -26.54
C ARG P 425 35.31 -40.37 -27.55
N GLY P 426 36.58 -40.02 -27.58
CA GLY P 426 37.08 -39.00 -28.47
C GLY P 426 37.07 -37.60 -27.88
N THR P 427 36.29 -37.38 -26.83
CA THR P 427 36.30 -36.08 -26.17
C THR P 427 37.58 -35.92 -25.35
N VAL P 428 37.83 -34.69 -24.92
CA VAL P 428 39.01 -34.40 -24.13
C VAL P 428 38.81 -34.96 -22.72
N ILE P 429 39.88 -35.49 -22.15
CA ILE P 429 39.85 -36.06 -20.80
C ILE P 429 40.38 -35.00 -19.84
N ASP P 430 39.52 -34.57 -18.91
CA ASP P 430 39.97 -33.69 -17.85
C ASP P 430 40.98 -34.41 -16.97
N VAL P 431 41.91 -33.66 -16.40
CA VAL P 431 43.07 -34.29 -15.76
C VAL P 431 42.63 -34.61 -14.34
N THR P 432 41.85 -35.67 -14.23
CA THR P 432 41.51 -36.31 -12.98
C THR P 432 41.44 -37.82 -13.09
N ASP P 433 41.39 -38.37 -14.30
CA ASP P 433 41.33 -39.81 -14.50
C ASP P 433 42.69 -40.40 -14.78
N PHE P 434 43.55 -39.68 -15.52
CA PHE P 434 44.92 -40.12 -15.71
C PHE P 434 45.70 -40.04 -14.41
N VAL P 435 45.40 -39.02 -13.59
CA VAL P 435 46.01 -38.90 -12.26
C VAL P 435 45.54 -40.02 -11.34
N ASN P 436 44.25 -40.35 -11.39
CA ASN P 436 43.75 -41.42 -10.53
C ASN P 436 44.24 -42.78 -10.97
N TRP P 437 44.38 -43.00 -12.28
CA TRP P 437 44.97 -44.25 -12.75
C TRP P 437 46.45 -44.32 -12.38
N ALA P 438 47.14 -43.18 -12.41
CA ALA P 438 48.55 -43.19 -12.07
C ALA P 438 48.78 -43.32 -10.58
N SER P 439 47.81 -42.93 -9.76
CA SER P 439 47.89 -43.25 -8.34
C SER P 439 47.48 -44.69 -8.09
N SER P 440 46.63 -45.23 -8.97
CA SER P 440 46.23 -46.62 -8.87
C SER P 440 47.36 -47.57 -9.22
N ILE P 441 48.27 -47.15 -10.10
CA ILE P 441 49.30 -48.06 -10.62
C ILE P 441 50.32 -48.47 -9.57
N ASN P 442 50.34 -47.80 -8.41
CA ASN P 442 51.17 -48.26 -7.30
C ASN P 442 50.67 -49.58 -6.74
N ASP P 443 49.36 -49.84 -6.82
CA ASP P 443 48.80 -51.06 -6.26
C ASP P 443 49.08 -52.27 -7.16
N ALA P 444 48.79 -52.16 -8.45
CA ALA P 444 48.84 -53.29 -9.39
C ALA P 444 49.79 -52.99 -10.53
N PRO P 445 51.08 -53.23 -10.34
CA PRO P 445 52.03 -53.01 -11.43
C PRO P 445 52.03 -54.15 -12.44
N VAL P 446 52.46 -53.83 -13.65
CA VAL P 446 52.54 -54.77 -14.75
C VAL P 446 53.88 -54.59 -15.42
N LEU P 447 54.63 -55.70 -15.57
CA LEU P 447 55.96 -55.64 -16.17
C LEU P 447 55.89 -55.17 -17.61
N ILE P 448 56.81 -54.30 -17.99
CA ILE P 448 56.69 -53.57 -19.25
C ILE P 448 57.92 -53.67 -20.13
N SER P 449 59.10 -53.95 -19.61
CA SER P 449 60.31 -54.00 -20.42
C SER P 449 61.35 -54.80 -19.68
N GLN P 450 61.98 -55.74 -20.36
CA GLN P 450 62.84 -56.70 -19.68
C GLN P 450 64.04 -57.02 -20.57
N LYS P 451 65.11 -57.43 -19.92
CA LYS P 451 66.33 -57.87 -20.58
C LYS P 451 66.58 -59.31 -20.20
N LEU P 452 66.32 -60.22 -21.11
CA LEU P 452 66.24 -61.64 -20.81
C LEU P 452 67.62 -62.22 -20.53
N SER P 453 67.63 -63.49 -20.12
CA SER P 453 68.82 -64.26 -19.80
C SER P 453 68.42 -65.71 -19.75
N PRO P 454 69.19 -66.63 -20.31
CA PRO P 454 68.73 -68.01 -20.43
C PRO P 454 68.75 -68.75 -19.12
N ILE P 455 67.84 -69.71 -18.99
CA ILE P 455 67.62 -70.38 -17.70
C ILE P 455 68.73 -71.38 -17.38
N TYR P 456 69.56 -71.75 -18.34
CA TYR P 456 70.74 -72.53 -18.02
C TYR P 456 71.91 -71.68 -17.58
N ASN P 457 71.69 -70.39 -17.33
CA ASN P 457 72.62 -69.56 -16.60
C ASN P 457 72.20 -69.42 -15.15
N LEU P 458 71.37 -70.35 -14.68
CA LEU P 458 70.78 -70.31 -13.35
C LEU P 458 70.86 -71.62 -12.60
N VAL P 459 70.99 -72.75 -13.29
CA VAL P 459 71.16 -74.07 -12.69
C VAL P 459 72.43 -74.11 -11.86
N PRO P 460 72.34 -74.42 -10.57
CA PRO P 460 73.54 -74.39 -9.71
C PRO P 460 74.51 -75.49 -10.06
N VAL P 461 75.76 -75.26 -9.65
CA VAL P 461 76.86 -76.16 -9.99
C VAL P 461 77.22 -77.08 -8.83
N LYS P 462 76.74 -76.77 -7.62
CA LYS P 462 76.95 -77.64 -6.46
C LYS P 462 76.29 -79.00 -6.63
N MET P 463 75.15 -79.05 -7.31
CA MET P 463 74.43 -80.30 -7.48
C MET P 463 75.12 -81.22 -8.49
N LYS P 464 74.74 -82.50 -8.45
CA LYS P 464 75.41 -83.51 -9.25
C LYS P 464 74.91 -83.46 -10.69
N ASN P 465 75.82 -83.78 -11.61
CA ASN P 465 75.61 -83.75 -13.06
C ASN P 465 75.11 -82.39 -13.54
N ALA P 466 75.71 -81.33 -12.99
CA ALA P 466 75.23 -79.97 -13.29
C ALA P 466 75.58 -79.57 -14.72
N HIS P 467 76.79 -79.88 -15.16
CA HIS P 467 77.19 -79.48 -16.51
C HIS P 467 76.46 -80.27 -17.57
N LEU P 468 76.12 -81.53 -17.29
CA LEU P 468 75.36 -82.31 -18.27
C LEU P 468 73.94 -81.78 -18.41
N LYS P 469 73.32 -81.39 -17.30
CA LYS P 469 71.99 -80.80 -17.37
C LYS P 469 72.02 -79.43 -18.03
N LYS P 470 73.10 -78.68 -17.83
CA LYS P 470 73.22 -77.40 -18.54
C LYS P 470 73.46 -77.62 -20.03
N GLN P 471 74.19 -78.68 -20.38
CA GLN P 471 74.38 -79.04 -21.79
C GLN P 471 73.07 -79.51 -22.41
N ASN P 472 72.19 -80.11 -21.62
CA ASN P 472 70.88 -80.48 -22.14
C ASN P 472 70.01 -79.26 -22.34
N LEU P 473 69.98 -78.36 -21.35
CA LEU P 473 69.13 -77.18 -21.42
C LEU P 473 69.62 -76.14 -22.41
N GLU P 474 70.90 -76.17 -22.79
CA GLU P 474 71.35 -75.22 -23.80
C GLU P 474 70.95 -75.64 -25.21
N ARG P 475 70.65 -76.93 -25.42
CA ARG P 475 70.12 -77.40 -26.69
C ARG P 475 68.61 -77.51 -26.70
N ALA P 476 68.00 -77.69 -25.53
CA ALA P 476 66.54 -77.78 -25.46
C ALA P 476 65.88 -76.46 -25.84
N ILE P 477 66.53 -75.34 -25.56
CA ILE P 477 65.97 -74.05 -25.94
C ILE P 477 66.05 -73.86 -27.45
N GLU P 478 67.14 -74.33 -28.08
CA GLU P 478 67.24 -74.29 -29.54
C GLU P 478 66.19 -75.19 -30.19
N ASP P 479 66.00 -76.39 -29.64
CA ASP P 479 64.98 -77.29 -30.18
C ASP P 479 63.57 -76.75 -29.96
N TYR P 480 63.34 -76.07 -28.82
CA TYR P 480 62.02 -75.52 -28.56
C TYR P 480 61.74 -74.33 -29.47
N ILE P 481 62.73 -73.49 -29.72
CA ILE P 481 62.50 -72.34 -30.58
C ILE P 481 62.49 -72.76 -32.05
N ASN P 482 63.04 -73.92 -32.38
CA ASN P 482 62.99 -74.39 -33.76
C ASN P 482 61.68 -75.10 -34.06
N GLU P 483 61.27 -76.03 -33.17
CA GLU P 483 60.17 -76.92 -33.50
C GLU P 483 58.80 -76.28 -33.34
N PHE P 484 58.68 -75.21 -32.55
CA PHE P 484 57.45 -74.44 -32.49
C PHE P 484 57.58 -73.11 -33.20
N SER P 485 58.52 -72.98 -34.13
CA SER P 485 58.68 -71.75 -34.89
C SER P 485 57.55 -71.62 -35.90
N VAL P 486 57.35 -70.38 -36.36
CA VAL P 486 56.31 -70.11 -37.37
C VAL P 486 56.76 -70.49 -38.76
N ARG P 487 58.05 -70.80 -38.94
CA ARG P 487 58.62 -71.06 -40.26
C ARG P 487 58.43 -72.50 -40.72
N LYS P 488 57.48 -73.23 -40.16
CA LYS P 488 57.08 -74.52 -40.70
C LYS P 488 55.78 -74.45 -41.50
N CYS P 489 54.85 -73.58 -41.10
CA CYS P 489 53.63 -73.39 -41.85
C CYS P 489 53.91 -72.60 -43.11
N HIS P 490 53.34 -73.04 -44.22
CA HIS P 490 53.50 -72.34 -45.48
C HIS P 490 52.73 -71.03 -45.45
N THR P 491 53.38 -69.96 -45.91
CA THR P 491 52.88 -68.61 -45.68
C THR P 491 51.65 -68.32 -46.51
N CYS P 492 50.80 -67.44 -45.97
CA CYS P 492 49.60 -67.01 -46.67
C CYS P 492 49.92 -65.91 -47.66
N GLN P 493 49.20 -65.92 -48.78
CA GLN P 493 49.40 -64.94 -49.83
C GLN P 493 48.67 -63.64 -49.51
N ASN P 494 48.74 -62.71 -50.47
CA ASN P 494 48.05 -61.41 -50.44
C ASN P 494 48.47 -60.55 -49.26
N GLY P 495 49.67 -60.74 -48.74
CA GLY P 495 50.11 -60.00 -47.57
C GLY P 495 49.59 -60.52 -46.25
N GLY P 496 49.12 -61.76 -46.20
CA GLY P 496 48.63 -62.33 -44.97
C GLY P 496 49.74 -62.77 -44.05
N THR P 497 49.79 -62.20 -42.85
CA THR P 497 50.82 -62.55 -41.87
C THR P 497 50.38 -63.78 -41.08
N VAL P 498 51.18 -64.82 -41.14
CA VAL P 498 50.86 -66.07 -40.46
C VAL P 498 51.22 -65.95 -38.99
N ILE P 499 50.37 -66.50 -38.12
CA ILE P 499 50.56 -66.44 -36.68
C ILE P 499 50.36 -67.85 -36.13
N LEU P 500 51.41 -68.41 -35.54
CA LEU P 500 51.27 -69.69 -34.86
C LEU P 500 50.50 -69.49 -33.56
N MET P 501 49.46 -70.29 -33.38
CA MET P 501 48.60 -70.19 -32.20
C MET P 501 47.91 -71.53 -32.01
N ASP P 502 48.14 -72.15 -30.85
CA ASP P 502 47.57 -73.46 -30.47
C ASP P 502 48.00 -74.56 -31.44
N GLY P 503 49.17 -74.40 -32.07
CA GLY P 503 49.57 -75.32 -33.13
C GLY P 503 48.69 -75.25 -34.35
N LYS P 504 48.09 -74.09 -34.61
CA LYS P 504 47.14 -73.92 -35.71
C LYS P 504 47.41 -72.55 -36.33
N CYS P 505 48.16 -72.54 -37.44
CA CYS P 505 48.66 -71.30 -38.04
C CYS P 505 47.51 -70.54 -38.68
N LEU P 506 47.02 -69.53 -37.98
CA LEU P 506 45.99 -68.64 -38.49
C LEU P 506 46.64 -67.40 -39.09
N CYS P 507 46.09 -66.94 -40.21
CA CYS P 507 46.62 -65.77 -40.91
C CYS P 507 45.68 -64.59 -40.77
N ALA P 508 46.26 -63.39 -40.64
CA ALA P 508 45.52 -62.15 -40.56
C ALA P 508 45.65 -61.41 -41.90
N CYS P 509 44.52 -61.02 -42.46
CA CYS P 509 44.45 -60.39 -43.77
C CYS P 509 44.31 -58.88 -43.65
N PRO P 510 45.05 -58.09 -44.44
CA PRO P 510 45.01 -56.64 -44.26
C PRO P 510 43.80 -55.93 -44.88
N PHE P 511 42.84 -55.57 -44.02
CA PHE P 511 41.87 -54.49 -44.22
C PHE P 511 40.80 -54.70 -45.28
N LYS P 512 40.93 -55.71 -46.13
CA LYS P 512 39.94 -55.90 -47.19
C LYS P 512 39.53 -57.33 -47.41
N PHE P 513 40.25 -58.30 -46.89
CA PHE P 513 40.14 -59.69 -47.33
C PHE P 513 39.51 -60.49 -46.21
N GLU P 514 38.29 -60.99 -46.45
CA GLU P 514 37.59 -61.74 -45.42
C GLU P 514 37.92 -63.23 -45.46
N GLY P 515 38.58 -63.71 -46.50
CA GLY P 515 38.84 -65.12 -46.63
C GLY P 515 39.95 -65.59 -45.71
N ILE P 516 40.01 -66.91 -45.52
CA ILE P 516 41.03 -67.48 -44.65
C ILE P 516 42.40 -67.39 -45.34
N ALA P 517 42.43 -67.54 -46.66
CA ALA P 517 43.65 -67.43 -47.44
C ALA P 517 43.81 -66.05 -48.05
N CYS P 518 43.09 -65.05 -47.52
CA CYS P 518 43.16 -63.64 -47.94
C CYS P 518 42.82 -63.45 -49.42
N GLU P 519 41.91 -64.28 -49.94
CA GLU P 519 41.67 -64.30 -51.39
C GLU P 519 40.55 -63.36 -51.82
N ILE P 520 39.39 -63.45 -51.18
CA ILE P 520 38.24 -62.65 -51.60
C ILE P 520 38.47 -61.19 -51.23
N SER P 521 38.20 -60.30 -52.18
CA SER P 521 38.42 -58.87 -52.01
C SER P 521 37.08 -58.14 -52.06
N LYS P 522 37.14 -56.83 -51.81
CA LYS P 522 35.96 -55.98 -51.89
C LYS P 522 36.29 -54.67 -52.59
N SER Q 18 15.28 -84.81 -51.67
CA SER Q 18 16.11 -84.56 -50.51
C SER Q 18 15.62 -85.37 -49.31
N HIS Q 19 16.26 -86.52 -49.07
CA HIS Q 19 15.86 -87.41 -47.99
C HIS Q 19 17.06 -88.26 -47.60
N ILE Q 20 17.71 -87.91 -46.49
CA ILE Q 20 18.85 -88.65 -45.98
C ILE Q 20 18.51 -89.11 -44.57
N ASP Q 21 18.83 -90.37 -44.27
CA ASP Q 21 18.61 -90.93 -42.94
C ASP Q 21 19.93 -91.35 -42.32
N CYS Q 22 19.89 -91.64 -41.03
CA CYS Q 22 21.07 -92.10 -40.32
C CYS Q 22 21.41 -93.53 -40.70
N ARG Q 23 22.68 -93.88 -40.50
CA ARG Q 23 23.19 -95.21 -40.82
C ARG Q 23 24.05 -95.71 -39.68
N MET Q 24 24.21 -97.02 -39.62
CA MET Q 24 25.08 -97.64 -38.63
C MET Q 24 25.87 -98.78 -39.26
N SER Q 25 27.14 -98.86 -38.89
CA SER Q 25 27.94 -100.03 -39.18
C SER Q 25 27.47 -101.20 -38.31
N PRO Q 26 27.70 -102.44 -38.74
CA PRO Q 26 27.39 -103.58 -37.88
C PRO Q 26 28.38 -103.68 -36.73
N TRP Q 27 27.94 -104.37 -35.68
CA TRP Q 27 28.75 -104.51 -34.48
C TRP Q 27 29.96 -105.41 -34.75
N SER Q 28 30.98 -105.26 -33.92
CA SER Q 28 32.20 -106.04 -34.05
C SER Q 28 32.03 -107.38 -33.34
N GLU Q 29 33.14 -108.09 -33.15
CA GLU Q 29 33.12 -109.34 -32.42
C GLU Q 29 33.38 -109.09 -30.94
N TRP Q 30 32.86 -109.98 -30.11
CA TRP Q 30 33.06 -109.92 -28.67
C TRP Q 30 34.51 -110.26 -28.35
N SER Q 31 35.22 -109.32 -27.73
CA SER Q 31 36.69 -109.43 -27.67
C SER Q 31 37.15 -110.45 -26.64
N GLN Q 32 36.94 -110.16 -25.36
CA GLN Q 32 37.48 -110.97 -24.26
C GLN Q 32 36.88 -110.47 -22.96
N CYS Q 33 36.59 -111.39 -22.04
CA CYS Q 33 36.33 -111.01 -20.66
C CYS Q 33 37.56 -110.35 -20.07
N ASP Q 34 37.48 -109.05 -19.83
CA ASP Q 34 38.53 -108.35 -19.12
C ASP Q 34 38.50 -108.79 -17.67
N PRO Q 35 39.52 -109.50 -17.18
CA PRO Q 35 39.37 -110.21 -15.90
C PRO Q 35 39.35 -109.29 -14.70
N CYS Q 36 39.92 -108.10 -14.82
CA CYS Q 36 39.92 -107.14 -13.73
C CYS Q 36 38.64 -106.31 -13.68
N LEU Q 37 37.72 -106.49 -14.63
CA LEU Q 37 36.43 -105.81 -14.61
C LEU Q 37 35.24 -106.71 -14.92
N ARG Q 38 35.47 -107.97 -15.32
CA ARG Q 38 34.44 -108.99 -15.52
C ARG Q 38 33.44 -108.61 -16.60
N GLN Q 39 33.86 -107.85 -17.62
CA GLN Q 39 32.97 -107.41 -18.67
C GLN Q 39 33.69 -107.48 -20.00
N MET Q 40 33.04 -108.05 -21.01
CA MET Q 40 33.55 -107.98 -22.37
C MET Q 40 32.87 -106.84 -23.12
N PHE Q 41 33.64 -106.14 -23.93
CA PHE Q 41 33.15 -104.96 -24.63
C PHE Q 41 33.14 -105.22 -26.13
N ARG Q 42 32.24 -104.55 -26.84
CA ARG Q 42 32.25 -104.60 -28.30
C ARG Q 42 31.69 -103.28 -28.79
N SER Q 43 31.94 -102.98 -30.06
CA SER Q 43 31.65 -101.64 -30.56
C SER Q 43 31.36 -101.68 -32.05
N ARG Q 44 31.14 -100.50 -32.60
CA ARG Q 44 30.89 -100.30 -34.02
C ARG Q 44 31.24 -98.85 -34.34
N SER Q 45 30.90 -98.41 -35.55
CA SER Q 45 31.14 -97.02 -35.92
C SER Q 45 29.90 -96.39 -36.52
N ILE Q 46 30.03 -95.17 -37.01
CA ILE Q 46 28.93 -94.43 -37.63
C ILE Q 46 29.34 -94.07 -39.05
N GLU Q 47 28.54 -94.50 -40.02
CA GLU Q 47 28.89 -94.22 -41.41
C GLU Q 47 28.45 -92.81 -41.82
N VAL Q 48 27.15 -92.55 -41.83
CA VAL Q 48 26.60 -91.29 -42.31
C VAL Q 48 25.56 -90.79 -41.31
N PHE Q 49 25.75 -89.57 -40.84
CA PHE Q 49 24.79 -88.95 -39.94
C PHE Q 49 23.55 -88.53 -40.72
N GLY Q 50 22.43 -88.41 -40.00
CA GLY Q 50 21.20 -87.96 -40.62
C GLY Q 50 21.27 -86.51 -41.01
N GLN Q 51 20.56 -86.17 -42.08
CA GLN Q 51 20.66 -84.84 -42.67
C GLN Q 51 19.38 -84.59 -43.46
N PHE Q 52 19.00 -83.32 -43.55
CA PHE Q 52 17.82 -82.84 -44.29
C PHE Q 52 16.54 -83.51 -43.79
N ASN Q 53 16.22 -83.22 -42.52
CA ASN Q 53 14.95 -83.59 -41.89
C ASN Q 53 14.77 -85.11 -41.86
N GLY Q 54 15.78 -85.79 -41.34
CA GLY Q 54 15.79 -87.25 -41.30
C GLY Q 54 16.01 -87.79 -39.91
N LYS Q 55 16.25 -89.09 -39.81
CA LYS Q 55 16.38 -89.74 -38.51
C LYS Q 55 17.72 -89.44 -37.88
N ARG Q 56 17.70 -89.17 -36.58
CA ARG Q 56 18.90 -88.86 -35.82
C ARG Q 56 19.60 -90.14 -35.39
N CYS Q 57 20.93 -90.09 -35.32
CA CYS Q 57 21.71 -91.28 -35.02
C CYS Q 57 21.65 -91.67 -33.55
N THR Q 58 21.69 -90.66 -32.66
CA THR Q 58 21.56 -90.81 -31.21
C THR Q 58 22.61 -91.75 -30.61
N ASP Q 59 23.88 -91.55 -31.02
CA ASP Q 59 25.10 -91.86 -30.26
C ASP Q 59 25.15 -93.30 -29.72
N ALA Q 60 24.86 -94.26 -30.59
CA ALA Q 60 24.67 -95.63 -30.16
C ALA Q 60 25.92 -96.49 -30.31
N VAL Q 61 27.10 -95.90 -30.10
CA VAL Q 61 28.35 -96.65 -30.19
C VAL Q 61 28.70 -97.18 -28.80
N GLY Q 62 29.47 -98.27 -28.79
CA GLY Q 62 29.88 -98.88 -27.54
C GLY Q 62 28.83 -99.77 -26.91
N ASP Q 63 29.24 -100.90 -26.34
CA ASP Q 63 28.31 -101.84 -25.76
C ASP Q 63 29.04 -102.63 -24.67
N ARG Q 64 28.28 -103.03 -23.65
CA ARG Q 64 28.83 -103.76 -22.52
C ARG Q 64 27.97 -104.98 -22.24
N ARG Q 65 28.59 -106.01 -21.66
CA ARG Q 65 27.88 -107.24 -21.33
C ARG Q 65 28.65 -107.96 -20.23
N GLN Q 66 27.93 -108.43 -19.22
CA GLN Q 66 28.58 -109.10 -18.10
C GLN Q 66 29.01 -110.50 -18.51
N CYS Q 67 30.17 -110.92 -18.01
CA CYS Q 67 30.62 -112.29 -18.23
C CYS Q 67 31.46 -112.73 -17.04
N VAL Q 68 31.44 -114.02 -16.77
CA VAL Q 68 32.24 -114.60 -15.69
C VAL Q 68 33.71 -114.57 -16.09
N PRO Q 69 34.64 -114.21 -15.19
CA PRO Q 69 36.06 -114.25 -15.55
C PRO Q 69 36.58 -115.67 -15.70
N THR Q 70 36.86 -116.07 -16.94
CA THR Q 70 37.32 -117.42 -17.22
C THR Q 70 38.78 -117.62 -16.83
N GLU Q 71 39.58 -116.56 -16.84
CA GLU Q 71 40.98 -116.62 -16.45
C GLU Q 71 41.31 -115.34 -15.68
N PRO Q 72 41.41 -115.41 -14.35
CA PRO Q 72 41.48 -114.19 -13.55
C PRO Q 72 42.84 -113.50 -13.65
N CYS Q 73 42.80 -112.17 -13.57
CA CYS Q 73 43.98 -111.33 -13.61
C CYS Q 73 44.60 -111.22 -12.23
N GLU Q 74 45.80 -110.63 -12.18
CA GLU Q 74 46.41 -110.31 -10.89
C GLU Q 74 45.66 -109.17 -10.23
N ASP Q 75 45.82 -109.06 -8.92
CA ASP Q 75 45.15 -108.04 -8.12
C ASP Q 75 45.77 -106.69 -8.46
N ALA Q 76 45.07 -105.90 -9.26
CA ALA Q 76 45.58 -104.62 -9.77
C ALA Q 76 45.50 -103.58 -8.65
N GLU Q 77 46.56 -103.51 -7.86
CA GLU Q 77 46.69 -102.48 -6.83
C GLU Q 77 48.14 -102.01 -6.78
N ASP Q 78 48.32 -100.74 -6.47
CA ASP Q 78 49.64 -100.14 -6.50
C ASP Q 78 50.42 -100.51 -5.23
N ASP Q 79 51.74 -100.40 -5.34
CA ASP Q 79 52.60 -100.76 -4.21
C ASP Q 79 52.54 -99.71 -3.12
N CYS Q 80 52.57 -98.42 -3.51
CA CYS Q 80 52.60 -97.26 -2.61
C CYS Q 80 53.79 -97.38 -1.65
N GLY Q 81 54.99 -97.34 -2.23
CA GLY Q 81 56.19 -97.68 -1.49
C GLY Q 81 56.62 -96.58 -0.53
N ASN Q 82 56.73 -96.91 0.76
CA ASN Q 82 57.26 -96.04 1.83
C ASN Q 82 56.48 -94.74 1.97
N ASP Q 83 55.20 -94.75 1.59
CA ASP Q 83 54.34 -93.59 1.70
C ASP Q 83 53.11 -93.97 2.50
N PHE Q 84 52.60 -93.00 3.26
CA PHE Q 84 51.38 -93.24 4.02
C PHE Q 84 50.20 -93.30 3.05
N GLN Q 85 49.67 -94.50 2.84
CA GLN Q 85 48.44 -94.65 2.10
C GLN Q 85 47.27 -94.08 2.90
N CYS Q 86 46.28 -93.58 2.19
CA CYS Q 86 45.15 -92.91 2.79
C CYS Q 86 43.88 -93.74 2.55
N SER Q 87 42.74 -93.19 2.97
CA SER Q 87 41.45 -93.84 2.77
C SER Q 87 40.78 -93.43 1.46
N THR Q 88 41.56 -93.02 0.48
CA THR Q 88 41.08 -92.71 -0.86
C THR Q 88 41.82 -93.47 -1.95
N GLY Q 89 43.13 -93.67 -1.78
CA GLY Q 89 43.98 -94.20 -2.84
C GLY Q 89 45.12 -93.29 -3.20
N ARG Q 90 45.20 -92.10 -2.60
CA ARG Q 90 46.32 -91.18 -2.81
C ARG Q 90 47.39 -91.45 -1.77
N CYS Q 91 48.65 -91.42 -2.20
CA CYS Q 91 49.78 -91.69 -1.33
C CYS Q 91 50.53 -90.39 -1.06
N ILE Q 92 50.46 -89.91 0.17
CA ILE Q 92 51.15 -88.69 0.56
C ILE Q 92 52.35 -89.06 1.43
N LYS Q 93 53.18 -88.07 1.72
CA LYS Q 93 54.41 -88.27 2.47
C LYS Q 93 54.14 -88.14 3.98
N MET Q 94 55.19 -88.33 4.77
CA MET Q 94 55.08 -88.21 6.22
C MET Q 94 55.11 -86.76 6.68
N ARG Q 95 55.71 -85.86 5.87
CA ARG Q 95 55.78 -84.44 6.20
C ARG Q 95 54.41 -83.80 6.28
N LEU Q 96 53.42 -84.35 5.59
CA LEU Q 96 52.07 -83.81 5.56
C LEU Q 96 51.21 -84.27 6.74
N ARG Q 97 51.80 -84.87 7.77
CA ARG Q 97 51.05 -85.36 8.90
C ARG Q 97 50.66 -84.21 9.83
N CYS Q 98 49.35 -84.12 10.15
CA CYS Q 98 48.78 -83.17 11.10
C CYS Q 98 49.06 -81.72 10.71
N ASN Q 99 49.14 -81.45 9.42
CA ASN Q 99 49.48 -80.12 8.94
C ASN Q 99 48.28 -79.18 8.89
N GLY Q 100 47.10 -79.65 9.22
CA GLY Q 100 45.91 -78.83 9.11
C GLY Q 100 45.42 -78.62 7.70
N ASP Q 101 45.88 -79.41 6.74
CA ASP Q 101 45.45 -79.33 5.36
C ASP Q 101 44.91 -80.68 4.92
N ASN Q 102 43.78 -80.64 4.21
CA ASN Q 102 43.12 -81.85 3.75
C ASN Q 102 43.86 -82.48 2.57
N ASP Q 103 44.84 -83.32 2.89
CA ASP Q 103 45.77 -83.83 1.91
C ASP Q 103 45.36 -85.19 1.34
N CYS Q 104 44.87 -86.09 2.17
CA CYS Q 104 44.41 -87.38 1.66
C CYS Q 104 43.07 -87.27 0.96
N GLY Q 105 42.31 -86.22 1.24
CA GLY Q 105 40.98 -86.07 0.66
C GLY Q 105 39.90 -86.37 1.68
N ASP Q 106 40.11 -87.41 2.46
CA ASP Q 106 39.20 -87.79 3.55
C ASP Q 106 39.79 -87.47 4.91
N PHE Q 107 40.49 -86.33 4.99
CA PHE Q 107 40.75 -85.62 6.25
C PHE Q 107 41.62 -86.43 7.19
N SER Q 108 42.58 -87.17 6.63
CA SER Q 108 43.41 -88.08 7.42
C SER Q 108 44.62 -87.40 8.03
N ASP Q 109 44.56 -86.09 8.23
CA ASP Q 109 45.62 -85.34 8.90
C ASP Q 109 45.14 -84.68 10.19
N GLU Q 110 43.98 -84.03 10.17
CA GLU Q 110 43.53 -83.22 11.30
C GLU Q 110 42.71 -84.01 12.31
N ASP Q 111 42.95 -85.31 12.43
CA ASP Q 111 42.19 -86.12 13.39
C ASP Q 111 43.09 -86.95 14.31
N ASP Q 112 44.25 -87.37 13.82
CA ASP Q 112 44.99 -88.45 14.46
C ASP Q 112 45.75 -87.96 15.68
N CYS Q 113 46.72 -87.06 15.49
CA CYS Q 113 47.68 -86.79 16.54
C CYS Q 113 47.18 -85.70 17.48
N GLU Q 114 47.78 -85.66 18.68
CA GLU Q 114 47.60 -84.57 19.61
C GLU Q 114 48.74 -83.56 19.52
N SER Q 115 49.52 -83.61 18.44
CA SER Q 115 50.65 -82.70 18.26
C SER Q 115 50.16 -81.35 17.76
N GLU Q 116 51.11 -80.48 17.40
CA GLU Q 116 50.75 -79.16 16.91
C GLU Q 116 50.20 -79.25 15.49
N PRO Q 117 49.25 -78.40 15.13
CA PRO Q 117 48.80 -78.36 13.74
C PRO Q 117 49.83 -77.80 12.78
N ARG Q 118 50.84 -77.06 13.30
CA ARG Q 118 51.98 -76.39 12.65
C ARG Q 118 51.68 -75.84 11.26
N PRO Q 119 50.80 -74.85 11.13
CA PRO Q 119 50.38 -74.39 9.79
C PRO Q 119 51.51 -73.67 9.08
N PRO Q 120 51.85 -74.10 7.85
CA PRO Q 120 52.94 -73.42 7.13
C PRO Q 120 52.60 -71.99 6.78
N CYS Q 121 51.34 -71.71 6.47
CA CYS Q 121 50.85 -70.34 6.50
C CYS Q 121 50.63 -69.96 7.95
N ARG Q 122 51.52 -69.12 8.49
CA ARG Q 122 51.45 -68.66 9.86
C ARG Q 122 50.42 -67.55 10.02
N ASP Q 123 50.53 -66.80 11.11
CA ASP Q 123 49.59 -65.73 11.47
C ASP Q 123 49.48 -64.58 10.48
N ARG Q 124 50.22 -64.61 9.38
CA ARG Q 124 50.00 -63.70 8.26
C ARG Q 124 48.60 -63.89 7.70
N VAL Q 125 48.03 -62.79 7.18
CA VAL Q 125 46.68 -62.80 6.65
C VAL Q 125 46.69 -63.58 5.35
N VAL Q 126 46.14 -64.80 5.39
CA VAL Q 126 46.19 -65.74 4.29
C VAL Q 126 44.78 -66.31 4.11
N GLU Q 127 44.27 -66.26 2.89
CA GLU Q 127 42.90 -66.67 2.59
C GLU Q 127 42.91 -67.85 1.65
N GLU Q 128 41.74 -68.22 1.15
CA GLU Q 128 41.63 -69.19 0.07
C GLU Q 128 41.24 -68.47 -1.21
N SER Q 129 41.66 -69.03 -2.34
CA SER Q 129 41.54 -68.32 -3.60
C SER Q 129 40.12 -68.45 -4.16
N GLU Q 130 39.91 -67.83 -5.31
CA GLU Q 130 38.66 -67.95 -6.04
C GLU Q 130 38.86 -68.34 -7.50
N LEU Q 131 40.06 -68.19 -8.03
CA LEU Q 131 40.38 -68.49 -9.42
C LEU Q 131 41.21 -69.76 -9.55
N ALA Q 132 42.03 -70.05 -8.56
CA ALA Q 132 42.91 -71.21 -8.63
C ALA Q 132 42.21 -72.50 -8.28
N ARG Q 133 41.05 -72.45 -7.62
CA ARG Q 133 40.45 -73.66 -7.11
C ARG Q 133 39.80 -74.48 -8.22
N THR Q 134 39.49 -73.87 -9.35
CA THR Q 134 38.91 -74.55 -10.49
C THR Q 134 39.84 -74.46 -11.70
N ALA Q 135 41.14 -74.62 -11.49
CA ALA Q 135 42.13 -74.27 -12.51
C ALA Q 135 42.40 -75.39 -13.52
N GLY Q 136 41.52 -76.36 -13.63
CA GLY Q 136 41.70 -77.33 -14.69
C GLY Q 136 41.00 -76.94 -15.98
N TYR Q 137 39.68 -76.80 -15.90
CA TYR Q 137 38.79 -76.63 -17.04
C TYR Q 137 39.10 -77.62 -18.17
N GLY Q 138 38.92 -78.90 -17.84
CA GLY Q 138 39.16 -79.97 -18.80
C GLY Q 138 38.23 -79.88 -19.98
N ILE Q 139 38.76 -79.47 -21.12
CA ILE Q 139 37.96 -78.92 -22.18
C ILE Q 139 37.69 -79.99 -23.22
N ASN Q 140 36.69 -79.75 -24.06
CA ASN Q 140 36.35 -80.65 -25.14
C ASN Q 140 36.54 -79.93 -26.47
N ILE Q 141 36.71 -80.71 -27.54
CA ILE Q 141 37.07 -80.16 -28.84
C ILE Q 141 35.98 -79.36 -29.52
N LEU Q 142 34.75 -79.40 -29.01
CA LEU Q 142 33.68 -78.58 -29.57
C LEU Q 142 33.92 -77.10 -29.28
N GLY Q 143 34.38 -76.78 -28.08
CA GLY Q 143 34.64 -75.41 -27.70
C GLY Q 143 34.15 -75.09 -26.31
N MET Q 144 33.19 -75.87 -25.82
CA MET Q 144 32.64 -75.68 -24.49
C MET Q 144 33.46 -76.47 -23.47
N ASP Q 145 33.46 -75.98 -22.23
CA ASP Q 145 34.41 -76.42 -21.21
C ASP Q 145 33.76 -76.96 -19.95
N PRO Q 146 33.67 -78.28 -19.80
CA PRO Q 146 33.26 -78.84 -18.50
C PRO Q 146 34.36 -78.65 -17.47
N LEU Q 147 33.95 -78.19 -16.28
CA LEU Q 147 34.87 -77.88 -15.19
C LEU Q 147 35.32 -79.14 -14.44
N SER Q 148 35.10 -80.32 -15.02
CA SER Q 148 35.44 -81.59 -14.39
C SER Q 148 36.96 -81.69 -14.36
N THR Q 149 37.52 -81.02 -13.37
CA THR Q 149 38.94 -80.80 -13.25
C THR Q 149 39.63 -82.11 -12.89
N PRO Q 150 40.54 -82.62 -13.71
CA PRO Q 150 41.30 -83.79 -13.29
C PRO Q 150 42.28 -83.46 -12.18
N PHE Q 151 42.70 -82.20 -12.10
CA PHE Q 151 43.58 -81.76 -11.04
C PHE Q 151 42.82 -81.66 -9.73
N ASP Q 152 43.57 -81.57 -8.64
CA ASP Q 152 43.00 -81.36 -7.31
C ASP Q 152 43.60 -80.09 -6.77
N ASN Q 153 42.80 -79.03 -6.70
CA ASN Q 153 43.28 -77.72 -6.27
C ASN Q 153 43.00 -77.47 -4.79
N GLU Q 154 43.05 -78.52 -3.98
CA GLU Q 154 43.07 -78.37 -2.53
C GLU Q 154 44.35 -78.89 -1.92
N PHE Q 155 45.21 -79.54 -2.70
CA PHE Q 155 46.46 -80.09 -2.21
C PHE Q 155 47.49 -78.97 -2.17
N TYR Q 156 47.94 -78.60 -0.98
CA TYR Q 156 48.90 -77.52 -0.84
C TYR Q 156 50.32 -78.01 -0.58
N ASN Q 157 50.48 -79.26 -0.15
CA ASN Q 157 51.76 -79.92 0.10
C ASN Q 157 52.61 -79.16 1.12
N GLY Q 158 51.96 -78.54 2.11
CA GLY Q 158 52.65 -77.92 3.22
C GLY Q 158 53.47 -76.69 2.86
N LEU Q 159 53.08 -75.95 1.84
CA LEU Q 159 53.78 -74.75 1.44
C LEU Q 159 52.85 -73.55 1.52
N CYS Q 160 53.44 -72.36 1.60
CA CYS Q 160 52.68 -71.12 1.75
C CYS Q 160 53.28 -70.10 0.78
N ASN Q 161 52.76 -70.09 -0.44
CA ASN Q 161 53.18 -69.15 -1.47
C ASN Q 161 52.04 -68.17 -1.72
N ARG Q 162 52.31 -66.89 -1.54
CA ARG Q 162 51.28 -65.87 -1.64
C ARG Q 162 51.30 -65.23 -3.01
N ASP Q 163 50.11 -64.88 -3.52
CA ASP Q 163 49.95 -64.19 -4.79
C ASP Q 163 48.96 -63.06 -4.59
N ARG Q 164 49.40 -61.84 -4.87
CA ARG Q 164 48.62 -60.67 -4.45
C ARG Q 164 47.43 -60.44 -5.36
N ASP Q 165 46.53 -59.60 -4.87
CA ASP Q 165 45.38 -59.13 -5.62
C ASP Q 165 45.49 -57.61 -5.77
N GLY Q 166 45.04 -57.10 -6.91
CA GLY Q 166 45.09 -55.68 -7.14
C GLY Q 166 44.04 -54.91 -6.38
N ASN Q 167 42.77 -55.26 -6.58
CA ASN Q 167 41.70 -54.43 -6.06
C ASN Q 167 41.47 -54.67 -4.57
N THR Q 168 41.29 -55.92 -4.17
CA THR Q 168 40.87 -56.20 -2.81
C THR Q 168 42.01 -56.13 -1.79
N LEU Q 169 43.26 -56.15 -2.25
CA LEU Q 169 44.47 -56.10 -1.42
C LEU Q 169 44.49 -57.24 -0.39
N THR Q 170 44.44 -58.46 -0.90
CA THR Q 170 44.47 -59.66 -0.09
C THR Q 170 45.71 -60.47 -0.45
N TYR Q 171 45.79 -61.68 0.11
CA TYR Q 171 46.92 -62.57 -0.18
C TYR Q 171 46.37 -63.98 -0.38
N TYR Q 172 46.02 -64.30 -1.61
CA TYR Q 172 45.49 -65.61 -1.95
C TYR Q 172 46.62 -66.63 -1.96
N ARG Q 173 46.25 -67.90 -1.99
CA ARG Q 173 47.26 -68.96 -1.99
C ARG Q 173 47.46 -69.52 -3.39
N ARG Q 174 48.54 -70.27 -3.52
CA ARG Q 174 48.88 -70.94 -4.76
C ARG Q 174 48.83 -72.44 -4.49
N PRO Q 175 47.83 -73.15 -5.00
CA PRO Q 175 47.81 -74.60 -4.87
C PRO Q 175 48.95 -75.25 -5.63
N TRP Q 176 49.22 -76.51 -5.28
CA TRP Q 176 50.39 -77.21 -5.82
C TRP Q 176 50.26 -77.48 -7.31
N ASN Q 177 49.04 -77.60 -7.83
CA ASN Q 177 48.91 -77.88 -9.25
C ASN Q 177 49.06 -76.64 -10.12
N VAL Q 178 48.95 -75.45 -9.55
CA VAL Q 178 49.12 -74.21 -10.30
C VAL Q 178 50.56 -73.75 -10.14
N ALA Q 179 51.28 -73.62 -11.26
CA ALA Q 179 52.68 -73.22 -11.23
C ALA Q 179 52.88 -71.73 -11.24
N SER Q 180 51.94 -70.97 -11.81
CA SER Q 180 52.06 -69.53 -11.81
C SER Q 180 50.68 -68.92 -11.92
N LEU Q 181 50.50 -67.76 -11.30
CA LEU Q 181 49.18 -67.14 -11.22
C LEU Q 181 49.39 -65.65 -11.00
N ILE Q 182 49.23 -64.87 -12.06
CA ILE Q 182 49.34 -63.43 -11.98
C ILE Q 182 47.93 -62.86 -12.00
N TYR Q 183 47.78 -61.66 -11.47
CA TYR Q 183 46.54 -60.88 -11.61
C TYR Q 183 46.91 -59.56 -12.27
N GLU Q 184 46.88 -59.50 -13.59
CA GLU Q 184 47.04 -58.22 -14.28
C GLU Q 184 45.69 -57.51 -14.32
N THR Q 185 45.59 -56.46 -15.12
CA THR Q 185 44.31 -55.87 -15.46
C THR Q 185 44.47 -55.42 -16.90
N LYS Q 186 44.12 -56.28 -17.83
CA LYS Q 186 44.46 -56.01 -19.23
C LYS Q 186 43.18 -55.80 -20.00
N GLY Q 187 42.81 -54.54 -20.18
CA GLY Q 187 41.61 -54.21 -20.94
C GLY Q 187 41.98 -53.97 -22.39
N GLU Q 188 41.11 -54.37 -23.31
CA GLU Q 188 41.48 -54.34 -24.71
C GLU Q 188 40.25 -54.27 -25.58
N LYS Q 189 39.99 -53.12 -26.19
CA LYS Q 189 38.83 -52.97 -27.04
C LYS Q 189 39.24 -52.87 -28.50
N ASN Q 190 38.78 -53.80 -29.32
CA ASN Q 190 38.80 -53.61 -30.76
C ASN Q 190 37.51 -52.95 -31.18
N PHE Q 191 37.56 -52.20 -32.27
CA PHE Q 191 36.40 -51.56 -32.84
C PHE Q 191 36.65 -51.50 -34.34
N ARG Q 192 35.66 -51.85 -35.14
CA ARG Q 192 35.76 -51.66 -36.58
C ARG Q 192 34.44 -51.14 -37.09
N THR Q 193 34.50 -50.38 -38.17
CA THR Q 193 33.32 -50.11 -38.97
C THR Q 193 33.72 -49.96 -40.42
N GLU Q 194 33.25 -50.88 -41.25
CA GLU Q 194 33.48 -50.82 -42.68
C GLU Q 194 32.24 -50.33 -43.37
N HIS Q 195 32.43 -49.86 -44.60
CA HIS Q 195 31.32 -49.27 -45.32
C HIS Q 195 31.65 -49.37 -46.80
N TYR Q 196 30.71 -49.88 -47.58
CA TYR Q 196 30.86 -49.92 -49.03
C TYR Q 196 29.61 -49.35 -49.66
N GLU Q 197 29.77 -48.68 -50.79
CA GLU Q 197 28.63 -48.12 -51.47
C GLU Q 197 28.94 -48.07 -52.95
N GLU Q 198 27.93 -48.29 -53.79
CA GLU Q 198 28.14 -48.22 -55.24
C GLU Q 198 26.84 -47.78 -55.89
N GLN Q 199 26.79 -46.55 -56.37
CA GLN Q 199 25.68 -46.15 -57.22
C GLN Q 199 26.06 -46.34 -58.67
N ILE Q 200 25.06 -46.58 -59.51
CA ILE Q 200 25.26 -46.56 -60.96
C ILE Q 200 23.96 -46.12 -61.60
N GLU Q 201 24.07 -45.20 -62.57
CA GLU Q 201 22.93 -44.70 -63.33
C GLU Q 201 23.27 -44.80 -64.80
N ALA Q 202 22.71 -45.79 -65.48
CA ALA Q 202 22.83 -45.93 -66.92
C ALA Q 202 21.61 -45.33 -67.60
N PHE Q 203 21.77 -44.97 -68.86
CA PHE Q 203 20.77 -44.14 -69.54
C PHE Q 203 21.00 -44.27 -71.04
N LYS Q 204 19.92 -44.45 -71.80
CA LYS Q 204 20.03 -44.59 -73.25
C LYS Q 204 18.75 -44.10 -73.92
N SER Q 205 18.82 -43.01 -74.66
CA SER Q 205 17.68 -42.44 -75.34
C SER Q 205 17.90 -42.47 -76.85
N ILE Q 206 16.83 -42.68 -77.61
CA ILE Q 206 16.87 -42.68 -79.07
C ILE Q 206 15.65 -41.93 -79.58
N ILE Q 207 15.85 -41.00 -80.51
CA ILE Q 207 14.75 -40.35 -81.23
C ILE Q 207 14.99 -40.54 -82.72
N GLN Q 208 13.97 -41.01 -83.43
CA GLN Q 208 14.08 -41.19 -84.88
C GLN Q 208 12.88 -40.52 -85.54
N GLU Q 209 13.08 -40.04 -86.76
CA GLU Q 209 12.01 -39.36 -87.48
C GLU Q 209 12.30 -39.42 -88.97
N LYS Q 210 11.29 -39.78 -89.75
CA LYS Q 210 11.35 -39.58 -91.19
C LYS Q 210 10.07 -38.88 -91.63
N THR Q 211 10.20 -37.86 -92.47
CA THR Q 211 9.06 -37.13 -93.00
C THR Q 211 9.23 -37.09 -94.51
N SER Q 212 8.48 -37.91 -95.24
CA SER Q 212 8.55 -37.98 -96.68
C SER Q 212 7.30 -37.36 -97.30
N ASN Q 213 7.47 -36.57 -98.37
CA ASN Q 213 6.37 -35.85 -99.00
C ASN Q 213 6.58 -35.87 -100.51
N PHE Q 214 5.67 -36.50 -101.24
CA PHE Q 214 5.75 -36.60 -102.69
C PHE Q 214 4.53 -35.92 -103.30
N ASN Q 215 4.75 -35.06 -104.29
CA ASN Q 215 3.68 -34.26 -104.87
C ASN Q 215 3.80 -34.30 -106.38
N ALA Q 216 2.76 -34.75 -107.06
CA ALA Q 216 2.71 -34.64 -108.52
C ALA Q 216 1.87 -33.44 -108.90
N ALA Q 217 1.71 -33.23 -110.20
CA ALA Q 217 0.88 -32.15 -110.73
C ALA Q 217 0.39 -32.47 -112.14
N PHE Q 249 -5.89 -32.53 -111.19
CA PHE Q 249 -4.78 -33.29 -111.75
C PHE Q 249 -3.55 -33.29 -110.83
N ARG Q 250 -3.58 -34.07 -109.76
CA ARG Q 250 -2.41 -34.25 -108.92
C ARG Q 250 -2.51 -35.58 -108.19
N PHE Q 251 -1.52 -35.83 -107.33
CA PHE Q 251 -1.46 -37.01 -106.47
C PHE Q 251 -0.42 -36.72 -105.40
N SER Q 252 -0.80 -36.82 -104.14
CA SER Q 252 0.13 -36.62 -103.04
C SER Q 252 0.34 -37.92 -102.29
N TYR Q 253 1.46 -37.98 -101.56
CA TYR Q 253 1.76 -39.13 -100.72
C TYR Q 253 2.69 -38.65 -99.61
N SER Q 254 2.18 -38.59 -98.40
CA SER Q 254 2.94 -38.11 -97.26
C SER Q 254 3.12 -39.23 -96.25
N LYS Q 255 4.11 -39.07 -95.39
CA LYS Q 255 4.35 -39.99 -94.27
C LYS Q 255 5.19 -39.26 -93.24
N ASN Q 256 4.80 -39.35 -91.98
CA ASN Q 256 5.52 -38.72 -90.88
C ASN Q 256 5.69 -39.76 -89.78
N GLU Q 257 6.73 -40.59 -89.88
CA GLU Q 257 6.99 -41.60 -88.87
C GLU Q 257 7.90 -41.00 -87.81
N THR Q 258 7.53 -41.19 -86.55
CA THR Q 258 8.24 -40.59 -85.41
C THR Q 258 8.41 -41.66 -84.35
N TYR Q 259 9.58 -42.30 -84.33
CA TYR Q 259 9.88 -43.32 -83.34
C TYR Q 259 10.63 -42.69 -82.17
N GLN Q 260 10.44 -43.26 -80.99
CA GLN Q 260 11.20 -42.83 -79.84
C GLN Q 260 11.46 -44.06 -78.98
N LEU Q 261 12.49 -43.99 -78.16
CA LEU Q 261 12.87 -45.07 -77.26
C LEU Q 261 13.65 -44.45 -76.11
N PHE Q 262 13.52 -45.05 -74.93
CA PHE Q 262 14.05 -44.43 -73.73
C PHE Q 262 14.29 -45.53 -72.71
N LEU Q 263 15.46 -45.56 -72.11
CA LEU Q 263 15.74 -46.57 -71.09
C LEU Q 263 16.59 -45.94 -69.99
N SER Q 264 16.23 -46.23 -68.76
CA SER Q 264 17.04 -45.86 -67.60
C SER Q 264 17.42 -47.12 -66.83
N TYR Q 265 18.40 -46.97 -65.94
CA TYR Q 265 18.76 -48.03 -65.01
C TYR Q 265 19.47 -47.35 -63.84
N SER Q 266 18.75 -47.08 -62.76
CA SER Q 266 19.30 -46.28 -61.67
C SER Q 266 19.37 -47.14 -60.42
N SER Q 267 20.44 -47.90 -60.26
CA SER Q 267 20.53 -48.87 -59.19
C SER Q 267 21.67 -48.50 -58.25
N LYS Q 268 21.39 -48.46 -56.96
CA LYS Q 268 22.43 -48.28 -55.97
C LYS Q 268 22.56 -49.54 -55.13
N LYS Q 269 23.70 -49.67 -54.47
CA LYS Q 269 23.94 -50.74 -53.51
C LYS Q 269 24.71 -50.17 -52.35
N GLU Q 270 24.59 -50.83 -51.20
CA GLU Q 270 25.24 -50.39 -49.98
C GLU Q 270 25.49 -51.62 -49.14
N LYS Q 271 26.56 -51.61 -48.37
CA LYS Q 271 26.86 -52.75 -47.51
C LYS Q 271 27.72 -52.27 -46.36
N MET Q 272 27.13 -52.16 -45.18
CA MET Q 272 27.82 -51.66 -44.01
C MET Q 272 28.38 -52.85 -43.24
N PHE Q 273 29.16 -52.57 -42.20
CA PHE Q 273 29.63 -53.58 -41.25
C PHE Q 273 30.09 -52.84 -40.02
N LEU Q 274 29.91 -53.44 -38.86
CA LEU Q 274 30.41 -52.86 -37.62
C LEU Q 274 30.82 -54.02 -36.74
N HIS Q 275 31.76 -53.79 -35.83
CA HIS Q 275 32.24 -54.88 -34.99
C HIS Q 275 32.91 -54.30 -33.74
N VAL Q 276 32.22 -54.30 -32.65
CA VAL Q 276 32.85 -53.95 -31.37
C VAL Q 276 33.32 -55.25 -30.76
N LYS Q 277 34.45 -55.24 -30.02
CA LYS Q 277 34.83 -56.44 -29.27
C LYS Q 277 35.71 -56.01 -28.11
N GLY Q 278 35.12 -55.91 -26.92
CA GLY Q 278 35.95 -55.47 -25.80
C GLY Q 278 36.30 -56.53 -24.79
N GLU Q 279 37.49 -57.09 -24.85
CA GLU Q 279 37.91 -58.07 -23.87
C GLU Q 279 38.39 -57.39 -22.61
N ILE Q 280 38.25 -58.10 -21.48
CA ILE Q 280 38.79 -57.65 -20.20
C ILE Q 280 39.43 -58.85 -19.55
N HIS Q 281 40.74 -58.82 -19.37
CA HIS Q 281 41.44 -59.96 -18.78
C HIS Q 281 41.80 -59.64 -17.35
N LEU Q 282 41.54 -60.59 -16.45
CA LEU Q 282 42.04 -60.53 -15.09
C LEU Q 282 42.93 -61.76 -14.90
N GLY Q 283 44.20 -61.61 -15.26
CA GLY Q 283 45.15 -62.64 -14.94
C GLY Q 283 45.07 -63.88 -15.79
N ARG Q 284 45.78 -64.91 -15.35
CA ARG Q 284 45.94 -66.15 -16.11
C ARG Q 284 46.43 -67.21 -15.14
N PHE Q 285 46.77 -68.38 -15.66
CA PHE Q 285 47.33 -69.46 -14.86
C PHE Q 285 48.07 -70.41 -15.78
N VAL Q 286 49.04 -71.14 -15.21
CA VAL Q 286 49.78 -72.17 -15.93
C VAL Q 286 49.88 -73.39 -15.03
N MET Q 287 49.37 -74.53 -15.49
CA MET Q 287 49.38 -75.73 -14.68
C MET Q 287 50.74 -76.42 -14.80
N ARG Q 288 50.94 -77.49 -14.04
CA ARG Q 288 52.21 -78.20 -14.03
C ARG Q 288 52.13 -79.44 -14.91
N ASN Q 289 53.24 -80.18 -14.96
CA ASN Q 289 53.35 -81.35 -15.82
C ASN Q 289 53.97 -82.57 -15.15
N ARG Q 290 54.74 -82.42 -14.07
CA ARG Q 290 55.31 -83.54 -13.36
C ARG Q 290 55.01 -83.41 -11.87
N ASP Q 291 54.92 -84.56 -11.19
CA ASP Q 291 54.54 -84.66 -9.77
C ASP Q 291 53.20 -83.99 -9.50
N VAL Q 292 52.24 -84.28 -10.37
CA VAL Q 292 50.92 -83.65 -10.34
C VAL Q 292 49.98 -84.56 -9.57
N VAL Q 293 49.21 -84.00 -8.64
CA VAL Q 293 48.19 -84.78 -7.95
C VAL Q 293 46.88 -84.67 -8.71
N LEU Q 294 46.14 -85.77 -8.74
CA LEU Q 294 44.85 -85.84 -9.40
C LEU Q 294 43.76 -86.07 -8.36
N THR Q 295 42.53 -85.73 -8.73
CA THR Q 295 41.42 -85.86 -7.78
C THR Q 295 41.05 -87.33 -7.60
N THR Q 296 40.19 -87.57 -6.62
CA THR Q 296 39.87 -88.95 -6.24
C THR Q 296 39.00 -89.63 -7.28
N THR Q 297 38.06 -88.89 -7.87
CA THR Q 297 37.11 -89.45 -8.83
C THR Q 297 37.67 -89.58 -10.24
N PHE Q 298 38.98 -89.56 -10.40
CA PHE Q 298 39.58 -89.62 -11.73
C PHE Q 298 40.62 -90.73 -11.84
N VAL Q 299 41.37 -90.99 -10.78
CA VAL Q 299 42.31 -92.10 -10.77
C VAL Q 299 41.54 -93.42 -10.83
N ASP Q 300 40.36 -93.48 -10.20
CA ASP Q 300 39.52 -94.67 -10.30
C ASP Q 300 39.01 -94.89 -11.72
N ASP Q 301 38.62 -93.81 -12.40
CA ASP Q 301 38.10 -93.96 -13.76
C ASP Q 301 39.21 -94.26 -14.76
N ILE Q 302 40.45 -93.88 -14.46
CA ILE Q 302 41.55 -94.39 -15.28
C ILE Q 302 41.81 -95.86 -14.95
N LYS Q 303 41.67 -96.23 -13.67
CA LYS Q 303 41.90 -97.62 -13.27
C LYS Q 303 40.82 -98.56 -13.80
N ALA Q 304 39.66 -98.05 -14.18
CA ALA Q 304 38.58 -98.86 -14.72
C ALA Q 304 38.56 -98.88 -16.25
N LEU Q 305 39.70 -98.65 -16.88
CA LEU Q 305 39.75 -98.71 -18.33
C LEU Q 305 40.12 -100.11 -18.81
N PRO Q 306 39.56 -100.58 -19.93
CA PRO Q 306 39.59 -102.02 -20.24
C PRO Q 306 40.94 -102.56 -20.69
N THR Q 307 41.95 -101.71 -20.91
CA THR Q 307 43.37 -102.04 -21.03
C THR Q 307 43.72 -102.75 -22.36
N THR Q 308 42.72 -103.17 -23.14
CA THR Q 308 42.95 -103.96 -24.33
C THR Q 308 42.52 -103.23 -25.60
N TYR Q 309 42.37 -101.91 -25.54
CA TYR Q 309 41.68 -101.08 -26.54
C TYR Q 309 40.31 -101.67 -26.87
N GLU Q 310 39.44 -101.59 -25.88
CA GLU Q 310 38.03 -101.86 -26.09
C GLU Q 310 37.32 -100.53 -26.29
N LYS Q 311 36.75 -100.34 -27.47
CA LYS Q 311 36.35 -99.02 -27.96
C LYS Q 311 35.17 -98.43 -27.19
N GLY Q 312 34.41 -99.25 -26.47
CA GLY Q 312 33.19 -98.76 -25.84
C GLY Q 312 33.42 -97.88 -24.64
N GLU Q 313 34.46 -98.16 -23.85
CA GLU Q 313 34.65 -97.43 -22.60
C GLU Q 313 35.34 -96.08 -22.81
N TYR Q 314 36.20 -95.97 -23.83
CA TYR Q 314 36.96 -94.74 -24.01
C TYR Q 314 36.10 -93.60 -24.53
N PHE Q 315 35.07 -93.91 -25.33
CA PHE Q 315 34.15 -92.86 -25.75
C PHE Q 315 33.24 -92.39 -24.63
N ALA Q 316 33.10 -93.16 -23.56
CA ALA Q 316 32.42 -92.65 -22.39
C ALA Q 316 33.37 -91.86 -21.50
N PHE Q 317 34.64 -92.29 -21.41
CA PHE Q 317 35.61 -91.57 -20.60
C PHE Q 317 35.92 -90.19 -21.18
N LEU Q 318 36.08 -90.10 -22.51
CA LEU Q 318 36.45 -88.84 -23.11
C LEU Q 318 35.32 -87.82 -23.12
N GLU Q 319 34.09 -88.25 -22.90
CA GLU Q 319 33.00 -87.31 -22.72
C GLU Q 319 32.54 -87.20 -21.28
N THR Q 320 33.11 -87.98 -20.39
CA THR Q 320 32.96 -87.68 -18.97
C THR Q 320 33.96 -86.63 -18.51
N TYR Q 321 35.23 -86.77 -18.92
CA TYR Q 321 36.28 -85.89 -18.43
C TYR Q 321 36.92 -85.05 -19.52
N GLY Q 322 36.26 -84.89 -20.65
CA GLY Q 322 36.78 -84.03 -21.69
C GLY Q 322 37.94 -84.63 -22.48
N THR Q 323 38.32 -83.97 -23.56
CA THR Q 323 39.39 -84.49 -24.40
C THR Q 323 40.74 -83.90 -24.01
N HIS Q 324 40.79 -82.61 -23.72
CA HIS Q 324 42.03 -81.94 -23.34
C HIS Q 324 41.81 -81.18 -22.04
N TYR Q 325 42.90 -80.85 -21.36
CA TYR Q 325 42.83 -79.98 -20.19
C TYR Q 325 43.54 -78.68 -20.49
N SER Q 326 42.97 -77.58 -20.01
CA SER Q 326 43.54 -76.26 -20.28
C SER Q 326 44.80 -76.04 -19.46
N SER Q 327 45.95 -76.35 -20.05
CA SER Q 327 47.22 -76.21 -19.36
C SER Q 327 47.65 -74.77 -19.21
N SER Q 328 47.05 -73.82 -19.92
CA SER Q 328 47.37 -72.41 -19.75
C SER Q 328 46.18 -71.59 -20.20
N GLY Q 329 45.39 -71.09 -19.24
CA GLY Q 329 44.22 -70.31 -19.54
C GLY Q 329 44.43 -68.82 -19.34
N SER Q 330 43.31 -68.09 -19.40
CA SER Q 330 43.29 -66.66 -19.14
C SER Q 330 41.84 -66.30 -18.85
N LEU Q 331 41.51 -65.93 -17.62
CA LEU Q 331 40.12 -65.76 -17.26
C LEU Q 331 39.67 -64.34 -17.61
N GLY Q 332 38.47 -63.97 -17.17
CA GLY Q 332 37.87 -62.70 -17.56
C GLY Q 332 37.21 -62.78 -18.92
N GLY Q 333 36.04 -62.17 -19.08
CA GLY Q 333 35.26 -62.44 -20.28
C GLY Q 333 34.86 -61.26 -21.15
N LEU Q 334 34.54 -61.55 -22.40
CA LEU Q 334 34.39 -60.54 -23.44
C LEU Q 334 32.93 -60.13 -23.61
N TYR Q 335 32.72 -59.22 -24.55
CA TYR Q 335 31.43 -58.97 -25.14
C TYR Q 335 31.67 -58.67 -26.61
N GLU Q 336 30.59 -58.55 -27.38
CA GLU Q 336 30.72 -58.44 -28.82
C GLU Q 336 29.42 -57.97 -29.44
N LEU Q 337 29.50 -57.00 -30.34
CA LEU Q 337 28.40 -56.62 -31.19
C LEU Q 337 28.82 -56.89 -32.63
N ILE Q 338 27.85 -57.20 -33.49
CA ILE Q 338 28.02 -57.29 -34.94
C ILE Q 338 26.79 -56.69 -35.57
N TYR Q 339 26.96 -55.80 -36.55
CA TYR Q 339 25.85 -55.09 -37.16
C TYR Q 339 26.02 -55.21 -38.67
N VAL Q 340 25.42 -56.20 -39.29
CA VAL Q 340 25.60 -56.42 -40.73
C VAL Q 340 24.38 -55.87 -41.44
N LEU Q 341 24.49 -54.68 -42.00
CA LEU Q 341 23.43 -54.20 -42.84
C LEU Q 341 23.68 -54.68 -44.27
N ASP Q 342 22.67 -54.58 -45.11
CA ASP Q 342 22.77 -54.86 -46.53
C ASP Q 342 21.61 -54.16 -47.19
N LYS Q 343 21.85 -53.59 -48.35
CA LYS Q 343 20.81 -52.91 -49.08
C LYS Q 343 21.03 -53.19 -50.55
N ALA Q 344 19.95 -53.28 -51.32
CA ALA Q 344 20.07 -53.36 -52.77
C ALA Q 344 18.82 -52.76 -53.37
N SER Q 345 18.87 -51.47 -53.67
CA SER Q 345 17.81 -50.91 -54.49
C SER Q 345 18.05 -51.30 -55.94
N MET Q 346 17.02 -51.11 -56.76
CA MET Q 346 17.17 -51.22 -58.21
C MET Q 346 15.97 -50.55 -58.85
N LYS Q 347 16.20 -49.71 -59.84
CA LYS Q 347 15.13 -49.28 -60.72
C LYS Q 347 15.47 -49.75 -62.12
N ARG Q 348 14.43 -49.82 -62.97
CA ARG Q 348 14.62 -49.86 -64.40
C ARG Q 348 13.34 -49.37 -65.03
N LYS Q 349 13.47 -48.76 -66.21
CA LYS Q 349 12.34 -48.13 -66.85
C LYS Q 349 12.30 -48.53 -68.32
N GLY Q 350 11.28 -48.03 -69.01
CA GLY Q 350 11.24 -48.08 -70.45
C GLY Q 350 10.08 -47.25 -70.95
N VAL Q 351 10.33 -46.33 -71.86
CA VAL Q 351 9.32 -45.41 -72.37
C VAL Q 351 9.40 -45.48 -73.89
N GLU Q 352 8.39 -46.06 -74.51
CA GLU Q 352 8.40 -46.31 -75.94
C GLU Q 352 7.25 -45.58 -76.59
N LEU Q 353 7.44 -45.17 -77.84
CA LEU Q 353 6.47 -44.28 -78.47
C LEU Q 353 6.57 -44.43 -79.97
N LYS Q 354 5.43 -44.45 -80.65
CA LYS Q 354 5.37 -44.58 -82.10
C LYS Q 354 4.25 -43.72 -82.64
N ASP Q 355 4.38 -43.33 -83.91
CA ASP Q 355 3.47 -42.40 -84.56
C ASP Q 355 3.61 -42.56 -86.06
N ILE Q 356 2.48 -42.59 -86.76
CA ILE Q 356 2.42 -42.56 -88.22
C ILE Q 356 1.29 -41.62 -88.60
N LYS Q 357 1.62 -40.55 -89.32
CA LYS Q 357 0.65 -39.54 -89.70
C LYS Q 357 0.61 -39.47 -91.23
N ARG Q 358 -0.19 -40.34 -91.84
CA ARG Q 358 -0.29 -40.38 -93.29
C ARG Q 358 -1.38 -39.44 -93.77
N CYS Q 359 -1.29 -39.07 -95.05
CA CYS Q 359 -2.28 -38.22 -95.66
C CYS Q 359 -2.29 -38.50 -97.16
N LEU Q 360 -3.37 -38.09 -97.82
CA LEU Q 360 -3.46 -38.12 -99.27
C LEU Q 360 -4.57 -37.18 -99.67
N GLY Q 361 -4.45 -36.58 -100.85
CA GLY Q 361 -5.51 -35.74 -101.37
C GLY Q 361 -5.23 -35.20 -102.74
N TYR Q 362 -6.24 -35.22 -103.62
CA TYR Q 362 -6.05 -34.67 -104.95
C TYR Q 362 -7.33 -34.07 -105.51
N HIS Q 363 -7.14 -32.96 -106.22
CA HIS Q 363 -8.14 -32.32 -107.05
C HIS Q 363 -8.00 -32.85 -108.48
N LEU Q 364 -9.11 -33.27 -109.07
CA LEU Q 364 -9.10 -33.75 -110.45
C LEU Q 364 -10.20 -33.08 -111.26
N PHE Q 379 -14.36 -32.26 -108.88
CA PHE Q 379 -13.96 -33.51 -108.25
C PHE Q 379 -12.98 -33.19 -107.12
N ASN Q 380 -12.96 -34.01 -106.07
CA ASN Q 380 -11.98 -33.92 -105.01
C ASN Q 380 -11.98 -35.22 -104.23
N LYS Q 381 -10.82 -35.66 -103.77
CA LYS Q 381 -10.79 -36.75 -102.81
C LYS Q 381 -9.64 -36.50 -101.84
N ASP Q 382 -9.83 -36.82 -100.57
CA ASP Q 382 -8.73 -36.78 -99.62
C ASP Q 382 -9.01 -37.71 -98.46
N ASP Q 383 -7.95 -38.03 -97.73
CA ASP Q 383 -8.06 -38.67 -96.43
C ASP Q 383 -6.85 -38.32 -95.59
N CYS Q 384 -7.02 -38.43 -94.28
CA CYS Q 384 -5.95 -38.21 -93.31
C CYS Q 384 -6.01 -39.33 -92.31
N VAL Q 385 -4.90 -40.05 -92.13
CA VAL Q 385 -4.83 -41.20 -91.25
C VAL Q 385 -3.82 -40.90 -90.16
N LYS Q 386 -4.18 -41.13 -88.91
CA LYS Q 386 -3.26 -40.97 -87.79
C LYS Q 386 -3.24 -42.24 -86.98
N ARG Q 387 -2.07 -42.60 -86.48
CA ARG Q 387 -1.92 -43.74 -85.58
C ARG Q 387 -0.84 -43.39 -84.59
N GLY Q 388 -1.08 -43.68 -83.32
CA GLY Q 388 -0.07 -43.37 -82.32
C GLY Q 388 -0.12 -44.32 -81.14
N GLU Q 389 1.00 -44.96 -80.83
CA GLU Q 389 1.06 -45.91 -79.75
C GLU Q 389 2.04 -45.42 -78.70
N GLY Q 390 1.76 -45.73 -77.45
CA GLY Q 390 2.66 -45.39 -76.36
C GLY Q 390 2.76 -46.54 -75.39
N ARG Q 391 3.96 -46.84 -74.89
CA ARG Q 391 4.13 -47.90 -73.91
C ARG Q 391 5.04 -47.40 -72.81
N ALA Q 392 4.82 -47.91 -71.60
CA ALA Q 392 5.65 -47.50 -70.48
C ALA Q 392 5.73 -48.64 -69.48
N VAL Q 393 6.92 -48.85 -68.93
CA VAL Q 393 7.16 -49.84 -67.90
C VAL Q 393 8.06 -49.19 -66.84
N ASN Q 394 7.64 -49.23 -65.58
CA ASN Q 394 8.52 -48.91 -64.47
C ASN Q 394 8.62 -50.15 -63.60
N ILE Q 395 9.82 -50.56 -63.23
CA ILE Q 395 10.02 -51.68 -62.33
C ILE Q 395 10.97 -51.24 -61.23
N THR Q 396 10.49 -51.19 -60.00
CA THR Q 396 11.28 -50.67 -58.89
C THR Q 396 11.38 -51.74 -57.82
N SER Q 397 12.53 -52.41 -57.75
CA SER Q 397 12.73 -53.45 -56.75
C SER Q 397 13.60 -52.93 -55.62
N GLU Q 398 13.47 -53.57 -54.46
CA GLU Q 398 14.28 -53.21 -53.31
C GLU Q 398 14.43 -54.40 -52.38
N ASN Q 399 15.65 -54.66 -51.96
CA ASN Q 399 15.95 -55.60 -50.90
C ASN Q 399 16.63 -54.84 -49.77
N LEU Q 400 16.36 -55.26 -48.55
CA LEU Q 400 17.06 -54.72 -47.39
C LEU Q 400 17.20 -55.83 -46.38
N ILE Q 401 18.35 -55.93 -45.76
CA ILE Q 401 18.63 -56.93 -44.72
C ILE Q 401 19.32 -56.20 -43.59
N ASP Q 402 18.91 -56.49 -42.36
CA ASP Q 402 19.66 -56.05 -41.20
C ASP Q 402 19.83 -57.26 -40.29
N ASP Q 403 21.07 -57.56 -39.93
CA ASP Q 403 21.40 -58.49 -38.87
C ASP Q 403 22.05 -57.71 -37.76
N VAL Q 404 21.71 -58.08 -36.53
CA VAL Q 404 22.43 -57.64 -35.35
C VAL Q 404 22.68 -58.89 -34.53
N VAL Q 405 23.90 -59.06 -34.05
CA VAL Q 405 24.22 -60.10 -33.08
C VAL Q 405 24.86 -59.41 -31.89
N SER Q 406 24.46 -59.79 -30.70
CA SER Q 406 25.18 -59.36 -29.51
C SER Q 406 25.45 -60.56 -28.64
N LEU Q 407 26.61 -60.55 -27.99
CA LEU Q 407 27.02 -61.64 -27.12
C LEU Q 407 27.74 -61.02 -25.95
N ILE Q 408 27.59 -61.62 -24.77
CA ILE Q 408 28.26 -61.09 -23.58
C ILE Q 408 28.48 -62.22 -22.59
N ARG Q 409 29.72 -62.34 -22.10
CA ARG Q 409 30.09 -63.40 -21.19
C ARG Q 409 30.63 -62.79 -19.91
N GLY Q 410 30.53 -63.52 -18.81
CA GLY Q 410 31.10 -63.06 -17.56
C GLY Q 410 30.34 -61.95 -16.85
N GLY Q 411 30.40 -61.95 -15.53
CA GLY Q 411 29.82 -60.87 -14.75
C GLY Q 411 28.59 -61.32 -13.99
N THR Q 412 28.15 -60.44 -13.10
CA THR Q 412 26.96 -60.70 -12.32
C THR Q 412 25.74 -60.51 -13.21
N ARG Q 413 24.62 -61.09 -12.78
CA ARG Q 413 23.39 -61.11 -13.55
C ARG Q 413 22.78 -59.73 -13.72
N LYS Q 414 23.07 -58.79 -12.84
CA LYS Q 414 22.34 -57.53 -12.81
C LYS Q 414 22.94 -56.46 -13.71
N TYR Q 415 24.25 -56.43 -13.90
CA TYR Q 415 24.87 -55.36 -14.66
C TYR Q 415 25.13 -55.72 -16.12
N ALA Q 416 25.43 -56.99 -16.39
CA ALA Q 416 25.76 -57.41 -17.75
C ALA Q 416 24.57 -57.26 -18.69
N PHE Q 417 23.38 -57.50 -18.20
CA PHE Q 417 22.20 -57.41 -19.04
C PHE Q 417 21.59 -56.03 -19.04
N GLU Q 418 22.11 -55.14 -18.21
CA GLU Q 418 21.97 -53.72 -18.47
C GLU Q 418 22.88 -53.30 -19.62
N LEU Q 419 24.12 -53.81 -19.61
CA LEU Q 419 25.12 -53.42 -20.60
C LEU Q 419 24.75 -53.87 -22.00
N LYS Q 420 24.19 -55.08 -22.13
CA LYS Q 420 23.85 -55.62 -23.45
C LYS Q 420 22.76 -54.79 -24.12
N GLU Q 421 21.72 -54.43 -23.38
CA GLU Q 421 20.69 -53.58 -23.95
C GLU Q 421 21.14 -52.13 -24.13
N LYS Q 422 22.10 -51.66 -23.33
CA LYS Q 422 22.65 -50.34 -23.64
C LYS Q 422 23.52 -50.36 -24.88
N LEU Q 423 24.09 -51.52 -25.22
CA LEU Q 423 24.76 -51.66 -26.52
C LEU Q 423 23.75 -51.62 -27.66
N LEU Q 424 22.72 -52.46 -27.57
CA LEU Q 424 21.85 -52.66 -28.72
C LEU Q 424 20.85 -51.54 -28.94
N ARG Q 425 20.75 -50.60 -28.00
CA ARG Q 425 19.90 -49.43 -28.23
C ARG Q 425 20.47 -48.54 -29.32
N GLY Q 426 21.79 -48.54 -29.49
CA GLY Q 426 22.44 -47.69 -30.46
C GLY Q 426 22.86 -46.34 -29.93
N THR Q 427 22.28 -45.90 -28.82
CA THR Q 427 22.69 -44.64 -28.21
C THR Q 427 24.05 -44.81 -27.53
N VAL Q 428 24.64 -43.69 -27.17
CA VAL Q 428 25.95 -43.71 -26.51
C VAL Q 428 25.75 -44.18 -25.07
N ILE Q 429 26.71 -44.96 -24.59
CA ILE Q 429 26.68 -45.49 -23.23
C ILE Q 429 27.55 -44.59 -22.37
N ASP Q 430 26.94 -43.95 -21.38
CA ASP Q 430 27.71 -43.20 -20.40
C ASP Q 430 28.58 -44.15 -19.60
N VAL Q 431 29.75 -43.68 -19.15
CA VAL Q 431 30.76 -44.56 -18.60
C VAL Q 431 30.40 -44.74 -17.13
N THR Q 432 29.38 -45.57 -16.91
CA THR Q 432 29.03 -46.07 -15.60
C THR Q 432 28.56 -47.52 -15.65
N ASP Q 433 28.24 -48.05 -16.82
CA ASP Q 433 27.78 -49.42 -16.97
C ASP Q 433 28.91 -50.36 -17.37
N PHE Q 434 29.83 -49.89 -18.20
CA PHE Q 434 31.02 -50.68 -18.51
C PHE Q 434 31.93 -50.78 -17.29
N VAL Q 435 32.00 -49.72 -16.49
CA VAL Q 435 32.75 -49.75 -15.24
C VAL Q 435 32.11 -50.70 -14.24
N ASN Q 436 30.78 -50.68 -14.14
CA ASN Q 436 30.11 -51.56 -13.19
C ASN Q 436 30.18 -53.01 -13.63
N TRP Q 437 30.12 -53.27 -14.93
CA TRP Q 437 30.32 -54.64 -15.41
C TRP Q 437 31.76 -55.10 -15.19
N ALA Q 438 32.71 -54.17 -15.34
CA ALA Q 438 34.11 -54.54 -15.14
C ALA Q 438 34.45 -54.72 -13.67
N SER Q 439 33.71 -54.07 -12.77
CA SER Q 439 33.84 -54.40 -11.36
C SER Q 439 33.10 -55.68 -11.03
N SER Q 440 32.05 -55.98 -11.77
CA SER Q 440 31.32 -57.22 -11.60
C SER Q 440 32.12 -58.43 -12.01
N ILE Q 441 33.02 -58.29 -12.99
CA ILE Q 441 33.71 -59.42 -13.57
C ILE Q 441 34.69 -60.09 -12.62
N ASN Q 442 35.00 -59.44 -11.50
CA ASN Q 442 35.80 -60.09 -10.46
C ASN Q 442 35.03 -61.22 -9.79
N ASP Q 443 33.70 -61.11 -9.74
CA ASP Q 443 32.92 -62.15 -9.08
C ASP Q 443 32.77 -63.39 -9.94
N ALA Q 444 32.38 -63.22 -11.22
CA ALA Q 444 32.03 -64.34 -12.10
C ALA Q 444 32.91 -64.31 -13.35
N PRO Q 445 34.10 -64.89 -13.28
CA PRO Q 445 34.96 -64.94 -14.47
C PRO Q 445 34.55 -66.05 -15.41
N VAL Q 446 34.91 -65.87 -16.67
CA VAL Q 446 34.63 -66.82 -17.74
C VAL Q 446 35.90 -67.00 -18.55
N LEU Q 447 36.31 -68.25 -18.73
CA LEU Q 447 37.54 -68.56 -19.45
C LEU Q 447 37.44 -68.10 -20.90
N ILE Q 448 38.52 -67.51 -21.41
CA ILE Q 448 38.45 -66.79 -22.67
C ILE Q 448 39.51 -67.21 -23.68
N SER Q 449 40.63 -67.80 -23.26
CA SER Q 449 41.69 -68.17 -24.19
C SER Q 449 42.56 -69.20 -23.51
N GLN Q 450 42.84 -70.29 -24.21
CA GLN Q 450 43.49 -71.43 -23.60
C GLN Q 450 44.48 -72.06 -24.57
N LYS Q 451 45.46 -72.74 -24.02
CA LYS Q 451 46.45 -73.48 -24.80
C LYS Q 451 46.35 -74.93 -24.37
N LEU Q 452 45.78 -75.75 -25.23
CA LEU Q 452 45.36 -77.10 -24.86
C LEU Q 452 46.56 -78.02 -24.70
N SER Q 453 46.28 -79.24 -24.23
CA SER Q 453 47.26 -80.28 -24.01
C SER Q 453 46.50 -81.59 -23.86
N PRO Q 454 46.94 -82.68 -24.46
CA PRO Q 454 46.12 -83.90 -24.49
C PRO Q 454 46.10 -84.60 -23.14
N ILE Q 455 44.99 -85.29 -22.89
CA ILE Q 455 44.74 -85.86 -21.56
C ILE Q 455 45.58 -87.10 -21.32
N TYR Q 456 46.18 -87.69 -22.34
CA TYR Q 456 47.14 -88.75 -22.11
C TYR Q 456 48.54 -88.23 -21.83
N ASN Q 457 48.68 -86.93 -21.61
CA ASN Q 457 49.88 -86.36 -21.00
C ASN Q 457 49.65 -86.11 -19.51
N LEU Q 458 48.67 -86.78 -18.93
CA LEU Q 458 48.26 -86.57 -17.56
C LEU Q 458 48.07 -87.85 -16.76
N VAL Q 459 47.83 -88.98 -17.42
CA VAL Q 459 47.71 -90.29 -16.79
C VAL Q 459 49.01 -90.65 -16.09
N PRO Q 460 48.99 -90.92 -14.79
CA PRO Q 460 50.22 -91.18 -14.05
C PRO Q 460 50.84 -92.51 -14.45
N VAL Q 461 52.14 -92.61 -14.18
CA VAL Q 461 52.93 -93.76 -14.59
C VAL Q 461 53.15 -94.73 -13.44
N LYS Q 462 52.91 -94.30 -12.20
CA LYS Q 462 53.01 -95.18 -11.04
C LYS Q 462 52.00 -96.32 -11.08
N MET Q 463 50.82 -96.08 -11.65
CA MET Q 463 49.79 -97.10 -11.69
C MET Q 463 50.11 -98.17 -12.73
N LYS Q 464 49.42 -99.31 -12.60
CA LYS Q 464 49.70 -100.47 -13.42
C LYS Q 464 49.08 -100.31 -14.81
N ASN Q 465 49.78 -100.87 -15.80
CA ASN Q 465 49.43 -100.80 -17.23
C ASN Q 465 49.25 -99.35 -17.70
N ALA Q 466 50.17 -98.48 -17.26
CA ALA Q 466 50.03 -97.06 -17.56
C ALA Q 466 50.31 -96.77 -19.03
N HIS Q 467 51.35 -97.40 -19.58
CA HIS Q 467 51.70 -97.14 -20.97
C HIS Q 467 50.68 -97.72 -21.93
N LEU Q 468 50.04 -98.84 -21.57
CA LEU Q 468 49.01 -99.41 -22.43
C LEU Q 468 47.77 -98.53 -22.45
N LYS Q 469 47.40 -97.97 -21.30
CA LYS Q 469 46.26 -97.05 -21.27
C LYS Q 469 46.57 -95.74 -21.97
N LYS Q 470 47.83 -95.31 -21.92
CA LYS Q 470 48.20 -94.12 -22.68
C LYS Q 470 48.22 -94.41 -24.17
N GLN Q 471 48.61 -95.62 -24.56
CA GLN Q 471 48.54 -96.04 -25.95
C GLN Q 471 47.10 -96.16 -26.44
N ASN Q 472 46.19 -96.49 -25.54
CA ASN Q 472 44.78 -96.51 -25.91
C ASN Q 472 44.23 -95.11 -26.07
N LEU Q 473 44.55 -94.22 -25.12
CA LEU Q 473 44.02 -92.87 -25.15
C LEU Q 473 44.66 -91.99 -26.22
N GLU Q 474 45.84 -92.36 -26.73
CA GLU Q 474 46.41 -91.58 -27.81
C GLU Q 474 45.77 -91.90 -29.16
N ARG Q 475 45.12 -93.06 -29.29
CA ARG Q 475 44.36 -93.40 -30.48
C ARG Q 475 42.88 -93.11 -30.34
N ALA Q 476 42.37 -93.10 -29.10
CA ALA Q 476 40.97 -92.80 -28.89
C ALA Q 476 40.63 -91.37 -29.25
N ILE Q 477 41.57 -90.45 -29.07
CA ILE Q 477 41.33 -89.06 -29.45
C ILE Q 477 41.30 -88.92 -30.97
N GLU Q 478 42.16 -89.66 -31.68
CA GLU Q 478 42.10 -89.67 -33.15
C GLU Q 478 40.80 -90.28 -33.66
N ASP Q 479 40.35 -91.38 -33.04
CA ASP Q 479 39.08 -91.97 -33.44
C ASP Q 479 37.90 -91.08 -33.10
N TYR Q 480 37.98 -90.36 -31.98
CA TYR Q 480 36.88 -89.47 -31.61
C TYR Q 480 36.82 -88.26 -32.53
N ILE Q 481 37.97 -87.72 -32.91
CA ILE Q 481 37.95 -86.56 -33.79
C ILE Q 481 37.67 -86.97 -35.23
N ASN Q 482 37.87 -88.24 -35.57
CA ASN Q 482 37.55 -88.69 -36.91
C ASN Q 482 36.07 -89.05 -37.05
N GLU Q 483 35.54 -89.82 -36.10
CA GLU Q 483 34.21 -90.40 -36.28
C GLU Q 483 33.08 -89.42 -36.01
N PHE Q 484 33.32 -88.35 -35.25
CA PHE Q 484 32.35 -87.28 -35.10
C PHE Q 484 32.75 -86.03 -35.87
N SER Q 485 33.59 -86.18 -36.90
CA SER Q 485 33.97 -85.04 -37.71
C SER Q 485 32.82 -84.62 -38.61
N VAL Q 486 32.90 -83.38 -39.10
CA VAL Q 486 31.87 -82.86 -40.01
C VAL Q 486 32.06 -83.37 -41.42
N ARG Q 487 33.19 -84.00 -41.72
CA ARG Q 487 33.52 -84.42 -43.07
C ARG Q 487 32.93 -85.76 -43.45
N LYS Q 488 31.88 -86.21 -42.77
CA LYS Q 488 31.11 -87.35 -43.23
C LYS Q 488 29.80 -86.96 -43.89
N CYS Q 489 29.17 -85.88 -43.43
CA CYS Q 489 27.96 -85.37 -44.07
C CYS Q 489 28.30 -84.69 -45.39
N HIS Q 490 27.52 -84.98 -46.41
CA HIS Q 490 27.73 -84.38 -47.71
C HIS Q 490 27.34 -82.90 -47.65
N THR Q 491 28.19 -82.05 -48.22
CA THR Q 491 28.08 -80.61 -47.99
C THR Q 491 26.89 -80.01 -48.70
N CYS Q 492 26.37 -78.94 -48.12
CA CYS Q 492 25.25 -78.21 -48.71
C CYS Q 492 25.73 -77.25 -49.77
N GLN Q 493 24.91 -77.08 -50.81
CA GLN Q 493 25.26 -76.21 -51.91
C GLN Q 493 24.93 -74.76 -51.57
N ASN Q 494 25.13 -73.88 -52.57
CA ASN Q 494 24.82 -72.45 -52.52
C ASN Q 494 25.56 -71.71 -51.42
N GLY Q 495 26.72 -72.21 -51.01
CA GLY Q 495 27.46 -71.59 -49.93
C GLY Q 495 26.97 -71.95 -48.54
N GLY Q 496 26.20 -73.02 -48.40
CA GLY Q 496 25.71 -73.42 -47.10
C GLY Q 496 26.76 -74.14 -46.28
N THR Q 497 27.09 -73.59 -45.12
CA THR Q 497 28.08 -74.17 -44.23
C THR Q 497 27.43 -75.23 -43.35
N VAL Q 498 27.92 -76.46 -43.45
CA VAL Q 498 27.36 -77.57 -42.70
C VAL Q 498 27.90 -77.53 -41.27
N ILE Q 499 27.03 -77.82 -40.31
CA ILE Q 499 27.37 -77.81 -38.89
C ILE Q 499 26.88 -79.11 -38.28
N LEU Q 500 27.80 -79.92 -37.77
CA LEU Q 500 27.41 -81.10 -37.03
C LEU Q 500 26.86 -80.70 -35.67
N MET Q 501 25.66 -81.19 -35.35
CA MET Q 501 24.99 -80.85 -34.10
C MET Q 501 24.01 -81.97 -33.79
N ASP Q 502 24.18 -82.61 -32.63
CA ASP Q 502 23.34 -83.72 -32.15
C ASP Q 502 23.37 -84.91 -33.11
N GLY Q 503 24.46 -85.07 -33.86
CA GLY Q 503 24.50 -86.07 -34.91
C GLY Q 503 23.53 -85.79 -36.05
N LYS Q 504 23.24 -84.52 -36.29
CA LYS Q 504 22.25 -84.11 -37.30
C LYS Q 504 22.81 -82.87 -38.00
N CYS Q 505 23.41 -83.06 -39.17
CA CYS Q 505 24.14 -82.02 -39.87
C CYS Q 505 23.17 -80.98 -40.42
N LEU Q 506 23.03 -79.87 -39.71
CA LEU Q 506 22.23 -78.75 -40.15
C LEU Q 506 23.11 -77.73 -40.86
N CYS Q 507 22.58 -77.15 -41.94
CA CYS Q 507 23.32 -76.18 -42.74
C CYS Q 507 22.74 -74.79 -42.55
N ALA Q 508 23.62 -73.79 -42.53
CA ALA Q 508 23.24 -72.39 -42.43
C ALA Q 508 23.42 -71.72 -43.79
N CYS Q 509 22.37 -71.06 -44.26
CA CYS Q 509 22.32 -70.45 -45.58
C CYS Q 509 22.59 -68.95 -45.50
N PRO Q 510 23.42 -68.40 -46.38
CA PRO Q 510 23.79 -66.98 -46.26
C PRO Q 510 22.75 -65.99 -46.79
N PHE Q 511 22.01 -65.37 -45.86
CA PHE Q 511 21.34 -64.08 -45.99
C PHE Q 511 20.14 -64.02 -46.94
N LYS Q 512 19.92 -65.03 -47.76
CA LYS Q 512 18.80 -64.96 -48.70
C LYS Q 512 18.01 -66.25 -48.83
N PHE Q 513 18.51 -67.37 -48.34
CA PHE Q 513 18.00 -68.67 -48.72
C PHE Q 513 17.29 -69.27 -47.50
N GLU Q 514 15.98 -69.43 -47.60
CA GLU Q 514 15.22 -69.97 -46.48
C GLU Q 514 15.14 -71.49 -46.49
N GLY Q 515 15.54 -72.14 -47.58
CA GLY Q 515 15.42 -73.57 -47.67
C GLY Q 515 16.45 -74.30 -46.85
N ILE Q 516 16.18 -75.59 -46.61
CA ILE Q 516 17.11 -76.40 -45.84
C ILE Q 516 18.37 -76.67 -46.65
N ALA Q 517 18.22 -76.85 -47.96
CA ALA Q 517 19.34 -77.06 -48.86
C ALA Q 517 19.80 -75.78 -49.55
N CYS Q 518 19.42 -74.62 -48.99
CA CYS Q 518 19.80 -73.29 -49.46
C CYS Q 518 19.36 -73.03 -50.90
N GLU Q 519 18.22 -73.60 -51.30
CA GLU Q 519 17.84 -73.58 -52.72
C GLU Q 519 16.96 -72.38 -53.08
N ILE Q 520 15.90 -72.15 -52.32
CA ILE Q 520 14.95 -71.08 -52.65
C ILE Q 520 15.60 -69.73 -52.36
N SER Q 521 15.46 -68.82 -53.32
CA SER Q 521 16.06 -67.49 -53.22
C SER Q 521 14.96 -66.44 -53.17
N LYS Q 522 15.38 -65.19 -52.98
CA LYS Q 522 14.46 -64.05 -52.97
C LYS Q 522 15.05 -62.88 -53.75
N SER R 18 -12.86 -86.46 -49.58
CA SER R 18 -11.87 -86.42 -48.51
C SER R 18 -12.43 -87.06 -47.25
N HIS R 19 -12.08 -88.33 -47.03
CA HIS R 19 -12.60 -89.07 -45.87
C HIS R 19 -11.62 -90.21 -45.57
N ILE R 20 -10.78 -90.02 -44.55
CA ILE R 20 -9.83 -91.03 -44.11
C ILE R 20 -10.12 -91.37 -42.67
N ASP R 21 -10.11 -92.67 -42.35
CA ASP R 21 -10.33 -93.13 -40.98
C ASP R 21 -9.10 -93.89 -40.49
N CYS R 22 -9.07 -94.12 -39.18
CA CYS R 22 -7.98 -94.88 -38.58
C CYS R 22 -8.07 -96.35 -38.95
N ARG R 23 -6.93 -97.02 -38.85
CA ARG R 23 -6.82 -98.43 -39.18
C ARG R 23 -6.00 -99.13 -38.11
N MET R 24 -6.17 -100.44 -38.00
CA MET R 24 -5.40 -101.25 -37.08
C MET R 24 -5.00 -102.57 -37.74
N SER R 25 -3.76 -102.98 -37.49
CA SER R 25 -3.33 -104.32 -37.81
C SER R 25 -3.99 -105.31 -36.86
N PRO R 26 -4.13 -106.57 -37.26
CA PRO R 26 -4.64 -107.58 -36.32
C PRO R 26 -3.60 -107.92 -35.28
N TRP R 27 -4.08 -108.47 -34.16
CA TRP R 27 -3.21 -108.80 -33.05
C TRP R 27 -2.32 -109.99 -33.40
N SER R 28 -1.21 -110.09 -32.68
CA SER R 28 -0.26 -111.17 -32.90
C SER R 28 -0.69 -112.41 -32.13
N GLU R 29 0.20 -113.38 -32.01
CA GLU R 29 -0.06 -114.58 -31.24
C GLU R 29 0.42 -114.38 -29.81
N TRP R 30 -0.23 -115.10 -28.90
CA TRP R 30 0.13 -115.07 -27.48
C TRP R 30 1.47 -115.78 -27.31
N SER R 31 2.47 -115.06 -26.79
CA SER R 31 3.85 -115.54 -26.88
C SER R 31 4.14 -116.64 -25.86
N GLN R 32 4.15 -116.29 -24.57
CA GLN R 32 4.57 -117.19 -23.50
C GLN R 32 4.27 -116.53 -22.17
N CYS R 33 3.85 -117.34 -21.19
CA CYS R 33 3.83 -116.89 -19.80
C CYS R 33 5.26 -116.56 -19.37
N ASP R 34 5.54 -115.29 -19.17
CA ASP R 34 6.82 -114.87 -18.61
C ASP R 34 6.81 -115.27 -17.14
N PRO R 35 7.66 -116.22 -16.73
CA PRO R 35 7.47 -116.85 -15.41
C PRO R 35 7.82 -115.95 -14.25
N CYS R 36 8.66 -114.94 -14.47
CA CYS R 36 9.03 -114.01 -13.43
C CYS R 36 8.02 -112.87 -13.27
N LEU R 37 7.00 -112.82 -14.12
CA LEU R 37 5.93 -111.82 -14.01
C LEU R 37 4.53 -112.39 -14.15
N ARG R 38 4.38 -113.66 -14.52
CA ARG R 38 3.10 -114.38 -14.59
C ARG R 38 2.11 -113.76 -15.58
N GLN R 39 2.61 -113.16 -16.66
CA GLN R 39 1.76 -112.50 -17.64
C GLN R 39 2.29 -112.79 -19.03
N MET R 40 1.42 -113.16 -19.95
CA MET R 40 1.78 -113.25 -21.36
C MET R 40 1.34 -111.98 -22.07
N PHE R 41 2.17 -111.51 -22.98
CA PHE R 41 1.93 -110.26 -23.68
C PHE R 41 1.70 -110.54 -25.16
N ARG R 42 0.93 -109.67 -25.80
CA ARG R 42 0.78 -109.72 -27.24
C ARG R 42 0.53 -108.30 -27.74
N SER R 43 0.72 -108.10 -29.03
CA SER R 43 0.73 -106.74 -29.55
C SER R 43 0.29 -106.73 -31.01
N ARG R 44 0.31 -105.53 -31.57
CA ARG R 44 -0.02 -105.29 -32.97
C ARG R 44 0.66 -103.98 -33.38
N SER R 45 0.33 -103.48 -34.57
CA SER R 45 0.88 -102.20 -35.00
C SER R 45 -0.23 -101.28 -35.52
N ILE R 46 0.17 -100.14 -36.06
CA ILE R 46 -0.77 -99.15 -36.60
C ILE R 46 -0.43 -98.93 -38.06
N GLU R 47 -1.40 -99.15 -38.93
CA GLU R 47 -1.15 -98.98 -40.36
C GLU R 47 -1.25 -97.52 -40.78
N VAL R 48 -2.43 -96.93 -40.66
CA VAL R 48 -2.68 -95.56 -41.15
C VAL R 48 -3.44 -94.81 -40.08
N PHE R 49 -2.89 -93.66 -39.66
CA PHE R 49 -3.56 -92.81 -38.70
C PHE R 49 -4.72 -92.08 -39.36
N GLY R 50 -5.68 -91.67 -38.54
CA GLY R 50 -6.81 -90.93 -39.05
C GLY R 50 -6.41 -89.54 -39.51
N GLN R 51 -7.12 -89.04 -40.52
CA GLN R 51 -6.75 -87.79 -41.15
C GLN R 51 -7.99 -87.23 -41.84
N PHE R 52 -8.04 -85.90 -41.93
CA PHE R 52 -9.12 -85.14 -42.57
C PHE R 52 -10.48 -85.44 -41.92
N ASN R 53 -10.57 -85.06 -40.64
CA ASN R 53 -11.81 -85.08 -39.86
C ASN R 53 -12.38 -86.50 -39.76
N GLY R 54 -11.54 -87.42 -39.32
CA GLY R 54 -11.90 -88.82 -39.22
C GLY R 54 -11.68 -89.39 -37.84
N LYS R 55 -11.77 -90.70 -37.71
CA LYS R 55 -11.69 -91.34 -36.40
C LYS R 55 -10.25 -91.40 -35.92
N ARG R 56 -10.06 -91.11 -34.63
CA ARG R 56 -8.74 -91.12 -34.02
C ARG R 56 -8.36 -92.54 -33.61
N CYS R 57 -7.07 -92.84 -33.68
CA CYS R 57 -6.60 -94.20 -33.42
C CYS R 57 -6.59 -94.52 -31.93
N THR R 58 -6.20 -93.56 -31.09
CA THR R 58 -6.21 -93.65 -29.61
C THR R 58 -5.38 -94.83 -29.09
N ASP R 59 -4.16 -94.97 -29.63
CA ASP R 59 -2.98 -95.58 -29.00
C ASP R 59 -3.26 -96.96 -28.40
N ALA R 60 -3.87 -97.83 -29.19
CA ALA R 60 -4.37 -99.10 -28.69
C ALA R 60 -3.40 -100.26 -28.93
N VAL R 61 -2.10 -100.00 -28.87
CA VAL R 61 -1.10 -101.04 -29.04
C VAL R 61 -0.76 -101.64 -27.68
N GLY R 62 -0.30 -102.89 -27.70
CA GLY R 62 0.06 -103.58 -26.48
C GLY R 62 -1.11 -104.15 -25.71
N ASP R 63 -0.94 -105.34 -25.15
CA ASP R 63 -2.01 -106.00 -24.43
C ASP R 63 -1.42 -106.93 -23.40
N ARG R 64 -2.13 -107.11 -22.29
CA ARG R 64 -1.67 -107.94 -21.19
C ARG R 64 -2.78 -108.90 -20.78
N ARG R 65 -2.40 -110.05 -20.24
CA ARG R 65 -3.36 -111.04 -19.78
C ARG R 65 -2.70 -111.92 -18.74
N GLN R 66 -3.40 -112.18 -17.64
CA GLN R 66 -2.83 -112.97 -16.57
C GLN R 66 -2.82 -114.45 -16.95
N CYS R 67 -1.77 -115.15 -16.57
CA CYS R 67 -1.71 -116.60 -16.76
C CYS R 67 -0.90 -117.22 -15.64
N VAL R 68 -1.22 -118.46 -15.32
CA VAL R 68 -0.49 -119.21 -14.31
C VAL R 68 0.89 -119.58 -14.86
N PRO R 69 1.97 -119.46 -14.07
CA PRO R 69 3.29 -119.88 -14.57
C PRO R 69 3.40 -121.39 -14.71
N THR R 70 3.44 -121.86 -15.96
CA THR R 70 3.49 -123.29 -16.22
C THR R 70 4.89 -123.87 -15.98
N GLU R 71 5.93 -123.05 -16.11
CA GLU R 71 7.30 -123.47 -15.86
C GLU R 71 8.02 -122.31 -15.18
N PRO R 72 8.24 -122.39 -13.86
CA PRO R 72 8.72 -121.22 -13.12
C PRO R 72 10.19 -120.91 -13.38
N CYS R 73 10.51 -119.62 -13.35
CA CYS R 73 11.85 -119.12 -13.54
C CYS R 73 12.62 -119.16 -12.23
N GLU R 74 13.93 -118.89 -12.33
CA GLU R 74 14.73 -118.74 -11.13
C GLU R 74 14.38 -117.43 -10.44
N ASP R 75 14.70 -117.35 -9.14
CA ASP R 75 14.41 -116.18 -8.34
C ASP R 75 15.33 -115.05 -8.79
N ALA R 76 14.77 -114.11 -9.54
CA ALA R 76 15.54 -113.02 -10.14
C ALA R 76 15.85 -111.98 -9.07
N GLU R 77 16.97 -112.18 -8.38
CA GLU R 77 17.47 -111.20 -7.42
C GLU R 77 18.98 -111.13 -7.54
N ASP R 78 19.53 -109.94 -7.30
CA ASP R 78 20.95 -109.72 -7.47
C ASP R 78 21.74 -110.25 -6.28
N ASP R 79 23.02 -110.51 -6.51
CA ASP R 79 23.87 -111.06 -5.48
C ASP R 79 24.20 -110.02 -4.42
N CYS R 80 24.53 -108.80 -4.87
CA CYS R 80 24.95 -107.67 -4.02
C CYS R 80 26.16 -108.08 -3.17
N GLY R 81 27.27 -108.36 -3.87
CA GLY R 81 28.41 -109.00 -3.25
C GLY R 81 29.21 -108.04 -2.38
N ASN R 82 29.36 -108.37 -1.09
CA ASN R 82 30.20 -107.66 -0.12
C ASN R 82 29.82 -106.20 0.04
N ASP R 83 28.55 -105.88 -0.20
CA ASP R 83 28.04 -104.53 -0.05
C ASP R 83 26.84 -104.56 0.88
N PHE R 84 26.67 -103.49 1.64
CA PHE R 84 25.52 -103.38 2.53
C PHE R 84 24.27 -103.15 1.70
N GLN R 85 23.44 -104.17 1.59
CA GLN R 85 22.13 -104.00 0.97
C GLN R 85 21.24 -103.14 1.86
N CYS R 86 20.35 -102.39 1.24
CA CYS R 86 19.49 -101.45 1.92
C CYS R 86 18.04 -101.92 1.84
N SER R 87 17.14 -101.09 2.35
CA SER R 87 15.71 -101.38 2.30
C SER R 87 15.04 -100.82 1.05
N THR R 88 15.78 -100.64 -0.02
CA THR R 88 15.26 -100.23 -1.32
C THR R 88 15.67 -101.17 -2.44
N GLY R 89 16.87 -101.71 -2.39
CA GLY R 89 17.44 -102.46 -3.51
C GLY R 89 18.75 -101.88 -4.02
N ARG R 90 19.20 -100.75 -3.48
CA ARG R 90 20.47 -100.15 -3.84
C ARG R 90 21.55 -100.67 -2.89
N CYS R 91 22.71 -100.98 -3.44
CA CYS R 91 23.82 -101.53 -2.68
C CYS R 91 24.91 -100.48 -2.55
N ILE R 92 25.10 -99.98 -1.33
CA ILE R 92 26.12 -98.98 -1.06
C ILE R 92 27.27 -99.64 -0.31
N LYS R 93 28.36 -98.90 -0.13
CA LYS R 93 29.56 -99.40 0.50
C LYS R 93 29.49 -99.19 2.01
N MET R 94 30.54 -99.64 2.71
CA MET R 94 30.62 -99.48 4.16
C MET R 94 31.08 -98.08 4.55
N ARG R 95 31.79 -97.38 3.66
CA ARG R 95 32.26 -96.02 3.92
C ARG R 95 31.12 -95.04 4.11
N LEU R 96 29.95 -95.33 3.54
CA LEU R 96 28.80 -94.46 3.62
C LEU R 96 27.98 -94.65 4.90
N ARG R 97 28.51 -95.37 5.88
CA ARG R 97 27.77 -95.63 7.12
C ARG R 97 27.79 -94.41 8.03
N CYS R 98 26.60 -93.99 8.47
CA CYS R 98 26.40 -92.91 9.43
C CYS R 98 27.00 -91.59 8.97
N ASN R 99 27.01 -91.35 7.66
CA ASN R 99 27.63 -90.17 7.09
C ASN R 99 26.72 -88.95 7.12
N GLY R 100 25.49 -89.09 7.60
CA GLY R 100 24.57 -87.99 7.57
C GLY R 100 24.00 -87.67 6.21
N ASP R 101 24.13 -88.58 5.24
CA ASP R 101 23.58 -88.40 3.91
C ASP R 101 22.67 -89.55 3.57
N ASN R 102 21.52 -89.24 2.98
CA ASN R 102 20.52 -90.23 2.64
C ASN R 102 20.94 -91.05 1.42
N ASP R 103 21.70 -92.12 1.67
CA ASP R 103 22.36 -92.87 0.61
C ASP R 103 21.56 -94.07 0.15
N CYS R 104 20.94 -94.81 1.06
CA CYS R 104 20.11 -95.93 0.65
C CYS R 104 18.78 -95.48 0.07
N GLY R 105 18.35 -94.26 0.40
CA GLY R 105 17.06 -93.77 -0.05
C GLY R 105 16.05 -93.77 1.07
N ASP R 106 16.06 -94.84 1.88
CA ASP R 106 15.20 -94.94 3.06
C ASP R 106 15.99 -94.77 4.35
N PHE R 107 16.97 -93.85 4.31
CA PHE R 107 17.54 -93.22 5.50
C PHE R 107 18.27 -94.22 6.39
N SER R 108 18.94 -95.19 5.77
CA SER R 108 19.57 -96.28 6.50
C SER R 108 20.98 -95.93 6.96
N ASP R 109 21.29 -94.64 7.12
CA ASP R 109 22.56 -94.20 7.65
C ASP R 109 22.42 -93.42 8.95
N GLU R 110 21.47 -92.48 9.03
CA GLU R 110 21.37 -91.57 10.15
C GLU R 110 20.49 -92.11 11.28
N ASP R 111 20.39 -93.42 11.43
CA ASP R 111 19.56 -93.99 12.49
C ASP R 111 20.29 -95.02 13.34
N ASP R 112 21.25 -95.73 12.75
CA ASP R 112 21.75 -96.96 13.36
C ASP R 112 22.74 -96.67 14.48
N CYS R 113 23.87 -96.06 14.16
CA CYS R 113 24.98 -96.04 15.10
C CYS R 113 24.88 -94.84 16.04
N GLU R 114 25.59 -94.95 17.16
CA GLU R 114 25.81 -93.84 18.07
C GLU R 114 27.15 -93.16 17.83
N SER R 115 27.78 -93.43 16.67
CA SER R 115 29.08 -92.86 16.35
C SER R 115 28.90 -91.43 15.84
N GLU R 116 30.00 -90.84 15.37
CA GLU R 116 29.95 -89.48 14.86
C GLU R 116 29.25 -89.45 13.51
N PRO R 117 28.52 -88.37 13.21
CA PRO R 117 27.95 -88.23 11.86
C PRO R 117 28.98 -87.96 10.78
N ARG R 118 30.20 -87.52 11.17
CA ARG R 118 31.39 -87.19 10.39
C ARG R 118 31.10 -86.58 9.01
N PRO R 119 30.50 -85.40 8.93
CA PRO R 119 30.08 -84.87 7.62
C PRO R 119 31.27 -84.47 6.78
N PRO R 120 31.36 -84.99 5.55
CA PRO R 120 32.49 -84.63 4.69
C PRO R 120 32.50 -83.17 4.31
N CYS R 121 31.33 -82.57 4.12
CA CYS R 121 31.23 -81.12 4.14
C CYS R 121 31.27 -80.68 5.60
N ARG R 122 32.39 -80.10 6.00
CA ARG R 122 32.60 -79.62 7.36
C ARG R 122 31.91 -78.28 7.58
N ASP R 123 32.33 -77.56 8.62
CA ASP R 123 31.74 -76.29 9.03
C ASP R 123 31.83 -75.15 8.01
N ARG R 124 32.41 -75.40 6.84
CA ARG R 124 32.32 -74.47 5.72
C ARG R 124 30.86 -74.28 5.31
N VAL R 125 30.55 -73.09 4.81
CA VAL R 125 29.20 -72.75 4.41
C VAL R 125 28.85 -73.52 3.15
N VAL R 126 28.03 -74.55 3.30
CA VAL R 126 27.70 -75.48 2.23
C VAL R 126 26.20 -75.67 2.22
N GLU R 127 25.58 -75.49 1.05
CA GLU R 127 24.14 -75.53 0.92
C GLU R 127 23.74 -76.70 0.01
N GLU R 128 22.47 -76.75 -0.36
CA GLU R 128 21.99 -77.67 -1.36
C GLU R 128 21.68 -76.89 -2.63
N SER R 129 21.81 -77.55 -3.78
CA SER R 129 21.74 -76.85 -5.05
C SER R 129 20.29 -76.62 -5.47
N GLU R 130 20.12 -75.97 -6.61
CA GLU R 130 18.81 -75.77 -7.21
C GLU R 130 18.74 -76.21 -8.65
N LEU R 131 19.88 -76.39 -9.32
CA LEU R 131 19.96 -76.79 -10.70
C LEU R 131 20.42 -78.21 -10.88
N ALA R 132 21.24 -78.72 -9.96
CA ALA R 132 21.76 -80.06 -10.07
C ALA R 132 20.80 -81.12 -9.61
N ARG R 133 19.77 -80.75 -8.84
CA ARG R 133 18.93 -81.76 -8.22
C ARG R 133 17.98 -82.41 -9.23
N THR R 134 17.72 -81.74 -10.34
CA THR R 134 16.87 -82.26 -11.40
C THR R 134 17.65 -82.43 -12.69
N ALA R 135 18.89 -82.92 -12.62
CA ALA R 135 19.82 -82.85 -13.74
C ALA R 135 19.67 -84.01 -14.72
N GLY R 136 18.57 -84.74 -14.70
CA GLY R 136 18.38 -85.73 -15.73
C GLY R 136 17.67 -85.19 -16.96
N TYR R 137 16.45 -84.70 -16.76
CA TYR R 137 15.51 -84.31 -17.81
C TYR R 137 15.43 -85.36 -18.91
N GLY R 138 14.97 -86.55 -18.53
CA GLY R 138 14.82 -87.66 -19.46
C GLY R 138 13.82 -87.34 -20.54
N ILE R 139 14.31 -87.10 -21.75
CA ILE R 139 13.57 -86.37 -22.75
C ILE R 139 12.92 -87.34 -23.71
N ASN R 140 11.94 -86.86 -24.46
CA ASN R 140 11.26 -87.66 -25.47
C ASN R 140 11.50 -87.02 -26.83
N ILE R 141 11.34 -87.82 -27.88
CA ILE R 141 11.70 -87.41 -29.23
C ILE R 141 10.78 -86.36 -29.83
N LEU R 142 9.64 -86.08 -29.20
CA LEU R 142 8.77 -85.01 -29.69
C LEU R 142 9.41 -83.64 -29.48
N GLY R 143 10.06 -83.44 -28.34
CA GLY R 143 10.72 -82.18 -28.05
C GLY R 143 10.47 -81.72 -26.62
N MET R 144 9.41 -82.22 -26.01
CA MET R 144 9.07 -81.87 -24.63
C MET R 144 9.75 -82.83 -23.68
N ASP R 145 10.01 -82.34 -22.46
CA ASP R 145 10.92 -83.00 -21.53
C ASP R 145 10.29 -83.35 -20.19
N PRO R 146 9.88 -84.60 -19.98
CA PRO R 146 9.48 -85.01 -18.63
C PRO R 146 10.68 -85.10 -17.72
N LEU R 147 10.55 -84.55 -16.51
CA LEU R 147 11.62 -84.47 -15.53
C LEU R 147 11.81 -85.79 -14.78
N SER R 148 11.23 -86.88 -15.28
CA SER R 148 11.29 -88.20 -14.64
C SER R 148 12.73 -88.69 -14.76
N THR R 149 13.55 -88.17 -13.86
CA THR R 149 14.97 -88.33 -13.89
C THR R 149 15.35 -89.77 -13.54
N PRO R 150 16.00 -90.51 -14.44
CA PRO R 150 16.46 -91.84 -14.05
C PRO R 150 17.61 -91.75 -13.06
N PHE R 151 18.35 -90.65 -13.06
CA PHE R 151 19.42 -90.45 -12.12
C PHE R 151 18.85 -90.13 -10.74
N ASP R 152 19.71 -90.23 -9.74
CA ASP R 152 19.35 -89.87 -8.36
C ASP R 152 20.33 -88.79 -7.93
N ASN R 153 19.84 -87.56 -7.83
CA ASN R 153 20.68 -86.41 -7.50
C ASN R 153 20.64 -86.08 -6.01
N GLU R 154 20.51 -87.09 -5.17
CA GLU R 154 20.72 -86.94 -3.74
C GLU R 154 21.88 -87.77 -3.24
N PHE R 155 22.44 -88.62 -4.07
CA PHE R 155 23.55 -89.48 -3.69
C PHE R 155 24.84 -88.67 -3.81
N TYR R 156 25.49 -88.43 -2.68
CA TYR R 156 26.72 -87.63 -2.68
C TYR R 156 27.98 -88.47 -2.55
N ASN R 157 27.85 -89.71 -2.07
CA ASN R 157 28.94 -90.69 -1.93
C ASN R 157 30.05 -90.15 -1.03
N GLY R 158 29.69 -89.38 -0.01
CA GLY R 158 30.63 -88.94 1.00
C GLY R 158 31.70 -87.98 0.53
N LEU R 159 31.41 -87.18 -0.49
CA LEU R 159 32.36 -86.20 -1.01
C LEU R 159 31.79 -84.80 -0.87
N CYS R 160 32.68 -83.81 -0.89
CA CYS R 160 32.28 -82.42 -0.73
C CYS R 160 33.01 -81.61 -1.79
N ASN R 161 32.39 -81.46 -2.96
CA ASN R 161 32.93 -80.68 -4.05
C ASN R 161 32.06 -79.44 -4.23
N ARG R 162 32.67 -78.28 -4.12
CA ARG R 162 31.93 -77.02 -4.17
C ARG R 162 31.98 -76.42 -5.55
N ASP R 163 30.87 -75.79 -5.95
CA ASP R 163 30.76 -75.09 -7.23
C ASP R 163 30.13 -73.73 -6.98
N ARG R 164 30.82 -72.67 -7.34
CA ARG R 164 30.44 -71.34 -6.91
C ARG R 164 29.25 -70.81 -7.69
N ASP R 165 28.66 -69.76 -7.16
CA ASP R 165 27.60 -69.01 -7.81
C ASP R 165 28.08 -67.58 -8.01
N GLY R 166 27.66 -66.99 -9.12
CA GLY R 166 28.05 -65.63 -9.42
C GLY R 166 27.33 -64.61 -8.59
N ASN R 167 26.00 -64.60 -8.65
CA ASN R 167 25.24 -63.51 -8.06
C ASN R 167 25.12 -63.67 -6.55
N THR R 168 24.66 -64.84 -6.08
CA THR R 168 24.33 -64.98 -4.66
C THR R 168 25.54 -65.19 -3.78
N LEU R 169 26.70 -65.55 -4.36
CA LEU R 169 27.95 -65.81 -3.65
C LEU R 169 27.80 -66.89 -2.59
N THR R 170 27.37 -68.06 -3.05
CA THR R 170 27.17 -69.22 -2.19
C THR R 170 28.11 -70.34 -2.64
N TYR R 171 27.95 -71.52 -2.05
CA TYR R 171 28.76 -72.68 -2.41
C TYR R 171 27.84 -73.89 -2.49
N TYR R 172 27.30 -74.12 -3.68
CA TYR R 172 26.42 -75.25 -3.91
C TYR R 172 27.23 -76.54 -3.99
N ARG R 173 26.54 -77.66 -3.93
CA ARG R 173 27.23 -78.95 -3.99
C ARG R 173 27.14 -79.56 -5.38
N ARG R 174 27.97 -80.56 -5.58
CA ARG R 174 27.99 -81.33 -6.83
C ARG R 174 27.57 -82.76 -6.51
N PRO R 175 26.37 -83.18 -6.88
CA PRO R 175 25.99 -84.58 -6.68
C PRO R 175 26.83 -85.51 -7.53
N TRP R 176 26.81 -86.79 -7.16
CA TRP R 176 27.69 -87.78 -7.78
C TRP R 176 27.33 -88.03 -9.24
N ASN R 177 26.08 -87.83 -9.63
CA ASN R 177 25.73 -88.08 -11.02
C ASN R 177 26.11 -86.94 -11.95
N VAL R 178 26.37 -85.75 -11.42
CA VAL R 178 26.78 -84.61 -12.23
C VAL R 178 28.30 -84.54 -12.23
N ALA R 179 28.90 -84.61 -13.42
CA ALA R 179 30.35 -84.60 -13.55
C ALA R 179 30.93 -83.21 -13.63
N SER R 180 30.17 -82.25 -14.14
CA SER R 180 30.64 -80.87 -14.20
C SER R 180 29.46 -79.92 -14.21
N LEU R 181 29.67 -78.76 -13.62
CA LEU R 181 28.57 -77.81 -13.43
C LEU R 181 29.18 -76.42 -13.30
N ILE R 182 29.12 -75.64 -14.36
CA ILE R 182 29.61 -74.29 -14.36
C ILE R 182 28.41 -73.37 -14.25
N TYR R 183 28.62 -72.15 -13.76
CA TYR R 183 27.63 -71.09 -13.80
C TYR R 183 28.25 -69.92 -14.54
N GLU R 184 28.09 -69.87 -15.87
CA GLU R 184 28.50 -68.68 -16.60
C GLU R 184 27.39 -67.65 -16.54
N THR R 185 27.49 -66.61 -17.36
CA THR R 185 26.37 -65.71 -17.61
C THR R 185 26.48 -65.33 -19.08
N LYS R 186 25.83 -66.08 -19.94
CA LYS R 186 26.07 -65.94 -21.36
C LYS R 186 24.83 -65.39 -22.02
N GLY R 187 24.78 -64.09 -22.21
CA GLY R 187 23.63 -63.48 -22.86
C GLY R 187 23.89 -63.34 -24.35
N GLU R 188 22.85 -63.52 -25.14
CA GLU R 188 23.08 -63.60 -26.58
C GLU R 188 21.81 -63.23 -27.33
N LYS R 189 21.79 -62.06 -27.95
CA LYS R 189 20.62 -61.62 -28.70
C LYS R 189 20.90 -61.64 -30.19
N ASN R 190 20.14 -62.43 -30.92
CA ASN R 190 20.05 -62.27 -32.35
C ASN R 190 18.93 -61.29 -32.66
N PHE R 191 19.06 -60.60 -33.79
CA PHE R 191 18.05 -59.69 -34.28
C PHE R 191 18.14 -59.72 -35.79
N ARG R 192 17.01 -59.80 -36.47
CA ARG R 192 17.02 -59.67 -37.92
C ARG R 192 15.83 -58.83 -38.33
N THR R 193 15.97 -58.11 -39.43
CA THR R 193 14.81 -57.56 -40.13
C THR R 193 15.09 -57.54 -41.62
N GLU R 194 14.30 -58.31 -42.35
CA GLU R 194 14.40 -58.34 -43.79
C GLU R 194 13.25 -57.53 -44.38
N HIS R 195 13.42 -57.15 -45.64
CA HIS R 195 12.43 -56.29 -46.27
C HIS R 195 12.57 -56.49 -47.77
N TYR R 196 11.45 -56.75 -48.44
CA TYR R 196 11.44 -56.85 -49.88
C TYR R 196 10.31 -55.98 -50.41
N GLU R 197 10.52 -55.39 -51.57
CA GLU R 197 9.50 -54.55 -52.16
C GLU R 197 9.65 -54.61 -53.67
N GLU R 198 8.54 -54.57 -54.39
CA GLU R 198 8.61 -54.57 -55.85
C GLU R 198 7.40 -53.81 -56.39
N GLN R 199 7.62 -52.62 -56.91
CA GLN R 199 6.56 -51.96 -57.65
C GLN R 199 6.73 -52.25 -59.13
N ILE R 200 5.62 -52.24 -59.86
CA ILE R 200 5.66 -52.28 -61.32
C ILE R 200 4.46 -51.52 -61.85
N GLU R 201 4.70 -50.69 -62.85
CA GLU R 201 3.65 -49.90 -63.51
C GLU R 201 3.80 -50.12 -65.01
N ALA R 202 2.93 -50.93 -65.59
CA ALA R 202 2.86 -51.11 -67.02
C ALA R 202 1.77 -50.23 -67.60
N PHE R 203 1.88 -49.93 -68.89
CA PHE R 203 1.07 -48.88 -69.50
C PHE R 203 1.09 -49.07 -71.00
N LYS R 204 -0.08 -48.98 -71.65
CA LYS R 204 -0.15 -49.16 -73.11
C LYS R 204 -1.33 -48.36 -73.65
N SER R 205 -1.05 -47.33 -74.43
CA SER R 205 -2.08 -46.49 -75.04
C SER R 205 -2.02 -46.59 -76.55
N ILE R 206 -3.19 -46.53 -77.19
CA ILE R 206 -3.31 -46.56 -78.65
C ILE R 206 -4.34 -45.52 -79.06
N ILE R 207 -4.02 -44.69 -80.05
CA ILE R 207 -4.97 -43.78 -80.67
C ILE R 207 -4.95 -44.05 -82.17
N GLN R 208 -6.13 -44.25 -82.77
CA GLN R 208 -6.23 -44.46 -84.20
C GLN R 208 -7.27 -43.50 -84.76
N GLU R 209 -7.07 -43.10 -86.01
CA GLU R 209 -8.00 -42.19 -86.65
C GLU R 209 -7.91 -42.34 -88.16
N LYS R 210 -9.05 -42.42 -88.82
CA LYS R 210 -9.09 -42.26 -90.28
C LYS R 210 -10.19 -41.26 -90.61
N THR R 211 -9.88 -40.33 -91.50
CA THR R 211 -10.85 -39.32 -91.93
C THR R 211 -10.83 -39.35 -93.46
N SER R 212 -11.85 -39.95 -94.07
CA SER R 212 -11.95 -40.05 -95.52
C SER R 212 -13.06 -39.13 -96.03
N ASN R 213 -12.80 -38.43 -97.13
CA ASN R 213 -13.74 -37.45 -97.68
C ASN R 213 -13.70 -37.55 -99.20
N PHE R 214 -14.81 -37.92 -99.82
CA PHE R 214 -14.92 -38.07 -101.26
C PHE R 214 -15.97 -37.09 -101.78
N ASN R 215 -15.64 -36.33 -102.82
CA ASN R 215 -16.52 -35.29 -103.32
C ASN R 215 -16.58 -35.38 -104.83
N ALA R 216 -17.77 -35.55 -105.39
CA ALA R 216 -17.95 -35.45 -106.83
C ALA R 216 -18.48 -34.07 -107.17
N ALA R 217 -18.72 -33.85 -108.47
CA ALA R 217 -19.30 -32.59 -108.95
C ALA R 217 -20.00 -32.79 -110.29
N PHE R 249 -25.94 -31.19 -108.72
CA PHE R 249 -25.13 -32.22 -109.35
C PHE R 249 -23.86 -32.53 -108.56
N ARG R 250 -23.98 -33.25 -107.46
CA ARG R 250 -22.80 -33.73 -106.74
C ARG R 250 -23.17 -34.98 -105.95
N PHE R 251 -22.19 -35.47 -105.18
CA PHE R 251 -22.35 -36.60 -104.28
C PHE R 251 -21.16 -36.59 -103.34
N SER R 252 -21.42 -36.58 -102.05
CA SER R 252 -20.35 -36.61 -101.05
C SER R 252 -20.40 -37.91 -100.27
N TYR R 253 -19.27 -38.25 -99.67
CA TYR R 253 -19.19 -39.43 -98.80
C TYR R 253 -18.06 -39.20 -97.82
N SER R 254 -18.41 -38.99 -96.56
CA SER R 254 -17.43 -38.72 -95.52
C SER R 254 -17.45 -39.83 -94.49
N LYS R 255 -16.36 -39.93 -93.74
CA LYS R 255 -16.25 -40.86 -92.63
C LYS R 255 -15.15 -40.37 -91.71
N ASN R 256 -15.41 -40.34 -90.41
CA ASN R 256 -14.43 -39.90 -89.41
C ASN R 256 -14.42 -40.94 -88.29
N GLU R 257 -13.65 -42.01 -88.48
CA GLU R 257 -13.55 -43.04 -87.46
C GLU R 257 -12.41 -42.69 -86.51
N THR R 258 -12.69 -42.76 -85.21
CA THR R 258 -11.73 -42.36 -84.17
C THR R 258 -11.72 -43.43 -83.09
N TYR R 259 -10.76 -44.34 -83.16
CA TYR R 259 -10.63 -45.39 -82.16
C TYR R 259 -9.64 -44.97 -81.10
N GLN R 260 -9.84 -45.45 -79.89
CA GLN R 260 -8.86 -45.22 -78.84
C GLN R 260 -8.85 -46.47 -77.96
N LEU R 261 -7.75 -46.66 -77.25
CA LEU R 261 -7.57 -47.80 -76.35
C LEU R 261 -6.55 -47.38 -75.31
N PHE R 262 -6.70 -47.92 -74.11
CA PHE R 262 -5.91 -47.44 -72.98
C PHE R 262 -5.85 -48.54 -71.96
N LEU R 263 -4.67 -48.89 -71.47
CA LEU R 263 -4.56 -49.92 -70.44
C LEU R 263 -3.46 -49.53 -69.47
N SER R 264 -3.75 -49.69 -68.18
CA SER R 264 -2.76 -49.53 -67.13
C SER R 264 -2.63 -50.83 -66.36
N TYR R 265 -1.55 -50.94 -65.57
CA TYR R 265 -1.39 -52.05 -64.64
C TYR R 265 -0.41 -51.56 -63.58
N SER R 266 -0.91 -51.10 -62.44
CA SER R 266 -0.06 -50.46 -61.44
C SER R 266 -0.08 -51.29 -60.17
N SER R 267 0.76 -52.31 -60.10
CA SER R 267 0.71 -53.25 -58.99
C SER R 267 2.00 -53.18 -58.19
N LYS R 268 1.88 -53.05 -56.88
CA LYS R 268 3.04 -53.14 -56.00
C LYS R 268 2.91 -54.38 -55.13
N LYS R 269 4.05 -54.80 -54.59
CA LYS R 269 4.09 -55.88 -53.62
C LYS R 269 5.12 -55.53 -52.56
N GLU R 270 4.95 -56.11 -51.39
CA GLU R 270 5.81 -55.84 -50.26
C GLU R 270 5.82 -57.08 -49.39
N LYS R 271 6.95 -57.35 -48.73
CA LYS R 271 7.02 -58.51 -47.87
C LYS R 271 8.09 -58.25 -46.82
N MET R 272 7.68 -57.99 -45.60
CA MET R 272 8.60 -57.67 -44.53
C MET R 272 8.92 -58.96 -43.76
N PHE R 273 9.85 -58.87 -42.81
CA PHE R 273 10.12 -59.95 -41.88
C PHE R 273 10.90 -59.35 -40.74
N LEU R 274 10.68 -59.86 -39.54
CA LEU R 274 11.45 -59.42 -38.38
C LEU R 274 11.63 -60.65 -37.50
N HIS R 275 12.69 -60.66 -36.69
CA HIS R 275 12.96 -61.83 -35.87
C HIS R 275 13.89 -61.43 -34.72
N VAL R 276 13.35 -61.24 -33.57
CA VAL R 276 14.18 -61.04 -32.37
C VAL R 276 14.36 -62.42 -31.74
N LYS R 277 15.52 -62.69 -31.12
CA LYS R 277 15.65 -63.94 -30.38
C LYS R 277 16.73 -63.74 -29.31
N GLY R 278 16.33 -63.48 -28.08
CA GLY R 278 17.35 -63.26 -27.08
C GLY R 278 17.51 -64.36 -26.05
N GLU R 279 18.51 -65.21 -26.22
CA GLU R 279 18.76 -66.26 -25.25
C GLU R 279 19.53 -65.71 -24.06
N ILE R 280 19.33 -66.34 -22.91
CA ILE R 280 20.10 -66.04 -21.71
C ILE R 280 20.48 -67.36 -21.07
N HIS R 281 21.76 -67.68 -21.02
CA HIS R 281 22.20 -68.94 -20.47
C HIS R 281 22.78 -68.72 -19.09
N LEU R 282 22.38 -69.56 -18.13
CA LEU R 282 23.02 -69.62 -16.82
C LEU R 282 23.58 -71.03 -16.68
N GLY R 283 24.79 -71.22 -17.16
CA GLY R 283 25.48 -72.46 -16.91
C GLY R 283 24.99 -73.64 -17.71
N ARG R 284 25.45 -74.82 -17.29
CA ARG R 284 25.20 -76.06 -18.00
C ARG R 284 25.49 -77.21 -17.05
N PHE R 285 25.46 -78.43 -17.56
CA PHE R 285 25.80 -79.62 -16.77
C PHE R 285 26.17 -80.74 -17.73
N VAL R 286 26.97 -81.68 -17.23
CA VAL R 286 27.33 -82.88 -17.98
C VAL R 286 27.21 -84.07 -17.05
N MET R 287 26.38 -85.04 -17.40
CA MET R 287 26.18 -86.20 -16.56
C MET R 287 27.29 -87.22 -16.77
N ARG R 288 27.27 -88.30 -16.00
CA ARG R 288 28.30 -89.31 -16.10
C ARG R 288 27.81 -90.50 -16.91
N ASN R 289 28.68 -91.51 -17.04
CA ASN R 289 28.40 -92.68 -17.86
C ASN R 289 28.74 -94.00 -17.20
N ARG R 290 29.63 -94.04 -16.22
CA ARG R 290 29.96 -95.28 -15.52
C ARG R 290 29.87 -95.05 -14.01
N ASP R 291 29.56 -96.12 -13.28
CA ASP R 291 29.31 -96.11 -11.83
C ASP R 291 28.24 -95.10 -11.46
N VAL R 292 27.15 -95.13 -12.21
CA VAL R 292 26.05 -94.19 -12.07
C VAL R 292 25.00 -94.82 -11.18
N VAL R 293 24.50 -94.06 -10.21
CA VAL R 293 23.38 -94.53 -9.39
C VAL R 293 22.08 -94.09 -10.01
N LEU R 294 21.07 -94.96 -9.92
CA LEU R 294 19.76 -94.69 -10.45
C LEU R 294 18.76 -94.61 -9.30
N THR R 295 17.62 -93.97 -9.56
CA THR R 295 16.63 -93.80 -8.50
C THR R 295 15.91 -95.12 -8.23
N THR R 296 15.12 -95.12 -7.15
CA THR R 296 14.50 -96.35 -6.69
C THR R 296 13.38 -96.79 -7.61
N THR R 297 12.60 -95.84 -8.13
CA THR R 297 11.45 -96.14 -8.97
C THR R 297 11.81 -96.43 -10.42
N PHE R 298 13.05 -96.75 -10.72
CA PHE R 298 13.47 -96.99 -12.09
C PHE R 298 14.16 -98.33 -12.27
N VAL R 299 14.93 -98.76 -11.27
CA VAL R 299 15.54 -100.09 -11.32
C VAL R 299 14.46 -101.16 -11.24
N ASP R 300 13.37 -100.90 -10.51
CA ASP R 300 12.26 -101.83 -10.46
C ASP R 300 11.55 -101.93 -11.81
N ASP R 301 11.37 -100.80 -12.49
CA ASP R 301 10.70 -100.82 -13.78
C ASP R 301 11.58 -101.40 -14.89
N ILE R 302 12.90 -101.36 -14.73
CA ILE R 302 13.75 -102.15 -15.62
C ILE R 302 13.64 -103.63 -15.27
N LYS R 303 13.55 -103.95 -13.98
CA LYS R 303 13.44 -105.33 -13.54
C LYS R 303 12.11 -105.98 -13.91
N ALA R 304 11.09 -105.18 -14.21
CA ALA R 304 9.78 -105.68 -14.60
C ALA R 304 9.60 -105.71 -16.12
N LEU R 305 10.69 -105.80 -16.87
CA LEU R 305 10.57 -105.88 -18.32
C LEU R 305 10.50 -107.34 -18.76
N PRO R 306 9.73 -107.66 -19.82
CA PRO R 306 9.35 -109.07 -20.06
C PRO R 306 10.45 -109.95 -20.63
N THR R 307 11.62 -109.39 -20.97
CA THR R 307 12.90 -110.08 -21.23
C THR R 307 12.91 -110.87 -22.56
N THR R 308 11.75 -111.02 -23.21
CA THR R 308 11.64 -111.86 -24.40
C THR R 308 11.27 -111.06 -25.65
N TYR R 309 11.48 -109.75 -25.61
CA TYR R 309 10.93 -108.79 -26.57
C TYR R 309 9.43 -109.00 -26.75
N GLU R 310 8.72 -108.68 -25.68
CA GLU R 310 7.27 -108.57 -25.74
C GLU R 310 6.92 -107.10 -25.90
N LYS R 311 6.29 -106.78 -27.04
CA LYS R 311 6.19 -105.41 -27.54
C LYS R 311 5.30 -104.52 -26.67
N GLY R 312 4.43 -105.11 -25.86
CA GLY R 312 3.45 -104.31 -25.13
C GLY R 312 4.03 -103.50 -23.99
N GLU R 313 5.04 -104.03 -23.30
CA GLU R 313 5.55 -103.37 -22.11
C GLU R 313 6.53 -102.24 -22.44
N TYR R 314 7.28 -102.37 -23.54
CA TYR R 314 8.31 -101.40 -23.84
C TYR R 314 7.72 -100.07 -24.33
N PHE R 315 6.58 -100.12 -25.00
CA PHE R 315 5.92 -98.86 -25.37
C PHE R 315 5.28 -98.15 -24.18
N ALA R 316 5.08 -98.86 -23.07
CA ALA R 316 4.68 -98.17 -21.85
C ALA R 316 5.89 -97.63 -21.10
N PHE R 317 7.00 -98.39 -21.13
CA PHE R 317 8.21 -97.94 -20.45
C PHE R 317 8.79 -96.70 -21.10
N LEU R 318 8.83 -96.66 -22.43
CA LEU R 318 9.46 -95.55 -23.13
C LEU R 318 8.63 -94.28 -23.07
N GLU R 319 7.37 -94.36 -22.70
CA GLU R 319 6.58 -93.16 -22.46
C GLU R 319 6.33 -92.92 -20.99
N THR R 320 6.77 -93.82 -20.13
CA THR R 320 6.84 -93.48 -18.71
C THR R 320 8.13 -92.71 -18.40
N TYR R 321 9.27 -93.19 -18.93
CA TYR R 321 10.56 -92.60 -18.57
C TYR R 321 11.28 -91.98 -19.76
N GLY R 322 10.56 -91.65 -20.82
CA GLY R 322 11.18 -90.98 -21.94
C GLY R 322 12.04 -91.87 -22.81
N THR R 323 12.46 -91.35 -23.95
CA THR R 323 13.27 -92.14 -24.87
C THR R 323 14.76 -91.93 -24.64
N HIS R 324 15.18 -90.68 -24.41
CA HIS R 324 16.58 -90.36 -24.18
C HIS R 324 16.70 -89.56 -22.90
N TYR R 325 17.91 -89.52 -22.35
CA TYR R 325 18.18 -88.65 -21.22
C TYR R 325 19.18 -87.57 -21.63
N SER R 326 18.97 -86.36 -21.13
CA SER R 326 19.82 -85.25 -21.51
C SER R 326 21.18 -85.36 -20.84
N SER R 327 22.14 -85.96 -21.53
CA SER R 327 23.47 -86.15 -20.97
C SER R 327 24.28 -84.86 -20.91
N SER R 328 23.86 -83.80 -21.61
CA SER R 328 24.56 -82.52 -21.53
C SER R 328 23.57 -81.42 -21.89
N GLY R 329 23.06 -80.72 -20.88
CA GLY R 329 22.10 -79.67 -21.08
C GLY R 329 22.70 -78.29 -20.96
N SER R 330 21.82 -77.29 -20.95
CA SER R 330 22.19 -75.90 -20.73
C SER R 330 20.93 -75.15 -20.32
N LEU R 331 20.85 -74.71 -19.08
CA LEU R 331 19.59 -74.17 -18.59
C LEU R 331 19.49 -72.69 -18.94
N GLY R 332 18.48 -72.01 -18.41
CA GLY R 332 18.20 -70.64 -18.79
C GLY R 332 17.39 -70.56 -20.07
N GLY R 333 16.41 -69.66 -20.14
CA GLY R 333 15.46 -69.73 -21.23
C GLY R 333 15.30 -68.50 -22.10
N LEU R 334 14.79 -68.71 -23.31
CA LEU R 334 14.78 -67.71 -24.36
C LEU R 334 13.47 -66.93 -24.40
N TYR R 335 13.42 -66.01 -25.36
CA TYR R 335 12.17 -65.43 -25.83
C TYR R 335 12.32 -65.22 -27.32
N GLU R 336 11.23 -64.84 -27.99
CA GLU R 336 11.24 -64.79 -29.44
C GLU R 336 10.05 -64.00 -29.94
N LEU R 337 10.28 -63.09 -30.88
CA LEU R 337 9.23 -62.45 -31.64
C LEU R 337 9.40 -62.84 -33.10
N ILE R 338 8.30 -62.89 -33.84
CA ILE R 338 8.30 -63.05 -35.30
C ILE R 338 7.20 -62.15 -35.83
N TYR R 339 7.49 -61.35 -36.85
CA TYR R 339 6.54 -60.38 -37.38
C TYR R 339 6.52 -60.55 -38.90
N VAL R 340 5.61 -61.37 -39.42
CA VAL R 340 5.58 -61.64 -40.85
C VAL R 340 4.47 -60.79 -41.45
N LEU R 341 4.84 -59.69 -42.07
CA LEU R 341 3.84 -58.95 -42.83
C LEU R 341 3.82 -59.51 -44.24
N ASP R 342 2.78 -59.15 -44.99
CA ASP R 342 2.66 -59.46 -46.40
C ASP R 342 1.64 -58.49 -46.97
N LYS R 343 1.90 -58.02 -48.17
CA LYS R 343 1.00 -57.10 -48.82
C LYS R 343 0.99 -57.44 -50.30
N ALA R 344 -0.16 -57.25 -50.94
CA ALA R 344 -0.21 -57.38 -52.39
C ALA R 344 -1.33 -56.48 -52.89
N SER R 345 -0.97 -55.26 -53.24
CA SER R 345 -1.93 -54.45 -53.97
C SER R 345 -1.96 -54.91 -55.42
N MET R 346 -2.98 -54.46 -56.15
CA MET R 346 -3.02 -54.62 -57.60
C MET R 346 -4.07 -53.67 -58.13
N LYS R 347 -3.74 -52.94 -59.18
CA LYS R 347 -4.74 -52.26 -59.96
C LYS R 347 -4.70 -52.81 -61.38
N ARG R 348 -5.79 -52.61 -62.10
CA ARG R 348 -5.77 -52.72 -63.55
C ARG R 348 -6.94 -51.90 -64.08
N LYS R 349 -6.78 -51.37 -65.27
CA LYS R 349 -7.78 -50.48 -65.83
C LYS R 349 -8.07 -50.87 -67.27
N GLY R 350 -8.99 -50.13 -67.87
CA GLY R 350 -9.20 -50.20 -69.30
C GLY R 350 -10.16 -49.09 -69.71
N VAL R 351 -9.76 -48.28 -70.68
CA VAL R 351 -10.55 -47.13 -71.13
C VAL R 351 -10.66 -47.24 -72.64
N GLU R 352 -11.85 -47.54 -73.14
CA GLU R 352 -12.05 -47.81 -74.55
C GLU R 352 -13.03 -46.80 -75.11
N LEU R 353 -12.88 -46.46 -76.39
CA LEU R 353 -13.64 -45.36 -76.95
C LEU R 353 -13.75 -45.55 -78.45
N LYS R 354 -14.93 -45.29 -79.00
CA LYS R 354 -15.16 -45.41 -80.43
C LYS R 354 -16.08 -44.28 -80.90
N ASP R 355 -15.97 -43.97 -82.19
CA ASP R 355 -16.69 -42.84 -82.78
C ASP R 355 -16.75 -43.04 -84.29
N ILE R 356 -17.92 -42.79 -84.86
CA ILE R 356 -18.12 -42.76 -86.30
C ILE R 356 -19.00 -41.56 -86.61
N LYS R 357 -18.49 -40.63 -87.40
CA LYS R 357 -19.20 -39.39 -87.73
C LYS R 357 -19.38 -39.34 -89.25
N ARG R 358 -20.43 -39.99 -89.74
CA ARG R 358 -20.70 -40.01 -91.16
C ARG R 358 -21.55 -38.82 -91.57
N CYS R 359 -21.49 -38.51 -92.87
CA CYS R 359 -22.30 -37.43 -93.42
C CYS R 359 -22.54 -37.72 -94.89
N LEU R 360 -23.54 -37.05 -95.45
CA LEU R 360 -23.79 -37.07 -96.88
C LEU R 360 -24.66 -35.87 -97.22
N GLY R 361 -24.50 -35.35 -98.42
CA GLY R 361 -25.36 -34.26 -98.86
C GLY R 361 -25.10 -33.84 -100.28
N TYR R 362 -26.16 -33.59 -101.05
CA TYR R 362 -25.98 -33.13 -102.41
C TYR R 362 -27.12 -32.22 -102.87
N HIS R 363 -26.72 -31.21 -103.63
CA HIS R 363 -27.60 -30.34 -104.39
C HIS R 363 -27.76 -30.91 -105.79
N LEU R 364 -29.00 -31.03 -106.26
CA LEU R 364 -29.26 -31.50 -107.61
C LEU R 364 -30.22 -30.58 -108.34
N PHE R 379 -33.75 -28.68 -105.59
CA PHE R 379 -33.63 -29.97 -104.95
C PHE R 379 -32.48 -29.92 -103.94
N ASN R 380 -32.57 -30.70 -102.87
CA ASN R 380 -31.48 -30.85 -101.91
C ASN R 380 -31.75 -32.10 -101.08
N LYS R 381 -30.69 -32.81 -100.72
CA LYS R 381 -30.84 -33.87 -99.73
C LYS R 381 -29.57 -33.91 -98.90
N ASP R 382 -29.71 -34.16 -97.59
CA ASP R 382 -28.54 -34.39 -96.76
C ASP R 382 -28.92 -35.22 -95.55
N ASP R 383 -27.90 -35.79 -94.91
CA ASP R 383 -28.05 -36.36 -93.58
C ASP R 383 -26.70 -36.33 -92.88
N CYS R 384 -26.76 -36.37 -91.56
CA CYS R 384 -25.57 -36.43 -90.71
C CYS R 384 -25.81 -37.49 -89.66
N VAL R 385 -24.91 -38.47 -89.56
CA VAL R 385 -25.05 -39.58 -88.65
C VAL R 385 -23.89 -39.54 -87.68
N LYS R 386 -24.16 -39.65 -86.39
CA LYS R 386 -23.13 -39.73 -85.39
C LYS R 386 -23.35 -40.96 -84.52
N ARG R 387 -22.26 -41.61 -84.13
CA ARG R 387 -22.32 -42.73 -83.21
C ARG R 387 -21.08 -42.67 -82.34
N GLY R 388 -21.24 -42.86 -81.04
CA GLY R 388 -20.11 -42.82 -80.16
C GLY R 388 -20.26 -43.71 -78.95
N GLU R 389 -19.32 -44.62 -78.73
CA GLU R 389 -19.40 -45.55 -77.62
C GLU R 389 -18.22 -45.31 -76.69
N GLY R 390 -18.43 -45.53 -75.41
CA GLY R 390 -17.37 -45.42 -74.43
C GLY R 390 -17.47 -46.54 -73.43
N ARG R 391 -16.35 -47.14 -73.04
CA ARG R 391 -16.34 -48.19 -72.04
C ARG R 391 -15.23 -47.93 -71.06
N ALA R 392 -15.44 -48.35 -69.82
CA ALA R 392 -14.42 -48.17 -68.80
C ALA R 392 -14.53 -49.27 -67.77
N VAL R 393 -13.39 -49.77 -67.33
CA VAL R 393 -13.29 -50.79 -66.28
C VAL R 393 -12.15 -50.38 -65.36
N ASN R 394 -12.44 -50.29 -64.06
CA ASN R 394 -11.39 -50.21 -63.05
C ASN R 394 -11.53 -51.42 -62.14
N ILE R 395 -10.43 -52.12 -61.88
CA ILE R 395 -10.44 -53.24 -60.96
C ILE R 395 -9.29 -53.05 -59.99
N THR R 396 -9.61 -52.87 -58.71
CA THR R 396 -8.60 -52.55 -57.70
C THR R 396 -8.67 -53.61 -56.62
N SER R 397 -7.74 -54.55 -56.63
CA SER R 397 -7.70 -55.58 -55.61
C SER R 397 -6.61 -55.30 -54.59
N GLU R 398 -6.78 -55.88 -53.41
CA GLU R 398 -5.79 -55.72 -52.35
C GLU R 398 -5.86 -56.89 -51.41
N ASN R 399 -4.70 -57.47 -51.10
CA ASN R 399 -4.55 -58.44 -50.03
C ASN R 399 -3.58 -57.86 -49.01
N LEU R 400 -3.82 -58.19 -47.74
CA LEU R 400 -2.88 -57.84 -46.69
C LEU R 400 -2.93 -58.94 -45.66
N ILE R 401 -1.78 -59.34 -45.15
CA ILE R 401 -1.67 -60.35 -44.11
C ILE R 401 -0.70 -59.82 -43.07
N ASP R 402 -1.03 -59.97 -41.80
CA ASP R 402 -0.07 -59.74 -40.74
C ASP R 402 -0.13 -60.93 -39.81
N ASP R 403 1.02 -61.53 -39.56
CA ASP R 403 1.21 -62.51 -38.51
C ASP R 403 2.15 -61.92 -37.49
N VAL R 404 1.87 -62.18 -36.22
CA VAL R 404 2.79 -61.92 -35.13
C VAL R 404 2.80 -63.18 -34.29
N VAL R 405 3.98 -63.66 -33.93
CA VAL R 405 4.11 -64.74 -32.96
C VAL R 405 5.03 -64.23 -31.88
N SER R 406 4.69 -64.48 -30.62
CA SER R 406 5.61 -64.23 -29.54
C SER R 406 5.65 -65.46 -28.65
N LEU R 407 6.83 -65.74 -28.12
CA LEU R 407 7.03 -66.89 -27.25
C LEU R 407 8.01 -66.47 -26.18
N ILE R 408 7.84 -66.99 -24.97
CA ILE R 408 8.74 -66.64 -23.88
C ILE R 408 8.77 -67.77 -22.87
N ARG R 409 9.97 -68.20 -22.50
CA ARG R 409 10.16 -69.31 -21.58
C ARG R 409 10.97 -68.86 -20.39
N GLY R 410 10.80 -69.52 -19.27
CA GLY R 410 11.60 -69.20 -18.10
C GLY R 410 11.23 -67.93 -17.37
N GLY R 411 11.43 -67.93 -16.06
CA GLY R 411 11.25 -66.73 -15.26
C GLY R 411 10.02 -66.83 -14.36
N THR R 412 9.93 -65.84 -13.47
CA THR R 412 8.80 -65.78 -12.57
C THR R 412 7.58 -65.29 -13.34
N ARG R 413 6.40 -65.55 -12.77
CA ARG R 413 5.14 -65.26 -13.42
C ARG R 413 4.88 -63.77 -13.59
N LYS R 414 5.51 -62.93 -12.78
CA LYS R 414 5.13 -61.51 -12.73
C LYS R 414 5.89 -60.65 -13.72
N TYR R 415 7.14 -60.97 -14.03
CA TYR R 415 7.93 -60.11 -14.90
C TYR R 415 7.93 -60.54 -16.36
N ALA R 416 7.86 -61.85 -16.62
CA ALA R 416 7.92 -62.35 -17.98
C ALA R 416 6.73 -61.91 -18.81
N PHE R 417 5.56 -61.83 -18.18
CA PHE R 417 4.36 -61.44 -18.91
C PHE R 417 4.14 -59.95 -18.90
N GLU R 418 4.96 -59.22 -18.16
CA GLU R 418 5.16 -57.81 -18.46
C GLU R 418 6.02 -57.67 -19.71
N LEU R 419 7.08 -58.47 -19.81
CA LEU R 419 8.05 -58.39 -20.90
C LEU R 419 7.41 -58.74 -22.25
N LYS R 420 6.55 -59.75 -22.27
CA LYS R 420 5.95 -60.20 -23.53
C LYS R 420 5.04 -59.12 -24.12
N GLU R 421 4.22 -58.49 -23.30
CA GLU R 421 3.39 -57.40 -23.79
C GLU R 421 4.18 -56.14 -24.07
N LYS R 422 5.31 -55.91 -23.39
CA LYS R 422 6.15 -54.79 -23.80
C LYS R 422 6.85 -55.05 -25.13
N LEU R 423 7.06 -56.33 -25.48
CA LEU R 423 7.52 -56.65 -26.82
C LEU R 423 6.44 -56.36 -27.85
N LEU R 424 5.25 -56.90 -27.64
CA LEU R 424 4.23 -56.88 -28.69
C LEU R 424 3.54 -55.55 -28.85
N ARG R 425 3.78 -54.59 -27.95
CA ARG R 425 3.26 -53.25 -28.13
C ARG R 425 3.92 -52.55 -29.30
N GLY R 426 5.16 -52.90 -29.61
CA GLY R 426 5.90 -52.26 -30.67
C GLY R 426 6.71 -51.06 -30.24
N THR R 427 6.39 -50.47 -29.09
CA THR R 427 7.17 -49.36 -28.58
C THR R 427 8.50 -49.87 -28.03
N VAL R 428 9.41 -48.94 -27.78
CA VAL R 428 10.72 -49.30 -27.25
C VAL R 428 10.57 -49.67 -25.78
N ILE R 429 11.34 -50.68 -25.37
CA ILE R 429 11.32 -51.16 -23.99
C ILE R 429 12.47 -50.52 -23.26
N ASP R 430 12.16 -49.72 -22.24
CA ASP R 430 13.20 -49.19 -21.37
C ASP R 430 13.88 -50.33 -20.62
N VAL R 431 15.16 -50.17 -20.32
CA VAL R 431 15.97 -51.29 -19.83
C VAL R 431 15.73 -51.34 -18.33
N THR R 432 14.56 -51.87 -17.97
CA THR R 432 14.23 -52.24 -16.62
C THR R 432 13.40 -53.51 -16.56
N ASP R 433 12.83 -53.96 -17.67
CA ASP R 433 12.02 -55.17 -17.72
C ASP R 433 12.82 -56.38 -18.18
N PHE R 434 13.74 -56.18 -19.13
CA PHE R 434 14.64 -57.26 -19.53
C PHE R 434 15.61 -57.58 -18.40
N VAL R 435 16.03 -56.56 -17.65
CA VAL R 435 16.89 -56.76 -16.48
C VAL R 435 16.13 -57.51 -15.38
N ASN R 436 14.87 -57.14 -15.15
CA ASN R 436 14.10 -57.80 -14.11
C ASN R 436 13.74 -59.23 -14.50
N TRP R 437 13.48 -59.48 -15.78
CA TRP R 437 13.26 -60.85 -16.21
C TRP R 437 14.55 -61.67 -16.12
N ALA R 438 15.69 -61.03 -16.39
CA ALA R 438 16.95 -61.75 -16.32
C ALA R 438 17.39 -61.99 -14.89
N SER R 439 16.94 -61.16 -13.95
CA SER R 439 17.14 -61.50 -12.55
C SER R 439 16.14 -62.54 -12.09
N SER R 440 14.97 -62.55 -12.72
CA SER R 440 13.96 -63.56 -12.42
C SER R 440 14.37 -64.95 -12.86
N ILE R 441 15.16 -65.04 -13.94
CA ILE R 441 15.47 -66.34 -14.54
C ILE R 441 16.34 -67.22 -13.66
N ASN R 442 16.93 -66.67 -12.60
CA ASN R 442 17.64 -67.48 -11.62
C ASN R 442 16.68 -68.37 -10.84
N ASP R 443 15.44 -67.93 -10.65
CA ASP R 443 14.47 -68.70 -9.88
C ASP R 443 13.92 -69.88 -10.68
N ALA R 444 13.46 -69.63 -11.91
CA ALA R 444 12.75 -70.61 -12.71
C ALA R 444 13.46 -70.84 -14.04
N PRO R 445 14.47 -71.71 -14.07
CA PRO R 445 15.15 -72.00 -15.33
C PRO R 445 14.36 -72.97 -16.19
N VAL R 446 14.63 -72.91 -17.48
CA VAL R 446 13.99 -73.75 -18.49
C VAL R 446 15.07 -74.28 -19.40
N LEU R 447 15.13 -75.60 -19.57
CA LEU R 447 16.15 -76.23 -20.41
C LEU R 447 16.02 -75.78 -21.85
N ILE R 448 17.16 -75.49 -22.48
CA ILE R 448 17.14 -74.80 -23.76
C ILE R 448 17.95 -75.50 -24.85
N SER R 449 18.91 -76.35 -24.53
CA SER R 449 19.73 -76.99 -25.54
C SER R 449 20.38 -78.22 -24.92
N GLN R 450 20.29 -79.34 -25.60
CA GLN R 450 20.68 -80.61 -25.00
C GLN R 450 21.35 -81.48 -26.05
N LYS R 451 22.19 -82.39 -25.57
CA LYS R 451 22.86 -83.37 -26.41
C LYS R 451 22.44 -84.75 -25.91
N LEU R 452 21.57 -85.40 -26.68
CA LEU R 452 20.86 -86.58 -26.22
C LEU R 452 21.80 -87.79 -26.14
N SER R 453 21.25 -88.89 -25.60
CA SER R 453 21.96 -90.14 -25.43
C SER R 453 20.90 -91.21 -25.16
N PRO R 454 20.98 -92.38 -25.76
CA PRO R 454 19.88 -93.34 -25.66
C PRO R 454 19.81 -94.00 -24.29
N ILE R 455 18.59 -94.37 -23.90
CA ILE R 455 18.36 -94.84 -22.54
C ILE R 455 18.85 -96.26 -22.31
N TYR R 456 19.17 -96.99 -23.38
CA TYR R 456 19.85 -98.26 -23.20
C TYR R 456 21.35 -98.12 -23.08
N ASN R 457 21.85 -96.90 -22.93
CA ASN R 457 23.20 -96.66 -22.47
C ASN R 457 23.22 -96.34 -20.97
N LEU R 458 22.16 -96.72 -20.27
CA LEU R 458 21.97 -96.38 -18.87
C LEU R 458 21.54 -97.57 -18.01
N VAL R 459 20.96 -98.61 -18.60
CA VAL R 459 20.55 -99.83 -17.91
C VAL R 459 21.79 -100.51 -17.33
N PRO R 460 21.83 -100.74 -16.02
CA PRO R 460 23.03 -101.32 -15.40
C PRO R 460 23.24 -102.77 -15.81
N VAL R 461 24.49 -103.21 -15.66
CA VAL R 461 24.90 -104.53 -16.11
C VAL R 461 24.98 -105.51 -14.94
N LYS R 462 24.99 -105.01 -13.70
CA LYS R 462 24.98 -105.87 -12.52
C LYS R 462 23.72 -106.71 -12.43
N MET R 463 22.59 -106.18 -12.87
CA MET R 463 21.32 -106.88 -12.78
C MET R 463 21.24 -108.02 -13.79
N LYS R 464 20.30 -108.92 -13.55
CA LYS R 464 20.18 -110.14 -14.36
C LYS R 464 19.48 -109.84 -15.67
N ASN R 465 19.91 -110.57 -16.72
CA ASN R 465 19.43 -110.43 -18.10
C ASN R 465 19.59 -109.00 -18.60
N ALA R 466 20.73 -108.38 -18.30
CA ALA R 466 20.94 -106.99 -18.63
C ALA R 466 21.13 -106.80 -20.13
N HIS R 467 21.90 -107.68 -20.77
CA HIS R 467 22.17 -107.53 -22.19
C HIS R 467 20.92 -107.84 -23.02
N LEU R 468 20.07 -108.75 -22.56
CA LEU R 468 18.84 -109.04 -23.28
C LEU R 468 17.87 -107.87 -23.21
N LYS R 469 17.78 -107.21 -22.06
CA LYS R 469 16.93 -106.03 -21.94
C LYS R 469 17.50 -104.86 -22.73
N LYS R 470 18.82 -104.76 -22.82
CA LYS R 470 19.41 -103.73 -23.66
C LYS R 470 19.19 -104.02 -25.14
N GLN R 471 19.21 -105.30 -25.51
CA GLN R 471 18.89 -105.71 -26.87
C GLN R 471 17.43 -105.44 -27.21
N ASN R 472 16.55 -105.52 -26.20
CA ASN R 472 15.15 -105.17 -26.44
C ASN R 472 14.99 -103.67 -26.59
N LEU R 473 15.62 -102.90 -25.72
CA LEU R 473 15.46 -101.45 -25.76
C LEU R 473 16.18 -100.80 -26.92
N GLU R 474 17.16 -101.46 -27.52
CA GLU R 474 17.80 -100.86 -28.69
C GLU R 474 16.96 -101.03 -29.95
N ARG R 475 16.02 -101.98 -29.96
CA ARG R 475 15.08 -102.11 -31.05
C ARG R 475 13.74 -101.45 -30.78
N ALA R 476 13.40 -101.29 -29.50
CA ALA R 476 12.14 -100.64 -29.17
C ALA R 476 12.16 -99.16 -29.54
N ILE R 477 13.33 -98.52 -29.51
CA ILE R 477 13.41 -97.13 -29.92
C ILE R 477 13.25 -96.99 -31.42
N GLU R 478 13.81 -97.95 -32.19
CA GLU R 478 13.59 -97.96 -33.63
C GLU R 478 12.14 -98.20 -33.98
N ASP R 479 11.48 -99.14 -33.30
CA ASP R 479 10.07 -99.40 -33.54
C ASP R 479 9.21 -98.22 -33.11
N TYR R 480 9.58 -97.53 -32.04
CA TYR R 480 8.80 -96.38 -31.60
C TYR R 480 8.95 -95.20 -32.55
N ILE R 481 10.16 -94.99 -33.07
CA ILE R 481 10.35 -93.87 -33.99
C ILE R 481 9.83 -94.22 -35.37
N ASN R 482 9.64 -95.51 -35.68
CA ASN R 482 9.08 -95.87 -36.97
C ASN R 482 7.55 -95.83 -36.94
N GLU R 483 6.94 -96.42 -35.91
CA GLU R 483 5.50 -96.63 -35.94
C GLU R 483 4.70 -95.39 -35.59
N PHE R 484 5.29 -94.41 -34.91
CA PHE R 484 4.64 -93.12 -34.71
C PHE R 484 5.28 -92.03 -35.56
N SER R 485 5.94 -92.41 -36.65
CA SER R 485 6.51 -91.42 -37.55
C SER R 485 5.42 -90.71 -38.35
N VAL R 486 5.76 -89.55 -38.89
CA VAL R 486 4.81 -88.79 -39.70
C VAL R 486 4.71 -89.34 -41.12
N ARG R 487 5.60 -90.25 -41.50
CA ARG R 487 5.67 -90.76 -42.86
C ARG R 487 4.71 -91.91 -43.12
N LYS R 488 3.65 -92.05 -42.33
CA LYS R 488 2.57 -92.96 -42.66
C LYS R 488 1.35 -92.25 -43.20
N CYS R 489 1.08 -91.03 -42.73
CA CYS R 489 -0.02 -90.25 -43.26
C CYS R 489 0.34 -89.69 -44.62
N HIS R 490 -0.60 -89.78 -45.56
CA HIS R 490 -0.38 -89.25 -46.90
C HIS R 490 -0.37 -87.73 -46.86
N THR R 491 0.61 -87.13 -47.53
CA THR R 491 0.92 -85.72 -47.36
C THR R 491 -0.15 -84.83 -47.97
N CYS R 492 -0.32 -83.66 -47.38
CA CYS R 492 -1.26 -82.67 -47.88
C CYS R 492 -0.66 -81.88 -49.03
N GLN R 493 -1.51 -81.52 -49.98
CA GLN R 493 -1.08 -80.78 -51.15
C GLN R 493 -0.98 -79.29 -50.84
N ASN R 494 -0.66 -78.51 -51.88
CA ASN R 494 -0.59 -77.05 -51.87
C ASN R 494 0.44 -76.51 -50.87
N GLY R 495 1.47 -77.29 -50.56
CA GLY R 495 2.45 -76.88 -49.58
C GLY R 495 2.03 -77.07 -48.14
N GLY R 496 1.03 -77.91 -47.89
CA GLY R 496 0.59 -78.15 -46.53
C GLY R 496 1.51 -79.11 -45.78
N THR R 497 2.08 -78.64 -44.68
CA THR R 497 2.98 -79.46 -43.87
C THR R 497 2.18 -80.30 -42.90
N VAL R 498 2.31 -81.61 -42.99
CA VAL R 498 1.57 -82.53 -42.15
C VAL R 498 2.24 -82.62 -40.78
N ILE R 499 1.44 -82.65 -39.73
CA ILE R 499 1.92 -82.73 -38.35
C ILE R 499 1.18 -83.83 -37.64
N LEU R 500 1.91 -84.85 -37.19
CA LEU R 500 1.30 -85.89 -36.38
C LEU R 500 1.03 -85.34 -34.99
N MET R 501 -0.22 -85.50 -34.53
CA MET R 501 -0.64 -84.98 -33.23
C MET R 501 -1.84 -85.79 -32.78
N ASP R 502 -1.72 -86.44 -31.62
CA ASP R 502 -2.76 -87.28 -31.01
C ASP R 502 -3.15 -88.45 -31.93
N GLY R 503 -2.21 -88.90 -32.76
CA GLY R 503 -2.56 -89.88 -33.78
C GLY R 503 -3.53 -89.37 -34.83
N LYS R 504 -3.50 -88.08 -35.10
CA LYS R 504 -4.45 -87.44 -36.02
C LYS R 504 -3.67 -86.39 -36.81
N CYS R 505 -3.28 -86.76 -38.02
CA CYS R 505 -2.38 -85.94 -38.82
C CYS R 505 -3.09 -84.70 -39.33
N LEU R 506 -2.86 -83.58 -38.65
CA LEU R 506 -3.39 -82.29 -39.06
C LEU R 506 -2.36 -81.55 -39.89
N CYS R 507 -2.82 -80.87 -40.93
CA CYS R 507 -1.96 -80.13 -41.83
C CYS R 507 -2.13 -78.63 -41.64
N ALA R 508 -1.01 -77.90 -41.76
CA ALA R 508 -1.00 -76.45 -41.67
C ALA R 508 -0.81 -75.86 -43.07
N CYS R 509 -1.69 -74.96 -43.46
CA CYS R 509 -1.71 -74.37 -44.79
C CYS R 509 -1.07 -72.99 -44.79
N PRO R 510 -0.22 -72.70 -45.78
CA PRO R 510 0.51 -71.42 -45.75
C PRO R 510 -0.29 -70.20 -46.21
N PHE R 511 -0.74 -69.41 -45.24
CA PHE R 511 -1.06 -67.98 -45.35
C PHE R 511 -2.29 -67.61 -46.18
N LYS R 512 -2.86 -68.55 -46.93
CA LYS R 512 -4.01 -68.19 -47.76
C LYS R 512 -5.13 -69.23 -47.76
N PHE R 513 -4.87 -70.44 -47.28
CA PHE R 513 -5.74 -71.57 -47.55
C PHE R 513 -6.45 -71.94 -46.25
N GLU R 514 -7.76 -71.76 -46.21
CA GLU R 514 -8.51 -72.06 -45.00
C GLU R 514 -8.99 -73.50 -44.94
N GLY R 515 -8.88 -74.25 -46.03
CA GLY R 515 -9.39 -75.60 -46.06
C GLY R 515 -8.50 -76.57 -45.32
N ILE R 516 -9.06 -77.74 -45.01
CA ILE R 516 -8.30 -78.75 -44.29
C ILE R 516 -7.25 -79.37 -45.22
N ALA R 517 -7.58 -79.51 -46.50
CA ALA R 517 -6.65 -80.02 -47.49
C ALA R 517 -5.96 -78.91 -48.27
N CYS R 518 -5.96 -77.68 -47.73
CA CYS R 518 -5.29 -76.51 -48.29
C CYS R 518 -5.80 -76.16 -49.69
N GLU R 519 -7.09 -76.41 -49.95
CA GLU R 519 -7.60 -76.30 -51.32
C GLU R 519 -8.16 -74.93 -51.63
N ILE R 520 -9.06 -74.41 -50.78
CA ILE R 520 -9.71 -73.14 -51.05
C ILE R 520 -8.72 -72.00 -50.89
N SER R 521 -8.70 -71.09 -51.86
CA SER R 521 -7.78 -69.97 -51.88
C SER R 521 -8.55 -68.66 -51.75
N LYS R 522 -7.80 -67.57 -51.67
CA LYS R 522 -8.40 -66.24 -51.61
C LYS R 522 -7.61 -65.26 -52.49
N SER S 18 -40.08 -80.64 -44.64
CA SER S 18 -38.99 -80.86 -43.69
C SER S 18 -39.56 -81.32 -42.35
N HIS S 19 -39.54 -82.63 -42.11
CA HIS S 19 -40.09 -83.19 -40.88
C HIS S 19 -39.42 -84.54 -40.64
N ILE S 20 -38.47 -84.57 -39.71
CA ILE S 20 -37.76 -85.79 -39.34
C ILE S 20 -37.98 -86.03 -37.86
N ASP S 21 -38.27 -87.27 -37.49
CA ASP S 21 -38.45 -87.65 -36.09
C ASP S 21 -37.42 -88.69 -35.69
N CYS S 22 -37.32 -88.92 -34.39
CA CYS S 22 -36.40 -89.91 -33.87
C CYS S 22 -36.91 -91.32 -34.16
N ARG S 23 -35.97 -92.27 -34.16
CA ARG S 23 -36.27 -93.67 -34.43
C ARG S 23 -35.55 -94.53 -33.42
N MET S 24 -36.05 -95.75 -33.26
CA MET S 24 -35.42 -96.73 -32.38
C MET S 24 -35.45 -98.10 -33.02
N SER S 25 -34.35 -98.83 -32.88
CA SER S 25 -34.31 -100.23 -33.20
C SER S 25 -35.09 -101.02 -32.14
N PRO S 26 -35.61 -102.19 -32.48
CA PRO S 26 -36.25 -103.02 -31.45
C PRO S 26 -35.23 -103.62 -30.50
N TRP S 27 -35.72 -104.01 -29.32
CA TRP S 27 -34.84 -104.54 -28.29
C TRP S 27 -34.33 -105.92 -28.68
N SER S 28 -33.23 -106.30 -28.08
CA SER S 28 -32.61 -107.60 -28.34
C SER S 28 -33.26 -108.67 -27.48
N GLU S 29 -32.65 -109.84 -27.43
CA GLU S 29 -33.13 -110.92 -26.58
C GLU S 29 -32.47 -110.84 -25.21
N TRP S 30 -33.19 -111.35 -24.21
CA TRP S 30 -32.68 -111.39 -22.85
C TRP S 30 -31.55 -112.43 -22.77
N SER S 31 -30.36 -111.99 -22.38
CA SER S 31 -29.16 -112.82 -22.59
C SER S 31 -29.06 -113.94 -21.56
N GLN S 32 -28.83 -113.59 -20.29
CA GLN S 32 -28.54 -114.55 -19.24
C GLN S 32 -28.53 -113.83 -17.91
N CYS S 33 -29.03 -114.48 -16.86
CA CYS S 33 -28.78 -114.03 -15.51
C CYS S 33 -27.29 -114.09 -15.22
N ASP S 34 -26.66 -112.92 -15.11
CA ASP S 34 -25.27 -112.86 -14.69
C ASP S 34 -25.22 -113.22 -13.22
N PRO S 35 -24.61 -114.35 -12.85
CA PRO S 35 -24.81 -114.90 -11.50
C PRO S 35 -24.11 -114.11 -10.42
N CYS S 36 -23.08 -113.35 -10.76
CA CYS S 36 -22.37 -112.54 -9.79
C CYS S 36 -23.02 -111.17 -9.59
N LEU S 37 -24.09 -110.86 -10.33
CA LEU S 37 -24.83 -109.62 -10.15
C LEU S 37 -26.35 -109.79 -10.14
N ARG S 38 -26.86 -110.99 -10.43
CA ARG S 38 -28.28 -111.36 -10.35
C ARG S 38 -29.17 -110.51 -11.25
N GLN S 39 -28.65 -110.08 -12.40
CA GLN S 39 -29.40 -109.23 -13.32
C GLN S 39 -29.11 -109.66 -14.74
N MET S 40 -30.15 -109.81 -15.55
CA MET S 40 -29.98 -110.00 -16.98
C MET S 40 -30.15 -108.67 -17.71
N PHE S 41 -29.32 -108.44 -18.71
CA PHE S 41 -29.29 -107.18 -19.43
C PHE S 41 -29.74 -107.40 -20.86
N ARG S 42 -30.32 -106.38 -21.46
CA ARG S 42 -30.65 -106.40 -22.87
C ARG S 42 -30.56 -104.97 -23.40
N SER S 43 -30.47 -104.84 -24.72
CA SER S 43 -30.16 -103.54 -25.29
C SER S 43 -30.73 -103.43 -26.69
N ARG S 44 -30.46 -102.28 -27.30
CA ARG S 44 -30.87 -101.98 -28.67
C ARG S 44 -29.91 -100.91 -29.20
N SER S 45 -30.23 -100.35 -30.36
CA SER S 45 -29.42 -99.27 -30.90
C SER S 45 -30.29 -98.09 -31.33
N ILE S 46 -29.67 -97.11 -31.97
CA ILE S 46 -30.37 -95.91 -32.44
C ILE S 46 -30.15 -95.80 -33.94
N GLU S 47 -31.23 -95.77 -34.71
CA GLU S 47 -31.10 -95.69 -36.16
C GLU S 47 -30.85 -94.26 -36.62
N VAL S 48 -31.82 -93.38 -36.40
CA VAL S 48 -31.77 -92.00 -36.92
C VAL S 48 -32.18 -91.06 -35.80
N PHE S 49 -31.31 -90.09 -35.50
CA PHE S 49 -31.64 -89.08 -34.50
C PHE S 49 -32.64 -88.08 -35.08
N GLY S 50 -33.36 -87.42 -34.18
CA GLY S 50 -34.31 -86.42 -34.61
C GLY S 50 -33.62 -85.18 -35.15
N GLN S 51 -34.27 -84.54 -36.12
CA GLN S 51 -33.65 -83.43 -36.83
C GLN S 51 -34.77 -82.58 -37.40
N PHE S 52 -34.49 -81.28 -37.55
CA PHE S 52 -35.39 -80.27 -38.10
C PHE S 52 -36.70 -80.20 -37.31
N ASN S 53 -36.57 -79.80 -36.04
CA ASN S 53 -37.68 -79.47 -35.14
C ASN S 53 -38.58 -80.70 -34.93
N GLY S 54 -37.95 -81.80 -34.54
CA GLY S 54 -38.67 -83.05 -34.35
C GLY S 54 -38.45 -83.64 -32.98
N LYS S 55 -38.87 -84.89 -32.79
CA LYS S 55 -38.82 -85.51 -31.48
C LYS S 55 -37.39 -85.94 -31.14
N ARG S 56 -37.00 -85.69 -29.89
CA ARG S 56 -35.68 -86.04 -29.40
C ARG S 56 -35.64 -87.50 -28.98
N CYS S 57 -34.47 -88.13 -29.16
CA CYS S 57 -34.35 -89.56 -28.89
C CYS S 57 -34.27 -89.86 -27.40
N THR S 58 -33.55 -89.03 -26.64
CA THR S 58 -33.43 -89.09 -25.18
C THR S 58 -32.88 -90.43 -24.68
N ASP S 59 -31.81 -90.90 -25.35
CA ASP S 59 -30.78 -91.79 -24.80
C ASP S 59 -31.32 -93.05 -24.13
N ALA S 60 -32.23 -93.73 -24.83
CA ALA S 60 -32.98 -94.83 -24.23
C ALA S 60 -32.38 -96.19 -24.52
N VAL S 61 -31.05 -96.29 -24.60
CA VAL S 61 -30.39 -97.55 -24.83
C VAL S 61 -30.07 -98.21 -23.49
N GLY S 62 -29.95 -99.53 -23.51
CA GLY S 62 -29.65 -100.27 -22.29
C GLY S 62 -30.84 -100.51 -21.40
N ASP S 63 -30.93 -101.69 -20.80
CA ASP S 63 -32.06 -102.04 -19.96
C ASP S 63 -31.61 -103.09 -18.95
N ARG S 64 -32.23 -103.06 -17.78
CA ARG S 64 -31.89 -103.97 -16.69
C ARG S 64 -33.16 -104.59 -16.14
N ARG S 65 -33.03 -105.80 -15.58
CA ARG S 65 -34.16 -106.50 -15.00
C ARG S 65 -33.64 -107.51 -13.99
N GLN S 66 -34.27 -107.56 -12.82
CA GLN S 66 -33.82 -108.46 -11.77
C GLN S 66 -34.24 -109.89 -12.11
N CYS S 67 -33.36 -110.85 -11.80
CA CYS S 67 -33.70 -112.26 -11.94
C CYS S 67 -32.96 -113.06 -10.88
N VAL S 68 -33.57 -114.17 -10.49
CA VAL S 68 -32.94 -115.08 -9.52
C VAL S 68 -31.77 -115.80 -10.19
N PRO S 69 -30.63 -115.96 -9.51
CA PRO S 69 -29.52 -116.71 -10.13
C PRO S 69 -29.82 -118.20 -10.21
N THR S 70 -30.03 -118.67 -11.44
CA THR S 70 -30.38 -120.07 -11.65
C THR S 70 -29.18 -120.99 -11.54
N GLU S 71 -27.98 -120.48 -11.80
CA GLU S 71 -26.74 -121.24 -11.67
C GLU S 71 -25.67 -120.30 -11.11
N PRO S 72 -25.34 -120.42 -9.82
CA PRO S 72 -24.49 -119.40 -9.17
C PRO S 72 -23.04 -119.49 -9.60
N CYS S 73 -22.40 -118.33 -9.64
CA CYS S 73 -20.99 -118.22 -9.99
C CYS S 73 -20.12 -118.43 -8.76
N GLU S 74 -18.82 -118.52 -8.99
CA GLU S 74 -17.87 -118.57 -7.89
C GLU S 74 -17.79 -117.20 -7.21
N ASP S 75 -17.34 -117.20 -5.96
CA ASP S 75 -17.22 -115.98 -5.18
C ASP S 75 -16.10 -115.13 -5.77
N ALA S 76 -16.47 -114.09 -6.49
CA ALA S 76 -15.51 -113.24 -7.22
C ALA S 76 -14.83 -112.32 -6.22
N GLU S 77 -13.73 -112.79 -5.65
CA GLU S 77 -12.90 -111.97 -4.77
C GLU S 77 -11.44 -112.30 -5.04
N ASP S 78 -10.59 -111.29 -4.90
CA ASP S 78 -9.18 -111.45 -5.23
C ASP S 78 -8.44 -112.16 -4.10
N ASP S 79 -7.30 -112.74 -4.46
CA ASP S 79 -6.51 -113.49 -3.48
C ASP S 79 -5.81 -112.55 -2.51
N CYS S 80 -5.24 -111.46 -3.03
CA CYS S 80 -4.44 -110.49 -2.28
C CYS S 80 -3.29 -111.18 -1.53
N GLY S 81 -2.39 -111.75 -2.32
CA GLY S 81 -1.39 -112.66 -1.79
C GLY S 81 -0.27 -111.94 -1.05
N ASN S 82 -0.08 -112.28 0.23
CA ASN S 82 1.02 -111.80 1.08
C ASN S 82 1.04 -110.28 1.22
N ASP S 83 -0.11 -109.65 1.10
CA ASP S 83 -0.24 -108.21 1.25
C ASP S 83 -1.30 -107.92 2.30
N PHE S 84 -1.10 -106.83 3.02
CA PHE S 84 -2.09 -106.41 4.01
C PHE S 84 -3.32 -105.87 3.30
N GLN S 85 -4.40 -106.64 3.31
CA GLN S 85 -5.67 -106.14 2.83
C GLN S 85 -6.20 -105.06 3.77
N CYS S 86 -6.93 -104.12 3.20
CA CYS S 86 -7.44 -102.98 3.94
C CYS S 86 -8.95 -103.05 4.01
N SER S 87 -9.55 -102.01 4.57
CA SER S 87 -11.00 -101.91 4.69
C SER S 87 -11.64 -101.22 3.49
N THR S 88 -10.99 -101.25 2.33
CA THR S 88 -11.52 -100.73 1.08
C THR S 88 -11.50 -101.76 -0.04
N GLY S 89 -10.47 -102.60 -0.08
CA GLY S 89 -10.24 -103.48 -1.22
C GLY S 89 -8.89 -103.27 -1.88
N ARG S 90 -8.11 -102.28 -1.43
CA ARG S 90 -6.77 -102.05 -1.93
C ARG S 90 -5.78 -102.83 -1.09
N CYS S 91 -4.79 -103.44 -1.75
CA CYS S 91 -3.79 -104.26 -1.07
C CYS S 91 -2.46 -103.51 -1.09
N ILE S 92 -2.01 -103.07 0.08
CA ILE S 92 -0.74 -102.37 0.21
C ILE S 92 0.26 -103.30 0.87
N LYS S 93 1.51 -102.86 0.91
CA LYS S 93 2.60 -103.66 1.43
C LYS S 93 2.77 -103.42 2.94
N MET S 94 3.73 -104.11 3.54
CA MET S 94 4.00 -103.96 4.97
C MET S 94 4.84 -102.74 5.26
N ARG S 95 5.61 -102.26 4.28
CA ARG S 95 6.45 -101.06 4.43
C ARG S 95 5.62 -99.81 4.70
N LEU S 96 4.37 -99.79 4.26
CA LEU S 96 3.49 -98.64 4.42
C LEU S 96 2.80 -98.60 5.78
N ARG S 97 3.21 -99.43 6.74
CA ARG S 97 2.57 -99.47 8.04
C ARG S 97 3.02 -98.29 8.89
N CYS S 98 2.02 -97.56 9.44
CA CYS S 98 2.21 -96.45 10.38
C CYS S 98 3.09 -95.35 9.80
N ASN S 99 3.01 -95.14 8.49
CA ASN S 99 3.86 -94.17 7.83
C ASN S 99 3.30 -92.75 7.90
N GLY S 100 2.13 -92.55 8.49
CA GLY S 100 1.52 -91.24 8.52
C GLY S 100 0.92 -90.81 7.20
N ASP S 101 0.71 -91.73 6.27
CA ASP S 101 0.09 -91.43 4.99
C ASP S 101 -1.12 -92.32 4.79
N ASN S 102 -2.20 -91.71 4.30
CA ASN S 102 -3.46 -92.41 4.10
C ASN S 102 -3.39 -93.33 2.89
N ASP S 103 -2.92 -94.55 3.09
CA ASP S 103 -2.59 -95.46 2.01
C ASP S 103 -3.72 -96.41 1.67
N CYS S 104 -4.42 -96.96 2.67
CA CYS S 104 -5.55 -97.83 2.39
C CYS S 104 -6.77 -97.04 1.94
N GLY S 105 -6.83 -95.76 2.25
CA GLY S 105 -7.99 -94.96 1.91
C GLY S 105 -8.84 -94.68 3.12
N ASP S 106 -9.03 -95.69 3.98
CA ASP S 106 -9.75 -95.56 5.23
C ASP S 106 -8.81 -95.59 6.42
N PHE S 107 -7.64 -94.96 6.27
CA PHE S 107 -6.80 -94.48 7.36
C PHE S 107 -6.27 -95.62 8.21
N SER S 108 -5.93 -96.74 7.57
CA SER S 108 -5.53 -97.95 8.27
C SER S 108 -4.04 -97.98 8.58
N ASP S 109 -3.39 -96.81 8.65
CA ASP S 109 -2.00 -96.71 9.04
C ASP S 109 -1.79 -95.91 10.32
N GLU S 110 -2.46 -94.76 10.46
CA GLU S 110 -2.20 -93.84 11.55
C GLU S 110 -3.07 -94.11 12.77
N ASP S 111 -3.48 -95.36 12.98
CA ASP S 111 -4.32 -95.67 14.13
C ASP S 111 -3.79 -96.84 14.96
N ASP S 112 -3.12 -97.79 14.30
CA ASP S 112 -2.88 -99.09 14.91
C ASP S 112 -1.75 -99.06 15.92
N CYS S 113 -0.53 -98.77 15.45
CA CYS S 113 0.64 -99.03 16.27
C CYS S 113 0.95 -97.84 17.18
N GLU S 114 1.73 -98.13 18.22
CA GLU S 114 2.32 -97.10 19.06
C GLU S 114 3.76 -96.79 18.66
N SER S 115 4.16 -97.23 17.47
CA SER S 115 5.53 -97.02 16.98
C SER S 115 5.68 -95.61 16.45
N GLU S 116 6.84 -95.33 15.84
CA GLU S 116 7.08 -94.01 15.29
C GLU S 116 6.27 -93.81 14.01
N PRO S 117 5.82 -92.58 13.74
CA PRO S 117 5.16 -92.32 12.46
C PRO S 117 6.11 -92.35 11.28
N ARG S 118 7.43 -92.23 11.52
CA ARG S 118 8.59 -92.23 10.61
C ARG S 118 8.32 -91.59 9.23
N PRO S 119 8.04 -90.29 9.17
CA PRO S 119 7.64 -89.69 7.90
C PRO S 119 8.79 -89.63 6.93
N PRO S 120 8.61 -90.16 5.71
CA PRO S 120 9.70 -90.12 4.73
C PRO S 120 10.05 -88.72 4.29
N CYS S 121 9.06 -87.84 4.20
CA CYS S 121 9.34 -86.41 4.17
C CYS S 121 9.65 -85.97 5.60
N ARG S 122 10.93 -85.71 5.87
CA ARG S 122 11.38 -85.28 7.18
C ARG S 122 11.10 -83.80 7.41
N ASP S 123 11.79 -83.21 8.38
CA ASP S 123 11.60 -81.82 8.79
C ASP S 123 11.88 -80.76 7.72
N ARG S 124 12.26 -81.17 6.51
CA ARG S 124 12.28 -80.26 5.38
C ARG S 124 10.89 -79.71 5.10
N VAL S 125 10.85 -78.48 4.59
CA VAL S 125 9.60 -77.79 4.32
C VAL S 125 8.93 -78.46 3.12
N VAL S 126 7.89 -79.24 3.39
CA VAL S 126 7.22 -80.07 2.40
C VAL S 126 5.72 -79.86 2.54
N GLU S 127 5.06 -79.53 1.44
CA GLU S 127 3.64 -79.20 1.45
C GLU S 127 2.86 -80.23 0.63
N GLU S 128 1.59 -79.95 0.41
CA GLU S 128 0.78 -80.73 -0.52
C GLU S 128 0.54 -79.90 -1.78
N SER S 129 0.38 -80.59 -2.91
CA SER S 129 0.37 -79.91 -4.20
C SER S 129 -1.01 -79.31 -4.46
N GLU S 130 -1.13 -78.66 -5.62
CA GLU S 130 -2.39 -78.12 -6.09
C GLU S 130 -2.73 -78.55 -7.50
N LEU S 131 -1.75 -79.03 -8.26
CA LEU S 131 -1.92 -79.46 -9.64
C LEU S 131 -1.89 -80.95 -9.79
N ALA S 132 -1.13 -81.64 -8.95
CA ALA S 132 -0.98 -83.07 -9.07
C ALA S 132 -2.13 -83.84 -8.46
N ARG S 133 -2.93 -83.21 -7.61
CA ARG S 133 -3.95 -83.96 -6.87
C ARG S 133 -5.13 -84.33 -7.75
N THR S 134 -5.33 -83.64 -8.86
CA THR S 134 -6.39 -83.94 -9.80
C THR S 134 -5.82 -84.32 -11.16
N ALA S 135 -4.75 -85.11 -11.18
CA ALA S 135 -3.97 -85.30 -12.39
C ALA S 135 -4.51 -86.40 -13.31
N GLY S 136 -5.76 -86.80 -13.16
CA GLY S 136 -6.31 -87.72 -14.13
C GLY S 136 -6.96 -87.03 -15.30
N TYR S 137 -7.99 -86.25 -14.99
CA TYR S 137 -8.90 -85.63 -15.97
C TYR S 137 -9.37 -86.64 -17.01
N GLY S 138 -10.09 -87.66 -16.54
CA GLY S 138 -10.62 -88.70 -17.41
C GLY S 138 -11.61 -88.14 -18.40
N ILE S 139 -11.20 -88.05 -19.65
CA ILE S 139 -11.83 -87.16 -20.60
C ILE S 139 -12.81 -87.95 -21.45
N ASN S 140 -13.70 -87.24 -22.12
CA ASN S 140 -14.67 -87.83 -23.02
C ASN S 140 -14.41 -87.31 -24.42
N ILE S 141 -14.89 -88.06 -25.42
CA ILE S 141 -14.59 -87.76 -26.81
C ILE S 141 -15.25 -86.51 -27.36
N LEU S 142 -16.21 -85.93 -26.64
CA LEU S 142 -16.82 -84.68 -27.07
C LEU S 142 -15.82 -83.53 -26.99
N GLY S 143 -15.02 -83.49 -25.92
CA GLY S 143 -14.05 -82.44 -25.75
C GLY S 143 -14.01 -81.91 -24.33
N MET S 144 -15.10 -82.11 -23.59
CA MET S 144 -15.18 -81.67 -22.21
C MET S 144 -14.68 -82.77 -21.29
N ASP S 145 -14.17 -82.34 -20.12
CA ASP S 145 -13.36 -83.21 -19.26
C ASP S 145 -13.92 -83.37 -17.85
N PRO S 146 -14.61 -84.46 -17.55
CA PRO S 146 -14.97 -84.74 -16.15
C PRO S 146 -13.73 -85.13 -15.36
N LEU S 147 -13.59 -84.54 -14.17
CA LEU S 147 -12.44 -84.74 -13.29
C LEU S 147 -12.52 -86.05 -12.53
N SER S 148 -13.41 -86.96 -12.93
CA SER S 148 -13.62 -88.23 -12.24
C SER S 148 -12.38 -89.09 -12.48
N THR S 149 -11.37 -88.80 -11.69
CA THR S 149 -10.04 -89.33 -11.85
C THR S 149 -10.03 -90.80 -11.49
N PRO S 150 -9.70 -91.69 -12.42
CA PRO S 150 -9.54 -93.10 -12.03
C PRO S 150 -8.32 -93.31 -11.15
N PHE S 151 -7.33 -92.44 -11.28
CA PHE S 151 -6.15 -92.51 -10.45
C PHE S 151 -6.46 -92.04 -9.03
N ASP S 152 -5.55 -92.34 -8.12
CA ASP S 152 -5.65 -91.89 -6.74
C ASP S 152 -4.39 -91.09 -6.45
N ASN S 153 -4.53 -89.77 -6.35
CA ASN S 153 -3.39 -88.89 -6.15
C ASN S 153 -3.20 -88.54 -4.68
N GLU S 154 -3.49 -89.47 -3.79
CA GLU S 154 -3.11 -89.37 -2.39
C GLU S 154 -2.15 -90.46 -1.98
N PHE S 155 -1.91 -91.45 -2.82
CA PHE S 155 -1.03 -92.56 -2.51
C PHE S 155 0.40 -92.12 -2.79
N TYR S 156 1.22 -92.04 -1.75
CA TYR S 156 2.59 -91.59 -1.91
C TYR S 156 3.60 -92.73 -1.86
N ASN S 157 3.21 -93.89 -1.33
CA ASN S 157 4.02 -95.11 -1.26
C ASN S 157 5.33 -94.88 -0.49
N GLY S 158 5.28 -94.03 0.52
CA GLY S 158 6.42 -93.84 1.42
C GLY S 158 7.63 -93.20 0.80
N LEU S 159 7.45 -92.37 -0.21
CA LEU S 159 8.56 -91.67 -0.86
C LEU S 159 8.39 -90.18 -0.73
N CYS S 160 9.50 -89.44 -0.87
CA CYS S 160 9.50 -87.99 -0.72
C CYS S 160 10.30 -87.41 -1.89
N ASN S 161 9.61 -87.13 -2.98
CA ASN S 161 10.21 -86.52 -4.16
C ASN S 161 9.69 -85.10 -4.30
N ARG S 162 10.59 -84.14 -4.30
CA ARG S 162 10.20 -82.74 -4.31
C ARG S 162 10.24 -82.19 -5.73
N ASP S 163 9.31 -81.30 -6.04
CA ASP S 163 9.25 -80.60 -7.33
C ASP S 163 9.02 -79.13 -7.07
N ARG S 164 9.93 -78.29 -7.54
CA ARG S 164 9.95 -76.90 -7.11
C ARG S 164 8.86 -76.09 -7.80
N ASP S 165 8.62 -74.92 -7.25
CA ASP S 165 7.73 -73.92 -7.82
C ASP S 165 8.54 -72.67 -8.13
N GLY S 166 8.17 -71.99 -9.21
CA GLY S 166 8.87 -70.79 -9.61
C GLY S 166 8.53 -69.60 -8.75
N ASN S 167 7.24 -69.26 -8.68
CA ASN S 167 6.85 -67.99 -8.06
C ASN S 167 6.86 -68.09 -6.53
N THR S 168 6.18 -69.09 -5.98
CA THR S 168 5.97 -69.13 -4.53
C THR S 168 7.18 -69.65 -3.77
N LEU S 169 8.13 -70.29 -4.44
CA LEU S 169 9.34 -70.87 -3.84
C LEU S 169 9.02 -71.86 -2.74
N THR S 170 8.26 -72.89 -3.10
CA THR S 170 7.86 -73.94 -2.19
C THR S 170 8.42 -75.26 -2.68
N TYR S 171 8.03 -76.36 -2.04
CA TYR S 171 8.46 -77.69 -2.43
C TYR S 171 7.26 -78.63 -2.37
N TYR S 172 6.55 -78.72 -3.49
CA TYR S 172 5.39 -79.57 -3.58
C TYR S 172 5.82 -81.04 -3.70
N ARG S 173 4.88 -81.95 -3.53
CA ARG S 173 5.20 -83.36 -3.60
C ARG S 173 4.80 -83.94 -4.95
N ARG S 174 5.32 -85.13 -5.19
CA ARG S 174 5.01 -85.89 -6.40
C ARG S 174 4.28 -87.15 -5.99
N PRO S 175 2.98 -87.26 -6.22
CA PRO S 175 2.27 -88.50 -5.93
C PRO S 175 2.75 -89.64 -6.83
N TRP S 176 2.43 -90.86 -6.40
CA TRP S 176 2.96 -92.04 -7.07
C TRP S 176 2.40 -92.21 -8.48
N ASN S 177 1.20 -91.70 -8.75
CA ASN S 177 0.65 -91.87 -10.08
C ASN S 177 1.21 -90.87 -11.08
N VAL S 178 1.82 -89.78 -10.64
CA VAL S 178 2.42 -88.80 -11.53
C VAL S 178 3.91 -89.14 -11.69
N ALA S 179 4.33 -89.37 -12.92
CA ALA S 179 5.71 -89.75 -13.19
C ALA S 179 6.63 -88.56 -13.39
N SER S 180 6.09 -87.43 -13.85
CA SER S 180 6.89 -86.24 -14.02
C SER S 180 6.01 -85.02 -13.95
N LEU S 181 6.57 -83.93 -13.41
CA LEU S 181 5.79 -82.73 -13.16
C LEU S 181 6.74 -81.55 -13.14
N ILE S 182 6.77 -80.80 -14.23
CA ILE S 182 7.59 -79.61 -14.33
C ILE S 182 6.68 -78.41 -14.14
N TYR S 183 7.26 -77.29 -13.72
CA TYR S 183 6.58 -76.00 -13.70
C TYR S 183 7.41 -75.04 -14.55
N GLU S 184 7.13 -74.97 -15.84
CA GLU S 184 7.74 -73.94 -16.67
C GLU S 184 6.96 -72.65 -16.54
N THR S 185 7.23 -71.68 -17.41
CA THR S 185 6.36 -70.52 -17.58
C THR S 185 6.41 -70.21 -19.06
N LYS S 186 5.50 -70.77 -19.82
CA LYS S 186 5.62 -70.71 -21.27
C LYS S 186 4.49 -69.87 -21.82
N GLY S 187 4.76 -68.59 -22.06
CA GLY S 187 3.76 -67.71 -22.61
C GLY S 187 3.88 -67.69 -24.12
N GLU S 188 2.75 -67.58 -24.81
CA GLU S 188 2.79 -67.74 -26.25
C GLU S 188 1.60 -67.05 -26.89
N LYS S 189 1.83 -65.93 -27.55
CA LYS S 189 0.74 -65.20 -28.19
C LYS S 189 0.83 -65.32 -29.69
N ASN S 190 -0.19 -65.89 -30.32
CA ASN S 190 -0.37 -65.73 -31.75
C ASN S 190 -1.24 -64.49 -31.98
N PHE S 191 -1.04 -63.87 -33.14
CA PHE S 191 -1.83 -62.74 -33.55
C PHE S 191 -1.91 -62.81 -35.07
N ARG S 192 -3.08 -62.60 -35.63
CA ARG S 192 -3.21 -62.48 -37.07
C ARG S 192 -4.17 -61.37 -37.40
N THR S 193 -3.97 -60.73 -38.54
CA THR S 193 -5.00 -59.90 -39.14
C THR S 193 -4.89 -59.98 -40.65
N GLU S 194 -5.92 -60.52 -41.27
CA GLU S 194 -6.00 -60.59 -42.71
C GLU S 194 -6.95 -59.51 -43.21
N HIS S 195 -6.83 -59.21 -44.48
CA HIS S 195 -7.61 -58.14 -45.06
C HIS S 195 -7.69 -58.38 -46.56
N TYR S 196 -8.90 -58.34 -47.10
CA TYR S 196 -9.10 -58.45 -48.53
C TYR S 196 -10.01 -57.32 -48.97
N GLU S 197 -9.77 -56.83 -50.18
CA GLU S 197 -10.60 -55.75 -50.70
C GLU S 197 -10.63 -55.87 -52.21
N GLU S 198 -11.77 -55.55 -52.81
CA GLU S 198 -11.86 -55.58 -54.27
C GLU S 198 -12.87 -54.54 -54.72
N GLN S 199 -12.42 -53.45 -55.31
CA GLN S 199 -13.33 -52.53 -55.96
C GLN S 199 -13.41 -52.89 -57.44
N ILE S 200 -14.55 -52.59 -58.05
CA ILE S 200 -14.67 -52.66 -59.51
C ILE S 200 -15.68 -51.62 -59.94
N GLU S 201 -15.34 -50.90 -61.00
CA GLU S 201 -16.22 -49.88 -61.58
C GLU S 201 -16.28 -50.13 -63.08
N ALA S 202 -17.39 -50.70 -63.54
CA ALA S 202 -17.65 -50.87 -64.95
C ALA S 202 -18.54 -49.73 -65.45
N PHE S 203 -18.49 -49.49 -66.75
CA PHE S 203 -19.06 -48.28 -67.32
C PHE S 203 -19.25 -48.49 -68.81
N LYS S 204 -20.42 -48.11 -69.34
CA LYS S 204 -20.69 -48.27 -70.76
C LYS S 204 -21.67 -47.20 -71.23
N SER S 205 -21.22 -46.28 -72.08
CA SER S 205 -22.05 -45.21 -72.61
C SER S 205 -22.19 -45.35 -74.11
N ILE S 206 -23.36 -44.98 -74.63
CA ILE S 206 -23.64 -45.00 -76.07
C ILE S 206 -24.40 -43.73 -76.41
N ILE S 207 -23.97 -43.03 -77.46
CA ILE S 207 -24.72 -41.91 -78.03
C ILE S 207 -24.94 -42.19 -79.51
N GLN S 208 -26.18 -42.07 -79.98
CA GLN S 208 -26.48 -42.27 -81.39
C GLN S 208 -27.30 -41.09 -81.88
N GLU S 209 -27.14 -40.77 -83.16
CA GLU S 209 -27.86 -39.65 -83.74
C GLU S 209 -27.96 -39.84 -85.24
N LYS S 210 -29.15 -39.63 -85.78
CA LYS S 210 -29.30 -39.48 -87.22
C LYS S 210 -30.14 -38.23 -87.49
N THR S 211 -29.70 -37.42 -88.44
CA THR S 211 -30.40 -36.20 -88.82
C THR S 211 -30.56 -36.25 -90.33
N SER S 212 -31.75 -36.57 -90.82
CA SER S 212 -32.04 -36.65 -92.24
C SER S 212 -32.92 -35.49 -92.67
N ASN S 213 -32.61 -34.89 -93.83
CA ASN S 213 -33.30 -33.72 -94.32
C ASN S 213 -33.45 -33.83 -95.83
N PHE S 214 -34.69 -33.90 -96.32
CA PHE S 214 -34.98 -34.03 -97.74
C PHE S 214 -35.79 -32.83 -98.19
N ASN S 215 -35.39 -32.19 -99.28
CA ASN S 215 -36.02 -30.95 -99.73
C ASN S 215 -36.26 -31.05 -101.23
N ALA S 216 -37.51 -30.90 -101.65
CA ALA S 216 -37.79 -30.78 -103.08
C ALA S 216 -38.00 -29.31 -103.42
N ALA S 217 -38.30 -29.05 -104.69
CA ALA S 217 -38.58 -27.70 -105.16
C ALA S 217 -39.45 -27.72 -106.42
N PHE S 249 -44.56 -24.60 -104.33
CA PHE S 249 -44.12 -25.81 -105.00
C PHE S 249 -42.89 -26.43 -104.33
N ARG S 250 -43.08 -27.09 -103.19
CA ARG S 250 -42.00 -27.85 -102.57
C ARG S 250 -42.60 -28.95 -101.70
N PHE S 251 -41.70 -29.66 -101.01
CA PHE S 251 -42.05 -30.71 -100.05
C PHE S 251 -40.81 -31.00 -99.24
N SER S 252 -40.92 -30.91 -97.92
CA SER S 252 -39.79 -31.20 -97.05
C SER S 252 -40.10 -32.43 -96.22
N TYR S 253 -39.03 -33.06 -95.70
CA TYR S 253 -39.18 -34.21 -94.81
C TYR S 253 -37.93 -34.27 -93.96
N SER S 254 -38.07 -33.95 -92.68
CA SER S 254 -36.95 -33.93 -91.75
C SER S 254 -37.14 -34.99 -90.68
N LYS S 255 -36.04 -35.36 -90.04
CA LYS S 255 -36.06 -36.28 -88.90
C LYS S 255 -34.78 -36.08 -88.13
N ASN S 256 -34.89 -35.97 -86.81
CA ASN S 256 -33.72 -35.79 -85.94
C ASN S 256 -33.88 -36.79 -84.78
N GLU S 257 -33.43 -38.02 -84.99
CA GLU S 257 -33.50 -39.03 -83.94
C GLU S 257 -32.21 -38.98 -83.13
N THR S 258 -32.34 -38.96 -81.82
CA THR S 258 -31.22 -38.80 -80.89
C THR S 258 -31.37 -39.83 -79.78
N TYR S 259 -30.70 -40.96 -79.91
CA TYR S 259 -30.74 -42.00 -78.89
C TYR S 259 -29.56 -41.83 -77.94
N GLN S 260 -29.75 -42.24 -76.70
CA GLN S 260 -28.64 -42.26 -75.76
C GLN S 260 -28.86 -43.45 -74.84
N LEU S 261 -27.78 -43.92 -74.23
CA LEU S 261 -27.81 -45.05 -73.32
C LEU S 261 -26.62 -44.90 -72.39
N PHE S 262 -26.76 -45.37 -71.17
CA PHE S 262 -25.75 -45.10 -70.15
C PHE S 262 -25.89 -46.17 -69.08
N LEU S 263 -24.79 -46.80 -68.70
CA LEU S 263 -24.83 -47.81 -67.66
C LEU S 263 -23.58 -47.71 -66.80
N SER S 264 -23.76 -47.79 -65.50
CA SER S 264 -22.65 -47.87 -64.56
C SER S 264 -22.79 -49.16 -63.75
N TYR S 265 -21.70 -49.53 -63.08
CA TYR S 265 -21.74 -50.63 -62.11
C TYR S 265 -20.56 -50.41 -61.18
N SER S 266 -20.79 -49.82 -60.02
CA SER S 266 -19.71 -49.41 -59.13
C SER S 266 -19.81 -50.18 -57.83
N SER S 267 -19.26 -51.40 -57.81
CA SER S 267 -19.42 -52.28 -56.67
C SER S 267 -18.08 -52.54 -56.00
N LYS S 268 -18.03 -52.37 -54.69
CA LYS S 268 -16.86 -52.75 -53.93
C LYS S 268 -17.20 -53.89 -53.00
N LYS S 269 -16.16 -54.59 -52.55
CA LYS S 269 -16.29 -55.64 -51.56
C LYS S 269 -15.11 -55.55 -50.62
N GLU S 270 -15.29 -56.06 -49.41
CA GLU S 270 -14.28 -56.00 -48.38
C GLU S 270 -14.50 -57.19 -47.47
N LYS S 271 -13.42 -57.73 -46.92
CA LYS S 271 -13.55 -58.88 -46.02
C LYS S 271 -12.35 -58.89 -45.09
N MET S 272 -12.55 -58.51 -43.85
CA MET S 272 -11.46 -58.43 -42.89
C MET S 272 -11.42 -59.75 -42.11
N PHE S 273 -10.40 -59.90 -41.26
CA PHE S 273 -10.31 -61.00 -40.33
C PHE S 273 -9.29 -60.61 -39.28
N LEU S 274 -9.50 -61.03 -38.06
CA LEU S 274 -8.54 -60.80 -36.99
C LEU S 274 -8.58 -62.02 -36.09
N HIS S 275 -7.47 -62.30 -35.40
CA HIS S 275 -7.43 -63.50 -34.55
C HIS S 275 -6.32 -63.33 -33.51
N VAL S 276 -6.66 -62.98 -32.31
CA VAL S 276 -5.70 -63.00 -31.23
C VAL S 276 -5.81 -64.37 -30.57
N LYS S 277 -4.71 -64.93 -30.06
CA LYS S 277 -4.82 -66.16 -29.28
C LYS S 277 -3.62 -66.23 -28.33
N GLY S 278 -3.81 -65.86 -27.08
CA GLY S 278 -2.67 -65.91 -26.19
C GLY S 278 -2.68 -67.00 -25.15
N GLU S 279 -1.97 -68.09 -25.38
CA GLU S 279 -1.90 -69.15 -24.40
C GLU S 279 -0.89 -68.81 -23.32
N ILE S 280 -1.11 -69.35 -22.13
CA ILE S 280 -0.17 -69.25 -21.01
C ILE S 280 -0.09 -70.62 -20.37
N HIS S 281 1.07 -71.26 -20.43
CA HIS S 281 1.22 -72.59 -19.88
C HIS S 281 1.98 -72.49 -18.57
N LEU S 282 1.49 -73.19 -17.55
CA LEU S 282 2.23 -73.40 -16.31
C LEU S 282 2.41 -74.92 -16.17
N GLY S 283 3.47 -75.42 -16.76
CA GLY S 283 3.84 -76.80 -16.52
C GLY S 283 2.97 -77.82 -17.22
N ARG S 284 3.15 -79.06 -16.81
CA ARG S 284 2.51 -80.21 -17.44
C ARG S 284 2.60 -81.38 -16.48
N PHE S 285 2.20 -82.56 -16.94
CA PHE S 285 2.30 -83.79 -16.15
C PHE S 285 2.27 -84.98 -17.08
N VAL S 286 2.83 -86.09 -16.63
CA VAL S 286 2.79 -87.35 -17.36
C VAL S 286 2.48 -88.45 -16.37
N MET S 287 1.39 -89.18 -16.61
CA MET S 287 0.97 -90.24 -15.71
C MET S 287 1.75 -91.50 -15.99
N ARG S 288 1.54 -92.54 -15.18
CA ARG S 288 2.25 -93.79 -15.33
C ARG S 288 1.40 -94.83 -16.05
N ASN S 289 1.95 -96.01 -16.22
CA ASN S 289 1.30 -97.08 -16.96
C ASN S 289 1.35 -98.45 -16.29
N ARG S 290 2.29 -98.70 -15.40
CA ARG S 290 2.37 -99.97 -14.68
C ARG S 290 2.50 -99.70 -13.20
N ASP S 291 2.00 -100.65 -12.40
CA ASP S 291 1.91 -100.57 -10.93
C ASP S 291 1.19 -99.30 -10.48
N VAL S 292 0.05 -99.06 -11.13
CA VAL S 292 -0.74 -97.85 -10.92
C VAL S 292 -1.83 -98.17 -9.90
N VAL S 293 -2.00 -97.30 -8.92
CA VAL S 293 -3.10 -97.45 -7.97
C VAL S 293 -4.32 -96.69 -8.48
N LEU S 294 -5.49 -97.27 -8.25
CA LEU S 294 -6.75 -96.67 -8.67
C LEU S 294 -7.56 -96.32 -7.43
N THR S 295 -8.51 -95.41 -7.59
CA THR S 295 -9.30 -94.97 -6.45
C THR S 295 -10.31 -96.05 -6.05
N THR S 296 -10.96 -95.83 -4.90
CA THR S 296 -11.82 -96.85 -4.32
C THR S 296 -13.11 -96.99 -5.13
N THR S 297 -13.66 -95.88 -5.59
CA THR S 297 -14.94 -95.88 -6.30
C THR S 297 -14.82 -96.27 -7.77
N PHE S 298 -13.75 -96.91 -8.18
CA PHE S 298 -13.55 -97.26 -9.58
C PHE S 298 -13.24 -98.73 -9.77
N VAL S 299 -12.51 -99.35 -8.83
CA VAL S 299 -12.28 -100.79 -8.88
C VAL S 299 -13.59 -101.54 -8.66
N ASP S 300 -14.48 -100.99 -7.84
CA ASP S 300 -15.80 -101.59 -7.65
C ASP S 300 -16.63 -101.52 -8.92
N ASP S 301 -16.59 -100.39 -9.62
CA ASP S 301 -17.38 -100.26 -10.84
C ASP S 301 -16.80 -101.06 -11.99
N ILE S 302 -15.50 -101.36 -11.97
CA ILE S 302 -15.00 -102.36 -12.92
C ILE S 302 -15.45 -103.76 -12.50
N LYS S 303 -15.48 -104.02 -11.18
CA LYS S 303 -15.89 -105.33 -10.69
C LYS S 303 -17.37 -105.59 -10.90
N ALA S 304 -18.18 -104.56 -11.12
CA ALA S 304 -19.62 -104.71 -11.36
C ALA S 304 -19.96 -104.71 -12.85
N LEU S 305 -19.02 -105.10 -13.71
CA LEU S 305 -19.30 -105.16 -15.13
C LEU S 305 -19.80 -106.56 -15.51
N PRO S 306 -20.72 -106.67 -16.46
CA PRO S 306 -21.48 -107.93 -16.62
C PRO S 306 -20.71 -109.07 -17.26
N THR S 307 -19.48 -108.85 -17.74
CA THR S 307 -18.46 -109.86 -18.09
C THR S 307 -18.80 -110.63 -19.38
N THR S 308 -20.02 -110.48 -19.90
CA THR S 308 -20.47 -111.28 -21.04
C THR S 308 -20.74 -110.42 -22.28
N TYR S 309 -20.20 -109.21 -22.33
CA TYR S 309 -20.58 -108.15 -23.26
C TYR S 309 -22.10 -107.97 -23.27
N GLU S 310 -22.59 -107.45 -22.16
CA GLU S 310 -23.95 -106.99 -22.08
C GLU S 310 -23.93 -105.47 -22.27
N LYS S 311 -24.57 -105.01 -23.34
CA LYS S 311 -24.36 -103.67 -23.88
C LYS S 311 -24.89 -102.57 -22.97
N GLY S 312 -25.79 -102.89 -22.04
CA GLY S 312 -26.44 -101.86 -21.26
C GLY S 312 -25.57 -101.22 -20.21
N GLU S 313 -24.66 -101.98 -19.60
CA GLU S 313 -23.87 -101.46 -18.50
C GLU S 313 -22.66 -100.64 -18.98
N TYR S 314 -22.10 -100.97 -20.13
CA TYR S 314 -20.88 -100.30 -20.57
C TYR S 314 -21.16 -98.88 -21.04
N PHE S 315 -22.34 -98.62 -21.60
CA PHE S 315 -22.69 -97.24 -21.96
C PHE S 315 -22.99 -96.39 -20.74
N ALA S 316 -23.26 -96.99 -19.59
CA ALA S 316 -23.33 -96.21 -18.36
C ALA S 316 -21.95 -96.00 -17.75
N PHE S 317 -21.09 -97.02 -17.87
CA PHE S 317 -19.73 -96.90 -17.33
C PHE S 317 -18.91 -95.87 -18.08
N LEU S 318 -19.01 -95.86 -19.42
CA LEU S 318 -18.21 -94.96 -20.22
C LEU S 318 -18.65 -93.51 -20.12
N GLU S 319 -19.86 -93.25 -19.62
CA GLU S 319 -20.27 -91.89 -19.36
C GLU S 319 -20.29 -91.56 -17.87
N THR S 320 -20.01 -92.54 -17.02
CA THR S 320 -19.70 -92.21 -15.64
C THR S 320 -18.23 -91.82 -15.48
N TYR S 321 -17.32 -92.58 -16.10
CA TYR S 321 -15.89 -92.35 -15.90
C TYR S 321 -15.17 -91.94 -17.17
N GLY S 322 -15.88 -91.45 -18.18
CA GLY S 322 -15.24 -90.98 -19.39
C GLY S 322 -14.73 -92.08 -20.29
N THR S 323 -14.31 -91.70 -21.50
CA THR S 323 -13.84 -92.68 -22.46
C THR S 323 -12.33 -92.86 -22.39
N HIS S 324 -11.58 -91.77 -22.25
CA HIS S 324 -10.13 -91.82 -22.17
C HIS S 324 -9.66 -91.07 -20.94
N TYR S 325 -8.43 -91.33 -20.52
CA TYR S 325 -7.82 -90.56 -19.45
C TYR S 325 -6.64 -89.79 -20.00
N SER S 326 -6.47 -88.55 -19.54
CA SER S 326 -5.40 -87.71 -20.04
C SER S 326 -4.06 -88.16 -19.50
N SER S 327 -3.36 -89.01 -20.26
CA SER S 327 -2.08 -89.53 -19.84
C SER S 327 -0.97 -88.50 -19.91
N SER S 328 -1.17 -87.38 -20.59
CA SER S 328 -0.15 -86.32 -20.63
C SER S 328 -0.84 -85.00 -20.94
N GLY S 329 -1.06 -84.19 -19.90
CA GLY S 329 -1.73 -82.92 -20.06
C GLY S 329 -0.77 -81.75 -20.06
N SER S 330 -1.36 -80.56 -19.98
CA SER S 330 -0.62 -79.30 -19.86
C SER S 330 -1.59 -78.26 -19.36
N LEU S 331 -1.43 -77.79 -18.13
CA LEU S 331 -2.44 -76.93 -17.55
C LEU S 331 -2.18 -75.47 -17.94
N GLY S 332 -2.92 -74.55 -17.34
CA GLY S 332 -2.88 -73.15 -17.75
C GLY S 332 -3.78 -72.88 -18.94
N GLY S 333 -4.49 -71.76 -18.96
CA GLY S 333 -5.53 -71.59 -19.94
C GLY S 333 -5.46 -70.38 -20.84
N LEU S 334 -6.14 -70.45 -21.98
CA LEU S 334 -5.99 -69.50 -23.06
C LEU S 334 -7.05 -68.40 -23.00
N TYR S 335 -6.97 -67.51 -23.99
CA TYR S 335 -8.06 -66.64 -24.35
C TYR S 335 -8.02 -66.49 -25.86
N GLU S 336 -9.04 -65.85 -26.42
CA GLU S 336 -9.18 -65.82 -27.87
C GLU S 336 -10.17 -64.74 -28.28
N LEU S 337 -9.81 -63.95 -29.28
CA LEU S 337 -10.73 -63.06 -29.96
C LEU S 337 -10.82 -63.50 -31.41
N ILE S 338 -11.97 -63.26 -32.03
CA ILE S 338 -12.16 -63.44 -33.47
C ILE S 338 -13.04 -62.29 -33.93
N TYR S 339 -12.67 -61.60 -35.00
CA TYR S 339 -13.38 -60.43 -35.48
C TYR S 339 -13.61 -60.60 -36.97
N VAL S 340 -14.74 -61.16 -37.36
CA VAL S 340 -15.00 -61.43 -38.77
C VAL S 340 -15.91 -60.32 -39.30
N LEU S 341 -15.35 -59.37 -40.00
CA LEU S 341 -16.18 -58.40 -40.68
C LEU S 341 -16.50 -58.95 -42.06
N ASP S 342 -17.48 -58.34 -42.71
CA ASP S 342 -17.83 -58.63 -44.09
C ASP S 342 -18.61 -57.44 -44.59
N LYS S 343 -18.37 -57.05 -45.84
CA LYS S 343 -19.07 -55.94 -46.42
C LYS S 343 -19.32 -56.29 -47.88
N ALA S 344 -20.44 -55.81 -48.42
CA ALA S 344 -20.68 -55.95 -49.85
C ALA S 344 -21.57 -54.78 -50.26
N SER S 345 -20.95 -53.70 -50.70
CA SER S 345 -21.74 -52.68 -51.36
C SER S 345 -22.03 -53.13 -52.78
N MET S 346 -22.98 -52.44 -53.42
CA MET S 346 -23.22 -52.60 -54.85
C MET S 346 -24.04 -51.41 -55.32
N LYS S 347 -23.63 -50.81 -56.42
CA LYS S 347 -24.50 -49.90 -57.13
C LYS S 347 -24.75 -50.46 -58.51
N ARG S 348 -25.83 -49.99 -59.14
CA ARG S 348 -25.99 -50.12 -60.58
C ARG S 348 -26.96 -49.04 -61.01
N LYS S 349 -26.80 -48.57 -62.24
CA LYS S 349 -27.58 -47.46 -62.73
C LYS S 349 -28.12 -47.77 -64.12
N GLY S 350 -28.87 -46.83 -64.66
CA GLY S 350 -29.25 -46.85 -66.05
C GLY S 350 -29.92 -45.54 -66.41
N VAL S 351 -29.43 -44.87 -67.44
CA VAL S 351 -29.94 -43.56 -67.85
C VAL S 351 -30.23 -43.66 -69.34
N GLU S 352 -31.50 -43.64 -69.70
CA GLU S 352 -31.92 -43.87 -71.08
C GLU S 352 -32.65 -42.64 -71.58
N LEU S 353 -32.56 -42.37 -72.87
CA LEU S 353 -33.06 -41.12 -73.40
C LEU S 353 -33.38 -41.30 -74.88
N LYS S 354 -34.50 -40.73 -75.32
CA LYS S 354 -34.91 -40.81 -76.71
C LYS S 354 -35.54 -39.49 -77.14
N ASP S 355 -35.51 -39.22 -78.44
CA ASP S 355 -35.95 -37.96 -78.98
C ASP S 355 -36.23 -38.15 -80.48
N ILE S 356 -37.35 -37.60 -80.94
CA ILE S 356 -37.69 -37.55 -82.37
C ILE S 356 -38.24 -36.16 -82.63
N LYS S 357 -37.59 -35.41 -83.51
CA LYS S 357 -37.99 -34.03 -83.80
C LYS S 357 -38.32 -33.95 -85.29
N ARG S 358 -39.54 -34.30 -85.65
CA ARG S 358 -39.97 -34.27 -87.05
C ARG S 358 -40.51 -32.91 -87.42
N CYS S 359 -40.52 -32.63 -88.72
CA CYS S 359 -41.06 -31.39 -89.22
C CYS S 359 -41.53 -31.63 -90.65
N LEU S 360 -42.38 -30.72 -91.14
CA LEU S 360 -42.77 -30.69 -92.54
C LEU S 360 -43.33 -29.32 -92.83
N GLY S 361 -43.17 -28.87 -94.07
CA GLY S 361 -43.76 -27.60 -94.46
C GLY S 361 -43.55 -27.26 -95.91
N TYR S 362 -44.59 -26.77 -96.59
CA TYR S 362 -44.44 -26.39 -97.98
C TYR S 362 -45.34 -25.22 -98.36
N HIS S 363 -44.78 -24.36 -99.19
CA HIS S 363 -45.49 -23.29 -99.89
C HIS S 363 -45.93 -23.82 -101.25
N LEU S 364 -47.20 -23.61 -101.59
CA LEU S 364 -47.72 -24.02 -102.88
C LEU S 364 -48.48 -22.88 -103.55
N PHE S 379 -51.08 -20.09 -100.54
CA PHE S 379 -51.23 -21.36 -99.85
C PHE S 379 -50.00 -21.60 -98.97
N ASN S 380 -50.18 -22.32 -97.87
CA ASN S 380 -49.07 -22.74 -97.02
C ASN S 380 -49.57 -23.86 -96.12
N LYS S 381 -48.70 -24.83 -95.84
CA LYS S 381 -49.02 -25.80 -94.80
C LYS S 381 -47.72 -26.16 -94.10
N ASP S 382 -47.78 -26.34 -92.77
CA ASP S 382 -46.62 -26.86 -92.06
C ASP S 382 -47.08 -27.54 -90.77
N ASP S 383 -46.19 -28.35 -90.22
CA ASP S 383 -46.32 -28.86 -88.87
C ASP S 383 -44.95 -29.17 -88.30
N CYS S 384 -44.87 -29.18 -86.98
CA CYS S 384 -43.66 -29.54 -86.25
C CYS S 384 -44.05 -30.49 -85.14
N VAL S 385 -43.43 -31.66 -85.10
CA VAL S 385 -43.76 -32.69 -84.13
C VAL S 385 -42.52 -32.95 -83.28
N LYS S 386 -42.69 -32.96 -81.97
CA LYS S 386 -41.60 -33.30 -81.07
C LYS S 386 -42.04 -34.42 -80.14
N ARG S 387 -41.12 -35.32 -79.83
CA ARG S 387 -41.37 -36.38 -78.87
C ARG S 387 -40.08 -36.62 -78.13
N GLY S 388 -40.14 -36.76 -76.82
CA GLY S 388 -38.95 -37.01 -76.05
C GLY S 388 -39.20 -37.80 -74.80
N GLU S 389 -38.51 -38.93 -74.64
CA GLU S 389 -38.70 -39.79 -73.48
C GLU S 389 -37.41 -39.86 -72.69
N GLY S 390 -37.55 -40.00 -71.38
CA GLY S 390 -36.39 -40.17 -70.53
C GLY S 390 -36.67 -41.21 -69.48
N ARG S 391 -35.71 -42.07 -69.18
CA ARG S 391 -35.87 -43.09 -68.15
C ARG S 391 -34.63 -43.12 -67.29
N ALA S 392 -34.81 -43.44 -66.02
CA ALA S 392 -33.68 -43.52 -65.11
C ALA S 392 -33.96 -44.54 -64.03
N VAL S 393 -32.94 -45.32 -63.69
CA VAL S 393 -33.01 -46.31 -62.62
C VAL S 393 -31.71 -46.21 -61.82
N ASN S 394 -31.81 -46.03 -60.51
CA ASN S 394 -30.68 -46.22 -59.62
C ASN S 394 -31.03 -47.33 -58.65
N ILE S 395 -30.14 -48.29 -58.47
CA ILE S 395 -30.34 -49.37 -57.51
C ILE S 395 -29.08 -49.47 -56.66
N THR S 396 -29.21 -49.19 -55.37
CA THR S 396 -28.05 -49.14 -54.48
C THR S 396 -28.27 -50.14 -53.36
N SER S 397 -27.62 -51.29 -53.42
CA SER S 397 -27.75 -52.29 -52.38
C SER S 397 -26.52 -52.28 -51.48
N GLU S 398 -26.71 -52.78 -50.27
CA GLU S 398 -25.60 -52.88 -49.32
C GLU S 398 -25.87 -53.98 -48.32
N ASN S 399 -24.88 -54.83 -48.11
CA ASN S 399 -24.88 -55.79 -47.02
C ASN S 399 -23.69 -55.49 -46.12
N LEU S 400 -23.86 -55.72 -44.84
CA LEU S 400 -22.76 -55.61 -43.90
C LEU S 400 -22.99 -56.65 -42.82
N ILE S 401 -21.92 -57.32 -42.41
CA ILE S 401 -21.97 -58.32 -41.35
C ILE S 401 -20.79 -58.05 -40.44
N ASP S 402 -21.02 -58.10 -39.14
CA ASP S 402 -19.92 -58.11 -38.18
C ASP S 402 -20.19 -59.23 -37.19
N ASP S 403 -19.21 -60.12 -37.04
CA ASP S 403 -19.17 -61.10 -35.99
C ASP S 403 -18.00 -60.76 -35.08
N VAL S 404 -18.21 -60.91 -33.79
CA VAL S 404 -17.14 -60.90 -32.80
C VAL S 404 -17.38 -62.10 -31.92
N VAL S 405 -16.33 -62.88 -31.66
CA VAL S 405 -16.37 -63.94 -30.67
C VAL S 405 -15.25 -63.68 -29.69
N SER S 406 -15.51 -63.80 -28.41
CA SER S 406 -14.45 -63.80 -27.44
C SER S 406 -14.62 -64.98 -26.50
N LEU S 407 -13.51 -65.56 -26.08
CA LEU S 407 -13.53 -66.71 -25.20
C LEU S 407 -12.37 -66.55 -24.24
N ILE S 408 -12.54 -66.99 -23.01
CA ILE S 408 -11.47 -66.87 -22.02
C ILE S 408 -11.62 -67.97 -20.98
N ARG S 409 -10.53 -68.69 -20.71
CA ARG S 409 -10.55 -69.80 -19.78
C ARG S 409 -9.53 -69.56 -18.69
N GLY S 410 -9.75 -70.14 -17.53
CA GLY S 410 -8.77 -70.03 -16.46
C GLY S 410 -8.72 -68.70 -15.74
N GLY S 411 -8.39 -68.73 -14.46
CA GLY S 411 -8.17 -67.52 -13.70
C GLY S 411 -9.27 -67.28 -12.68
N THR S 412 -9.01 -66.30 -11.82
CA THR S 412 -9.99 -65.93 -10.82
C THR S 412 -11.11 -65.14 -11.48
N ARG S 413 -12.24 -65.08 -10.79
CA ARG S 413 -13.45 -64.47 -11.32
C ARG S 413 -13.33 -62.97 -11.53
N LYS S 414 -12.43 -62.31 -10.81
CA LYS S 414 -12.42 -60.85 -10.78
C LYS S 414 -11.57 -60.23 -11.88
N TYR S 415 -10.48 -60.87 -12.29
CA TYR S 415 -9.59 -60.26 -13.27
C TYR S 415 -9.85 -60.69 -14.70
N ALA S 416 -10.29 -61.94 -14.90
CA ALA S 416 -10.51 -62.45 -16.25
C ALA S 416 -11.63 -61.73 -16.97
N PHE S 417 -12.66 -61.33 -16.23
CA PHE S 417 -13.79 -60.66 -16.85
C PHE S 417 -13.61 -59.15 -16.87
N GLU S 418 -12.55 -58.66 -16.25
CA GLU S 418 -12.03 -57.35 -16.63
C GLU S 418 -11.31 -57.45 -17.96
N LEU S 419 -10.51 -58.52 -18.13
CA LEU S 419 -9.68 -58.69 -19.32
C LEU S 419 -10.51 -58.88 -20.58
N LYS S 420 -11.61 -59.64 -20.47
CA LYS S 420 -12.44 -59.92 -21.65
C LYS S 420 -13.09 -58.65 -22.20
N GLU S 421 -13.63 -57.82 -21.32
CA GLU S 421 -14.20 -56.56 -21.77
C GLU S 421 -13.14 -55.55 -22.17
N LYS S 422 -11.92 -55.62 -21.62
CA LYS S 422 -10.88 -54.76 -22.15
C LYS S 422 -10.41 -55.22 -23.53
N LEU S 423 -10.57 -56.51 -23.85
CA LEU S 423 -10.36 -56.95 -25.23
C LEU S 423 -11.43 -56.41 -26.15
N LEU S 424 -12.70 -56.61 -25.80
CA LEU S 424 -13.77 -56.34 -26.74
C LEU S 424 -14.11 -54.87 -26.88
N ARG S 425 -13.52 -54.00 -26.05
CA ARG S 425 -13.71 -52.57 -26.24
C ARG S 425 -13.02 -52.08 -27.49
N GLY S 426 -11.94 -52.75 -27.90
CA GLY S 426 -11.18 -52.35 -29.06
C GLY S 426 -10.05 -51.39 -28.76
N THR S 427 -10.08 -50.72 -27.61
CA THR S 427 -8.99 -49.85 -27.22
C THR S 427 -7.79 -50.69 -26.79
N VAL S 428 -6.64 -50.02 -26.67
CA VAL S 428 -5.42 -50.70 -26.26
C VAL S 428 -5.50 -51.01 -24.76
N ILE S 429 -5.00 -52.17 -24.39
CA ILE S 429 -4.99 -52.62 -23.00
C ILE S 429 -3.63 -52.29 -22.41
N ASP S 430 -3.61 -51.43 -21.40
CA ASP S 430 -2.39 -51.19 -20.66
C ASP S 430 -1.95 -52.45 -19.93
N VAL S 431 -0.65 -52.62 -19.76
CA VAL S 431 -0.11 -53.91 -19.32
C VAL S 431 -0.20 -53.89 -17.80
N THR S 432 -1.42 -54.08 -17.31
CA THR S 432 -1.69 -54.34 -15.91
C THR S 432 -2.81 -55.34 -15.73
N ASP S 433 -3.59 -55.64 -16.76
CA ASP S 433 -4.69 -56.60 -16.68
C ASP S 433 -4.28 -57.98 -17.17
N PHE S 434 -3.45 -58.03 -18.21
CA PHE S 434 -2.91 -59.32 -18.64
C PHE S 434 -1.94 -59.87 -17.62
N VAL S 435 -1.19 -58.99 -16.95
CA VAL S 435 -0.30 -59.40 -15.86
C VAL S 435 -1.09 -59.90 -14.67
N ASN S 436 -2.18 -59.21 -14.33
CA ASN S 436 -2.99 -59.64 -13.19
C ASN S 436 -3.74 -60.92 -13.48
N TRP S 437 -4.20 -61.11 -14.72
CA TRP S 437 -4.81 -62.39 -15.07
C TRP S 437 -3.77 -63.51 -15.08
N ALA S 438 -2.55 -63.20 -15.49
CA ALA S 438 -1.51 -64.22 -15.52
C ALA S 438 -1.01 -64.56 -14.14
N SER S 439 -1.11 -63.63 -13.19
CA SER S 439 -0.86 -63.98 -11.80
C SER S 439 -2.04 -64.71 -11.19
N SER S 440 -3.24 -64.44 -11.71
CA SER S 440 -4.44 -65.13 -11.26
C SER S 440 -4.45 -66.59 -11.70
N ILE S 441 -3.83 -66.90 -12.84
CA ILE S 441 -3.93 -68.24 -13.42
C ILE S 441 -3.23 -69.31 -12.60
N ASN S 442 -2.41 -68.92 -11.62
CA ASN S 442 -1.84 -69.88 -10.69
C ASN S 442 -2.91 -70.47 -9.78
N ASP S 443 -3.97 -69.71 -9.49
CA ASP S 443 -5.01 -70.20 -8.60
C ASP S 443 -5.93 -71.20 -9.29
N ALA S 444 -6.43 -70.85 -10.47
CA ALA S 444 -7.46 -71.63 -11.16
C ALA S 444 -6.98 -72.05 -12.54
N PRO S 445 -6.24 -73.15 -12.64
CA PRO S 445 -5.79 -73.62 -13.95
C PRO S 445 -6.89 -74.36 -14.68
N VAL S 446 -6.76 -74.39 -16.00
CA VAL S 446 -7.70 -75.05 -16.90
C VAL S 446 -6.89 -75.86 -17.90
N LEU S 447 -7.20 -77.15 -18.03
CA LEU S 447 -6.47 -78.04 -18.92
C LEU S 447 -6.63 -77.58 -20.37
N ILE S 448 -5.53 -77.61 -21.12
CA ILE S 448 -5.51 -76.95 -22.42
C ILE S 448 -5.03 -77.84 -23.55
N SER S 449 -4.28 -78.92 -23.30
CA SER S 449 -3.78 -79.77 -24.36
C SER S 449 -3.41 -81.11 -23.76
N GLN S 450 -3.85 -82.19 -24.38
CA GLN S 450 -3.75 -83.50 -23.78
C GLN S 450 -3.43 -84.53 -24.85
N LYS S 451 -2.82 -85.63 -24.42
CA LYS S 451 -2.52 -86.76 -25.29
C LYS S 451 -3.24 -87.97 -24.70
N LEU S 452 -4.31 -88.38 -25.35
CA LEU S 452 -5.25 -89.32 -24.77
C LEU S 452 -4.65 -90.73 -24.73
N SER S 453 -5.40 -91.64 -24.11
CA SER S 453 -5.05 -93.04 -23.95
C SER S 453 -6.31 -93.78 -23.54
N PRO S 454 -6.60 -94.95 -24.10
CA PRO S 454 -7.89 -95.58 -23.85
C PRO S 454 -7.97 -96.18 -22.46
N ILE S 455 -9.21 -96.22 -21.93
CA ILE S 455 -9.41 -96.59 -20.54
C ILE S 455 -9.27 -98.08 -20.31
N TYR S 456 -9.27 -98.90 -21.36
CA TYR S 456 -8.94 -100.30 -21.20
C TYR S 456 -7.45 -100.55 -21.23
N ASN S 457 -6.63 -99.50 -21.18
CA ASN S 457 -5.22 -99.62 -20.87
C ASN S 457 -4.96 -99.30 -19.41
N LEU S 458 -6.00 -99.38 -18.58
CA LEU S 458 -5.95 -98.99 -17.18
C LEU S 458 -6.58 -100.00 -16.25
N VAL S 459 -7.48 -100.86 -16.73
CA VAL S 459 -8.10 -101.93 -15.95
C VAL S 459 -7.03 -102.91 -15.47
N PRO S 460 -6.91 -103.12 -14.16
CA PRO S 460 -5.85 -103.98 -13.66
C PRO S 460 -6.07 -105.44 -14.01
N VAL S 461 -4.96 -106.19 -13.98
CA VAL S 461 -4.96 -107.58 -14.42
C VAL S 461 -5.01 -108.53 -13.22
N LYS S 462 -4.74 -108.04 -12.01
CA LYS S 462 -4.84 -108.85 -10.79
C LYS S 462 -6.26 -109.32 -10.54
N MET S 463 -7.26 -108.52 -10.90
CA MET S 463 -8.65 -108.88 -10.65
C MET S 463 -9.13 -109.96 -11.61
N LYS S 464 -10.25 -110.59 -11.24
CA LYS S 464 -10.76 -111.73 -11.97
C LYS S 464 -11.49 -111.28 -13.24
N ASN S 465 -11.39 -112.11 -14.28
CA ASN S 465 -11.95 -111.86 -15.61
C ASN S 465 -11.48 -110.53 -16.19
N ALA S 466 -10.19 -110.24 -16.02
CA ALA S 466 -9.66 -108.95 -16.44
C ALA S 466 -9.59 -108.83 -17.95
N HIS S 467 -9.14 -109.90 -18.62
CA HIS S 467 -9.01 -109.84 -20.07
C HIS S 467 -10.37 -109.82 -20.76
N LEU S 468 -11.37 -110.47 -20.17
CA LEU S 468 -12.70 -110.43 -20.77
C LEU S 468 -13.33 -109.05 -20.65
N LYS S 469 -13.12 -108.37 -19.51
CA LYS S 469 -13.62 -107.01 -19.36
C LYS S 469 -12.86 -106.04 -20.24
N LYS S 470 -11.56 -106.29 -20.47
CA LYS S 470 -10.82 -105.46 -21.40
C LYS S 470 -11.27 -105.70 -22.84
N GLN S 471 -11.62 -106.95 -23.16
CA GLN S 471 -12.18 -107.28 -24.48
C GLN S 471 -13.55 -106.64 -24.66
N ASN S 472 -14.31 -106.47 -23.59
CA ASN S 472 -15.58 -105.77 -23.68
C ASN S 472 -15.37 -104.28 -23.88
N LEU S 473 -14.46 -103.69 -23.11
CA LEU S 473 -14.25 -102.25 -23.18
C LEU S 473 -13.50 -101.82 -24.43
N GLU S 474 -12.79 -102.73 -25.11
CA GLU S 474 -12.17 -102.33 -26.35
C GLU S 474 -13.14 -102.28 -27.52
N ARG S 475 -14.28 -102.95 -27.40
CA ARG S 475 -15.35 -102.86 -28.40
C ARG S 475 -16.42 -101.86 -28.02
N ALA S 476 -16.59 -101.61 -26.71
CA ALA S 476 -17.58 -100.64 -26.28
C ALA S 476 -17.23 -99.22 -26.71
N ILE S 477 -15.93 -98.91 -26.81
CA ILE S 477 -15.53 -97.59 -27.28
C ILE S 477 -15.82 -97.44 -28.78
N GLU S 478 -15.61 -98.52 -29.55
CA GLU S 478 -15.97 -98.49 -30.97
C GLU S 478 -17.46 -98.35 -31.17
N ASP S 479 -18.26 -99.07 -30.37
CA ASP S 479 -19.72 -98.95 -30.47
C ASP S 479 -20.19 -97.58 -30.01
N TYR S 480 -19.54 -97.00 -29.00
CA TYR S 480 -19.95 -95.69 -28.53
C TYR S 480 -19.60 -94.60 -29.54
N ILE S 481 -18.43 -94.71 -30.18
CA ILE S 481 -18.06 -93.70 -31.16
C ILE S 481 -18.80 -93.91 -32.47
N ASN S 482 -19.34 -95.11 -32.71
CA ASN S 482 -20.11 -95.33 -33.92
C ASN S 482 -21.56 -94.89 -33.75
N GLU S 483 -22.19 -95.29 -32.64
CA GLU S 483 -23.64 -95.11 -32.51
C GLU S 483 -24.04 -93.70 -32.14
N PHE S 484 -23.15 -92.91 -31.55
CA PHE S 484 -23.42 -91.49 -31.34
C PHE S 484 -22.62 -90.61 -32.29
N SER S 485 -22.20 -91.16 -33.43
CA SER S 485 -21.48 -90.36 -34.42
C SER S 485 -22.44 -89.42 -35.13
N VAL S 486 -21.86 -88.39 -35.75
CA VAL S 486 -22.66 -87.41 -36.50
C VAL S 486 -23.05 -87.94 -37.86
N ARG S 487 -22.47 -89.05 -38.30
CA ARG S 487 -22.69 -89.58 -39.64
C ARG S 487 -23.93 -90.43 -39.76
N LYS S 488 -24.90 -90.29 -38.86
CA LYS S 488 -26.21 -90.89 -39.05
C LYS S 488 -27.25 -89.88 -39.49
N CYS S 489 -27.15 -88.64 -39.04
CA CYS S 489 -28.06 -87.59 -39.49
C CYS S 489 -27.71 -87.16 -40.90
N HIS S 490 -28.73 -87.02 -41.74
CA HIS S 490 -28.53 -86.58 -43.12
C HIS S 490 -28.12 -85.12 -43.13
N THR S 491 -27.10 -84.82 -43.93
CA THR S 491 -26.41 -83.53 -43.84
C THR S 491 -27.28 -82.39 -44.38
N CYS S 492 -27.07 -81.21 -43.82
CA CYS S 492 -27.78 -80.01 -44.26
C CYS S 492 -27.11 -79.43 -45.49
N GLN S 493 -27.94 -78.86 -46.37
CA GLN S 493 -27.45 -78.28 -47.61
C GLN S 493 -26.94 -76.86 -47.36
N ASN S 494 -26.55 -76.21 -48.46
CA ASN S 494 -26.09 -74.81 -48.51
C ASN S 494 -24.86 -74.55 -47.65
N GLY S 495 -24.05 -75.57 -47.41
CA GLY S 495 -22.90 -75.42 -46.55
C GLY S 495 -23.19 -75.48 -45.07
N GLY S 496 -24.34 -76.02 -44.67
CA GLY S 496 -24.68 -76.12 -43.28
C GLY S 496 -23.97 -77.27 -42.59
N THR S 497 -23.18 -76.96 -41.58
CA THR S 497 -22.44 -77.98 -40.83
C THR S 497 -23.33 -78.57 -39.74
N VAL S 498 -23.54 -79.88 -39.80
CA VAL S 498 -24.41 -80.56 -38.85
C VAL S 498 -23.64 -80.80 -37.55
N ILE S 499 -24.31 -80.61 -36.42
CA ILE S 499 -23.72 -80.78 -35.10
C ILE S 499 -24.64 -81.66 -34.27
N LEU S 500 -24.16 -82.82 -33.87
CA LEU S 500 -24.93 -83.65 -32.95
C LEU S 500 -24.90 -83.03 -31.56
N MET S 501 -26.08 -82.85 -30.97
CA MET S 501 -26.22 -82.23 -29.67
C MET S 501 -27.54 -82.68 -29.07
N ASP S 502 -27.47 -83.34 -27.90
CA ASP S 502 -28.61 -83.86 -27.15
C ASP S 502 -29.39 -84.90 -27.98
N GLY S 503 -28.70 -85.60 -28.90
CA GLY S 503 -29.39 -86.47 -29.83
C GLY S 503 -30.30 -85.73 -30.79
N LYS S 504 -29.97 -84.48 -31.12
CA LYS S 504 -30.81 -83.63 -31.95
C LYS S 504 -29.88 -82.85 -32.87
N CYS S 505 -29.72 -83.31 -34.10
CA CYS S 505 -28.73 -82.77 -35.02
C CYS S 505 -29.15 -81.39 -35.49
N LEU S 506 -28.56 -80.36 -34.89
CA LEU S 506 -28.78 -78.98 -35.28
C LEU S 506 -27.69 -78.54 -36.25
N CYS S 507 -28.07 -77.78 -37.26
CA CYS S 507 -27.14 -77.30 -38.28
C CYS S 507 -26.89 -75.81 -38.14
N ALA S 508 -25.65 -75.40 -38.38
CA ALA S 508 -25.25 -74.00 -38.36
C ALA S 508 -25.06 -73.51 -39.78
N CYS S 509 -25.72 -72.40 -40.13
CA CYS S 509 -25.73 -71.85 -41.47
C CYS S 509 -24.75 -70.69 -41.60
N PRO S 510 -23.96 -70.64 -42.67
CA PRO S 510 -22.93 -69.60 -42.77
C PRO S 510 -23.43 -68.22 -43.19
N PHE S 511 -23.55 -67.32 -42.21
CA PHE S 511 -23.50 -65.86 -42.34
C PHE S 511 -24.67 -65.19 -43.06
N LYS S 512 -25.54 -65.95 -43.72
CA LYS S 512 -26.65 -65.32 -44.44
C LYS S 512 -27.97 -66.03 -44.28
N PHE S 513 -28.00 -67.25 -43.79
CA PHE S 513 -29.16 -68.12 -43.92
C PHE S 513 -29.80 -68.29 -42.55
N GLU S 514 -31.00 -67.76 -42.39
CA GLU S 514 -31.68 -67.84 -41.10
C GLU S 514 -32.50 -69.11 -40.93
N GLY S 515 -32.71 -69.87 -42.00
CA GLY S 515 -33.55 -71.04 -41.92
C GLY S 515 -32.86 -72.20 -41.23
N ILE S 516 -33.67 -73.17 -40.83
CA ILE S 516 -33.13 -74.35 -40.15
C ILE S 516 -32.37 -75.22 -41.14
N ALA S 517 -32.87 -75.29 -42.39
CA ALA S 517 -32.22 -76.04 -43.45
C ALA S 517 -31.35 -75.16 -44.33
N CYS S 518 -30.97 -73.97 -43.83
CA CYS S 518 -30.08 -73.01 -44.50
C CYS S 518 -30.63 -72.57 -45.86
N GLU S 519 -31.96 -72.47 -45.99
CA GLU S 519 -32.57 -72.25 -47.29
C GLU S 519 -32.79 -70.78 -47.61
N ILE S 520 -33.42 -70.04 -46.70
CA ILE S 520 -33.75 -68.64 -46.96
C ILE S 520 -32.48 -67.80 -46.94
N SER S 521 -32.33 -66.94 -47.93
CA SER S 521 -31.16 -66.10 -48.08
C SER S 521 -31.55 -64.64 -47.94
N LYS S 522 -30.54 -63.77 -47.97
CA LYS S 522 -30.76 -62.33 -47.91
C LYS S 522 -29.84 -61.61 -48.90
N SER T 18 -64.14 -67.84 -37.24
CA SER T 18 -63.07 -68.32 -36.38
C SER T 18 -63.58 -68.59 -34.98
N HIS T 19 -63.87 -69.86 -34.69
CA HIS T 19 -64.42 -70.24 -33.40
C HIS T 19 -64.11 -71.72 -33.16
N ILE T 20 -63.10 -71.98 -32.33
CA ILE T 20 -62.70 -73.35 -31.98
C ILE T 20 -62.81 -73.50 -30.48
N ASP T 21 -63.37 -74.62 -30.03
CA ASP T 21 -63.49 -74.91 -28.61
C ASP T 21 -62.74 -76.19 -28.27
N CYS T 22 -62.56 -76.42 -26.98
CA CYS T 22 -61.88 -77.62 -26.51
C CYS T 22 -62.76 -78.85 -26.71
N ARG T 23 -62.11 -80.00 -26.75
CA ARG T 23 -62.79 -81.27 -26.95
C ARG T 23 -62.21 -82.29 -25.98
N MET T 24 -62.99 -83.34 -25.71
CA MET T 24 -62.54 -84.43 -24.87
C MET T 24 -63.00 -85.77 -25.45
N SER T 25 -62.11 -86.75 -25.39
CA SER T 25 -62.48 -88.12 -25.65
C SER T 25 -63.32 -88.65 -24.50
N PRO T 26 -64.16 -89.66 -24.73
CA PRO T 26 -64.88 -90.27 -23.62
C PRO T 26 -63.95 -91.11 -22.75
N TRP T 27 -64.40 -91.34 -21.52
CA TRP T 27 -63.59 -92.07 -20.56
C TRP T 27 -63.50 -93.54 -20.94
N SER T 28 -62.46 -94.20 -20.43
CA SER T 28 -62.24 -95.61 -20.71
C SER T 28 -63.06 -96.46 -19.75
N GLU T 29 -62.76 -97.75 -19.70
CA GLU T 29 -63.41 -98.66 -18.78
C GLU T 29 -62.62 -98.74 -17.48
N TRP T 30 -63.33 -99.03 -16.40
CA TRP T 30 -62.70 -99.19 -15.09
C TRP T 30 -61.89 -100.48 -15.08
N SER T 31 -60.58 -100.37 -14.84
CA SER T 31 -59.68 -101.48 -15.12
C SER T 31 -59.76 -102.58 -14.06
N GLN T 32 -59.31 -102.28 -12.85
CA GLN T 32 -59.18 -103.29 -11.79
C GLN T 32 -58.83 -102.57 -10.50
N CYS T 33 -59.37 -103.06 -9.38
CA CYS T 33 -58.87 -102.67 -8.07
C CYS T 33 -57.42 -103.11 -7.94
N ASP T 34 -56.51 -102.16 -7.94
CA ASP T 34 -55.11 -102.44 -7.66
C ASP T 34 -55.00 -102.79 -6.18
N PRO T 35 -54.66 -104.04 -5.83
CA PRO T 35 -54.86 -104.50 -4.45
C PRO T 35 -53.87 -103.90 -3.47
N CYS T 36 -52.72 -103.46 -3.95
CA CYS T 36 -51.71 -102.84 -3.10
C CYS T 36 -51.97 -101.35 -2.87
N LEU T 37 -52.99 -100.78 -3.52
CA LEU T 37 -53.36 -99.39 -3.32
C LEU T 37 -54.86 -99.16 -3.14
N ARG T 38 -55.70 -100.18 -3.34
CA ARG T 38 -57.15 -100.16 -3.09
C ARG T 38 -57.88 -99.12 -3.95
N GLN T 39 -57.39 -98.84 -5.15
CA GLN T 39 -57.99 -97.85 -6.02
C GLN T 39 -57.96 -98.35 -7.45
N MET T 40 -59.09 -98.23 -8.16
CA MET T 40 -59.13 -98.49 -9.58
C MET T 40 -59.02 -97.17 -10.33
N PHE T 41 -58.28 -97.18 -11.42
CA PHE T 41 -58.01 -95.97 -12.18
C PHE T 41 -58.65 -96.09 -13.56
N ARG T 42 -59.00 -94.94 -14.14
CA ARG T 42 -59.47 -94.91 -15.52
C ARG T 42 -59.08 -93.56 -16.09
N SER T 43 -59.08 -93.47 -17.43
CA SER T 43 -58.51 -92.30 -18.07
C SER T 43 -59.18 -92.06 -19.41
N ARG T 44 -58.69 -91.04 -20.10
CA ARG T 44 -59.14 -90.65 -21.43
C ARG T 44 -58.01 -89.88 -22.09
N SER T 45 -58.30 -89.26 -23.23
CA SER T 45 -57.29 -88.44 -23.90
C SER T 45 -57.87 -87.09 -24.28
N ILE T 46 -57.09 -86.29 -25.02
CA ILE T 46 -57.49 -84.97 -25.46
C ILE T 46 -57.41 -84.94 -26.98
N GLU T 47 -58.53 -84.63 -27.63
CA GLU T 47 -58.53 -84.61 -29.09
C GLU T 47 -57.97 -83.30 -29.63
N VAL T 48 -58.66 -82.18 -29.36
CA VAL T 48 -58.29 -80.89 -29.93
C VAL T 48 -58.33 -79.85 -28.82
N PHE T 49 -57.21 -79.14 -28.63
CA PHE T 49 -57.15 -78.07 -27.66
C PHE T 49 -57.92 -76.85 -28.17
N GLY T 50 -58.35 -76.01 -27.23
CA GLY T 50 -59.03 -74.80 -27.59
C GLY T 50 -58.11 -73.80 -28.26
N GLN T 51 -58.68 -73.02 -29.17
CA GLN T 51 -57.88 -72.13 -29.99
C GLN T 51 -58.78 -71.00 -30.48
N PHE T 52 -58.19 -69.84 -30.71
CA PHE T 52 -58.86 -68.63 -31.21
C PHE T 52 -60.02 -68.21 -30.30
N ASN T 53 -59.64 -67.84 -29.06
CA ASN T 53 -60.53 -67.22 -28.07
C ASN T 53 -61.68 -68.17 -27.72
N GLY T 54 -61.33 -69.40 -27.35
CA GLY T 54 -62.32 -70.41 -27.04
C GLY T 54 -62.12 -71.02 -25.67
N LYS T 55 -62.83 -72.11 -25.39
CA LYS T 55 -62.80 -72.71 -24.07
C LYS T 55 -61.51 -73.49 -23.86
N ARG T 56 -60.94 -73.34 -22.66
CA ARG T 56 -59.70 -74.01 -22.30
C ARG T 56 -60.00 -75.43 -21.83
N CYS T 57 -59.06 -76.35 -22.10
CA CYS T 57 -59.28 -77.75 -21.79
C CYS T 57 -59.13 -78.05 -20.31
N THR T 58 -58.15 -77.42 -19.66
CA THR T 58 -57.88 -77.51 -18.21
C THR T 58 -57.66 -78.94 -17.72
N ASP T 59 -56.83 -79.68 -18.46
CA ASP T 59 -56.00 -80.79 -17.99
C ASP T 59 -56.79 -81.86 -17.22
N ALA T 60 -57.90 -82.29 -17.79
CA ALA T 60 -58.85 -83.14 -17.08
C ALA T 60 -58.65 -84.62 -17.37
N VAL T 61 -57.41 -85.06 -17.58
CA VAL T 61 -57.13 -86.46 -17.83
C VAL T 61 -56.85 -87.17 -16.50
N GLY T 62 -57.08 -88.47 -16.47
CA GLY T 62 -56.85 -89.25 -15.27
C GLY T 62 -57.97 -89.15 -14.25
N ASP T 63 -58.29 -90.27 -13.60
CA ASP T 63 -59.38 -90.30 -12.64
C ASP T 63 -59.12 -91.41 -11.65
N ARG T 64 -59.58 -91.21 -10.41
CA ARG T 64 -59.37 -92.16 -9.34
C ARG T 64 -60.70 -92.43 -8.64
N ARG T 65 -60.82 -93.61 -8.05
CA ARG T 65 -62.03 -93.99 -7.33
C ARG T 65 -61.69 -95.09 -6.34
N GLN T 66 -62.17 -94.95 -5.11
CA GLN T 66 -61.87 -95.93 -4.08
C GLN T 66 -62.67 -97.21 -4.31
N CYS T 67 -62.05 -98.36 -4.05
CA CYS T 67 -62.76 -99.62 -4.11
C CYS T 67 -62.14 -100.58 -3.10
N VAL T 68 -62.97 -101.49 -2.60
CA VAL T 68 -62.51 -102.51 -1.66
C VAL T 68 -61.64 -103.53 -2.41
N PRO T 69 -60.51 -103.97 -1.86
CA PRO T 69 -59.71 -105.00 -2.55
C PRO T 69 -60.39 -106.35 -2.55
N THR T 70 -60.86 -106.77 -3.73
CA THR T 70 -61.57 -108.03 -3.85
C THR T 70 -60.63 -109.24 -3.81
N GLU T 71 -59.37 -109.05 -4.21
CA GLU T 71 -58.38 -110.12 -4.18
C GLU T 71 -57.05 -109.49 -3.77
N PRO T 72 -56.62 -109.67 -2.51
CA PRO T 72 -55.48 -108.90 -2.00
C PRO T 72 -54.15 -109.38 -2.55
N CYS T 73 -53.24 -108.42 -2.71
CA CYS T 73 -51.90 -108.68 -3.20
C CYS T 73 -50.99 -109.11 -2.05
N GLU T 74 -49.78 -109.54 -2.41
CA GLU T 74 -48.78 -109.82 -1.41
C GLU T 74 -48.27 -108.51 -0.80
N ASP T 75 -47.69 -108.62 0.40
CA ASP T 75 -47.18 -107.45 1.12
C ASP T 75 -45.94 -106.94 0.40
N ALA T 76 -46.11 -105.85 -0.34
CA ALA T 76 -45.05 -105.29 -1.17
C ALA T 76 -44.05 -104.56 -0.29
N GLU T 77 -43.05 -105.30 0.19
CA GLU T 77 -41.96 -104.72 0.94
C GLU T 77 -40.66 -105.42 0.54
N ASP T 78 -39.57 -104.67 0.55
CA ASP T 78 -38.29 -105.19 0.10
C ASP T 78 -37.65 -106.07 1.17
N ASP T 79 -36.73 -106.94 0.73
CA ASP T 79 -36.08 -107.84 1.65
C ASP T 79 -35.06 -107.11 2.52
N CYS T 80 -34.28 -106.22 1.89
CA CYS T 80 -33.18 -105.47 2.52
C CYS T 80 -32.18 -106.44 3.18
N GLY T 81 -31.55 -107.24 2.31
CA GLY T 81 -30.76 -108.37 2.78
C GLY T 81 -29.43 -107.96 3.38
N ASN T 82 -29.19 -108.31 4.65
CA ASN T 82 -27.93 -108.14 5.37
C ASN T 82 -27.49 -106.67 5.45
N ASP T 83 -28.46 -105.76 5.41
CA ASP T 83 -28.19 -104.34 5.51
C ASP T 83 -29.01 -103.77 6.65
N PHE T 84 -28.47 -102.76 7.32
CA PHE T 84 -29.20 -102.09 8.38
C PHE T 84 -30.31 -101.25 7.77
N GLN T 85 -31.54 -101.71 7.92
CA GLN T 85 -32.70 -100.90 7.55
C GLN T 85 -32.82 -99.71 8.49
N CYS T 86 -33.35 -98.61 7.96
CA CYS T 86 -33.44 -97.36 8.70
C CYS T 86 -34.92 -97.04 8.93
N SER T 87 -35.17 -95.87 9.51
CA SER T 87 -36.52 -95.40 9.76
C SER T 87 -37.07 -94.57 8.60
N THR T 88 -36.58 -94.79 7.40
CA THR T 88 -37.10 -94.16 6.19
C THR T 88 -37.46 -95.18 5.11
N GLY T 89 -36.69 -96.26 4.99
CA GLY T 89 -36.81 -97.18 3.87
C GLY T 89 -35.54 -97.33 3.07
N ARG T 90 -34.49 -96.59 3.40
CA ARG T 90 -33.20 -96.71 2.76
C ARG T 90 -32.35 -97.72 3.53
N CYS T 91 -31.63 -98.57 2.81
CA CYS T 91 -30.82 -99.61 3.41
C CYS T 91 -29.35 -99.25 3.23
N ILE T 92 -28.68 -98.93 4.34
CA ILE T 92 -27.27 -98.58 4.31
C ILE T 92 -26.47 -99.74 4.90
N LYS T 93 -25.15 -99.64 4.79
CA LYS T 93 -24.25 -100.69 5.25
C LYS T 93 -23.89 -100.48 6.71
N MET T 94 -23.08 -101.40 7.25
CA MET T 94 -22.63 -101.31 8.62
C MET T 94 -21.46 -100.34 8.79
N ARG T 95 -20.70 -100.09 7.72
CA ARG T 95 -19.57 -99.16 7.73
C ARG T 95 -20.01 -97.73 8.03
N LEU T 96 -21.25 -97.39 7.72
CA LEU T 96 -21.78 -96.05 7.93
C LEU T 96 -22.30 -95.81 9.35
N ARG T 97 -22.01 -96.71 10.29
CA ARG T 97 -22.49 -96.57 11.65
C ARG T 97 -21.67 -95.52 12.42
N CYS T 98 -22.38 -94.57 13.03
CA CYS T 98 -21.81 -93.52 13.89
C CYS T 98 -20.75 -92.70 13.18
N ASN T 99 -20.90 -92.49 11.88
CA ASN T 99 -19.91 -91.78 11.10
C ASN T 99 -20.07 -90.27 11.17
N GLY T 100 -21.07 -89.77 11.87
CA GLY T 100 -21.31 -88.34 11.90
C GLY T 100 -21.93 -87.78 10.64
N ASP T 101 -22.46 -88.62 9.77
CA ASP T 101 -23.11 -88.19 8.54
C ASP T 101 -24.54 -88.73 8.50
N ASN T 102 -25.46 -87.87 8.11
CA ASN T 102 -26.87 -88.22 8.05
C ASN T 102 -27.18 -89.13 6.87
N ASP T 103 -27.01 -90.44 7.09
CA ASP T 103 -27.06 -91.40 6.01
C ASP T 103 -28.43 -92.04 5.82
N CYS T 104 -29.12 -92.37 6.91
CA CYS T 104 -30.47 -92.92 6.77
C CYS T 104 -31.48 -91.84 6.41
N GLY T 105 -31.18 -90.58 6.67
CA GLY T 105 -32.11 -89.51 6.43
C GLY T 105 -32.73 -89.01 7.70
N ASP T 106 -33.07 -89.92 8.61
CA ASP T 106 -33.60 -89.60 9.92
C ASP T 106 -32.57 -89.84 11.03
N PHE T 107 -31.31 -89.55 10.72
CA PHE T 107 -30.26 -89.30 11.71
C PHE T 107 -29.95 -90.53 12.55
N SER T 108 -30.00 -91.70 11.91
CA SER T 108 -29.85 -92.97 12.62
C SER T 108 -28.40 -93.38 12.78
N ASP T 109 -27.47 -92.43 12.75
CA ASP T 109 -26.06 -92.70 12.99
C ASP T 109 -25.52 -91.96 14.20
N GLU T 110 -25.84 -90.68 14.36
CA GLU T 110 -25.23 -89.84 15.38
C GLU T 110 -26.02 -89.85 16.70
N ASP T 111 -26.71 -90.95 17.00
CA ASP T 111 -27.47 -91.01 18.24
C ASP T 111 -27.18 -92.28 19.05
N ASP T 112 -26.85 -93.38 18.37
CA ASP T 112 -26.91 -94.69 19.00
C ASP T 112 -25.70 -94.95 19.89
N CYS T 113 -24.51 -94.99 19.30
CA CYS T 113 -23.36 -95.54 20.01
C CYS T 113 -22.66 -94.46 20.83
N GLU T 114 -21.88 -94.92 21.80
CA GLU T 114 -20.95 -94.08 22.54
C GLU T 114 -19.53 -94.16 21.98
N SER T 115 -19.38 -94.70 20.77
CA SER T 115 -18.08 -94.87 20.16
C SER T 115 -17.62 -93.55 19.54
N GLU T 116 -16.50 -93.59 18.82
CA GLU T 116 -15.98 -92.40 18.18
C GLU T 116 -16.84 -92.00 16.99
N PRO T 117 -16.99 -90.70 16.72
CA PRO T 117 -17.68 -90.29 15.50
C PRO T 117 -16.91 -90.59 14.23
N ARG T 118 -15.58 -90.81 14.33
CA ARG T 118 -14.57 -91.12 13.31
C ARG T 118 -14.81 -90.45 11.96
N PRO T 119 -14.74 -89.12 11.87
CA PRO T 119 -15.11 -88.45 10.62
C PRO T 119 -14.09 -88.71 9.53
N PRO T 120 -14.53 -89.20 8.37
CA PRO T 120 -13.57 -89.45 7.28
C PRO T 120 -12.93 -88.19 6.75
N CYS T 121 -13.66 -87.08 6.73
CA CYS T 121 -13.02 -85.78 6.61
C CYS T 121 -12.46 -85.43 7.98
N ARG T 122 -11.14 -85.50 8.11
CA ARG T 122 -10.44 -85.20 9.36
C ARG T 122 -10.32 -83.69 9.57
N ASP T 123 -9.39 -83.28 10.43
CA ASP T 123 -9.17 -81.90 10.81
C ASP T 123 -8.74 -80.96 9.67
N ARG T 124 -8.61 -81.46 8.44
CA ARG T 124 -8.47 -80.61 7.27
C ARG T 124 -9.70 -79.71 7.12
N VAL T 125 -9.47 -78.52 6.57
CA VAL T 125 -10.53 -77.53 6.40
C VAL T 125 -11.47 -78.02 5.29
N VAL T 126 -12.64 -78.49 5.70
CA VAL T 126 -13.60 -79.14 4.82
C VAL T 126 -14.97 -78.53 5.11
N GLU T 127 -15.64 -78.05 4.06
CA GLU T 127 -16.91 -77.36 4.19
C GLU T 127 -18.01 -78.17 3.51
N GLU T 128 -19.18 -77.56 3.38
CA GLU T 128 -20.26 -78.10 2.58
C GLU T 128 -20.41 -77.27 1.31
N SER T 129 -20.86 -77.91 0.24
CA SER T 129 -20.84 -77.26 -1.06
C SER T 129 -22.03 -76.32 -1.22
N GLU T 130 -22.10 -75.67 -2.38
CA GLU T 130 -23.22 -74.84 -2.74
C GLU T 130 -23.80 -75.17 -4.10
N LEU T 131 -23.07 -75.90 -4.94
CA LEU T 131 -23.50 -76.27 -6.27
C LEU T 131 -23.86 -77.74 -6.37
N ALA T 132 -23.22 -78.59 -5.58
CA ALA T 132 -23.46 -80.01 -5.64
C ALA T 132 -24.71 -80.44 -4.90
N ARG T 133 -25.23 -79.61 -4.00
CA ARG T 133 -26.31 -80.06 -3.14
C ARG T 133 -27.63 -80.13 -3.88
N THR T 134 -27.76 -79.41 -5.00
CA THR T 134 -28.97 -79.43 -5.82
C THR T 134 -28.65 -79.97 -7.21
N ALA T 135 -27.84 -81.01 -7.30
CA ALA T 135 -27.27 -81.42 -8.58
C ALA T 135 -28.16 -82.34 -9.40
N GLY T 136 -29.45 -82.41 -9.10
CA GLY T 136 -30.33 -83.16 -9.98
C GLY T 136 -30.91 -82.34 -11.10
N TYR T 137 -31.66 -81.30 -10.72
CA TYR T 137 -32.46 -80.48 -11.63
C TYR T 137 -33.29 -81.35 -12.58
N GLY T 138 -34.19 -82.14 -11.99
CA GLY T 138 -35.06 -83.01 -12.76
C GLY T 138 -35.98 -82.23 -13.68
N ILE T 139 -35.69 -82.26 -14.96
CA ILE T 139 -36.16 -81.24 -15.88
C ILE T 139 -37.40 -81.76 -16.60
N ASN T 140 -38.14 -80.85 -17.21
CA ASN T 140 -39.33 -81.18 -17.98
C ASN T 140 -39.10 -80.76 -19.42
N ILE T 141 -39.85 -81.37 -20.34
CA ILE T 141 -39.62 -81.18 -21.77
C ILE T 141 -40.01 -79.80 -22.29
N LEU T 142 -40.69 -78.99 -21.49
CA LEU T 142 -40.99 -77.62 -21.92
C LEU T 142 -39.73 -76.78 -21.98
N GLY T 143 -38.84 -76.93 -21.00
CA GLY T 143 -37.61 -76.18 -20.96
C GLY T 143 -37.29 -75.66 -19.58
N MET T 144 -38.31 -75.56 -18.73
CA MET T 144 -38.13 -75.09 -17.36
C MET T 144 -37.83 -76.27 -16.45
N ASP T 145 -37.11 -75.98 -15.37
CA ASP T 145 -36.48 -77.02 -14.55
C ASP T 145 -36.90 -77.00 -13.09
N PRO T 146 -37.82 -77.87 -12.68
CA PRO T 146 -38.07 -78.04 -11.25
C PRO T 146 -36.91 -78.72 -10.56
N LEU T 147 -36.50 -78.18 -9.42
CA LEU T 147 -35.35 -78.67 -8.65
C LEU T 147 -35.68 -79.90 -7.82
N SER T 148 -36.82 -80.55 -8.10
CA SER T 148 -37.28 -81.71 -7.35
C SER T 148 -36.34 -82.87 -7.68
N THR T 149 -35.21 -82.84 -7.00
CA THR T 149 -34.09 -83.71 -7.28
C THR T 149 -34.41 -85.12 -6.86
N PRO T 150 -34.42 -86.09 -7.77
CA PRO T 150 -34.60 -87.48 -7.34
C PRO T 150 -33.39 -87.99 -6.59
N PHE T 151 -32.23 -87.41 -6.86
CA PHE T 151 -31.02 -87.79 -6.14
C PHE T 151 -31.05 -87.23 -4.72
N ASP T 152 -30.16 -87.75 -3.89
CA ASP T 152 -30.00 -87.27 -2.53
C ASP T 152 -28.55 -86.82 -2.39
N ASN T 153 -28.32 -85.51 -2.34
CA ASN T 153 -26.98 -84.96 -2.28
C ASN T 153 -26.54 -84.66 -0.86
N GLU T 154 -26.98 -85.47 0.10
CA GLU T 154 -26.43 -85.45 1.44
C GLU T 154 -25.75 -86.75 1.81
N PHE T 155 -25.87 -87.78 0.97
CA PHE T 155 -25.28 -89.07 1.24
C PHE T 155 -23.82 -89.02 0.80
N TYR T 156 -22.91 -89.16 1.76
CA TYR T 156 -21.48 -89.09 1.45
C TYR T 156 -20.81 -90.45 1.43
N ASN T 157 -21.44 -91.45 2.05
CA ASN T 157 -20.97 -92.84 2.09
C ASN T 157 -19.58 -92.96 2.71
N GLY T 158 -19.29 -92.11 3.69
CA GLY T 158 -18.06 -92.22 4.46
C GLY T 158 -16.78 -91.92 3.69
N LEU T 159 -16.84 -91.08 2.67
CA LEU T 159 -15.67 -90.72 1.90
C LEU T 159 -15.43 -89.22 1.98
N CYS T 160 -14.20 -88.82 1.70
CA CYS T 160 -13.80 -87.41 1.79
C CYS T 160 -13.01 -87.07 0.54
N ASN T 161 -13.71 -86.63 -0.50
CA ASN T 161 -13.10 -86.22 -1.76
C ASN T 161 -13.25 -84.72 -1.90
N ARG T 162 -12.13 -84.02 -2.02
CA ARG T 162 -12.14 -82.57 -2.05
C ARG T 162 -12.11 -82.06 -3.48
N ASP T 163 -12.81 -80.95 -3.74
CA ASP T 163 -12.82 -80.29 -5.04
C ASP T 163 -12.63 -78.80 -4.81
N ARG T 164 -11.59 -78.23 -5.41
CA ARG T 164 -11.17 -76.90 -5.04
C ARG T 164 -12.07 -75.83 -5.64
N ASP T 165 -11.94 -74.63 -5.12
CA ASP T 165 -12.59 -73.45 -5.65
C ASP T 165 -11.53 -72.45 -6.08
N GLY T 166 -11.82 -71.73 -7.15
CA GLY T 166 -10.88 -70.75 -7.66
C GLY T 166 -10.81 -69.50 -6.80
N ASN T 167 -11.94 -68.84 -6.62
CA ASN T 167 -11.92 -67.51 -6.01
C ASN T 167 -11.79 -67.59 -4.51
N THR T 168 -12.64 -68.37 -3.84
CA THR T 168 -12.69 -68.33 -2.39
C THR T 168 -11.59 -69.13 -1.71
N LEU T 169 -10.91 -70.02 -2.46
CA LEU T 169 -9.84 -70.89 -1.97
C LEU T 169 -10.29 -71.75 -0.80
N THR T 170 -11.31 -72.54 -1.04
CA THR T 170 -11.88 -73.44 -0.06
C THR T 170 -11.73 -74.87 -0.55
N TYR T 171 -12.33 -75.81 0.18
CA TYR T 171 -12.29 -77.23 -0.20
C TYR T 171 -13.70 -77.80 0.01
N TYR T 172 -14.52 -77.72 -1.02
CA TYR T 172 -15.86 -78.25 -0.97
C TYR T 172 -15.83 -79.77 -1.07
N ARG T 173 -16.96 -80.39 -0.78
CA ARG T 173 -17.03 -81.84 -0.82
C ARG T 173 -17.70 -82.32 -2.10
N ARG T 174 -17.54 -83.61 -2.35
CA ARG T 174 -18.17 -84.27 -3.49
C ARG T 174 -19.15 -85.30 -2.95
N PRO T 175 -20.45 -85.05 -3.05
CA PRO T 175 -21.43 -86.06 -2.65
C PRO T 175 -21.36 -87.30 -3.54
N TRP T 176 -21.93 -88.38 -3.04
CA TRP T 176 -21.81 -89.68 -3.71
C TRP T 176 -22.54 -89.71 -5.04
N ASN T 177 -23.58 -88.91 -5.21
CA ASN T 177 -24.29 -88.94 -6.48
C ASN T 177 -23.61 -88.14 -7.57
N VAL T 178 -22.69 -87.25 -7.22
CA VAL T 178 -21.95 -86.47 -8.21
C VAL T 178 -20.63 -87.17 -8.51
N ALA T 179 -20.42 -87.54 -9.76
CA ALA T 179 -19.22 -88.26 -10.15
C ALA T 179 -18.06 -87.35 -10.49
N SER T 180 -18.32 -86.13 -10.95
CA SER T 180 -17.25 -85.19 -11.24
C SER T 180 -17.78 -83.78 -11.12
N LEU T 181 -16.91 -82.87 -10.70
CA LEU T 181 -17.32 -81.51 -10.41
C LEU T 181 -16.09 -80.61 -10.53
N ILE T 182 -15.99 -79.91 -11.65
CA ILE T 182 -14.90 -78.98 -11.86
C ILE T 182 -15.44 -77.58 -11.65
N TYR T 183 -14.54 -76.65 -11.32
CA TYR T 183 -14.87 -75.22 -11.29
C TYR T 183 -13.92 -74.52 -12.25
N GLU T 184 -14.30 -74.40 -13.52
CA GLU T 184 -13.53 -73.58 -14.45
C GLU T 184 -13.94 -72.12 -14.28
N THR T 185 -13.52 -71.28 -15.21
CA THR T 185 -14.06 -69.93 -15.34
C THR T 185 -14.09 -69.66 -16.83
N LYS T 186 -15.19 -69.97 -17.48
CA LYS T 186 -15.22 -69.97 -18.93
C LYS T 186 -16.14 -68.86 -19.39
N GLY T 187 -15.57 -67.70 -19.71
CA GLY T 187 -16.38 -66.60 -20.19
C GLY T 187 -16.40 -66.61 -21.71
N GLU T 188 -17.54 -66.23 -22.28
CA GLU T 188 -17.68 -66.41 -23.72
C GLU T 188 -18.73 -65.44 -24.25
N LYS T 189 -18.29 -64.42 -24.98
CA LYS T 189 -19.22 -63.45 -25.55
C LYS T 189 -19.32 -63.60 -27.04
N ASN T 190 -20.50 -63.89 -27.54
CA ASN T 190 -20.79 -63.71 -28.95
C ASN T 190 -21.32 -62.29 -29.15
N PHE T 191 -21.11 -61.76 -30.34
CA PHE T 191 -21.61 -60.46 -30.72
C PHE T 191 -21.86 -60.53 -32.21
N ARG T 192 -23.00 -60.02 -32.66
CA ARG T 192 -23.24 -59.89 -34.09
C ARG T 192 -23.90 -58.56 -34.35
N THR T 193 -23.66 -58.02 -35.53
CA THR T 193 -24.50 -56.96 -36.06
C THR T 193 -24.59 -57.07 -37.57
N GLU T 194 -25.78 -57.33 -38.07
CA GLU T 194 -26.03 -57.39 -39.49
C GLU T 194 -26.71 -56.13 -39.94
N HIS T 195 -26.64 -55.88 -41.23
CA HIS T 195 -27.18 -54.64 -41.77
C HIS T 195 -27.49 -54.87 -43.22
N TYR T 196 -28.69 -54.53 -43.65
CA TYR T 196 -29.06 -54.59 -45.05
C TYR T 196 -29.69 -53.27 -45.44
N GLU T 197 -29.47 -52.87 -46.69
CA GLU T 197 -30.04 -51.62 -47.15
C GLU T 197 -30.24 -51.75 -48.65
N GLU T 198 -31.32 -51.15 -49.16
CA GLU T 198 -31.57 -51.17 -50.60
C GLU T 198 -32.33 -49.91 -50.98
N GLN T 199 -31.67 -48.99 -51.65
CA GLN T 199 -32.38 -47.87 -52.25
C GLN T 199 -32.70 -48.20 -53.69
N ILE T 200 -33.78 -47.62 -54.21
CA ILE T 200 -34.07 -47.68 -55.64
C ILE T 200 -34.82 -46.41 -56.02
N GLU T 201 -34.41 -45.81 -57.13
CA GLU T 201 -35.05 -44.61 -57.65
C GLU T 201 -35.34 -44.85 -59.13
N ALA T 202 -36.60 -45.11 -59.45
CA ALA T 202 -37.05 -45.23 -60.83
C ALA T 202 -37.66 -43.91 -61.27
N PHE T 203 -37.69 -43.71 -62.59
CA PHE T 203 -37.98 -42.38 -63.14
C PHE T 203 -38.38 -42.56 -64.60
N LYS T 204 -39.45 -41.89 -65.02
CA LYS T 204 -39.91 -42.00 -66.41
C LYS T 204 -40.62 -40.72 -66.80
N SER T 205 -40.05 -39.95 -67.74
CA SER T 205 -40.62 -38.71 -68.21
C SER T 205 -40.95 -38.82 -69.69
N ILE T 206 -42.03 -38.16 -70.11
CA ILE T 206 -42.46 -38.13 -71.52
C ILE T 206 -42.89 -36.71 -71.83
N ILE T 207 -42.41 -36.15 -72.95
CA ILE T 207 -42.90 -34.88 -73.48
C ILE T 207 -43.33 -35.11 -74.92
N GLN T 208 -44.54 -34.69 -75.26
CA GLN T 208 -45.04 -34.82 -76.62
C GLN T 208 -45.56 -33.46 -77.08
N GLU T 209 -45.47 -33.22 -78.38
CA GLU T 209 -45.92 -31.95 -78.92
C GLU T 209 -46.23 -32.12 -80.39
N LYS T 210 -47.39 -31.61 -80.84
CA LYS T 210 -47.64 -31.45 -82.26
C LYS T 210 -48.14 -30.03 -82.48
N THR T 211 -47.62 -29.37 -83.51
CA THR T 211 -48.02 -28.01 -83.87
C THR T 211 -48.34 -28.04 -85.36
N SER T 212 -49.62 -28.04 -85.70
CA SER T 212 -50.07 -28.07 -87.09
C SER T 212 -50.65 -26.71 -87.48
N ASN T 213 -50.32 -26.24 -88.67
CA ASN T 213 -50.75 -24.92 -89.15
C ASN T 213 -51.08 -25.01 -90.63
N PHE T 214 -52.33 -24.77 -90.98
CA PHE T 214 -52.79 -24.83 -92.36
C PHE T 214 -53.31 -23.46 -92.77
N ASN T 215 -52.88 -22.96 -93.93
CA ASN T 215 -53.21 -21.61 -94.36
C ASN T 215 -53.62 -21.65 -95.82
N ALA T 216 -54.82 -21.19 -96.13
CA ALA T 216 -55.22 -21.02 -97.51
C ALA T 216 -55.06 -19.55 -97.90
N ALA T 217 -55.43 -19.24 -99.14
CA ALA T 217 -55.40 -17.86 -99.63
C ALA T 217 -56.37 -17.67 -100.80
N PHE T 249 -60.25 -13.29 -98.33
CA PHE T 249 -60.21 -14.59 -98.99
C PHE T 249 -59.13 -15.50 -98.43
N ARG T 250 -59.35 -16.06 -97.25
CA ARG T 250 -58.44 -17.08 -96.71
C ARG T 250 -59.21 -17.97 -95.75
N PHE T 251 -58.47 -18.89 -95.13
CA PHE T 251 -58.97 -19.80 -94.09
C PHE T 251 -57.76 -20.39 -93.40
N SER T 252 -57.70 -20.25 -92.08
CA SER T 252 -56.61 -20.82 -91.31
C SER T 252 -57.14 -21.94 -90.40
N TYR T 253 -56.22 -22.80 -89.98
CA TYR T 253 -56.56 -23.85 -89.03
C TYR T 253 -55.28 -24.23 -88.30
N SER T 254 -55.20 -23.89 -87.02
CA SER T 254 -54.02 -24.15 -86.22
C SER T 254 -54.37 -25.11 -85.09
N LYS T 255 -53.34 -25.75 -84.54
CA LYS T 255 -53.48 -26.61 -83.38
C LYS T 255 -52.12 -26.74 -82.75
N ASN T 256 -52.04 -26.58 -81.43
CA ASN T 256 -50.80 -26.71 -80.68
C ASN T 256 -51.07 -27.62 -79.48
N GLU T 257 -50.99 -28.93 -79.69
CA GLU T 257 -51.20 -29.88 -78.60
C GLU T 257 -49.87 -30.16 -77.92
N THR T 258 -49.85 -30.09 -76.59
CA THR T 258 -48.63 -30.22 -75.81
C THR T 258 -48.93 -31.16 -74.63
N TYR T 259 -48.59 -32.42 -74.79
CA TYR T 259 -48.79 -33.40 -73.73
C TYR T 259 -47.51 -33.55 -72.92
N GLN T 260 -47.67 -33.87 -71.64
CA GLN T 260 -46.52 -34.17 -70.81
C GLN T 260 -46.94 -35.25 -69.83
N LEU T 261 -45.95 -35.99 -69.32
CA LEU T 261 -46.18 -37.04 -68.36
C LEU T 261 -44.89 -37.21 -67.57
N PHE T 262 -45.02 -37.60 -66.31
CA PHE T 262 -43.87 -37.60 -65.42
C PHE T 262 -44.17 -38.59 -64.30
N LEU T 263 -43.24 -39.48 -64.01
CA LEU T 263 -43.43 -40.43 -62.93
C LEU T 263 -42.12 -40.65 -62.21
N SER T 264 -42.17 -40.66 -60.89
CA SER T 264 -41.03 -41.03 -60.05
C SER T 264 -41.41 -42.22 -59.19
N TYR T 265 -40.39 -42.85 -58.61
CA TYR T 265 -40.60 -43.90 -57.61
C TYR T 265 -39.31 -43.99 -56.80
N SER T 266 -39.27 -43.33 -55.65
CA SER T 266 -38.02 -43.21 -54.89
C SER T 266 -38.18 -43.92 -53.56
N SER T 267 -37.96 -45.24 -53.54
CA SER T 267 -38.23 -46.03 -52.36
C SER T 267 -36.95 -46.62 -51.82
N LYS T 268 -36.71 -46.45 -50.52
CA LYS T 268 -35.59 -47.12 -49.87
C LYS T 268 -36.12 -48.13 -48.87
N LYS T 269 -35.26 -49.06 -48.50
CA LYS T 269 -35.56 -50.03 -47.45
C LYS T 269 -34.29 -50.24 -46.64
N GLU T 270 -34.48 -50.67 -45.40
CA GLU T 270 -33.38 -50.88 -44.48
C GLU T 270 -33.80 -51.96 -43.51
N LYS T 271 -32.85 -52.75 -43.05
CA LYS T 271 -33.17 -53.81 -42.09
C LYS T 271 -31.92 -54.13 -41.30
N MET T 272 -31.89 -53.69 -40.05
CA MET T 272 -30.73 -53.90 -39.21
C MET T 272 -30.95 -55.16 -38.39
N PHE T 273 -29.92 -55.57 -37.64
CA PHE T 273 -30.03 -56.64 -36.68
C PHE T 273 -28.82 -56.52 -35.75
N LEU T 274 -29.01 -56.87 -34.49
CA LEU T 274 -27.90 -56.87 -33.54
C LEU T 274 -28.16 -58.02 -32.59
N HIS T 275 -27.11 -58.57 -31.99
CA HIS T 275 -27.28 -59.73 -31.11
C HIS T 275 -26.07 -59.85 -30.20
N VAL T 276 -26.17 -59.42 -28.99
CA VAL T 276 -25.15 -59.67 -28.00
C VAL T 276 -25.53 -60.95 -27.29
N LYS T 277 -24.57 -61.78 -26.87
CA LYS T 277 -24.91 -62.93 -26.03
C LYS T 277 -23.68 -63.30 -25.21
N GLY T 278 -23.63 -62.88 -23.96
CA GLY T 278 -22.45 -63.22 -23.18
C GLY T 278 -22.64 -64.25 -22.10
N GLU T 279 -22.26 -65.50 -22.36
CA GLU T 279 -22.36 -66.53 -21.34
C GLU T 279 -21.20 -66.45 -20.39
N ILE T 280 -21.42 -66.89 -19.16
CA ILE T 280 -20.37 -67.02 -18.15
C ILE T 280 -20.58 -68.36 -17.47
N HIS T 281 -19.64 -69.28 -17.62
CA HIS T 281 -19.79 -70.60 -17.03
C HIS T 281 -18.90 -70.70 -15.81
N LEU T 282 -19.43 -71.22 -14.72
CA LEU T 282 -18.65 -71.61 -13.55
C LEU T 282 -18.86 -73.11 -13.37
N GLY T 283 -18.02 -73.89 -14.05
CA GLY T 283 -18.00 -75.31 -13.79
C GLY T 283 -19.18 -76.08 -14.36
N ARG T 284 -19.29 -77.32 -13.92
CA ARG T 284 -20.26 -78.27 -14.44
C ARG T 284 -20.38 -79.41 -13.45
N PHE T 285 -21.13 -80.45 -13.82
CA PHE T 285 -21.25 -81.64 -12.99
C PHE T 285 -21.70 -82.80 -13.87
N VAL T 286 -21.39 -84.01 -13.44
CA VAL T 286 -21.83 -85.22 -14.11
C VAL T 286 -22.33 -86.20 -13.05
N MET T 287 -23.58 -86.62 -13.15
CA MET T 287 -24.16 -87.51 -12.17
C MET T 287 -23.77 -88.96 -12.47
N ARG T 288 -24.16 -89.88 -11.60
CA ARG T 288 -23.80 -91.28 -11.79
C ARG T 288 -24.98 -92.06 -12.37
N ASN T 289 -24.77 -93.36 -12.55
CA ASN T 289 -25.76 -94.21 -13.17
C ASN T 289 -26.00 -95.55 -12.47
N ARG T 290 -25.05 -96.03 -11.66
CA ARG T 290 -25.24 -97.27 -10.91
C ARG T 290 -24.88 -97.03 -9.45
N ASP T 291 -25.52 -97.80 -8.57
CA ASP T 291 -25.42 -97.67 -7.10
C ASP T 291 -25.75 -96.26 -6.64
N VAL T 292 -26.84 -95.73 -7.17
CA VAL T 292 -27.27 -94.36 -6.93
C VAL T 292 -28.29 -94.37 -5.80
N VAL T 293 -28.12 -93.47 -4.84
CA VAL T 293 -29.11 -93.32 -3.79
C VAL T 293 -30.14 -92.28 -4.20
N LEU T 294 -31.39 -92.51 -3.83
CA LEU T 294 -32.48 -91.62 -4.14
C LEU T 294 -33.04 -91.05 -2.85
N THR T 295 -33.75 -89.92 -2.95
CA THR T 295 -34.27 -89.28 -1.75
C THR T 295 -35.47 -90.05 -1.21
N THR T 296 -35.91 -89.66 -0.02
CA THR T 296 -36.95 -90.41 0.68
C THR T 296 -38.31 -90.21 0.02
N THR T 297 -38.60 -89.01 -0.44
CA THR T 297 -39.89 -88.68 -1.02
C THR T 297 -40.04 -89.10 -2.47
N PHE T 298 -39.22 -90.00 -2.95
CA PHE T 298 -39.26 -90.41 -4.35
C PHE T 298 -39.39 -91.92 -4.51
N VAL T 299 -38.74 -92.68 -3.64
CA VAL T 299 -38.89 -94.14 -3.65
C VAL T 299 -40.32 -94.52 -3.28
N ASP T 300 -40.95 -93.74 -2.38
CA ASP T 300 -42.35 -93.98 -2.04
C ASP T 300 -43.26 -93.71 -3.22
N ASP T 301 -43.01 -92.64 -3.98
CA ASP T 301 -43.85 -92.31 -5.11
C ASP T 301 -43.64 -93.25 -6.28
N ILE T 302 -42.47 -93.89 -6.38
CA ILE T 302 -42.34 -94.99 -7.32
C ILE T 302 -43.08 -96.21 -6.80
N LYS T 303 -43.04 -96.45 -5.50
CA LYS T 303 -43.72 -97.59 -4.91
C LYS T 303 -45.24 -97.47 -4.96
N ALA T 304 -45.77 -96.26 -5.14
CA ALA T 304 -47.21 -96.04 -5.24
C ALA T 304 -47.70 -95.96 -6.68
N LEU T 305 -46.98 -96.59 -7.60
CA LEU T 305 -47.43 -96.59 -9.00
C LEU T 305 -48.30 -97.81 -9.26
N PRO T 306 -49.33 -97.69 -10.12
CA PRO T 306 -50.39 -98.71 -10.15
C PRO T 306 -50.02 -100.03 -10.81
N THR T 307 -48.84 -100.14 -11.42
CA THR T 307 -48.16 -101.38 -11.83
C THR T 307 -48.82 -102.06 -13.04
N THR T 308 -50.01 -101.60 -13.46
CA THR T 308 -50.77 -102.26 -14.52
C THR T 308 -50.95 -101.37 -15.75
N TYR T 309 -50.11 -100.35 -15.89
CA TYR T 309 -50.30 -99.24 -16.83
C TYR T 309 -51.71 -98.66 -16.70
N GLU T 310 -51.93 -98.03 -15.56
CA GLU T 310 -53.11 -97.21 -15.36
C GLU T 310 -52.71 -95.76 -15.61
N LYS T 311 -53.31 -95.16 -16.64
CA LYS T 311 -52.83 -93.93 -17.24
C LYS T 311 -52.96 -92.72 -16.33
N GLY T 312 -53.81 -92.79 -15.30
CA GLY T 312 -54.08 -91.61 -14.50
C GLY T 312 -52.95 -91.20 -13.57
N GLU T 313 -52.22 -92.17 -13.04
CA GLU T 313 -51.21 -91.87 -12.03
C GLU T 313 -49.90 -91.39 -12.65
N TYR T 314 -49.56 -91.87 -13.85
CA TYR T 314 -48.27 -91.55 -14.43
C TYR T 314 -48.21 -90.12 -14.94
N PHE T 315 -49.34 -89.56 -15.37
CA PHE T 315 -49.36 -88.15 -15.75
C PHE T 315 -49.29 -87.23 -14.55
N ALA T 316 -49.57 -87.73 -13.35
CA ALA T 316 -49.31 -86.93 -12.15
C ALA T 316 -47.87 -87.10 -11.69
N PHE T 317 -47.32 -88.30 -11.85
CA PHE T 317 -45.94 -88.53 -11.45
C PHE T 317 -44.95 -87.76 -12.33
N LEU T 318 -45.20 -87.74 -13.64
CA LEU T 318 -44.26 -87.09 -14.55
C LEU T 318 -44.32 -85.58 -14.47
N GLU T 319 -45.35 -85.00 -13.87
CA GLU T 319 -45.36 -83.58 -13.61
C GLU T 319 -45.15 -83.24 -12.15
N THR T 320 -45.04 -84.25 -11.30
CA THR T 320 -44.51 -83.99 -9.96
C THR T 320 -42.98 -84.00 -9.98
N TYR T 321 -42.37 -84.98 -10.65
CA TYR T 321 -40.91 -85.13 -10.60
C TYR T 321 -40.25 -84.95 -11.96
N GLY T 322 -40.92 -84.30 -12.90
CA GLY T 322 -40.30 -84.03 -14.18
C GLY T 322 -40.19 -85.22 -15.09
N THR T 323 -39.82 -84.99 -16.35
CA THR T 323 -39.73 -86.07 -17.31
C THR T 323 -38.32 -86.64 -17.38
N HIS T 324 -37.30 -85.79 -17.36
CA HIS T 324 -35.92 -86.21 -17.43
C HIS T 324 -35.14 -85.60 -16.27
N TYR T 325 -33.99 -86.17 -15.96
CA TYR T 325 -33.08 -85.57 -15.00
C TYR T 325 -31.80 -85.13 -15.70
N SER T 326 -31.27 -83.99 -15.30
CA SER T 326 -30.08 -83.46 -15.94
C SER T 326 -28.85 -84.23 -15.52
N SER T 327 -28.49 -85.25 -16.31
CA SER T 327 -27.34 -86.08 -16.00
C SER T 327 -26.02 -85.38 -16.22
N SER T 328 -25.98 -84.26 -16.92
CA SER T 328 -24.74 -83.51 -17.11
C SER T 328 -25.10 -82.05 -17.39
N GLY T 329 -24.98 -81.20 -16.38
CA GLY T 329 -25.31 -79.80 -16.51
C GLY T 329 -24.09 -78.91 -16.66
N SER T 330 -24.34 -77.61 -16.57
CA SER T 330 -23.29 -76.60 -16.58
C SER T 330 -23.89 -75.33 -16.02
N LEU T 331 -23.49 -74.91 -14.83
CA LEU T 331 -24.17 -73.80 -14.18
C LEU T 331 -23.59 -72.46 -14.66
N GLY T 332 -24.00 -71.38 -14.02
CA GLY T 332 -23.64 -70.04 -14.49
C GLY T 332 -24.55 -69.57 -15.59
N GLY T 333 -24.96 -68.30 -15.57
CA GLY T 333 -26.02 -67.86 -16.46
C GLY T 333 -25.72 -66.72 -17.41
N LEU T 334 -26.51 -66.63 -18.47
CA LEU T 334 -26.25 -65.77 -19.60
C LEU T 334 -26.97 -64.43 -19.48
N TYR T 335 -26.76 -63.60 -20.50
CA TYR T 335 -27.62 -62.48 -20.79
C TYR T 335 -27.71 -62.36 -22.30
N GLU T 336 -28.57 -61.49 -22.79
CA GLU T 336 -28.86 -61.43 -24.22
C GLU T 336 -29.57 -60.14 -24.57
N LEU T 337 -29.13 -59.49 -25.62
CA LEU T 337 -29.85 -58.39 -26.24
C LEU T 337 -30.20 -58.80 -27.66
N ILE T 338 -31.32 -58.29 -28.17
CA ILE T 338 -31.69 -58.42 -29.58
C ILE T 338 -32.29 -57.09 -29.99
N TYR T 339 -31.86 -56.54 -31.13
CA TYR T 339 -32.30 -55.22 -31.58
C TYR T 339 -32.72 -55.36 -33.02
N VAL T 340 -34.00 -55.59 -33.28
CA VAL T 340 -34.47 -55.80 -34.65
C VAL T 340 -35.10 -54.51 -35.11
N LEU T 341 -34.39 -53.74 -35.91
CA LEU T 341 -35.02 -52.60 -36.53
C LEU T 341 -35.61 -53.06 -37.86
N ASP T 342 -36.46 -52.22 -38.43
CA ASP T 342 -37.02 -52.42 -39.76
C ASP T 342 -37.51 -51.07 -40.23
N LYS T 343 -37.31 -50.79 -41.50
CA LYS T 343 -37.76 -49.53 -42.06
C LYS T 343 -38.24 -49.82 -43.47
N ALA T 344 -39.25 -49.07 -43.92
CA ALA T 344 -39.67 -49.15 -45.31
C ALA T 344 -40.27 -47.80 -45.68
N SER T 345 -39.44 -46.93 -46.22
CA SER T 345 -40.00 -45.75 -46.83
C SER T 345 -40.55 -46.12 -48.20
N MET T 346 -41.35 -45.21 -48.77
CA MET T 346 -41.77 -45.32 -50.16
C MET T 346 -42.29 -43.96 -50.60
N LYS T 347 -41.87 -43.50 -51.75
CA LYS T 347 -42.54 -42.40 -52.40
C LYS T 347 -43.08 -42.89 -53.73
N ARG T 348 -44.05 -42.17 -54.26
CA ARG T 348 -44.40 -42.27 -55.67
C ARG T 348 -45.09 -40.98 -56.05
N LYS T 349 -44.94 -40.59 -57.30
CA LYS T 349 -45.46 -39.31 -57.76
C LYS T 349 -46.20 -39.49 -59.07
N GLY T 350 -46.74 -38.39 -59.57
CA GLY T 350 -47.25 -38.33 -60.93
C GLY T 350 -47.59 -36.89 -61.27
N VAL T 351 -47.06 -36.38 -62.37
CA VAL T 351 -47.26 -34.99 -62.77
C VAL T 351 -47.72 -35.03 -64.22
N GLU T 352 -48.97 -34.67 -64.46
CA GLU T 352 -49.57 -34.81 -65.77
C GLU T 352 -50.01 -33.44 -66.24
N LEU T 353 -49.99 -33.22 -67.55
CA LEU T 353 -50.21 -31.88 -68.08
C LEU T 353 -50.71 -31.99 -69.51
N LYS T 354 -51.68 -31.15 -69.86
CA LYS T 354 -52.26 -31.13 -71.20
C LYS T 354 -52.56 -29.71 -71.60
N ASP T 355 -52.59 -29.48 -72.91
CA ASP T 355 -52.76 -28.14 -73.47
C ASP T 355 -53.22 -28.28 -74.91
N ILE T 356 -54.21 -27.46 -75.28
CA ILE T 356 -54.66 -27.33 -76.67
C ILE T 356 -54.88 -25.85 -76.93
N LYS T 357 -54.15 -25.30 -77.89
CA LYS T 357 -54.21 -23.87 -78.21
C LYS T 357 -54.65 -23.73 -79.66
N ARG T 358 -55.96 -23.75 -79.89
CA ARG T 358 -56.50 -23.63 -81.23
C ARG T 358 -56.72 -22.17 -81.59
N CYS T 359 -56.78 -21.92 -82.89
CA CYS T 359 -57.05 -20.58 -83.40
C CYS T 359 -57.70 -20.70 -84.76
N LEU T 360 -58.33 -19.61 -85.20
CA LEU T 360 -58.86 -19.50 -86.55
C LEU T 360 -59.06 -18.03 -86.84
N GLY T 361 -58.93 -17.65 -88.10
CA GLY T 361 -59.21 -16.28 -88.48
C GLY T 361 -59.08 -16.03 -89.97
N TYR T 362 -60.02 -15.29 -90.54
CA TYR T 362 -59.91 -14.98 -91.96
C TYR T 362 -60.52 -13.62 -92.28
N HIS T 363 -59.84 -12.94 -93.21
CA HIS T 363 -60.32 -11.74 -93.88
C HIS T 363 -61.03 -12.14 -95.17
N LEU T 364 -62.22 -11.62 -95.38
CA LEU T 364 -62.97 -11.90 -96.60
C LEU T 364 -63.47 -10.60 -97.23
N PHE T 379 -64.93 -7.19 -94.10
CA PHE T 379 -65.33 -8.37 -93.35
C PHE T 379 -64.12 -8.90 -92.59
N ASN T 380 -64.36 -9.54 -91.43
CA ASN T 380 -63.31 -10.23 -90.69
C ASN T 380 -63.99 -11.17 -89.69
N LYS T 381 -63.37 -12.33 -89.47
CA LYS T 381 -63.81 -13.16 -88.36
C LYS T 381 -62.59 -13.85 -87.78
N ASP T 382 -62.55 -13.99 -86.46
CA ASP T 382 -61.51 -14.79 -85.84
C ASP T 382 -61.98 -15.31 -84.49
N ASP T 383 -61.28 -16.32 -83.99
CA ASP T 383 -61.40 -16.76 -82.62
C ASP T 383 -60.09 -17.40 -82.18
N CYS T 384 -59.88 -17.42 -80.87
CA CYS T 384 -58.74 -18.08 -80.26
C CYS T 384 -59.24 -18.88 -79.07
N VAL T 385 -58.94 -20.17 -79.05
CA VAL T 385 -59.43 -21.08 -78.01
C VAL T 385 -58.22 -21.62 -77.28
N LYS T 386 -58.24 -21.58 -75.96
CA LYS T 386 -57.19 -22.19 -75.16
C LYS T 386 -57.80 -23.14 -74.14
N ARG T 387 -57.12 -24.24 -73.90
CA ARG T 387 -57.54 -25.19 -72.87
C ARG T 387 -56.27 -25.77 -72.25
N GLY T 388 -56.24 -25.86 -70.93
CA GLY T 388 -55.07 -26.41 -70.28
C GLY T 388 -55.40 -27.09 -68.98
N GLU T 389 -55.00 -28.35 -68.85
CA GLU T 389 -55.29 -29.12 -67.65
C GLU T 389 -53.98 -29.52 -66.98
N GLY T 390 -54.01 -29.61 -65.67
CA GLY T 390 -52.85 -30.05 -64.93
C GLY T 390 -53.28 -30.98 -63.82
N ARG T 391 -52.55 -32.05 -63.58
CA ARG T 391 -52.86 -32.97 -62.50
C ARG T 391 -51.58 -33.32 -61.76
N ALA T 392 -51.71 -33.58 -60.46
CA ALA T 392 -50.54 -33.94 -59.68
C ALA T 392 -50.96 -34.84 -58.53
N VAL T 393 -50.15 -35.86 -58.27
CA VAL T 393 -50.35 -36.78 -57.15
C VAL T 393 -49.00 -37.01 -56.50
N ASN T 394 -48.91 -36.80 -55.20
CA ASN T 394 -47.78 -37.26 -54.41
C ASN T 394 -48.30 -38.23 -53.36
N ILE T 395 -47.67 -39.40 -53.24
CA ILE T 395 -48.04 -40.37 -52.22
C ILE T 395 -46.78 -40.78 -51.50
N THR T 396 -46.68 -40.47 -50.22
CA THR T 396 -45.47 -40.71 -49.46
C THR T 396 -45.81 -41.60 -48.27
N SER T 397 -45.50 -42.88 -48.35
CA SER T 397 -45.77 -43.80 -47.26
C SER T 397 -44.50 -44.11 -46.50
N GLU T 398 -44.68 -44.53 -45.24
CA GLU T 398 -43.54 -44.90 -44.42
C GLU T 398 -43.98 -45.88 -43.35
N ASN T 399 -43.23 -46.96 -43.20
CA ASN T 399 -43.36 -47.88 -42.09
C ASN T 399 -42.05 -47.88 -41.33
N LEU T 400 -42.13 -48.04 -40.01
CA LEU T 400 -40.94 -48.22 -39.19
C LEU T 400 -41.32 -49.15 -38.07
N ILE T 401 -40.43 -50.07 -37.73
CA ILE T 401 -40.62 -51.00 -36.63
C ILE T 401 -39.32 -51.05 -35.86
N ASP T 402 -39.41 -51.01 -34.54
CA ASP T 402 -38.26 -51.30 -33.70
C ASP T 402 -38.70 -52.31 -32.65
N ASP T 403 -37.98 -53.42 -32.56
CA ASP T 403 -38.09 -54.36 -31.47
C ASP T 403 -36.79 -54.33 -30.71
N VAL T 404 -36.88 -54.40 -29.39
CA VAL T 404 -35.76 -54.66 -28.52
C VAL T 404 -36.19 -55.76 -27.56
N VAL T 405 -35.36 -56.76 -27.38
CA VAL T 405 -35.57 -57.77 -26.36
C VAL T 405 -34.31 -57.80 -25.51
N SER T 406 -34.47 -57.84 -24.20
CA SER T 406 -33.34 -58.10 -23.33
C SER T 406 -33.72 -59.18 -22.34
N LEU T 407 -32.76 -60.03 -22.02
CA LEU T 407 -32.98 -61.12 -21.09
C LEU T 407 -31.72 -61.26 -20.26
N ILE T 408 -31.87 -61.63 -19.00
CA ILE T 408 -30.70 -61.78 -18.13
C ILE T 408 -31.02 -62.79 -17.04
N ARG T 409 -30.15 -63.77 -16.84
CA ARG T 409 -30.35 -64.82 -15.87
C ARG T 409 -29.19 -64.84 -14.91
N GLY T 410 -29.42 -65.34 -13.70
CA GLY T 410 -28.34 -65.47 -12.73
C GLY T 410 -27.87 -64.20 -12.08
N GLY T 411 -27.42 -64.30 -10.84
CA GLY T 411 -26.82 -63.17 -10.15
C GLY T 411 -27.71 -62.64 -9.04
N THR T 412 -27.12 -61.75 -8.26
CA THR T 412 -27.84 -61.13 -7.17
C THR T 412 -28.80 -60.09 -7.75
N ARG T 413 -29.79 -59.72 -6.96
CA ARG T 413 -30.85 -58.82 -7.39
C ARG T 413 -30.35 -57.40 -7.66
N LYS T 414 -29.25 -57.00 -7.06
CA LYS T 414 -28.86 -55.59 -7.08
C LYS T 414 -28.00 -55.23 -8.29
N TYR T 415 -27.17 -56.13 -8.79
CA TYR T 415 -26.25 -55.78 -9.88
C TYR T 415 -26.78 -56.15 -11.25
N ALA T 416 -27.54 -57.24 -11.36
CA ALA T 416 -28.03 -57.71 -12.65
C ALA T 416 -28.99 -56.71 -13.29
N PHE T 417 -29.80 -56.05 -12.47
CA PHE T 417 -30.77 -55.12 -12.99
C PHE T 417 -30.21 -53.71 -13.10
N GLU T 418 -29.00 -53.50 -12.60
CA GLU T 418 -28.20 -52.39 -13.09
C GLU T 418 -27.67 -52.69 -14.48
N LEU T 419 -27.20 -53.93 -14.68
CA LEU T 419 -26.57 -54.33 -15.94
C LEU T 419 -27.56 -54.30 -17.10
N LYS T 420 -28.80 -54.75 -16.86
CA LYS T 420 -29.79 -54.81 -17.93
C LYS T 420 -30.15 -53.43 -18.46
N GLU T 421 -30.35 -52.48 -17.56
CA GLU T 421 -30.62 -51.12 -18.00
C GLU T 421 -29.39 -50.42 -18.55
N LYS T 422 -28.18 -50.80 -18.13
CA LYS T 422 -27.00 -50.26 -18.80
C LYS T 422 -26.83 -50.84 -20.20
N LEU T 423 -27.34 -52.03 -20.44
CA LEU T 423 -27.40 -52.54 -21.82
C LEU T 423 -28.38 -51.75 -22.65
N LEU T 424 -29.61 -51.60 -22.16
CA LEU T 424 -30.68 -51.07 -23.01
C LEU T 424 -30.64 -49.57 -23.16
N ARG T 425 -29.77 -48.88 -22.44
CA ARG T 425 -29.59 -47.45 -22.65
C ARG T 425 -28.93 -47.17 -24.00
N GLY T 426 -28.11 -48.10 -24.49
CA GLY T 426 -27.40 -47.93 -25.72
C GLY T 426 -26.04 -47.30 -25.57
N THR T 427 -25.78 -46.63 -24.46
CA THR T 427 -24.46 -46.08 -24.21
C THR T 427 -23.48 -47.19 -23.87
N VAL T 428 -22.19 -46.84 -23.89
CA VAL T 428 -21.15 -47.82 -23.57
C VAL T 428 -21.15 -48.07 -22.07
N ILE T 429 -20.92 -49.33 -21.69
CA ILE T 429 -20.89 -49.75 -20.31
C ILE T 429 -19.44 -49.78 -19.87
N ASP T 430 -19.09 -48.94 -18.89
CA ASP T 430 -17.77 -49.01 -18.29
C ASP T 430 -17.61 -50.34 -17.57
N VAL T 431 -16.37 -50.84 -17.52
CA VAL T 431 -16.15 -52.22 -17.08
C VAL T 431 -16.07 -52.15 -15.56
N THR T 432 -17.23 -52.02 -14.94
CA THR T 432 -17.42 -52.19 -13.51
C THR T 432 -18.73 -52.86 -13.18
N ASP T 433 -19.67 -52.95 -14.11
CA ASP T 433 -20.96 -53.59 -13.89
C ASP T 433 -20.98 -55.03 -14.37
N PHE T 434 -20.31 -55.31 -15.49
CA PHE T 434 -20.17 -56.70 -15.92
C PHE T 434 -19.27 -57.48 -14.96
N VAL T 435 -18.25 -56.82 -14.41
CA VAL T 435 -17.39 -57.42 -13.41
C VAL T 435 -18.15 -57.69 -12.12
N ASN T 436 -18.99 -56.73 -11.70
CA ASN T 436 -19.75 -56.92 -10.48
C ASN T 436 -20.83 -57.97 -10.64
N TRP T 437 -21.46 -58.05 -11.82
CA TRP T 437 -22.41 -59.12 -12.05
C TRP T 437 -21.71 -60.47 -12.12
N ALA T 438 -20.49 -60.51 -12.67
CA ALA T 438 -19.77 -61.76 -12.76
C ALA T 438 -19.22 -62.20 -11.41
N SER T 439 -18.98 -61.26 -10.50
CA SER T 439 -18.68 -61.65 -9.13
C SER T 439 -19.95 -62.04 -8.38
N SER T 440 -21.08 -61.47 -8.78
CA SER T 440 -22.37 -61.82 -8.20
C SER T 440 -22.80 -63.23 -8.57
N ILE T 441 -22.41 -63.71 -9.75
CA ILE T 441 -22.91 -64.97 -10.27
C ILE T 441 -22.43 -66.18 -9.48
N ASN T 442 -21.44 -66.00 -8.60
CA ASN T 442 -21.04 -67.07 -7.70
C ASN T 442 -22.12 -67.35 -6.67
N ASP T 443 -22.91 -66.34 -6.30
CA ASP T 443 -23.94 -66.54 -5.29
C ASP T 443 -25.16 -67.27 -5.84
N ALA T 444 -25.68 -66.81 -6.99
CA ALA T 444 -26.94 -67.30 -7.54
C ALA T 444 -26.74 -67.84 -8.95
N PRO T 445 -26.33 -69.10 -9.07
CA PRO T 445 -26.15 -69.69 -10.40
C PRO T 445 -27.48 -70.13 -10.99
N VAL T 446 -27.49 -70.20 -12.32
CA VAL T 446 -28.67 -70.61 -13.09
C VAL T 446 -28.21 -71.60 -14.14
N LEU T 447 -28.85 -72.77 -14.18
CA LEU T 447 -28.48 -73.83 -15.11
C LEU T 447 -28.67 -73.36 -16.54
N ILE T 448 -27.70 -73.69 -17.40
CA ILE T 448 -27.64 -73.07 -18.72
C ILE T 448 -27.54 -74.08 -19.85
N SER T 449 -27.08 -75.31 -19.64
CA SER T 449 -26.92 -76.27 -20.71
C SER T 449 -26.85 -77.66 -20.09
N GLN T 450 -27.63 -78.59 -20.63
CA GLN T 450 -27.80 -79.88 -19.99
C GLN T 450 -27.88 -80.96 -21.04
N LYS T 451 -27.53 -82.17 -20.64
CA LYS T 451 -27.62 -83.36 -21.47
C LYS T 451 -28.56 -84.33 -20.78
N LEU T 452 -29.77 -84.46 -21.29
CA LEU T 452 -30.86 -85.12 -20.60
C LEU T 452 -30.65 -86.63 -20.56
N SER T 453 -31.54 -87.30 -19.83
CA SER T 453 -31.54 -88.75 -19.66
C SER T 453 -32.89 -89.12 -19.08
N PRO T 454 -33.54 -90.18 -19.57
CA PRO T 454 -34.91 -90.44 -19.17
C PRO T 454 -35.01 -90.99 -17.75
N ILE T 455 -36.13 -90.69 -17.10
CA ILE T 455 -36.29 -90.98 -15.68
C ILE T 455 -36.52 -92.46 -15.41
N TYR T 456 -36.84 -93.25 -16.44
CA TYR T 456 -36.87 -94.69 -16.26
C TYR T 456 -35.50 -95.33 -16.43
N ASN T 457 -34.44 -94.53 -16.49
CA ASN T 457 -33.08 -95.01 -16.32
C ASN T 457 -32.59 -94.74 -14.89
N LEU T 458 -33.54 -94.54 -13.98
CA LEU T 458 -33.23 -94.17 -12.61
C LEU T 458 -34.00 -94.97 -11.56
N VAL T 459 -35.14 -95.57 -11.93
CA VAL T 459 -35.93 -96.42 -11.05
C VAL T 459 -35.10 -97.63 -10.64
N PRO T 460 -34.91 -97.86 -9.34
CA PRO T 460 -34.05 -98.97 -8.90
C PRO T 460 -34.68 -100.32 -9.19
N VAL T 461 -33.81 -101.33 -9.22
CA VAL T 461 -34.22 -102.68 -9.61
C VAL T 461 -34.39 -103.57 -8.38
N LYS T 462 -33.87 -103.14 -7.22
CA LYS T 462 -34.04 -103.90 -5.98
C LYS T 462 -35.52 -103.98 -5.56
N MET T 463 -36.30 -102.94 -5.85
CA MET T 463 -37.69 -102.92 -5.45
C MET T 463 -38.54 -103.85 -6.31
N LYS T 464 -39.73 -104.16 -5.81
CA LYS T 464 -40.60 -105.14 -6.45
C LYS T 464 -41.32 -104.53 -7.64
N ASN T 465 -41.54 -105.37 -8.66
CA ASN T 465 -42.16 -104.99 -9.94
C ASN T 465 -41.43 -103.84 -10.61
N ALA T 466 -40.10 -103.89 -10.59
CA ALA T 466 -39.30 -102.79 -11.09
C ALA T 466 -39.36 -102.72 -12.61
N HIS T 467 -39.28 -103.86 -13.29
CA HIS T 467 -39.29 -103.86 -14.74
C HIS T 467 -40.66 -103.49 -15.29
N LEU T 468 -41.74 -103.85 -14.58
CA LEU T 468 -43.07 -103.48 -15.04
C LEU T 468 -43.29 -101.98 -14.91
N LYS T 469 -42.79 -101.37 -13.84
CA LYS T 469 -42.91 -99.92 -13.69
C LYS T 469 -42.01 -99.20 -14.69
N LYS T 470 -40.86 -99.78 -15.03
CA LYS T 470 -40.03 -99.18 -16.06
C LYS T 470 -40.68 -99.32 -17.43
N GLN T 471 -41.38 -100.43 -17.68
CA GLN T 471 -42.14 -100.61 -18.90
C GLN T 471 -43.31 -99.64 -18.99
N ASN T 472 -43.87 -99.27 -17.84
CA ASN T 472 -44.93 -98.26 -17.83
C ASN T 472 -44.36 -96.88 -18.12
N LEU T 473 -43.25 -96.54 -17.46
CA LEU T 473 -42.68 -95.21 -17.62
C LEU T 473 -41.98 -95.00 -18.95
N GLU T 474 -41.62 -96.07 -19.66
CA GLU T 474 -41.04 -95.87 -20.98
C GLU T 474 -42.09 -95.58 -22.03
N ARG T 475 -43.35 -95.93 -21.77
CA ARG T 475 -44.45 -95.57 -22.66
C ARG T 475 -45.18 -94.31 -22.21
N ALA T 476 -45.13 -94.00 -20.92
CA ALA T 476 -45.79 -92.81 -20.41
C ALA T 476 -45.13 -91.55 -20.94
N ILE T 477 -43.82 -91.58 -21.19
CA ILE T 477 -43.15 -90.42 -21.75
C ILE T 477 -43.53 -90.22 -23.21
N GLU T 478 -43.70 -91.32 -23.96
CA GLU T 478 -44.18 -91.21 -25.33
C GLU T 478 -45.61 -90.69 -25.39
N ASP T 479 -46.47 -91.18 -24.49
CA ASP T 479 -47.84 -90.67 -24.44
C ASP T 479 -47.91 -89.22 -23.98
N TYR T 480 -47.01 -88.82 -23.08
CA TYR T 480 -47.01 -87.44 -22.62
C TYR T 480 -46.50 -86.50 -23.71
N ILE T 481 -45.48 -86.92 -24.46
CA ILE T 481 -44.97 -86.05 -25.51
C ILE T 481 -45.88 -86.08 -26.72
N ASN T 482 -46.73 -87.10 -26.86
CA ASN T 482 -47.66 -87.11 -27.98
C ASN T 482 -48.91 -86.31 -27.67
N GLU T 483 -49.51 -86.51 -26.49
CA GLU T 483 -50.84 -85.97 -26.22
C GLU T 483 -50.81 -84.49 -25.88
N PHE T 484 -49.69 -83.95 -25.41
CA PHE T 484 -49.56 -82.51 -25.24
C PHE T 484 -48.66 -81.89 -26.30
N SER T 485 -48.51 -82.54 -27.44
CA SER T 485 -47.73 -81.98 -28.53
C SER T 485 -48.49 -80.81 -29.18
N VAL T 486 -47.72 -79.97 -29.90
CA VAL T 486 -48.31 -78.84 -30.59
C VAL T 486 -48.98 -79.26 -31.90
N ARG T 487 -48.75 -80.49 -32.34
CA ARG T 487 -49.24 -80.96 -33.64
C ARG T 487 -50.67 -81.46 -33.60
N LYS T 488 -51.46 -81.06 -32.61
CA LYS T 488 -52.90 -81.30 -32.64
C LYS T 488 -53.69 -80.05 -33.03
N CYS T 489 -53.21 -78.86 -32.64
CA CYS T 489 -53.86 -77.64 -33.03
C CYS T 489 -53.57 -77.33 -34.49
N HIS T 490 -54.60 -76.93 -35.23
CA HIS T 490 -54.44 -76.58 -36.62
C HIS T 490 -53.66 -75.28 -36.75
N THR T 491 -52.69 -75.26 -37.65
CA THR T 491 -51.69 -74.19 -37.68
C THR T 491 -52.29 -72.88 -38.17
N CYS T 492 -51.72 -71.78 -37.69
CA CYS T 492 -52.14 -70.46 -38.10
C CYS T 492 -51.47 -70.07 -39.41
N GLN T 493 -52.21 -69.32 -40.22
CA GLN T 493 -51.73 -68.90 -41.53
C GLN T 493 -50.84 -67.67 -41.40
N ASN T 494 -50.41 -67.15 -42.55
CA ASN T 494 -49.62 -65.92 -42.70
C ASN T 494 -48.28 -65.98 -41.97
N GLY T 495 -47.74 -67.18 -41.78
CA GLY T 495 -46.50 -67.32 -41.04
C GLY T 495 -46.64 -67.29 -39.53
N GLY T 496 -47.85 -67.50 -39.01
CA GLY T 496 -48.05 -67.50 -37.58
C GLY T 496 -47.59 -68.79 -36.93
N THR T 497 -46.64 -68.69 -36.01
CA THR T 497 -46.12 -69.85 -35.30
C THR T 497 -47.01 -70.17 -34.10
N VAL T 498 -47.57 -71.38 -34.09
CA VAL T 498 -48.47 -71.79 -33.03
C VAL T 498 -47.66 -72.21 -31.81
N ILE T 499 -48.13 -71.84 -30.63
CA ILE T 499 -47.46 -72.15 -29.37
C ILE T 499 -48.49 -72.74 -28.42
N LEU T 500 -48.28 -73.99 -28.01
CA LEU T 500 -49.14 -74.57 -27.00
C LEU T 500 -48.80 -73.96 -25.64
N MET T 501 -49.84 -73.48 -24.95
CA MET T 501 -49.66 -72.82 -23.66
C MET T 501 -50.98 -72.91 -22.91
N ASP T 502 -50.96 -73.55 -21.73
CA ASP T 502 -52.12 -73.75 -20.86
C ASP T 502 -53.22 -74.55 -21.57
N GLY T 503 -52.84 -75.41 -22.51
CA GLY T 503 -53.82 -76.08 -23.34
C GLY T 503 -54.61 -75.14 -24.23
N LYS T 504 -54.00 -74.04 -24.63
CA LYS T 504 -54.68 -73.00 -25.42
C LYS T 504 -53.67 -72.49 -26.45
N CYS T 505 -53.78 -72.99 -27.68
CA CYS T 505 -52.78 -72.75 -28.71
C CYS T 505 -52.88 -71.31 -29.19
N LEU T 506 -51.99 -70.47 -28.69
CA LEU T 506 -51.88 -69.08 -29.12
C LEU T 506 -50.82 -68.96 -30.20
N CYS T 507 -51.09 -68.14 -31.21
CA CYS T 507 -50.19 -67.94 -32.33
C CYS T 507 -49.54 -66.56 -32.26
N ALA T 508 -48.27 -66.49 -32.65
CA ALA T 508 -47.52 -65.24 -32.71
C ALA T 508 -47.37 -64.84 -34.18
N CYS T 509 -47.74 -63.60 -34.49
CA CYS T 509 -47.75 -63.07 -35.85
C CYS T 509 -46.52 -62.22 -36.11
N PRO T 510 -45.87 -62.38 -37.27
CA PRO T 510 -44.62 -61.65 -37.50
C PRO T 510 -44.78 -60.19 -37.92
N PHE T 511 -44.56 -59.28 -36.97
CA PHE T 511 -44.15 -57.89 -37.17
C PHE T 511 -45.17 -56.95 -37.80
N LYS T 512 -46.28 -57.46 -38.34
CA LYS T 512 -47.25 -56.58 -38.98
C LYS T 512 -48.70 -56.91 -38.65
N PHE T 513 -48.99 -58.08 -38.10
CA PHE T 513 -50.33 -58.61 -38.09
C PHE T 513 -50.85 -58.58 -36.66
N GLU T 514 -51.85 -57.76 -36.39
CA GLU T 514 -52.38 -57.65 -35.04
C GLU T 514 -53.49 -58.65 -34.75
N GLY T 515 -54.00 -59.34 -35.76
CA GLY T 515 -55.09 -60.25 -35.55
C GLY T 515 -54.66 -61.54 -34.90
N ILE T 516 -55.65 -62.26 -34.36
CA ILE T 516 -55.36 -63.53 -33.70
C ILE T 516 -54.97 -64.58 -34.74
N ALA T 517 -55.59 -64.54 -35.91
CA ALA T 517 -55.28 -65.44 -37.01
C ALA T 517 -54.31 -64.83 -38.01
N CYS T 518 -53.58 -63.77 -37.60
CA CYS T 518 -52.55 -63.10 -38.39
C CYS T 518 -53.12 -62.53 -39.70
N GLU T 519 -54.37 -62.10 -39.70
CA GLU T 519 -55.05 -61.74 -40.95
C GLU T 519 -54.90 -60.26 -41.30
N ILE T 520 -55.22 -59.37 -40.35
CA ILE T 520 -55.20 -57.94 -40.62
C ILE T 520 -53.76 -57.47 -40.77
N SER T 521 -53.50 -56.68 -41.82
CA SER T 521 -52.18 -56.19 -42.12
C SER T 521 -52.15 -54.66 -42.00
N LYS T 522 -50.96 -54.10 -42.15
CA LYS T 522 -50.79 -52.65 -42.12
C LYS T 522 -49.83 -52.21 -43.23
N SER U 18 -83.14 -49.09 -27.96
CA SER U 18 -82.14 -49.82 -27.21
C SER U 18 -82.55 -49.94 -25.74
N HIS U 19 -83.14 -51.08 -25.39
CA HIS U 19 -83.63 -51.29 -24.02
C HIS U 19 -83.68 -52.80 -23.76
N ILE U 20 -82.69 -53.31 -23.03
CA ILE U 20 -82.62 -54.71 -22.68
C ILE U 20 -82.62 -54.83 -21.15
N ASP U 21 -83.40 -55.75 -20.62
CA ASP U 21 -83.44 -55.99 -19.18
C ASP U 21 -83.00 -57.40 -18.87
N CYS U 22 -82.76 -57.66 -17.59
CA CYS U 22 -82.37 -58.98 -17.15
C CYS U 22 -83.56 -59.95 -17.20
N ARG U 23 -83.23 -61.23 -17.27
CA ARG U 23 -84.24 -62.28 -17.34
C ARG U 23 -83.85 -63.41 -16.40
N MET U 24 -84.84 -64.21 -16.01
CA MET U 24 -84.61 -65.37 -15.17
C MET U 24 -85.45 -66.54 -15.65
N SER U 25 -84.85 -67.72 -15.64
CA SER U 25 -85.58 -68.95 -15.82
C SER U 25 -86.40 -69.23 -14.57
N PRO U 26 -87.49 -69.99 -14.68
CA PRO U 26 -88.23 -70.38 -13.47
C PRO U 26 -87.47 -71.41 -12.67
N TRP U 27 -87.82 -71.50 -11.38
CA TRP U 27 -87.13 -72.41 -10.48
C TRP U 27 -87.47 -73.86 -10.81
N SER U 28 -86.60 -74.76 -10.38
CA SER U 28 -86.77 -76.18 -10.63
C SER U 28 -87.68 -76.78 -9.56
N GLU U 29 -87.72 -78.10 -9.49
CA GLU U 29 -88.48 -78.79 -8.47
C GLU U 29 -87.61 -79.06 -7.26
N TRP U 30 -88.25 -79.14 -6.09
CA TRP U 30 -87.55 -79.45 -4.85
C TRP U 30 -87.10 -80.90 -4.88
N SER U 31 -85.79 -81.13 -4.77
CA SER U 31 -85.24 -82.45 -5.10
C SER U 31 -85.50 -83.48 -3.99
N GLN U 32 -84.86 -83.30 -2.84
CA GLN U 32 -84.88 -84.29 -1.76
C GLN U 32 -84.21 -83.67 -0.54
N CYS U 33 -84.75 -83.99 0.64
CA CYS U 33 -84.03 -83.72 1.88
C CYS U 33 -82.73 -84.53 1.88
N ASP U 34 -81.61 -83.85 1.76
CA ASP U 34 -80.32 -84.49 1.91
C ASP U 34 -80.14 -84.84 3.38
N PRO U 35 -80.11 -86.12 3.74
CA PRO U 35 -80.27 -86.49 5.15
C PRO U 35 -79.06 -86.18 6.00
N CYS U 36 -77.88 -86.05 5.39
CA CYS U 36 -76.68 -85.71 6.12
C CYS U 36 -76.51 -84.21 6.31
N LEU U 37 -77.41 -83.39 5.75
CA LEU U 37 -77.39 -81.94 5.93
C LEU U 37 -78.74 -81.33 6.25
N ARG U 38 -79.84 -82.10 6.17
CA ARG U 38 -81.20 -81.69 6.55
C ARG U 38 -81.72 -80.51 5.74
N GLN U 39 -81.30 -80.40 4.48
CA GLN U 39 -81.71 -79.28 3.64
C GLN U 39 -81.98 -79.79 2.23
N MET U 40 -83.10 -79.39 1.65
CA MET U 40 -83.35 -79.64 0.23
C MET U 40 -82.99 -78.40 -0.57
N PHE U 41 -82.38 -78.62 -1.74
CA PHE U 41 -81.89 -77.55 -2.57
C PHE U 41 -82.69 -77.50 -3.87
N ARG U 42 -82.79 -76.31 -4.45
CA ARG U 42 -83.37 -76.17 -5.77
C ARG U 42 -82.71 -74.98 -6.44
N SER U 43 -82.83 -74.91 -7.76
CA SER U 43 -82.06 -73.94 -8.50
C SER U 43 -82.78 -73.54 -9.79
N ARG U 44 -82.12 -72.70 -10.56
CA ARG U 44 -82.59 -72.22 -11.84
C ARG U 44 -81.37 -71.78 -12.64
N SER U 45 -81.60 -71.12 -13.78
CA SER U 45 -80.50 -70.60 -14.57
C SER U 45 -80.74 -69.15 -14.96
N ILE U 46 -79.87 -68.60 -15.79
CA ILE U 46 -79.96 -67.22 -16.25
C ILE U 46 -80.03 -67.24 -17.76
N GLU U 47 -81.09 -66.65 -18.32
CA GLU U 47 -81.25 -66.64 -19.77
C GLU U 47 -80.43 -65.53 -20.42
N VAL U 48 -80.76 -64.28 -20.12
CA VAL U 48 -80.14 -63.13 -20.77
C VAL U 48 -79.79 -62.10 -19.70
N PHE U 49 -78.52 -61.72 -19.65
CA PHE U 49 -78.08 -60.68 -18.74
C PHE U 49 -78.54 -59.31 -19.21
N GLY U 50 -78.64 -58.37 -18.27
CA GLY U 50 -79.02 -57.03 -18.62
C GLY U 50 -77.95 -56.31 -19.40
N GLN U 51 -78.38 -55.42 -20.29
CA GLN U 51 -77.47 -54.78 -21.22
C GLN U 51 -78.10 -53.47 -21.66
N PHE U 52 -77.25 -52.50 -21.99
CA PHE U 52 -77.63 -51.17 -22.47
C PHE U 52 -78.53 -50.45 -21.46
N ASN U 53 -77.94 -50.17 -20.29
CA ASN U 53 -78.54 -49.34 -19.24
C ASN U 53 -79.86 -49.94 -18.74
N GLY U 54 -79.80 -51.20 -18.36
CA GLY U 54 -80.98 -51.93 -17.92
C GLY U 54 -80.80 -52.54 -16.55
N LYS U 55 -81.73 -53.41 -16.16
CA LYS U 55 -81.72 -53.98 -14.82
C LYS U 55 -80.66 -55.07 -14.71
N ARG U 56 -79.95 -55.06 -13.59
CA ARG U 56 -78.90 -56.03 -13.32
C ARG U 56 -79.50 -57.31 -12.76
N CYS U 57 -78.87 -58.44 -13.09
CA CYS U 57 -79.42 -59.75 -12.70
C CYS U 57 -79.18 -60.06 -11.23
N THR U 58 -78.01 -59.70 -10.70
CA THR U 58 -77.62 -59.83 -9.29
C THR U 58 -77.73 -61.26 -8.78
N ASP U 59 -77.19 -62.20 -9.57
CA ASP U 59 -76.65 -63.50 -9.13
C ASP U 59 -77.59 -64.31 -8.25
N ALA U 60 -78.84 -64.43 -8.69
CA ALA U 60 -79.89 -65.00 -7.85
C ALA U 60 -80.12 -66.48 -8.11
N VAL U 61 -79.07 -67.23 -8.42
CA VAL U 61 -79.18 -68.67 -8.63
C VAL U 61 -78.95 -69.39 -7.32
N GLY U 62 -79.52 -70.60 -7.21
CA GLY U 62 -79.37 -71.39 -6.02
C GLY U 62 -80.30 -70.99 -4.89
N ASP U 63 -80.84 -71.98 -4.17
CA ASP U 63 -81.79 -71.70 -3.11
C ASP U 63 -81.72 -72.84 -2.09
N ARG U 64 -81.98 -72.51 -0.84
CA ARG U 64 -81.91 -73.47 0.26
C ARG U 64 -83.18 -73.37 1.10
N ARG U 65 -83.54 -74.47 1.74
CA ARG U 65 -84.73 -74.50 2.59
C ARG U 65 -84.58 -75.65 3.58
N GLN U 66 -84.88 -75.37 4.85
CA GLN U 66 -84.73 -76.40 5.88
C GLN U 66 -85.85 -77.41 5.78
N CYS U 67 -85.52 -78.68 6.02
CA CYS U 67 -86.55 -79.72 6.09
C CYS U 67 -86.09 -80.79 7.06
N VAL U 68 -87.07 -81.44 7.68
CA VAL U 68 -86.80 -82.54 8.60
C VAL U 68 -86.31 -83.76 7.81
N PRO U 69 -85.27 -84.48 8.27
CA PRO U 69 -84.85 -85.68 7.55
C PRO U 69 -85.86 -86.81 7.67
N THR U 70 -86.53 -87.11 6.56
CA THR U 70 -87.57 -88.14 6.56
C THR U 70 -86.97 -89.55 6.55
N GLU U 71 -85.76 -89.71 6.02
CA GLU U 71 -85.07 -90.99 6.00
C GLU U 71 -83.59 -90.73 6.25
N PRO U 72 -83.10 -91.01 7.46
CA PRO U 72 -81.75 -90.55 7.83
C PRO U 72 -80.66 -91.37 7.16
N CYS U 73 -79.55 -90.69 6.88
CA CYS U 73 -78.38 -91.30 6.27
C CYS U 73 -77.49 -91.93 7.33
N GLU U 74 -76.49 -92.67 6.87
CA GLU U 74 -75.49 -93.19 7.79
C GLU U 74 -74.59 -92.05 8.29
N ASP U 75 -73.94 -92.30 9.42
CA ASP U 75 -73.08 -91.30 10.04
C ASP U 75 -71.84 -91.14 9.17
N ALA U 76 -71.79 -90.05 8.43
CA ALA U 76 -70.71 -89.81 7.46
C ALA U 76 -69.47 -89.35 8.21
N GLU U 77 -68.66 -90.32 8.63
CA GLU U 77 -67.36 -90.04 9.24
C GLU U 77 -66.35 -91.06 8.74
N ASP U 78 -65.11 -90.62 8.61
CA ASP U 78 -64.07 -91.47 8.05
C ASP U 78 -63.56 -92.46 9.10
N ASP U 79 -62.96 -93.54 8.59
CA ASP U 79 -62.46 -94.58 9.48
C ASP U 79 -61.20 -94.13 10.20
N CYS U 80 -60.28 -93.49 9.48
CA CYS U 80 -58.97 -93.05 9.97
C CYS U 80 -58.20 -94.23 10.55
N GLY U 81 -57.88 -95.18 9.67
CA GLY U 81 -57.38 -96.47 10.10
C GLY U 81 -55.92 -96.41 10.54
N ASN U 82 -55.66 -96.81 11.80
CA ASN U 82 -54.32 -96.96 12.38
C ASN U 82 -53.51 -95.66 12.35
N ASP U 83 -54.20 -94.53 12.38
CA ASP U 83 -53.56 -93.23 12.40
C ASP U 83 -54.09 -92.45 13.59
N PHE U 84 -53.23 -91.60 14.15
CA PHE U 84 -53.65 -90.76 15.26
C PHE U 84 -54.56 -89.66 14.74
N GLN U 85 -55.85 -89.78 15.02
CA GLN U 85 -56.78 -88.70 14.74
C GLN U 85 -56.49 -87.51 15.64
N CYS U 86 -56.76 -86.32 15.12
CA CYS U 86 -56.46 -85.09 15.82
C CYS U 86 -57.76 -84.38 16.18
N SER U 87 -57.63 -83.17 16.73
CA SER U 87 -58.79 -82.36 17.10
C SER U 87 -59.23 -81.43 15.98
N THR U 88 -58.94 -81.79 14.73
CA THR U 88 -59.40 -81.06 13.55
C THR U 88 -60.13 -81.95 12.56
N GLY U 89 -59.69 -83.20 12.40
CA GLY U 89 -60.16 -84.07 11.35
C GLY U 89 -59.06 -84.56 10.43
N ARG U 90 -57.82 -84.12 10.62
CA ARG U 90 -56.68 -84.59 9.86
C ARG U 90 -56.06 -85.77 10.58
N CYS U 91 -55.66 -86.79 9.82
CA CYS U 91 -55.08 -88.01 10.39
C CYS U 91 -53.60 -88.04 10.05
N ILE U 92 -52.76 -87.88 11.06
CA ILE U 92 -51.31 -87.93 10.88
C ILE U 92 -50.78 -89.25 11.44
N LYS U 93 -49.51 -89.50 11.19
CA LYS U 93 -48.86 -90.74 11.59
C LYS U 93 -48.30 -90.62 13.01
N MET U 94 -47.71 -91.71 13.49
CA MET U 94 -47.11 -91.72 14.82
C MET U 94 -45.72 -91.09 14.83
N ARG U 95 -45.05 -91.08 13.68
CA ARG U 95 -43.72 -90.46 13.55
C ARG U 95 -43.73 -88.97 13.83
N LEU U 96 -44.87 -88.32 13.63
CA LEU U 96 -45.01 -86.88 13.84
C LEU U 96 -45.29 -86.50 15.29
N ARG U 97 -45.15 -87.43 16.23
CA ARG U 97 -45.43 -87.15 17.63
C ARG U 97 -44.29 -86.35 18.26
N CYS U 98 -44.66 -85.23 18.90
CA CYS U 98 -43.74 -84.37 19.67
C CYS U 98 -42.59 -83.86 18.83
N ASN U 99 -42.82 -83.63 17.54
CA ASN U 99 -41.77 -83.21 16.63
C ASN U 99 -41.52 -81.72 16.66
N GLY U 100 -42.27 -80.96 17.43
CA GLY U 100 -42.14 -79.52 17.44
C GLY U 100 -42.71 -78.84 16.22
N ASP U 101 -43.54 -79.52 15.44
CA ASP U 101 -44.18 -78.94 14.27
C ASP U 101 -45.68 -79.09 14.39
N ASN U 102 -46.39 -78.02 14.05
CA ASN U 102 -47.84 -77.98 14.16
C ASN U 102 -48.50 -78.80 13.05
N ASP U 103 -48.66 -80.10 13.29
CA ASP U 103 -49.07 -81.05 12.27
C ASP U 103 -50.57 -81.30 12.24
N CYS U 104 -51.20 -81.42 13.40
CA CYS U 104 -52.65 -81.59 13.43
C CYS U 104 -53.38 -80.30 13.13
N GLY U 105 -52.73 -79.16 13.31
CA GLY U 105 -53.39 -77.88 13.11
C GLY U 105 -53.71 -77.21 14.43
N ASP U 106 -54.19 -78.00 15.40
CA ASP U 106 -54.46 -77.53 16.74
C ASP U 106 -53.43 -78.03 17.74
N PHE U 107 -52.16 -78.07 17.30
CA PHE U 107 -50.99 -78.09 18.18
C PHE U 107 -50.93 -79.35 19.02
N SER U 108 -51.34 -80.48 18.45
CA SER U 108 -51.45 -81.74 19.18
C SER U 108 -50.14 -82.52 19.21
N ASP U 109 -49.01 -81.84 19.04
CA ASP U 109 -47.70 -82.45 19.16
C ASP U 109 -46.86 -81.88 20.29
N GLU U 110 -46.83 -80.54 20.42
CA GLU U 110 -45.92 -79.88 21.35
C GLU U 110 -46.53 -79.69 22.73
N ASP U 111 -47.45 -80.55 23.14
CA ASP U 111 -48.06 -80.40 24.46
C ASP U 111 -48.03 -81.69 25.28
N ASP U 112 -48.06 -82.85 24.62
CA ASP U 112 -48.39 -84.09 25.31
C ASP U 112 -47.21 -84.64 26.07
N CYS U 113 -46.14 -85.00 25.37
CA CYS U 113 -45.11 -85.83 25.98
C CYS U 113 -44.07 -84.96 26.69
N GLU U 114 -43.33 -85.60 27.59
CA GLU U 114 -42.14 -85.02 28.20
C GLU U 114 -40.86 -85.49 27.51
N SER U 115 -40.99 -86.06 26.32
CA SER U 115 -39.85 -86.57 25.57
C SER U 115 -39.13 -85.42 24.86
N GLU U 116 -38.14 -85.76 24.04
CA GLU U 116 -37.39 -84.76 23.32
C GLU U 116 -38.26 -84.17 22.20
N PRO U 117 -38.08 -82.88 21.89
CA PRO U 117 -38.78 -82.31 20.73
C PRO U 117 -38.24 -82.81 19.40
N ARG U 118 -37.01 -83.38 19.39
CA ARG U 118 -36.23 -83.95 18.28
C ARG U 118 -36.44 -83.27 16.92
N PRO U 119 -36.03 -81.99 16.78
CA PRO U 119 -36.34 -81.27 15.54
C PRO U 119 -35.55 -81.80 14.37
N PRO U 120 -36.22 -82.17 13.28
CA PRO U 120 -35.49 -82.68 12.12
C PRO U 120 -34.59 -81.64 11.48
N CYS U 121 -35.01 -80.38 11.48
CA CYS U 121 -34.07 -79.30 11.25
C CYS U 121 -33.29 -79.08 12.54
N ARG U 122 -32.04 -79.49 12.55
CA ARG U 122 -31.16 -79.37 13.70
C ARG U 122 -30.62 -77.95 13.83
N ASP U 123 -29.53 -77.80 14.58
CA ASP U 123 -28.92 -76.50 14.88
C ASP U 123 -28.38 -75.71 13.68
N ARG U 124 -28.53 -76.26 12.46
CA ARG U 124 -28.30 -75.49 11.25
C ARG U 124 -29.25 -74.29 11.19
N VAL U 125 -28.78 -73.22 10.56
CA VAL U 125 -29.55 -71.98 10.46
C VAL U 125 -30.70 -72.23 9.48
N VAL U 126 -31.90 -72.36 10.02
CA VAL U 126 -33.09 -72.74 9.26
C VAL U 126 -34.22 -71.80 9.65
N GLU U 127 -34.85 -71.18 8.67
CA GLU U 127 -35.88 -70.18 8.89
C GLU U 127 -37.21 -70.67 8.36
N GLU U 128 -38.20 -69.78 8.33
CA GLU U 128 -39.46 -70.03 7.65
C GLU U 128 -39.51 -69.20 6.39
N SER U 129 -40.23 -69.70 5.38
CA SER U 129 -40.18 -69.11 4.06
C SER U 129 -41.09 -67.89 3.98
N GLU U 130 -41.12 -67.26 2.82
CA GLU U 130 -42.02 -66.16 2.53
C GLU U 130 -42.81 -66.36 1.26
N LEU U 131 -42.39 -67.25 0.37
CA LEU U 131 -43.04 -67.53 -0.90
C LEU U 131 -43.77 -68.84 -0.90
N ALA U 132 -43.29 -69.82 -0.14
CA ALA U 132 -43.90 -71.13 -0.13
C ALA U 132 -45.13 -71.20 0.75
N ARG U 133 -45.31 -70.26 1.67
CA ARG U 133 -46.38 -70.39 2.65
C ARG U 133 -47.75 -70.13 2.04
N THR U 134 -47.80 -69.43 0.92
CA THR U 134 -49.05 -69.13 0.22
C THR U 134 -49.04 -69.74 -1.16
N ALA U 135 -48.54 -70.97 -1.30
CA ALA U 135 -48.23 -71.53 -2.60
C ALA U 135 -49.42 -72.19 -3.30
N GLY U 136 -50.63 -71.91 -2.88
CA GLY U 136 -51.77 -72.42 -3.63
C GLY U 136 -52.23 -71.49 -4.72
N TYR U 137 -52.64 -70.28 -4.31
CA TYR U 137 -53.30 -69.30 -5.16
C TYR U 137 -54.42 -69.92 -5.99
N GLY U 138 -55.43 -70.44 -5.29
CA GLY U 138 -56.57 -71.06 -5.93
C GLY U 138 -57.34 -70.08 -6.77
N ILE U 139 -57.22 -70.20 -8.09
CA ILE U 139 -57.50 -69.12 -8.99
C ILE U 139 -58.89 -69.30 -9.56
N ASN U 140 -59.44 -68.22 -10.12
CA ASN U 140 -60.74 -68.25 -10.76
C ASN U 140 -60.56 -67.91 -12.24
N ILE U 141 -61.54 -68.31 -13.05
CA ILE U 141 -61.44 -68.20 -14.50
C ILE U 141 -61.49 -66.79 -15.03
N LEU U 142 -61.86 -65.80 -14.21
CA LEU U 142 -61.84 -64.42 -14.66
C LEU U 142 -60.41 -63.93 -14.87
N GLY U 143 -59.50 -64.30 -13.99
CA GLY U 143 -58.11 -63.90 -14.10
C GLY U 143 -57.52 -63.47 -12.78
N MET U 144 -58.39 -63.08 -11.84
CA MET U 144 -57.95 -62.67 -10.51
C MET U 144 -57.87 -63.88 -9.59
N ASP U 145 -56.99 -63.78 -8.59
CA ASP U 145 -56.56 -64.94 -7.80
C ASP U 145 -56.81 -64.79 -6.31
N PRO U 146 -57.87 -65.39 -5.77
CA PRO U 146 -58.01 -65.45 -4.31
C PRO U 146 -56.99 -66.42 -3.73
N LEU U 147 -56.33 -65.99 -2.65
CA LEU U 147 -55.27 -66.75 -1.99
C LEU U 147 -55.83 -67.85 -1.09
N SER U 148 -57.11 -68.17 -1.22
CA SER U 148 -57.78 -69.16 -0.38
C SER U 148 -57.22 -70.53 -0.76
N THR U 149 -56.05 -70.80 -0.20
CA THR U 149 -55.23 -71.92 -0.55
C THR U 149 -55.87 -73.21 -0.04
N PRO U 150 -56.22 -74.14 -0.92
CA PRO U 150 -56.71 -75.43 -0.42
C PRO U 150 -55.61 -76.22 0.23
N PHE U 151 -54.36 -75.99 -0.17
CA PHE U 151 -53.22 -76.64 0.44
C PHE U 151 -52.96 -76.09 1.83
N ASP U 152 -52.15 -76.82 2.59
CA ASP U 152 -51.72 -76.37 3.91
C ASP U 152 -50.20 -76.33 3.88
N ASN U 153 -49.64 -75.13 3.87
CA ASN U 153 -48.21 -74.93 3.77
C ASN U 153 -47.55 -74.74 5.13
N GLU U 154 -48.08 -75.40 6.15
CA GLU U 154 -47.40 -75.51 7.43
C GLU U 154 -47.05 -76.94 7.77
N PHE U 155 -47.53 -77.91 7.00
CA PHE U 155 -47.26 -79.31 7.25
C PHE U 155 -45.90 -79.65 6.68
N TYR U 156 -44.95 -80.01 7.54
CA TYR U 156 -43.60 -80.32 7.09
C TYR U 156 -43.31 -81.81 7.06
N ASN U 157 -44.11 -82.61 7.78
CA ASN U 157 -44.01 -84.08 7.82
C ASN U 157 -42.64 -84.55 8.31
N GLY U 158 -42.04 -83.79 9.21
CA GLY U 158 -40.80 -84.21 9.86
C GLY U 158 -39.59 -84.27 8.97
N LEU U 159 -39.54 -83.45 7.93
CA LEU U 159 -38.40 -83.41 7.02
C LEU U 159 -37.77 -82.03 7.03
N CYS U 160 -36.52 -81.97 6.61
CA CYS U 160 -35.76 -80.71 6.61
C CYS U 160 -35.04 -80.61 5.26
N ASN U 161 -35.71 -80.01 4.28
CA ASN U 161 -35.15 -79.79 2.96
C ASN U 161 -34.92 -78.31 2.78
N ARG U 162 -33.69 -77.92 2.52
CA ARG U 162 -33.32 -76.52 2.42
C ARG U 162 -33.30 -76.06 0.97
N ASP U 163 -33.72 -74.82 0.74
CA ASP U 163 -33.69 -74.19 -0.56
C ASP U 163 -33.10 -72.80 -0.42
N ARG U 164 -32.02 -72.53 -1.15
CA ARG U 164 -31.23 -71.34 -0.87
C ARG U 164 -31.89 -70.09 -1.43
N ASP U 165 -31.39 -68.96 -0.96
CA ASP U 165 -31.76 -67.65 -1.47
C ASP U 165 -30.53 -66.97 -2.05
N GLY U 166 -30.73 -66.21 -3.11
CA GLY U 166 -29.63 -65.52 -3.73
C GLY U 166 -29.15 -64.33 -2.95
N ASN U 167 -30.04 -63.37 -2.69
CA ASN U 167 -29.62 -62.10 -2.14
C ASN U 167 -29.34 -62.19 -0.65
N THR U 168 -30.29 -62.71 0.13
CA THR U 168 -30.18 -62.64 1.58
C THR U 168 -29.25 -63.71 2.17
N LEU U 169 -28.92 -64.74 1.39
CA LEU U 169 -28.06 -65.85 1.81
C LEU U 169 -28.59 -66.55 3.06
N THR U 170 -29.81 -67.05 2.95
CA THR U 170 -30.48 -67.76 4.03
C THR U 170 -30.76 -69.18 3.57
N TYR U 171 -31.50 -69.93 4.38
CA TYR U 171 -31.88 -71.30 4.06
C TYR U 171 -33.35 -71.49 4.44
N TYR U 172 -34.23 -71.21 3.49
CA TYR U 172 -35.65 -71.36 3.70
C TYR U 172 -36.02 -72.83 3.65
N ARG U 173 -37.24 -73.15 4.09
CA ARG U 173 -37.69 -74.53 4.10
C ARG U 173 -38.59 -74.83 2.91
N ARG U 174 -38.80 -76.12 2.70
CA ARG U 174 -39.69 -76.60 1.66
C ARG U 174 -40.84 -77.32 2.33
N PRO U 175 -42.04 -76.75 2.35
CA PRO U 175 -43.20 -77.47 2.89
C PRO U 175 -43.55 -78.68 2.05
N TRP U 176 -44.33 -79.58 2.65
CA TRP U 176 -44.62 -80.87 2.02
C TRP U 176 -45.47 -80.73 0.77
N ASN U 177 -46.27 -79.68 0.66
CA ASN U 177 -47.10 -79.54 -0.52
C ASN U 177 -46.36 -78.95 -1.71
N VAL U 178 -45.21 -78.33 -1.49
CA VAL U 178 -44.40 -77.78 -2.57
C VAL U 178 -43.36 -78.82 -2.96
N ALA U 179 -43.37 -79.24 -4.23
CA ALA U 179 -42.45 -80.26 -4.71
C ALA U 179 -41.13 -79.69 -5.19
N SER U 180 -41.11 -78.45 -5.66
CA SER U 180 -39.88 -77.83 -6.10
C SER U 180 -40.01 -76.32 -5.99
N LEU U 181 -38.89 -75.67 -5.69
CA LEU U 181 -38.89 -74.25 -5.41
C LEU U 181 -37.50 -73.70 -5.70
N ILE U 182 -37.34 -73.07 -6.84
CA ILE U 182 -36.08 -72.46 -7.21
C ILE U 182 -36.21 -70.97 -6.98
N TYR U 183 -35.08 -70.29 -6.80
CA TYR U 183 -35.01 -68.83 -6.79
C TYR U 183 -34.01 -68.42 -7.87
N GLU U 184 -34.49 -68.21 -9.09
CA GLU U 184 -33.64 -67.63 -10.12
C GLU U 184 -33.63 -66.12 -9.98
N THR U 185 -33.11 -65.43 -10.98
CA THR U 185 -33.29 -63.99 -11.09
C THR U 185 -33.41 -63.73 -12.59
N LYS U 186 -34.62 -63.76 -13.12
CA LYS U 186 -34.79 -63.76 -14.56
C LYS U 186 -35.44 -62.45 -14.96
N GLY U 187 -34.63 -61.49 -15.38
CA GLY U 187 -35.16 -60.22 -15.82
C GLY U 187 -35.35 -60.25 -17.33
N GLU U 188 -36.40 -59.59 -17.81
CA GLU U 188 -36.74 -59.73 -19.21
C GLU U 188 -37.54 -58.54 -19.68
N LYS U 189 -36.94 -57.68 -20.49
CA LYS U 189 -37.63 -56.50 -20.98
C LYS U 189 -37.93 -56.65 -22.47
N ASN U 190 -39.20 -56.62 -22.83
CA ASN U 190 -39.59 -56.37 -24.20
C ASN U 190 -39.74 -54.88 -24.40
N PHE U 191 -39.52 -54.43 -25.64
CA PHE U 191 -39.71 -53.05 -26.01
C PHE U 191 -40.13 -53.07 -27.47
N ARG U 192 -41.14 -52.29 -27.83
CA ARG U 192 -41.49 -52.12 -29.22
C ARG U 192 -41.81 -50.67 -29.48
N THR U 193 -41.56 -50.22 -30.69
CA THR U 193 -42.15 -48.98 -31.17
C THR U 193 -42.41 -49.08 -32.66
N GLU U 194 -43.68 -49.03 -33.02
CA GLU U 194 -44.09 -49.04 -34.42
C GLU U 194 -44.46 -47.65 -34.84
N HIS U 195 -44.46 -47.44 -36.14
CA HIS U 195 -44.72 -46.10 -36.67
C HIS U 195 -45.23 -46.27 -38.08
N TYR U 196 -46.34 -45.62 -38.40
CA TYR U 196 -46.86 -45.61 -39.75
C TYR U 196 -47.16 -44.18 -40.13
N GLU U 197 -46.98 -43.86 -41.41
CA GLU U 197 -47.25 -42.52 -41.86
C GLU U 197 -47.65 -42.60 -43.33
N GLU U 198 -48.58 -41.74 -43.75
CA GLU U 198 -48.97 -41.72 -45.15
C GLU U 198 -49.41 -40.30 -45.51
N GLN U 199 -48.60 -39.59 -46.28
CA GLN U 199 -49.06 -38.33 -46.85
C GLN U 199 -49.61 -38.60 -48.24
N ILE U 200 -50.56 -37.76 -48.67
CA ILE U 200 -51.01 -37.75 -50.05
C ILE U 200 -51.43 -36.34 -50.40
N GLU U 201 -51.00 -35.87 -51.57
CA GLU U 201 -51.36 -34.56 -52.08
C GLU U 201 -51.87 -34.73 -53.51
N ALA U 202 -53.18 -34.66 -53.69
CA ALA U 202 -53.78 -34.66 -55.01
C ALA U 202 -54.07 -33.24 -55.45
N PHE U 203 -54.18 -33.05 -56.76
CA PHE U 203 -54.18 -31.71 -57.34
C PHE U 203 -54.76 -31.78 -58.73
N LYS U 204 -55.66 -30.87 -59.07
CA LYS U 204 -56.27 -30.87 -60.40
C LYS U 204 -56.67 -29.45 -60.78
N SER U 205 -56.02 -28.88 -61.78
CA SER U 205 -56.29 -27.53 -62.26
C SER U 205 -56.79 -27.57 -63.69
N ILE U 206 -57.71 -26.66 -64.03
CA ILE U 206 -58.25 -26.52 -65.38
C ILE U 206 -58.34 -25.04 -65.71
N ILE U 207 -57.85 -24.65 -66.89
CA ILE U 207 -58.05 -23.30 -67.42
C ILE U 207 -58.68 -23.44 -68.79
N GLN U 208 -59.77 -22.71 -69.03
CA GLN U 208 -60.42 -22.71 -70.33
C GLN U 208 -60.62 -21.28 -70.79
N GLU U 209 -60.61 -21.08 -72.10
CA GLU U 209 -60.77 -19.74 -72.64
C GLU U 209 -61.27 -19.85 -74.07
N LYS U 210 -62.29 -19.06 -74.42
CA LYS U 210 -62.64 -18.84 -75.81
C LYS U 210 -62.78 -17.35 -76.04
N THR U 211 -62.22 -16.87 -77.14
CA THR U 211 -62.28 -15.46 -77.51
C THR U 211 -62.76 -15.41 -78.95
N SER U 212 -64.02 -15.08 -79.17
CA SER U 212 -64.60 -15.01 -80.50
C SER U 212 -64.86 -13.55 -80.88
N ASN U 213 -64.55 -13.20 -82.13
CA ASN U 213 -64.66 -11.81 -82.61
C ASN U 213 -65.16 -11.84 -84.05
N PHE U 214 -66.34 -11.28 -84.28
CA PHE U 214 -66.95 -11.23 -85.61
C PHE U 214 -67.12 -9.78 -86.01
N ASN U 215 -66.71 -9.43 -87.23
CA ASN U 215 -66.72 -8.04 -87.68
C ASN U 215 -67.28 -8.00 -89.09
N ALA U 216 -68.35 -7.24 -89.29
CA ALA U 216 -68.83 -6.98 -90.64
C ALA U 216 -68.34 -5.61 -91.09
N ALA U 217 -68.73 -5.23 -92.30
CA ALA U 217 -68.40 -3.91 -92.85
C ALA U 217 -69.41 -3.49 -93.92
N PHE U 249 -71.73 1.78 -91.26
CA PHE U 249 -72.10 0.52 -91.87
C PHE U 249 -71.24 -0.63 -91.37
N ARG U 250 -71.48 -1.12 -90.16
CA ARG U 250 -70.81 -2.32 -89.67
C ARG U 250 -71.67 -2.97 -88.60
N PHE U 251 -71.14 -4.05 -88.02
CA PHE U 251 -71.75 -4.78 -86.91
C PHE U 251 -70.67 -5.66 -86.32
N SER U 252 -70.43 -5.53 -85.02
CA SER U 252 -69.45 -6.36 -84.34
C SER U 252 -70.14 -7.28 -83.34
N TYR U 253 -69.44 -8.34 -82.97
CA TYR U 253 -69.95 -9.27 -81.96
C TYR U 253 -68.74 -9.96 -81.34
N SER U 254 -68.44 -9.63 -80.09
CA SER U 254 -67.29 -10.18 -79.41
C SER U 254 -67.76 -11.00 -78.20
N LYS U 255 -66.88 -11.88 -77.74
CA LYS U 255 -67.11 -12.66 -76.54
C LYS U 255 -65.76 -13.14 -76.04
N ASN U 256 -65.52 -12.99 -74.74
CA ASN U 256 -64.27 -13.43 -74.11
C ASN U 256 -64.64 -14.22 -72.86
N GLU U 257 -64.92 -15.52 -73.02
CA GLU U 257 -65.26 -16.35 -71.88
C GLU U 257 -63.98 -16.96 -71.33
N THR U 258 -63.81 -16.88 -70.01
CA THR U 258 -62.59 -17.33 -69.35
C THR U 258 -62.99 -18.14 -68.11
N TYR U 259 -63.00 -19.46 -68.24
CA TYR U 259 -63.34 -20.34 -67.14
C TYR U 259 -62.07 -20.79 -66.46
N GLN U 260 -62.17 -21.05 -65.15
CA GLN U 260 -61.05 -21.63 -64.43
C GLN U 260 -61.63 -22.56 -63.37
N LEU U 261 -60.82 -23.51 -62.93
CA LEU U 261 -61.21 -24.47 -61.92
C LEU U 261 -59.93 -24.96 -61.26
N PHE U 262 -60.03 -25.29 -59.97
CA PHE U 262 -58.83 -25.57 -59.20
C PHE U 262 -59.25 -26.43 -58.02
N LEU U 263 -58.56 -27.53 -57.79
CA LEU U 263 -58.88 -28.39 -56.66
C LEU U 263 -57.60 -28.94 -56.06
N SER U 264 -57.50 -28.92 -54.73
CA SER U 264 -56.42 -29.56 -54.01
C SER U 264 -57.00 -30.60 -53.07
N TYR U 265 -56.13 -31.48 -52.57
CA TYR U 265 -56.50 -32.41 -51.51
C TYR U 265 -55.19 -32.82 -50.83
N SER U 266 -54.86 -32.19 -49.72
CA SER U 266 -53.55 -32.40 -49.10
C SER U 266 -53.75 -33.02 -47.73
N SER U 267 -53.88 -34.35 -47.68
CA SER U 267 -54.22 -35.03 -46.43
C SER U 267 -53.08 -35.93 -46.02
N LYS U 268 -52.67 -35.81 -44.76
CA LYS U 268 -51.71 -36.74 -44.19
C LYS U 268 -52.37 -37.57 -43.11
N LYS U 269 -51.75 -38.69 -42.78
CA LYS U 269 -52.17 -39.53 -41.68
C LYS U 269 -50.92 -40.05 -40.99
N GLU U 270 -51.08 -40.41 -39.72
CA GLU U 270 -49.98 -40.88 -38.90
C GLU U 270 -50.57 -41.80 -37.85
N LYS U 271 -49.80 -42.82 -37.46
CA LYS U 271 -50.30 -43.74 -36.43
C LYS U 271 -49.09 -44.37 -35.75
N MET U 272 -48.81 -43.94 -34.54
CA MET U 272 -47.65 -44.43 -33.80
C MET U 272 -48.10 -45.59 -32.92
N PHE U 273 -47.15 -46.23 -32.27
CA PHE U 273 -47.42 -47.24 -31.24
C PHE U 273 -46.15 -47.42 -30.46
N LEU U 274 -46.27 -47.69 -29.17
CA LEU U 274 -45.12 -47.97 -28.34
C LEU U 274 -45.57 -49.00 -27.32
N HIS U 275 -44.63 -49.81 -26.81
CA HIS U 275 -45.01 -50.87 -25.87
C HIS U 275 -43.78 -51.29 -25.08
N VAL U 276 -43.64 -50.82 -23.88
CA VAL U 276 -42.61 -51.33 -22.99
C VAL U 276 -43.24 -52.46 -22.19
N LYS U 277 -42.48 -53.51 -21.84
CA LYS U 277 -43.02 -54.51 -20.92
C LYS U 277 -41.85 -55.19 -20.22
N GLY U 278 -41.56 -54.78 -18.99
CA GLY U 278 -40.43 -55.40 -18.33
C GLY U 278 -40.77 -56.34 -17.20
N GLU U 279 -40.75 -57.64 -17.44
CA GLU U 279 -41.01 -58.59 -16.38
C GLU U 279 -39.77 -58.82 -15.55
N ILE U 280 -39.96 -59.17 -14.29
CA ILE U 280 -38.89 -59.56 -13.39
C ILE U 280 -39.36 -60.79 -12.64
N HIS U 281 -38.71 -61.93 -12.83
CA HIS U 281 -39.14 -63.15 -12.18
C HIS U 281 -38.18 -63.47 -11.06
N LEU U 282 -38.72 -63.82 -9.90
CA LEU U 282 -37.94 -64.38 -8.80
C LEU U 282 -38.50 -65.77 -8.54
N GLY U 283 -37.99 -66.75 -9.26
CA GLY U 283 -38.30 -68.12 -8.96
C GLY U 283 -39.69 -68.56 -9.37
N ARG U 284 -40.07 -69.73 -8.87
CA ARG U 284 -41.31 -70.39 -9.26
C ARG U 284 -41.61 -71.45 -8.21
N PHE U 285 -42.64 -72.27 -8.46
CA PHE U 285 -42.98 -73.37 -7.58
C PHE U 285 -43.81 -74.38 -8.37
N VAL U 286 -43.78 -75.63 -7.91
CA VAL U 286 -44.59 -76.69 -8.50
C VAL U 286 -45.21 -77.49 -7.35
N MET U 287 -46.53 -77.56 -7.32
CA MET U 287 -47.21 -78.26 -6.24
C MET U 287 -47.24 -79.76 -6.54
N ARG U 288 -47.76 -80.54 -5.60
CA ARG U 288 -47.81 -81.98 -5.75
C ARG U 288 -49.20 -82.43 -6.18
N ASN U 289 -49.36 -83.75 -6.34
CA ASN U 289 -50.60 -84.33 -6.82
C ASN U 289 -51.09 -85.53 -6.04
N ARG U 290 -50.23 -86.23 -5.31
CA ARG U 290 -50.65 -87.38 -4.50
C ARG U 290 -50.09 -87.22 -3.10
N ASP U 291 -50.81 -87.78 -2.12
CA ASP U 291 -50.53 -87.67 -0.69
C ASP U 291 -50.43 -86.21 -0.25
N VAL U 292 -51.39 -85.43 -0.69
CA VAL U 292 -51.43 -83.99 -0.47
C VAL U 292 -52.27 -83.72 0.76
N VAL U 293 -51.79 -82.89 1.67
CA VAL U 293 -52.59 -82.46 2.82
C VAL U 293 -53.35 -81.19 2.45
N LEU U 294 -54.57 -81.09 2.96
CA LEU U 294 -55.41 -79.93 2.72
C LEU U 294 -55.67 -79.23 4.05
N THR U 295 -56.06 -77.96 3.97
CA THR U 295 -56.27 -77.19 5.18
C THR U 295 -57.55 -77.61 5.87
N THR U 296 -57.75 -77.10 7.09
CA THR U 296 -58.87 -77.54 7.91
C THR U 296 -60.19 -77.00 7.39
N THR U 297 -60.20 -75.77 6.91
CA THR U 297 -61.43 -75.11 6.45
C THR U 297 -61.84 -75.50 5.04
N PHE U 298 -61.33 -76.61 4.51
CA PHE U 298 -61.64 -77.00 3.14
C PHE U 298 -62.15 -78.42 3.05
N VAL U 299 -61.64 -79.33 3.89
CA VAL U 299 -62.17 -80.68 3.95
C VAL U 299 -63.59 -80.67 4.48
N ASP U 300 -63.90 -79.75 5.40
CA ASP U 300 -65.27 -79.61 5.89
C ASP U 300 -66.20 -79.11 4.79
N ASP U 301 -65.75 -78.16 3.98
CA ASP U 301 -66.61 -77.64 2.92
C ASP U 301 -66.76 -78.62 1.77
N ILE U 302 -65.82 -79.54 1.59
CA ILE U 302 -66.09 -80.65 0.67
C ILE U 302 -67.07 -81.62 1.31
N LYS U 303 -66.94 -81.85 2.62
CA LYS U 303 -67.84 -82.77 3.32
C LYS U 303 -69.26 -82.25 3.41
N ALA U 304 -69.48 -80.95 3.24
CA ALA U 304 -70.81 -80.35 3.28
C ALA U 304 -71.42 -80.17 1.89
N LEU U 305 -70.99 -80.97 0.92
CA LEU U 305 -71.57 -80.87 -0.41
C LEU U 305 -72.75 -81.83 -0.56
N PRO U 306 -73.80 -81.45 -1.30
CA PRO U 306 -75.09 -82.16 -1.18
C PRO U 306 -75.15 -83.53 -1.84
N THR U 307 -74.09 -83.96 -2.55
CA THR U 307 -73.81 -85.33 -2.98
C THR U 307 -74.75 -85.82 -4.09
N THR U 308 -75.82 -85.08 -4.40
CA THR U 308 -76.83 -85.53 -5.35
C THR U 308 -76.91 -84.66 -6.60
N TYR U 309 -75.85 -83.88 -6.86
CA TYR U 309 -75.84 -82.77 -7.82
C TYR U 309 -77.03 -81.84 -7.57
N GLU U 310 -76.96 -81.17 -6.44
CA GLU U 310 -77.85 -80.06 -6.16
C GLU U 310 -77.13 -78.77 -6.50
N LYS U 311 -77.66 -78.04 -7.49
CA LYS U 311 -76.94 -77.00 -8.19
C LYS U 311 -76.65 -75.77 -7.31
N GLY U 312 -77.37 -75.60 -6.21
CA GLY U 312 -77.25 -74.39 -5.43
C GLY U 312 -75.95 -74.28 -4.63
N GLU U 313 -75.45 -75.40 -4.13
CA GLU U 313 -74.29 -75.37 -3.24
C GLU U 313 -72.98 -75.25 -4.01
N TYR U 314 -72.90 -75.83 -5.21
CA TYR U 314 -71.64 -75.86 -5.94
C TYR U 314 -71.26 -74.50 -6.50
N PHE U 315 -72.25 -73.66 -6.85
CA PHE U 315 -71.94 -72.31 -7.27
C PHE U 315 -71.51 -71.42 -6.12
N ALA U 316 -71.79 -71.80 -4.88
CA ALA U 316 -71.21 -71.10 -3.75
C ALA U 316 -69.81 -71.63 -3.43
N PHE U 317 -69.61 -72.94 -3.60
CA PHE U 317 -68.30 -73.52 -3.33
C PHE U 317 -67.25 -73.04 -4.33
N LEU U 318 -67.62 -72.97 -5.61
CA LEU U 318 -66.66 -72.61 -6.64
C LEU U 318 -66.30 -71.13 -6.61
N GLU U 319 -67.08 -70.30 -5.93
CA GLU U 319 -66.70 -68.92 -5.73
C GLU U 319 -66.25 -68.63 -4.32
N THR U 320 -66.31 -69.62 -3.43
CA THR U 320 -65.59 -69.51 -2.17
C THR U 320 -64.13 -69.91 -2.34
N TYR U 321 -63.86 -71.03 -3.02
CA TYR U 321 -62.51 -71.54 -3.12
C TYR U 321 -61.96 -71.56 -4.54
N GLY U 322 -62.54 -70.77 -5.43
CA GLY U 322 -62.02 -70.69 -6.78
C GLY U 322 -62.32 -71.89 -7.65
N THR U 323 -62.03 -71.76 -8.94
CA THR U 323 -62.33 -72.85 -9.87
C THR U 323 -61.13 -73.76 -10.06
N HIS U 324 -59.92 -73.20 -10.17
CA HIS U 324 -58.72 -73.98 -10.36
C HIS U 324 -57.69 -73.58 -9.32
N TYR U 325 -56.70 -74.43 -9.10
CA TYR U 325 -55.57 -74.07 -8.25
C TYR U 325 -54.31 -74.00 -9.09
N SER U 326 -53.45 -73.03 -8.79
CA SER U 326 -52.24 -72.84 -9.57
C SER U 326 -51.21 -73.92 -9.24
N SER U 327 -51.21 -74.99 -10.02
CA SER U 327 -50.30 -76.09 -9.79
C SER U 327 -48.87 -75.77 -10.17
N SER U 328 -48.62 -74.69 -10.93
CA SER U 328 -47.26 -74.30 -11.26
C SER U 328 -47.25 -72.80 -11.56
N GLY U 329 -46.81 -72.00 -10.60
CA GLY U 329 -46.78 -70.57 -10.76
C GLY U 329 -45.39 -70.03 -11.05
N SER U 330 -45.28 -68.71 -11.00
CA SER U 330 -44.00 -68.01 -11.14
C SER U 330 -44.21 -66.61 -10.58
N LEU U 331 -43.58 -66.30 -9.46
CA LEU U 331 -43.88 -65.05 -8.79
C LEU U 331 -43.03 -63.93 -9.37
N GLY U 332 -43.06 -62.76 -8.74
CA GLY U 332 -42.43 -61.57 -9.29
C GLY U 332 -43.28 -60.88 -10.32
N GLY U 333 -43.34 -59.56 -10.31
CA GLY U 333 -44.35 -58.87 -11.11
C GLY U 333 -43.86 -57.86 -12.12
N LEU U 334 -44.71 -57.57 -13.10
CA LEU U 334 -44.35 -56.82 -14.29
C LEU U 334 -44.68 -55.35 -14.16
N TYR U 335 -44.38 -54.61 -15.22
CA TYR U 335 -44.95 -53.30 -15.46
C TYR U 335 -45.17 -53.19 -16.96
N GLU U 336 -45.82 -52.12 -17.39
CA GLU U 336 -46.22 -52.01 -18.79
C GLU U 336 -46.61 -50.58 -19.12
N LEU U 337 -46.12 -50.08 -20.24
CA LEU U 337 -46.60 -48.84 -20.82
C LEU U 337 -47.20 -49.17 -22.18
N ILE U 338 -48.19 -48.38 -22.60
CA ILE U 338 -48.74 -48.42 -23.95
C ILE U 338 -49.01 -46.98 -24.36
N TYR U 339 -48.58 -46.58 -25.54
CA TYR U 339 -48.70 -45.21 -26.00
C TYR U 339 -49.30 -45.23 -27.40
N VAL U 340 -50.61 -45.14 -27.52
CA VAL U 340 -51.25 -45.23 -28.83
C VAL U 340 -51.58 -43.82 -29.27
N LEU U 341 -50.78 -43.28 -30.16
CA LEU U 341 -51.16 -42.02 -30.77
C LEU U 341 -51.99 -42.32 -32.01
N ASP U 342 -52.65 -41.29 -32.53
CA ASP U 342 -53.38 -41.36 -33.78
C ASP U 342 -53.55 -39.93 -34.26
N LYS U 343 -53.41 -39.73 -35.55
CA LYS U 343 -53.58 -38.41 -36.12
C LYS U 343 -54.27 -38.57 -37.45
N ALA U 344 -55.09 -37.60 -37.82
CA ALA U 344 -55.66 -37.58 -39.16
C ALA U 344 -55.92 -36.12 -39.53
N SER U 345 -54.96 -35.50 -40.18
CA SER U 345 -55.25 -34.22 -40.78
C SER U 345 -56.02 -34.45 -42.08
N MET U 346 -56.62 -33.38 -42.60
CA MET U 346 -57.20 -33.39 -43.93
C MET U 346 -57.39 -31.95 -44.37
N LYS U 347 -56.98 -31.63 -45.58
CA LYS U 347 -57.41 -30.40 -46.21
C LYS U 347 -58.20 -30.75 -47.45
N ARG U 348 -59.00 -29.80 -47.91
CA ARG U 348 -59.52 -29.82 -49.27
C ARG U 348 -59.88 -28.39 -49.63
N LYS U 349 -59.77 -28.07 -50.91
CA LYS U 349 -59.98 -26.71 -51.36
C LYS U 349 -60.89 -26.71 -52.58
N GLY U 350 -61.17 -25.51 -53.08
CA GLY U 350 -61.78 -25.33 -54.37
C GLY U 350 -61.77 -23.86 -54.72
N VAL U 351 -61.25 -23.52 -55.90
CA VAL U 351 -61.12 -22.14 -56.34
C VAL U 351 -61.73 -22.07 -57.73
N GLU U 352 -62.86 -21.41 -57.86
CA GLU U 352 -63.61 -21.39 -59.09
C GLU U 352 -63.73 -19.95 -59.57
N LEU U 353 -63.79 -19.77 -60.89
CA LEU U 353 -63.71 -18.42 -61.44
C LEU U 353 -64.37 -18.41 -62.81
N LYS U 354 -65.13 -17.35 -63.09
CA LYS U 354 -65.81 -17.21 -64.37
C LYS U 354 -65.77 -15.75 -64.79
N ASP U 355 -65.88 -15.53 -66.10
CA ASP U 355 -65.75 -14.20 -66.69
C ASP U 355 -66.39 -14.23 -68.08
N ILE U 356 -67.16 -13.19 -68.38
CA ILE U 356 -67.72 -12.96 -69.71
C ILE U 356 -67.56 -11.48 -70.02
N LYS U 357 -66.82 -11.16 -71.06
CA LYS U 357 -66.54 -9.76 -71.43
C LYS U 357 -67.09 -9.53 -72.83
N ARG U 358 -68.37 -9.20 -72.93
CA ARG U 358 -69.01 -8.96 -74.22
C ARG U 358 -68.87 -7.50 -74.61
N CYS U 359 -69.01 -7.26 -75.91
CA CYS U 359 -68.96 -5.91 -76.44
C CYS U 359 -69.77 -5.87 -77.72
N LEU U 360 -70.14 -4.66 -78.14
CA LEU U 360 -70.76 -4.43 -79.44
C LEU U 360 -70.61 -2.96 -79.75
N GLY U 361 -70.51 -2.64 -81.04
CA GLY U 361 -70.46 -1.26 -81.44
C GLY U 361 -70.43 -1.07 -82.94
N TYR U 362 -71.19 -0.11 -83.45
CA TYR U 362 -71.17 0.15 -84.89
C TYR U 362 -71.43 1.61 -85.20
N HIS U 363 -70.71 2.09 -86.22
CA HIS U 363 -70.92 3.35 -86.89
C HIS U 363 -71.84 3.14 -88.08
N LEU U 364 -72.88 3.95 -88.19
CA LEU U 364 -73.80 3.87 -89.32
C LEU U 364 -74.01 5.24 -89.95
N PHE U 379 -74.19 8.95 -86.82
CA PHE U 379 -74.80 7.93 -85.99
C PHE U 379 -73.70 7.10 -85.33
N ASN U 380 -73.97 6.56 -84.15
CA ASN U 380 -73.06 5.64 -83.47
C ASN U 380 -73.85 4.92 -82.39
N LYS U 381 -73.54 3.64 -82.16
CA LYS U 381 -74.07 2.96 -80.99
C LYS U 381 -73.00 1.99 -80.50
N ASP U 382 -72.86 1.85 -79.19
CA ASP U 382 -72.00 0.82 -78.65
C ASP U 382 -72.45 0.46 -77.23
N ASP U 383 -71.98 -0.70 -76.77
CA ASP U 383 -72.07 -1.07 -75.38
C ASP U 383 -70.94 -2.03 -75.05
N CYS U 384 -70.60 -2.09 -73.77
CA CYS U 384 -69.60 -3.01 -73.25
C CYS U 384 -70.18 -3.64 -71.98
N VAL U 385 -70.22 -4.97 -71.94
CA VAL U 385 -70.81 -5.69 -70.82
C VAL U 385 -69.71 -6.53 -70.20
N LYS U 386 -69.59 -6.47 -68.88
CA LYS U 386 -68.64 -7.32 -68.16
C LYS U 386 -69.37 -8.06 -67.07
N ARG U 387 -68.98 -9.31 -66.84
CA ARG U 387 -69.52 -10.10 -65.74
C ARG U 387 -68.39 -10.98 -65.24
N GLY U 388 -68.23 -11.07 -63.92
CA GLY U 388 -67.18 -11.90 -63.36
C GLY U 388 -67.54 -12.45 -62.01
N GLU U 389 -67.48 -13.77 -61.87
CA GLU U 389 -67.82 -14.43 -60.62
C GLU U 389 -66.60 -15.14 -60.07
N GLY U 390 -66.50 -15.20 -58.75
CA GLY U 390 -65.43 -15.93 -58.12
C GLY U 390 -65.97 -16.69 -56.93
N ARG U 391 -65.52 -17.92 -56.73
CA ARG U 391 -65.94 -18.71 -55.58
C ARG U 391 -64.72 -19.37 -54.96
N ALA U 392 -64.78 -19.57 -53.65
CA ALA U 392 -63.66 -20.22 -52.98
C ALA U 392 -64.18 -20.97 -51.76
N VAL U 393 -63.64 -22.16 -51.53
CA VAL U 393 -63.96 -22.98 -50.37
C VAL U 393 -62.65 -23.55 -49.85
N ASN U 394 -62.37 -23.35 -48.57
CA ASN U 394 -61.32 -24.09 -47.87
C ASN U 394 -61.97 -24.87 -46.76
N ILE U 395 -61.65 -26.16 -46.65
CA ILE U 395 -62.15 -26.99 -45.56
C ILE U 395 -60.97 -27.72 -44.95
N THR U 396 -60.66 -27.42 -43.70
CA THR U 396 -59.47 -27.96 -43.05
C THR U 396 -59.91 -28.71 -41.80
N SER U 397 -59.95 -30.03 -41.86
CA SER U 397 -60.33 -30.84 -40.72
C SER U 397 -59.11 -31.46 -40.07
N GLU U 398 -59.25 -31.80 -38.80
CA GLU U 398 -58.18 -32.45 -38.07
C GLU U 398 -58.74 -33.26 -36.92
N ASN U 399 -58.28 -34.50 -36.80
CA ASN U 399 -58.52 -35.34 -35.65
C ASN U 399 -57.18 -35.68 -35.03
N LEU U 400 -57.16 -35.80 -33.70
CA LEU U 400 -55.99 -36.27 -33.00
C LEU U 400 -56.46 -37.06 -31.80
N ILE U 401 -55.82 -38.17 -31.52
CA ILE U 401 -56.13 -39.01 -30.37
C ILE U 401 -54.81 -39.38 -29.73
N ASP U 402 -54.74 -39.31 -28.41
CA ASP U 402 -53.63 -39.87 -27.68
C ASP U 402 -54.21 -40.73 -26.55
N ASP U 403 -53.79 -41.98 -26.50
CA ASP U 403 -54.02 -42.85 -25.36
C ASP U 403 -52.69 -43.15 -24.73
N VAL U 404 -52.66 -43.19 -23.41
CA VAL U 404 -51.54 -43.72 -22.65
C VAL U 404 -52.15 -44.65 -21.61
N VAL U 405 -51.60 -45.84 -21.48
CA VAL U 405 -51.94 -46.74 -20.38
C VAL U 405 -50.66 -47.08 -19.67
N SER U 406 -50.67 -47.07 -18.36
CA SER U 406 -49.57 -47.61 -17.59
C SER U 406 -50.11 -48.54 -16.53
N LEU U 407 -49.37 -49.61 -16.26
CA LEU U 407 -49.77 -50.59 -15.28
C LEU U 407 -48.50 -51.05 -14.58
N ILE U 408 -48.61 -51.35 -13.29
CA ILE U 408 -47.44 -51.80 -12.54
C ILE U 408 -47.89 -52.66 -11.38
N ARG U 409 -47.28 -53.84 -11.24
CA ARG U 409 -47.65 -54.79 -10.20
C ARG U 409 -46.44 -55.10 -9.37
N GLY U 410 -46.66 -55.50 -8.12
CA GLY U 410 -45.57 -55.91 -7.27
C GLY U 410 -44.71 -54.79 -6.71
N GLY U 411 -44.17 -55.00 -5.52
CA GLY U 411 -43.23 -54.05 -4.94
C GLY U 411 -43.83 -53.29 -3.77
N THR U 412 -42.94 -52.58 -3.08
CA THR U 412 -43.36 -51.78 -1.95
C THR U 412 -44.07 -50.53 -2.48
N ARG U 413 -44.84 -49.90 -1.60
CA ARG U 413 -45.68 -48.76 -1.96
C ARG U 413 -44.86 -47.53 -2.33
N LYS U 414 -43.62 -47.43 -1.87
CA LYS U 414 -42.89 -46.17 -1.99
C LYS U 414 -42.10 -46.06 -3.28
N TYR U 415 -41.60 -47.16 -3.83
CA TYR U 415 -40.73 -47.07 -5.01
C TYR U 415 -41.48 -47.31 -6.32
N ALA U 416 -42.51 -48.16 -6.31
CA ALA U 416 -43.23 -48.50 -7.52
C ALA U 416 -43.96 -47.29 -8.09
N PHE U 417 -44.48 -46.43 -7.23
CA PHE U 417 -45.23 -45.28 -7.69
C PHE U 417 -44.34 -44.08 -7.90
N GLU U 418 -43.07 -44.17 -7.54
CA GLU U 418 -42.06 -43.32 -8.14
C GLU U 418 -41.78 -43.77 -9.57
N LEU U 419 -41.67 -45.10 -9.77
CA LEU U 419 -41.30 -45.66 -11.07
C LEU U 419 -42.37 -45.39 -12.12
N LYS U 420 -43.65 -45.49 -11.74
CA LYS U 420 -44.74 -45.31 -12.71
C LYS U 420 -44.77 -43.88 -13.26
N GLU U 421 -44.63 -42.90 -12.38
CA GLU U 421 -44.58 -41.53 -12.84
C GLU U 421 -43.27 -41.18 -13.54
N LYS U 422 -42.17 -41.87 -13.22
CA LYS U 422 -40.97 -41.65 -14.02
C LYS U 422 -41.09 -42.27 -15.41
N LEU U 423 -41.94 -43.30 -15.56
CA LEU U 423 -42.26 -43.79 -16.89
C LEU U 423 -43.09 -42.77 -17.66
N LEU U 424 -44.18 -42.31 -17.06
CA LEU U 424 -45.16 -41.53 -17.81
C LEU U 424 -44.74 -40.07 -18.04
N ARG U 425 -43.65 -39.64 -17.42
CA ARG U 425 -43.13 -38.31 -17.71
C ARG U 425 -42.57 -38.23 -19.13
N GLY U 426 -42.08 -39.34 -19.65
CA GLY U 426 -41.49 -39.38 -20.96
C GLY U 426 -39.99 -39.14 -20.97
N THR U 427 -39.45 -38.54 -19.92
CA THR U 427 -38.01 -38.35 -19.82
C THR U 427 -37.32 -39.68 -19.54
N VAL U 428 -36.00 -39.68 -19.70
CA VAL U 428 -35.23 -40.88 -19.45
C VAL U 428 -35.13 -41.11 -17.95
N ILE U 429 -35.20 -42.39 -17.55
CA ILE U 429 -35.13 -42.77 -16.15
C ILE U 429 -33.70 -43.18 -15.86
N ASP U 430 -33.04 -42.46 -14.97
CA ASP U 430 -31.72 -42.86 -14.49
C ASP U 430 -31.84 -44.18 -13.74
N VAL U 431 -30.78 -44.99 -13.79
CA VAL U 431 -30.88 -46.37 -13.32
C VAL U 431 -30.62 -46.31 -11.82
N THR U 432 -31.64 -45.87 -11.10
CA THR U 432 -31.70 -45.96 -9.66
C THR U 432 -33.11 -46.27 -9.16
N ASP U 433 -34.13 -46.12 -10.00
CA ASP U 433 -35.51 -46.39 -9.62
C ASP U 433 -35.96 -47.78 -10.03
N PHE U 434 -35.50 -48.25 -11.20
CA PHE U 434 -35.77 -49.63 -11.59
C PHE U 434 -35.01 -50.59 -10.70
N VAL U 435 -33.80 -50.22 -10.28
CA VAL U 435 -33.03 -51.03 -9.35
C VAL U 435 -33.70 -51.06 -7.97
N ASN U 436 -34.20 -49.92 -7.51
CA ASN U 436 -34.85 -49.88 -6.21
C ASN U 436 -36.19 -50.62 -6.23
N TRP U 437 -36.93 -50.54 -7.33
CA TRP U 437 -38.14 -51.33 -7.43
C TRP U 437 -37.83 -52.82 -7.52
N ALA U 438 -36.73 -53.17 -8.17
CA ALA U 438 -36.38 -54.57 -8.29
C ALA U 438 -35.81 -55.13 -6.99
N SER U 439 -35.24 -54.26 -6.14
CA SER U 439 -34.92 -54.71 -4.79
C SER U 439 -36.15 -54.74 -3.91
N SER U 440 -37.13 -53.91 -4.22
CA SER U 440 -38.39 -53.89 -3.49
C SER U 440 -39.22 -55.15 -3.77
N ILE U 441 -39.08 -55.73 -4.96
CA ILE U 441 -39.96 -56.83 -5.37
C ILE U 441 -39.72 -58.10 -4.59
N ASN U 442 -38.63 -58.19 -3.83
CA ASN U 442 -38.43 -59.30 -2.91
C ASN U 442 -39.43 -59.27 -1.78
N ASP U 443 -39.89 -58.09 -1.37
CA ASP U 443 -40.82 -57.99 -0.25
C ASP U 443 -42.23 -58.39 -0.66
N ALA U 444 -42.74 -57.83 -1.76
CA ALA U 444 -44.14 -57.97 -2.16
C ALA U 444 -44.23 -58.57 -3.57
N PRO U 445 -44.18 -59.90 -3.68
CA PRO U 445 -44.31 -60.52 -4.99
C PRO U 445 -45.75 -60.60 -5.44
N VAL U 446 -45.94 -60.69 -6.75
CA VAL U 446 -47.24 -60.78 -7.38
C VAL U 446 -47.18 -61.88 -8.42
N LEU U 447 -48.10 -62.83 -8.36
CA LEU U 447 -48.11 -63.96 -9.28
C LEU U 447 -48.33 -63.48 -10.70
N ILE U 448 -47.58 -64.06 -11.64
CA ILE U 448 -47.50 -63.50 -12.98
C ILE U 448 -47.78 -64.51 -14.09
N SER U 449 -47.63 -65.81 -13.86
CA SER U 449 -47.85 -66.80 -14.90
C SER U 449 -48.07 -68.14 -14.25
N GLN U 450 -49.12 -68.84 -14.67
CA GLN U 450 -49.55 -70.04 -13.96
C GLN U 450 -50.02 -71.07 -14.95
N LYS U 451 -49.96 -72.33 -14.54
CA LYS U 451 -50.44 -73.45 -15.32
C LYS U 451 -51.52 -74.13 -14.49
N LEU U 452 -52.77 -73.95 -14.89
CA LEU U 452 -53.91 -74.29 -14.06
C LEU U 452 -54.10 -75.80 -13.98
N SER U 453 -55.05 -76.22 -13.14
CA SER U 453 -55.41 -77.60 -12.92
C SER U 453 -56.75 -77.61 -12.19
N PRO U 454 -57.68 -78.46 -12.57
CA PRO U 454 -59.05 -78.35 -12.03
C PRO U 454 -59.13 -78.84 -10.59
N ILE U 455 -60.06 -78.24 -9.84
CA ILE U 455 -60.12 -78.46 -8.40
C ILE U 455 -60.70 -79.83 -8.05
N TYR U 456 -61.33 -80.52 -9.00
CA TYR U 456 -61.71 -81.90 -8.76
C TYR U 456 -60.58 -82.88 -9.04
N ASN U 457 -59.37 -82.39 -9.24
CA ASN U 457 -58.16 -83.20 -9.19
C ASN U 457 -57.48 -83.05 -7.84
N LEU U 458 -58.23 -82.60 -6.83
CA LEU U 458 -57.70 -82.30 -5.51
C LEU U 458 -58.53 -82.87 -4.38
N VAL U 459 -59.82 -83.15 -4.60
CA VAL U 459 -60.71 -83.75 -3.61
C VAL U 459 -60.18 -85.14 -3.23
N PRO U 460 -59.92 -85.40 -1.96
CA PRO U 460 -59.33 -86.67 -1.56
C PRO U 460 -60.32 -87.82 -1.73
N VAL U 461 -59.75 -89.02 -1.82
CA VAL U 461 -60.53 -90.23 -2.10
C VAL U 461 -60.80 -91.02 -0.83
N LYS U 462 -60.07 -90.75 0.26
CA LYS U 462 -60.29 -91.39 1.54
C LYS U 462 -61.68 -91.09 2.10
N MET U 463 -62.20 -89.89 1.85
CA MET U 463 -63.49 -89.49 2.39
C MET U 463 -64.64 -90.18 1.65
N LYS U 464 -65.81 -90.16 2.28
CA LYS U 464 -66.95 -90.88 1.77
C LYS U 464 -67.62 -90.12 0.64
N ASN U 465 -68.16 -90.89 -0.32
CA ASN U 465 -68.80 -90.38 -1.55
C ASN U 465 -67.87 -89.47 -2.33
N ALA U 466 -66.59 -89.86 -2.44
CA ALA U 466 -65.60 -89.02 -3.08
C ALA U 466 -65.80 -88.94 -4.57
N HIS U 467 -66.10 -90.08 -5.21
CA HIS U 467 -66.26 -90.10 -6.65
C HIS U 467 -67.53 -89.39 -7.08
N LEU U 468 -68.58 -89.44 -6.25
CA LEU U 468 -69.82 -88.74 -6.59
C LEU U 468 -69.62 -87.22 -6.51
N LYS U 469 -68.87 -86.77 -5.50
CA LYS U 469 -68.59 -85.33 -5.40
C LYS U 469 -67.65 -84.88 -6.51
N LYS U 470 -66.74 -85.74 -6.94
CA LYS U 470 -65.89 -85.40 -8.08
C LYS U 470 -66.69 -85.38 -9.37
N GLN U 471 -67.67 -86.27 -9.50
CA GLN U 471 -68.59 -86.27 -10.64
C GLN U 471 -69.47 -85.02 -10.64
N ASN U 472 -69.79 -84.50 -9.46
CA ASN U 472 -70.54 -83.25 -9.40
C ASN U 472 -69.66 -82.07 -9.79
N LEU U 473 -68.44 -82.02 -9.26
CA LEU U 473 -67.57 -80.89 -9.51
C LEU U 473 -66.99 -80.89 -10.92
N GLU U 474 -66.99 -82.03 -11.62
CA GLU U 474 -66.52 -82.01 -12.99
C GLU U 474 -67.56 -81.46 -13.95
N ARG U 475 -68.84 -81.46 -13.55
CA ARG U 475 -69.89 -80.83 -14.35
C ARG U 475 -70.22 -79.43 -13.87
N ALA U 476 -69.96 -79.13 -12.60
CA ALA U 476 -70.22 -77.79 -12.09
C ALA U 476 -69.32 -76.75 -12.73
N ILE U 477 -68.10 -77.14 -13.10
CA ILE U 477 -67.21 -76.20 -13.76
C ILE U 477 -67.69 -75.93 -15.19
N GLU U 478 -68.21 -76.95 -15.87
CA GLU U 478 -68.79 -76.74 -17.20
C GLU U 478 -70.03 -75.86 -17.13
N ASP U 479 -70.89 -76.09 -16.13
CA ASP U 479 -72.07 -75.25 -15.97
C ASP U 479 -71.70 -73.82 -15.57
N TYR U 480 -70.65 -73.66 -14.77
CA TYR U 480 -70.24 -72.32 -14.37
C TYR U 480 -69.62 -71.56 -15.53
N ILE U 481 -68.83 -72.24 -16.36
CA ILE U 481 -68.22 -71.55 -17.49
C ILE U 481 -69.23 -71.35 -18.62
N ASN U 482 -70.33 -72.11 -18.63
CA ASN U 482 -71.34 -71.90 -19.64
C ASN U 482 -72.31 -70.79 -19.25
N GLU U 483 -72.81 -70.83 -18.01
CA GLU U 483 -73.90 -69.94 -17.64
C GLU U 483 -73.47 -68.51 -17.34
N PHE U 484 -72.20 -68.28 -17.02
CA PHE U 484 -71.68 -66.93 -16.91
C PHE U 484 -70.77 -66.57 -18.07
N SER U 485 -70.92 -67.25 -19.21
CA SER U 485 -70.14 -66.93 -20.39
C SER U 485 -70.63 -65.62 -21.01
N VAL U 486 -69.76 -65.02 -21.82
CA VAL U 486 -70.11 -63.78 -22.51
C VAL U 486 -70.99 -64.02 -23.72
N ARG U 487 -71.14 -65.28 -24.14
CA ARG U 487 -71.86 -65.61 -25.35
C ARG U 487 -73.37 -65.72 -25.15
N LYS U 488 -73.91 -65.11 -24.11
CA LYS U 488 -75.35 -64.97 -23.98
C LYS U 488 -75.83 -63.56 -24.33
N CYS U 489 -75.03 -62.55 -24.05
CA CYS U 489 -75.37 -61.18 -24.42
C CYS U 489 -75.17 -60.99 -25.92
N HIS U 490 -76.13 -60.34 -26.55
CA HIS U 490 -76.03 -60.06 -27.99
C HIS U 490 -74.97 -59.00 -28.23
N THR U 491 -74.12 -59.25 -29.23
CA THR U 491 -72.89 -58.49 -29.39
C THR U 491 -73.18 -57.07 -29.88
N CYS U 492 -72.29 -56.15 -29.50
CA CYS U 492 -72.39 -54.77 -29.92
C CYS U 492 -71.80 -54.59 -31.31
N GLN U 493 -72.39 -53.69 -32.07
CA GLN U 493 -71.96 -53.42 -33.43
C GLN U 493 -70.77 -52.46 -33.43
N ASN U 494 -70.34 -52.09 -34.64
CA ASN U 494 -69.29 -51.12 -34.92
C ASN U 494 -67.94 -51.51 -34.33
N GLY U 495 -67.71 -52.81 -34.14
CA GLY U 495 -66.48 -53.27 -33.52
C GLY U 495 -66.44 -53.18 -32.02
N GLY U 496 -67.60 -53.06 -31.38
CA GLY U 496 -67.64 -52.99 -29.93
C GLY U 496 -67.47 -54.33 -29.27
N THR U 497 -66.44 -54.48 -28.46
CA THR U 497 -66.16 -55.73 -27.75
C THR U 497 -66.98 -55.79 -26.47
N VAL U 498 -67.82 -56.82 -26.35
CA VAL U 498 -68.68 -56.97 -25.19
C VAL U 498 -67.88 -57.57 -24.05
N ILE U 499 -68.11 -57.07 -22.82
CA ILE U 499 -67.42 -57.53 -21.63
C ILE U 499 -68.46 -57.82 -20.56
N LEU U 500 -68.54 -59.07 -20.14
CA LEU U 500 -69.41 -59.40 -19.02
C LEU U 500 -68.78 -58.87 -17.73
N MET U 501 -69.57 -58.14 -16.95
CA MET U 501 -69.10 -57.54 -15.71
C MET U 501 -70.31 -57.26 -14.84
N ASP U 502 -70.32 -57.86 -13.64
CA ASP U 502 -71.40 -57.75 -12.65
C ASP U 502 -72.73 -58.24 -13.21
N GLY U 503 -72.70 -59.18 -14.15
CA GLY U 503 -73.91 -59.58 -14.85
C GLY U 503 -74.50 -58.49 -15.70
N LYS U 504 -73.68 -57.57 -16.21
CA LYS U 504 -74.14 -56.41 -16.96
C LYS U 504 -73.16 -56.19 -18.10
N CYS U 505 -73.52 -56.68 -19.29
CA CYS U 505 -72.61 -56.71 -20.43
C CYS U 505 -72.38 -55.30 -20.95
N LEU U 506 -71.25 -54.72 -20.58
CA LEU U 506 -70.83 -53.41 -21.07
C LEU U 506 -69.90 -53.58 -22.26
N CYS U 507 -70.05 -52.72 -23.26
CA CYS U 507 -69.24 -52.78 -24.47
C CYS U 507 -68.26 -51.63 -24.53
N ALA U 508 -67.07 -51.90 -25.03
CA ALA U 508 -66.04 -50.89 -25.23
C ALA U 508 -65.93 -50.56 -26.71
N CYS U 509 -66.00 -49.26 -27.04
CA CYS U 509 -66.03 -48.78 -28.41
C CYS U 509 -64.65 -48.28 -28.83
N PRO U 510 -64.19 -48.62 -30.03
CA PRO U 510 -62.82 -48.24 -30.42
C PRO U 510 -62.65 -46.80 -30.88
N PHE U 511 -62.10 -45.97 -29.99
CA PHE U 511 -61.36 -44.74 -30.29
C PHE U 511 -62.18 -43.56 -30.84
N LYS U 512 -63.42 -43.77 -31.25
CA LYS U 512 -64.19 -42.68 -31.82
C LYS U 512 -65.63 -42.61 -31.35
N PHE U 513 -66.15 -43.65 -30.72
CA PHE U 513 -67.59 -43.81 -30.56
C PHE U 513 -67.92 -43.64 -29.08
N GLU U 514 -68.64 -42.58 -28.75
CA GLU U 514 -68.97 -42.31 -27.36
C GLU U 514 -70.26 -42.99 -26.92
N GLY U 515 -71.04 -43.54 -27.85
CA GLY U 515 -72.31 -44.12 -27.50
C GLY U 515 -72.16 -45.47 -26.84
N ILE U 516 -73.24 -45.91 -26.18
CA ILE U 516 -73.23 -47.19 -25.50
C ILE U 516 -73.23 -48.32 -26.53
N ALA U 517 -73.94 -48.13 -27.63
CA ALA U 517 -73.98 -49.10 -28.71
C ALA U 517 -73.00 -48.77 -29.84
N CYS U 518 -71.99 -47.95 -29.53
CA CYS U 518 -70.92 -47.56 -30.46
C CYS U 518 -71.44 -46.89 -31.73
N GLU U 519 -72.54 -46.14 -31.62
CA GLU U 519 -73.22 -45.63 -32.80
C GLU U 519 -72.74 -44.25 -33.22
N ILE U 520 -72.71 -43.30 -32.29
CA ILE U 520 -72.35 -41.93 -32.62
C ILE U 520 -70.86 -41.84 -32.93
N SER U 521 -70.53 -41.16 -34.02
CA SER U 521 -69.15 -41.04 -34.47
C SER U 521 -68.72 -39.58 -34.41
N LYS U 522 -67.45 -39.35 -34.71
CA LYS U 522 -66.90 -38.00 -34.76
C LYS U 522 -65.98 -37.83 -35.97
N SER V 18 -95.51 -25.90 -17.61
CA SER V 18 -94.65 -26.86 -16.93
C SER V 18 -94.93 -26.84 -15.43
N HIS V 19 -95.75 -27.78 -14.97
CA HIS V 19 -96.13 -27.84 -13.56
C HIS V 19 -96.54 -29.28 -13.24
N ILE V 20 -95.65 -30.02 -12.59
CA ILE V 20 -95.91 -31.40 -12.18
C ILE V 20 -95.76 -31.48 -10.68
N ASP V 21 -96.70 -32.16 -10.02
CA ASP V 21 -96.66 -32.37 -8.59
C ASP V 21 -96.57 -33.84 -8.26
N CYS V 22 -96.26 -34.14 -7.00
CA CYS V 22 -96.19 -35.52 -6.55
C CYS V 22 -97.58 -36.14 -6.44
N ARG V 23 -97.61 -37.46 -6.49
CA ARG V 23 -98.85 -38.22 -6.42
C ARG V 23 -98.68 -39.39 -5.48
N MET V 24 -99.79 -39.89 -4.97
CA MET V 24 -99.78 -41.07 -4.11
C MET V 24 -100.94 -41.98 -4.46
N SER V 25 -100.67 -43.28 -4.46
CA SER V 25 -101.72 -44.28 -4.52
C SER V 25 -102.44 -44.32 -3.18
N PRO V 26 -103.70 -44.76 -3.15
CA PRO V 26 -104.38 -44.93 -1.87
C PRO V 26 -103.83 -46.12 -1.10
N TRP V 27 -104.05 -46.10 0.21
CA TRP V 27 -103.54 -47.14 1.08
C TRP V 27 -104.27 -48.46 0.84
N SER V 28 -103.62 -49.55 1.21
CA SER V 28 -104.19 -50.87 1.04
C SER V 28 -105.10 -51.21 2.23
N GLU V 29 -105.48 -52.46 2.34
CA GLU V 29 -106.27 -52.92 3.47
C GLU V 29 -105.37 -53.40 4.60
N TRP V 30 -105.89 -53.30 5.82
CA TRP V 30 -105.16 -53.76 6.99
C TRP V 30 -105.12 -55.29 6.98
N SER V 31 -103.91 -55.84 6.97
CA SER V 31 -103.76 -57.26 6.64
C SER V 31 -104.15 -58.18 7.79
N GLN V 32 -103.37 -58.16 8.88
CA GLN V 32 -103.53 -59.09 9.99
C GLN V 32 -102.61 -58.66 11.11
N CYS V 33 -103.07 -58.81 12.36
CA CYS V 33 -102.17 -58.73 13.50
C CYS V 33 -101.15 -59.85 13.41
N ASP V 34 -99.90 -59.48 13.15
CA ASP V 34 -98.81 -60.44 13.20
C ASP V 34 -98.58 -60.82 14.65
N PRO V 35 -98.85 -62.05 15.06
CA PRO V 35 -98.94 -62.35 16.50
C PRO V 35 -97.61 -62.35 17.21
N CYS V 36 -96.51 -62.54 16.48
CA CYS V 36 -95.19 -62.53 17.07
C CYS V 36 -94.62 -61.12 17.18
N LEU V 37 -95.33 -60.10 16.68
CA LEU V 37 -94.92 -58.70 16.81
C LEU V 37 -96.02 -57.75 17.23
N ARG V 38 -97.28 -58.21 17.30
CA ARG V 38 -98.44 -57.46 17.79
C ARG V 38 -98.72 -56.19 16.99
N GLN V 39 -98.42 -56.20 15.69
CA GLN V 39 -98.61 -55.03 14.85
C GLN V 39 -99.15 -55.47 13.50
N MET V 40 -100.19 -54.79 13.01
CA MET V 40 -100.65 -54.98 11.65
C MET V 40 -100.06 -53.90 10.75
N PHE V 41 -99.66 -54.28 9.55
CA PHE V 41 -99.00 -53.38 8.63
C PHE V 41 -99.89 -53.15 7.42
N ARG V 42 -99.73 -51.98 6.80
CA ARG V 42 -100.41 -51.70 5.53
C ARG V 42 -99.53 -50.74 4.76
N SER V 43 -99.77 -50.65 3.46
CA SER V 43 -98.85 -49.92 2.59
C SER V 43 -99.57 -49.37 1.38
N ARG V 44 -98.80 -48.74 0.51
CA ARG V 44 -99.27 -48.16 -0.74
C ARG V 44 -98.07 -48.07 -1.67
N SER V 45 -98.24 -47.39 -2.80
CA SER V 45 -97.13 -47.19 -3.72
C SER V 45 -97.03 -45.73 -4.13
N ILE V 46 -96.13 -45.43 -5.07
CA ILE V 46 -95.92 -44.09 -5.57
C ILE V 46 -96.15 -44.09 -7.07
N GLU V 47 -97.08 -43.26 -7.54
CA GLU V 47 -97.38 -43.23 -8.96
C GLU V 47 -96.37 -42.38 -9.73
N VAL V 48 -96.33 -41.08 -9.46
CA VAL V 48 -95.51 -40.14 -10.21
C VAL V 48 -94.79 -39.23 -9.23
N PHE V 49 -93.46 -39.19 -9.32
CA PHE V 49 -92.67 -38.29 -8.50
C PHE V 49 -92.82 -36.86 -8.97
N GLY V 50 -92.57 -35.92 -8.06
CA GLY V 50 -92.63 -34.52 -8.42
C GLY V 50 -91.49 -34.13 -9.33
N GLN V 51 -91.77 -33.17 -10.21
CA GLN V 51 -90.82 -32.79 -11.25
C GLN V 51 -91.13 -31.37 -11.67
N PHE V 52 -90.10 -30.65 -12.13
CA PHE V 52 -90.18 -29.28 -12.61
C PHE V 52 -90.74 -28.33 -11.55
N ASN V 53 -89.99 -28.22 -10.45
CA ASN V 53 -90.22 -27.24 -9.39
C ASN V 53 -91.59 -27.46 -8.74
N GLY V 54 -91.83 -28.70 -8.32
CA GLY V 54 -93.10 -29.08 -7.73
C GLY V 54 -92.94 -29.71 -6.36
N LYS V 55 -94.01 -30.30 -5.85
CA LYS V 55 -94.01 -30.83 -4.49
C LYS V 55 -93.27 -32.16 -4.44
N ARG V 56 -92.46 -32.33 -3.40
CA ARG V 56 -91.68 -33.53 -3.20
C ARG V 56 -92.53 -34.60 -2.53
N CYS V 57 -92.25 -35.87 -2.89
CA CYS V 57 -93.07 -36.97 -2.39
C CYS V 57 -92.78 -37.31 -0.94
N THR V 58 -91.49 -37.27 -0.56
CA THR V 58 -91.02 -37.48 0.83
C THR V 58 -91.43 -38.83 1.40
N ASP V 59 -91.25 -39.89 0.60
CA ASP V 59 -91.01 -41.28 1.03
C ASP V 59 -92.04 -41.80 2.04
N ALA V 60 -93.32 -41.60 1.73
CA ALA V 60 -94.39 -41.86 2.68
C ALA V 60 -95.01 -43.24 2.51
N VAL V 61 -94.23 -44.24 2.12
CA VAL V 61 -94.74 -45.59 1.98
C VAL V 61 -94.57 -46.34 3.29
N GLY V 62 -95.41 -47.36 3.50
CA GLY V 62 -95.35 -48.14 4.71
C GLY V 62 -96.03 -47.51 5.90
N ASP V 63 -96.71 -48.30 6.71
CA ASP V 63 -97.45 -47.78 7.86
C ASP V 63 -97.57 -48.88 8.90
N ARG V 64 -97.60 -48.48 10.16
CA ARG V 64 -97.67 -49.41 11.28
C ARG V 64 -98.76 -48.97 12.23
N ARG V 65 -99.33 -49.93 12.96
CA ARG V 65 -100.38 -49.64 13.92
C ARG V 65 -100.43 -50.77 14.93
N GLN V 66 -100.52 -50.42 16.22
CA GLN V 66 -100.53 -51.43 17.26
C GLN V 66 -101.88 -52.11 17.31
N CYS V 67 -101.87 -53.41 17.58
CA CYS V 67 -103.11 -54.16 17.78
C CYS V 67 -102.85 -55.29 18.75
N VAL V 68 -103.89 -55.66 19.48
CA VAL V 68 -103.82 -56.79 20.42
C VAL V 68 -103.75 -58.10 19.63
N PRO V 69 -102.90 -59.06 20.02
CA PRO V 69 -102.88 -60.34 19.30
C PRO V 69 -104.13 -61.17 19.57
N THR V 70 -104.97 -61.29 18.53
CA THR V 70 -106.23 -62.02 18.68
C THR V 70 -106.03 -63.52 18.66
N GLU V 71 -104.96 -64.00 18.02
CA GLU V 71 -104.64 -65.42 17.98
C GLU V 71 -103.12 -65.55 18.09
N PRO V 72 -102.59 -65.93 19.24
CA PRO V 72 -101.14 -65.85 19.45
C PRO V 72 -100.37 -66.94 18.72
N CYS V 73 -99.16 -66.57 18.30
CA CYS V 73 -98.26 -67.47 17.60
C CYS V 73 -97.46 -68.30 18.59
N GLU V 74 -96.74 -69.29 18.07
CA GLU V 74 -95.81 -70.05 18.90
C GLU V 74 -94.62 -69.18 19.26
N ASP V 75 -93.93 -69.56 20.33
CA ASP V 75 -92.77 -68.82 20.83
C ASP V 75 -91.63 -69.00 19.84
N ALA V 76 -91.38 -67.96 19.04
CA ALA V 76 -90.38 -68.02 17.97
C ALA V 76 -89.00 -67.91 18.57
N GLU V 77 -88.42 -69.05 18.93
CA GLU V 77 -87.05 -69.11 19.41
C GLU V 77 -86.39 -70.37 18.85
N ASP V 78 -85.10 -70.27 18.58
CA ASP V 78 -84.38 -71.37 17.96
C ASP V 78 -84.04 -72.44 18.98
N ASP V 79 -83.79 -73.66 18.47
CA ASP V 79 -83.49 -74.79 19.34
C ASP V 79 -82.09 -74.66 19.92
N CYS V 80 -81.12 -74.29 19.08
CA CYS V 80 -79.69 -74.20 19.42
C CYS V 80 -79.20 -75.55 19.97
N GLY V 81 -79.23 -76.56 19.10
CA GLY V 81 -79.04 -77.93 19.53
C GLY V 81 -77.58 -78.24 19.82
N ASN V 82 -77.30 -78.68 21.05
CA ASN V 82 -75.99 -79.18 21.51
C ASN V 82 -74.88 -78.13 21.36
N ASP V 83 -75.25 -76.86 21.40
CA ASP V 83 -74.29 -75.77 21.30
C ASP V 83 -74.47 -74.87 22.52
N PHE V 84 -73.37 -74.28 22.95
CA PHE V 84 -73.43 -73.33 24.07
C PHE V 84 -74.07 -72.04 23.59
N GLN V 85 -75.31 -71.81 24.01
CA GLN V 85 -75.96 -70.53 23.77
C GLN V 85 -75.28 -69.44 24.59
N CYS V 86 -75.29 -68.24 24.06
CA CYS V 86 -74.60 -67.11 24.67
C CYS V 86 -75.63 -66.09 25.13
N SER V 87 -75.13 -64.95 25.63
CA SER V 87 -75.99 -63.86 26.07
C SER V 87 -76.29 -62.87 24.96
N THR V 88 -76.24 -63.30 23.71
CA THR V 88 -76.61 -62.48 22.56
C THR V 88 -77.65 -63.17 21.67
N GLY V 89 -77.57 -64.49 21.52
CA GLY V 89 -78.36 -65.22 20.55
C GLY V 89 -77.53 -65.99 19.55
N ARG V 90 -76.20 -65.89 19.60
CA ARG V 90 -75.31 -66.65 18.75
C ARG V 90 -74.94 -67.94 19.45
N CYS V 91 -74.91 -69.04 18.70
CA CYS V 91 -74.61 -70.36 19.26
C CYS V 91 -73.23 -70.78 18.77
N ILE V 92 -72.27 -70.85 19.69
CA ILE V 92 -70.92 -71.27 19.37
C ILE V 92 -70.70 -72.67 19.93
N LYS V 93 -69.56 -73.25 19.55
CA LYS V 93 -69.23 -74.61 19.94
C LYS V 93 -68.50 -74.63 21.29
N MET V 94 -68.16 -75.83 21.75
CA MET V 94 -67.45 -75.98 23.02
C MET V 94 -65.95 -75.74 22.86
N ARG V 95 -65.42 -75.90 21.64
CA ARG V 95 -64.00 -75.67 21.36
C ARG V 95 -63.60 -74.23 21.59
N LEU V 96 -64.54 -73.30 21.48
CA LEU V 96 -64.28 -71.88 21.64
C LEU V 96 -64.30 -71.42 23.09
N ARG V 97 -64.30 -72.34 24.05
CA ARG V 97 -64.35 -71.98 25.46
C ARG V 97 -62.98 -71.50 25.94
N CYS V 98 -62.97 -70.31 26.57
CA CYS V 98 -61.80 -69.71 27.21
C CYS V 98 -60.64 -69.53 26.24
N ASN V 99 -60.95 -69.27 24.97
CA ASN V 99 -59.92 -69.16 23.94
C ASN V 99 -59.28 -67.77 23.89
N GLY V 100 -59.74 -66.83 24.71
CA GLY V 100 -59.23 -65.48 24.64
C GLY V 100 -59.73 -64.68 23.47
N ASP V 101 -60.79 -65.14 22.80
CA ASP V 101 -61.37 -64.43 21.68
C ASP V 101 -62.85 -64.17 21.94
N ASN V 102 -63.28 -62.95 21.65
CA ASN V 102 -64.66 -62.55 21.89
C ASN V 102 -65.62 -63.17 20.88
N ASP V 103 -66.09 -64.37 21.20
CA ASP V 103 -66.83 -65.19 20.25
C ASP V 103 -68.33 -65.05 20.39
N CYS V 104 -68.85 -64.99 21.61
CA CYS V 104 -70.29 -64.77 21.78
C CYS V 104 -70.69 -63.34 21.51
N GLY V 105 -69.75 -62.40 21.58
CA GLY V 105 -70.06 -61.00 21.40
C GLY V 105 -70.06 -60.26 22.72
N ASP V 106 -70.62 -60.88 23.74
CA ASP V 106 -70.62 -60.33 25.10
C ASP V 106 -69.65 -61.08 26.01
N PHE V 107 -68.50 -61.46 25.44
CA PHE V 107 -67.28 -61.78 26.19
C PHE V 107 -67.46 -63.00 27.09
N SER V 108 -68.21 -63.98 26.60
CA SER V 108 -68.57 -65.16 27.39
C SER V 108 -67.50 -66.25 27.32
N ASP V 109 -66.26 -65.90 27.02
CA ASP V 109 -65.15 -66.83 27.02
C ASP V 109 -64.07 -66.49 28.04
N GLU V 110 -63.68 -65.22 28.11
CA GLU V 110 -62.54 -64.80 28.92
C GLU V 110 -62.92 -64.43 30.35
N ASP V 111 -63.99 -65.02 30.88
CA ASP V 111 -64.41 -64.70 32.25
C ASP V 111 -64.61 -65.93 33.11
N ASP V 112 -65.02 -67.05 32.50
CA ASP V 112 -65.59 -68.16 33.27
C ASP V 112 -64.51 -68.99 33.94
N CYS V 113 -63.65 -69.63 33.15
CA CYS V 113 -62.81 -70.69 33.68
C CYS V 113 -61.52 -70.12 34.24
N GLU V 114 -60.88 -70.92 35.10
CA GLU V 114 -59.52 -70.66 35.56
C GLU V 114 -58.49 -71.46 34.76
N SER V 115 -58.89 -71.98 33.61
CA SER V 115 -58.00 -72.79 32.78
C SER V 115 -57.08 -71.88 31.96
N GLU V 116 -56.32 -72.48 31.06
CA GLU V 116 -55.41 -71.70 30.22
C GLU V 116 -56.20 -70.93 29.17
N PRO V 117 -55.73 -69.74 28.80
CA PRO V 117 -56.38 -69.02 27.69
C PRO V 117 -56.14 -69.65 26.33
N ARG V 118 -55.11 -70.53 26.21
CA ARG V 118 -54.62 -71.30 25.06
C ARG V 118 -54.78 -70.60 23.71
N PRO V 119 -54.09 -69.48 23.48
CA PRO V 119 -54.32 -68.71 22.26
C PRO V 119 -53.82 -69.45 21.03
N PRO V 120 -54.68 -69.63 20.03
CA PRO V 120 -54.24 -70.33 18.81
C PRO V 120 -53.17 -69.58 18.05
N CYS V 121 -53.24 -68.26 18.04
CA CYS V 121 -52.08 -67.45 17.68
C CYS V 121 -51.15 -67.44 18.88
N ARG V 122 -50.05 -68.17 18.78
CA ARG V 122 -49.05 -68.26 19.83
C ARG V 122 -48.15 -67.03 19.85
N ASP V 123 -46.98 -67.16 20.49
CA ASP V 123 -46.03 -66.06 20.67
C ASP V 123 -45.44 -65.47 19.39
N ARG V 124 -45.85 -65.96 18.21
CA ARG V 124 -45.56 -65.29 16.96
C ARG V 124 -46.17 -63.89 16.94
N VAL V 125 -45.50 -62.99 16.23
CA VAL V 125 -45.94 -61.59 16.17
C VAL V 125 -47.20 -61.55 15.31
N VAL V 126 -48.34 -61.35 15.97
CA VAL V 126 -49.65 -61.41 15.35
C VAL V 126 -50.45 -60.20 15.82
N GLU V 127 -51.00 -59.45 14.87
CA GLU V 127 -51.70 -58.21 15.16
C GLU V 127 -53.17 -58.34 14.78
N GLU V 128 -53.89 -57.22 14.81
CA GLU V 128 -55.23 -57.14 14.27
C GLU V 128 -55.20 -56.35 12.99
N SER V 129 -56.13 -56.66 12.08
CA SER V 129 -56.06 -56.10 10.74
C SER V 129 -56.64 -54.69 10.71
N GLU V 130 -56.61 -54.10 9.52
CA GLU V 130 -57.22 -52.80 9.29
C GLU V 130 -58.17 -52.79 8.11
N LEU V 131 -58.09 -53.78 7.22
CA LEU V 131 -58.92 -53.88 6.03
C LEU V 131 -59.97 -54.96 6.15
N ALA V 132 -59.69 -56.02 6.91
CA ALA V 132 -60.60 -57.14 7.02
C ALA V 132 -61.71 -56.87 8.02
N ARG V 133 -61.54 -55.89 8.92
CA ARG V 133 -62.50 -55.74 10.00
C ARG V 133 -63.81 -55.13 9.53
N THR V 134 -63.80 -54.44 8.40
CA THR V 134 -64.99 -53.85 7.81
C THR V 134 -65.29 -54.46 6.45
N ALA V 135 -65.14 -55.77 6.31
CA ALA V 135 -65.13 -56.41 5.01
C ALA V 135 -66.51 -56.75 4.46
N GLY V 136 -67.57 -56.15 5.00
CA GLY V 136 -68.87 -56.36 4.38
C GLY V 136 -69.18 -55.34 3.30
N TYR V 137 -69.22 -54.07 3.70
CA TYR V 137 -69.69 -52.96 2.89
C TYR V 137 -71.01 -53.27 2.19
N GLY V 138 -72.04 -53.50 3.01
CA GLY V 138 -73.37 -53.81 2.52
C GLY V 138 -73.94 -52.67 1.71
N ILE V 139 -74.00 -52.83 0.40
CA ILE V 139 -74.08 -51.72 -0.51
C ILE V 139 -75.53 -51.54 -0.94
N ASN V 140 -75.83 -50.36 -1.48
CA ASN V 140 -77.15 -50.05 -1.99
C ASN V 140 -77.05 -49.79 -3.48
N ILE V 141 -78.18 -49.93 -4.18
CA ILE V 141 -78.20 -49.88 -5.64
C ILE V 141 -77.95 -48.50 -6.22
N LEU V 142 -77.96 -47.45 -5.40
CA LEU V 142 -77.63 -46.12 -5.90
C LEU V 142 -76.16 -46.02 -6.27
N GLY V 143 -75.28 -46.61 -5.47
CA GLY V 143 -73.85 -46.58 -5.74
C GLY V 143 -73.04 -46.31 -4.49
N MET V 144 -73.66 -45.71 -3.49
CA MET V 144 -73.00 -45.41 -2.23
C MET V 144 -73.13 -46.58 -1.28
N ASP V 145 -72.16 -46.70 -0.37
CA ASP V 145 -71.97 -47.93 0.41
C ASP V 145 -72.01 -47.70 1.92
N PRO V 146 -73.12 -47.99 2.57
CA PRO V 146 -73.11 -48.00 4.05
C PRO V 146 -72.34 -49.19 4.57
N LEU V 147 -71.48 -48.94 5.55
CA LEU V 147 -70.59 -49.94 6.13
C LEU V 147 -71.31 -50.84 7.13
N SER V 148 -72.64 -50.82 7.14
CA SER V 148 -73.45 -51.60 8.08
C SER V 148 -73.30 -53.06 7.70
N THR V 149 -72.20 -53.62 8.15
CA THR V 149 -71.74 -54.93 7.76
C THR V 149 -72.62 -55.99 8.38
N PRO V 150 -73.31 -56.82 7.58
CA PRO V 150 -74.05 -57.92 8.18
C PRO V 150 -73.13 -58.97 8.75
N PHE V 151 -71.91 -59.07 8.22
CA PHE V 151 -70.93 -60.01 8.73
C PHE V 151 -70.39 -59.51 10.07
N ASP V 152 -69.72 -60.42 10.77
CA ASP V 152 -69.05 -60.10 12.02
C ASP V 152 -67.58 -60.45 11.84
N ASN V 153 -66.73 -59.43 11.73
CA ASN V 153 -65.31 -59.63 11.48
C ASN V 153 -64.49 -59.60 12.76
N GLU V 154 -65.06 -60.08 13.86
CA GLU V 154 -64.31 -60.35 15.07
C GLU V 154 -64.30 -61.83 15.42
N PHE V 155 -65.09 -62.64 14.74
CA PHE V 155 -65.18 -64.06 15.02
C PHE V 155 -64.02 -64.75 14.32
N TYR V 156 -63.10 -65.33 15.10
CA TYR V 156 -61.94 -65.99 14.53
C TYR V 156 -62.05 -67.51 14.53
N ASN V 157 -62.94 -68.06 15.35
CA ASN V 157 -63.24 -69.50 15.44
C ASN V 157 -61.99 -70.30 15.81
N GLY V 158 -61.11 -69.73 16.63
CA GLY V 158 -59.98 -70.44 17.16
C GLY V 158 -58.92 -70.84 16.16
N LEU V 159 -58.76 -70.07 15.09
CA LEU V 159 -57.75 -70.35 14.07
C LEU V 159 -56.80 -69.17 13.96
N CYS V 160 -55.62 -69.44 13.40
CA CYS V 160 -54.57 -68.44 13.28
C CYS V 160 -53.99 -68.54 11.87
N ASN V 161 -54.58 -67.79 10.94
CA ASN V 161 -54.14 -67.75 9.56
C ASN V 161 -53.54 -66.38 9.29
N ARG V 162 -52.28 -66.34 8.90
CA ARG V 162 -51.59 -65.07 8.72
C ARG V 162 -51.60 -64.65 7.26
N ASP V 163 -51.69 -63.34 7.03
CA ASP V 163 -51.65 -62.77 5.70
C ASP V 163 -50.71 -61.58 5.73
N ARG V 164 -49.67 -61.61 4.89
CA ARG V 164 -48.58 -60.67 5.04
C ARG V 164 -48.95 -59.30 4.50
N ASP V 165 -48.13 -58.32 4.87
CA ASP V 165 -48.19 -56.97 4.35
C ASP V 165 -46.90 -56.65 3.62
N GLY V 166 -47.01 -55.88 2.56
CA GLY V 166 -45.84 -55.51 1.80
C GLY V 166 -44.99 -54.47 2.48
N ASN V 167 -45.56 -53.32 2.80
CA ASN V 167 -44.76 -52.19 3.25
C ASN V 167 -44.36 -52.34 4.72
N THR V 168 -45.34 -52.57 5.60
CA THR V 168 -45.06 -52.52 7.03
C THR V 168 -44.38 -53.78 7.56
N LEU V 169 -44.41 -54.88 6.80
CA LEU V 169 -43.82 -56.18 7.17
C LEU V 169 -44.38 -56.69 8.49
N THR V 170 -45.70 -56.85 8.52
CA THR V 170 -46.41 -57.35 9.69
C THR V 170 -47.11 -58.66 9.32
N TYR V 171 -47.91 -59.17 10.23
CA TYR V 171 -48.67 -60.40 10.00
C TYR V 171 -50.08 -60.20 10.53
N TYR V 172 -50.96 -59.70 9.66
CA TYR V 172 -52.34 -59.47 10.02
C TYR V 172 -53.10 -60.80 10.06
N ARG V 173 -54.29 -60.78 10.63
CA ARG V 173 -55.08 -61.99 10.74
C ARG V 173 -56.15 -62.06 9.67
N ARG V 174 -56.71 -63.24 9.52
CA ARG V 174 -57.80 -63.50 8.60
C ARG V 174 -59.02 -63.88 9.41
N PRO V 175 -60.02 -63.01 9.53
CA PRO V 175 -61.26 -63.39 10.21
C PRO V 175 -62.00 -64.48 9.44
N TRP V 176 -62.92 -65.14 10.15
CA TRP V 176 -63.59 -66.31 9.61
C TRP V 176 -64.51 -65.96 8.45
N ASN V 177 -65.02 -64.74 8.39
CA ASN V 177 -65.91 -64.41 7.29
C ASN V 177 -65.17 -64.05 6.01
N VAL V 178 -63.88 -63.75 6.09
CA VAL V 178 -63.08 -63.45 4.91
C VAL V 178 -62.38 -64.72 4.45
N ALA V 179 -62.64 -65.15 3.21
CA ALA V 179 -62.07 -66.37 2.68
C ALA V 179 -60.71 -66.17 2.06
N SER V 180 -60.43 -64.99 1.54
CA SER V 180 -59.13 -64.72 0.94
C SER V 180 -58.84 -63.23 1.02
N LEU V 181 -57.56 -62.90 1.17
CA LEU V 181 -57.18 -61.51 1.39
C LEU V 181 -55.72 -61.36 0.95
N ILE V 182 -55.52 -60.80 -0.23
CA ILE V 182 -54.20 -60.55 -0.73
C ILE V 182 -53.90 -59.07 -0.57
N TYR V 183 -52.63 -58.72 -0.51
CA TYR V 183 -52.18 -57.32 -0.57
C TYR V 183 -51.23 -57.20 -1.76
N GLU V 184 -51.77 -56.89 -2.93
CA GLU V 184 -50.91 -56.57 -4.07
C GLU V 184 -50.49 -55.11 -3.98
N THR V 185 -49.91 -54.59 -5.06
CA THR V 185 -49.73 -53.15 -5.21
C THR V 185 -49.94 -52.89 -6.69
N LYS V 186 -51.16 -52.61 -7.10
CA LYS V 186 -51.48 -52.58 -8.52
C LYS V 186 -51.81 -51.16 -8.90
N GLY V 187 -50.82 -50.44 -9.44
CA GLY V 187 -51.05 -49.08 -9.88
C GLY V 187 -51.40 -49.08 -11.35
N GLU V 188 -52.30 -48.17 -11.75
CA GLU V 188 -52.81 -48.24 -13.11
C GLU V 188 -53.31 -46.88 -13.54
N LYS V 189 -52.60 -46.22 -14.43
CA LYS V 189 -53.01 -44.90 -14.90
C LYS V 189 -53.49 -44.98 -16.34
N ASN V 190 -54.73 -44.62 -16.58
CA ASN V 190 -55.19 -44.31 -17.92
C ASN V 190 -54.97 -42.82 -18.15
N PHE V 191 -54.78 -42.47 -19.43
CA PHE V 191 -54.64 -41.08 -19.83
C PHE V 191 -55.20 -41.01 -21.24
N ARG V 192 -56.00 -40.00 -21.53
CA ARG V 192 -56.44 -39.77 -22.89
C ARG V 192 -56.41 -38.28 -23.16
N THR V 193 -56.18 -37.93 -24.42
CA THR V 193 -56.48 -36.58 -24.88
C THR V 193 -56.91 -36.63 -26.33
N GLU V 194 -58.16 -36.25 -26.56
CA GLU V 194 -58.69 -36.17 -27.92
C GLU V 194 -58.73 -34.73 -28.35
N HIS V 195 -58.83 -34.54 -29.65
CA HIS V 195 -58.78 -33.20 -30.20
C HIS V 195 -59.46 -33.24 -31.55
N TYR V 196 -60.39 -32.32 -31.78
CA TYR V 196 -61.03 -32.20 -33.07
C TYR V 196 -60.98 -30.73 -33.48
N GLU V 197 -60.86 -30.50 -34.77
CA GLU V 197 -60.82 -29.13 -35.26
C GLU V 197 -61.39 -29.12 -36.67
N GLU V 198 -62.09 -28.06 -37.03
CA GLU V 198 -62.62 -27.94 -38.38
C GLU V 198 -62.71 -26.47 -38.75
N GLN V 199 -61.83 -26.00 -39.63
CA GLN V 199 -62.01 -24.68 -40.20
C GLN V 199 -62.75 -24.80 -41.51
N ILE V 200 -63.49 -23.75 -41.88
CA ILE V 200 -64.06 -23.64 -43.21
C ILE V 200 -64.14 -22.17 -43.57
N GLU V 201 -63.73 -21.85 -44.80
CA GLU V 201 -63.78 -20.49 -45.31
C GLU V 201 -64.46 -20.54 -46.68
N ALA V 202 -65.72 -20.14 -46.73
CA ALA V 202 -66.45 -20.00 -47.99
C ALA V 202 -66.40 -18.55 -48.45
N PHE V 203 -66.60 -18.35 -49.75
CA PHE V 203 -66.31 -17.07 -50.37
C PHE V 203 -67.03 -17.00 -51.70
N LYS V 204 -67.70 -15.89 -51.99
CA LYS V 204 -68.43 -15.74 -53.25
C LYS V 204 -68.48 -14.27 -53.64
N SER V 205 -67.81 -13.91 -54.73
CA SER V 205 -67.77 -12.54 -55.23
C SER V 205 -68.42 -12.46 -56.60
N ILE V 206 -69.10 -11.34 -56.88
CA ILE V 206 -69.73 -11.09 -58.17
C ILE V 206 -69.46 -9.64 -58.55
N ILE V 207 -69.02 -9.40 -59.78
CA ILE V 207 -68.91 -8.06 -60.33
C ILE V 207 -69.70 -8.04 -61.64
N GLN V 208 -70.59 -7.05 -61.80
CA GLN V 208 -71.35 -6.90 -63.03
C GLN V 208 -71.21 -5.47 -63.51
N GLU V 209 -71.29 -5.29 -64.83
CA GLU V 209 -71.16 -3.97 -65.41
C GLU V 209 -71.81 -3.96 -66.78
N LYS V 210 -72.62 -2.94 -67.04
CA LYS V 210 -73.06 -2.65 -68.40
C LYS V 210 -72.82 -1.17 -68.68
N THR V 211 -72.27 -0.87 -69.85
CA THR V 211 -72.01 0.51 -70.26
C THR V 211 -72.61 0.66 -71.66
N SER V 212 -73.76 1.30 -71.76
CA SER V 212 -74.44 1.52 -73.03
C SER V 212 -74.34 2.98 -73.43
N ASN V 213 -74.08 3.23 -74.72
CA ASN V 213 -73.88 4.58 -75.23
C ASN V 213 -74.52 4.67 -76.61
N PHE V 214 -75.53 5.52 -76.76
CA PHE V 214 -76.24 5.71 -78.02
C PHE V 214 -76.09 7.16 -78.46
N ASN V 215 -75.72 7.36 -79.72
CA ASN V 215 -75.42 8.70 -80.23
C ASN V 215 -76.09 8.88 -81.57
N ALA V 216 -76.95 9.89 -81.69
CA ALA V 216 -77.48 10.25 -83.00
C ALA V 216 -76.71 11.44 -83.55
N ALA V 217 -77.12 11.90 -84.72
CA ALA V 217 -76.52 13.07 -85.36
C ALA V 217 -77.48 13.73 -86.33
N PHE V 249 -78.06 19.46 -83.66
CA PHE V 249 -78.81 18.32 -84.18
C PHE V 249 -78.23 16.99 -83.73
N ARG V 250 -78.46 16.60 -82.48
CA ARG V 250 -78.08 15.27 -82.03
C ARG V 250 -78.96 14.88 -80.84
N PHE V 251 -78.66 13.71 -80.27
CA PHE V 251 -79.32 13.18 -79.09
C PHE V 251 -78.45 12.06 -78.56
N SER V 252 -78.05 12.14 -77.31
CA SER V 252 -77.25 11.09 -76.69
C SER V 252 -78.06 10.40 -75.60
N TYR V 253 -77.62 9.18 -75.26
CA TYR V 253 -78.23 8.43 -74.16
C TYR V 253 -77.19 7.46 -73.65
N SER V 254 -76.68 7.71 -72.45
CA SER V 254 -75.65 6.89 -71.85
C SER V 254 -76.18 6.24 -70.59
N LYS V 255 -75.51 5.16 -70.18
CA LYS V 255 -75.81 4.48 -68.93
C LYS V 255 -74.60 3.67 -68.54
N ASN V 256 -74.19 3.76 -67.28
CA ASN V 256 -73.04 3.02 -66.77
C ASN V 256 -73.46 2.37 -65.45
N GLU V 257 -74.08 1.20 -65.53
CA GLU V 257 -74.50 0.49 -64.34
C GLU V 257 -73.37 -0.43 -63.89
N THR V 258 -73.05 -0.39 -62.60
CA THR V 258 -71.92 -1.13 -62.04
C THR V 258 -72.38 -1.79 -60.75
N TYR V 259 -72.76 -3.05 -60.82
CA TYR V 259 -73.19 -3.80 -59.65
C TYR V 259 -72.01 -4.57 -59.08
N GLN V 260 -72.04 -4.77 -57.77
CA GLN V 260 -71.05 -5.63 -57.15
C GLN V 260 -71.73 -6.35 -55.99
N LEU V 261 -71.15 -7.48 -55.60
CA LEU V 261 -71.67 -8.29 -54.51
C LEU V 261 -70.50 -9.09 -53.97
N PHE V 262 -70.54 -9.36 -52.67
CA PHE V 262 -69.38 -9.95 -52.00
C PHE V 262 -69.88 -10.65 -50.76
N LEU V 263 -69.48 -11.90 -50.55
CA LEU V 263 -69.88 -12.62 -49.35
C LEU V 263 -68.74 -13.48 -48.88
N SER V 264 -68.51 -13.47 -47.57
CA SER V 264 -67.55 -14.36 -46.94
C SER V 264 -68.28 -15.21 -45.90
N TYR V 265 -67.61 -16.27 -45.45
CA TYR V 265 -68.10 -17.07 -44.32
C TYR V 265 -66.88 -17.80 -43.77
N SER V 266 -66.29 -17.26 -42.72
CA SER V 266 -65.01 -17.80 -42.22
C SER V 266 -65.22 -18.33 -40.81
N SER V 267 -65.68 -19.58 -40.70
CA SER V 267 -66.05 -20.12 -39.40
C SER V 267 -65.15 -21.30 -39.06
N LYS V 268 -64.60 -21.27 -37.86
CA LYS V 268 -63.85 -22.41 -37.35
C LYS V 268 -64.58 -23.03 -36.18
N LYS V 269 -64.25 -24.27 -35.87
CA LYS V 269 -64.75 -24.96 -34.70
C LYS V 269 -63.62 -25.78 -34.12
N GLU V 270 -63.72 -26.06 -32.83
CA GLU V 270 -62.70 -26.81 -32.11
C GLU V 270 -63.39 -27.52 -30.96
N LYS V 271 -62.88 -28.70 -30.60
CA LYS V 271 -63.49 -29.45 -29.51
C LYS V 271 -62.43 -30.36 -28.93
N MET V 272 -61.91 -30.00 -27.76
CA MET V 272 -60.85 -30.77 -27.13
C MET V 272 -61.50 -31.76 -26.16
N PHE V 273 -60.68 -32.63 -25.58
CA PHE V 273 -61.09 -33.52 -24.50
C PHE V 273 -59.82 -34.01 -23.83
N LEU V 274 -59.89 -34.22 -22.53
CA LEU V 274 -58.76 -34.80 -21.81
C LEU V 274 -59.35 -35.67 -20.71
N HIS V 275 -58.61 -36.68 -20.26
CA HIS V 275 -59.14 -37.59 -19.25
C HIS V 275 -57.99 -38.31 -18.57
N VAL V 276 -57.61 -37.89 -17.42
CA VAL V 276 -56.65 -38.64 -16.61
C VAL V 276 -57.46 -39.54 -15.71
N LYS V 277 -56.97 -40.75 -15.39
CA LYS V 277 -57.66 -41.57 -14.39
C LYS V 277 -56.63 -42.52 -13.78
N GLY V 278 -56.11 -42.19 -12.60
CA GLY V 278 -55.13 -43.08 -12.03
C GLY V 278 -55.57 -43.88 -10.84
N GLU V 279 -55.91 -45.14 -11.03
CA GLU V 279 -56.31 -45.98 -9.91
C GLU V 279 -55.08 -46.52 -9.20
N ILE V 280 -55.23 -46.79 -7.91
CA ILE V 280 -54.20 -47.44 -7.11
C ILE V 280 -54.90 -48.49 -6.25
N HIS V 281 -54.59 -49.76 -6.48
CA HIS V 281 -55.25 -50.82 -5.75
C HIS V 281 -54.28 -51.37 -4.71
N LEU V 282 -54.77 -51.54 -3.49
CA LEU V 282 -54.06 -52.28 -2.46
C LEU V 282 -54.93 -53.48 -2.09
N GLY V 283 -54.76 -54.56 -2.81
CA GLY V 283 -55.39 -55.80 -2.43
C GLY V 283 -56.88 -55.87 -2.68
N ARG V 284 -57.50 -56.89 -2.10
CA ARG V 284 -58.90 -57.20 -2.33
C ARG V 284 -59.35 -58.14 -1.22
N PHE V 285 -60.58 -58.66 -1.34
CA PHE V 285 -61.11 -59.62 -0.40
C PHE V 285 -62.24 -60.38 -1.05
N VAL V 286 -62.49 -61.59 -0.56
CA VAL V 286 -63.60 -62.41 -1.01
C VAL V 286 -64.27 -63.01 0.21
N MET V 287 -65.57 -62.73 0.39
CA MET V 287 -66.29 -63.22 1.56
C MET V 287 -66.74 -64.65 1.33
N ARG V 288 -67.34 -65.26 2.35
CA ARG V 288 -67.78 -66.64 2.24
C ARG V 288 -69.27 -66.71 1.97
N ASN V 289 -69.78 -67.95 1.89
CA ASN V 289 -71.17 -68.18 1.55
C ASN V 289 -71.88 -69.20 2.42
N ARG V 290 -71.16 -70.10 3.09
CA ARG V 290 -71.76 -71.08 3.98
C ARG V 290 -71.03 -71.06 5.32
N ASP V 291 -71.78 -71.41 6.38
CA ASP V 291 -71.33 -71.36 7.78
C ASP V 291 -70.80 -69.97 8.14
N VAL V 292 -71.57 -68.97 7.77
CA VAL V 292 -71.20 -67.57 7.94
C VAL V 292 -71.83 -67.08 9.24
N VAL V 293 -71.04 -66.38 10.06
CA VAL V 293 -71.58 -65.76 11.25
C VAL V 293 -72.01 -64.33 10.93
N LEU V 294 -73.11 -63.90 11.54
CA LEU V 294 -73.64 -62.57 11.35
C LEU V 294 -73.56 -61.82 12.66
N THR V 295 -73.62 -60.48 12.57
CA THR V 295 -73.49 -59.67 13.77
C THR V 295 -74.76 -59.73 14.60
N THR V 296 -74.69 -59.17 15.81
CA THR V 296 -75.79 -59.30 16.76
C THR V 296 -76.97 -58.44 16.35
N THR V 297 -76.71 -57.24 15.82
CA THR V 297 -77.77 -56.30 15.47
C THR V 297 -78.41 -56.59 14.11
N PHE V 298 -78.27 -57.78 13.58
CA PHE V 298 -78.81 -58.11 12.27
C PHE V 298 -79.68 -59.35 12.28
N VAL V 299 -79.34 -60.34 13.10
CA VAL V 299 -80.19 -61.51 13.26
C VAL V 299 -81.50 -61.11 13.94
N ASP V 300 -81.46 -60.13 14.85
CA ASP V 300 -82.68 -59.63 15.47
C ASP V 300 -83.57 -58.93 14.45
N ASP V 301 -82.97 -58.13 13.56
CA ASP V 301 -83.77 -57.42 12.57
C ASP V 301 -84.29 -58.33 11.47
N ILE V 302 -83.65 -59.47 11.23
CA ILE V 302 -84.29 -60.48 10.40
C ILE V 302 -85.42 -61.17 11.17
N LYS V 303 -85.22 -61.39 12.47
CA LYS V 303 -86.25 -62.03 13.28
C LYS V 303 -87.47 -61.16 13.50
N ALA V 304 -87.36 -59.85 13.29
CA ALA V 304 -88.47 -58.93 13.45
C ALA V 304 -89.15 -58.61 12.12
N LEU V 305 -89.06 -59.50 11.15
CA LEU V 305 -89.72 -59.27 9.87
C LEU V 305 -91.12 -59.88 9.89
N PRO V 306 -92.11 -59.26 9.23
CA PRO V 306 -93.52 -59.60 9.51
C PRO V 306 -94.00 -60.92 8.93
N THR V 307 -93.19 -61.61 8.12
CA THR V 307 -93.31 -63.03 7.72
C THR V 307 -94.46 -63.27 6.73
N THR V 308 -95.32 -62.27 6.49
CA THR V 308 -96.51 -62.45 5.68
C THR V 308 -96.48 -61.60 4.41
N TYR V 309 -95.30 -61.13 4.00
CA TYR V 309 -95.10 -60.07 3.01
C TYR V 309 -95.98 -58.86 3.35
N GLU V 310 -95.61 -58.22 4.43
CA GLU V 310 -96.15 -56.91 4.76
C GLU V 310 -95.16 -55.86 4.29
N LYS V 311 -95.59 -55.03 3.34
CA LYS V 311 -94.69 -54.22 2.52
C LYS V 311 -94.01 -53.10 3.32
N GLY V 312 -94.54 -52.74 4.48
CA GLY V 312 -94.02 -51.59 5.20
C GLY V 312 -92.67 -51.81 5.85
N GLU V 313 -92.42 -53.03 6.35
CA GLU V 313 -91.20 -53.27 7.11
C GLU V 313 -89.99 -53.53 6.21
N TYR V 314 -90.21 -54.11 5.03
CA TYR V 314 -89.08 -54.48 4.19
C TYR V 314 -88.42 -53.27 3.54
N PHE V 315 -89.19 -52.22 3.26
CA PHE V 315 -88.58 -50.99 2.75
C PHE V 315 -87.83 -50.23 3.83
N ALA V 316 -88.06 -50.52 5.10
CA ALA V 316 -87.19 -49.98 6.13
C ALA V 316 -85.96 -50.85 6.34
N PHE V 317 -86.12 -52.16 6.21
CA PHE V 317 -84.99 -53.08 6.36
C PHE V 317 -83.97 -52.89 5.24
N LEU V 318 -84.44 -52.75 4.01
CA LEU V 318 -83.53 -52.66 2.87
C LEU V 318 -82.79 -51.34 2.81
N GLU V 319 -83.25 -50.32 3.53
CA GLU V 319 -82.51 -49.08 3.63
C GLU V 319 -81.85 -48.91 4.99
N THR V 320 -82.08 -49.84 5.91
CA THR V 320 -81.23 -49.90 7.08
C THR V 320 -79.95 -50.67 6.80
N TYR V 321 -80.05 -51.82 6.12
CA TYR V 321 -78.89 -52.68 5.92
C TYR V 321 -78.52 -52.85 4.45
N GLY V 322 -78.97 -51.95 3.59
CA GLY V 322 -78.58 -52.02 2.20
C GLY V 322 -79.29 -53.12 1.40
N THR V 323 -79.12 -53.08 0.09
CA THR V 323 -79.77 -54.07 -0.76
C THR V 323 -78.88 -55.28 -1.03
N HIS V 324 -77.60 -55.05 -1.28
CA HIS V 324 -76.66 -56.11 -1.56
C HIS V 324 -75.45 -55.98 -0.64
N TYR V 325 -74.70 -57.06 -0.49
CA TYR V 325 -73.43 -57.00 0.23
C TYR V 325 -72.29 -57.28 -0.74
N SER V 326 -71.19 -56.56 -0.56
CA SER V 326 -70.06 -56.70 -1.46
C SER V 326 -69.32 -58.01 -1.20
N SER V 327 -69.68 -59.05 -1.93
CA SER V 327 -69.06 -60.35 -1.75
C SER V 327 -67.65 -60.42 -2.28
N SER V 328 -67.21 -59.45 -3.10
CA SER V 328 -65.84 -59.44 -3.58
C SER V 328 -65.48 -58.00 -3.95
N GLY V 329 -64.74 -57.33 -3.06
CA GLY V 329 -64.35 -55.96 -3.27
C GLY V 329 -62.92 -55.82 -3.73
N SER V 330 -62.45 -54.56 -3.74
CA SER V 330 -61.07 -54.22 -4.04
C SER V 330 -60.83 -52.82 -3.51
N LEU V 331 -60.03 -52.67 -2.48
CA LEU V 331 -59.93 -51.38 -1.83
C LEU V 331 -58.88 -50.52 -2.53
N GLY V 332 -58.54 -49.37 -1.95
CA GLY V 332 -57.68 -48.40 -2.60
C GLY V 332 -58.44 -47.52 -3.57
N GLY V 333 -58.15 -46.23 -3.61
CA GLY V 333 -59.01 -45.31 -4.33
C GLY V 333 -58.40 -44.48 -5.42
N LEU V 334 -59.25 -43.99 -6.32
CA LEU V 334 -58.83 -43.37 -7.57
C LEU V 334 -58.75 -41.86 -7.45
N TYR V 335 -58.38 -41.24 -8.57
CA TYR V 335 -58.61 -39.84 -8.82
C TYR V 335 -58.95 -39.69 -10.28
N GLU V 336 -59.34 -38.48 -10.69
CA GLU V 336 -59.86 -38.29 -12.05
C GLU V 336 -59.89 -36.81 -12.39
N LEU V 337 -59.41 -36.47 -13.57
CA LEU V 337 -59.61 -35.16 -14.15
C LEU V 337 -60.42 -35.33 -15.42
N ILE V 338 -61.20 -34.31 -15.78
CA ILE V 338 -61.89 -34.23 -17.07
C ILE V 338 -61.82 -32.77 -17.50
N TYR V 339 -61.43 -32.52 -18.74
CA TYR V 339 -61.23 -31.16 -19.24
C TYR V 339 -61.96 -31.05 -20.57
N VAL V 340 -63.21 -30.61 -20.56
CA VAL V 340 -63.99 -30.55 -21.79
C VAL V 340 -63.99 -29.11 -22.26
N LEU V 341 -63.16 -28.80 -23.24
CA LEU V 341 -63.26 -27.50 -23.86
C LEU V 341 -64.27 -27.59 -25.00
N ASP V 342 -64.70 -26.43 -25.49
CA ASP V 342 -65.55 -26.32 -26.66
C ASP V 342 -65.39 -24.90 -27.17
N LYS V 343 -65.34 -24.75 -28.48
CA LYS V 343 -65.22 -23.43 -29.08
C LYS V 343 -66.07 -23.43 -30.33
N ALA V 344 -66.64 -22.28 -30.65
CA ALA V 344 -67.33 -22.14 -31.93
C ALA V 344 -67.23 -20.67 -32.32
N SER V 345 -66.22 -20.33 -33.09
CA SER V 345 -66.24 -19.01 -33.71
C SER V 345 -67.17 -19.05 -34.91
N MET V 346 -67.51 -17.86 -35.41
CA MET V 346 -68.22 -17.74 -36.68
C MET V 346 -68.08 -16.31 -37.15
N LYS V 347 -67.73 -16.11 -38.41
CA LYS V 347 -67.89 -14.82 -39.04
C LYS V 347 -68.87 -14.97 -40.19
N ARG V 348 -69.45 -13.85 -40.60
CA ARG V 348 -70.09 -13.75 -41.90
C ARG V 348 -70.11 -12.28 -42.28
N LYS V 349 -70.06 -12.01 -43.57
CA LYS V 349 -69.95 -10.66 -44.05
C LYS V 349 -70.95 -10.43 -45.18
N GLY V 350 -70.96 -9.20 -45.68
CA GLY V 350 -71.64 -8.88 -46.92
C GLY V 350 -71.29 -7.48 -47.33
N VAL V 351 -70.82 -7.29 -48.56
CA VAL V 351 -70.38 -6.00 -49.06
C VAL V 351 -71.08 -5.79 -50.39
N GLU V 352 -72.02 -4.85 -50.43
CA GLU V 352 -72.88 -4.65 -51.59
C GLU V 352 -72.66 -3.24 -52.11
N LEU V 353 -72.81 -3.06 -53.42
CA LEU V 353 -72.44 -1.79 -54.02
C LEU V 353 -73.22 -1.62 -55.31
N LYS V 354 -73.70 -0.41 -55.57
CA LYS V 354 -74.45 -0.10 -56.77
C LYS V 354 -74.09 1.29 -57.26
N ASP V 355 -74.27 1.51 -58.56
CA ASP V 355 -73.87 2.75 -59.21
C ASP V 355 -74.64 2.88 -60.52
N ILE V 356 -75.14 4.08 -60.79
CA ILE V 356 -75.75 4.43 -62.07
C ILE V 356 -75.25 5.81 -62.44
N LYS V 357 -74.56 5.92 -63.57
CA LYS V 357 -73.98 7.19 -64.02
C LYS V 357 -74.58 7.55 -65.37
N ARG V 358 -75.75 8.19 -65.34
CA ARG V 358 -76.43 8.57 -66.57
C ARG V 358 -75.96 9.94 -67.05
N CYS V 359 -76.17 10.20 -68.33
CA CYS V 359 -75.83 11.49 -68.91
C CYS V 359 -76.73 11.72 -70.10
N LEU V 360 -76.81 12.97 -70.53
CA LEU V 360 -77.49 13.34 -71.76
C LEU V 360 -76.99 14.72 -72.16
N GLY V 361 -76.96 14.99 -73.45
CA GLY V 361 -76.59 16.31 -73.92
C GLY V 361 -76.67 16.46 -75.42
N TYR V 362 -77.21 17.59 -75.89
CA TYR V 362 -77.27 17.81 -77.32
C TYR V 362 -77.18 19.29 -77.67
N HIS V 363 -76.47 19.53 -78.77
CA HIS V 363 -76.41 20.82 -79.47
C HIS V 363 -77.48 20.83 -80.55
N LEU V 364 -78.27 21.90 -80.58
CA LEU V 364 -79.30 22.03 -81.62
C LEU V 364 -79.21 23.41 -82.27
N PHE V 379 -78.09 27.08 -79.29
CA PHE V 379 -78.86 26.26 -78.37
C PHE V 379 -77.94 25.18 -77.78
N ASN V 380 -78.21 24.74 -76.55
CA ASN V 380 -77.52 23.62 -75.94
C ASN V 380 -78.34 23.14 -74.75
N LYS V 381 -78.35 21.83 -74.53
CA LYS V 381 -78.90 21.33 -73.28
C LYS V 381 -78.09 20.12 -72.86
N ASP V 382 -77.85 19.96 -71.56
CA ASP V 382 -77.24 18.74 -71.06
C ASP V 382 -77.60 18.54 -69.61
N ASP V 383 -77.41 17.30 -69.15
CA ASP V 383 -77.44 16.98 -67.73
C ASP V 383 -76.57 15.76 -67.49
N CYS V 384 -76.13 15.63 -66.24
CA CYS V 384 -75.36 14.49 -65.79
C CYS V 384 -75.93 14.04 -64.45
N VAL V 385 -76.32 12.78 -64.35
CA VAL V 385 -76.95 12.24 -63.15
C VAL V 385 -76.05 11.14 -62.60
N LYS V 386 -75.77 11.19 -61.31
CA LYS V 386 -75.00 10.14 -60.66
C LYS V 386 -75.79 9.62 -59.46
N ARG V 387 -75.71 8.31 -59.23
CA ARG V 387 -76.30 7.71 -58.05
C ARG V 387 -75.41 6.58 -57.62
N GLY V 388 -75.14 6.46 -56.33
CA GLY V 388 -74.29 5.40 -55.85
C GLY V 388 -74.63 4.96 -54.45
N GLU V 389 -74.89 3.68 -54.26
CA GLU V 389 -75.26 3.16 -52.96
C GLU V 389 -74.22 2.15 -52.51
N GLY V 390 -74.01 2.08 -51.21
CA GLY V 390 -73.09 1.10 -50.65
C GLY V 390 -73.68 0.51 -49.39
N ARG V 391 -73.55 -0.79 -49.18
CA ARG V 391 -74.04 -1.43 -47.97
C ARG V 391 -72.98 -2.37 -47.45
N ALA V 392 -72.94 -2.53 -46.14
CA ALA V 392 -71.97 -3.44 -45.54
C ALA V 392 -72.53 -4.01 -44.26
N VAL V 393 -72.29 -5.30 -44.04
CA VAL V 393 -72.69 -5.99 -42.82
C VAL V 393 -71.53 -6.88 -42.41
N ASN V 394 -71.08 -6.74 -41.17
CA ASN V 394 -70.18 -7.72 -40.55
C ASN V 394 -70.89 -8.30 -39.34
N ILE V 395 -70.90 -9.63 -39.21
CA ILE V 395 -71.48 -10.28 -38.05
C ILE V 395 -70.48 -11.28 -37.54
N THR V 396 -69.97 -11.07 -36.33
CA THR V 396 -68.90 -11.90 -35.78
C THR V 396 -69.39 -12.49 -34.47
N SER V 397 -69.77 -13.75 -34.49
CA SER V 397 -70.23 -14.41 -33.27
C SER V 397 -69.14 -15.33 -32.72
N GLU V 398 -69.24 -15.61 -31.43
CA GLU V 398 -68.30 -16.51 -30.78
C GLU V 398 -68.92 -17.13 -29.56
N ASN V 399 -68.79 -18.45 -29.45
CA ASN V 399 -69.11 -19.18 -28.24
C ASN V 399 -67.85 -19.85 -27.74
N LEU V 400 -67.73 -19.95 -26.42
CA LEU V 400 -66.64 -20.70 -25.82
C LEU V 400 -67.18 -21.33 -24.54
N ILE V 401 -66.83 -22.57 -24.29
CA ILE V 401 -67.22 -23.28 -23.09
C ILE V 401 -65.98 -23.99 -22.56
N ASP V 402 -65.76 -23.91 -21.26
CA ASP V 402 -64.75 -24.75 -20.62
C ASP V 402 -65.40 -25.40 -19.42
N ASP V 403 -65.34 -26.72 -19.35
CA ASP V 403 -65.66 -27.48 -18.16
C ASP V 403 -64.39 -28.13 -17.66
N VAL V 404 -64.23 -28.15 -16.35
CA VAL V 404 -63.22 -28.94 -15.67
C VAL V 404 -63.93 -29.67 -14.55
N VAL V 405 -63.69 -30.96 -14.43
CA VAL V 405 -64.15 -31.72 -13.27
C VAL V 405 -62.92 -32.38 -12.68
N SER V 406 -62.80 -32.35 -11.37
CA SER V 406 -61.79 -33.16 -10.70
C SER V 406 -62.44 -33.90 -9.55
N LEU V 407 -61.98 -35.11 -9.31
CA LEU V 407 -62.52 -35.95 -8.26
C LEU V 407 -61.35 -36.72 -7.66
N ILE V 408 -61.39 -36.96 -6.36
CA ILE V 408 -60.30 -37.69 -5.72
C ILE V 408 -60.84 -38.39 -4.49
N ARG V 409 -60.54 -39.69 -4.36
CA ARG V 409 -61.04 -40.49 -3.26
C ARG V 409 -59.86 -41.11 -2.54
N GLY V 410 -60.05 -41.42 -1.26
CA GLY V 410 -59.01 -42.08 -0.50
C GLY V 410 -57.84 -41.23 -0.08
N GLY V 411 -57.25 -41.55 1.06
CA GLY V 411 -56.05 -40.89 1.50
C GLY V 411 -56.29 -39.98 2.70
N THR V 412 -55.19 -39.52 3.27
CA THR V 412 -55.26 -38.62 4.40
C THR V 412 -55.67 -37.24 3.90
N ARG V 413 -56.15 -36.41 4.82
CA ARG V 413 -56.69 -35.11 4.51
C ARG V 413 -55.64 -34.14 4.01
N LYS V 414 -54.37 -34.35 4.34
CA LYS V 414 -53.35 -33.34 4.10
C LYS V 414 -52.70 -33.44 2.73
N TYR V 415 -52.56 -34.64 2.18
CA TYR V 415 -51.84 -34.80 0.92
C TYR V 415 -52.76 -34.85 -0.29
N ALA V 416 -53.96 -35.40 -0.15
CA ALA V 416 -54.87 -35.55 -1.28
C ALA V 416 -55.32 -34.21 -1.82
N PHE V 417 -55.50 -33.23 -0.94
CA PHE V 417 -55.98 -31.93 -1.37
C PHE V 417 -54.83 -31.00 -1.72
N GLU V 418 -53.60 -31.42 -1.48
CA GLU V 418 -52.47 -30.87 -2.22
C GLU V 418 -52.47 -31.40 -3.64
N LEU V 419 -52.73 -32.70 -3.80
CA LEU V 419 -52.66 -33.36 -5.11
C LEU V 419 -53.73 -32.84 -6.06
N LYS V 420 -54.94 -32.59 -5.55
CA LYS V 420 -56.04 -32.14 -6.41
C LYS V 420 -55.76 -30.77 -7.00
N GLU V 421 -55.27 -29.84 -6.19
CA GLU V 421 -54.92 -28.53 -6.71
C GLU V 421 -53.65 -28.55 -7.54
N LYS V 422 -52.74 -29.49 -7.31
CA LYS V 422 -51.62 -29.62 -8.24
C LYS V 422 -52.05 -30.20 -9.58
N LEU V 423 -53.13 -30.97 -9.59
CA LEU V 423 -53.71 -31.37 -10.87
C LEU V 423 -54.33 -30.19 -11.60
N LEU V 424 -55.19 -29.44 -10.91
CA LEU V 424 -56.00 -28.44 -11.59
C LEU V 424 -55.25 -27.15 -11.91
N ARG V 425 -54.02 -27.01 -11.42
CA ARG V 425 -53.21 -25.87 -11.82
C ARG V 425 -52.81 -25.96 -13.29
N GLY V 426 -52.68 -27.17 -13.81
CA GLY V 426 -52.25 -27.37 -15.17
C GLY V 426 -50.76 -27.53 -15.34
N THR V 427 -49.97 -27.08 -14.37
CA THR V 427 -48.54 -27.27 -14.43
C THR V 427 -48.18 -28.73 -14.15
N VAL V 428 -46.93 -29.09 -14.45
CA VAL V 428 -46.48 -30.46 -14.23
C VAL V 428 -46.29 -30.69 -12.73
N ILE V 429 -46.65 -31.88 -12.28
CA ILE V 429 -46.53 -32.26 -10.88
C ILE V 429 -45.23 -33.03 -10.73
N ASP V 430 -44.32 -32.48 -9.92
CA ASP V 430 -43.11 -33.22 -9.57
C ASP V 430 -43.48 -34.45 -8.76
N VAL V 431 -42.68 -35.51 -8.89
CA VAL V 431 -43.09 -36.81 -8.35
C VAL V 431 -42.66 -36.81 -6.89
N THR V 432 -43.45 -36.10 -6.09
CA THR V 432 -43.38 -36.16 -4.64
C THR V 432 -44.75 -36.08 -4.00
N ASP V 433 -45.79 -35.68 -4.73
CA ASP V 433 -47.14 -35.58 -4.21
C ASP V 433 -47.97 -36.79 -4.53
N PHE V 434 -47.78 -37.38 -5.71
CA PHE V 434 -48.44 -38.64 -6.02
C PHE V 434 -47.87 -39.78 -5.17
N VAL V 435 -46.56 -39.72 -4.89
CA VAL V 435 -45.93 -40.69 -4.01
C VAL V 435 -46.43 -40.53 -2.58
N ASN V 436 -46.58 -39.29 -2.11
CA ASN V 436 -47.06 -39.07 -0.74
C ASN V 436 -48.52 -39.43 -0.60
N TRP V 437 -49.33 -39.17 -1.63
CA TRP V 437 -50.72 -39.62 -1.58
C TRP V 437 -50.81 -41.14 -1.64
N ALA V 438 -49.92 -41.78 -2.39
CA ALA V 438 -49.95 -43.22 -2.48
C ALA V 438 -49.42 -43.89 -1.22
N SER V 439 -48.56 -43.20 -0.46
CA SER V 439 -48.21 -43.70 0.86
C SER V 439 -49.32 -43.40 1.85
N SER V 440 -50.07 -42.33 1.61
CA SER V 440 -51.20 -41.99 2.45
C SER V 440 -52.34 -42.98 2.32
N ILE V 441 -52.50 -43.59 1.14
CA ILE V 441 -53.67 -44.42 0.86
C ILE V 441 -53.69 -45.71 1.67
N ASN V 442 -52.58 -46.06 2.32
CA ASN V 442 -52.59 -47.19 3.25
C ASN V 442 -53.42 -46.89 4.49
N ASP V 443 -53.50 -45.61 4.88
CA ASP V 443 -54.25 -45.27 6.08
C ASP V 443 -55.75 -45.28 5.83
N ALA V 444 -56.21 -44.61 4.77
CA ALA V 444 -57.64 -44.39 4.51
C ALA V 444 -58.02 -44.97 3.16
N PRO V 445 -58.33 -46.25 3.08
CA PRO V 445 -58.75 -46.84 1.82
C PRO V 445 -60.21 -46.54 1.52
N VAL V 446 -60.55 -46.59 0.24
CA VAL V 446 -61.90 -46.36 -0.26
C VAL V 446 -62.22 -47.44 -1.26
N LEU V 447 -63.36 -48.12 -1.07
CA LEU V 447 -63.76 -49.22 -1.94
C LEU V 447 -64.00 -48.71 -3.35
N ILE V 448 -63.53 -49.48 -4.33
CA ILE V 448 -63.45 -48.97 -5.70
C ILE V 448 -64.09 -49.88 -6.72
N SER V 449 -64.27 -51.18 -6.46
CA SER V 449 -64.84 -52.09 -7.44
C SER V 449 -65.33 -53.31 -6.71
N GLN V 450 -66.57 -53.72 -7.00
CA GLN V 450 -67.22 -54.75 -6.21
C GLN V 450 -68.05 -55.64 -7.12
N LYS V 451 -68.27 -56.87 -6.65
CA LYS V 451 -69.11 -57.84 -7.34
C LYS V 451 -70.23 -58.20 -6.38
N LEU V 452 -71.42 -57.70 -6.65
CA LEU V 452 -72.52 -57.72 -5.70
C LEU V 452 -73.09 -59.12 -5.55
N SER V 453 -74.01 -59.26 -4.60
CA SER V 453 -74.70 -60.51 -4.29
C SER V 453 -75.90 -60.15 -3.44
N PRO V 454 -77.07 -60.73 -3.68
CA PRO V 454 -78.28 -60.27 -3.01
C PRO V 454 -78.33 -60.69 -1.56
N ILE V 455 -79.00 -59.87 -0.74
CA ILE V 455 -78.96 -60.05 0.70
C ILE V 455 -79.84 -61.21 1.16
N TYR V 456 -80.72 -61.73 0.30
CA TYR V 456 -81.41 -62.96 0.64
C TYR V 456 -80.62 -64.19 0.28
N ASN V 457 -79.34 -64.04 -0.06
CA ASN V 457 -78.40 -65.14 -0.10
C ASN V 457 -77.56 -65.17 1.18
N LEU V 458 -78.05 -64.53 2.24
CA LEU V 458 -77.32 -64.36 3.48
C LEU V 458 -78.15 -64.66 4.72
N VAL V 459 -79.48 -64.60 4.64
CA VAL V 459 -80.39 -64.94 5.72
C VAL V 459 -80.20 -66.41 6.10
N PRO V 460 -79.88 -66.72 7.35
CA PRO V 460 -79.61 -68.10 7.74
C PRO V 460 -80.87 -68.95 7.71
N VAL V 461 -80.66 -70.26 7.63
CA VAL V 461 -81.74 -71.22 7.46
C VAL V 461 -82.07 -71.90 8.79
N LYS V 462 -81.18 -71.81 9.79
CA LYS V 462 -81.44 -72.36 11.11
C LYS V 462 -82.63 -71.70 11.80
N MET V 463 -82.84 -70.41 11.55
CA MET V 463 -83.91 -69.68 12.20
C MET V 463 -85.27 -70.06 11.60
N LYS V 464 -86.32 -69.72 12.35
CA LYS V 464 -87.67 -70.12 11.98
C LYS V 464 -88.22 -69.22 10.88
N ASN V 465 -89.05 -69.82 10.01
CA ASN V 465 -89.65 -69.19 8.84
C ASN V 465 -88.61 -68.56 7.93
N ALA V 466 -87.50 -69.28 7.72
CA ALA V 466 -86.39 -68.73 6.96
C ALA V 466 -86.73 -68.62 5.48
N HIS V 467 -87.37 -69.66 4.93
CA HIS V 467 -87.68 -69.63 3.50
C HIS V 467 -88.78 -68.63 3.17
N LEU V 468 -89.71 -68.39 4.10
CA LEU V 468 -90.74 -67.40 3.86
C LEU V 468 -90.16 -65.99 3.87
N LYS V 469 -89.21 -65.72 4.77
CA LYS V 469 -88.55 -64.42 4.79
C LYS V 469 -87.65 -64.24 3.58
N LYS V 470 -87.04 -65.33 3.09
CA LYS V 470 -86.27 -65.22 1.86
C LYS V 470 -87.17 -65.00 0.66
N GLN V 471 -88.36 -65.62 0.66
CA GLN V 471 -89.34 -65.38 -0.38
C GLN V 471 -89.87 -63.95 -0.34
N ASN V 472 -89.92 -63.35 0.84
CA ASN V 472 -90.31 -61.95 0.94
C ASN V 472 -89.21 -61.04 0.41
N LEU V 473 -87.96 -61.31 0.82
CA LEU V 473 -86.85 -60.44 0.42
C LEU V 473 -86.45 -60.61 -1.03
N GLU V 474 -86.82 -61.72 -1.68
CA GLU V 474 -86.51 -61.84 -3.09
C GLU V 474 -87.47 -61.05 -3.96
N ARG V 475 -88.65 -60.71 -3.44
CA ARG V 475 -89.59 -59.84 -4.14
C ARG V 475 -89.49 -58.40 -3.70
N ALA V 476 -89.02 -58.16 -2.48
CA ALA V 476 -88.88 -56.80 -1.99
C ALA V 476 -87.81 -56.04 -2.75
N ILE V 477 -86.77 -56.73 -3.23
CA ILE V 477 -85.74 -56.06 -4.02
C ILE V 477 -86.28 -55.69 -5.40
N GLU V 478 -87.12 -56.56 -5.98
CA GLU V 478 -87.77 -56.21 -7.25
C GLU V 478 -88.72 -55.04 -7.10
N ASP V 479 -89.50 -55.02 -6.01
CA ASP V 479 -90.39 -53.90 -5.77
C ASP V 479 -89.63 -52.61 -5.46
N TYR V 480 -88.49 -52.72 -4.77
CA TYR V 480 -87.71 -51.53 -4.47
C TYR V 480 -87.04 -50.98 -5.71
N ILE V 481 -86.55 -51.85 -6.59
CA ILE V 481 -85.90 -51.36 -7.80
C ILE V 481 -86.94 -50.91 -8.83
N ASN V 482 -88.19 -51.36 -8.70
CA ASN V 482 -89.22 -50.90 -9.62
C ASN V 482 -89.82 -49.58 -9.18
N GLU V 483 -90.17 -49.46 -7.90
CA GLU V 483 -90.95 -48.32 -7.44
C GLU V 483 -90.14 -47.05 -7.25
N PHE V 484 -88.82 -47.16 -7.07
CA PHE V 484 -87.96 -45.99 -7.07
C PHE V 484 -87.12 -45.90 -8.33
N SER V 485 -87.56 -46.52 -9.41
CA SER V 485 -86.86 -46.42 -10.67
C SER V 485 -87.04 -45.05 -11.30
N VAL V 486 -86.14 -44.70 -12.21
CA VAL V 486 -86.23 -43.42 -12.91
C VAL V 486 -87.27 -43.44 -14.02
N ARG V 487 -87.79 -44.62 -14.37
CA ARG V 487 -88.70 -44.77 -15.49
C ARG V 487 -90.14 -44.48 -15.14
N LYS V 488 -90.40 -43.73 -14.06
CA LYS V 488 -91.74 -43.20 -13.81
C LYS V 488 -91.86 -41.74 -14.16
N CYS V 489 -90.80 -40.95 -13.99
CA CYS V 489 -90.82 -39.56 -14.39
C CYS V 489 -90.72 -39.44 -15.91
N HIS V 490 -91.55 -38.57 -16.47
CA HIS V 490 -91.54 -38.35 -17.91
C HIS V 490 -90.27 -37.61 -18.31
N THR V 491 -89.62 -38.08 -19.36
CA THR V 491 -88.26 -37.67 -19.68
C THR V 491 -88.21 -36.23 -20.20
N CYS V 492 -87.09 -35.58 -19.94
CA CYS V 492 -86.87 -34.22 -20.40
C CYS V 492 -86.40 -34.21 -21.85
N GLN V 493 -86.82 -33.20 -22.58
CA GLN V 493 -86.48 -33.07 -23.99
C GLN V 493 -85.09 -32.46 -24.14
N ASN V 494 -84.71 -32.22 -25.41
CA ASN V 494 -83.47 -31.56 -25.83
C ASN V 494 -82.22 -32.30 -25.36
N GLY V 495 -82.31 -33.61 -25.14
CA GLY V 495 -81.19 -34.36 -24.63
C GLY V 495 -80.97 -34.27 -23.14
N GLY V 496 -81.98 -33.85 -22.39
CA GLY V 496 -81.84 -33.74 -20.95
C GLY V 496 -81.97 -35.09 -20.26
N THR V 497 -80.92 -35.48 -19.55
CA THR V 497 -80.91 -36.76 -18.83
C THR V 497 -81.57 -36.58 -17.47
N VAL V 498 -82.63 -37.35 -17.24
CA VAL V 498 -83.37 -37.26 -15.98
C VAL V 498 -82.64 -38.04 -14.90
N ILE V 499 -82.60 -37.48 -13.69
CA ILE V 499 -81.93 -38.09 -12.55
C ILE V 499 -82.89 -38.08 -11.37
N LEU V 500 -83.25 -39.26 -10.89
CA LEU V 500 -84.05 -39.34 -9.68
C LEU V 500 -83.17 -38.98 -8.48
N MET V 501 -83.66 -38.06 -7.67
CA MET V 501 -82.91 -37.58 -6.50
C MET V 501 -83.91 -36.99 -5.52
N ASP V 502 -83.96 -37.56 -4.30
CA ASP V 502 -84.86 -37.15 -3.22
C ASP V 502 -86.33 -37.28 -3.62
N GLY V 503 -86.63 -38.21 -4.52
CA GLY V 503 -87.97 -38.29 -5.08
C GLY V 503 -88.36 -37.08 -5.90
N LYS V 504 -87.37 -36.42 -6.53
CA LYS V 504 -87.61 -35.19 -7.28
C LYS V 504 -86.73 -35.26 -8.52
N CYS V 505 -87.32 -35.64 -9.65
CA CYS V 505 -86.57 -35.92 -10.87
C CYS V 505 -86.04 -34.63 -11.47
N LEU V 506 -84.76 -34.36 -11.23
CA LEU V 506 -84.08 -33.21 -11.81
C LEU V 506 -83.35 -33.63 -13.08
N CYS V 507 -83.39 -32.78 -14.10
CA CYS V 507 -82.76 -33.06 -15.37
C CYS V 507 -81.52 -32.20 -15.57
N ALA V 508 -80.50 -32.78 -16.18
CA ALA V 508 -79.27 -32.09 -16.53
C ALA V 508 -79.23 -31.81 -18.02
N CYS V 509 -79.01 -30.55 -18.39
CA CYS V 509 -79.05 -30.09 -19.77
C CYS V 509 -77.64 -29.97 -20.34
N PRO V 510 -77.42 -30.44 -21.56
CA PRO V 510 -76.04 -30.44 -22.11
C PRO V 510 -75.55 -29.09 -22.64
N PHE V 511 -74.71 -28.43 -21.85
CA PHE V 511 -73.72 -27.44 -22.27
C PHE V 511 -74.25 -26.10 -22.77
N LYS V 512 -75.55 -25.98 -23.04
CA LYS V 512 -76.06 -24.72 -23.58
C LYS V 512 -77.37 -24.28 -22.97
N PHE V 513 -78.08 -25.14 -22.26
CA PHE V 513 -79.48 -24.92 -21.95
C PHE V 513 -79.59 -24.64 -20.45
N GLU V 514 -79.98 -23.42 -20.09
CA GLU V 514 -80.08 -23.07 -18.69
C GLU V 514 -81.45 -23.37 -18.09
N GLY V 515 -82.43 -23.71 -18.92
CA GLY V 515 -83.77 -23.93 -18.42
C GLY V 515 -83.90 -25.26 -17.72
N ILE V 516 -84.98 -25.40 -16.95
CA ILE V 516 -85.24 -26.64 -16.22
C ILE V 516 -85.64 -27.74 -17.20
N ALA V 517 -86.38 -27.38 -18.24
CA ALA V 517 -86.80 -28.32 -19.27
C ALA V 517 -85.89 -28.28 -20.50
N CYS V 518 -84.67 -27.73 -20.32
CA CYS V 518 -83.63 -27.66 -21.37
C CYS V 518 -84.10 -26.89 -22.61
N GLU V 519 -84.94 -25.88 -22.42
CA GLU V 519 -85.59 -25.22 -23.54
C GLU V 519 -84.82 -24.02 -24.06
N ILE V 520 -84.45 -23.10 -23.17
CA ILE V 520 -83.79 -21.87 -23.60
C ILE V 520 -82.36 -22.18 -24.05
N SER V 521 -81.98 -21.63 -25.20
CA SER V 521 -80.67 -21.87 -25.79
C SER V 521 -79.88 -20.58 -25.82
N LYS V 522 -78.63 -20.69 -26.26
CA LYS V 522 -77.76 -19.53 -26.42
C LYS V 522 -76.97 -19.63 -27.72
C1 NAG W . -86.33 -16.01 -10.64
C2 NAG W . -86.33 -15.92 -12.17
C3 NAG W . -84.90 -15.92 -12.72
C4 NAG W . -84.06 -14.85 -12.04
C5 NAG W . -84.13 -15.01 -10.52
C6 NAG W . -83.40 -13.93 -9.78
C7 NAG W . -86.99 -18.28 -12.75
C8 NAG W . -88.00 -19.08 -13.51
N2 NAG W . -87.15 -16.94 -12.82
O3 NAG W . -84.93 -15.68 -14.13
O4 NAG W . -82.70 -14.95 -12.46
O5 NAG W . -85.50 -14.97 -10.09
O6 NAG W . -82.29 -13.45 -10.50
O7 NAG W . -86.09 -18.82 -12.11
C1 BMA X . -111.35 -14.64 15.83
C2 BMA X . -111.94 -13.73 14.73
C3 BMA X . -112.92 -12.74 15.36
C4 BMA X . -113.93 -13.42 16.31
C5 BMA X . -113.15 -14.25 17.35
C6 BMA X . -114.04 -14.97 18.33
O2 BMA X . -112.67 -14.49 13.80
O3 BMA X . -113.60 -11.99 14.37
O4 BMA X . -114.71 -12.46 16.97
O5 BMA X . -112.35 -15.21 16.65
O6 BMA X . -114.84 -14.01 19.00
C1 NAG Y . -88.16 7.09 -1.39
C2 NAG Y . -88.29 7.16 -2.92
C3 NAG Y . -86.98 6.78 -3.61
C4 NAG Y . -85.82 7.60 -3.05
C5 NAG Y . -85.78 7.48 -1.53
C6 NAG Y . -84.71 8.34 -0.90
C7 NAG Y . -89.61 5.06 -3.33
C8 NAG Y . -90.86 4.54 -3.95
N2 NAG Y . -89.42 6.39 -3.44
O3 NAG Y . -87.10 7.00 -5.01
O4 NAG Y . -84.59 7.15 -3.60
O5 NAG Y . -87.04 7.88 -0.96
O6 NAG Y . -83.60 8.50 -1.76
O7 NAG Y . -88.81 4.30 -2.76
C1 BMA Z . -109.00 15.30 27.36
C2 BMA Z . -109.44 16.31 26.30
C3 BMA Z . -110.06 17.53 26.98
C4 BMA Z . -111.10 17.15 28.06
C5 BMA Z . -110.45 16.18 29.05
C6 BMA Z . -111.40 15.71 30.13
O2 BMA Z . -110.45 15.75 25.47
O3 BMA Z . -110.63 18.42 26.04
O4 BMA Z . -111.54 18.30 28.75
O5 BMA Z . -110.02 15.01 28.31
O6 BMA Z . -111.85 16.85 30.85
C1 NAG AA . -82.93 29.94 7.11
C2 NAG AA . -83.21 30.02 5.59
C3 NAG AA . -82.11 29.30 4.79
C4 NAG AA . -80.73 29.80 5.21
C5 NAG AA . -80.56 29.69 6.71
C6 NAG AA . -79.25 30.25 7.20
C7 NAG AA . -85.06 28.33 5.40
C8 NAG AA . -86.46 28.15 4.93
N2 NAG AA . -84.54 29.56 5.23
O3 NAG AA . -82.32 29.54 3.40
O4 NAG AA . -79.72 29.03 4.56
O5 NAG AA . -81.60 30.42 7.38
O6 NAG AA . -78.23 30.10 6.23
O7 NAG AA . -84.42 27.41 5.91
C1 BMA BA . -97.76 43.66 37.43
C2 BMA BA . -98.03 44.74 36.38
C3 BMA BA . -98.23 46.10 37.08
C4 BMA BA . -99.22 46.01 38.26
C5 BMA BA . -98.75 44.91 39.22
C6 BMA BA . -99.65 44.72 40.41
O2 BMA BA . -99.22 44.46 35.68
O3 BMA BA . -98.65 47.09 36.16
O4 BMA BA . -99.26 47.24 38.95
O5 BMA BA . -98.70 43.66 38.49
O6 BMA BA . -99.72 45.95 41.13
C1 NAG CA . -71.07 50.72 14.15
C2 NAG CA . -71.48 50.87 12.67
C3 NAG CA . -70.70 49.87 11.79
C4 NAG CA . -69.20 49.99 12.04
C5 NAG CA . -68.90 49.85 13.54
C6 NAG CA . -67.45 50.06 13.86
C7 NAG CA . -73.71 49.71 12.72
C8 NAG CA . -75.16 49.90 12.40
N2 NAG CA . -72.92 50.76 12.45
O3 NAG CA . -70.98 50.12 10.43
O4 NAG CA . -68.50 48.98 11.33
O5 NAG CA . -69.64 50.84 14.27
O6 NAG CA . -66.60 49.63 12.79
O7 NAG CA . -73.29 48.66 13.21
C1 BMA DA . -78.51 68.22 45.24
C2 BMA DA . -78.60 69.32 44.18
C3 BMA DA . -78.37 70.69 44.84
C4 BMA DA . -79.21 70.88 46.11
C5 BMA DA . -78.95 69.70 47.07
C6 BMA DA . -79.74 69.77 48.35
O2 BMA DA . -79.90 69.35 43.61
O3 BMA DA . -78.61 71.75 43.93
O4 BMA DA . -78.87 72.08 46.76
O5 BMA DA . -79.31 68.48 46.38
O6 BMA DA . -79.41 70.99 49.01
C1 NAG EA . -53.55 67.75 19.13
C2 NAG EA . -54.05 67.96 17.69
C3 NAG EA . -53.65 66.79 16.79
C4 NAG EA . -52.16 66.52 16.89
C5 NAG EA . -51.76 66.33 18.34
C6 NAG EA . -50.26 66.14 18.52
C7 NAG EA . -56.49 67.44 18.02
C8 NAG EA . -57.86 68.00 17.84
N2 NAG EA . -55.48 68.24 17.62
O3 NAG EA . -54.01 67.10 15.44
O4 NAG EA . -51.83 65.35 16.14
O5 NAG EA . -52.13 67.48 19.11
O6 NAG EA . -49.69 65.51 17.39
O7 NAG EA . -56.31 66.32 18.50
C1 BMA FA . -52.85 86.94 50.10
C2 BMA FA . -52.76 88.02 49.01
C3 BMA FA . -52.11 89.29 49.59
C4 BMA FA . -52.73 89.71 50.94
C5 BMA FA . -52.69 88.51 51.90
C6 BMA FA . -53.29 88.81 53.25
O2 BMA FA . -54.05 88.38 48.57
O3 BMA FA . -52.16 90.36 48.67
O4 BMA FA . -52.02 90.78 51.49
O5 BMA FA . -53.42 87.41 51.30
O6 BMA FA . -52.59 89.90 53.84
C1 NAG GA . -31.76 79.63 21.67
C2 NAG GA . -32.34 79.96 20.28
C3 NAG GA . -32.37 78.72 19.39
C4 NAG GA . -31.00 78.06 19.35
C5 NAG GA . -30.50 77.79 20.76
C6 NAG GA . -29.09 77.23 20.80
C7 NAG GA . -34.79 80.09 20.87
C8 NAG GA . -35.98 80.99 20.80
N2 NAG GA . -33.66 80.60 20.35
O3 NAG GA . -32.77 79.09 18.07
O4 NAG GA . -31.06 76.84 18.62
O5 NAG GA . -30.48 79.01 21.52
O6 NAG GA . -28.83 76.44 19.64
O7 NAG GA . -34.86 78.97 21.37
C1 BMA HA . -22.82 98.34 51.63
C2 BMA HA . -22.58 99.35 50.50
C3 BMA HA . -21.55 100.41 50.95
C4 BMA HA . -21.91 100.99 52.34
C5 BMA HA . -22.06 99.84 53.35
C6 BMA HA . -22.43 100.30 54.74
O2 BMA HA . -23.76 100.04 50.18
O3 BMA HA . -21.43 101.45 50.00
O4 BMA HA . -20.88 101.85 52.78
O5 BMA HA . -23.11 98.98 52.86
O6 BMA HA . -21.41 101.17 55.20
C1 NAG IA . -7.51 85.44 21.55
C2 NAG IA . -8.12 85.89 20.21
C3 NAG IA . -8.56 84.69 19.38
C4 NAG IA . -7.42 83.70 19.23
C5 NAG IA . -6.86 83.32 20.60
C6 NAG IA . -5.66 82.41 20.51
C7 NAG IA . -10.37 86.67 21.04
C8 NAG IA . -11.29 87.86 21.05
N2 NAG IA . -9.20 86.86 20.39
O3 NAG IA . -8.98 85.14 18.10
O4 NAG IA . -7.88 82.53 18.56
O5 NAG IA . -6.45 84.50 21.30
O6 NAG IA . -5.73 81.56 19.37
O7 NAG IA . -10.67 85.62 21.60
C1 BMA JA . 9.13 101.50 49.72
C2 BMA JA . 9.51 102.39 48.53
C3 BMA JA . 10.80 103.15 48.85
C4 BMA JA . 10.77 103.82 50.24
C5 BMA JA . 10.42 102.77 51.29
C6 BMA JA . 10.34 103.32 52.70
O2 BMA JA . 8.50 103.36 48.31
O3 BMA JA . 11.10 104.11 47.84
O4 BMA JA . 12.02 104.39 50.54
O5 BMA JA . 9.14 102.20 50.95
O6 BMA JA . 11.60 103.90 53.02
C1 NAG KA . 17.29 84.69 18.79
C2 NAG KA . 16.67 85.26 17.51
C3 NAG KA . 15.83 84.21 16.77
C4 NAG KA . 16.66 82.95 16.54
C5 NAG KA . 17.24 82.45 17.86
C6 NAG KA . 18.16 81.26 17.69
C7 NAG KA . 14.79 86.61 18.52
C8 NAG KA . 14.22 88.00 18.58
N2 NAG KA . 15.89 86.48 17.75
O3 NAG KA . 15.41 84.74 15.52
O4 NAG KA . 15.85 81.93 15.97
O5 NAG KA . 18.03 83.49 18.47
O6 NAG KA . 17.75 80.45 16.60
O7 NAG KA . 14.29 85.68 19.14
C1 BMA LA . 40.41 96.15 44.53
C2 BMA LA . 40.87 96.90 43.27
C3 BMA LA . 42.35 97.29 43.42
C4 BMA LA . 42.63 97.97 44.78
C5 BMA LA . 42.14 97.05 45.91
C6 BMA LA . 42.36 97.62 47.29
O2 BMA LA . 40.13 98.10 43.10
O3 BMA LA . 42.77 98.13 42.35
O4 BMA LA . 44.02 98.19 44.93
O5 BMA LA . 40.73 96.83 45.72
O6 BMA LA . 43.75 97.86 47.46
C1 NAG MA . 40.57 77.40 13.64
C2 NAG MA . 39.99 78.10 12.41
C3 NAG MA . 38.85 77.29 11.79
C4 NAG MA . 39.29 75.86 11.54
C5 NAG MA . 39.85 75.25 12.81
C6 NAG MA . 40.41 73.85 12.60
C7 NAG MA . 38.65 79.91 13.54
C8 NAG MA . 38.46 81.40 13.61
N2 NAG MA . 39.59 79.49 12.67
O3 NAG MA . 38.44 77.91 10.57
O4 NAG MA . 38.18 75.09 11.08
O5 NAG MA . 40.94 76.05 13.30
O6 NAG MA . 39.69 73.17 11.58
O7 NAG MA . 37.99 79.15 14.25
C1 BMA NA . 68.47 82.70 36.48
C2 BMA NA . 68.98 83.29 35.15
C3 BMA NA . 70.52 83.29 35.14
C4 BMA NA . 71.11 83.88 36.44
C5 BMA NA . 70.52 83.13 37.65
C6 BMA NA . 71.03 83.65 38.97
O2 BMA NA . 68.57 84.64 35.01
O3 BMA NA . 71.03 83.97 34.01
O4 BMA NA . 72.51 83.73 36.44
O5 BMA NA . 69.09 83.29 37.60
O6 BMA NA . 72.44 83.51 39.00
C1 NAG OA . 60.49 64.20 6.49
C2 NAG OA . 59.99 65.02 5.30
C3 NAG OA . 58.61 64.53 4.83
C4 NAG OA . 58.64 63.03 4.59
C5 NAG OA . 59.16 62.31 5.82
C6 NAG OA . 59.31 60.82 5.62
C7 NAG OA . 59.31 67.13 6.49
C8 NAG OA . 59.51 68.61 6.51
N2 NAG OA . 60.00 66.46 5.56
O3 NAG OA . 58.25 65.21 3.64
O4 NAG OA . 57.32 62.56 4.29
O5 NAG OA . 60.46 62.80 6.17
O6 NAG OA . 58.33 60.33 4.70
O7 NAG OA . 58.54 66.57 7.29
C1 BMA PA . 91.08 62.26 26.21
C2 BMA PA . 91.58 62.68 24.82
C3 BMA PA . 93.06 62.28 24.66
C4 BMA PA . 93.92 62.70 25.86
C5 BMA PA . 93.28 62.16 27.16
C6 BMA PA . 94.04 62.53 28.41
O2 BMA PA . 91.52 64.08 24.68
O3 BMA PA . 93.60 62.78 23.46
O4 BMA PA . 95.23 62.19 25.74
O5 BMA PA . 91.94 62.69 27.25
O6 BMA PA . 95.37 62.03 28.30
C1 NAG QA . 75.41 46.16 -2.08
C2 NAG QA . 75.01 47.07 -3.25
C3 NAG QA . 73.52 46.95 -3.56
C4 NAG QA . 73.12 45.49 -3.75
C5 NAG QA . 73.57 44.67 -2.54
C6 NAG QA . 73.30 43.19 -2.71
C7 NAG QA . 75.03 49.29 -2.09
C8 NAG QA . 75.62 50.67 -2.14
N2 NAG QA . 75.42 48.46 -3.06
O3 NAG QA . 73.22 47.69 -4.74
O4 NAG QA . 71.71 45.38 -3.90
O5 NAG QA . 74.98 44.81 -2.35
O6 NAG QA . 72.14 42.97 -3.49
O7 NAG QA . 74.24 48.97 -1.20
C1 BMA RA . 106.37 36.50 14.55
C2 BMA RA . 106.81 36.76 13.10
C3 BMA RA . 108.10 35.97 12.82
C4 BMA RA . 109.17 36.18 13.91
C5 BMA RA . 108.55 35.83 15.28
C6 BMA RA . 109.51 36.01 16.43
O2 BMA RA . 107.10 38.12 12.91
O3 BMA RA . 108.63 36.31 11.54
O4 BMA RA . 110.27 35.34 13.67
O5 BMA RA . 107.41 36.70 15.48
O6 BMA RA . 110.64 35.18 16.21
C1 NAG SA . 84.14 24.73 -11.39
C2 NAG SA . 83.87 25.70 -12.56
C3 NAG SA . 82.37 25.97 -12.70
C4 NAG SA . 81.59 24.67 -12.79
C5 NAG SA . 81.93 23.77 -11.61
C6 NAG SA . 81.27 22.41 -11.69
C7 NAG SA . 84.59 27.85 -11.49
C8 NAG SA . 85.50 29.03 -11.65
N2 NAG SA . 84.64 26.94 -12.46
O3 NAG SA . 82.15 26.75 -13.87
O4 NAG SA . 80.20 24.93 -12.80
O5 NAG SA . 83.35 23.54 -11.57
O6 NAG SA . 80.01 22.49 -12.34
O7 NAG SA . 83.83 27.76 -10.51
C1 BMA TA . 113.12 7.48 2.44
C2 BMA TA . 113.45 7.59 0.95
C3 BMA TA . 114.45 6.50 0.56
C4 BMA TA . 115.65 6.44 1.53
C5 BMA TA . 115.11 6.28 2.96
C6 BMA TA . 116.20 6.21 4.01
O2 BMA TA . 114.06 8.84 0.67
O3 BMA TA . 114.92 6.67 -0.78
O4 BMA TA . 116.47 5.33 1.22
O5 BMA TA . 114.27 7.41 3.25
O6 BMA TA . 117.05 5.11 3.71
C1 NAG UA . 85.97 1.64 -20.70
C2 NAG UA . 85.84 2.64 -21.87
C3 NAG UA . 84.46 3.30 -21.89
C4 NAG UA . 83.37 2.24 -21.84
C5 NAG UA . 83.58 1.30 -20.67
C6 NAG UA . 82.59 0.16 -20.62
C7 NAG UA . 87.20 4.55 -20.96
C8 NAG UA . 88.37 5.44 -21.26
N2 NAG UA . 86.92 3.64 -21.90
O3 NAG UA . 84.33 4.10 -23.06
O4 NAG UA . 82.09 2.87 -21.72
O5 NAG UA . 84.89 0.70 -20.75
O6 NAG UA . 81.33 0.56 -21.16
O7 NAG UA . 86.56 4.66 -19.91
C1 BMA VA . 110.77 -22.44 -9.16
C2 BMA VA . 110.97 -22.42 -10.67
C3 BMA VA . 111.60 -23.75 -11.11
C4 BMA VA . 112.84 -24.12 -10.26
C5 BMA VA . 112.43 -24.11 -8.78
C6 BMA VA . 113.58 -24.45 -7.85
O2 BMA VA . 111.85 -21.39 -11.06
O3 BMA VA . 111.95 -23.72 -12.49
O4 BMA VA . 113.30 -25.40 -10.61
O5 BMA VA . 111.94 -22.80 -8.45
O6 BMA VA . 114.07 -25.74 -8.18
C1 NAG WA . 80.75 -21.20 -29.19
C2 NAG WA . 80.76 -20.22 -30.38
C3 NAG WA . 79.60 -19.22 -30.28
C4 NAG WA . 78.28 -19.96 -30.09
C5 NAG WA . 78.37 -20.91 -28.91
C6 NAG WA . 77.13 -21.74 -28.71
C7 NAG WA . 82.66 -18.73 -29.69
C8 NAG WA . 83.97 -18.18 -30.14
N2 NAG WA . 82.04 -19.55 -30.55
O3 NAG WA . 79.55 -18.44 -31.47
O4 NAG WA . 77.22 -19.03 -29.86
O5 NAG WA . 79.45 -21.83 -29.10
O6 NAG WA . 75.96 -21.04 -29.14
O7 NAG WA . 82.18 -18.44 -28.59
C1 BMA XA . 99.53 -50.79 -19.23
C2 BMA XA . 99.56 -50.86 -20.77
C3 BMA XA . 99.79 -52.31 -21.22
C4 BMA XA . 100.96 -52.98 -20.48
C5 BMA XA . 100.74 -52.85 -18.96
C6 BMA XA . 101.84 -53.46 -18.13
O2 BMA XA . 100.64 -50.10 -21.28
O3 BMA XA . 99.97 -52.39 -22.62
O4 BMA XA . 101.04 -54.34 -20.82
O5 BMA XA . 100.65 -51.45 -18.65
O6 BMA XA . 101.94 -54.84 -18.47
C1 NAG YA . 68.91 -41.99 -36.22
C2 NAG YA . 69.04 -41.07 -37.44
C3 NAG YA . 68.20 -39.81 -37.27
C4 NAG YA . 66.76 -40.17 -36.91
C5 NAG YA . 66.73 -41.09 -35.70
C6 NAG YA . 65.33 -41.57 -35.36
C7 NAG YA . 71.33 -40.12 -36.99
C8 NAG YA . 72.69 -39.94 -37.60
N2 NAG YA . 70.43 -40.76 -37.77
O3 NAG YA . 68.23 -39.05 -38.47
O4 NAG YA . 66.02 -38.98 -36.63
O5 NAG YA . 67.52 -42.26 -35.96
O6 NAG YA . 64.36 -40.59 -35.70
O7 NAG YA . 71.06 -39.70 -35.86
C1 BMA ZA . 80.31 -75.37 -27.02
C2 BMA ZA . 80.15 -75.45 -28.53
C3 BMA ZA . 79.94 -76.92 -28.95
C4 BMA ZA . 80.98 -77.86 -28.30
C5 BMA ZA . 80.95 -77.66 -26.78
C6 BMA ZA . 81.95 -78.54 -26.05
O2 BMA ZA . 81.32 -75.01 -29.19
O3 BMA ZA . 79.96 -77.07 -30.36
O4 BMA ZA . 80.66 -79.20 -28.60
O5 BMA ZA . 81.26 -76.28 -26.51
O6 BMA ZA . 81.65 -79.89 -26.33
C1 NAG AB . 51.39 -59.02 -41.21
C2 NAG AB . 51.62 -58.18 -42.48
C3 NAG AB . 51.17 -56.73 -42.26
C4 NAG AB . 49.73 -56.69 -41.76
C5 NAG AB . 49.59 -57.57 -40.52
C6 NAG AB . 48.16 -57.66 -40.03
C7 NAG AB . 54.11 -57.85 -42.29
C8 NAG AB . 55.40 -58.04 -43.05
N2 NAG AB . 53.01 -58.24 -42.95
O3 NAG AB . 51.26 -56.03 -43.50
O4 NAG AB . 49.36 -55.36 -41.45
O5 NAG AB . 50.01 -58.91 -40.81
O6 NAG AB . 47.45 -56.46 -40.29
O7 NAG AB . 54.09 -57.36 -41.17
C1 BMA BB . 54.65 -94.10 -31.88
C2 BMA BB . 54.32 -94.16 -33.38
C3 BMA BB . 53.69 -95.52 -33.72
C4 BMA BB . 54.50 -96.70 -33.14
C5 BMA BB . 54.70 -96.48 -31.64
C6 BMA BB . 55.50 -97.57 -30.96
O2 BMA BB . 55.49 -94.04 -34.17
O3 BMA BB . 53.52 -95.68 -35.12
O4 BMA BB . 53.82 -97.91 -33.36
O5 BMA BB . 55.38 -95.22 -31.45
O6 BMA BB . 54.84 -98.82 -31.17
C1 NAG CB . 29.61 -70.91 -43.77
C2 NAG CB . 29.93 -70.18 -45.08
C3 NAG CB . 29.89 -68.66 -44.89
C4 NAG CB . 28.57 -68.24 -44.25
C5 NAG CB . 28.34 -69.03 -42.96
C6 NAG CB . 27.00 -68.74 -42.33
C7 NAG CB . 32.42 -70.52 -45.17
C8 NAG CB . 33.53 -71.05 -46.04
N2 NAG CB . 31.19 -70.61 -45.70
O3 NAG CB . 30.03 -68.02 -46.15
O4 NAG CB . 28.59 -66.85 -43.95
O5 NAG CB . 28.36 -70.44 -43.24
O6 NAG CB . 26.59 -67.40 -42.57
O7 NAG CB . 32.65 -70.03 -44.06
C1 BMA DB . 24.63 -105.51 -33.46
C2 BMA DB . 24.13 -105.50 -34.90
C3 BMA DB . 23.14 -106.65 -35.12
C4 BMA DB . 23.68 -107.99 -34.59
C5 BMA DB . 24.08 -107.82 -33.11
C6 BMA DB . 24.64 -109.07 -32.49
O2 BMA DB . 25.20 -105.70 -35.80
O3 BMA DB . 22.78 -106.77 -36.48
O4 BMA DB . 22.69 -108.99 -34.68
O5 BMA DB . 25.08 -106.78 -33.04
O6 BMA DB . 23.66 -110.10 -32.58
C1 NAG EB . 5.34 -76.71 -43.70
C2 NAG EB . 5.70 -76.11 -45.07
C3 NAG EB . 6.08 -74.63 -44.93
C4 NAG EB . 4.98 -73.86 -44.18
C5 NAG EB . 4.70 -74.55 -42.84
C6 NAG EB . 3.56 -73.92 -42.09
C7 NAG EB . 7.99 -77.09 -45.38
C8 NAG EB . 8.83 -77.89 -46.33
N2 NAG EB . 6.73 -76.86 -45.78
O3 NAG EB . 6.25 -74.06 -46.22
O4 NAG EB . 5.40 -72.53 -43.94
O5 NAG EB . 4.32 -75.92 -43.06
O6 NAG EB . 3.49 -72.52 -42.34
O7 NAG EB . 8.46 -76.66 -44.32
C1 BMA FB . -7.32 -108.66 -31.58
C2 BMA FB . -7.95 -108.54 -32.98
C3 BMA FB . -9.22 -109.40 -33.05
C4 BMA FB . -9.00 -110.83 -32.51
C5 BMA FB . -8.41 -110.74 -31.09
C6 BMA FB . -8.13 -112.09 -30.47
O2 BMA FB . -7.06 -109.03 -33.96
O3 BMA FB . -9.74 -109.44 -34.37
O4 BMA FB . -10.22 -111.53 -32.46
O5 BMA FB . -7.17 -110.01 -31.17
O6 BMA FB . -9.35 -112.82 -30.43
C1 NAG GB . -19.44 -75.94 -40.99
C2 NAG GB . -19.09 -75.47 -42.42
C3 NAG GB . -18.33 -74.13 -42.37
C4 NAG GB . -19.10 -73.11 -41.54
C5 NAG GB . -19.42 -73.68 -40.16
C6 NAG GB . -20.27 -72.76 -39.32
C7 NAG GB . -17.17 -77.02 -42.92
C8 NAG GB . -16.69 -78.03 -43.91
N2 NAG GB . -18.37 -76.48 -43.20
O3 NAG GB . -18.16 -73.65 -43.70
O4 NAG GB . -18.33 -71.93 -41.40
O5 NAG GB . -20.15 -74.91 -40.30
O6 NAG GB . -19.99 -71.40 -39.63
O7 NAG GB . -16.51 -76.72 -41.93
C1 BMA HB . -38.61 -103.31 -26.42
C2 BMA HB . -39.32 -103.04 -27.76
C3 BMA HB . -40.77 -103.53 -27.67
C4 BMA HB . -40.87 -104.96 -27.10
C5 BMA HB . -40.14 -105.03 -25.75
C6 BMA HB . -40.16 -106.39 -25.11
O2 BMA HB . -38.71 -103.76 -28.80
O3 BMA HB . -41.43 -103.46 -28.92
O4 BMA HB . -42.23 -105.32 -26.90
O5 BMA HB . -38.76 -104.64 -25.98
O6 BMA HB . -41.51 -106.78 -24.91
C1 NAG IB . -42.73 -68.67 -35.84
C2 NAG IB . -42.42 -68.32 -37.31
C3 NAG IB . -41.34 -67.24 -37.39
C4 NAG IB . -41.72 -66.04 -36.53
C5 NAG IB . -42.02 -66.49 -35.11
C6 NAG IB . -42.51 -65.36 -34.23
C7 NAG IB . -41.03 -70.32 -37.94
C8 NAG IB . -40.93 -71.44 -38.93
N2 NAG IB . -42.07 -69.49 -38.12
O3 NAG IB . -41.19 -66.83 -38.74
O4 NAG IB . -40.66 -65.09 -36.51
O5 NAG IB . -43.07 -67.48 -35.11
O6 NAG IB . -41.93 -64.13 -34.60
O7 NAG IB . -40.21 -70.19 -37.03
C1 BMA JB . -66.68 -89.87 -18.37
C2 BMA JB . -67.43 -89.45 -19.63
C3 BMA JB . -68.95 -89.54 -19.38
C4 BMA JB . -69.36 -90.89 -18.75
C5 BMA JB . -68.52 -91.12 -17.49
C6 BMA JB . -68.83 -92.43 -16.80
O2 BMA JB . -67.15 -90.31 -20.71
O3 BMA JB . -69.69 -89.31 -20.57
O4 BMA JB . -70.73 -90.87 -18.42
O5 BMA JB . -67.13 -91.12 -17.86
O6 BMA JB . -70.20 -92.44 -16.45
C1 NAG KB . -62.66 -55.49 -28.68
C2 NAG KB . -62.43 -55.26 -30.18
C3 NAG KB . -61.11 -54.49 -30.42
C4 NAG KB . -61.08 -53.23 -29.58
C5 NAG KB . -61.34 -53.56 -28.11
C6 NAG KB . -61.42 -52.34 -27.23
C7 NAG KB . -61.69 -57.56 -30.87
C8 NAG KB . -61.99 -58.68 -31.82
N2 NAG KB . -62.48 -56.48 -30.98
O3 NAG KB . -61.01 -54.15 -31.79
O4 NAG KB . -59.82 -52.59 -29.70
O5 NAG KB . -62.59 -54.25 -27.97
O6 NAG KB . -60.58 -51.29 -27.71
O7 NAG KB . -60.77 -57.64 -30.05
C1 BMA LB . -89.29 -69.46 -8.09
C2 BMA LB . -90.05 -68.85 -9.29
C3 BMA LB . -91.49 -68.55 -8.89
C4 BMA LB . -92.18 -69.73 -8.17
C5 BMA LB . -91.29 -70.16 -6.97
C6 BMA LB . -91.86 -71.34 -6.21
O2 BMA LB . -90.11 -69.79 -10.35
O3 BMA LB . -92.28 -68.14 -10.00
O4 BMA LB . -93.45 -69.36 -7.69
O5 BMA LB . -89.99 -70.53 -7.49
O6 BMA LB . -93.15 -70.98 -5.72
C1 NAG MB . -77.59 -37.46 -20.11
C2 NAG MB . -77.45 -37.31 -21.63
C3 NAG MB . -76.03 -36.91 -22.03
C4 NAG MB . -75.57 -35.68 -21.24
C5 NAG MB . -75.76 -35.93 -19.75
C6 NAG MB . -75.42 -34.72 -18.91
C7 NAG MB . -77.42 -39.73 -22.30
C8 NAG MB . -78.10 -40.74 -23.18
N2 NAG MB . -77.92 -38.48 -22.37
O3 NAG MB . -75.98 -36.64 -23.42
O4 NAG MB . -74.21 -35.41 -21.52
O5 NAG MB . -77.12 -36.26 -19.46
O6 NAG MB . -74.40 -33.94 -19.51
O7 NAG MB . -76.47 -40.04 -21.58
C1 BMA NB . -104.59 -43.71 3.56
C2 BMA NB . -105.29 -42.93 2.42
C3 BMA NB . -106.55 -42.25 2.95
C4 BMA NB . -107.43 -43.21 3.78
C5 BMA NB . -106.57 -43.84 4.88
C6 BMA NB . -107.33 -44.82 5.76
O2 BMA NB . -105.70 -43.83 1.39
O3 BMA NB . -107.31 -41.67 1.90
O4 BMA NB . -108.51 -42.52 4.37
O5 BMA NB . -105.48 -44.54 4.26
O6 BMA NB . -108.43 -44.14 6.35
#